data_6OIF
#
_entry.id   6OIF
#
_cell.length_a   1
_cell.length_b   1
_cell.length_c   1
_cell.angle_alpha   90
_cell.angle_beta   90
_cell.angle_gamma   90
#
_symmetry.space_group_name_H-M   'P 1'
#
loop_
_entity.id
_entity.type
_entity.pdbx_description
1 polymer Torsin-1A
2 non-polymer "ADENOSINE-5'-TRIPHOSPHATE"
#
_entity_poly.entity_id   1
_entity_poly.type   'polypeptide(L)'
_entity_poly.pdbx_seq_one_letter_code
;GQKRSLSREALQKDLDDNLFGQHLAKKIILNAVFGFINNPKPKKPLTLSLHGWTGTGKNFVSKIIAENIYEGGLNSDYVH
LFVATLHFPHASNITLYKDQLQLWIRGNVSACARSIFIFDEMDKMHAGLIDAIKPFLDYYDLVDGVSYQKAMFIFLSNAG
AERITDVALDFWRSGKQREDIKLKDIEHALSVSVFNNKNSGFWHSSLIDRNLIDYFVPFLPLEYKHLKMCIRVEMQSRGY
EIDEDIVSRVAEEMTFFPKEERVFSDKGCKTVFTKLDYYYDD
;
_entity_poly.pdbx_strand_id   A,B,C,D,E,F,G,H,I,J,K,L,M,N,O,P,Q,R,S,T,U,V,W,X,Y
#
# COMPACT_ATOMS: atom_id res chain seq x y z
N GLY A 1 27.80 50.55 -19.79
CA GLY A 1 26.96 49.47 -20.38
C GLY A 1 25.61 49.35 -19.70
N GLN A 2 25.62 48.93 -18.43
CA GLN A 2 24.38 48.82 -17.68
C GLN A 2 23.70 50.18 -17.51
N LYS A 3 24.48 51.25 -17.51
CA LYS A 3 23.97 52.60 -17.51
C LYS A 3 23.86 53.18 -18.91
N ARG A 4 23.76 52.33 -19.93
CA ARG A 4 23.64 52.74 -21.32
C ARG A 4 22.43 52.07 -21.95
N SER A 5 21.49 52.87 -22.44
CA SER A 5 20.47 52.36 -23.34
C SER A 5 21.10 52.12 -24.70
N LEU A 6 20.96 50.90 -25.21
CA LEU A 6 21.75 50.44 -26.35
C LEU A 6 21.37 51.23 -27.59
N SER A 7 22.32 52.01 -28.10
CA SER A 7 22.12 52.66 -29.38
C SER A 7 22.29 51.65 -30.51
N ARG A 8 21.69 51.99 -31.65
CA ARG A 8 21.68 51.07 -32.79
C ARG A 8 23.10 50.81 -33.28
N GLU A 9 23.92 51.86 -33.29
CA GLU A 9 25.27 51.75 -33.82
C GLU A 9 26.09 50.71 -33.10
N ALA A 10 25.97 50.66 -31.76
CA ALA A 10 26.78 49.73 -30.99
C ALA A 10 26.47 48.29 -31.36
N LEU A 11 25.19 48.00 -31.60
CA LEU A 11 24.79 46.61 -31.80
C LEU A 11 25.02 46.17 -33.24
N GLN A 12 24.67 47.02 -34.22
CA GLN A 12 25.00 46.67 -35.59
C GLN A 12 26.51 46.59 -35.76
N LYS A 13 27.24 47.44 -35.04
CA LYS A 13 28.70 47.36 -35.03
C LYS A 13 29.16 46.01 -34.51
N ASP A 14 28.66 45.61 -33.33
CA ASP A 14 29.12 44.37 -32.71
C ASP A 14 28.82 43.17 -33.59
N LEU A 15 27.58 43.06 -34.05
CA LEU A 15 27.18 41.92 -34.86
C LEU A 15 27.94 41.90 -36.18
N ASP A 16 28.07 43.07 -36.81
CA ASP A 16 28.83 43.13 -38.06
C ASP A 16 30.30 42.82 -37.84
N ASP A 17 30.79 43.00 -36.61
CA ASP A 17 32.16 42.63 -36.31
C ASP A 17 32.30 41.12 -36.20
N ASN A 18 31.48 40.50 -35.35
CA ASN A 18 31.70 39.13 -34.93
C ASN A 18 30.72 38.14 -35.54
N LEU A 19 29.48 38.54 -35.79
CA LEU A 19 28.50 37.61 -36.34
C LEU A 19 28.73 37.44 -37.83
N PHE A 20 28.75 36.19 -38.26
CA PHE A 20 28.97 35.82 -39.66
C PHE A 20 27.66 35.40 -40.29
N GLY A 21 27.29 36.10 -41.37
CA GLY A 21 26.01 35.89 -41.98
C GLY A 21 24.88 36.32 -41.06
N GLN A 22 23.76 35.60 -41.17
CA GLN A 22 22.62 35.82 -40.31
C GLN A 22 22.12 37.26 -40.41
N HIS A 23 22.04 37.74 -41.66
CA HIS A 23 21.49 39.06 -41.94
C HIS A 23 20.11 39.22 -41.30
N LEU A 24 19.30 38.16 -41.33
CA LEU A 24 17.98 38.18 -40.72
C LEU A 24 18.09 38.53 -39.25
N ALA A 25 19.08 37.97 -38.58
CA ALA A 25 19.14 38.11 -37.13
C ALA A 25 19.61 39.52 -36.78
N LYS A 26 20.47 40.08 -37.61
CA LYS A 26 20.90 41.45 -37.39
C LYS A 26 19.74 42.42 -37.56
N LYS A 27 18.97 42.26 -38.64
CA LYS A 27 17.81 43.12 -38.86
C LYS A 27 16.83 43.00 -37.71
N ILE A 28 16.37 41.77 -37.44
CA ILE A 28 15.38 41.50 -36.40
C ILE A 28 15.85 42.07 -35.08
N ILE A 29 16.98 41.56 -34.59
CA ILE A 29 17.44 41.89 -33.25
C ILE A 29 17.62 43.38 -33.14
N LEU A 30 18.40 43.96 -34.06
CA LEU A 30 18.76 45.36 -33.98
C LEU A 30 17.53 46.24 -33.87
N ASN A 31 16.64 46.16 -34.86
CA ASN A 31 15.50 47.07 -34.83
C ASN A 31 14.53 46.71 -33.70
N ALA A 32 14.40 45.42 -33.40
CA ALA A 32 13.42 44.97 -32.43
C ALA A 32 13.77 45.47 -31.04
N VAL A 33 14.97 45.16 -30.56
CA VAL A 33 15.33 45.64 -29.23
C VAL A 33 15.49 47.15 -29.26
N PHE A 34 16.07 47.71 -30.33
CA PHE A 34 16.32 49.14 -30.37
C PHE A 34 15.03 49.94 -30.28
N GLY A 35 13.92 49.37 -30.74
CA GLY A 35 12.63 49.96 -30.50
C GLY A 35 12.13 49.63 -29.11
N PHE A 36 12.40 48.40 -28.67
CA PHE A 36 11.88 47.93 -27.38
C PHE A 36 12.57 48.63 -26.22
N ILE A 37 13.90 48.58 -26.18
CA ILE A 37 14.62 49.10 -25.02
C ILE A 37 14.44 50.60 -24.90
N ASN A 38 14.36 51.29 -26.04
CA ASN A 38 14.09 52.72 -26.03
C ASN A 38 12.65 53.04 -25.69
N ASN A 39 11.75 52.07 -25.76
CA ASN A 39 10.36 52.30 -25.43
C ASN A 39 10.19 52.32 -23.91
N PRO A 40 9.75 53.42 -23.30
CA PRO A 40 9.42 53.37 -21.88
C PRO A 40 8.10 52.67 -21.58
N LYS A 41 7.33 52.31 -22.61
CA LYS A 41 6.04 51.65 -22.43
C LYS A 41 5.94 50.52 -23.43
N PRO A 42 6.62 49.40 -23.18
CA PRO A 42 6.57 48.30 -24.15
C PRO A 42 5.19 47.67 -24.27
N LYS A 43 4.36 47.74 -23.23
CA LYS A 43 3.05 47.13 -23.09
C LYS A 43 3.16 45.63 -22.81
N LYS A 44 4.33 45.02 -22.97
CA LYS A 44 4.52 43.58 -22.78
C LYS A 44 6.00 43.34 -22.57
N PRO A 45 6.36 42.25 -21.93
CA PRO A 45 7.77 41.85 -21.97
C PRO A 45 8.13 41.33 -23.35
N LEU A 46 9.41 41.04 -23.56
CA LEU A 46 9.92 40.59 -24.85
C LEU A 46 9.84 39.07 -24.86
N THR A 47 9.04 38.54 -25.77
CA THR A 47 8.78 37.10 -25.86
C THR A 47 9.44 36.59 -27.13
N LEU A 48 10.70 36.22 -27.00
CA LEU A 48 11.48 35.78 -28.14
C LEU A 48 11.48 34.26 -28.25
N SER A 49 11.51 33.78 -29.49
CA SER A 49 11.52 32.37 -29.81
C SER A 49 12.73 32.08 -30.68
N LEU A 50 13.39 30.97 -30.43
CA LEU A 50 14.49 30.52 -31.26
C LEU A 50 14.47 29.01 -31.38
N HIS A 51 14.74 28.55 -32.60
CA HIS A 51 14.91 27.14 -32.90
C HIS A 51 15.73 27.06 -34.19
N GLY A 52 16.03 25.83 -34.61
CA GLY A 52 16.85 25.62 -35.79
C GLY A 52 18.05 24.73 -35.53
N TRP A 53 19.16 25.07 -36.18
CA TRP A 53 20.38 24.28 -36.10
C TRP A 53 21.40 24.94 -35.17
N THR A 54 22.24 24.12 -34.55
CA THR A 54 23.18 24.65 -33.57
C THR A 54 24.38 25.29 -34.20
N GLY A 55 25.24 25.80 -33.33
CA GLY A 55 26.50 26.35 -33.74
C GLY A 55 26.40 27.54 -34.65
N THR A 56 25.20 28.08 -34.81
CA THR A 56 24.90 29.27 -35.59
C THR A 56 24.91 30.50 -34.72
N GLY A 57 24.85 30.30 -33.41
CA GLY A 57 25.17 31.31 -32.46
C GLY A 57 24.07 31.71 -31.51
N LYS A 58 23.17 30.80 -31.15
CA LYS A 58 22.08 31.18 -30.26
C LYS A 58 22.61 31.61 -28.90
N ASN A 59 23.28 30.71 -28.19
CA ASN A 59 23.86 31.08 -26.92
C ASN A 59 24.97 32.11 -27.11
N PHE A 60 25.63 32.08 -28.28
CA PHE A 60 26.55 33.13 -28.68
C PHE A 60 25.86 34.50 -28.67
N VAL A 61 24.80 34.67 -29.47
CA VAL A 61 24.21 36.02 -29.58
C VAL A 61 23.58 36.45 -28.27
N SER A 62 22.93 35.52 -27.57
CA SER A 62 22.35 35.85 -26.28
C SER A 62 23.43 36.34 -25.33
N LYS A 63 24.57 35.65 -25.34
CA LYS A 63 25.72 36.12 -24.57
C LYS A 63 26.13 37.52 -24.96
N ILE A 64 26.20 37.79 -26.28
CA ILE A 64 26.70 39.08 -26.75
C ILE A 64 25.82 40.20 -26.23
N ILE A 65 24.52 40.09 -26.48
CA ILE A 65 23.63 41.17 -26.08
C ILE A 65 23.57 41.26 -24.56
N ALA A 66 23.70 40.12 -23.88
CA ALA A 66 23.80 40.15 -22.43
C ALA A 66 24.99 40.99 -21.98
N GLU A 67 26.09 40.92 -22.73
CA GLU A 67 27.27 41.70 -22.37
C GLU A 67 27.07 43.17 -22.69
N ASN A 68 26.46 43.47 -23.84
CA ASN A 68 26.24 44.85 -24.20
C ASN A 68 25.30 45.55 -23.23
N ILE A 69 24.26 44.85 -22.78
CA ILE A 69 23.33 45.44 -21.83
C ILE A 69 24.03 45.67 -20.50
N TYR A 70 24.50 44.60 -19.86
CA TYR A 70 25.18 44.68 -18.58
C TYR A 70 26.60 44.16 -18.73
N GLU A 71 27.51 44.79 -17.99
CA GLU A 71 28.89 44.33 -17.93
C GLU A 71 28.97 42.91 -17.41
N GLY A 72 28.03 42.50 -16.56
CA GLY A 72 28.01 41.14 -16.04
C GLY A 72 27.87 40.10 -17.13
N GLY A 73 27.30 40.45 -18.28
CA GLY A 73 26.99 39.45 -19.27
C GLY A 73 26.04 38.46 -18.67
N LEU A 74 26.57 37.27 -18.35
CA LEU A 74 25.83 36.29 -17.57
C LEU A 74 26.16 36.35 -16.08
N ASN A 75 27.23 37.05 -15.69
CA ASN A 75 27.58 37.17 -14.28
C ASN A 75 26.62 38.07 -13.50
N SER A 76 25.77 38.82 -14.17
CA SER A 76 24.95 39.80 -13.48
C SER A 76 23.96 39.11 -12.55
N ASP A 77 23.82 39.68 -11.36
CA ASP A 77 22.79 39.24 -10.43
C ASP A 77 21.39 39.44 -11.02
N TYR A 78 21.24 40.48 -11.85
CA TYR A 78 19.99 40.65 -12.59
C TYR A 78 19.76 39.48 -13.53
N VAL A 79 20.80 39.09 -14.26
CA VAL A 79 20.68 38.08 -15.30
C VAL A 79 20.82 36.73 -14.60
N HIS A 80 19.70 36.08 -14.36
CA HIS A 80 19.64 34.82 -13.63
C HIS A 80 19.04 33.74 -14.52
N LEU A 81 19.75 32.62 -14.60
CA LEU A 81 19.54 31.63 -15.66
C LEU A 81 18.93 30.35 -15.12
N PHE A 82 18.09 29.74 -15.95
CA PHE A 82 17.48 28.45 -15.68
C PHE A 82 17.75 27.52 -16.84
N VAL A 83 17.69 26.22 -16.55
CA VAL A 83 17.90 25.16 -17.53
C VAL A 83 16.87 24.07 -17.27
N ALA A 84 16.49 23.36 -18.33
CA ALA A 84 15.57 22.24 -18.18
C ALA A 84 16.15 21.19 -17.26
N THR A 85 17.24 20.56 -17.67
CA THR A 85 17.68 19.33 -17.03
C THR A 85 18.31 19.59 -15.66
N LEU A 86 19.20 20.58 -15.58
CA LEU A 86 19.90 20.87 -14.34
C LEU A 86 18.97 21.19 -13.20
N HIS A 87 17.89 21.87 -13.47
CA HIS A 87 16.91 22.25 -12.46
C HIS A 87 15.66 21.41 -12.52
N PHE A 88 15.14 21.14 -13.72
CA PHE A 88 13.80 20.59 -13.90
C PHE A 88 13.85 19.26 -14.64
N PRO A 89 14.50 18.25 -14.07
CA PRO A 89 14.61 16.96 -14.75
C PRO A 89 13.29 16.21 -14.90
N HIS A 90 12.58 16.03 -13.80
CA HIS A 90 11.54 15.01 -13.72
C HIS A 90 10.14 15.60 -13.77
N ALA A 91 9.20 14.76 -14.19
CA ALA A 91 7.78 15.06 -14.09
C ALA A 91 7.22 14.74 -12.72
N SER A 92 8.07 14.41 -11.74
CA SER A 92 7.59 14.13 -10.39
C SER A 92 7.38 15.42 -9.62
N ASN A 93 8.39 16.28 -9.60
CA ASN A 93 8.41 17.49 -8.80
C ASN A 93 7.95 18.71 -9.57
N ILE A 94 6.97 18.53 -10.47
CA ILE A 94 6.55 19.62 -11.34
C ILE A 94 6.06 20.80 -10.51
N THR A 95 5.33 20.51 -9.43
CA THR A 95 4.72 21.57 -8.65
C THR A 95 5.77 22.40 -7.93
N LEU A 96 6.71 21.73 -7.27
CA LEU A 96 7.82 22.42 -6.65
C LEU A 96 8.57 23.25 -7.67
N TYR A 97 8.74 22.70 -8.87
CA TYR A 97 9.42 23.43 -9.92
C TYR A 97 8.63 24.68 -10.31
N LYS A 98 7.30 24.61 -10.27
CA LYS A 98 6.50 25.78 -10.60
C LYS A 98 6.58 26.83 -9.51
N ASP A 99 6.49 26.41 -8.26
CA ASP A 99 6.51 27.37 -7.15
C ASP A 99 7.86 28.04 -7.05
N GLN A 100 8.93 27.23 -7.04
CA GLN A 100 10.28 27.76 -7.05
C GLN A 100 10.49 28.68 -8.24
N LEU A 101 9.89 28.32 -9.38
CA LEU A 101 9.99 29.16 -10.56
C LEU A 101 9.40 30.54 -10.29
N GLN A 102 8.13 30.56 -9.88
CA GLN A 102 7.44 31.83 -9.63
C GLN A 102 8.19 32.68 -8.63
N LEU A 103 8.72 32.07 -7.57
CA LEU A 103 9.36 32.85 -6.53
C LEU A 103 10.70 33.40 -6.98
N TRP A 104 11.51 32.58 -7.64
CA TRP A 104 12.78 33.06 -8.15
C TRP A 104 12.57 34.18 -9.16
N ILE A 105 11.51 34.05 -9.98
CA ILE A 105 11.12 35.14 -10.87
C ILE A 105 10.90 36.40 -10.05
N ARG A 106 9.91 36.36 -9.14
CA ARG A 106 9.53 37.55 -8.37
C ARG A 106 10.71 38.18 -7.67
N GLY A 107 11.66 37.36 -7.21
CA GLY A 107 12.86 37.88 -6.61
C GLY A 107 13.65 38.74 -7.58
N ASN A 108 14.07 38.13 -8.69
CA ASN A 108 14.95 38.87 -9.60
C ASN A 108 14.26 40.07 -10.21
N VAL A 109 13.00 39.92 -10.62
CA VAL A 109 12.30 41.04 -11.25
C VAL A 109 12.02 42.13 -10.22
N SER A 110 11.73 41.75 -8.98
CA SER A 110 11.54 42.75 -7.96
C SER A 110 12.84 43.45 -7.62
N ALA A 111 13.99 42.87 -7.97
CA ALA A 111 15.21 43.65 -7.97
C ALA A 111 15.17 44.72 -9.05
N CYS A 112 14.71 44.36 -10.25
CA CYS A 112 14.57 45.32 -11.34
C CYS A 112 13.82 44.65 -12.48
N ALA A 113 13.00 45.45 -13.17
CA ALA A 113 12.24 44.92 -14.30
C ALA A 113 13.11 44.74 -15.54
N ARG A 114 14.33 45.28 -15.55
CA ARG A 114 15.25 45.09 -16.64
C ARG A 114 16.08 43.83 -16.49
N SER A 115 15.79 42.99 -15.51
CA SER A 115 16.45 41.69 -15.43
C SER A 115 16.05 40.84 -16.62
N ILE A 116 16.86 39.81 -16.87
CA ILE A 116 16.70 38.96 -18.05
C ILE A 116 16.68 37.51 -17.58
N PHE A 117 15.78 36.73 -18.19
CA PHE A 117 15.73 35.29 -18.01
C PHE A 117 15.85 34.61 -19.37
N ILE A 118 16.54 33.47 -19.39
CA ILE A 118 16.66 32.63 -20.57
C ILE A 118 16.47 31.20 -20.14
N PHE A 119 15.88 30.41 -21.02
CA PHE A 119 15.77 28.97 -20.88
C PHE A 119 16.54 28.30 -22.00
N ASP A 120 16.75 26.99 -21.85
CA ASP A 120 17.52 26.21 -22.80
C ASP A 120 17.12 24.75 -22.68
N GLU A 121 17.38 23.99 -23.74
CA GLU A 121 17.09 22.56 -23.80
C GLU A 121 15.61 22.31 -23.55
N MET A 122 14.79 23.02 -24.30
CA MET A 122 13.35 23.03 -24.11
C MET A 122 12.64 21.86 -24.77
N ASP A 123 13.38 20.85 -25.20
CA ASP A 123 12.77 19.61 -25.67
C ASP A 123 12.42 18.66 -24.54
N LYS A 124 12.63 19.07 -23.28
CA LYS A 124 12.54 18.19 -22.13
C LYS A 124 11.74 18.84 -21.00
N MET A 125 10.55 19.35 -21.35
CA MET A 125 9.74 20.13 -20.43
C MET A 125 8.32 19.57 -20.35
N HIS A 126 7.46 20.17 -19.51
CA HIS A 126 6.17 19.58 -19.15
C HIS A 126 5.16 20.70 -18.91
N ALA A 127 4.07 20.70 -19.71
CA ALA A 127 3.26 21.89 -19.94
C ALA A 127 2.72 22.54 -18.66
N GLY A 128 2.70 21.82 -17.54
CA GLY A 128 2.45 22.48 -16.27
C GLY A 128 3.43 23.64 -16.04
N LEU A 129 4.65 23.49 -16.55
CA LEU A 129 5.70 24.46 -16.35
C LEU A 129 5.61 25.66 -17.30
N ILE A 130 4.67 25.66 -18.26
CA ILE A 130 4.17 26.91 -18.84
C ILE A 130 2.93 27.40 -18.13
N ASP A 131 2.14 26.51 -17.53
CA ASP A 131 0.89 26.94 -16.92
C ASP A 131 1.08 27.88 -15.73
N ALA A 132 2.32 28.12 -15.28
CA ALA A 132 2.62 29.02 -14.19
C ALA A 132 3.16 30.38 -14.66
N ILE A 133 3.26 30.60 -15.96
CA ILE A 133 3.93 31.80 -16.50
C ILE A 133 3.09 32.57 -17.51
N LYS A 134 2.11 31.95 -18.16
CA LYS A 134 1.26 32.68 -19.09
C LYS A 134 0.64 33.95 -18.50
N PRO A 135 0.20 33.96 -17.24
CA PRO A 135 -0.24 35.25 -16.65
C PRO A 135 0.86 36.29 -16.62
N PHE A 136 2.11 35.89 -16.39
CA PHE A 136 3.20 36.85 -16.44
C PHE A 136 3.35 37.47 -17.82
N LEU A 137 2.85 36.82 -18.86
CA LEU A 137 2.89 37.33 -20.21
C LEU A 137 1.56 37.88 -20.68
N ASP A 138 0.64 38.15 -19.77
CA ASP A 138 -0.38 39.13 -20.09
C ASP A 138 0.28 40.49 -20.24
N TYR A 139 -0.25 41.26 -21.17
CA TYR A 139 0.14 42.65 -21.36
C TYR A 139 -0.33 43.56 -20.22
N TYR A 140 -0.94 43.02 -19.16
CA TYR A 140 -1.26 43.73 -17.94
C TYR A 140 -0.15 44.67 -17.53
N ASP A 141 -0.51 45.88 -17.11
CA ASP A 141 0.49 46.79 -16.57
C ASP A 141 1.11 46.25 -15.29
N LEU A 142 0.45 45.31 -14.61
CA LEU A 142 1.03 44.75 -13.40
C LEU A 142 0.44 43.39 -13.11
N VAL A 143 1.06 42.72 -12.14
CA VAL A 143 0.53 41.55 -11.47
C VAL A 143 1.03 41.60 -10.03
N ASP A 144 0.12 41.38 -9.08
CA ASP A 144 0.46 41.38 -7.66
C ASP A 144 1.11 42.70 -7.24
N GLY A 145 0.69 43.79 -7.86
CA GLY A 145 1.30 45.08 -7.62
C GLY A 145 2.69 45.22 -8.18
N VAL A 146 3.02 44.48 -9.24
CA VAL A 146 4.33 44.54 -9.88
C VAL A 146 4.15 44.45 -11.39
N SER A 147 4.95 45.23 -12.11
CA SER A 147 4.99 45.19 -13.57
C SER A 147 6.16 44.33 -14.04
N TYR A 148 5.92 43.59 -15.12
CA TYR A 148 6.90 42.70 -15.72
C TYR A 148 7.19 43.03 -17.17
N GLN A 149 6.55 44.05 -17.73
CA GLN A 149 6.61 44.26 -19.17
C GLN A 149 7.92 44.85 -19.65
N LYS A 150 8.83 45.24 -18.74
CA LYS A 150 10.15 45.68 -19.16
C LYS A 150 11.11 44.52 -19.34
N ALA A 151 10.93 43.45 -18.56
CA ALA A 151 11.82 42.31 -18.66
C ALA A 151 11.64 41.62 -20.00
N MET A 152 12.48 40.62 -20.25
CA MET A 152 12.63 40.02 -21.56
C MET A 152 12.86 38.54 -21.39
N PHE A 153 11.95 37.73 -21.94
CA PHE A 153 12.00 36.28 -21.83
C PHE A 153 12.35 35.68 -23.18
N ILE A 154 13.32 34.78 -23.17
CA ILE A 154 13.96 34.27 -24.38
C ILE A 154 14.04 32.76 -24.25
N PHE A 155 13.71 32.06 -25.33
CA PHE A 155 13.71 30.60 -25.36
C PHE A 155 14.66 30.08 -26.42
N LEU A 156 14.93 28.78 -26.34
CA LEU A 156 15.84 28.12 -27.24
C LEU A 156 15.34 26.71 -27.52
N SER A 157 15.68 26.21 -28.69
CA SER A 157 15.34 24.86 -29.10
C SER A 157 16.11 24.53 -30.36
N ASN A 158 15.79 23.39 -30.95
CA ASN A 158 16.25 23.04 -32.28
C ASN A 158 15.17 22.40 -33.14
N ALA A 159 13.97 22.22 -32.63
CA ALA A 159 12.90 21.61 -33.41
C ALA A 159 12.50 22.53 -34.56
N GLY A 160 11.78 21.96 -35.52
CA GLY A 160 11.45 22.68 -36.73
C GLY A 160 12.63 22.93 -37.64
N ALA A 161 13.80 22.32 -37.35
CA ALA A 161 14.96 22.51 -38.20
C ALA A 161 14.71 21.98 -39.60
N GLU A 162 13.89 20.95 -39.74
CA GLU A 162 13.71 20.30 -41.03
C GLU A 162 13.14 21.28 -42.05
N ARG A 163 12.29 22.20 -41.61
CA ARG A 163 11.71 23.18 -42.51
C ARG A 163 12.76 24.18 -42.99
N ILE A 164 13.58 24.70 -42.08
CA ILE A 164 14.57 25.66 -42.52
C ILE A 164 15.60 24.98 -43.41
N THR A 165 15.84 23.68 -43.21
CA THR A 165 16.72 22.93 -44.10
C THR A 165 16.13 22.82 -45.49
N ASP A 166 14.96 22.16 -45.61
CA ASP A 166 14.46 21.87 -46.94
C ASP A 166 14.10 23.13 -47.69
N VAL A 167 13.76 24.21 -46.97
CA VAL A 167 13.60 25.50 -47.61
C VAL A 167 14.94 26.03 -48.07
N ALA A 168 15.99 25.86 -47.24
CA ALA A 168 17.30 26.37 -47.60
C ALA A 168 17.79 25.75 -48.90
N LEU A 169 17.64 24.43 -49.04
CA LEU A 169 17.95 23.82 -50.32
C LEU A 169 16.91 24.15 -51.37
N ASP A 170 15.70 24.55 -50.99
CA ASP A 170 14.73 24.93 -52.00
C ASP A 170 15.22 26.16 -52.77
N PHE A 171 15.36 27.27 -52.06
CA PHE A 171 15.81 28.48 -52.72
C PHE A 171 17.24 28.35 -53.20
N TRP A 172 18.09 27.63 -52.47
CA TRP A 172 19.46 27.47 -52.93
C TRP A 172 19.52 26.64 -54.20
N ARG A 173 18.66 25.63 -54.30
CA ARG A 173 18.48 24.89 -55.54
C ARG A 173 17.95 25.79 -56.64
N SER A 174 17.25 26.87 -56.31
CA SER A 174 16.83 27.85 -57.30
C SER A 174 17.93 28.77 -57.84
N GLY A 175 19.21 28.49 -57.58
CA GLY A 175 20.27 29.37 -58.01
C GLY A 175 20.26 30.67 -57.24
N LYS A 176 20.57 30.59 -55.95
CA LYS A 176 20.24 31.67 -55.01
C LYS A 176 20.90 31.48 -53.65
N GLN A 177 21.15 32.58 -52.95
CA GLN A 177 21.71 32.57 -51.61
C GLN A 177 20.66 33.05 -50.62
N ARG A 178 20.79 32.62 -49.35
CA ARG A 178 19.76 32.97 -48.37
C ARG A 178 19.75 34.46 -48.03
N GLU A 179 20.78 35.21 -48.42
CA GLU A 179 20.63 36.66 -48.48
C GLU A 179 19.42 37.05 -49.30
N ASP A 180 19.22 36.37 -50.42
CA ASP A 180 18.07 36.62 -51.27
C ASP A 180 16.81 35.95 -50.75
N ILE A 181 16.94 34.89 -49.93
CA ILE A 181 15.80 34.46 -49.16
C ILE A 181 15.42 35.63 -48.25
N LYS A 182 14.13 35.85 -48.09
CA LYS A 182 13.62 36.93 -47.27
C LYS A 182 13.36 36.43 -45.87
N LEU A 183 13.13 37.39 -44.97
CA LEU A 183 12.78 37.02 -43.62
C LEU A 183 11.50 36.21 -43.59
N LYS A 184 10.48 36.69 -44.30
CA LYS A 184 9.25 35.92 -44.43
C LYS A 184 9.58 34.59 -45.05
N ASP A 185 9.21 33.54 -44.34
CA ASP A 185 9.24 32.19 -44.87
C ASP A 185 8.03 31.51 -44.23
N ILE A 186 7.91 30.20 -44.35
CA ILE A 186 6.58 29.62 -44.14
C ILE A 186 6.32 29.54 -42.63
N GLU A 187 5.80 30.63 -42.07
CA GLU A 187 5.51 30.66 -40.64
C GLU A 187 4.31 29.79 -40.30
N HIS A 188 3.56 29.34 -41.31
CA HIS A 188 2.54 28.34 -41.08
C HIS A 188 3.15 27.02 -40.65
N ALA A 189 4.12 26.51 -41.41
CA ALA A 189 4.77 25.26 -41.03
C ALA A 189 5.54 25.44 -39.72
N LEU A 190 6.09 26.64 -39.49
CA LEU A 190 6.65 26.93 -38.17
C LEU A 190 5.59 26.82 -37.09
N SER A 191 4.37 27.28 -37.38
CA SER A 191 3.30 27.11 -36.40
C SER A 191 2.97 25.63 -36.21
N VAL A 192 3.15 24.81 -37.26
CA VAL A 192 2.90 23.37 -37.12
C VAL A 192 3.94 22.75 -36.20
N SER A 193 5.23 23.01 -36.47
CA SER A 193 6.28 22.57 -35.55
C SER A 193 6.03 23.10 -34.15
N VAL A 194 5.44 24.28 -34.05
CA VAL A 194 5.11 24.89 -32.77
C VAL A 194 3.73 24.47 -32.29
N PHE A 195 2.87 23.97 -33.17
CA PHE A 195 1.69 23.21 -32.78
C PHE A 195 1.99 21.73 -32.61
N ASN A 196 3.21 21.30 -32.95
CA ASN A 196 3.52 19.88 -33.06
C ASN A 196 3.36 19.20 -31.70
N ASN A 197 2.30 18.40 -31.56
CA ASN A 197 1.90 17.87 -30.27
C ASN A 197 2.95 16.97 -29.61
N LYS A 198 4.08 16.73 -30.26
CA LYS A 198 5.30 16.39 -29.54
C LYS A 198 5.51 17.37 -28.41
N ASN A 199 6.06 16.88 -27.30
CA ASN A 199 6.23 17.70 -26.09
C ASN A 199 7.03 18.96 -26.38
N SER A 200 8.05 18.86 -27.24
CA SER A 200 8.80 20.04 -27.68
C SER A 200 7.87 21.05 -28.33
N GLY A 201 7.12 20.62 -29.34
CA GLY A 201 6.21 21.52 -30.01
C GLY A 201 4.88 21.67 -29.31
N PHE A 202 4.57 20.79 -28.35
CA PHE A 202 3.30 20.89 -27.63
C PHE A 202 3.38 21.94 -26.55
N TRP A 203 4.52 21.96 -25.84
CA TRP A 203 4.92 23.06 -24.97
C TRP A 203 4.63 24.41 -25.63
N HIS A 204 5.30 24.64 -26.77
CA HIS A 204 5.10 25.88 -27.48
C HIS A 204 3.76 25.95 -28.20
N SER A 205 3.01 24.84 -28.29
CA SER A 205 1.63 24.88 -28.78
C SER A 205 0.73 25.54 -27.77
N SER A 206 0.82 25.11 -26.53
CA SER A 206 0.03 25.71 -25.48
C SER A 206 0.52 27.12 -25.15
N LEU A 207 1.79 27.44 -25.42
CA LEU A 207 2.22 28.83 -25.35
C LEU A 207 1.64 29.66 -26.50
N ILE A 208 1.64 29.11 -27.72
CA ILE A 208 1.13 29.81 -28.88
C ILE A 208 -0.40 29.78 -28.89
N ASP A 209 -1.02 29.25 -27.83
CA ASP A 209 -2.45 29.46 -27.64
C ASP A 209 -2.88 30.91 -27.85
N ARG A 210 -2.00 31.88 -27.61
CA ARG A 210 -2.31 33.30 -27.76
C ARG A 210 -1.24 34.08 -28.53
N ASN A 211 -0.36 33.39 -29.29
CA ASN A 211 0.92 33.96 -29.76
C ASN A 211 1.53 34.88 -28.72
N LEU A 212 1.77 34.36 -27.52
CA LEU A 212 2.49 35.19 -26.58
C LEU A 212 3.92 35.47 -27.05
N ILE A 213 4.44 34.67 -27.99
CA ILE A 213 5.70 34.94 -28.66
C ILE A 213 5.58 36.24 -29.42
N ASP A 214 6.69 36.98 -29.48
CA ASP A 214 6.79 38.11 -30.40
C ASP A 214 7.16 37.66 -31.80
N TYR A 215 8.36 37.12 -31.96
CA TYR A 215 8.96 36.90 -33.28
C TYR A 215 9.58 35.50 -33.31
N PHE A 216 9.11 34.66 -34.23
CA PHE A 216 9.85 33.45 -34.57
C PHE A 216 11.10 33.82 -35.32
N VAL A 217 12.21 33.19 -34.96
CA VAL A 217 13.52 33.53 -35.53
C VAL A 217 14.33 32.24 -35.66
N PRO A 218 14.36 31.61 -36.82
CA PRO A 218 15.32 30.52 -37.03
C PRO A 218 16.68 31.04 -37.48
N PHE A 219 17.69 30.30 -37.08
CA PHE A 219 19.03 30.41 -37.63
C PHE A 219 19.22 29.35 -38.72
N LEU A 220 20.39 29.37 -39.37
CA LEU A 220 20.66 28.45 -40.46
C LEU A 220 22.07 27.88 -40.43
N PRO A 221 22.32 26.73 -41.09
CA PRO A 221 23.67 26.15 -41.09
C PRO A 221 24.71 27.14 -41.58
N LEU A 222 25.70 27.40 -40.73
CA LEU A 222 26.76 28.32 -41.09
C LEU A 222 27.53 27.72 -42.26
N GLU A 223 27.28 28.27 -43.43
CA GLU A 223 27.83 27.73 -44.67
C GLU A 223 29.36 27.76 -44.62
N TYR A 224 29.99 26.89 -45.42
CA TYR A 224 31.43 26.71 -45.35
C TYR A 224 32.20 28.00 -45.55
N LYS A 225 31.59 28.97 -46.24
CA LYS A 225 32.12 30.32 -46.17
C LYS A 225 32.24 30.77 -44.73
N HIS A 226 31.19 30.54 -43.91
CA HIS A 226 31.26 30.94 -42.51
C HIS A 226 32.30 30.15 -41.76
N LEU A 227 32.48 28.87 -42.10
CA LEU A 227 33.62 28.13 -41.56
C LEU A 227 34.89 28.92 -41.80
N LYS A 228 35.21 29.16 -43.07
CA LYS A 228 36.40 29.91 -43.43
C LYS A 228 36.47 31.27 -42.76
N MET A 229 35.33 31.90 -42.47
CA MET A 229 35.33 33.16 -41.75
C MET A 229 35.78 32.95 -40.31
N CYS A 230 35.17 31.99 -39.61
CA CYS A 230 35.57 31.70 -38.24
C CYS A 230 36.79 30.80 -38.15
N ILE A 231 37.49 30.61 -39.26
CA ILE A 231 38.83 30.05 -39.29
C ILE A 231 39.85 31.15 -39.45
N ARG A 232 39.70 31.96 -40.49
CA ARG A 232 40.59 33.09 -40.72
C ARG A 232 40.51 34.08 -39.56
N VAL A 233 39.31 34.54 -39.24
CA VAL A 233 39.13 35.57 -38.22
C VAL A 233 39.60 35.07 -36.87
N GLU A 234 39.25 33.82 -36.52
CA GLU A 234 39.61 33.31 -35.21
C GLU A 234 41.10 33.05 -35.11
N MET A 235 41.66 32.29 -36.05
CA MET A 235 43.06 31.89 -35.93
C MET A 235 43.99 33.08 -36.12
N GLN A 236 43.61 34.05 -36.96
CA GLN A 236 44.34 35.31 -37.00
C GLN A 236 44.11 36.13 -35.74
N SER A 237 42.98 35.95 -35.07
CA SER A 237 42.75 36.63 -33.80
C SER A 237 43.51 35.98 -32.65
N ARG A 238 43.87 34.69 -32.80
CA ARG A 238 44.51 33.94 -31.73
C ARG A 238 46.03 33.86 -31.87
N GLY A 239 46.63 34.57 -32.82
CA GLY A 239 48.06 34.43 -33.05
C GLY A 239 48.46 33.02 -33.41
N TYR A 240 47.59 32.33 -34.14
CA TYR A 240 47.70 30.90 -34.37
C TYR A 240 48.66 30.55 -35.50
N GLU A 241 48.99 31.51 -36.36
CA GLU A 241 49.82 31.28 -37.53
C GLU A 241 49.18 30.26 -38.47
N ILE A 242 47.96 30.57 -38.89
CA ILE A 242 47.28 29.80 -39.92
C ILE A 242 47.76 30.27 -41.29
N ASP A 243 47.61 29.39 -42.28
CA ASP A 243 48.00 29.68 -43.66
C ASP A 243 46.94 29.11 -44.60
N GLU A 244 47.23 29.04 -45.90
CA GLU A 244 46.20 28.66 -46.87
C GLU A 244 45.81 27.20 -46.73
N ASP A 245 46.79 26.30 -46.64
CA ASP A 245 46.53 24.86 -46.69
C ASP A 245 45.56 24.45 -45.60
N ILE A 246 45.69 25.04 -44.41
CA ILE A 246 44.77 24.80 -43.30
C ILE A 246 43.34 25.09 -43.72
N VAL A 247 43.14 26.05 -44.64
CA VAL A 247 41.82 26.44 -45.11
C VAL A 247 41.48 25.76 -46.43
N SER A 248 42.39 25.01 -47.01
CA SER A 248 41.98 23.92 -47.90
C SER A 248 41.37 22.79 -47.09
N ARG A 249 41.92 22.56 -45.90
CA ARG A 249 41.48 21.42 -45.10
C ARG A 249 40.13 21.65 -44.42
N VAL A 250 39.56 22.86 -44.48
CA VAL A 250 38.22 23.07 -43.95
C VAL A 250 37.23 22.17 -44.68
N ALA A 251 37.40 22.02 -46.00
CA ALA A 251 36.52 21.21 -46.83
C ALA A 251 37.15 19.92 -47.28
N GLU A 252 38.47 19.85 -47.38
CA GLU A 252 39.09 18.56 -47.72
C GLU A 252 38.91 17.54 -46.61
N GLU A 253 38.67 17.99 -45.38
CA GLU A 253 38.66 17.14 -44.19
C GLU A 253 37.46 17.46 -43.30
N MET A 254 36.28 17.55 -43.91
CA MET A 254 35.06 17.82 -43.16
C MET A 254 33.87 17.23 -43.91
N THR A 255 32.81 16.93 -43.17
CA THR A 255 31.55 16.46 -43.73
C THR A 255 30.54 17.60 -43.75
N PHE A 256 29.84 17.71 -44.86
CA PHE A 256 28.74 18.64 -45.05
C PHE A 256 27.47 17.85 -45.39
N PHE A 257 26.35 18.57 -45.50
CA PHE A 257 25.03 17.98 -45.68
C PHE A 257 24.36 18.58 -46.91
N PRO A 258 23.71 17.77 -47.76
CA PRO A 258 23.69 16.31 -47.83
C PRO A 258 25.02 15.83 -48.39
N LYS A 259 25.25 14.52 -48.37
CA LYS A 259 26.39 13.98 -49.08
C LYS A 259 26.36 14.34 -50.55
N GLU A 260 25.20 14.23 -51.18
CA GLU A 260 25.12 14.30 -52.63
C GLU A 260 25.47 15.70 -53.14
N GLU A 261 25.62 16.68 -52.25
CA GLU A 261 26.05 18.02 -52.61
C GLU A 261 27.19 18.50 -51.72
N ARG A 262 27.24 18.04 -50.46
CA ARG A 262 28.26 18.45 -49.49
C ARG A 262 28.27 19.97 -49.30
N VAL A 263 27.18 20.46 -48.73
CA VAL A 263 26.95 21.90 -48.67
C VAL A 263 26.75 22.37 -47.23
N PHE A 264 25.66 21.95 -46.61
CA PHE A 264 25.32 22.44 -45.29
C PHE A 264 26.22 21.80 -44.25
N SER A 265 26.70 22.61 -43.33
CA SER A 265 27.69 22.18 -42.37
C SER A 265 27.05 21.22 -41.38
N ASP A 266 27.84 20.77 -40.41
CA ASP A 266 27.37 19.96 -39.31
C ASP A 266 27.49 20.73 -38.01
N LYS A 267 28.37 21.73 -37.96
CA LYS A 267 28.57 22.52 -36.77
C LYS A 267 28.73 24.01 -37.00
N GLY A 268 29.03 24.44 -38.22
CA GLY A 268 29.47 25.80 -38.36
C GLY A 268 30.71 26.04 -37.54
N CYS A 269 30.63 27.03 -36.66
CA CYS A 269 31.79 27.58 -35.96
C CYS A 269 31.88 27.08 -34.52
N LYS A 270 31.35 25.90 -34.26
CA LYS A 270 31.37 25.28 -32.94
C LYS A 270 32.56 24.38 -32.74
N THR A 271 32.68 23.33 -33.54
CA THR A 271 33.83 22.44 -33.52
C THR A 271 34.95 22.93 -34.42
N VAL A 272 34.84 24.16 -34.93
CA VAL A 272 35.78 24.60 -35.96
C VAL A 272 37.19 24.67 -35.40
N PHE A 273 37.38 25.30 -34.23
CA PHE A 273 38.72 25.59 -33.76
C PHE A 273 39.45 24.36 -33.23
N THR A 274 38.71 23.33 -32.82
CA THR A 274 39.34 22.08 -32.41
C THR A 274 39.94 21.37 -33.61
N LYS A 275 39.14 21.23 -34.67
CA LYS A 275 39.65 20.69 -35.93
C LYS A 275 40.78 21.54 -36.48
N LEU A 276 40.71 22.86 -36.28
CA LEU A 276 41.83 23.70 -36.65
C LEU A 276 43.06 23.40 -35.81
N ASP A 277 42.89 23.02 -34.54
CA ASP A 277 44.04 22.56 -33.79
C ASP A 277 44.57 21.25 -34.36
N TYR A 278 43.71 20.42 -34.97
CA TYR A 278 44.27 19.32 -35.74
C TYR A 278 45.08 19.84 -36.91
N TYR A 279 44.65 20.94 -37.52
CA TYR A 279 45.38 21.43 -38.69
C TYR A 279 46.67 22.14 -38.26
N TYR A 280 46.77 22.56 -37.00
CA TYR A 280 48.09 22.78 -36.42
C TYR A 280 48.86 21.47 -36.40
N ASP A 281 48.17 20.40 -36.00
CA ASP A 281 48.79 19.09 -36.06
C ASP A 281 48.92 18.61 -37.50
N ASP A 282 48.10 19.14 -38.41
CA ASP A 282 48.23 18.98 -39.86
C ASP A 282 48.42 17.52 -40.30
N GLY B 1 55.30 19.48 -10.46
CA GLY B 1 54.29 18.85 -11.33
C GLY B 1 52.96 19.59 -11.32
N GLN B 2 52.28 19.56 -10.18
CA GLN B 2 51.01 20.28 -10.06
C GLN B 2 51.20 21.78 -10.24
N LYS B 3 52.38 22.29 -9.91
CA LYS B 3 52.75 23.67 -10.17
C LYS B 3 53.50 23.84 -11.48
N ARG B 4 53.31 22.90 -12.42
CA ARG B 4 53.95 22.94 -13.73
C ARG B 4 52.89 22.82 -14.81
N SER B 5 52.82 23.80 -15.69
CA SER B 5 52.09 23.63 -16.94
C SER B 5 52.93 22.77 -17.87
N LEU B 6 52.33 21.69 -18.36
CA LEU B 6 53.07 20.62 -19.02
C LEU B 6 53.68 21.13 -20.31
N SER B 7 55.01 21.18 -20.36
CA SER B 7 55.68 21.48 -21.61
C SER B 7 55.65 20.27 -22.52
N ARG B 8 55.80 20.54 -23.82
CA ARG B 8 55.70 19.49 -24.83
C ARG B 8 56.78 18.45 -24.63
N GLU B 9 57.98 18.90 -24.29
CA GLU B 9 59.13 18.02 -24.16
C GLU B 9 58.89 16.94 -23.13
N ALA B 10 58.32 17.31 -21.99
CA ALA B 10 58.12 16.35 -20.91
C ALA B 10 57.22 15.21 -21.36
N LEU B 11 56.19 15.52 -22.13
CA LEU B 11 55.19 14.52 -22.47
C LEU B 11 55.64 13.65 -23.63
N GLN B 12 56.19 14.27 -24.68
CA GLN B 12 56.74 13.45 -25.75
C GLN B 12 57.89 12.60 -25.23
N LYS B 13 58.65 13.15 -24.28
CA LYS B 13 59.69 12.37 -23.62
C LYS B 13 59.10 11.16 -22.92
N ASP B 14 58.08 11.39 -22.08
CA ASP B 14 57.51 10.29 -21.29
C ASP B 14 56.94 9.21 -22.18
N LEU B 15 56.12 9.61 -23.16
CA LEU B 15 55.48 8.63 -24.03
C LEU B 15 56.51 7.90 -24.87
N ASP B 16 57.48 8.64 -25.41
CA ASP B 16 58.54 8.00 -26.19
C ASP B 16 59.38 7.07 -25.32
N ASP B 17 59.41 7.31 -24.01
CA ASP B 17 60.13 6.40 -23.12
C ASP B 17 59.34 5.11 -22.93
N ASN B 18 58.08 5.22 -22.52
CA ASN B 18 57.33 4.09 -22.02
C ASN B 18 56.27 3.58 -22.98
N LEU B 19 55.65 4.45 -23.76
CA LEU B 19 54.60 4.02 -24.67
C LEU B 19 55.22 3.37 -25.90
N PHE B 20 54.69 2.21 -26.26
CA PHE B 20 55.15 1.42 -27.39
C PHE B 20 54.17 1.55 -28.54
N GLY B 21 54.67 2.03 -29.68
CA GLY B 21 53.81 2.32 -30.79
C GLY B 21 52.88 3.47 -30.49
N GLN B 22 51.68 3.40 -31.07
CA GLN B 22 50.63 4.37 -30.80
C GLN B 22 51.09 5.78 -31.16
N HIS B 23 51.75 5.89 -32.32
CA HIS B 23 52.17 7.18 -32.85
C HIS B 23 51.00 8.16 -32.89
N LEU B 24 49.82 7.66 -33.26
CA LEU B 24 48.62 8.49 -33.31
C LEU B 24 48.36 9.11 -31.94
N ALA B 25 48.54 8.34 -30.89
CA ALA B 25 48.16 8.82 -29.58
C ALA B 25 49.15 9.84 -29.08
N LYS B 26 50.41 9.68 -29.43
CA LYS B 26 51.42 10.66 -29.07
C LYS B 26 51.16 11.99 -29.78
N LYS B 27 50.88 11.94 -31.09
CA LYS B 27 50.57 13.16 -31.82
C LYS B 27 49.34 13.86 -31.22
N ILE B 28 48.23 13.12 -31.16
CA ILE B 28 46.96 13.66 -30.66
C ILE B 28 47.16 14.26 -29.29
N ILE B 29 47.53 13.40 -28.33
CA ILE B 29 47.58 13.81 -26.94
C ILE B 29 48.50 15.00 -26.79
N LEU B 30 49.74 14.83 -27.28
CA LEU B 30 50.77 15.85 -27.07
C LEU B 30 50.30 17.22 -27.54
N ASN B 31 49.94 17.33 -28.81
CA ASN B 31 49.56 18.64 -29.32
C ASN B 31 48.25 19.12 -28.74
N ALA B 32 47.32 18.19 -28.51
CA ALA B 32 45.98 18.56 -28.05
C ALA B 32 46.03 19.17 -26.66
N VAL B 33 46.58 18.44 -25.69
CA VAL B 33 46.64 19.02 -24.36
C VAL B 33 47.61 20.19 -24.35
N PHE B 34 48.74 20.08 -25.05
CA PHE B 34 49.73 21.14 -25.01
C PHE B 34 49.19 22.46 -25.53
N GLY B 35 48.20 22.41 -26.42
CA GLY B 35 47.47 23.60 -26.79
C GLY B 35 46.40 23.93 -25.76
N PHE B 36 45.77 22.90 -25.22
CA PHE B 36 44.66 23.10 -24.29
C PHE B 36 45.15 23.66 -22.97
N ILE B 37 46.10 22.97 -22.32
CA ILE B 37 46.51 23.35 -20.99
C ILE B 37 47.17 24.72 -20.99
N ASN B 38 47.90 25.03 -22.06
CA ASN B 38 48.48 26.35 -22.20
C ASN B 38 47.47 27.41 -22.55
N ASN B 39 46.28 27.03 -22.99
CA ASN B 39 45.25 28.00 -23.32
C ASN B 39 44.58 28.49 -22.03
N PRO B 40 44.65 29.78 -21.71
CA PRO B 40 43.85 30.29 -20.58
C PRO B 40 42.37 30.42 -20.89
N LYS B 41 41.97 30.23 -22.15
CA LYS B 41 40.57 30.36 -22.55
C LYS B 41 40.23 29.21 -23.47
N PRO B 42 40.02 28.01 -22.91
CA PRO B 42 39.72 26.86 -23.78
C PRO B 42 38.39 26.98 -24.50
N LYS B 43 37.43 27.72 -23.93
CA LYS B 43 36.05 27.89 -24.38
C LYS B 43 35.19 26.66 -24.05
N LYS B 44 35.79 25.54 -23.66
CA LYS B 44 35.07 24.31 -23.38
C LYS B 44 35.97 23.44 -22.52
N PRO B 45 35.40 22.52 -21.75
CA PRO B 45 36.25 21.49 -21.16
C PRO B 45 36.72 20.52 -22.22
N LEU B 46 37.60 19.59 -21.82
CA LEU B 46 38.19 18.63 -22.75
C LEU B 46 37.30 17.40 -22.76
N THR B 47 36.73 17.11 -23.92
CA THR B 47 35.76 16.02 -24.08
C THR B 47 36.43 14.94 -24.91
N LEU B 48 37.13 14.04 -24.23
CA LEU B 48 37.89 12.99 -24.89
C LEU B 48 37.07 11.71 -24.96
N SER B 49 37.28 10.98 -26.06
CA SER B 49 36.61 9.70 -26.30
C SER B 49 37.67 8.64 -26.53
N LEU B 50 37.46 7.46 -25.99
CA LEU B 50 38.33 6.33 -26.24
C LEU B 50 37.53 5.05 -26.32
N HIS B 51 37.91 4.22 -27.28
CA HIS B 51 37.36 2.89 -27.43
C HIS B 51 38.39 2.07 -28.22
N GLY B 52 38.09 0.80 -28.45
CA GLY B 52 39.01 -0.09 -29.13
C GLY B 52 39.33 -1.35 -28.35
N TRP B 53 40.58 -1.78 -28.43
CA TRP B 53 41.03 -3.02 -27.81
C TRP B 53 41.82 -2.72 -26.53
N THR B 54 41.77 -3.66 -25.57
CA THR B 54 42.41 -3.42 -24.29
C THR B 54 43.90 -3.64 -24.33
N GLY B 55 44.51 -3.40 -23.18
CA GLY B 55 45.91 -3.67 -23.00
C GLY B 55 46.82 -2.87 -23.89
N THR B 56 46.28 -1.88 -24.57
CA THR B 56 46.99 -0.95 -25.43
C THR B 56 47.38 0.29 -24.67
N GLY B 57 46.74 0.51 -23.53
CA GLY B 57 47.21 1.44 -22.56
C GLY B 57 46.26 2.56 -22.21
N LYS B 58 44.94 2.34 -22.27
CA LYS B 58 44.02 3.42 -21.96
C LYS B 58 44.17 3.88 -20.52
N ASN B 59 43.91 2.99 -19.57
CA ASN B 59 44.09 3.35 -18.17
C ASN B 59 45.57 3.61 -17.88
N PHE B 60 46.45 2.96 -18.62
CA PHE B 60 47.89 3.28 -18.60
C PHE B 60 48.13 4.75 -18.92
N VAL B 61 47.71 5.21 -20.11
CA VAL B 61 48.06 6.58 -20.51
C VAL B 61 47.36 7.59 -19.63
N SER B 62 46.10 7.32 -19.27
CA SER B 62 45.39 8.22 -18.38
C SER B 62 46.13 8.35 -17.06
N LYS B 63 46.61 7.23 -16.54
CA LYS B 63 47.43 7.25 -15.35
C LYS B 63 48.67 8.11 -15.55
N ILE B 64 49.34 7.95 -16.70
CA ILE B 64 50.61 8.65 -16.91
C ILE B 64 50.38 10.16 -16.88
N ILE B 65 49.45 10.64 -17.69
CA ILE B 65 49.23 12.07 -17.74
C ILE B 65 48.69 12.57 -16.42
N ALA B 66 47.92 11.74 -15.72
CA ALA B 66 47.48 12.10 -14.38
C ALA B 66 48.67 12.33 -13.46
N GLU B 67 49.73 11.54 -13.64
CA GLU B 67 50.92 11.70 -12.81
C GLU B 67 51.70 12.94 -13.22
N ASN B 68 51.81 13.18 -14.52
CA ASN B 68 52.56 14.35 -14.98
C ASN B 68 51.89 15.64 -14.54
N ILE B 69 50.55 15.69 -14.59
CA ILE B 69 49.85 16.89 -14.17
C ILE B 69 50.02 17.09 -12.67
N TYR B 70 49.54 16.14 -11.87
CA TYR B 70 49.64 16.20 -10.42
C TYR B 70 50.47 15.04 -9.90
N GLU B 71 51.23 15.32 -8.84
CA GLU B 71 51.98 14.27 -8.17
C GLU B 71 51.07 13.19 -7.64
N GLY B 72 49.82 13.54 -7.29
CA GLY B 72 48.88 12.55 -6.81
C GLY B 72 48.59 11.46 -7.82
N GLY B 73 48.77 11.74 -9.11
CA GLY B 73 48.34 10.79 -10.12
C GLY B 73 46.85 10.59 -9.98
N LEU B 74 46.47 9.44 -9.44
CA LEU B 74 45.09 9.19 -9.04
C LEU B 74 44.84 9.46 -7.57
N ASN B 75 45.88 9.63 -6.76
CA ASN B 75 45.71 9.93 -5.34
C ASN B 75 45.21 11.34 -5.09
N SER B 76 45.24 12.21 -6.09
CA SER B 76 44.91 13.61 -5.85
C SER B 76 43.45 13.77 -5.44
N ASP B 77 43.23 14.62 -4.45
CA ASP B 77 41.88 15.01 -4.07
C ASP B 77 41.17 15.71 -5.23
N TYR B 78 41.91 16.42 -6.07
CA TYR B 78 41.34 16.98 -7.28
C TYR B 78 40.86 15.87 -8.21
N VAL B 79 41.68 14.85 -8.40
CA VAL B 79 41.42 13.79 -9.35
C VAL B 79 40.52 12.78 -8.62
N HIS B 80 39.23 12.86 -8.90
CA HIS B 80 38.22 12.04 -8.26
C HIS B 80 37.50 11.19 -9.29
N LEU B 81 37.43 9.89 -9.03
CA LEU B 81 37.11 8.89 -10.05
C LEU B 81 35.74 8.26 -9.81
N PHE B 82 35.07 7.95 -10.91
CA PHE B 82 33.80 7.25 -10.91
C PHE B 82 33.91 6.03 -11.81
N VAL B 83 33.03 5.07 -11.56
CA VAL B 83 32.95 3.82 -12.32
C VAL B 83 31.48 3.50 -12.51
N ALA B 84 31.19 2.81 -13.61
CA ALA B 84 29.83 2.37 -13.87
C ALA B 84 29.33 1.45 -12.77
N THR B 85 29.96 0.29 -12.64
CA THR B 85 29.37 -0.78 -11.84
C THR B 85 29.49 -0.50 -10.35
N LEU B 86 30.69 -0.09 -9.90
CA LEU B 86 30.92 0.13 -8.48
C LEU B 86 30.00 1.15 -7.87
N HIS B 87 29.66 2.17 -8.62
CA HIS B 87 28.78 3.23 -8.16
C HIS B 87 27.39 3.14 -8.75
N PHE B 88 27.28 2.84 -10.04
CA PHE B 88 26.03 3.00 -10.80
C PHE B 88 25.59 1.67 -11.41
N PRO B 89 25.32 0.67 -10.59
CA PRO B 89 24.93 -0.64 -11.13
C PRO B 89 23.58 -0.66 -11.84
N HIS B 90 22.55 -0.16 -11.16
CA HIS B 90 21.17 -0.49 -11.53
C HIS B 90 20.47 0.68 -12.21
N ALA B 91 19.46 0.32 -12.99
CA ALA B 91 18.53 1.29 -13.54
C ALA B 91 17.42 1.67 -12.56
N SER B 92 17.52 1.24 -11.30
CA SER B 92 16.53 1.60 -10.30
C SER B 92 16.80 2.98 -9.73
N ASN B 93 18.05 3.20 -9.28
CA ASN B 93 18.43 4.41 -8.57
C ASN B 93 19.04 5.44 -9.50
N ILE B 94 18.54 5.53 -10.74
CA ILE B 94 19.14 6.42 -11.73
C ILE B 94 19.13 7.86 -11.23
N THR B 95 18.04 8.26 -10.59
CA THR B 95 17.88 9.65 -10.18
C THR B 95 18.87 10.01 -9.09
N LEU B 96 18.96 9.17 -8.06
CA LEU B 96 19.97 9.36 -7.03
C LEU B 96 21.35 9.41 -7.63
N TYR B 97 21.61 8.56 -8.61
CA TYR B 97 22.90 8.55 -9.26
C TYR B 97 23.15 9.87 -9.98
N LYS B 98 22.10 10.47 -10.53
CA LYS B 98 22.26 11.75 -11.22
C LYS B 98 22.51 12.88 -10.23
N ASP B 99 21.75 12.91 -9.13
CA ASP B 99 21.91 13.99 -8.17
C ASP B 99 23.26 13.90 -7.47
N GLN B 100 23.60 12.71 -6.97
CA GLN B 100 24.92 12.49 -6.40
C GLN B 100 26.00 12.84 -7.39
N LEU B 101 25.78 12.53 -8.67
CA LEU B 101 26.75 12.86 -9.69
C LEU B 101 26.96 14.37 -9.74
N GLN B 102 25.89 15.13 -9.95
CA GLN B 102 25.98 16.58 -10.06
C GLN B 102 26.65 17.19 -8.84
N LEU B 103 26.33 16.69 -7.65
CA LEU B 103 26.86 17.30 -6.44
C LEU B 103 28.34 16.99 -6.27
N TRP B 104 28.72 15.73 -6.47
CA TRP B 104 30.13 15.37 -6.37
C TRP B 104 30.96 16.15 -7.39
N ILE B 105 30.40 16.34 -8.59
CA ILE B 105 31.02 17.21 -9.58
C ILE B 105 31.27 18.57 -8.99
N ARG B 106 30.18 19.26 -8.61
CA ARG B 106 30.27 20.64 -8.13
C ARG B 106 31.25 20.76 -6.98
N GLY B 107 31.34 19.74 -6.12
CA GLY B 107 32.32 19.75 -5.06
C GLY B 107 33.73 19.82 -5.60
N ASN B 108 34.12 18.82 -6.40
CA ASN B 108 35.50 18.75 -6.83
C ASN B 108 35.87 19.94 -7.71
N VAL B 109 35.00 20.32 -8.63
CA VAL B 109 35.33 21.42 -9.52
C VAL B 109 35.35 22.73 -8.76
N SER B 110 34.47 22.89 -7.77
CA SER B 110 34.52 24.08 -6.97
C SER B 110 35.76 24.13 -6.10
N ALA B 111 36.41 22.99 -5.88
CA ALA B 111 37.78 23.03 -5.35
C ALA B 111 38.73 23.65 -6.36
N CYS B 112 38.62 23.27 -7.62
CA CYS B 112 39.43 23.84 -8.69
C CYS B 112 38.92 23.36 -10.03
N ALA B 113 39.00 24.23 -11.03
CA ALA B 113 38.54 23.87 -12.37
C ALA B 113 39.54 22.97 -13.08
N ARG B 114 40.75 22.83 -12.55
CA ARG B 114 41.73 21.92 -13.13
C ARG B 114 41.61 20.50 -12.59
N SER B 115 40.56 20.21 -11.82
CA SER B 115 40.30 18.84 -11.43
C SER B 115 39.95 18.00 -12.66
N ILE B 116 40.08 16.69 -12.50
CA ILE B 116 39.91 15.74 -13.60
C ILE B 116 38.92 14.68 -13.17
N PHE B 117 38.03 14.30 -14.09
CA PHE B 117 37.14 13.18 -13.93
C PHE B 117 37.34 12.20 -15.08
N ILE B 118 37.23 10.91 -14.75
CA ILE B 118 37.28 9.85 -15.74
C ILE B 118 36.18 8.86 -15.41
N PHE B 119 35.62 8.26 -16.45
CA PHE B 119 34.69 7.15 -16.34
C PHE B 119 35.29 5.92 -16.99
N ASP B 120 34.66 4.77 -16.72
CA ASP B 120 35.15 3.50 -17.23
C ASP B 120 34.00 2.51 -17.26
N GLU B 121 34.16 1.47 -18.08
CA GLU B 121 33.16 0.41 -18.23
C GLU B 121 31.82 0.99 -18.66
N MET B 122 31.87 1.79 -19.72
CA MET B 122 30.73 2.55 -20.18
C MET B 122 29.79 1.75 -21.07
N ASP B 123 29.94 0.43 -21.10
CA ASP B 123 28.97 -0.41 -21.77
C ASP B 123 27.77 -0.74 -20.89
N LYS B 124 27.70 -0.17 -19.69
CA LYS B 124 26.72 -0.56 -18.67
C LYS B 124 26.08 0.67 -18.04
N MET B 125 25.60 1.59 -18.89
CA MET B 125 25.09 2.88 -18.44
C MET B 125 23.69 3.13 -18.99
N HIS B 126 23.08 4.27 -18.64
CA HIS B 126 21.65 4.50 -18.89
C HIS B 126 21.43 6.00 -19.15
N ALA B 127 20.91 6.32 -20.34
CA ALA B 127 21.04 7.65 -20.94
C ALA B 127 20.53 8.79 -20.05
N GLY B 128 19.72 8.49 -19.03
CA GLY B 128 19.45 9.50 -18.02
C GLY B 128 20.73 10.05 -17.42
N LEU B 129 21.74 9.19 -17.32
CA LEU B 129 23.01 9.53 -16.70
C LEU B 129 23.94 10.33 -17.61
N ILE B 130 23.58 10.54 -18.88
CA ILE B 130 24.12 11.65 -19.65
C ILE B 130 23.21 12.86 -19.58
N ASP B 131 21.90 12.67 -19.38
CA ASP B 131 20.98 13.79 -19.40
C ASP B 131 21.23 14.81 -18.27
N ALA B 132 22.12 14.50 -17.32
CA ALA B 132 22.46 15.40 -16.23
C ALA B 132 23.78 16.14 -16.44
N ILE B 133 24.45 15.94 -17.56
CA ILE B 133 25.80 16.46 -17.77
C ILE B 133 25.97 17.24 -19.06
N LYS B 134 25.14 17.04 -20.07
CA LYS B 134 25.24 17.82 -21.30
C LYS B 134 25.27 19.32 -21.07
N PRO B 135 24.49 19.89 -20.15
CA PRO B 135 24.66 21.32 -19.84
C PRO B 135 26.05 21.67 -19.35
N PHE B 136 26.68 20.78 -18.57
CA PHE B 136 28.06 21.03 -18.15
C PHE B 136 29.01 21.11 -19.32
N LEU B 137 28.64 20.54 -20.47
CA LEU B 137 29.45 20.59 -21.67
C LEU B 137 28.93 21.58 -22.70
N ASP B 138 28.05 22.49 -22.30
CA ASP B 138 27.95 23.71 -23.05
C ASP B 138 29.26 24.48 -22.92
N TYR B 139 29.63 25.13 -24.02
CA TYR B 139 30.76 26.06 -24.03
C TYR B 139 30.51 27.33 -23.24
N TYR B 140 29.36 27.46 -22.56
CA TYR B 140 29.08 28.54 -21.62
C TYR B 140 30.29 28.89 -20.79
N ASP B 141 30.53 30.18 -20.60
CA ASP B 141 31.58 30.58 -19.68
C ASP B 141 31.30 30.16 -18.25
N LEU B 142 30.04 29.89 -17.92
CA LEU B 142 29.73 29.46 -16.57
C LEU B 142 28.42 28.69 -16.54
N VAL B 143 28.16 28.08 -15.38
CA VAL B 143 26.87 27.55 -14.99
C VAL B 143 26.76 27.73 -13.48
N ASP B 144 25.61 28.25 -13.03
CA ASP B 144 25.35 28.46 -11.61
C ASP B 144 26.42 29.34 -10.97
N GLY B 145 26.93 30.29 -11.74
CA GLY B 145 28.02 31.13 -11.28
C GLY B 145 29.34 30.41 -11.16
N VAL B 146 29.57 29.36 -11.95
CA VAL B 146 30.81 28.60 -11.93
C VAL B 146 31.17 28.21 -13.36
N SER B 147 32.46 28.28 -13.68
CA SER B 147 32.98 27.84 -14.95
C SER B 147 33.56 26.44 -14.84
N TYR B 148 33.36 25.65 -15.90
CA TYR B 148 33.82 24.27 -15.98
C TYR B 148 34.75 24.02 -17.15
N GLN B 149 35.03 25.03 -17.97
CA GLN B 149 35.71 24.80 -19.23
C GLN B 149 37.19 24.52 -19.08
N LYS B 150 37.76 24.63 -17.87
CA LYS B 150 39.14 24.25 -17.67
C LYS B 150 39.28 22.76 -17.38
N ALA B 151 38.28 22.17 -16.73
CA ALA B 151 38.33 20.76 -16.40
C ALA B 151 38.30 19.92 -17.67
N MET B 152 38.47 18.62 -17.48
CA MET B 152 38.72 17.70 -18.58
C MET B 152 38.01 16.39 -18.30
N PHE B 153 37.08 16.02 -19.18
CA PHE B 153 36.26 14.82 -19.03
C PHE B 153 36.68 13.80 -20.06
N ILE B 154 36.91 12.58 -19.61
CA ILE B 154 37.54 11.52 -20.40
C ILE B 154 36.71 10.27 -20.21
N PHE B 155 36.47 9.55 -21.31
CA PHE B 155 35.66 8.34 -21.31
C PHE B 155 36.47 7.16 -21.81
N LEU B 156 35.91 5.98 -21.59
CA LEU B 156 36.56 4.73 -21.98
C LEU B 156 35.51 3.73 -22.43
N SER B 157 35.90 2.84 -23.32
CA SER B 157 35.04 1.78 -23.80
C SER B 157 35.90 0.80 -24.58
N ASN B 158 35.23 -0.16 -25.23
CA ASN B 158 35.86 -1.02 -26.20
C ASN B 158 35.01 -1.25 -27.44
N ALA B 159 33.82 -0.67 -27.52
CA ALA B 159 32.97 -0.86 -28.68
C ALA B 159 33.59 -0.20 -29.91
N GLY B 160 33.08 -0.58 -31.08
CA GLY B 160 33.68 -0.14 -32.32
C GLY B 160 35.03 -0.75 -32.61
N ALA B 161 35.45 -1.75 -31.81
CA ALA B 161 36.73 -2.39 -32.06
C ALA B 161 36.76 -3.08 -33.42
N GLU B 162 35.62 -3.56 -33.88
CA GLU B 162 35.59 -4.36 -35.11
C GLU B 162 36.08 -3.54 -36.30
N ARG B 163 35.79 -2.24 -36.29
CA ARG B 163 36.24 -1.37 -37.38
C ARG B 163 37.74 -1.19 -37.35
N ILE B 164 38.31 -0.92 -36.19
CA ILE B 164 39.76 -0.73 -36.17
C ILE B 164 40.47 -2.03 -36.49
N THR B 165 39.84 -3.17 -36.18
CA THR B 165 40.42 -4.45 -36.56
C THR B 165 40.40 -4.63 -38.07
N ASP B 166 39.22 -4.64 -38.68
CA ASP B 166 39.15 -4.98 -40.10
C ASP B 166 39.86 -3.95 -40.96
N VAL B 167 39.94 -2.70 -40.48
CA VAL B 167 40.77 -1.71 -41.15
C VAL B 167 42.24 -2.06 -40.97
N ALA B 168 42.63 -2.48 -39.77
CA ALA B 168 44.02 -2.81 -39.50
C ALA B 168 44.51 -3.91 -40.45
N LEU B 169 43.72 -4.97 -40.60
CA LEU B 169 44.07 -5.96 -41.60
C LEU B 169 43.86 -5.46 -43.01
N ASP B 170 43.04 -4.43 -43.22
CA ASP B 170 42.89 -3.91 -44.57
C ASP B 170 44.21 -3.33 -45.05
N PHE B 171 44.68 -2.28 -44.38
CA PHE B 171 45.93 -1.68 -44.80
C PHE B 171 47.10 -2.62 -44.59
N TRP B 172 47.06 -3.43 -43.54
CA TRP B 172 48.17 -4.36 -43.33
C TRP B 172 48.22 -5.41 -44.43
N ARG B 173 47.04 -5.86 -44.88
CA ARG B 173 46.95 -6.71 -46.06
C ARG B 173 47.45 -6.00 -47.30
N SER B 174 47.40 -4.67 -47.33
CA SER B 174 47.99 -3.91 -48.42
C SER B 174 49.53 -3.83 -48.44
N GLY B 175 50.23 -4.61 -47.62
CA GLY B 175 51.67 -4.52 -47.55
C GLY B 175 52.11 -3.22 -46.90
N LYS B 176 51.83 -3.10 -45.61
CA LYS B 176 51.84 -1.81 -44.93
C LYS B 176 51.74 -1.92 -43.42
N GLN B 177 52.30 -0.94 -42.71
CA GLN B 177 52.22 -0.87 -41.26
C GLN B 177 51.33 0.31 -40.85
N ARG B 178 50.74 0.22 -39.66
CA ARG B 178 49.81 1.26 -39.24
C ARG B 178 50.51 2.60 -38.98
N GLU B 179 51.84 2.62 -38.88
CA GLU B 179 52.56 3.88 -39.02
C GLU B 179 52.16 4.57 -40.31
N ASP B 180 52.03 3.82 -41.39
CA ASP B 180 51.62 4.36 -42.67
C ASP B 180 50.12 4.56 -42.75
N ILE B 181 49.33 3.84 -41.94
CA ILE B 181 47.95 4.24 -41.74
C ILE B 181 47.99 5.63 -41.12
N LYS B 182 47.10 6.49 -41.56
CA LYS B 182 47.02 7.85 -41.08
C LYS B 182 46.04 7.94 -39.93
N LEU B 183 46.08 9.08 -39.25
CA LEU B 183 45.12 9.30 -38.19
C LEU B 183 43.71 9.27 -38.73
N LYS B 184 43.46 9.99 -39.81
CA LYS B 184 42.16 9.91 -40.47
C LYS B 184 41.89 8.48 -40.85
N ASP B 185 40.78 7.97 -40.35
CA ASP B 185 40.23 6.70 -40.78
C ASP B 185 38.72 6.89 -40.74
N ILE B 186 37.94 5.83 -40.88
CA ILE B 186 36.55 6.05 -41.26
C ILE B 186 35.77 6.51 -40.03
N GLU B 187 35.79 7.83 -39.79
CA GLU B 187 35.07 8.36 -38.64
C GLU B 187 33.56 8.32 -38.85
N HIS B 188 33.12 8.05 -40.08
CA HIS B 188 31.71 7.79 -40.31
C HIS B 188 31.28 6.49 -39.62
N ALA B 189 32.00 5.39 -39.86
CA ALA B 189 31.65 4.14 -39.19
C ALA B 189 31.86 4.25 -37.69
N LEU B 190 32.84 5.05 -37.26
CA LEU B 190 32.95 5.36 -35.84
C LEU B 190 31.71 6.08 -35.35
N SER B 191 31.15 6.98 -36.15
CA SER B 191 29.91 7.62 -35.76
C SER B 191 28.78 6.60 -35.70
N VAL B 192 28.82 5.56 -36.54
CA VAL B 192 27.79 4.52 -36.50
C VAL B 192 27.89 3.73 -35.20
N SER B 193 29.09 3.25 -34.87
CA SER B 193 29.32 2.61 -33.57
C SER B 193 28.91 3.54 -32.44
N VAL B 194 29.09 4.84 -32.64
CA VAL B 194 28.72 5.86 -31.66
C VAL B 194 27.28 6.30 -31.83
N PHE B 195 26.68 6.08 -33.00
CA PHE B 195 25.23 6.12 -33.15
C PHE B 195 24.58 4.79 -32.83
N ASN B 196 25.37 3.74 -32.58
CA ASN B 196 24.85 2.38 -32.51
C ASN B 196 23.87 2.26 -31.37
N ASN B 197 22.58 2.15 -31.69
CA ASN B 197 21.51 2.25 -30.70
C ASN B 197 21.55 1.16 -29.63
N LYS B 198 22.51 0.23 -29.70
CA LYS B 198 22.97 -0.46 -28.50
C LYS B 198 23.27 0.56 -27.41
N ASN B 199 23.01 0.17 -26.16
CA ASN B 199 23.16 1.09 -25.03
C ASN B 199 24.57 1.67 -24.96
N SER B 200 25.58 0.85 -25.26
CA SER B 200 26.95 1.35 -25.35
C SER B 200 27.05 2.48 -26.37
N GLY B 201 26.62 2.22 -27.60
CA GLY B 201 26.67 3.23 -28.63
C GLY B 201 25.51 4.20 -28.59
N PHE B 202 24.44 3.87 -27.85
CA PHE B 202 23.30 4.76 -27.78
C PHE B 202 23.55 5.89 -26.79
N TRP B 203 24.15 5.53 -25.65
CA TRP B 203 24.74 6.48 -24.73
C TRP B 203 25.53 7.56 -25.47
N HIS B 204 26.55 7.13 -26.19
CA HIS B 204 27.36 8.07 -26.94
C HIS B 204 26.65 8.60 -28.19
N SER B 205 25.51 8.02 -28.58
CA SER B 205 24.67 8.59 -29.63
C SER B 205 24.00 9.86 -29.15
N SER B 206 23.38 9.78 -27.99
CA SER B 206 22.75 10.94 -27.42
C SER B 206 23.77 11.96 -26.94
N LEU B 207 25.00 11.53 -26.61
CA LEU B 207 26.07 12.50 -26.39
C LEU B 207 26.51 13.16 -27.69
N ILE B 208 26.65 12.38 -28.77
CA ILE B 208 27.07 12.91 -30.05
C ILE B 208 25.91 13.63 -30.75
N ASP B 209 24.78 13.78 -30.06
CA ASP B 209 23.75 14.71 -30.53
C ASP B 209 24.30 16.07 -30.95
N ARG B 210 25.42 16.50 -30.35
CA ARG B 210 26.03 17.79 -30.65
C ARG B 210 27.55 17.71 -30.89
N ASN B 211 28.10 16.51 -31.16
CA ASN B 211 29.54 16.23 -31.03
C ASN B 211 30.13 16.97 -29.84
N LEU B 212 29.59 16.74 -28.65
CA LEU B 212 30.27 17.32 -27.51
C LEU B 212 31.65 16.72 -27.29
N ILE B 213 31.93 15.56 -27.88
CA ILE B 213 33.27 14.99 -27.92
C ILE B 213 34.19 15.93 -28.69
N ASP B 214 35.44 15.99 -28.26
CA ASP B 214 36.47 16.64 -29.06
C ASP B 214 37.00 15.71 -30.14
N TYR B 215 37.66 14.63 -29.73
CA TYR B 215 38.46 13.80 -30.64
C TYR B 215 38.17 12.34 -30.36
N PHE B 216 37.67 11.62 -31.37
CA PHE B 216 37.67 10.16 -31.31
C PHE B 216 39.10 9.66 -31.45
N VAL B 217 39.45 8.69 -30.61
CA VAL B 217 40.82 8.18 -30.55
C VAL B 217 40.76 6.69 -30.27
N PRO B 218 40.83 5.83 -31.28
CA PRO B 218 41.04 4.40 -31.03
C PRO B 218 42.50 4.05 -30.83
N PHE B 219 42.71 3.04 -30.01
CA PHE B 219 43.97 2.32 -29.90
C PHE B 219 43.92 1.08 -30.77
N LEU B 220 45.03 0.34 -30.83
CA LEU B 220 45.12 -0.85 -31.67
C LEU B 220 45.85 -2.00 -31.00
N PRO B 221 45.63 -3.25 -31.45
CA PRO B 221 46.32 -4.39 -30.83
C PRO B 221 47.83 -4.21 -30.83
N LEU B 222 48.41 -4.25 -29.64
CA LEU B 222 49.84 -4.10 -29.50
C LEU B 222 50.51 -5.29 -30.19
N GLU B 223 51.05 -5.02 -31.37
CA GLU B 223 51.60 -6.06 -32.22
C GLU B 223 52.74 -6.77 -31.49
N TYR B 224 53.03 -8.00 -31.90
CA TYR B 224 53.98 -8.86 -31.19
C TYR B 224 55.35 -8.21 -31.06
N LYS B 225 55.68 -7.27 -31.96
CA LYS B 225 56.81 -6.41 -31.70
C LYS B 225 56.62 -5.70 -30.37
N HIS B 226 55.42 -5.18 -30.10
CA HIS B 226 55.19 -4.51 -28.82
C HIS B 226 55.25 -5.47 -27.67
N LEU B 227 54.81 -6.71 -27.87
CA LEU B 227 55.04 -7.73 -26.86
C LEU B 227 56.52 -7.77 -26.52
N LYS B 228 57.36 -8.06 -27.52
CA LYS B 228 58.79 -8.12 -27.32
C LYS B 228 59.36 -6.84 -26.72
N MET B 229 58.75 -5.69 -26.99
CA MET B 229 59.19 -4.45 -26.37
C MET B 229 58.89 -4.46 -24.88
N CYS B 230 57.65 -4.78 -24.50
CA CYS B 230 57.29 -4.85 -23.09
C CYS B 230 57.68 -6.18 -22.45
N ILE B 231 58.50 -6.97 -23.13
CA ILE B 231 59.19 -8.10 -22.54
C ILE B 231 60.64 -7.73 -22.25
N ARG B 232 61.35 -7.25 -23.27
CA ARG B 232 62.72 -6.81 -23.10
C ARG B 232 62.79 -5.66 -22.11
N VAL B 233 62.04 -4.60 -22.38
CA VAL B 233 62.11 -3.38 -21.56
C VAL B 233 61.69 -3.67 -20.14
N GLU B 234 60.62 -4.45 -19.96
CA GLU B 234 60.12 -4.69 -18.61
C GLU B 234 61.07 -5.62 -17.86
N MET B 235 61.39 -6.78 -18.42
CA MET B 235 62.18 -7.76 -17.69
C MET B 235 63.61 -7.27 -17.46
N GLN B 236 64.16 -6.50 -18.41
CA GLN B 236 65.42 -5.82 -18.15
C GLN B 236 65.25 -4.70 -17.14
N SER B 237 64.06 -4.12 -17.04
CA SER B 237 63.81 -3.10 -16.02
C SER B 237 63.61 -3.72 -14.64
N ARG B 238 63.22 -5.00 -14.58
CA ARG B 238 62.89 -5.66 -13.32
C ARG B 238 64.03 -6.50 -12.77
N GLY B 239 65.22 -6.46 -13.37
CA GLY B 239 66.29 -7.33 -12.93
C GLY B 239 65.94 -8.79 -13.05
N TYR B 240 65.17 -9.13 -14.08
CA TYR B 240 64.54 -10.44 -14.20
C TYR B 240 65.47 -11.50 -14.78
N GLU B 241 66.56 -11.09 -15.42
CA GLU B 241 67.48 -12.00 -16.09
C GLU B 241 66.77 -12.78 -17.19
N ILE B 242 66.19 -12.03 -18.12
CA ILE B 242 65.62 -12.61 -19.33
C ILE B 242 66.73 -12.83 -20.35
N ASP B 243 66.49 -13.74 -21.29
CA ASP B 243 67.43 -14.04 -22.36
C ASP B 243 66.66 -14.25 -23.65
N GLU B 244 67.30 -14.80 -24.68
CA GLU B 244 66.68 -14.87 -26.00
C GLU B 244 65.51 -15.85 -26.02
N ASP B 245 65.73 -17.06 -25.49
CA ASP B 245 64.75 -18.13 -25.62
C ASP B 245 63.39 -17.71 -25.07
N ILE B 246 63.40 -16.97 -23.96
CA ILE B 246 62.18 -16.43 -23.37
C ILE B 246 61.41 -15.60 -24.39
N VAL B 247 62.14 -14.95 -25.30
CA VAL B 247 61.53 -14.11 -26.33
C VAL B 247 61.38 -14.84 -27.67
N SER B 248 61.84 -16.08 -27.75
CA SER B 248 61.26 -17.00 -28.70
C SER B 248 59.88 -17.43 -28.24
N ARG B 249 59.73 -17.58 -26.92
CA ARG B 249 58.48 -18.10 -26.38
C ARG B 249 57.35 -17.07 -26.37
N VAL B 250 57.63 -15.81 -26.71
CA VAL B 250 56.54 -14.84 -26.84
C VAL B 250 55.56 -15.29 -27.92
N ALA B 251 56.08 -15.85 -29.01
CA ALA B 251 55.26 -16.30 -30.13
C ALA B 251 55.18 -17.81 -30.23
N GLU B 252 56.18 -18.54 -29.72
CA GLU B 252 56.04 -19.99 -29.73
C GLU B 252 54.94 -20.47 -28.78
N GLU B 253 54.56 -19.66 -27.80
CA GLU B 253 53.66 -20.04 -26.72
C GLU B 253 52.62 -18.95 -26.48
N MET B 254 52.00 -18.46 -27.55
CA MET B 254 50.96 -17.44 -27.44
C MET B 254 50.03 -17.55 -28.62
N THR B 255 48.79 -17.08 -28.43
CA THR B 255 47.79 -17.00 -29.48
C THR B 255 47.68 -15.57 -29.97
N PHE B 256 47.61 -15.42 -31.28
CA PHE B 256 47.37 -14.15 -31.96
C PHE B 256 46.11 -14.28 -32.81
N PHE B 257 45.71 -13.16 -33.42
CA PHE B 257 44.46 -13.06 -34.16
C PHE B 257 44.74 -12.56 -35.58
N PRO B 258 44.10 -13.13 -36.62
CA PRO B 258 43.30 -14.36 -36.65
C PRO B 258 44.23 -15.56 -36.55
N LYS B 259 43.67 -16.75 -36.40
CA LYS B 259 44.48 -17.94 -36.52
C LYS B 259 45.18 -18.02 -37.85
N GLU B 260 44.48 -17.71 -38.93
CA GLU B 260 44.99 -17.99 -40.27
C GLU B 260 46.21 -17.14 -40.60
N GLU B 261 46.54 -16.16 -39.75
CA GLU B 261 47.74 -15.36 -39.91
C GLU B 261 48.54 -15.28 -38.61
N ARG B 262 47.87 -15.35 -37.45
CA ARG B 262 48.51 -15.26 -36.13
C ARG B 262 49.30 -13.95 -36.01
N VAL B 263 48.55 -12.85 -35.99
CA VAL B 263 49.15 -11.52 -36.06
C VAL B 263 48.75 -10.67 -34.87
N PHE B 264 47.47 -10.32 -34.79
CA PHE B 264 47.01 -9.40 -33.78
C PHE B 264 46.96 -10.10 -32.44
N SER B 265 47.44 -9.40 -31.41
CA SER B 265 47.59 -10.00 -30.09
C SER B 265 46.22 -10.23 -29.48
N ASP B 266 46.21 -10.73 -28.26
CA ASP B 266 45.00 -10.88 -27.46
C ASP B 266 45.05 -9.96 -26.26
N LYS B 267 46.26 -9.54 -25.85
CA LYS B 267 46.41 -8.66 -24.71
C LYS B 267 47.43 -7.57 -24.88
N GLY B 268 48.34 -7.68 -25.84
CA GLY B 268 49.49 -6.80 -25.81
C GLY B 268 50.26 -6.99 -24.52
N CYS B 269 50.42 -5.90 -23.79
CA CYS B 269 51.35 -5.83 -22.66
C CYS B 269 50.61 -5.90 -21.32
N LYS B 270 49.47 -6.56 -21.30
CA LYS B 270 48.67 -6.73 -20.09
C LYS B 270 48.98 -8.01 -19.36
N THR B 271 48.78 -9.15 -20.00
CA THR B 271 49.14 -10.45 -19.46
C THR B 271 50.57 -10.83 -19.77
N VAL B 272 51.36 -9.89 -20.30
CA VAL B 272 52.68 -10.25 -20.81
C VAL B 272 53.58 -10.74 -19.68
N PHE B 273 53.64 -10.00 -18.56
CA PHE B 273 54.65 -10.29 -17.54
C PHE B 273 54.32 -11.53 -16.73
N THR B 274 53.04 -11.92 -16.66
CA THR B 274 52.67 -13.16 -15.99
C THR B 274 53.15 -14.36 -16.79
N LYS B 275 52.86 -14.37 -18.09
CA LYS B 275 53.39 -15.40 -18.97
C LYS B 275 54.91 -15.38 -18.99
N LEU B 276 55.51 -14.20 -18.86
CA LEU B 276 56.96 -14.15 -18.71
C LEU B 276 57.40 -14.78 -17.40
N ASP B 277 56.62 -14.68 -16.34
CA ASP B 277 56.95 -15.43 -15.14
C ASP B 277 56.84 -16.93 -15.38
N TYR B 278 55.94 -17.35 -16.29
CA TYR B 278 56.03 -18.74 -16.71
C TYR B 278 57.35 -19.02 -17.41
N TYR B 279 57.86 -18.05 -18.18
CA TYR B 279 59.09 -18.32 -18.89
C TYR B 279 60.30 -18.24 -17.96
N TYR B 280 60.15 -17.61 -16.79
CA TYR B 280 61.06 -17.92 -15.69
C TYR B 280 60.90 -19.37 -15.30
N ASP B 281 59.64 -19.83 -15.23
CA ASP B 281 59.40 -21.23 -14.98
C ASP B 281 59.75 -22.08 -16.20
N ASP B 282 59.75 -21.48 -17.38
CA ASP B 282 60.29 -22.05 -18.62
C ASP B 282 59.77 -23.47 -18.90
N GLY C 1 -12.19 61.28 -10.03
CA GLY C 1 -12.55 59.92 -10.54
C GLY C 1 -13.20 59.07 -9.48
N GLN C 2 -12.42 58.69 -8.45
CA GLN C 2 -12.96 57.89 -7.36
C GLN C 2 -14.05 58.64 -6.61
N LYS C 3 -13.99 59.97 -6.61
CA LYS C 3 -15.04 60.81 -6.06
C LYS C 3 -16.02 61.25 -7.13
N ARG C 4 -16.15 60.51 -8.23
CA ARG C 4 -17.06 60.81 -9.32
C ARG C 4 -17.91 59.59 -9.61
N SER C 5 -19.22 59.76 -9.52
CA SER C 5 -20.14 58.78 -10.09
C SER C 5 -20.15 58.96 -11.59
N LEU C 6 -19.88 57.88 -12.32
CA LEU C 6 -19.58 57.96 -13.74
C LEU C 6 -20.81 58.43 -14.51
N SER C 7 -20.71 59.62 -15.10
CA SER C 7 -21.74 60.08 -16.00
C SER C 7 -21.63 59.36 -17.34
N ARG C 8 -22.75 59.32 -18.06
CA ARG C 8 -22.82 58.58 -19.31
C ARG C 8 -21.86 59.16 -20.33
N GLU C 9 -21.74 60.49 -20.36
CA GLU C 9 -20.93 61.16 -21.36
C GLU C 9 -19.48 60.73 -21.27
N ALA C 10 -18.95 60.61 -20.05
CA ALA C 10 -17.54 60.26 -19.90
C ALA C 10 -17.23 58.91 -20.50
N LEU C 11 -18.15 57.95 -20.33
CA LEU C 11 -17.87 56.58 -20.73
C LEU C 11 -18.12 56.37 -22.22
N GLN C 12 -19.23 56.90 -22.74
CA GLN C 12 -19.42 56.83 -24.18
C GLN C 12 -18.33 57.61 -24.90
N LYS C 13 -17.88 58.70 -24.29
CA LYS C 13 -16.75 59.44 -24.83
C LYS C 13 -15.51 58.56 -24.88
N ASP C 14 -15.16 57.94 -23.75
CA ASP C 14 -13.93 57.15 -23.69
C ASP C 14 -13.96 56.00 -24.69
N LEU C 15 -15.05 55.23 -24.68
CA LEU C 15 -15.14 54.07 -25.56
C LEU C 15 -15.15 54.52 -27.02
N ASP C 16 -15.91 55.57 -27.33
CA ASP C 16 -15.93 56.07 -28.71
C ASP C 16 -14.58 56.62 -29.11
N ASP C 17 -13.75 57.02 -28.15
CA ASP C 17 -12.40 57.47 -28.48
C ASP C 17 -11.52 56.29 -28.82
N ASN C 18 -11.45 55.30 -27.92
CA ASN C 18 -10.43 54.27 -27.99
C ASN C 18 -10.94 52.91 -28.44
N LEU C 19 -12.18 52.56 -28.12
CA LEU C 19 -12.70 51.26 -28.50
C LEU C 19 -13.12 51.28 -29.96
N PHE C 20 -12.69 50.26 -30.69
CA PHE C 20 -12.95 50.11 -32.11
C PHE C 20 -14.02 49.05 -32.32
N GLY C 21 -15.12 49.44 -32.96
CA GLY C 21 -16.25 48.57 -33.10
C GLY C 21 -16.89 48.28 -31.76
N GLN C 22 -17.43 47.07 -31.65
CA GLN C 22 -18.01 46.59 -30.40
C GLN C 22 -19.13 47.51 -29.94
N HIS C 23 -19.98 47.89 -30.89
CA HIS C 23 -21.17 48.69 -30.60
C HIS C 23 -21.99 48.04 -29.49
N LEU C 24 -22.10 46.71 -29.51
CA LEU C 24 -22.82 45.98 -28.48
C LEU C 24 -22.25 46.30 -27.11
N ALA C 25 -20.93 46.36 -27.01
CA ALA C 25 -20.32 46.50 -25.70
C ALA C 25 -20.50 47.91 -25.18
N LYS C 26 -20.50 48.88 -26.09
CA LYS C 26 -20.74 50.25 -25.68
C LYS C 26 -22.16 50.41 -25.16
N LYS C 27 -23.15 49.88 -25.90
CA LYS C 27 -24.53 49.95 -25.45
C LYS C 27 -24.70 49.29 -24.09
N ILE C 28 -24.32 48.00 -24.01
CA ILE C 28 -24.46 47.20 -22.79
C ILE C 28 -23.80 47.92 -21.64
N ILE C 29 -22.49 48.10 -21.74
CA ILE C 29 -21.71 48.60 -20.62
C ILE C 29 -22.26 49.94 -20.19
N LEU C 30 -22.35 50.87 -21.15
CA LEU C 30 -22.73 52.24 -20.84
C LEU C 30 -24.05 52.29 -20.07
N ASN C 31 -25.12 51.74 -20.64
CA ASN C 31 -26.40 51.85 -19.96
C ASN C 31 -26.45 51.01 -18.70
N ALA C 32 -25.79 49.85 -18.72
CA ALA C 32 -25.85 48.91 -17.62
C ALA C 32 -25.22 49.50 -16.37
N VAL C 33 -23.95 49.89 -16.46
CA VAL C 33 -23.32 50.47 -15.28
C VAL C 33 -23.96 51.81 -14.96
N PHE C 34 -24.28 52.62 -15.98
CA PHE C 34 -24.81 53.95 -15.73
C PHE C 34 -26.13 53.89 -14.97
N GLY C 35 -26.88 52.81 -15.13
CA GLY C 35 -28.03 52.58 -14.29
C GLY C 35 -27.62 51.99 -12.95
N PHE C 36 -26.62 51.11 -12.98
CA PHE C 36 -26.20 50.41 -11.77
C PHE C 36 -25.52 51.35 -10.79
N ILE C 37 -24.48 52.04 -11.25
CA ILE C 37 -23.67 52.85 -10.34
C ILE C 37 -24.50 54.00 -9.77
N ASN C 38 -25.40 54.55 -10.57
CA ASN C 38 -26.29 55.59 -10.09
C ASN C 38 -27.38 55.05 -9.18
N ASN C 39 -27.62 53.74 -9.19
CA ASN C 39 -28.62 53.16 -8.32
C ASN C 39 -28.07 53.05 -6.90
N PRO C 40 -28.66 53.71 -5.91
CA PRO C 40 -28.26 53.44 -4.52
C PRO C 40 -28.77 52.12 -3.97
N LYS C 41 -29.63 51.41 -4.70
CA LYS C 41 -30.20 50.14 -4.25
C LYS C 41 -30.16 49.18 -5.43
N PRO C 42 -28.99 48.62 -5.72
CA PRO C 42 -28.92 47.69 -6.86
C PRO C 42 -29.70 46.41 -6.64
N LYS C 43 -29.90 45.99 -5.40
CA LYS C 43 -30.51 44.74 -4.95
C LYS C 43 -29.57 43.55 -5.14
N LYS C 44 -28.47 43.70 -5.87
CA LYS C 44 -27.54 42.61 -6.15
C LYS C 44 -26.21 43.22 -6.56
N PRO C 45 -25.13 42.50 -6.40
CA PRO C 45 -23.90 42.96 -7.05
C PRO C 45 -23.98 42.76 -8.55
N LEU C 46 -22.98 43.23 -9.28
CA LEU C 46 -22.95 43.16 -10.73
C LEU C 46 -22.27 41.86 -11.12
N THR C 47 -23.01 40.99 -11.78
CA THR C 47 -22.54 39.66 -12.14
C THR C 47 -22.37 39.63 -13.65
N LEU C 48 -21.19 40.01 -14.09
CA LEU C 48 -20.89 40.11 -15.51
C LEU C 48 -20.20 38.85 -16.01
N SER C 49 -20.51 38.50 -17.26
CA SER C 49 -19.94 37.33 -17.92
C SER C 49 -19.29 37.79 -19.21
N LEU C 50 -18.13 37.22 -19.52
CA LEU C 50 -17.46 37.47 -20.78
C LEU C 50 -16.79 36.21 -21.29
N HIS C 51 -16.90 36.01 -22.58
CA HIS C 51 -16.23 34.93 -23.29
C HIS C 51 -16.14 35.34 -24.75
N GLY C 52 -15.51 34.51 -25.57
CA GLY C 52 -15.31 34.81 -26.97
C GLY C 52 -13.87 34.74 -27.41
N TRP C 53 -13.49 35.64 -28.30
CA TRP C 53 -12.15 35.67 -28.88
C TRP C 53 -11.29 36.77 -28.24
N THR C 54 -9.98 36.53 -28.20
CA THR C 54 -9.10 37.47 -27.52
C THR C 54 -8.79 38.69 -28.35
N GLY C 55 -8.02 39.58 -27.75
CA GLY C 55 -7.53 40.74 -28.43
C GLY C 55 -8.60 41.70 -28.89
N THR C 56 -9.83 41.47 -28.46
CA THR C 56 -10.97 42.32 -28.73
C THR C 56 -11.18 43.32 -27.64
N GLY C 57 -10.55 43.10 -26.49
CA GLY C 57 -10.39 44.10 -25.49
C GLY C 57 -10.98 43.79 -24.13
N LYS C 58 -11.04 42.52 -23.73
CA LYS C 58 -11.65 42.21 -22.44
C LYS C 58 -10.85 42.85 -21.31
N ASN C 59 -9.60 42.45 -21.15
CA ASN C 59 -8.77 43.05 -20.12
C ASN C 59 -8.53 44.53 -20.42
N PHE C 60 -8.55 44.90 -21.71
CA PHE C 60 -8.55 46.29 -22.12
C PHE C 60 -9.74 47.05 -21.51
N VAL C 61 -10.97 46.62 -21.79
CA VAL C 61 -12.12 47.41 -21.33
C VAL C 61 -12.22 47.39 -19.81
N SER C 62 -11.94 46.24 -19.20
CA SER C 62 -11.96 46.17 -17.75
C SER C 62 -10.97 47.15 -17.15
N LYS C 63 -9.78 47.22 -17.76
CA LYS C 63 -8.81 48.23 -17.36
C LYS C 63 -9.36 49.63 -17.49
N ILE C 64 -10.02 49.91 -18.61
CA ILE C 64 -10.49 51.28 -18.88
C ILE C 64 -11.47 51.71 -17.81
N ILE C 65 -12.50 50.91 -17.59
CA ILE C 65 -13.52 51.30 -16.63
C ILE C 65 -12.93 51.31 -15.23
N ALA C 66 -11.97 50.43 -14.96
CA ALA C 66 -11.26 50.47 -13.69
C ALA C 66 -10.58 51.82 -13.50
N GLU C 67 -10.05 52.39 -14.59
CA GLU C 67 -9.39 53.68 -14.48
C GLU C 67 -10.41 54.80 -14.30
N ASN C 68 -11.52 54.73 -15.03
CA ASN C 68 -12.53 55.77 -14.92
C ASN C 68 -13.14 55.80 -13.52
N ILE C 69 -13.38 54.63 -12.94
CA ILE C 69 -13.93 54.59 -11.59
C ILE C 69 -12.94 55.14 -10.59
N TYR C 70 -11.77 54.50 -10.47
CA TYR C 70 -10.73 54.91 -9.55
C TYR C 70 -9.48 55.28 -10.33
N GLU C 71 -8.77 56.29 -9.83
CA GLU C 71 -7.49 56.68 -10.40
C GLU C 71 -6.49 55.52 -10.33
N GLY C 72 -6.62 54.64 -9.34
CA GLY C 72 -5.75 53.49 -9.24
C GLY C 72 -5.81 52.57 -10.43
N GLY C 73 -6.93 52.57 -11.16
CA GLY C 73 -7.11 51.60 -12.20
C GLY C 73 -7.07 50.22 -11.59
N LEU C 74 -5.95 49.53 -11.80
CA LEU C 74 -5.68 48.29 -11.10
C LEU C 74 -4.79 48.48 -9.87
N ASN C 75 -4.16 49.65 -9.72
CA ASN C 75 -3.34 49.92 -8.55
C ASN C 75 -4.13 50.11 -7.28
N SER C 76 -5.45 50.29 -7.37
CA SER C 76 -6.23 50.63 -6.19
C SER C 76 -6.22 49.48 -5.18
N ASP C 77 -6.07 49.85 -3.92
CA ASP C 77 -6.22 48.89 -2.83
C ASP C 77 -7.62 48.30 -2.80
N TYR C 78 -8.62 49.09 -3.21
CA TYR C 78 -9.97 48.56 -3.38
C TYR C 78 -9.99 47.47 -4.45
N VAL C 79 -9.35 47.74 -5.58
CA VAL C 79 -9.40 46.86 -6.74
C VAL C 79 -8.31 45.80 -6.51
N HIS C 80 -8.74 44.63 -6.06
CA HIS C 80 -7.84 43.54 -5.72
C HIS C 80 -8.15 42.33 -6.59
N LEU C 81 -7.11 41.79 -7.22
CA LEU C 81 -7.26 40.88 -8.35
C LEU C 81 -6.84 39.46 -7.99
N PHE C 82 -7.54 38.50 -8.58
CA PHE C 82 -7.25 37.09 -8.46
C PHE C 82 -7.10 36.49 -9.85
N VAL C 83 -6.39 35.36 -9.91
CA VAL C 83 -6.15 34.62 -11.14
C VAL C 83 -6.27 33.15 -10.82
N ALA C 84 -6.68 32.37 -11.82
CA ALA C 84 -6.76 30.93 -11.65
C ALA C 84 -5.39 30.34 -11.31
N THR C 85 -4.45 30.45 -12.24
CA THR C 85 -3.23 29.65 -12.15
C THR C 85 -2.29 30.19 -11.09
N LEU C 86 -2.07 31.51 -11.07
CA LEU C 86 -1.13 32.11 -10.14
C LEU C 86 -1.48 31.84 -8.70
N HIS C 87 -2.73 31.81 -8.37
CA HIS C 87 -3.20 31.56 -7.01
C HIS C 87 -3.76 30.16 -6.83
N PHE C 88 -4.54 29.67 -7.79
CA PHE C 88 -5.36 28.47 -7.61
C PHE C 88 -5.00 27.41 -8.65
N PRO C 89 -3.77 26.93 -8.64
CA PRO C 89 -3.36 25.93 -9.63
C PRO C 89 -4.05 24.58 -9.49
N HIS C 90 -4.00 24.00 -8.29
CA HIS C 90 -4.24 22.57 -8.11
C HIS C 90 -5.60 22.30 -7.50
N ALA C 91 -6.08 21.08 -7.76
CA ALA C 91 -7.25 20.54 -7.07
C ALA C 91 -6.90 19.93 -5.73
N SER C 92 -5.67 20.10 -5.25
CA SER C 92 -5.28 19.58 -3.95
C SER C 92 -5.73 20.52 -2.84
N ASN C 93 -5.39 21.80 -2.96
CA ASN C 93 -5.61 22.79 -1.92
C ASN C 93 -6.90 23.56 -2.13
N ILE C 94 -7.94 22.89 -2.63
CA ILE C 94 -9.18 23.58 -2.96
C ILE C 94 -9.75 24.27 -1.74
N THR C 95 -9.67 23.60 -0.59
CA THR C 95 -10.31 24.13 0.61
C THR C 95 -9.60 25.38 1.09
N LEU C 96 -8.28 25.34 1.17
CA LEU C 96 -7.50 26.52 1.50
C LEU C 96 -7.80 27.65 0.54
N TYR C 97 -7.94 27.31 -0.74
CA TYR C 97 -8.26 28.32 -1.73
C TYR C 97 -9.63 28.93 -1.46
N LYS C 98 -10.57 28.13 -0.96
CA LYS C 98 -11.90 28.66 -0.67
C LYS C 98 -11.87 29.55 0.56
N ASP C 99 -11.17 29.12 1.61
CA ASP C 99 -11.14 29.91 2.84
C ASP C 99 -10.40 31.22 2.63
N GLN C 100 -9.20 31.14 2.04
CA GLN C 100 -8.45 32.34 1.67
C GLN C 100 -9.29 33.23 0.78
N LEU C 101 -10.06 32.64 -0.13
CA LEU C 101 -10.93 33.41 -0.99
C LEU C 101 -11.92 34.22 -0.17
N GLN C 102 -12.71 33.53 0.66
CA GLN C 102 -13.72 34.19 1.46
C GLN C 102 -13.13 35.29 2.32
N LEU C 103 -11.96 35.05 2.91
CA LEU C 103 -11.40 36.03 3.82
C LEU C 103 -10.86 37.25 3.07
N TRP C 104 -10.15 37.03 1.97
CA TRP C 104 -9.66 38.15 1.18
C TRP C 104 -10.83 38.99 0.65
N ILE C 105 -11.92 38.31 0.27
CA ILE C 105 -13.14 39.01 -0.10
C ILE C 105 -13.56 39.92 1.05
N ARG C 106 -13.88 39.32 2.20
CA ARG C 106 -14.40 40.07 3.35
C ARG C 106 -13.50 41.24 3.71
N GLY C 107 -12.20 41.08 3.57
CA GLY C 107 -11.28 42.17 3.81
C GLY C 107 -11.54 43.34 2.88
N ASN C 108 -11.43 43.09 1.57
CA ASN C 108 -11.53 44.21 0.64
C ASN C 108 -12.92 44.84 0.67
N VAL C 109 -13.97 44.02 0.71
CA VAL C 109 -15.31 44.58 0.69
C VAL C 109 -15.60 45.30 2.00
N SER C 110 -15.08 44.79 3.11
CA SER C 110 -15.26 45.51 4.36
C SER C 110 -14.47 46.80 4.38
N ALA C 111 -13.48 46.96 3.50
CA ALA C 111 -12.95 48.30 3.27
C ALA C 111 -13.98 49.19 2.59
N CYS C 112 -14.70 48.66 1.59
CA CYS C 112 -15.76 49.40 0.92
C CYS C 112 -16.51 48.45 0.00
N ALA C 113 -17.80 48.67 -0.12
CA ALA C 113 -18.62 47.84 -1.00
C ALA C 113 -18.43 48.19 -2.46
N ARG C 114 -17.80 49.32 -2.76
CA ARG C 114 -17.50 49.69 -4.13
C ARG C 114 -16.19 49.11 -4.63
N SER C 115 -15.56 48.23 -3.86
CA SER C 115 -14.40 47.52 -4.37
C SER C 115 -14.81 46.60 -5.51
N ILE C 116 -13.81 46.20 -6.31
CA ILE C 116 -14.03 45.43 -7.52
C ILE C 116 -13.13 44.21 -7.49
N PHE C 117 -13.70 43.08 -7.91
CA PHE C 117 -12.95 41.84 -8.12
C PHE C 117 -13.13 41.38 -9.56
N ILE C 118 -12.07 40.82 -10.12
CA ILE C 118 -12.09 40.21 -11.44
C ILE C 118 -11.34 38.90 -11.35
N PHE C 119 -11.80 37.94 -12.15
CA PHE C 119 -11.10 36.69 -12.36
C PHE C 119 -10.70 36.57 -13.83
N ASP C 120 -9.83 35.59 -14.10
CA ASP C 120 -9.31 35.39 -15.43
C ASP C 120 -8.83 33.96 -15.57
N GLU C 121 -8.74 33.50 -16.81
CA GLU C 121 -8.28 32.14 -17.13
C GLU C 121 -9.16 31.11 -16.45
N MET C 122 -10.46 31.25 -16.64
CA MET C 122 -11.45 30.46 -15.94
C MET C 122 -11.70 29.11 -16.59
N ASP C 123 -10.84 28.69 -17.51
CA ASP C 123 -10.91 27.34 -18.04
C ASP C 123 -10.19 26.33 -17.15
N LYS C 124 -9.67 26.76 -16.00
CA LYS C 124 -8.80 25.95 -15.16
C LYS C 124 -9.22 26.02 -13.69
N MET C 125 -10.51 25.80 -13.44
CA MET C 125 -11.10 25.97 -12.12
C MET C 125 -11.84 24.71 -11.68
N HIS C 126 -12.41 24.72 -10.46
CA HIS C 126 -12.93 23.50 -9.83
C HIS C 126 -14.13 23.86 -8.95
N ALA C 127 -15.29 23.28 -9.28
CA ALA C 127 -16.60 23.82 -8.87
C ALA C 127 -16.74 24.03 -7.36
N GLY C 128 -15.90 23.41 -6.54
CA GLY C 128 -15.84 23.79 -5.15
C GLY C 128 -15.58 25.28 -5.00
N LEU C 129 -14.82 25.85 -5.92
CA LEU C 129 -14.41 27.24 -5.88
C LEU C 129 -15.50 28.20 -6.36
N ILE C 130 -16.63 27.71 -6.88
CA ILE C 130 -17.87 28.48 -6.90
C ILE C 130 -18.73 28.18 -5.68
N ASP C 131 -18.61 26.99 -5.10
CA ASP C 131 -19.49 26.64 -3.99
C ASP C 131 -19.28 27.50 -2.75
N ALA C 132 -18.27 28.37 -2.73
CA ALA C 132 -17.99 29.27 -1.62
C ALA C 132 -18.47 30.71 -1.88
N ILE C 133 -19.08 30.98 -3.03
CA ILE C 133 -19.41 32.36 -3.42
C ILE C 133 -20.86 32.55 -3.82
N LYS C 134 -21.58 31.51 -4.22
CA LYS C 134 -23.00 31.66 -4.54
C LYS C 134 -23.81 32.36 -3.46
N PRO C 135 -23.59 32.09 -2.17
CA PRO C 135 -24.29 32.90 -1.16
C PRO C 135 -23.96 34.38 -1.24
N PHE C 136 -22.72 34.75 -1.60
CA PHE C 136 -22.40 36.15 -1.78
C PHE C 136 -23.21 36.78 -2.91
N LEU C 137 -23.73 35.98 -3.82
CA LEU C 137 -24.55 36.46 -4.91
C LEU C 137 -26.03 36.19 -4.70
N ASP C 138 -26.44 35.87 -3.48
CA ASP C 138 -27.83 36.12 -3.14
C ASP C 138 -28.07 37.62 -3.16
N TYR C 139 -29.25 38.00 -3.61
CA TYR C 139 -29.73 39.38 -3.55
C TYR C 139 -30.01 39.85 -2.11
N TYR C 140 -29.74 39.02 -1.10
CA TYR C 140 -29.78 39.41 0.31
C TYR C 140 -29.23 40.81 0.52
N ASP C 141 -29.90 41.60 1.35
CA ASP C 141 -29.35 42.90 1.71
C ASP C 141 -28.06 42.77 2.48
N LEU C 142 -27.79 41.61 3.09
CA LEU C 142 -26.53 41.44 3.81
C LEU C 142 -26.17 39.97 3.93
N VAL C 143 -24.96 39.75 4.39
CA VAL C 143 -24.48 38.46 4.88
C VAL C 143 -23.50 38.76 6.00
N ASP C 144 -23.64 38.04 7.11
CA ASP C 144 -22.75 38.20 8.27
C ASP C 144 -22.72 39.65 8.75
N GLY C 145 -23.85 40.33 8.64
CA GLY C 145 -23.92 41.74 8.98
C GLY C 145 -23.18 42.64 8.01
N VAL C 146 -23.05 42.23 6.75
CA VAL C 146 -22.38 43.04 5.71
C VAL C 146 -23.14 42.89 4.41
N SER C 147 -23.26 44.00 3.67
CA SER C 147 -23.86 44.01 2.35
C SER C 147 -22.78 43.95 1.28
N TYR C 148 -23.08 43.22 0.20
CA TYR C 148 -22.17 43.06 -0.92
C TYR C 148 -22.76 43.52 -2.24
N GLN C 149 -24.00 44.01 -2.24
CA GLN C 149 -24.70 44.26 -3.49
C GLN C 149 -24.21 45.49 -4.24
N LYS C 150 -23.32 46.29 -3.65
CA LYS C 150 -22.74 47.40 -4.39
C LYS C 150 -21.52 46.96 -5.20
N ALA C 151 -20.79 45.97 -4.72
CA ALA C 151 -19.61 45.52 -5.42
C ALA C 151 -20.01 44.87 -6.74
N MET C 152 -18.99 44.52 -7.54
CA MET C 152 -19.18 44.13 -8.91
C MET C 152 -18.20 43.02 -9.24
N PHE C 153 -18.74 41.85 -9.62
CA PHE C 153 -17.94 40.67 -9.92
C PHE C 153 -17.99 40.40 -11.41
N ILE C 154 -16.81 40.20 -12.00
CA ILE C 154 -16.62 40.15 -13.44
C ILE C 154 -15.77 38.94 -13.75
N PHE C 155 -16.15 38.20 -14.79
CA PHE C 155 -15.45 36.98 -15.19
C PHE C 155 -14.95 37.10 -16.62
N LEU C 156 -14.08 36.17 -16.99
CA LEU C 156 -13.47 36.14 -18.30
C LEU C 156 -13.28 34.70 -18.74
N SER C 157 -13.30 34.50 -20.05
CA SER C 157 -13.08 33.19 -20.64
C SER C 157 -12.92 33.38 -22.14
N ASN C 158 -12.85 32.26 -22.85
CA ASN C 158 -12.93 32.26 -24.30
C ASN C 158 -13.80 31.15 -24.85
N ALA C 159 -14.40 30.31 -24.00
CA ALA C 159 -15.24 29.23 -24.47
C ALA C 159 -16.51 29.80 -25.12
N GLY C 160 -17.20 28.94 -25.87
CA GLY C 160 -18.34 29.39 -26.64
C GLY C 160 -17.97 30.26 -27.82
N ALA C 161 -16.68 30.40 -28.13
CA ALA C 161 -16.28 31.22 -29.27
C ALA C 161 -16.83 30.68 -30.58
N GLU C 162 -17.01 29.36 -30.67
CA GLU C 162 -17.40 28.76 -31.93
C GLU C 162 -18.76 29.27 -32.38
N ARG C 163 -19.65 29.56 -31.43
CA ARG C 163 -20.96 30.07 -31.77
C ARG C 163 -20.88 31.49 -32.32
N ILE C 164 -20.11 32.36 -31.66
CA ILE C 164 -20.04 33.71 -32.16
C ILE C 164 -19.33 33.74 -33.51
N THR C 165 -18.43 32.79 -33.76
CA THR C 165 -17.81 32.68 -35.07
C THR C 165 -18.81 32.28 -36.14
N ASP C 166 -19.41 31.09 -35.99
CA ASP C 166 -20.25 30.59 -37.07
C ASP C 166 -21.47 31.47 -37.29
N VAL C 167 -21.93 32.15 -36.23
CA VAL C 167 -22.97 33.15 -36.40
C VAL C 167 -22.42 34.36 -37.16
N ALA C 168 -21.19 34.78 -36.84
CA ALA C 168 -20.62 35.93 -37.50
C ALA C 168 -20.52 35.71 -39.01
N LEU C 169 -20.05 34.54 -39.42
CA LEU C 169 -20.10 34.23 -40.84
C LEU C 169 -21.50 33.95 -41.33
N ASP C 170 -22.43 33.60 -40.45
CA ASP C 170 -23.80 33.40 -40.90
C ASP C 170 -24.38 34.70 -41.43
N PHE C 171 -24.50 35.69 -40.55
CA PHE C 171 -25.05 36.96 -40.99
C PHE C 171 -24.13 37.66 -41.97
N TRP C 172 -22.81 37.52 -41.81
CA TRP C 172 -21.91 38.16 -42.76
C TRP C 172 -22.04 37.53 -44.13
N ARG C 173 -22.23 36.21 -44.18
CA ARG C 173 -22.55 35.53 -45.42
C ARG C 173 -23.88 36.00 -45.98
N SER C 174 -24.77 36.50 -45.14
CA SER C 174 -26.02 37.10 -45.62
C SER C 174 -25.89 38.50 -46.26
N GLY C 175 -24.68 38.97 -46.55
CA GLY C 175 -24.51 40.30 -47.10
C GLY C 175 -24.81 41.35 -46.05
N LYS C 176 -23.97 41.43 -45.03
CA LYS C 176 -24.31 42.12 -43.79
C LYS C 176 -23.12 42.31 -42.86
N GLN C 177 -23.16 43.35 -42.04
CA GLN C 177 -22.13 43.61 -41.04
C GLN C 177 -22.72 43.41 -39.65
N ARG C 178 -21.85 43.10 -38.68
CA ARG C 178 -22.34 42.80 -37.34
C ARG C 178 -22.93 44.02 -36.64
N GLU C 179 -22.70 45.23 -37.16
CA GLU C 179 -23.55 46.36 -36.77
C GLU C 179 -25.01 46.02 -36.97
N ASP C 180 -25.34 45.36 -38.08
CA ASP C 180 -26.69 44.95 -38.36
C ASP C 180 -27.08 43.68 -37.61
N ILE C 181 -26.10 42.87 -37.21
CA ILE C 181 -26.41 41.85 -36.21
C ILE C 181 -26.84 42.59 -34.96
N LYS C 182 -27.85 42.06 -34.30
CA LYS C 182 -28.39 42.65 -33.10
C LYS C 182 -27.72 42.07 -31.88
N LEU C 183 -27.97 42.71 -30.74
CA LEU C 183 -27.44 42.19 -29.50
C LEU C 183 -27.99 40.80 -29.23
N LYS C 184 -29.31 40.65 -29.36
CA LYS C 184 -29.91 39.34 -29.25
C LYS C 184 -29.28 38.41 -30.27
N ASP C 185 -28.72 37.31 -29.78
CA ASP C 185 -28.29 36.23 -30.61
C ASP C 185 -28.57 34.98 -29.79
N ILE C 186 -28.07 33.82 -30.19
CA ILE C 186 -28.69 32.61 -29.68
C ILE C 186 -28.17 32.36 -28.26
N GLU C 187 -28.85 32.97 -27.29
CA GLU C 187 -28.44 32.80 -25.90
C GLU C 187 -28.76 31.40 -25.38
N HIS C 188 -29.55 30.63 -26.14
CA HIS C 188 -29.73 29.22 -25.82
C HIS C 188 -28.43 28.46 -26.01
N ALA C 189 -27.80 28.59 -27.18
CA ALA C 189 -26.52 27.90 -27.39
C ALA C 189 -25.45 28.46 -26.46
N LEU C 190 -25.52 29.74 -26.13
CA LEU C 190 -24.65 30.26 -25.08
C LEU C 190 -24.92 29.57 -23.77
N SER C 191 -26.18 29.29 -23.45
CA SER C 191 -26.46 28.53 -22.25
C SER C 191 -25.90 27.12 -22.35
N VAL C 192 -25.83 26.55 -23.56
CA VAL C 192 -25.25 25.21 -23.73
C VAL C 192 -23.77 25.25 -23.45
N SER C 193 -23.04 26.19 -24.08
CA SER C 193 -21.63 26.40 -23.75
C SER C 193 -21.44 26.67 -22.27
N VAL C 194 -22.43 27.32 -21.65
CA VAL C 194 -22.41 27.62 -20.23
C VAL C 194 -23.02 26.48 -19.41
N PHE C 195 -23.81 25.61 -20.03
CA PHE C 195 -24.14 24.31 -19.44
C PHE C 195 -23.12 23.25 -19.80
N ASN C 196 -22.14 23.57 -20.65
CA ASN C 196 -21.26 22.58 -21.24
C ASN C 196 -20.46 21.89 -20.14
N ASN C 197 -20.79 20.63 -19.84
CA ASN C 197 -20.25 19.94 -18.68
C ASN C 197 -18.73 19.77 -18.71
N LYS C 198 -18.06 20.20 -19.77
CA LYS C 198 -16.66 20.59 -19.65
C LYS C 198 -16.48 21.50 -18.46
N ASN C 199 -15.32 21.38 -17.80
CA ASN C 199 -15.07 22.12 -16.55
C ASN C 199 -15.21 23.62 -16.77
N SER C 200 -14.77 24.12 -17.93
CA SER C 200 -15.00 25.52 -18.28
C SER C 200 -16.48 25.86 -18.26
N GLY C 201 -17.28 25.11 -19.02
CA GLY C 201 -18.70 25.36 -19.05
C GLY C 201 -19.45 24.74 -17.90
N PHE C 202 -18.82 23.82 -17.17
CA PHE C 202 -19.50 23.18 -16.03
C PHE C 202 -19.47 24.07 -14.82
N TRP C 203 -18.32 24.71 -14.59
CA TRP C 203 -18.17 25.82 -13.67
C TRP C 203 -19.33 26.80 -13.79
N HIS C 204 -19.46 27.38 -14.99
CA HIS C 204 -20.53 28.32 -15.23
C HIS C 204 -21.89 27.65 -15.37
N SER C 205 -21.95 26.31 -15.48
CA SER C 205 -23.22 25.58 -15.41
C SER C 205 -23.77 25.61 -14.01
N SER C 206 -22.94 25.28 -13.04
CA SER C 206 -23.35 25.32 -11.66
C SER C 206 -23.54 26.75 -11.17
N LEU C 207 -22.86 27.73 -11.79
CA LEU C 207 -23.18 29.13 -11.51
C LEU C 207 -24.53 29.52 -12.11
N ILE C 208 -24.80 29.08 -13.34
CA ILE C 208 -26.05 29.41 -14.01
C ILE C 208 -27.19 28.53 -13.49
N ASP C 209 -26.92 27.73 -12.45
CA ASP C 209 -28.01 27.10 -11.70
C ASP C 209 -29.13 28.07 -11.36
N ARG C 210 -28.85 29.36 -11.21
CA ARG C 210 -29.83 30.38 -10.85
C ARG C 210 -29.77 31.63 -11.73
N ASN C 211 -29.10 31.56 -12.90
CA ASN C 211 -28.64 32.76 -13.64
C ASN C 211 -28.17 33.85 -12.68
N LEU C 212 -27.20 33.51 -11.83
CA LEU C 212 -26.64 34.59 -11.03
C LEU C 212 -25.92 35.61 -11.90
N ILE C 213 -25.55 35.25 -13.13
CA ILE C 213 -25.04 36.21 -14.11
C ILE C 213 -26.11 37.25 -14.41
N ASP C 214 -25.67 38.47 -14.68
CA ASP C 214 -26.56 39.49 -15.22
C ASP C 214 -26.68 39.33 -16.74
N TYR C 215 -25.59 39.57 -17.45
CA TYR C 215 -25.62 39.74 -18.90
C TYR C 215 -24.49 38.93 -19.53
N PHE C 216 -24.84 37.98 -20.40
CA PHE C 216 -23.84 37.39 -21.28
C PHE C 216 -23.42 38.42 -22.31
N VAL C 217 -22.12 38.50 -22.56
CA VAL C 217 -21.56 39.53 -23.45
C VAL C 217 -20.38 38.91 -24.20
N PRO C 218 -20.57 38.42 -25.41
CA PRO C 218 -19.42 38.06 -26.23
C PRO C 218 -18.85 39.26 -26.99
N PHE C 219 -17.55 39.20 -27.20
CA PHE C 219 -16.85 40.04 -28.14
C PHE C 219 -16.68 39.29 -29.46
N LEU C 220 -16.09 39.97 -30.46
CA LEU C 220 -15.92 39.37 -31.78
C LEU C 220 -14.58 39.68 -32.41
N PRO C 221 -14.13 38.88 -33.39
CA PRO C 221 -12.83 39.15 -34.03
C PRO C 221 -12.75 40.56 -34.59
N LEU C 222 -11.76 41.31 -34.11
CA LEU C 222 -11.58 42.67 -34.57
C LEU C 222 -11.22 42.63 -36.05
N GLU C 223 -12.21 42.97 -36.88
CA GLU C 223 -12.09 42.85 -38.32
C GLU C 223 -10.93 43.73 -38.81
N TYR C 224 -10.39 43.36 -39.99
CA TYR C 224 -9.19 44.02 -40.50
C TYR C 224 -9.35 45.53 -40.61
N LYS C 225 -10.58 46.01 -40.75
CA LYS C 225 -10.81 47.43 -40.53
C LYS C 225 -10.30 47.84 -39.16
N HIS C 226 -10.60 47.05 -38.12
CA HIS C 226 -10.13 47.38 -36.78
C HIS C 226 -8.62 47.29 -36.69
N LEU C 227 -8.02 46.34 -37.40
CA LEU C 227 -6.57 46.34 -37.51
C LEU C 227 -6.10 47.70 -37.98
N LYS C 228 -6.55 48.11 -39.17
CA LYS C 228 -6.18 49.40 -39.72
C LYS C 228 -6.50 50.56 -38.79
N MET C 229 -7.53 50.43 -37.95
CA MET C 229 -7.83 51.47 -36.98
C MET C 229 -6.74 51.53 -35.91
N CYS C 230 -6.42 50.38 -35.32
CA CYS C 230 -5.37 50.32 -34.31
C CYS C 230 -3.97 50.25 -34.91
N ILE C 231 -3.85 50.51 -36.21
CA ILE C 231 -2.58 50.78 -36.85
C ILE C 231 -2.42 52.27 -37.08
N ARG C 232 -3.41 52.89 -37.74
CA ARG C 232 -3.39 54.32 -37.97
C ARG C 232 -3.41 55.08 -36.65
N VAL C 233 -4.40 54.78 -35.80
CA VAL C 233 -4.58 55.52 -34.55
C VAL C 233 -3.38 55.33 -33.65
N GLU C 234 -2.87 54.10 -33.55
CA GLU C 234 -1.77 53.83 -32.64
C GLU C 234 -0.49 54.45 -33.15
N MET C 235 -0.11 54.14 -34.38
CA MET C 235 1.18 54.60 -34.90
C MET C 235 1.21 56.11 -35.09
N GLN C 236 0.08 56.71 -35.45
CA GLN C 236 -0.01 58.17 -35.41
C GLN C 236 -0.02 58.70 -33.99
N SER C 237 -0.48 57.90 -33.03
CA SER C 237 -0.41 58.31 -31.62
C SER C 237 0.99 58.17 -31.05
N ARG C 238 1.81 57.31 -31.64
CA ARG C 238 3.15 57.01 -31.12
C ARG C 238 4.26 57.79 -31.82
N GLY C 239 3.93 58.74 -32.69
CA GLY C 239 4.98 59.42 -33.45
C GLY C 239 5.80 58.48 -34.29
N TYR C 240 5.15 57.44 -34.81
CA TYR C 240 5.84 56.32 -35.44
C TYR C 240 6.23 56.58 -36.88
N GLU C 241 5.61 57.58 -37.53
CA GLU C 241 5.82 57.88 -38.94
C GLU C 241 5.44 56.69 -39.80
N ILE C 242 4.18 56.29 -39.67
CA ILE C 242 3.58 55.29 -40.54
C ILE C 242 3.11 55.97 -41.82
N ASP C 243 2.99 55.18 -42.88
CA ASP C 243 2.51 55.67 -44.17
C ASP C 243 1.58 54.62 -44.79
N GLU C 244 1.26 54.75 -46.07
CA GLU C 244 0.24 53.89 -46.67
C GLU C 244 0.72 52.45 -46.79
N ASP C 245 1.94 52.25 -47.30
CA ASP C 245 2.42 50.91 -47.62
C ASP C 245 2.38 50.00 -46.41
N ILE C 246 2.72 50.55 -45.24
CA ILE C 246 2.65 49.81 -43.98
C ILE C 246 1.25 49.26 -43.76
N VAL C 247 0.23 49.97 -44.25
CA VAL C 247 -1.17 49.57 -44.10
C VAL C 247 -1.69 48.85 -45.34
N SER C 248 -0.89 48.73 -46.39
CA SER C 248 -1.07 47.63 -47.32
C SER C 248 -0.62 46.33 -46.67
N ARG C 249 0.44 46.41 -45.86
CA ARG C 249 1.04 45.21 -45.29
C ARG C 249 0.21 44.63 -44.13
N VAL C 250 -0.83 45.33 -43.68
CA VAL C 250 -1.69 44.73 -42.65
C VAL C 250 -2.33 43.46 -43.19
N ALA C 251 -2.72 43.46 -44.46
CA ALA C 251 -3.35 42.31 -45.10
C ALA C 251 -2.45 41.59 -46.07
N GLU C 252 -1.47 42.27 -46.67
CA GLU C 252 -0.53 41.56 -47.53
C GLU C 252 0.34 40.59 -46.74
N GLU C 253 0.50 40.80 -45.43
CA GLU C 253 1.43 40.06 -44.59
C GLU C 253 0.76 39.64 -43.28
N MET C 254 -0.43 39.07 -43.37
CA MET C 254 -1.15 38.60 -42.19
C MET C 254 -2.08 37.47 -42.60
N THR C 255 -2.40 36.62 -41.63
CA THR C 255 -3.36 35.54 -41.79
C THR C 255 -4.68 35.93 -41.15
N PHE C 256 -5.77 35.65 -41.86
CA PHE C 256 -7.12 35.81 -41.38
C PHE C 256 -7.84 34.46 -41.44
N PHE C 257 -9.08 34.44 -40.94
CA PHE C 257 -9.85 33.22 -40.79
C PHE C 257 -11.20 33.38 -41.49
N PRO C 258 -11.68 32.35 -42.22
CA PRO C 258 -11.01 31.13 -42.68
C PRO C 258 -10.02 31.48 -43.77
N LYS C 259 -9.21 30.52 -44.18
CA LYS C 259 -8.40 30.72 -45.38
C LYS C 259 -9.25 31.03 -46.59
N GLU C 260 -10.35 30.30 -46.77
CA GLU C 260 -11.09 30.36 -48.01
C GLU C 260 -11.75 31.73 -48.23
N GLU C 261 -11.72 32.60 -47.21
CA GLU C 261 -12.21 33.96 -47.34
C GLU C 261 -11.19 34.98 -46.83
N ARG C 262 -10.37 34.60 -45.84
CA ARG C 262 -9.36 35.49 -45.24
C ARG C 262 -10.03 36.74 -44.68
N VAL C 263 -10.83 36.54 -43.63
CA VAL C 263 -11.68 37.60 -43.11
C VAL C 263 -11.42 37.86 -41.63
N PHE C 264 -11.74 36.88 -40.79
CA PHE C 264 -11.65 37.08 -39.37
C PHE C 264 -10.20 37.02 -38.93
N SER C 265 -9.83 37.95 -38.07
CA SER C 265 -8.45 38.12 -37.67
C SER C 265 -8.01 36.94 -36.81
N ASP C 266 -6.78 36.99 -36.35
CA ASP C 266 -6.23 36.02 -35.40
C ASP C 266 -5.94 36.70 -34.08
N LYS C 267 -5.75 38.03 -34.10
CA LYS C 267 -5.46 38.77 -32.89
C LYS C 267 -6.17 40.10 -32.76
N GLY C 268 -6.69 40.64 -33.84
CA GLY C 268 -7.10 42.03 -33.78
C GLY C 268 -5.92 42.90 -33.43
N CYS C 269 -6.07 43.66 -32.35
CA CYS C 269 -5.16 44.74 -31.99
C CYS C 269 -4.22 44.35 -30.87
N LYS C 270 -3.91 43.06 -30.76
CA LYS C 270 -3.00 42.54 -29.75
C LYS C 270 -1.57 42.44 -30.23
N THR C 271 -1.33 41.66 -31.27
CA THR C 271 -0.02 41.56 -31.91
C THR C 271 0.17 42.60 -32.99
N VAL C 272 -0.73 43.58 -33.08
CA VAL C 272 -0.72 44.49 -34.21
C VAL C 272 0.57 45.32 -34.21
N PHE C 273 0.92 45.92 -33.07
CA PHE C 273 1.99 46.90 -33.06
C PHE C 273 3.37 46.27 -33.17
N THR C 274 3.51 45.00 -32.80
CA THR C 274 4.78 44.30 -33.00
C THR C 274 5.03 44.07 -34.48
N LYS C 275 4.03 43.53 -35.17
CA LYS C 275 4.12 43.39 -36.62
C LYS C 275 4.29 44.74 -37.30
N LEU C 276 3.69 45.78 -36.74
CA LEU C 276 3.96 47.12 -37.26
C LEU C 276 5.39 47.53 -37.04
N ASP C 277 6.02 47.10 -35.93
CA ASP C 277 7.45 47.34 -35.79
C ASP C 277 8.22 46.56 -36.85
N TYR C 278 7.72 45.40 -37.30
CA TYR C 278 8.34 44.82 -38.47
C TYR C 278 8.16 45.73 -39.68
N TYR C 279 7.02 46.41 -39.78
CA TYR C 279 6.82 47.25 -40.96
C TYR C 279 7.62 48.54 -40.86
N TYR C 280 8.06 48.92 -39.65
CA TYR C 280 9.19 49.83 -39.55
C TYR C 280 10.42 49.17 -40.16
N ASP C 281 10.61 47.89 -39.84
CA ASP C 281 11.69 47.14 -40.45
C ASP C 281 11.38 46.85 -41.92
N ASP C 282 10.10 46.85 -42.29
CA ASP C 282 9.63 46.82 -43.68
C ASP C 282 10.28 45.73 -44.52
N GLY D 1 55.26 -17.34 10.83
CA GLY D 1 54.46 -17.61 9.60
C GLY D 1 53.88 -16.34 9.01
N GLN D 2 52.94 -15.72 9.72
CA GLN D 2 52.35 -14.47 9.25
C GLN D 2 53.39 -13.37 9.14
N LYS D 3 54.44 -13.43 9.96
CA LYS D 3 55.58 -12.53 9.86
C LYS D 3 56.70 -13.11 9.02
N ARG D 4 56.38 -14.04 8.11
CA ARG D 4 57.36 -14.66 7.23
C ARG D 4 56.88 -14.54 5.79
N SER D 5 57.69 -13.92 4.95
CA SER D 5 57.51 -14.04 3.51
C SER D 5 57.98 -15.40 3.07
N LEU D 6 57.11 -16.13 2.38
CA LEU D 6 57.32 -17.56 2.15
C LEU D 6 58.52 -17.77 1.25
N SER D 7 59.56 -18.39 1.80
CA SER D 7 60.68 -18.81 0.98
C SER D 7 60.31 -20.04 0.17
N ARG D 8 61.04 -20.23 -0.93
CA ARG D 8 60.73 -21.32 -1.85
C ARG D 8 60.90 -22.67 -1.17
N GLU D 9 61.94 -22.79 -0.34
CA GLU D 9 62.26 -24.05 0.31
C GLU D 9 61.10 -24.55 1.15
N ALA D 10 60.46 -23.66 1.90
CA ALA D 10 59.40 -24.08 2.80
C ALA D 10 58.25 -24.71 2.02
N LEU D 11 57.93 -24.15 0.87
CA LEU D 11 56.75 -24.58 0.14
C LEU D 11 57.03 -25.83 -0.68
N GLN D 12 58.15 -25.85 -1.38
CA GLN D 12 58.51 -27.09 -2.07
C GLN D 12 58.70 -28.22 -1.09
N LYS D 13 59.23 -27.90 0.09
CA LYS D 13 59.34 -28.87 1.16
C LYS D 13 57.97 -29.40 1.55
N ASP D 14 57.03 -28.50 1.84
CA ASP D 14 55.71 -28.92 2.32
C ASP D 14 55.01 -29.77 1.28
N LEU D 15 54.95 -29.29 0.05
CA LEU D 15 54.25 -30.02 -1.01
C LEU D 15 54.92 -31.36 -1.28
N ASP D 16 56.25 -31.36 -1.34
CA ASP D 16 56.97 -32.62 -1.55
C ASP D 16 56.78 -33.57 -0.39
N ASP D 17 56.45 -33.05 0.79
CA ASP D 17 56.17 -33.91 1.93
C ASP D 17 54.80 -34.56 1.78
N ASN D 18 53.77 -33.73 1.58
CA ASN D 18 52.39 -34.18 1.71
C ASN D 18 51.66 -34.33 0.39
N LEU D 19 51.97 -33.51 -0.61
CA LEU D 19 51.26 -33.60 -1.88
C LEU D 19 51.81 -34.77 -2.69
N PHE D 20 50.89 -35.56 -3.22
CA PHE D 20 51.22 -36.75 -4.01
C PHE D 20 50.97 -36.46 -5.48
N GLY D 21 52.02 -36.60 -6.28
CA GLY D 21 51.94 -36.23 -7.68
C GLY D 21 51.77 -34.74 -7.84
N GLN D 22 51.04 -34.37 -8.90
CA GLN D 22 50.70 -32.97 -9.15
C GLN D 22 51.96 -32.13 -9.29
N HIS D 23 52.93 -32.67 -10.03
CA HIS D 23 54.15 -31.94 -10.34
C HIS D 23 53.84 -30.56 -10.93
N LEU D 24 52.80 -30.49 -11.77
CA LEU D 24 52.39 -29.22 -12.36
C LEU D 24 52.06 -28.23 -11.28
N ALA D 25 51.37 -28.69 -10.23
CA ALA D 25 50.87 -27.75 -9.24
C ALA D 25 52.01 -27.25 -8.38
N LYS D 26 53.00 -28.10 -8.13
CA LYS D 26 54.17 -27.68 -7.37
C LYS D 26 54.95 -26.63 -8.15
N LYS D 27 55.20 -26.88 -9.44
CA LYS D 27 55.90 -25.91 -10.27
C LYS D 27 55.16 -24.57 -10.29
N ILE D 28 53.89 -24.62 -10.72
CA ILE D 28 53.06 -23.42 -10.85
C ILE D 28 53.05 -22.67 -9.55
N ILE D 29 52.51 -23.31 -8.50
CA ILE D 29 52.26 -22.62 -7.25
C ILE D 29 53.56 -22.05 -6.72
N LEU D 30 54.58 -22.92 -6.60
CA LEU D 30 55.83 -22.52 -5.98
C LEU D 30 56.42 -21.28 -6.64
N ASN D 31 56.66 -21.34 -7.95
CA ASN D 31 57.30 -20.21 -8.59
C ASN D 31 56.37 -19.01 -8.67
N ALA D 32 55.08 -19.27 -8.86
CA ALA D 32 54.11 -18.19 -9.05
C ALA D 32 53.99 -17.33 -7.81
N VAL D 33 53.65 -17.95 -6.68
CA VAL D 33 53.53 -17.15 -5.47
C VAL D 33 54.90 -16.64 -5.05
N PHE D 34 55.94 -17.47 -5.18
CA PHE D 34 57.26 -17.08 -4.71
C PHE D 34 57.77 -15.84 -5.45
N GLY D 35 57.32 -15.64 -6.68
CA GLY D 35 57.57 -14.39 -7.37
C GLY D 35 56.59 -13.33 -6.93
N PHE D 36 55.34 -13.73 -6.70
CA PHE D 36 54.29 -12.78 -6.38
C PHE D 36 54.48 -12.20 -4.99
N ILE D 37 54.59 -13.06 -3.98
CA ILE D 37 54.62 -12.60 -2.60
C ILE D 37 55.88 -11.78 -2.34
N ASN D 38 56.99 -12.16 -2.98
CA ASN D 38 58.21 -11.40 -2.86
C ASN D 38 58.16 -10.10 -3.66
N ASN D 39 57.22 -9.95 -4.58
CA ASN D 39 57.10 -8.73 -5.34
C ASN D 39 56.42 -7.67 -4.51
N PRO D 40 57.07 -6.53 -4.20
CA PRO D 40 56.34 -5.43 -3.56
C PRO D 40 55.42 -4.68 -4.51
N LYS D 41 55.47 -4.96 -5.81
CA LYS D 41 54.63 -4.28 -6.80
C LYS D 41 54.07 -5.32 -7.74
N PRO D 42 53.04 -6.06 -7.32
CA PRO D 42 52.50 -7.08 -8.20
C PRO D 42 51.82 -6.53 -9.44
N LYS D 43 51.32 -5.30 -9.38
CA LYS D 43 50.54 -4.60 -10.40
C LYS D 43 49.09 -5.12 -10.46
N LYS D 44 48.78 -6.24 -9.82
CA LYS D 44 47.45 -6.84 -9.86
C LYS D 44 47.32 -7.76 -8.67
N PRO D 45 46.12 -8.05 -8.22
CA PRO D 45 45.96 -9.16 -7.29
C PRO D 45 46.17 -10.49 -8.01
N LEU D 46 46.17 -11.58 -7.25
CA LEU D 46 46.40 -12.92 -7.79
C LEU D 46 45.06 -13.51 -8.17
N THR D 47 44.88 -13.77 -9.46
CA THR D 47 43.62 -14.25 -10.01
C THR D 47 43.82 -15.68 -10.43
N LEU D 48 43.59 -16.60 -9.50
CA LEU D 48 43.81 -18.01 -9.72
C LEU D 48 42.52 -18.70 -10.12
N SER D 49 42.65 -19.70 -11.00
CA SER D 49 41.54 -20.50 -11.48
C SER D 49 41.84 -21.95 -11.20
N LEU D 50 40.82 -22.69 -10.78
CA LEU D 50 40.93 -24.12 -10.58
C LEU D 50 39.65 -24.81 -11.00
N HIS D 51 39.81 -25.95 -11.66
CA HIS D 51 38.73 -26.83 -12.02
C HIS D 51 39.32 -28.21 -12.25
N GLY D 52 38.47 -29.18 -12.55
CA GLY D 52 38.91 -30.55 -12.73
C GLY D 52 38.16 -31.55 -11.87
N TRP D 53 38.89 -32.54 -11.38
CA TRP D 53 38.32 -33.63 -10.59
C TRP D 53 38.61 -33.43 -9.10
N THR D 54 37.71 -33.92 -8.26
CA THR D 54 37.87 -33.69 -6.82
C THR D 54 38.87 -34.63 -6.19
N GLY D 55 39.05 -34.43 -4.90
CA GLY D 55 39.88 -35.29 -4.10
C GLY D 55 41.32 -35.30 -4.51
N THR D 56 41.73 -34.39 -5.38
CA THR D 56 43.07 -34.20 -5.85
C THR D 56 43.79 -33.16 -5.03
N GLY D 57 43.02 -32.37 -4.29
CA GLY D 57 43.53 -31.56 -3.23
C GLY D 57 43.32 -30.07 -3.36
N LYS D 58 42.24 -29.63 -4.00
CA LYS D 58 42.02 -28.20 -4.16
C LYS D 58 41.88 -27.51 -2.81
N ASN D 59 40.85 -27.87 -2.06
CA ASN D 59 40.68 -27.30 -0.74
C ASN D 59 41.83 -27.72 0.18
N PHE D 60 42.40 -28.90 -0.08
CA PHE D 60 43.63 -29.33 0.58
C PHE D 60 44.75 -28.31 0.36
N VAL D 61 45.13 -28.03 -0.89
CA VAL D 61 46.29 -27.17 -1.13
C VAL D 61 46.01 -25.75 -0.67
N SER D 62 44.79 -25.26 -0.91
CA SER D 62 44.43 -23.93 -0.45
C SER D 62 44.58 -23.84 1.06
N LYS D 63 44.13 -24.87 1.76
CA LYS D 63 44.34 -24.94 3.19
C LYS D 63 45.81 -24.89 3.55
N ILE D 64 46.64 -25.65 2.82
CA ILE D 64 48.06 -25.75 3.18
C ILE D 64 48.71 -24.38 3.09
N ILE D 65 48.56 -23.73 1.93
CA ILE D 65 49.23 -22.45 1.76
C ILE D 65 48.63 -21.42 2.69
N ALA D 66 47.32 -21.54 2.98
CA ALA D 66 46.72 -20.67 3.97
C ALA D 66 47.41 -20.83 5.33
N GLU D 67 47.82 -22.05 5.66
CA GLU D 67 48.50 -22.28 6.93
C GLU D 67 49.93 -21.74 6.89
N ASN D 68 50.62 -21.94 5.77
CA ASN D 68 51.99 -21.45 5.67
C ASN D 68 52.04 -19.94 5.73
N ILE D 69 51.09 -19.26 5.09
CA ILE D 69 51.07 -17.80 5.12
C ILE D 69 50.77 -17.33 6.54
N TYR D 70 49.60 -17.67 7.06
CA TYR D 70 49.18 -17.28 8.40
C TYR D 70 48.97 -18.52 9.26
N GLU D 71 49.32 -18.38 10.54
CA GLU D 71 49.05 -19.45 11.50
C GLU D 71 47.57 -19.76 11.59
N GLY D 72 46.72 -18.76 11.34
CA GLY D 72 45.28 -18.99 11.36
C GLY D 72 44.82 -20.02 10.36
N GLY D 73 45.58 -20.22 9.28
CA GLY D 73 45.09 -21.06 8.21
C GLY D 73 43.82 -20.47 7.67
N LEU D 74 42.70 -21.10 8.01
CA LEU D 74 41.38 -20.53 7.76
C LEU D 74 40.81 -19.79 8.96
N ASN D 75 41.40 -19.94 10.13
CA ASN D 75 40.92 -19.24 11.32
C ASN D 75 41.24 -17.75 11.30
N SER D 76 42.11 -17.30 10.39
CA SER D 76 42.55 -15.91 10.43
C SER D 76 41.39 -14.96 10.14
N ASP D 77 41.35 -13.88 10.92
CA ASP D 77 40.42 -12.80 10.64
C ASP D 77 40.69 -12.18 9.27
N TYR D 78 41.95 -12.17 8.85
CA TYR D 78 42.27 -11.75 7.49
C TYR D 78 41.63 -12.67 6.47
N VAL D 79 41.74 -13.98 6.69
CA VAL D 79 41.30 -14.98 5.74
C VAL D 79 39.81 -15.19 6.01
N HIS D 80 38.98 -14.56 5.18
CA HIS D 80 37.53 -14.58 5.33
C HIS D 80 36.91 -15.20 4.09
N LEU D 81 36.03 -16.18 4.33
CA LEU D 81 35.60 -17.12 3.29
C LEU D 81 34.14 -16.90 2.92
N PHE D 82 33.87 -17.13 1.63
CA PHE D 82 32.52 -17.10 1.08
C PHE D 82 32.25 -18.39 0.35
N VAL D 83 30.96 -18.70 0.21
CA VAL D 83 30.49 -19.89 -0.49
C VAL D 83 29.28 -19.51 -1.31
N ALA D 84 29.08 -20.22 -2.41
CA ALA D 84 27.91 -19.98 -3.24
C ALA D 84 26.62 -20.22 -2.45
N THR D 85 26.40 -21.46 -2.03
CA THR D 85 25.08 -21.85 -1.56
C THR D 85 24.78 -21.28 -0.17
N LEU D 86 25.74 -21.40 0.74
CA LEU D 86 25.53 -20.97 2.12
C LEU D 86 25.18 -19.50 2.23
N HIS D 87 25.77 -18.68 1.39
CA HIS D 87 25.53 -17.24 1.39
C HIS D 87 24.65 -16.80 0.24
N PHE D 88 24.87 -17.33 -0.96
CA PHE D 88 24.30 -16.80 -2.20
C PHE D 88 23.46 -17.85 -2.91
N PRO D 89 22.39 -18.32 -2.28
CA PRO D 89 21.57 -19.37 -2.91
C PRO D 89 20.81 -18.91 -4.14
N HIS D 90 20.06 -17.82 -4.00
CA HIS D 90 18.99 -17.50 -4.94
C HIS D 90 19.36 -16.38 -5.89
N ALA D 91 18.68 -16.37 -7.04
CA ALA D 91 18.72 -15.25 -7.97
C ALA D 91 17.75 -14.15 -7.59
N SER D 92 17.13 -14.23 -6.40
CA SER D 92 16.22 -13.17 -5.96
C SER D 92 16.99 -12.02 -5.35
N ASN D 93 17.88 -12.32 -4.41
CA ASN D 93 18.59 -11.31 -3.63
C ASN D 93 19.95 -11.00 -4.21
N ILE D 94 20.08 -11.00 -5.53
CA ILE D 94 21.37 -10.83 -6.17
C ILE D 94 21.99 -9.49 -5.77
N THR D 95 21.16 -8.46 -5.68
CA THR D 95 21.67 -7.12 -5.42
C THR D 95 22.21 -7.01 -4.01
N LEU D 96 21.45 -7.49 -3.03
CA LEU D 96 21.92 -7.54 -1.66
C LEU D 96 23.22 -8.34 -1.58
N TYR D 97 23.28 -9.43 -2.33
CA TYR D 97 24.49 -10.24 -2.33
C TYR D 97 25.66 -9.45 -2.90
N LYS D 98 25.42 -8.59 -3.88
CA LYS D 98 26.50 -7.78 -4.44
C LYS D 98 26.96 -6.70 -3.46
N ASP D 99 26.00 -6.02 -2.82
CA ASP D 99 26.37 -4.95 -1.92
C ASP D 99 27.08 -5.50 -0.69
N GLN D 100 26.50 -6.52 -0.06
CA GLN D 100 27.16 -7.21 1.05
C GLN D 100 28.53 -7.71 0.63
N LEU D 101 28.63 -8.19 -0.60
CA LEU D 101 29.92 -8.65 -1.10
C LEU D 101 30.94 -7.52 -1.08
N GLN D 102 30.62 -6.41 -1.76
CA GLN D 102 31.54 -5.29 -1.84
C GLN D 102 31.95 -4.79 -0.46
N LEU D 103 31.00 -4.73 0.46
CA LEU D 103 31.30 -4.16 1.77
C LEU D 103 32.17 -5.10 2.60
N TRP D 104 31.83 -6.39 2.61
CA TRP D 104 32.66 -7.35 3.34
C TRP D 104 34.08 -7.38 2.77
N ILE D 105 34.18 -7.26 1.45
CA ILE D 105 35.50 -7.11 0.82
C ILE D 105 36.22 -5.94 1.43
N ARG D 106 35.65 -4.73 1.27
CA ARG D 106 36.31 -3.50 1.71
C ARG D 106 36.70 -3.58 3.18
N GLY D 107 35.91 -4.25 4.00
CA GLY D 107 36.26 -4.43 5.39
C GLY D 107 37.54 -5.21 5.54
N ASN D 108 37.55 -6.45 5.02
CA ASN D 108 38.72 -7.29 5.25
C ASN D 108 39.97 -6.72 4.61
N VAL D 109 39.85 -6.23 3.38
CA VAL D 109 41.04 -5.70 2.71
C VAL D 109 41.51 -4.42 3.37
N SER D 110 40.58 -3.60 3.86
CA SER D 110 40.99 -2.41 4.57
C SER D 110 41.63 -2.76 5.91
N ALA D 111 41.41 -3.98 6.42
CA ALA D 111 42.27 -4.46 7.50
C ALA D 111 43.69 -4.68 7.01
N CYS D 112 43.85 -5.27 5.83
CA CYS D 112 45.16 -5.47 5.23
C CYS D 112 44.99 -5.98 3.81
N ALA D 113 45.90 -5.56 2.94
CA ALA D 113 45.84 -5.99 1.55
C ALA D 113 46.34 -7.41 1.37
N ARG D 114 46.98 -7.99 2.39
CA ARG D 114 47.42 -9.37 2.33
C ARG D 114 46.33 -10.35 2.78
N SER D 115 45.12 -9.88 3.01
CA SER D 115 44.01 -10.78 3.28
C SER D 115 43.73 -11.63 2.04
N ILE D 116 43.05 -12.75 2.26
CA ILE D 116 42.78 -13.74 1.22
C ILE D 116 41.30 -14.03 1.19
N PHE D 117 40.76 -14.15 -0.02
CA PHE D 117 39.41 -14.60 -0.26
C PHE D 117 39.43 -15.81 -1.17
N ILE D 118 38.52 -16.75 -0.90
CA ILE D 118 38.31 -17.92 -1.74
C ILE D 118 36.82 -18.11 -1.92
N PHE D 119 36.44 -18.60 -3.09
CA PHE D 119 35.09 -19.05 -3.38
C PHE D 119 35.09 -20.54 -3.66
N ASP D 120 33.89 -21.11 -3.68
CA ASP D 120 33.73 -22.54 -3.89
C ASP D 120 32.32 -22.80 -4.42
N GLU D 121 32.16 -23.96 -5.05
CA GLU D 121 30.87 -24.40 -5.60
C GLU D 121 30.36 -23.37 -6.61
N MET D 122 31.22 -23.01 -7.54
CA MET D 122 30.95 -21.94 -8.48
C MET D 122 30.13 -22.39 -9.68
N ASP D 123 29.51 -23.56 -9.61
CA ASP D 123 28.55 -23.96 -10.63
C ASP D 123 27.16 -23.42 -10.38
N LYS D 124 26.98 -22.59 -9.34
CA LYS D 124 25.68 -22.16 -8.85
C LYS D 124 25.65 -20.66 -8.61
N MET D 125 26.11 -19.89 -9.60
CA MET D 125 26.29 -18.44 -9.46
C MET D 125 25.58 -17.69 -10.58
N HIS D 126 25.62 -16.36 -10.56
CA HIS D 126 24.78 -15.53 -11.42
C HIS D 126 25.53 -14.26 -11.78
N ALA D 127 25.74 -14.04 -13.09
CA ALA D 127 26.81 -13.15 -13.59
C ALA D 127 26.73 -11.72 -13.05
N GLY D 128 25.59 -11.31 -12.50
CA GLY D 128 25.59 -10.07 -11.73
C GLY D 128 26.63 -10.09 -10.63
N LEU D 129 26.88 -11.27 -10.07
CA LEU D 129 27.78 -11.45 -8.96
C LEU D 129 29.26 -11.48 -9.37
N ILE D 130 29.57 -11.47 -10.68
CA ILE D 130 30.87 -11.00 -11.15
C ILE D 130 30.83 -9.53 -11.53
N ASP D 131 29.68 -9.00 -11.92
CA ASP D 131 29.62 -7.62 -12.37
C ASP D 131 29.96 -6.60 -11.27
N ALA D 132 30.12 -7.04 -10.02
CA ALA D 132 30.47 -6.16 -8.91
C ALA D 132 31.96 -6.26 -8.53
N ILE D 133 32.75 -7.05 -9.23
CA ILE D 133 34.12 -7.34 -8.81
C ILE D 133 35.15 -7.11 -9.92
N LYS D 134 34.77 -7.14 -11.19
CA LYS D 134 35.73 -6.86 -12.26
C LYS D 134 36.51 -5.56 -12.07
N PRO D 135 35.91 -4.46 -11.60
CA PRO D 135 36.72 -3.28 -11.28
C PRO D 135 37.76 -3.54 -10.23
N PHE D 136 37.47 -4.39 -9.24
CA PHE D 136 38.49 -4.74 -8.25
C PHE D 136 39.67 -5.45 -8.87
N LEU D 137 39.48 -6.05 -10.06
CA LEU D 137 40.55 -6.72 -10.77
C LEU D 137 41.09 -5.92 -11.94
N ASP D 138 40.79 -4.62 -11.99
CA ASP D 138 41.67 -3.74 -12.74
C ASP D 138 43.02 -3.72 -12.05
N TYR D 139 44.07 -3.64 -12.88
CA TYR D 139 45.43 -3.44 -12.41
C TYR D 139 45.67 -2.05 -11.85
N TYR D 140 44.64 -1.20 -11.75
CA TYR D 140 44.68 0.08 -11.06
C TYR D 140 45.48 0.00 -9.78
N ASP D 141 46.31 1.01 -9.52
CA ASP D 141 46.99 1.06 -8.24
C ASP D 141 46.03 1.24 -7.09
N LEU D 142 44.81 1.71 -7.34
CA LEU D 142 43.86 1.86 -6.26
C LEU D 142 42.44 1.87 -6.80
N VAL D 143 41.50 1.81 -5.87
CA VAL D 143 40.08 2.09 -6.09
C VAL D 143 39.56 2.70 -4.80
N ASP D 144 38.82 3.81 -4.92
CA ASP D 144 38.23 4.49 -3.76
C ASP D 144 39.30 4.86 -2.74
N GLY D 145 40.48 5.19 -3.21
CA GLY D 145 41.60 5.48 -2.33
C GLY D 145 42.15 4.27 -1.62
N VAL D 146 42.01 3.07 -2.20
CA VAL D 146 42.53 1.84 -1.61
C VAL D 146 43.08 0.97 -2.72
N SER D 147 44.21 0.31 -2.42
CA SER D 147 44.82 -0.66 -3.33
C SER D 147 44.42 -2.07 -2.94
N TYR D 148 44.21 -2.90 -3.97
CA TYR D 148 43.83 -4.29 -3.80
C TYR D 148 44.81 -5.27 -4.43
N GLN D 149 45.87 -4.78 -5.05
CA GLN D 149 46.71 -5.64 -5.88
C GLN D 149 47.61 -6.56 -5.08
N LYS D 150 47.66 -6.43 -3.75
CA LYS D 150 48.41 -7.37 -2.94
C LYS D 150 47.58 -8.60 -2.58
N ALA D 151 46.27 -8.43 -2.44
CA ALA D 151 45.41 -9.54 -2.09
C ALA D 151 45.38 -10.56 -3.22
N MET D 152 44.71 -11.67 -2.96
CA MET D 152 44.78 -12.85 -3.81
C MET D 152 43.42 -13.51 -3.85
N PHE D 153 42.83 -13.59 -5.04
CA PHE D 153 41.51 -14.15 -5.23
C PHE D 153 41.63 -15.47 -5.96
N ILE D 154 40.95 -16.49 -5.42
CA ILE D 154 41.11 -17.88 -5.83
C ILE D 154 39.73 -18.46 -6.01
N PHE D 155 39.54 -19.23 -7.07
CA PHE D 155 38.27 -19.84 -7.40
C PHE D 155 38.41 -21.35 -7.48
N LEU D 156 37.25 -22.01 -7.51
CA LEU D 156 37.17 -23.46 -7.54
C LEU D 156 35.99 -23.89 -8.39
N SER D 157 36.12 -25.06 -8.98
CA SER D 157 35.06 -25.65 -9.77
C SER D 157 35.43 -27.09 -10.08
N ASN D 158 34.64 -27.73 -10.93
CA ASN D 158 34.98 -29.02 -11.51
C ASN D 158 34.66 -29.11 -12.99
N ALA D 159 34.12 -28.07 -13.60
CA ALA D 159 33.79 -28.10 -15.01
C ALA D 159 35.07 -28.20 -15.84
N GLY D 160 34.90 -28.57 -17.11
CA GLY D 160 36.04 -28.82 -17.96
C GLY D 160 36.81 -30.07 -17.61
N ALA D 161 36.29 -30.90 -16.70
CA ALA D 161 36.98 -32.12 -16.33
C ALA D 161 37.11 -33.07 -17.51
N GLU D 162 36.15 -33.03 -18.43
CA GLU D 162 36.13 -34.01 -19.52
C GLU D 162 37.38 -33.88 -20.39
N ARG D 163 37.89 -32.65 -20.54
CA ARG D 163 39.09 -32.44 -21.33
C ARG D 163 40.32 -33.01 -20.64
N ILE D 164 40.47 -32.76 -19.35
CA ILE D 164 41.65 -33.31 -18.69
C ILE D 164 41.58 -34.83 -18.63
N THR D 165 40.36 -35.38 -18.61
CA THR D 165 40.22 -36.83 -18.66
C THR D 165 40.66 -37.37 -20.02
N ASP D 166 39.98 -36.96 -21.10
CA ASP D 166 40.25 -37.58 -22.38
C ASP D 166 41.67 -37.30 -22.86
N VAL D 167 42.25 -36.17 -22.42
CA VAL D 167 43.66 -35.93 -22.67
C VAL D 167 44.51 -36.90 -21.85
N ALA D 168 44.13 -37.12 -20.59
CA ALA D 168 44.90 -38.01 -19.73
C ALA D 168 44.99 -39.40 -20.32
N LEU D 169 43.86 -39.94 -20.80
CA LEU D 169 43.94 -41.21 -21.51
C LEU D 169 44.56 -41.05 -22.88
N ASP D 170 44.60 -39.86 -23.45
CA ASP D 170 45.27 -39.70 -24.74
C ASP D 170 46.74 -39.99 -24.59
N PHE D 171 47.44 -39.17 -23.81
CA PHE D 171 48.86 -39.39 -23.63
C PHE D 171 49.14 -40.70 -22.90
N TRP D 172 48.28 -41.08 -21.96
CA TRP D 172 48.52 -42.34 -21.26
C TRP D 172 48.37 -43.52 -22.21
N ARG D 173 47.41 -43.44 -23.12
CA ARG D 173 47.28 -44.41 -24.20
C ARG D 173 48.50 -44.39 -25.10
N SER D 174 49.22 -43.28 -25.17
CA SER D 174 50.47 -43.21 -25.91
C SER D 174 51.67 -43.90 -25.24
N GLY D 175 51.47 -44.68 -24.18
CA GLY D 175 52.59 -45.30 -23.47
C GLY D 175 53.39 -44.25 -22.73
N LYS D 176 52.78 -43.68 -21.69
CA LYS D 176 53.27 -42.43 -21.12
C LYS D 176 52.58 -42.08 -19.80
N GLN D 177 53.29 -41.36 -18.94
CA GLN D 177 52.74 -40.87 -17.68
C GLN D 177 52.58 -39.36 -17.73
N ARG D 178 51.67 -38.82 -16.93
CA ARG D 178 51.40 -37.39 -16.99
C ARG D 178 52.56 -36.54 -16.47
N GLU D 179 53.54 -37.16 -15.79
CA GLU D 179 54.83 -36.50 -15.62
C GLU D 179 55.38 -36.07 -16.96
N ASP D 180 55.25 -36.93 -17.97
CA ASP D 180 55.72 -36.60 -19.31
C ASP D 180 54.73 -35.72 -20.06
N ILE D 181 53.45 -35.73 -19.67
CA ILE D 181 52.57 -34.66 -20.11
C ILE D 181 53.14 -33.37 -19.57
N LYS D 182 53.11 -32.33 -20.39
CA LYS D 182 53.63 -31.03 -20.02
C LYS D 182 52.54 -30.17 -19.43
N LEU D 183 52.95 -29.06 -18.84
CA LEU D 183 51.98 -28.13 -18.31
C LEU D 183 51.08 -27.61 -19.42
N LYS D 184 51.70 -27.17 -20.52
CA LYS D 184 50.93 -26.79 -21.68
C LYS D 184 50.06 -27.94 -22.12
N ASP D 185 48.76 -27.68 -22.16
CA ASP D 185 47.80 -28.59 -22.76
C ASP D 185 46.76 -27.67 -23.40
N ILE D 186 45.64 -28.21 -23.85
CA ILE D 186 44.86 -27.45 -24.82
C ILE D 186 44.09 -26.36 -24.08
N GLU D 187 44.75 -25.21 -23.88
CA GLU D 187 44.09 -24.11 -23.18
C GLU D 187 43.01 -23.46 -24.04
N HIS D 188 42.97 -23.79 -25.33
CA HIS D 188 41.85 -23.38 -26.17
C HIS D 188 40.57 -24.07 -25.71
N ALA D 189 40.58 -25.39 -25.59
CA ALA D 189 39.38 -26.09 -25.11
C ALA D 189 39.06 -25.70 -23.68
N LEU D 190 40.08 -25.41 -22.88
CA LEU D 190 39.82 -24.83 -21.56
C LEU D 190 39.11 -23.50 -21.69
N SER D 191 39.50 -22.68 -22.67
CA SER D 191 38.77 -21.45 -22.89
C SER D 191 37.34 -21.72 -23.32
N VAL D 192 37.10 -22.83 -24.03
CA VAL D 192 35.74 -23.17 -24.44
C VAL D 192 34.90 -23.53 -23.22
N SER D 193 35.41 -24.44 -22.37
CA SER D 193 34.77 -24.73 -21.09
C SER D 193 34.56 -23.46 -20.28
N VAL D 194 35.49 -22.52 -20.41
CA VAL D 194 35.43 -21.25 -19.72
C VAL D 194 34.66 -20.20 -20.52
N PHE D 195 34.50 -20.41 -21.83
CA PHE D 195 33.49 -19.71 -22.61
C PHE D 195 32.15 -20.41 -22.60
N ASN D 196 32.07 -21.60 -21.99
CA ASN D 196 30.90 -22.45 -22.13
C ASN D 196 29.69 -21.78 -21.55
N ASN D 197 28.77 -21.32 -22.41
CA ASN D 197 27.68 -20.45 -22.00
C ASN D 197 26.71 -21.10 -21.00
N LYS D 198 26.94 -22.36 -20.62
CA LYS D 198 26.47 -22.84 -19.33
C LYS D 198 26.86 -21.85 -18.24
N ASN D 199 26.01 -21.72 -17.23
CA ASN D 199 26.22 -20.72 -16.18
C ASN D 199 27.57 -20.92 -15.49
N SER D 200 27.98 -22.18 -15.29
CA SER D 200 29.31 -22.45 -14.77
C SER D 200 30.39 -21.84 -15.65
N GLY D 201 30.37 -22.16 -16.95
CA GLY D 201 31.34 -21.62 -17.87
C GLY D 201 30.99 -20.23 -18.37
N PHE D 202 29.75 -19.79 -18.18
CA PHE D 202 29.35 -18.46 -18.65
C PHE D 202 29.81 -17.40 -17.67
N TRP D 203 29.65 -17.69 -16.38
CA TRP D 203 30.29 -16.95 -15.30
C TRP D 203 31.74 -16.63 -15.64
N HIS D 204 32.54 -17.68 -15.82
CA HIS D 204 33.94 -17.49 -16.15
C HIS D 204 34.15 -17.04 -17.59
N SER D 205 33.10 -17.06 -18.44
CA SER D 205 33.18 -16.45 -19.77
C SER D 205 33.21 -14.93 -19.67
N SER D 206 32.29 -14.40 -18.90
CA SER D 206 32.25 -12.97 -18.70
C SER D 206 33.42 -12.50 -17.83
N LEU D 207 33.97 -13.38 -16.98
CA LEU D 207 35.23 -13.04 -16.32
C LEU D 207 36.40 -13.04 -17.30
N ILE D 208 36.45 -14.04 -18.20
CA ILE D 208 37.53 -14.15 -19.17
C ILE D 208 37.31 -13.17 -20.32
N ASP D 209 36.30 -12.31 -20.21
CA ASP D 209 36.21 -11.16 -21.11
C ASP D 209 37.53 -10.41 -21.26
N ARG D 210 38.40 -10.44 -20.24
CA ARG D 210 39.69 -9.74 -20.27
C ARG D 210 40.86 -10.61 -19.80
N ASN D 211 40.69 -11.95 -19.76
CA ASN D 211 41.58 -12.86 -19.01
C ASN D 211 42.01 -12.22 -17.69
N LEU D 212 41.04 -11.82 -16.86
CA LEU D 212 41.45 -11.38 -15.55
C LEU D 212 42.08 -12.49 -14.73
N ILE D 213 41.86 -13.75 -15.11
CA ILE D 213 42.56 -14.89 -14.54
C ILE D 213 44.04 -14.76 -14.83
N ASP D 214 44.86 -15.22 -13.89
CA ASP D 214 46.29 -15.39 -14.16
C ASP D 214 46.55 -16.71 -14.87
N TYR D 215 46.30 -17.83 -14.18
CA TYR D 215 46.78 -19.14 -14.63
C TYR D 215 45.64 -20.14 -14.48
N PHE D 216 45.23 -20.76 -15.59
CA PHE D 216 44.40 -21.95 -15.51
C PHE D 216 45.24 -23.11 -14.97
N VAL D 217 44.66 -23.86 -14.05
CA VAL D 217 45.37 -24.94 -13.38
C VAL D 217 44.40 -26.08 -13.12
N PRO D 218 44.35 -27.10 -13.97
CA PRO D 218 43.61 -28.31 -13.63
C PRO D 218 44.44 -29.28 -12.79
N PHE D 219 43.73 -29.99 -11.94
CA PHE D 219 44.25 -31.18 -11.27
C PHE D 219 43.82 -32.41 -12.04
N LEU D 220 44.28 -33.59 -11.58
CA LEU D 220 43.99 -34.85 -12.27
C LEU D 220 43.64 -35.98 -11.32
N PRO D 221 42.95 -37.03 -11.80
CA PRO D 221 42.61 -38.16 -10.91
C PRO D 221 43.83 -38.75 -10.23
N LEU D 222 43.81 -38.74 -8.91
CA LEU D 222 44.93 -39.29 -8.15
C LEU D 222 45.02 -40.78 -8.44
N GLU D 223 46.00 -41.14 -9.26
CA GLU D 223 46.15 -42.50 -9.75
C GLU D 223 46.34 -43.46 -8.58
N TYR D 224 46.01 -44.73 -8.80
CA TYR D 224 46.00 -45.72 -7.72
C TYR D 224 47.34 -45.81 -7.01
N LYS D 225 48.42 -45.43 -7.68
CA LYS D 225 49.66 -45.20 -6.96
C LYS D 225 49.42 -44.17 -5.87
N HIS D 226 48.72 -43.08 -6.17
CA HIS D 226 48.47 -42.06 -5.15
C HIS D 226 47.56 -42.60 -4.07
N LEU D 227 46.60 -43.46 -4.42
CA LEU D 227 45.86 -44.16 -3.39
C LEU D 227 46.81 -44.82 -2.43
N LYS D 228 47.64 -45.74 -2.94
CA LYS D 228 48.62 -46.44 -2.12
C LYS D 228 49.53 -45.49 -1.36
N MET D 229 49.81 -44.31 -1.90
CA MET D 229 50.61 -43.34 -1.17
C MET D 229 49.84 -42.80 0.03
N CYS D 230 48.60 -42.35 -0.18
CA CYS D 230 47.78 -41.87 0.93
C CYS D 230 47.11 -42.99 1.69
N ILE D 231 47.52 -44.23 1.47
CA ILE D 231 47.20 -45.35 2.33
C ILE D 231 48.38 -45.68 3.23
N ARG D 232 49.55 -45.90 2.63
CA ARG D 232 50.76 -46.16 3.38
C ARG D 232 51.10 -44.97 4.27
N VAL D 233 51.22 -43.79 3.68
CA VAL D 233 51.65 -42.60 4.41
C VAL D 233 50.66 -42.27 5.51
N GLU D 234 49.37 -42.34 5.20
CA GLU D 234 48.37 -41.94 6.19
C GLU D 234 48.29 -42.97 7.31
N MET D 235 48.10 -44.24 6.97
CA MET D 235 47.88 -45.25 8.00
C MET D 235 49.14 -45.48 8.83
N GLN D 236 50.32 -45.37 8.21
CA GLN D 236 51.55 -45.36 8.99
C GLN D 236 51.68 -44.07 9.80
N SER D 237 51.08 -42.97 9.35
CA SER D 237 51.07 -41.74 10.12
C SER D 237 50.08 -41.79 11.28
N ARG D 238 49.06 -42.64 11.19
CA ARG D 238 48.00 -42.70 12.18
C ARG D 238 48.19 -43.82 13.20
N GLY D 239 49.32 -44.52 13.20
CA GLY D 239 49.47 -45.65 14.08
C GLY D 239 48.45 -46.73 13.85
N TYR D 240 48.04 -46.91 12.59
CA TYR D 240 46.89 -47.72 12.23
C TYR D 240 47.21 -49.20 12.15
N GLU D 241 48.49 -49.57 12.06
CA GLU D 241 48.92 -50.95 11.88
C GLU D 241 48.33 -51.54 10.60
N ILE D 242 48.66 -50.88 9.50
CA ILE D 242 48.34 -51.40 8.17
C ILE D 242 49.42 -52.40 7.76
N ASP D 243 49.08 -53.28 6.83
CA ASP D 243 50.00 -54.28 6.30
C ASP D 243 49.77 -54.41 4.80
N GLU D 244 50.33 -55.46 4.17
CA GLU D 244 50.29 -55.55 2.72
C GLU D 244 48.89 -55.82 2.21
N ASP D 245 48.18 -56.78 2.80
CA ASP D 245 46.90 -57.23 2.28
C ASP D 245 45.91 -56.07 2.15
N ILE D 246 45.93 -55.16 3.14
CA ILE D 246 45.10 -53.96 3.10
C ILE D 246 45.36 -53.16 1.83
N VAL D 247 46.60 -53.21 1.31
CA VAL D 247 46.98 -52.48 0.11
C VAL D 247 46.94 -53.37 -1.13
N SER D 248 46.63 -54.66 -0.98
CA SER D 248 46.02 -55.39 -2.07
C SER D 248 44.58 -54.95 -2.25
N ARG D 249 43.91 -54.65 -1.15
CA ARG D 249 42.49 -54.33 -1.20
C ARG D 249 42.21 -52.92 -1.72
N VAL D 250 43.25 -52.09 -1.94
CA VAL D 250 43.02 -50.79 -2.55
C VAL D 250 42.42 -50.97 -3.94
N ALA D 251 42.90 -51.97 -4.69
CA ALA D 251 42.44 -52.24 -6.03
C ALA D 251 41.57 -53.48 -6.13
N GLU D 252 41.73 -54.45 -5.22
CA GLU D 252 40.83 -55.59 -5.25
C GLU D 252 39.39 -55.20 -4.88
N GLU D 253 39.21 -54.08 -4.19
CA GLU D 253 37.93 -53.67 -3.62
C GLU D 253 37.67 -52.19 -3.89
N MET D 254 37.86 -51.76 -5.14
CA MET D 254 37.61 -50.38 -5.52
C MET D 254 37.27 -50.32 -7.00
N THR D 255 36.54 -49.28 -7.38
CA THR D 255 36.21 -49.00 -8.76
C THR D 255 37.10 -47.88 -9.30
N PHE D 256 37.60 -48.07 -10.50
CA PHE D 256 38.38 -47.08 -11.25
C PHE D 256 37.67 -46.80 -12.56
N PHE D 257 38.21 -45.83 -13.31
CA PHE D 257 37.59 -45.33 -14.53
C PHE D 257 38.59 -45.42 -15.69
N PRO D 258 38.17 -45.86 -16.89
CA PRO D 258 36.91 -46.50 -17.25
C PRO D 258 36.90 -47.91 -16.72
N LYS D 259 35.76 -48.59 -16.82
CA LYS D 259 35.75 -50.02 -16.53
C LYS D 259 36.71 -50.78 -17.41
N GLU D 260 36.75 -50.47 -18.70
CA GLU D 260 37.46 -51.30 -19.66
C GLU D 260 38.96 -51.27 -19.43
N GLU D 261 39.45 -50.40 -18.54
CA GLU D 261 40.85 -50.36 -18.17
C GLU D 261 41.02 -50.35 -16.64
N ARG D 262 40.07 -49.77 -15.91
CA ARG D 262 40.12 -49.66 -14.45
C ARG D 262 41.39 -48.92 -14.01
N VAL D 263 41.44 -47.64 -14.35
CA VAL D 263 42.66 -46.85 -14.17
C VAL D 263 42.40 -45.62 -13.31
N PHE D 264 41.61 -44.69 -13.81
CA PHE D 264 41.40 -43.43 -13.13
C PHE D 264 40.50 -43.64 -11.94
N SER D 265 40.87 -43.02 -10.82
CA SER D 265 40.18 -43.24 -9.56
C SER D 265 38.80 -42.60 -9.63
N ASP D 266 38.09 -42.68 -8.51
CA ASP D 266 36.80 -42.01 -8.34
C ASP D 266 36.92 -40.95 -7.26
N LYS D 267 37.90 -41.09 -6.37
CA LYS D 267 38.10 -40.14 -5.30
C LYS D 267 39.53 -39.77 -5.02
N GLY D 268 40.50 -40.57 -5.47
CA GLY D 268 41.83 -40.39 -4.95
C GLY D 268 41.84 -40.58 -3.44
N CYS D 269 42.31 -39.57 -2.74
CA CYS D 269 42.62 -39.66 -1.32
C CYS D 269 41.57 -39.01 -0.45
N LYS D 270 40.33 -38.99 -0.93
CA LYS D 270 39.19 -38.42 -0.20
C LYS D 270 38.45 -39.45 0.63
N THR D 271 37.90 -40.46 -0.02
CA THR D 271 37.24 -41.58 0.66
C THR D 271 38.23 -42.67 1.02
N VAL D 272 39.53 -42.42 0.89
CA VAL D 272 40.50 -43.49 1.02
C VAL D 272 40.49 -44.04 2.45
N PHE D 273 40.55 -43.17 3.45
CA PHE D 273 40.77 -43.63 4.82
C PHE D 273 39.54 -44.28 5.43
N THR D 274 38.35 -43.96 4.92
CA THR D 274 37.14 -44.64 5.39
C THR D 274 37.12 -46.08 4.92
N LYS D 275 37.37 -46.28 3.62
CA LYS D 275 37.51 -47.63 3.09
C LYS D 275 38.67 -48.37 3.76
N LEU D 276 39.72 -47.65 4.12
CA LEU D 276 40.78 -48.28 4.89
C LEU D 276 40.29 -48.68 6.28
N ASP D 277 39.37 -47.92 6.87
CA ASP D 277 38.77 -48.39 8.11
C ASP D 277 37.95 -49.64 7.87
N TYR D 278 37.37 -49.79 6.67
CA TYR D 278 36.81 -51.11 6.37
C TYR D 278 37.91 -52.16 6.33
N TYR D 279 39.09 -51.82 5.85
CA TYR D 279 40.13 -52.83 5.76
C TYR D 279 40.74 -53.12 7.14
N TYR D 280 40.55 -52.21 8.11
CA TYR D 280 40.66 -52.62 9.51
C TYR D 280 39.60 -53.64 9.81
N ASP D 281 38.38 -53.39 9.32
CA ASP D 281 37.31 -54.37 9.46
C ASP D 281 37.55 -55.57 8.56
N ASP D 282 38.33 -55.38 7.48
CA ASP D 282 38.84 -56.45 6.62
C ASP D 282 37.78 -57.45 6.18
N GLY E 1 -43.02 47.75 15.95
CA GLY E 1 -42.86 46.44 15.27
C GLY E 1 -42.45 45.34 16.22
N GLN E 2 -41.22 45.45 16.76
CA GLN E 2 -40.75 44.45 17.71
C GLN E 2 -41.60 44.46 18.99
N LYS E 3 -42.20 45.59 19.32
CA LYS E 3 -43.16 45.69 20.41
C LYS E 3 -44.60 45.55 19.92
N ARG E 4 -44.80 44.88 18.79
CA ARG E 4 -46.13 44.65 18.23
C ARG E 4 -46.30 43.17 17.94
N SER E 5 -47.32 42.57 18.56
CA SER E 5 -47.78 41.27 18.11
C SER E 5 -48.55 41.44 16.81
N LEU E 6 -48.14 40.70 15.79
CA LEU E 6 -48.60 40.97 14.42
C LEU E 6 -50.09 40.70 14.30
N SER E 7 -50.85 41.75 14.05
CA SER E 7 -52.26 41.57 13.74
C SER E 7 -52.42 41.06 12.32
N ARG E 8 -53.56 40.43 12.06
CA ARG E 8 -53.81 39.80 10.77
C ARG E 8 -53.82 40.83 9.66
N GLU E 9 -54.40 42.00 9.95
CA GLU E 9 -54.57 43.04 8.94
C GLU E 9 -53.23 43.48 8.39
N ALA E 10 -52.24 43.65 9.25
CA ALA E 10 -50.95 44.14 8.79
C ALA E 10 -50.32 43.20 7.78
N LEU E 11 -50.47 41.90 8.01
CA LEU E 11 -49.76 40.92 7.19
C LEU E 11 -50.51 40.64 5.89
N GLN E 12 -51.82 40.47 5.97
CA GLN E 12 -52.58 40.33 4.73
C GLN E 12 -52.46 41.60 3.90
N LYS E 13 -52.39 42.75 4.57
CA LYS E 13 -52.14 44.00 3.87
C LYS E 13 -50.81 43.97 3.15
N ASP E 14 -49.74 43.61 3.87
CA ASP E 14 -48.41 43.65 3.27
C ASP E 14 -48.32 42.69 2.09
N LEU E 15 -48.75 41.45 2.28
CA LEU E 15 -48.64 40.46 1.22
C LEU E 15 -49.52 40.84 0.03
N ASP E 16 -50.74 41.30 0.30
CA ASP E 16 -51.61 41.74 -0.77
C ASP E 16 -51.05 42.96 -1.48
N ASP E 17 -50.20 43.73 -0.82
CA ASP E 17 -49.56 44.85 -1.48
C ASP E 17 -48.46 44.38 -2.42
N ASN E 18 -47.54 43.57 -1.89
CA ASN E 18 -46.29 43.29 -2.60
C ASN E 18 -46.22 41.89 -3.18
N LEU E 19 -46.82 40.90 -2.53
CA LEU E 19 -46.76 39.53 -3.03
C LEU E 19 -47.72 39.35 -4.18
N PHE E 20 -47.22 38.76 -5.25
CA PHE E 20 -47.98 38.51 -6.47
C PHE E 20 -48.36 37.03 -6.56
N GLY E 21 -49.66 36.77 -6.63
CA GLY E 21 -50.14 35.43 -6.58
C GLY E 21 -49.88 34.80 -5.22
N GLN E 22 -49.63 33.49 -5.25
CA GLN E 22 -49.28 32.74 -4.04
C GLN E 22 -50.37 32.87 -2.98
N HIS E 23 -51.62 32.74 -3.43
CA HIS E 23 -52.76 32.73 -2.53
C HIS E 23 -52.58 31.72 -1.41
N LEU E 24 -52.00 30.56 -1.75
CA LEU E 24 -51.73 29.53 -0.75
C LEU E 24 -50.85 30.08 0.35
N ALA E 25 -49.85 30.86 -0.02
CA ALA E 25 -48.87 31.28 0.97
C ALA E 25 -49.47 32.35 1.87
N LYS E 26 -50.34 33.17 1.32
CA LYS E 26 -51.02 34.16 2.13
C LYS E 26 -51.93 33.51 3.14
N LYS E 27 -52.73 32.53 2.70
CA LYS E 27 -53.60 31.81 3.62
C LYS E 27 -52.80 31.13 4.73
N ILE E 28 -51.85 30.27 4.31
CA ILE E 28 -51.02 29.51 5.24
C ILE E 28 -50.36 30.44 6.23
N ILE E 29 -49.51 31.32 5.72
CA ILE E 29 -48.67 32.15 6.57
C ILE E 29 -49.55 32.95 7.50
N LEU E 30 -50.51 33.68 6.93
CA LEU E 30 -51.32 34.61 7.71
C LEU E 30 -51.98 33.91 8.88
N ASN E 31 -52.77 32.87 8.60
CA ASN E 31 -53.49 32.23 9.71
C ASN E 31 -52.54 31.48 10.63
N ALA E 32 -51.50 30.88 10.05
CA ALA E 32 -50.59 30.04 10.83
C ALA E 32 -49.85 30.85 11.87
N VAL E 33 -49.12 31.89 11.44
CA VAL E 33 -48.41 32.70 12.42
C VAL E 33 -49.40 33.45 13.29
N PHE E 34 -50.48 33.96 12.71
CA PHE E 34 -51.43 34.77 13.48
C PHE E 34 -52.06 33.97 14.61
N GLY E 35 -52.16 32.66 14.46
CA GLY E 35 -52.54 31.81 15.57
C GLY E 35 -51.34 31.52 16.45
N PHE E 36 -50.18 31.34 15.84
CA PHE E 36 -48.98 30.98 16.58
C PHE E 36 -48.49 32.11 17.46
N ILE E 37 -48.25 33.28 16.85
CA ILE E 37 -47.64 34.38 17.59
C ILE E 37 -48.56 34.86 18.69
N ASN E 38 -49.87 34.83 18.46
CA ASN E 38 -50.83 35.19 19.48
C ASN E 38 -50.98 34.12 20.54
N ASN E 39 -50.51 32.90 20.28
CA ASN E 39 -50.59 31.84 21.27
C ASN E 39 -49.50 32.02 22.31
N PRO E 40 -49.82 32.22 23.59
CA PRO E 40 -48.77 32.20 24.61
C PRO E 40 -48.25 30.80 24.94
N LYS E 41 -48.88 29.75 24.41
CA LYS E 41 -48.48 28.37 24.68
C LYS E 41 -48.51 27.61 23.36
N PRO E 42 -47.49 27.81 22.53
CA PRO E 42 -47.49 27.10 21.24
C PRO E 42 -47.35 25.60 21.38
N LYS E 43 -46.73 25.11 22.45
CA LYS E 43 -46.39 23.72 22.74
C LYS E 43 -45.18 23.25 21.91
N LYS E 44 -44.75 24.01 20.91
CA LYS E 44 -43.65 23.63 20.04
C LYS E 44 -43.14 24.88 19.36
N PRO E 45 -41.90 24.89 18.91
CA PRO E 45 -41.49 25.96 18.01
C PRO E 45 -42.13 25.78 16.64
N LEU E 46 -41.93 26.74 15.75
CA LEU E 46 -42.53 26.73 14.43
C LEU E 46 -41.55 26.05 13.49
N THR E 47 -41.98 24.92 12.94
CA THR E 47 -41.14 24.08 12.09
C THR E 47 -41.66 24.18 10.67
N LEU E 48 -41.16 25.17 9.95
CA LEU E 48 -41.62 25.44 8.60
C LEU E 48 -40.71 24.79 7.57
N SER E 49 -41.32 24.35 6.48
CA SER E 49 -40.63 23.72 5.37
C SER E 49 -40.94 24.48 4.10
N LEU E 50 -39.92 24.66 3.26
CA LEU E 50 -40.11 25.28 1.96
C LEU E 50 -39.22 24.61 0.92
N HIS E 51 -39.78 24.39 -0.24
CA HIS E 51 -39.06 23.90 -1.40
C HIS E 51 -39.85 24.32 -2.63
N GLY E 52 -39.34 23.99 -3.81
CA GLY E 52 -39.97 24.39 -5.06
C GLY E 52 -39.04 25.13 -5.99
N TRP E 53 -39.60 26.12 -6.69
CA TRP E 53 -38.87 26.89 -7.68
C TRP E 53 -38.48 28.26 -7.14
N THR E 54 -37.37 28.80 -7.62
CA THR E 54 -36.86 30.06 -7.09
C THR E 54 -37.60 31.26 -7.63
N GLY E 55 -37.18 32.41 -7.12
CA GLY E 55 -37.69 33.67 -7.61
C GLY E 55 -39.16 33.87 -7.38
N THR E 56 -39.79 33.00 -6.61
CA THR E 56 -41.18 33.06 -6.22
C THR E 56 -41.34 33.76 -4.90
N GLY E 57 -40.24 33.90 -4.16
CA GLY E 57 -40.16 34.81 -3.06
C GLY E 57 -39.86 34.19 -1.72
N LYS E 58 -39.10 33.10 -1.66
CA LYS E 58 -38.82 32.48 -0.37
C LYS E 58 -38.04 33.42 0.52
N ASN E 59 -36.84 33.78 0.11
CA ASN E 59 -36.04 34.72 0.89
C ASN E 59 -36.72 36.09 0.92
N PHE E 60 -37.49 36.42 -0.13
CA PHE E 60 -38.36 37.58 -0.13
C PHE E 60 -39.34 37.54 1.05
N VAL E 61 -40.19 36.50 1.13
CA VAL E 61 -41.23 36.50 2.16
C VAL E 61 -40.62 36.41 3.55
N SER E 62 -39.57 35.59 3.69
CA SER E 62 -38.90 35.49 4.97
C SER E 62 -38.37 36.85 5.41
N LYS E 63 -37.79 37.58 4.45
CA LYS E 63 -37.37 38.94 4.74
C LYS E 63 -38.54 39.80 5.18
N ILE E 64 -39.67 39.70 4.49
CA ILE E 64 -40.80 40.58 4.79
C ILE E 64 -41.27 40.37 6.21
N ILE E 65 -41.55 39.12 6.57
CA ILE E 65 -42.08 38.86 7.89
C ILE E 65 -41.02 39.17 8.94
N ALA E 66 -39.74 38.96 8.60
CA ALA E 66 -38.67 39.37 9.49
C ALA E 66 -38.74 40.86 9.77
N GLU E 67 -39.10 41.66 8.76
CA GLU E 67 -39.20 43.10 8.95
C GLU E 67 -40.43 43.45 9.78
N ASN E 68 -41.55 42.79 9.51
CA ASN E 68 -42.76 43.09 10.25
C ASN E 68 -42.61 42.74 11.72
N ILE E 69 -41.96 41.63 12.03
CA ILE E 69 -41.75 41.26 13.42
C ILE E 69 -40.83 42.26 14.10
N TYR E 70 -39.60 42.36 13.62
CA TYR E 70 -38.60 43.28 14.17
C TYR E 70 -38.19 44.29 13.12
N GLU E 71 -37.93 45.50 13.59
CA GLU E 71 -37.41 46.55 12.72
C GLU E 71 -36.08 46.15 12.11
N GLY E 72 -35.30 45.32 12.82
CA GLY E 72 -34.04 44.85 12.28
C GLY E 72 -34.18 44.07 11.00
N GLY E 73 -35.33 43.47 10.75
CA GLY E 73 -35.46 42.58 9.63
C GLY E 73 -34.47 41.44 9.80
N LEU E 74 -33.39 41.49 9.02
CA LEU E 74 -32.26 40.60 9.23
C LEU E 74 -31.15 41.23 10.05
N ASN E 75 -31.19 42.55 10.27
CA ASN E 75 -30.17 43.21 11.09
C ASN E 75 -30.30 42.89 12.57
N SER E 76 -31.41 42.31 13.01
CA SER E 76 -31.62 42.13 14.44
C SER E 76 -30.61 41.17 15.03
N ASP E 77 -30.12 41.53 16.20
CA ASP E 77 -29.27 40.63 16.97
C ASP E 77 -30.02 39.36 17.35
N TYR E 78 -31.33 39.47 17.55
CA TYR E 78 -32.16 38.28 17.74
C TYR E 78 -32.13 37.39 16.51
N VAL E 79 -32.28 37.99 15.34
CA VAL E 79 -32.40 37.26 14.09
C VAL E 79 -30.98 36.98 13.62
N HIS E 80 -30.52 35.76 13.87
CA HIS E 80 -29.16 35.34 13.56
C HIS E 80 -29.19 34.19 12.57
N LEU E 81 -28.42 34.33 11.49
CA LEU E 81 -28.59 33.51 10.30
C LEU E 81 -27.42 32.55 10.10
N PHE E 82 -27.75 31.38 9.56
CA PHE E 82 -26.78 30.37 9.19
C PHE E 82 -26.99 29.97 7.74
N VAL E 83 -25.94 29.44 7.13
CA VAL E 83 -25.95 28.99 5.75
C VAL E 83 -25.16 27.69 5.69
N ALA E 84 -25.54 26.83 4.73
CA ALA E 84 -24.82 25.59 4.54
C ALA E 84 -23.36 25.86 4.19
N THR E 85 -23.12 26.49 3.05
CA THR E 85 -21.78 26.50 2.48
C THR E 85 -20.86 27.44 3.23
N LEU E 86 -21.34 28.66 3.52
CA LEU E 86 -20.51 29.67 4.17
C LEU E 86 -19.99 29.22 5.52
N HIS E 87 -20.76 28.49 6.25
CA HIS E 87 -20.39 27.99 7.57
C HIS E 87 -20.04 26.52 7.56
N PHE E 88 -20.82 25.70 6.86
CA PHE E 88 -20.77 24.24 7.00
C PHE E 88 -20.44 23.58 5.66
N PRO E 89 -19.27 23.86 5.10
CA PRO E 89 -18.92 23.28 3.80
C PRO E 89 -18.71 21.77 3.82
N HIS E 90 -17.87 21.30 4.72
CA HIS E 90 -17.26 19.97 4.59
C HIS E 90 -17.86 18.98 5.55
N ALA E 91 -17.75 17.70 5.18
CA ALA E 91 -18.05 16.59 6.06
C ALA E 91 -16.89 16.24 6.98
N SER E 92 -15.84 17.06 7.01
CA SER E 92 -14.72 16.81 7.90
C SER E 92 -15.02 17.33 9.31
N ASN E 93 -15.44 18.58 9.40
CA ASN E 93 -15.63 19.26 10.68
C ASN E 93 -17.06 19.19 11.16
N ILE E 94 -17.74 18.07 10.91
CA ILE E 94 -19.15 17.96 11.24
C ILE E 94 -19.37 18.19 12.72
N THR E 95 -18.47 17.65 13.55
CA THR E 95 -18.67 17.71 14.99
C THR E 95 -18.55 19.13 15.49
N LEU E 96 -17.50 19.83 15.07
CA LEU E 96 -17.35 21.23 15.40
C LEU E 96 -18.56 22.03 14.95
N TYR E 97 -19.07 21.69 13.77
CA TYR E 97 -20.24 22.38 13.27
C TYR E 97 -21.44 22.12 14.16
N LYS E 98 -21.54 20.92 14.73
CA LYS E 98 -22.66 20.61 15.62
C LYS E 98 -22.52 21.35 16.94
N ASP E 99 -21.32 21.36 17.52
CA ASP E 99 -21.13 22.00 18.81
C ASP E 99 -21.32 23.51 18.70
N GLN E 100 -20.64 24.12 17.72
CA GLN E 100 -20.83 25.54 17.44
C GLN E 100 -22.29 25.84 17.18
N LEU E 101 -22.98 24.92 16.49
CA LEU E 101 -24.39 25.11 16.23
C LEU E 101 -25.17 25.21 17.53
N GLN E 102 -25.05 24.18 18.38
CA GLN E 102 -25.78 24.14 19.64
C GLN E 102 -25.49 25.38 20.49
N LEU E 103 -24.24 25.82 20.53
CA LEU E 103 -23.89 26.92 21.40
C LEU E 103 -24.42 28.25 20.86
N TRP E 104 -24.26 28.49 19.56
CA TRP E 104 -24.81 29.70 18.97
C TRP E 104 -26.32 29.76 19.13
N ILE E 105 -26.97 28.60 19.01
CA ILE E 105 -28.40 28.52 19.31
C ILE E 105 -28.66 29.01 20.72
N ARG E 106 -28.07 28.31 21.71
CA ARG E 106 -28.33 28.62 23.12
C ARG E 106 -28.06 30.08 23.44
N GLY E 107 -27.07 30.68 22.79
CA GLY E 107 -26.81 32.09 22.96
C GLY E 107 -27.99 32.93 22.53
N ASN E 108 -28.37 32.83 21.26
CA ASN E 108 -29.41 33.71 20.76
C ASN E 108 -30.75 33.47 21.45
N VAL E 109 -31.11 32.21 21.64
CA VAL E 109 -32.40 31.92 22.27
C VAL E 109 -32.39 32.33 23.73
N SER E 110 -31.25 32.18 24.39
CA SER E 110 -31.18 32.64 25.77
C SER E 110 -31.22 34.15 25.86
N ALA E 111 -30.95 34.85 24.75
CA ALA E 111 -31.30 36.26 24.70
C ALA E 111 -32.81 36.45 24.70
N CYS E 112 -33.53 35.63 23.92
CA CYS E 112 -34.99 35.66 23.90
C CYS E 112 -35.49 34.48 23.10
N ALA E 113 -36.63 33.95 23.52
CA ALA E 113 -37.23 32.82 22.81
C ALA E 113 -37.92 33.25 21.53
N ARG E 114 -38.13 34.54 21.33
CA ARG E 114 -38.71 35.05 20.08
C ARG E 114 -37.66 35.31 19.02
N SER E 115 -36.41 34.91 19.24
CA SER E 115 -35.41 34.97 18.19
C SER E 115 -35.78 34.01 17.07
N ILE E 116 -35.20 34.25 15.90
CA ILE E 116 -35.53 33.51 14.68
C ILE E 116 -34.24 32.99 14.06
N PHE E 117 -34.30 31.74 13.59
CA PHE E 117 -33.23 31.15 12.80
C PHE E 117 -33.77 30.68 11.48
N ILE E 118 -32.96 30.82 10.43
CA ILE E 118 -33.27 30.34 9.10
C ILE E 118 -32.02 29.66 8.56
N PHE E 119 -32.25 28.62 7.75
CA PHE E 119 -31.21 27.97 6.98
C PHE E 119 -31.50 28.13 5.50
N ASP E 120 -30.50 27.81 4.69
CA ASP E 120 -30.61 27.97 3.25
C ASP E 120 -29.60 27.03 2.58
N GLU E 121 -29.87 26.73 1.31
CA GLU E 121 -29.00 25.87 0.50
C GLU E 121 -28.84 24.50 1.16
N MET E 122 -29.98 23.91 1.49
CA MET E 122 -30.02 22.69 2.27
C MET E 122 -29.84 21.43 1.43
N ASP E 123 -29.39 21.59 0.18
CA ASP E 123 -29.02 20.42 -0.63
C ASP E 123 -27.59 19.97 -0.36
N LYS E 124 -26.90 20.59 0.60
CA LYS E 124 -25.47 20.39 0.82
C LYS E 124 -25.17 20.18 2.30
N MET E 125 -25.91 19.28 2.94
CA MET E 125 -25.85 19.06 4.38
C MET E 125 -25.60 17.59 4.71
N HIS E 126 -25.48 17.26 6.00
CA HIS E 126 -25.00 15.95 6.43
C HIS E 126 -25.68 15.57 7.74
N ALA E 127 -26.40 14.44 7.72
CA ALA E 127 -27.46 14.16 8.69
C ALA E 127 -27.00 14.22 10.15
N GLY E 128 -25.70 14.14 10.41
CA GLY E 128 -25.23 14.47 11.75
C GLY E 128 -25.69 15.84 12.18
N LEU E 129 -25.81 16.76 11.24
CA LEU E 129 -26.17 18.14 11.49
C LEU E 129 -27.67 18.35 11.69
N ILE E 130 -28.51 17.32 11.52
CA ILE E 130 -29.82 17.28 12.15
C ILE E 130 -29.77 16.52 13.47
N ASP E 131 -28.85 15.59 13.63
CA ASP E 131 -28.83 14.78 14.85
C ASP E 131 -28.54 15.59 16.11
N ALA E 132 -28.20 16.88 15.99
CA ALA E 132 -27.94 17.76 17.12
C ALA E 132 -29.12 18.69 17.45
N ILE E 133 -30.23 18.60 16.71
CA ILE E 133 -31.32 19.57 16.84
C ILE E 133 -32.68 18.93 17.05
N LYS E 134 -32.88 17.67 16.69
CA LYS E 134 -34.17 17.02 16.94
C LYS E 134 -34.63 17.12 18.39
N PRO E 135 -33.77 17.00 19.40
CA PRO E 135 -34.22 17.26 20.77
C PRO E 135 -34.74 18.67 20.97
N PHE E 136 -34.16 19.66 20.29
CA PHE E 136 -34.69 21.01 20.39
C PHE E 136 -36.09 21.12 19.84
N LEU E 137 -36.50 20.18 18.99
CA LEU E 137 -37.84 20.15 18.44
C LEU E 137 -38.72 19.10 19.09
N ASP E 138 -38.33 18.58 20.25
CA ASP E 138 -39.34 18.02 21.11
C ASP E 138 -40.27 19.13 21.58
N TYR E 139 -41.54 18.79 21.71
CA TYR E 139 -42.54 19.67 22.30
C TYR E 139 -42.35 19.87 23.81
N TYR E 140 -41.28 19.32 24.40
CA TYR E 140 -40.88 19.59 25.77
C TYR E 140 -41.06 21.05 26.14
N ASP E 141 -41.58 21.31 27.33
CA ASP E 141 -41.64 22.69 27.80
C ASP E 141 -40.26 23.29 27.98
N LEU E 142 -39.22 22.47 28.11
CA LEU E 142 -37.89 23.01 28.26
C LEU E 142 -36.84 21.98 27.87
N VAL E 143 -35.60 22.47 27.77
CA VAL E 143 -34.40 21.65 27.70
C VAL E 143 -33.31 22.42 28.42
N ASP E 144 -32.57 21.72 29.29
CA ASP E 144 -31.47 22.32 30.04
C ASP E 144 -31.94 23.53 30.85
N GLY E 145 -33.17 23.48 31.33
CA GLY E 145 -33.76 24.60 32.02
C GLY E 145 -34.08 25.77 31.14
N VAL E 146 -34.35 25.53 29.85
CA VAL E 146 -34.70 26.59 28.90
C VAL E 146 -35.78 26.08 27.97
N SER E 147 -36.73 26.95 27.65
CA SER E 147 -37.78 26.66 26.67
C SER E 147 -37.43 27.23 25.32
N TYR E 148 -37.78 26.48 24.27
CA TYR E 148 -37.51 26.87 22.89
C TYR E 148 -38.77 26.96 22.05
N GLN E 149 -39.94 26.69 22.62
CA GLN E 149 -41.14 26.52 21.82
C GLN E 149 -41.71 27.83 21.30
N LYS E 150 -41.17 28.98 21.72
CA LYS E 150 -41.61 30.24 21.14
C LYS E 150 -40.85 30.57 19.86
N ALA E 151 -39.60 30.14 19.77
CA ALA E 151 -38.81 30.44 18.60
C ALA E 151 -39.38 29.70 17.38
N MET E 152 -38.80 29.99 16.22
CA MET E 152 -39.36 29.60 14.95
C MET E 152 -38.23 29.22 14.00
N PHE E 153 -38.23 27.97 13.56
CA PHE E 153 -37.19 27.44 12.69
C PHE E 153 -37.76 27.21 11.30
N ILE E 154 -37.04 27.72 10.30
CA ILE E 154 -37.52 27.80 8.93
C ILE E 154 -36.43 27.27 8.02
N PHE E 155 -36.80 26.47 7.03
CA PHE E 155 -35.88 25.86 6.10
C PHE E 155 -36.21 26.27 4.67
N LEU E 156 -35.26 25.98 3.79
CA LEU E 156 -35.36 26.33 2.38
C LEU E 156 -34.71 25.24 1.55
N SER E 157 -35.22 25.09 0.33
CA SER E 157 -34.67 24.15 -0.63
C SER E 157 -35.31 24.42 -1.97
N ASN E 158 -35.03 23.55 -2.94
CA ASN E 158 -35.74 23.53 -4.20
C ASN E 158 -36.10 22.13 -4.67
N ALA E 159 -35.75 21.09 -3.92
CA ALA E 159 -36.07 19.73 -4.32
C ALA E 159 -37.58 19.51 -4.29
N GLY E 160 -38.01 18.44 -4.94
CA GLY E 160 -39.42 18.19 -5.10
C GLY E 160 -40.11 19.14 -6.06
N ALA E 161 -39.35 19.99 -6.77
CA ALA E 161 -39.95 20.91 -7.71
C ALA E 161 -40.69 20.18 -8.82
N GLU E 162 -40.22 18.99 -9.19
CA GLU E 162 -40.78 18.30 -10.34
C GLU E 162 -42.25 17.97 -10.12
N ARG E 163 -42.63 17.70 -8.87
CA ARG E 163 -44.02 17.40 -8.56
C ARG E 163 -44.90 18.64 -8.71
N ILE E 164 -44.45 19.77 -8.17
CA ILE E 164 -45.28 20.95 -8.29
C ILE E 164 -45.37 21.40 -9.74
N THR E 165 -44.34 21.11 -10.54
CA THR E 165 -44.40 21.40 -11.97
C THR E 165 -45.43 20.52 -12.67
N ASP E 166 -45.24 19.20 -12.63
CA ASP E 166 -46.10 18.35 -13.43
C ASP E 166 -47.55 18.40 -12.95
N VAL E 167 -47.75 18.68 -11.66
CA VAL E 167 -49.10 18.95 -11.18
C VAL E 167 -49.62 20.27 -11.73
N ALA E 168 -48.75 21.29 -11.78
CA ALA E 168 -49.19 22.59 -12.27
C ALA E 168 -49.68 22.48 -13.71
N LEU E 169 -48.93 21.78 -14.56
CA LEU E 169 -49.45 21.54 -15.90
C LEU E 169 -50.59 20.53 -15.90
N ASP E 170 -50.72 19.70 -14.87
CA ASP E 170 -51.85 18.79 -14.83
C ASP E 170 -53.15 19.56 -14.76
N PHE E 171 -53.35 20.30 -13.66
CA PHE E 171 -54.57 21.05 -13.52
C PHE E 171 -54.66 22.16 -14.55
N TRP E 172 -53.53 22.77 -14.92
CA TRP E 172 -53.59 23.83 -15.91
C TRP E 172 -53.99 23.27 -17.27
N ARG E 173 -53.51 22.07 -17.59
CA ARG E 173 -53.97 21.34 -18.76
C ARG E 173 -55.45 21.00 -18.67
N SER E 174 -55.99 20.91 -17.46
CA SER E 174 -57.43 20.73 -17.27
C SER E 174 -58.30 21.97 -17.53
N GLY E 175 -57.75 23.05 -18.11
CA GLY E 175 -58.52 24.26 -18.31
C GLY E 175 -58.80 24.94 -16.98
N LYS E 176 -57.75 25.46 -16.35
CA LYS E 176 -57.79 25.81 -14.93
C LYS E 176 -56.57 26.61 -14.48
N GLN E 177 -56.75 27.43 -13.46
CA GLN E 177 -55.66 28.20 -12.86
C GLN E 177 -55.38 27.68 -11.46
N ARG E 178 -54.15 27.88 -10.99
CA ARG E 178 -53.78 27.33 -9.69
C ARG E 178 -54.50 28.00 -8.53
N GLU E 179 -55.16 29.15 -8.75
CA GLU E 179 -56.16 29.60 -7.81
C GLU E 179 -57.18 28.52 -7.55
N ASP E 180 -57.59 27.81 -8.60
CA ASP E 180 -58.54 26.72 -8.46
C ASP E 180 -57.87 25.45 -8.00
N ILE E 181 -56.56 25.30 -8.20
CA ILE E 181 -55.85 24.27 -7.47
C ILE E 181 -55.97 24.61 -6.00
N LYS E 182 -56.18 23.58 -5.19
CA LYS E 182 -56.33 23.76 -3.76
C LYS E 182 -55.00 23.62 -3.06
N LEU E 183 -54.99 23.99 -1.78
CA LEU E 183 -53.78 23.83 -1.00
C LEU E 183 -53.40 22.36 -0.93
N LYS E 184 -54.37 21.50 -0.61
CA LYS E 184 -54.12 20.08 -0.64
C LYS E 184 -53.67 19.67 -2.03
N ASP E 185 -52.50 19.07 -2.07
CA ASP E 185 -52.00 18.42 -3.26
C ASP E 185 -51.24 17.21 -2.75
N ILE E 186 -50.48 16.52 -3.61
CA ILE E 186 -50.11 15.17 -3.24
C ILE E 186 -48.97 15.23 -2.23
N GLU E 187 -49.34 15.33 -0.94
CA GLU E 187 -48.33 15.39 0.11
C GLU E 187 -47.66 14.04 0.31
N HIS E 188 -48.22 12.98 -0.29
CA HIS E 188 -47.52 11.69 -0.31
C HIS E 188 -46.25 11.79 -1.15
N ALA E 189 -46.36 12.28 -2.39
CA ALA E 189 -45.17 12.43 -3.22
C ALA E 189 -44.21 13.45 -2.62
N LEU E 190 -44.75 14.48 -1.96
CA LEU E 190 -43.90 15.37 -1.20
C LEU E 190 -43.17 14.62 -0.11
N SER E 191 -43.83 13.68 0.55
CA SER E 191 -43.13 12.87 1.53
C SER E 191 -42.06 12.01 0.86
N VAL E 192 -42.27 11.60 -0.39
CA VAL E 192 -41.27 10.82 -1.10
C VAL E 192 -40.03 11.67 -1.39
N SER E 193 -40.24 12.86 -1.96
CA SER E 193 -39.15 13.81 -2.12
C SER E 193 -38.47 14.11 -0.79
N VAL E 194 -39.25 14.09 0.29
CA VAL E 194 -38.75 14.32 1.63
C VAL E 194 -38.29 13.02 2.29
N PHE E 195 -38.73 11.86 1.79
CA PHE E 195 -38.09 10.59 2.08
C PHE E 195 -36.95 10.29 1.11
N ASN E 196 -36.75 11.12 0.09
CA ASN E 196 -35.87 10.79 -1.02
C ASN E 196 -34.44 10.63 -0.51
N ASN E 197 -33.95 9.41 -0.45
CA ASN E 197 -32.68 9.11 0.21
C ASN E 197 -31.47 9.80 -0.41
N LYS E 198 -31.65 10.57 -1.48
CA LYS E 198 -30.73 11.65 -1.78
C LYS E 198 -30.51 12.49 -0.53
N ASN E 199 -29.29 13.02 -0.39
CA ASN E 199 -28.92 13.75 0.82
C ASN E 199 -29.86 14.93 1.08
N SER E 200 -30.29 15.61 0.01
CA SER E 200 -31.29 16.66 0.14
C SER E 200 -32.57 16.12 0.78
N GLY E 201 -33.13 15.06 0.20
CA GLY E 201 -34.34 14.48 0.76
C GLY E 201 -34.08 13.52 1.90
N PHE E 202 -32.83 13.09 2.08
CA PHE E 202 -32.53 12.15 3.16
C PHE E 202 -32.40 12.89 4.48
N TRP E 203 -31.74 14.05 4.44
CA TRP E 203 -31.77 15.04 5.50
C TRP E 203 -33.17 15.21 6.06
N HIS E 204 -34.08 15.65 5.20
CA HIS E 204 -35.46 15.85 5.62
C HIS E 204 -36.20 14.53 5.80
N SER E 205 -35.64 13.38 5.37
CA SER E 205 -36.21 12.07 5.70
C SER E 205 -36.01 11.75 7.17
N SER E 206 -34.79 11.93 7.63
CA SER E 206 -34.51 11.70 9.04
C SER E 206 -35.13 12.78 9.91
N LEU E 207 -35.37 13.98 9.37
CA LEU E 207 -36.18 14.96 10.11
C LEU E 207 -37.65 14.54 10.17
N ILE E 208 -38.19 14.05 9.05
CA ILE E 208 -39.58 13.65 8.98
C ILE E 208 -39.77 12.27 9.63
N ASP E 209 -38.71 11.73 10.25
CA ASP E 209 -38.88 10.60 11.14
C ASP E 209 -40.05 10.76 12.12
N ARG E 210 -40.39 12.00 12.49
CA ARG E 210 -41.48 12.29 13.43
C ARG E 210 -42.43 13.38 12.95
N ASN E 211 -42.42 13.72 11.65
CA ASN E 211 -42.98 14.99 11.13
C ASN E 211 -42.74 16.13 12.11
N LEU E 212 -41.48 16.37 12.43
CA LEU E 212 -41.23 17.57 13.23
C LEU E 212 -41.57 18.83 12.46
N ILE E 213 -41.67 18.76 11.13
CA ILE E 213 -42.20 19.87 10.32
C ILE E 213 -43.64 20.13 10.72
N ASP E 214 -44.03 21.40 10.65
CA ASP E 214 -45.43 21.76 10.75
C ASP E 214 -46.13 21.60 9.39
N TYR E 215 -45.74 22.42 8.41
CA TYR E 215 -46.50 22.58 7.17
C TYR E 215 -45.53 22.54 6.00
N PHE E 216 -45.72 21.58 5.10
CA PHE E 216 -45.08 21.67 3.79
C PHE E 216 -45.73 22.78 2.99
N VAL E 217 -44.91 23.58 2.31
CA VAL E 217 -45.38 24.74 1.58
C VAL E 217 -44.54 24.91 0.33
N PRO E 218 -44.97 24.42 -0.81
CA PRO E 218 -44.30 24.78 -2.06
C PRO E 218 -44.81 26.11 -2.63
N PHE E 219 -43.88 26.78 -3.30
CA PHE E 219 -44.19 27.90 -4.18
C PHE E 219 -44.29 27.40 -5.61
N LEU E 220 -44.63 28.30 -6.54
CA LEU E 220 -44.81 27.93 -7.94
C LEU E 220 -44.23 28.95 -8.90
N PRO E 221 -43.94 28.56 -10.16
CA PRO E 221 -43.38 29.52 -11.12
C PRO E 221 -44.26 30.75 -11.28
N LEU E 222 -43.67 31.91 -11.01
CA LEU E 222 -44.41 33.16 -11.13
C LEU E 222 -44.79 33.34 -12.59
N GLU E 223 -46.05 33.09 -12.88
CA GLU E 223 -46.55 33.10 -14.25
C GLU E 223 -46.34 34.47 -14.88
N TYR E 224 -46.28 34.50 -16.22
CA TYR E 224 -45.93 35.73 -16.94
C TYR E 224 -46.83 36.89 -16.58
N LYS E 225 -48.05 36.61 -16.14
CA LYS E 225 -48.83 37.66 -15.48
C LYS E 225 -48.03 38.24 -14.33
N HIS E 226 -47.41 37.40 -13.50
CA HIS E 226 -46.62 37.92 -12.38
C HIS E 226 -45.40 38.67 -12.87
N LEU E 227 -44.80 38.24 -13.98
CA LEU E 227 -43.77 39.05 -14.60
C LEU E 227 -44.30 40.44 -14.83
N LYS E 228 -45.36 40.56 -15.62
CA LYS E 228 -45.96 41.86 -15.91
C LYS E 228 -46.36 42.63 -14.65
N MET E 229 -46.70 41.92 -13.57
CA MET E 229 -46.98 42.60 -12.32
C MET E 229 -45.72 43.22 -11.74
N CYS E 230 -44.65 42.43 -11.62
CA CYS E 230 -43.38 42.95 -11.12
C CYS E 230 -42.58 43.68 -12.18
N ILE E 231 -43.19 43.99 -13.31
CA ILE E 231 -42.66 44.94 -14.28
C ILE E 231 -43.38 46.27 -14.14
N ARG E 232 -44.71 46.24 -14.22
CA ARG E 232 -45.50 47.45 -14.05
C ARG E 232 -45.29 48.04 -12.66
N VAL E 233 -45.52 47.23 -11.62
CA VAL E 233 -45.46 47.71 -10.26
C VAL E 233 -44.05 48.20 -9.92
N GLU E 234 -43.03 47.46 -10.34
CA GLU E 234 -41.68 47.84 -9.99
C GLU E 234 -41.24 49.08 -10.75
N MET E 235 -41.36 49.06 -12.08
CA MET E 235 -40.84 50.16 -12.88
C MET E 235 -41.65 51.44 -12.66
N GLN E 236 -42.95 51.31 -12.41
CA GLN E 236 -43.71 52.47 -11.96
C GLN E 236 -43.34 52.88 -10.55
N SER E 237 -42.87 51.95 -9.73
CA SER E 237 -42.40 52.29 -8.39
C SER E 237 -41.02 52.94 -8.42
N ARG E 238 -40.24 52.70 -9.48
CA ARG E 238 -38.86 53.18 -9.57
C ARG E 238 -38.72 54.46 -10.39
N GLY E 239 -39.82 55.09 -10.80
CA GLY E 239 -39.72 56.25 -11.67
C GLY E 239 -39.02 55.94 -12.97
N TYR E 240 -39.21 54.73 -13.48
CA TYR E 240 -38.43 54.19 -14.59
C TYR E 240 -38.92 54.66 -15.95
N GLU E 241 -40.16 55.16 -16.04
CA GLU E 241 -40.77 55.56 -17.30
C GLU E 241 -40.87 54.36 -18.25
N ILE E 242 -41.55 53.33 -17.78
CA ILE E 242 -41.90 52.19 -18.61
C ILE E 242 -43.16 52.52 -19.40
N ASP E 243 -43.34 51.81 -20.52
CA ASP E 243 -44.51 51.98 -21.37
C ASP E 243 -44.96 50.60 -21.86
N GLU E 244 -45.85 50.56 -22.85
CA GLU E 244 -46.45 49.30 -23.25
C GLU E 244 -45.45 48.36 -23.91
N ASP E 245 -44.66 48.89 -24.86
CA ASP E 245 -43.79 48.06 -25.68
C ASP E 245 -42.82 47.25 -24.82
N ILE E 246 -42.32 47.87 -23.75
CA ILE E 246 -41.45 47.19 -22.80
C ILE E 246 -42.14 45.95 -22.23
N VAL E 247 -43.46 45.98 -22.13
CA VAL E 247 -44.25 44.87 -21.59
C VAL E 247 -44.84 44.01 -22.70
N SER E 248 -44.65 44.38 -23.96
CA SER E 248 -44.65 43.38 -25.02
C SER E 248 -43.38 42.54 -24.95
N ARG E 249 -42.27 43.18 -24.58
CA ARG E 249 -40.99 42.50 -24.60
C ARG E 249 -40.81 41.53 -23.42
N VAL E 250 -41.73 41.52 -22.45
CA VAL E 250 -41.63 40.53 -21.38
C VAL E 250 -41.72 39.13 -21.96
N ALA E 251 -42.57 38.94 -22.97
CA ALA E 251 -42.77 37.65 -23.61
C ALA E 251 -42.17 37.57 -25.00
N GLU E 252 -42.04 38.70 -25.71
CA GLU E 252 -41.37 38.65 -27.00
C GLU E 252 -39.89 38.30 -26.86
N GLU E 253 -39.30 38.53 -25.69
CA GLU E 253 -37.86 38.42 -25.47
C GLU E 253 -37.57 37.68 -24.18
N MET E 254 -38.23 36.53 -23.98
CA MET E 254 -38.00 35.73 -22.78
C MET E 254 -38.33 34.27 -23.11
N THR E 255 -37.72 33.37 -22.35
CA THR E 255 -37.99 31.95 -22.44
C THR E 255 -38.88 31.51 -21.28
N PHE E 256 -39.87 30.70 -21.61
CA PHE E 256 -40.76 30.06 -20.64
C PHE E 256 -40.65 28.56 -20.79
N PHE E 257 -41.35 27.83 -19.90
CA PHE E 257 -41.26 26.38 -19.81
C PHE E 257 -42.66 25.78 -19.91
N PRO E 258 -42.85 24.68 -20.66
CA PRO E 258 -41.95 24.05 -21.64
C PRO E 258 -41.87 24.90 -22.87
N LYS E 259 -40.97 24.57 -23.80
CA LYS E 259 -41.00 25.22 -25.10
C LYS E 259 -42.32 25.02 -25.79
N GLU E 260 -42.88 23.81 -25.75
CA GLU E 260 -44.02 23.48 -26.58
C GLU E 260 -45.27 24.24 -26.18
N GLU E 261 -45.23 24.97 -25.06
CA GLU E 261 -46.32 25.83 -24.63
C GLU E 261 -45.82 27.23 -24.27
N ARG E 262 -44.58 27.34 -23.79
CA ARG E 262 -44.00 28.63 -23.37
C ARG E 262 -44.86 29.30 -22.30
N VAL E 263 -44.89 28.66 -21.13
CA VAL E 263 -45.81 29.07 -20.07
C VAL E 263 -45.08 29.39 -18.78
N PHE E 264 -44.48 28.38 -18.17
CA PHE E 264 -43.86 28.56 -16.87
C PHE E 264 -42.55 29.32 -17.02
N SER E 265 -42.35 30.28 -16.14
CA SER E 265 -41.21 31.18 -16.24
C SER E 265 -39.93 30.41 -15.93
N ASP E 266 -38.82 31.13 -15.95
CA ASP E 266 -37.52 30.61 -15.56
C ASP E 266 -37.04 31.32 -14.31
N LYS E 267 -37.56 32.52 -14.03
CA LYS E 267 -37.17 33.28 -12.86
C LYS E 267 -38.29 33.97 -12.14
N GLY E 268 -39.43 34.16 -12.77
CA GLY E 268 -40.39 35.09 -12.21
C GLY E 268 -39.77 36.46 -12.09
N CYS E 269 -39.77 36.98 -10.87
CA CYS E 269 -39.47 38.38 -10.59
C CYS E 269 -38.07 38.56 -10.03
N LYS E 270 -37.15 37.66 -10.39
CA LYS E 270 -35.77 37.70 -9.94
C LYS E 270 -34.87 38.44 -10.92
N THR E 271 -34.76 37.93 -12.15
CA THR E 271 -34.03 38.59 -13.20
C THR E 271 -34.87 39.59 -13.97
N VAL E 272 -36.07 39.90 -13.47
CA VAL E 272 -37.01 40.69 -14.25
C VAL E 272 -36.45 42.09 -14.48
N PHE E 273 -35.97 42.76 -13.42
CA PHE E 273 -35.64 44.17 -13.55
C PHE E 273 -34.35 44.42 -14.32
N THR E 274 -33.46 43.43 -14.37
CA THR E 274 -32.26 43.56 -15.19
C THR E 274 -32.62 43.54 -16.67
N LYS E 275 -33.41 42.55 -17.08
CA LYS E 275 -33.92 42.51 -18.43
C LYS E 275 -34.76 43.75 -18.75
N LEU E 276 -35.46 44.27 -17.76
CA LEU E 276 -36.15 45.54 -17.97
C LEU E 276 -35.18 46.67 -18.17
N ASP E 277 -34.01 46.64 -17.52
CA ASP E 277 -32.99 47.63 -17.85
C ASP E 277 -32.50 47.44 -19.29
N TYR E 278 -32.51 46.21 -19.81
CA TYR E 278 -32.30 46.08 -21.24
C TYR E 278 -33.41 46.77 -22.02
N TYR E 279 -34.64 46.71 -21.51
CA TYR E 279 -35.72 47.31 -22.27
C TYR E 279 -35.72 48.83 -22.12
N TYR E 280 -35.03 49.37 -21.11
CA TYR E 280 -34.58 50.75 -21.19
C TYR E 280 -33.61 50.89 -22.35
N ASP E 281 -32.70 49.93 -22.46
CA ASP E 281 -31.80 49.92 -23.61
C ASP E 281 -32.54 49.54 -24.88
N ASP E 282 -33.67 48.83 -24.75
CA ASP E 282 -34.62 48.58 -25.83
C ASP E 282 -33.97 48.05 -27.11
N GLY F 1 27.09 -42.30 30.63
CA GLY F 1 26.78 -42.45 29.18
C GLY F 1 27.26 -41.27 28.35
N GLN F 2 26.65 -40.11 28.57
CA GLN F 2 27.07 -38.91 27.85
C GLN F 2 28.50 -38.52 28.20
N LYS F 3 28.95 -38.88 29.39
CA LYS F 3 30.34 -38.71 29.79
C LYS F 3 31.16 -39.97 29.56
N ARG F 4 30.74 -40.82 28.62
CA ARG F 4 31.44 -42.05 28.29
C ARG F 4 31.67 -42.09 26.78
N SER F 5 32.93 -42.19 26.38
CA SER F 5 33.24 -42.58 25.01
C SER F 5 32.99 -44.08 24.86
N LEU F 6 32.18 -44.44 23.87
CA LEU F 6 31.63 -45.77 23.79
C LEU F 6 32.74 -46.78 23.53
N SER F 7 32.97 -47.66 24.49
CA SER F 7 33.88 -48.77 24.27
C SER F 7 33.21 -49.83 23.40
N ARG F 8 34.04 -50.63 22.75
CA ARG F 8 33.55 -51.64 21.81
C ARG F 8 32.67 -52.66 22.52
N GLU F 9 33.08 -53.04 23.73
CA GLU F 9 32.39 -54.08 24.48
C GLU F 9 30.94 -53.71 24.73
N ALA F 10 30.68 -52.46 25.10
CA ALA F 10 29.33 -52.05 25.43
C ALA F 10 28.40 -52.21 24.24
N LEU F 11 28.89 -51.89 23.05
CA LEU F 11 28.02 -51.87 21.88
C LEU F 11 27.84 -53.25 21.29
N GLN F 12 28.92 -54.02 21.17
CA GLN F 12 28.75 -55.39 20.73
C GLN F 12 27.91 -56.17 21.73
N LYS F 13 28.06 -55.85 23.01
CA LYS F 13 27.22 -56.43 24.04
C LYS F 13 25.75 -56.09 23.79
N ASP F 14 25.45 -54.81 23.61
CA ASP F 14 24.06 -54.39 23.46
C ASP F 14 23.43 -55.03 22.23
N LEU F 15 24.11 -54.93 21.10
CA LEU F 15 23.54 -55.47 19.86
C LEU F 15 23.41 -56.98 19.93
N ASP F 16 24.42 -57.65 20.48
CA ASP F 16 24.34 -59.10 20.63
C ASP F 16 23.24 -59.48 21.61
N ASP F 17 22.87 -58.58 22.51
CA ASP F 17 21.75 -58.87 23.42
C ASP F 17 20.43 -58.76 22.69
N ASN F 18 20.20 -57.63 22.02
CA ASN F 18 18.87 -57.29 21.54
C ASN F 18 18.70 -57.41 20.04
N LEU F 19 19.75 -57.15 19.26
CA LEU F 19 19.64 -57.21 17.82
C LEU F 19 19.69 -58.66 17.36
N PHE F 20 18.75 -59.01 16.49
CA PHE F 20 18.62 -60.36 15.95
C PHE F 20 19.12 -60.39 14.52
N GLY F 21 20.12 -61.23 14.28
CA GLY F 21 20.76 -61.26 12.99
C GLY F 21 21.53 -59.98 12.73
N GLN F 22 21.57 -59.59 11.46
CA GLN F 22 22.18 -58.33 11.05
C GLN F 22 23.64 -58.28 11.47
N HIS F 23 24.34 -59.40 11.25
CA HIS F 23 25.77 -59.47 11.50
C HIS F 23 26.51 -58.33 10.80
N LEU F 24 26.09 -57.99 9.58
CA LEU F 24 26.69 -56.90 8.86
C LEU F 24 26.60 -55.61 9.65
N ALA F 25 25.46 -55.38 10.29
CA ALA F 25 25.25 -54.10 10.93
C ALA F 25 26.06 -54.01 12.20
N LYS F 26 26.24 -55.14 12.88
CA LYS F 26 27.08 -55.17 14.07
C LYS F 26 28.53 -54.89 13.71
N LYS F 27 29.04 -55.54 12.66
CA LYS F 27 30.41 -55.30 12.22
C LYS F 27 30.60 -53.84 11.84
N ILE F 28 29.78 -53.37 10.89
CA ILE F 28 29.88 -52.00 10.39
C ILE F 28 29.82 -51.02 11.53
N ILE F 29 28.68 -51.01 12.22
CA ILE F 29 28.43 -49.99 13.23
C ILE F 29 29.53 -50.02 14.26
N LEU F 30 29.77 -51.19 14.84
CA LEU F 30 30.69 -51.33 15.95
C LEU F 30 32.06 -50.75 15.60
N ASN F 31 32.68 -51.27 14.54
CA ASN F 31 34.02 -50.81 14.22
C ASN F 31 34.01 -49.38 13.71
N ALA F 32 32.98 -49.01 12.97
CA ALA F 32 32.93 -47.69 12.34
C ALA F 32 32.86 -46.59 13.39
N VAL F 33 31.85 -46.64 14.25
CA VAL F 33 31.76 -45.60 15.27
C VAL F 33 32.92 -45.74 16.25
N PHE F 34 33.29 -46.97 16.61
CA PHE F 34 34.33 -47.16 17.61
C PHE F 34 35.66 -46.58 17.15
N GLY F 35 35.89 -46.52 15.85
CA GLY F 35 37.02 -45.79 15.32
C GLY F 35 36.72 -44.30 15.26
N PHE F 36 35.47 -43.97 14.90
CA PHE F 36 35.09 -42.58 14.71
C PHE F 36 35.06 -41.83 16.02
N ILE F 37 34.30 -42.33 16.99
CA ILE F 37 34.09 -41.59 18.22
C ILE F 37 35.39 -41.47 19.00
N ASN F 38 36.23 -42.49 18.94
CA ASN F 38 37.54 -42.42 19.58
C ASN F 38 38.51 -41.53 18.81
N ASN F 39 38.21 -41.19 17.57
CA ASN F 39 39.08 -40.32 16.80
C ASN F 39 38.86 -38.87 17.22
N PRO F 40 39.86 -38.17 17.76
CA PRO F 40 39.70 -36.73 17.98
C PRO F 40 39.77 -35.90 16.70
N LYS F 41 40.11 -36.49 15.57
CA LYS F 41 40.23 -35.79 14.30
C LYS F 41 39.58 -36.63 13.22
N PRO F 42 38.24 -36.63 13.16
CA PRO F 42 37.57 -37.45 12.15
C PRO F 42 37.82 -36.98 10.73
N LYS F 43 38.11 -35.69 10.53
CA LYS F 43 38.28 -35.00 9.26
C LYS F 43 36.93 -34.74 8.57
N LYS F 44 35.84 -35.34 9.02
CA LYS F 44 34.54 -35.21 8.41
C LYS F 44 33.50 -35.61 9.44
N PRO F 45 32.28 -35.14 9.31
CA PRO F 45 31.21 -35.73 10.10
C PRO F 45 30.87 -37.12 9.58
N LEU F 46 30.00 -37.83 10.27
CA LEU F 46 29.62 -39.20 9.92
C LEU F 46 28.43 -39.13 9.00
N THR F 47 28.62 -39.61 7.77
CA THR F 47 27.60 -39.53 6.72
C THR F 47 27.10 -40.93 6.47
N LEU F 48 26.09 -41.33 7.22
CA LEU F 48 25.55 -42.67 7.14
C LEU F 48 24.34 -42.72 6.23
N SER F 49 24.20 -43.85 5.53
CA SER F 49 23.10 -44.09 4.60
C SER F 49 22.41 -45.37 5.03
N LEU F 50 21.09 -45.38 4.96
CA LEU F 50 20.30 -46.57 5.21
C LEU F 50 19.10 -46.63 4.29
N HIS F 51 18.84 -47.82 3.79
CA HIS F 51 17.66 -48.12 3.00
C HIS F 51 17.44 -49.61 3.10
N GLY F 52 16.36 -50.09 2.46
CA GLY F 52 15.99 -51.50 2.53
C GLY F 52 14.57 -51.72 3.00
N TRP F 53 14.39 -52.78 3.77
CA TRP F 53 13.06 -53.19 4.24
C TRP F 53 12.86 -52.78 5.70
N THR F 54 11.60 -52.53 6.07
CA THR F 54 11.33 -52.03 7.41
C THR F 54 11.34 -53.14 8.45
N GLY F 55 11.11 -52.71 9.68
CA GLY F 55 10.97 -53.62 10.78
C GLY F 55 12.19 -54.45 11.06
N THR F 56 13.31 -54.12 10.44
CA THR F 56 14.60 -54.75 10.62
C THR F 56 15.41 -54.00 11.65
N GLY F 57 15.01 -52.79 11.96
CA GLY F 57 15.47 -52.08 13.12
C GLY F 57 16.18 -50.78 12.87
N LYS F 58 15.85 -50.04 11.81
CA LYS F 58 16.55 -48.80 11.54
C LYS F 58 16.34 -47.80 12.67
N ASN F 59 15.09 -47.40 12.88
CA ASN F 59 14.81 -46.49 13.98
C ASN F 59 15.09 -47.16 15.32
N PHE F 60 14.96 -48.48 15.37
CA PHE F 60 15.41 -49.27 16.51
C PHE F 60 16.89 -49.03 16.80
N VAL F 61 17.78 -49.33 15.84
CA VAL F 61 19.21 -49.23 16.13
C VAL F 61 19.62 -47.79 16.38
N SER F 62 19.08 -46.86 15.62
CA SER F 62 19.38 -45.45 15.85
C SER F 62 18.99 -45.05 17.26
N LYS F 63 17.84 -45.51 17.70
CA LYS F 63 17.43 -45.29 19.08
C LYS F 63 18.43 -45.86 20.05
N ILE F 64 18.90 -47.10 19.79
CA ILE F 64 19.78 -47.78 20.75
C ILE F 64 21.05 -46.98 20.92
N ILE F 65 21.72 -46.68 19.81
CA ILE F 65 23.00 -45.99 19.92
C ILE F 65 22.78 -44.59 20.47
N ALA F 66 21.63 -43.98 20.15
CA ALA F 66 21.31 -42.70 20.75
C ALA F 66 21.25 -42.81 22.27
N GLU F 67 20.75 -43.93 22.78
CA GLU F 67 20.68 -44.13 24.22
C GLU F 67 22.06 -44.38 24.81
N ASN F 68 22.87 -45.18 24.12
CA ASN F 68 24.20 -45.48 24.64
C ASN F 68 25.07 -44.23 24.68
N ILE F 69 24.96 -43.36 23.67
CA ILE F 69 25.74 -42.14 23.66
C ILE F 69 25.28 -41.22 24.78
N TYR F 70 24.02 -40.80 24.74
CA TYR F 70 23.43 -39.92 25.74
C TYR F 70 22.29 -40.61 26.44
N GLU F 71 22.16 -40.33 27.74
CA GLU F 71 21.03 -40.83 28.50
C GLU F 71 19.71 -40.33 27.93
N GLY F 72 19.71 -39.17 27.30
CA GLY F 72 18.50 -38.64 26.68
C GLY F 72 17.95 -39.53 25.60
N GLY F 73 18.78 -40.36 24.98
CA GLY F 73 18.34 -41.11 23.82
C GLY F 73 17.92 -40.13 22.76
N LEU F 74 16.60 -40.01 22.59
CA LEU F 74 16.02 -38.96 21.75
C LEU F 74 15.58 -37.75 22.55
N ASN F 75 15.50 -37.85 23.88
CA ASN F 75 15.11 -36.72 24.70
C ASN F 75 16.20 -35.65 24.80
N SER F 76 17.41 -35.94 24.36
CA SER F 76 18.50 -35.00 24.57
C SER F 76 18.27 -33.72 23.77
N ASP F 77 18.56 -32.59 24.43
CA ASP F 77 18.56 -31.31 23.74
C ASP F 77 19.60 -31.29 22.62
N TYR F 78 20.70 -32.02 22.80
CA TYR F 78 21.68 -32.17 21.73
C TYR F 78 21.05 -32.90 20.55
N VAL F 79 20.32 -33.98 20.83
CA VAL F 79 19.76 -34.85 19.79
C VAL F 79 18.45 -34.21 19.37
N HIS F 80 18.48 -33.51 18.24
CA HIS F 80 17.33 -32.77 17.73
C HIS F 80 16.95 -33.31 16.36
N LEU F 81 15.67 -33.64 16.20
CA LEU F 81 15.20 -34.48 15.10
C LEU F 81 14.36 -33.69 14.12
N PHE F 82 14.49 -34.08 12.85
CA PHE F 82 13.71 -33.53 11.74
C PHE F 82 13.05 -34.68 11.00
N VAL F 83 11.96 -34.33 10.30
CA VAL F 83 11.20 -35.27 9.51
C VAL F 83 10.79 -34.58 8.22
N ALA F 84 10.64 -35.36 7.15
CA ALA F 84 10.19 -34.81 5.88
C ALA F 84 8.83 -34.17 6.03
N THR F 85 7.81 -34.97 6.33
CA THR F 85 6.44 -34.52 6.16
C THR F 85 6.04 -33.55 7.26
N LEU F 86 6.35 -33.88 8.51
CA LEU F 86 5.94 -33.05 9.64
C LEU F 86 6.46 -31.63 9.55
N HIS F 87 7.65 -31.46 9.05
CA HIS F 87 8.28 -30.15 8.91
C HIS F 87 8.28 -29.66 7.48
N PHE F 88 8.58 -30.53 6.52
CA PHE F 88 8.89 -30.12 5.14
C PHE F 88 7.94 -30.77 4.14
N PRO F 89 6.65 -30.49 4.25
CA PRO F 89 5.68 -31.11 3.34
C PRO F 89 5.80 -30.68 1.89
N HIS F 90 5.81 -29.37 1.65
CA HIS F 90 5.51 -28.83 0.33
C HIS F 90 6.76 -28.33 -0.38
N ALA F 91 6.66 -28.30 -1.70
CA ALA F 91 7.65 -27.63 -2.54
C ALA F 91 7.41 -26.14 -2.66
N SER F 92 6.47 -25.58 -1.88
CA SER F 92 6.22 -24.15 -1.91
C SER F 92 7.22 -23.41 -1.05
N ASN F 93 7.38 -23.84 0.20
CA ASN F 93 8.18 -23.15 1.19
C ASN F 93 9.59 -23.70 1.28
N ILE F 94 10.16 -24.12 0.15
CA ILE F 94 11.46 -24.78 0.15
C ILE F 94 12.50 -23.86 0.76
N THR F 95 12.44 -22.57 0.44
CA THR F 95 13.47 -21.65 0.88
C THR F 95 13.43 -21.46 2.39
N LEU F 96 12.23 -21.22 2.92
CA LEU F 96 12.07 -21.13 4.36
C LEU F 96 12.57 -22.40 5.03
N TYR F 97 12.28 -23.54 4.41
CA TYR F 97 12.73 -24.80 4.96
C TYR F 97 14.25 -24.87 4.97
N LYS F 98 14.90 -24.28 3.97
CA LYS F 98 16.36 -24.31 3.93
C LYS F 98 16.95 -23.37 4.98
N ASP F 99 16.39 -22.17 5.12
CA ASP F 99 16.93 -21.22 6.07
C ASP F 99 16.71 -21.70 7.50
N GLN F 100 15.49 -22.10 7.81
CA GLN F 100 15.19 -22.70 9.12
C GLN F 100 16.09 -23.89 9.37
N LEU F 101 16.35 -24.67 8.32
CA LEU F 101 17.24 -25.82 8.46
C LEU F 101 18.62 -25.37 8.91
N GLN F 102 19.24 -24.48 8.14
CA GLN F 102 20.59 -24.01 8.45
C GLN F 102 20.68 -23.43 9.86
N LEU F 103 19.66 -22.67 10.26
CA LEU F 103 19.73 -22.01 11.55
C LEU F 103 19.56 -22.99 12.70
N TRP F 104 18.59 -23.91 12.59
CA TRP F 104 18.41 -24.91 13.63
C TRP F 104 19.65 -25.77 13.75
N ILE F 105 20.29 -26.08 12.61
CA ILE F 105 21.58 -26.76 12.63
C ILE F 105 22.56 -25.98 13.48
N ARG F 106 22.86 -24.74 13.05
CA ARG F 106 23.87 -23.93 13.72
C ARG F 106 23.60 -23.80 15.21
N GLY F 107 22.33 -23.74 15.60
CA GLY F 107 21.99 -23.70 17.01
C GLY F 107 22.46 -24.94 17.73
N ASN F 108 21.98 -26.11 17.29
CA ASN F 108 22.30 -27.33 18.04
C ASN F 108 23.78 -27.63 18.01
N VAL F 109 24.41 -27.49 16.85
CA VAL F 109 25.83 -27.81 16.76
C VAL F 109 26.66 -26.80 17.54
N SER F 110 26.25 -25.54 17.55
CA SER F 110 26.96 -24.56 18.36
C SER F 110 26.76 -24.81 19.83
N ALA F 111 25.73 -25.58 20.21
CA ALA F 111 25.71 -26.11 21.57
C ALA F 111 26.83 -27.12 21.78
N CYS F 112 27.05 -28.01 20.81
CA CYS F 112 28.13 -28.98 20.87
C CYS F 112 28.24 -29.67 19.53
N ALA F 113 29.47 -30.00 19.13
CA ALA F 113 29.69 -30.70 17.88
C ALA F 113 29.33 -32.18 17.97
N ARG F 114 29.13 -32.70 19.18
CA ARG F 114 28.70 -34.09 19.35
C ARG F 114 27.19 -34.25 19.30
N SER F 115 26.46 -33.20 18.95
CA SER F 115 25.03 -33.34 18.72
C SER F 115 24.80 -34.22 17.50
N ILE F 116 23.58 -34.77 17.41
CA ILE F 116 23.21 -35.73 16.39
C ILE F 116 21.94 -35.26 15.70
N PHE F 117 21.92 -35.41 14.38
CA PHE F 117 20.73 -35.18 13.57
C PHE F 117 20.40 -36.44 12.79
N ILE F 118 19.10 -36.70 12.64
CA ILE F 118 18.60 -37.80 11.83
C ILE F 118 17.44 -37.27 11.00
N PHE F 119 17.31 -37.81 9.80
CA PHE F 119 16.15 -37.59 8.95
C PHE F 119 15.43 -38.90 8.73
N ASP F 120 14.22 -38.80 8.19
CA ASP F 120 13.37 -39.96 7.96
C ASP F 120 12.36 -39.63 6.86
N GLU F 121 11.83 -40.68 6.25
CA GLU F 121 10.83 -40.56 5.19
C GLU F 121 11.36 -39.71 4.04
N MET F 122 12.54 -40.09 3.58
CA MET F 122 13.28 -39.31 2.60
C MET F 122 12.85 -39.59 1.16
N ASP F 123 11.72 -40.26 0.97
CA ASP F 123 11.14 -40.39 -0.35
C ASP F 123 10.30 -39.19 -0.76
N LYS F 124 10.26 -38.14 0.07
CA LYS F 124 9.34 -37.01 -0.08
C LYS F 124 10.07 -35.69 0.09
N MET F 125 11.20 -35.53 -0.60
CA MET F 125 12.09 -34.38 -0.43
C MET F 125 12.37 -33.71 -1.76
N HIS F 126 13.14 -32.61 -1.76
CA HIS F 126 13.28 -31.74 -2.92
C HIS F 126 14.68 -31.15 -2.94
N ALA F 127 15.44 -31.42 -4.02
CA ALA F 127 16.90 -31.33 -4.01
C ALA F 127 17.45 -29.96 -3.58
N GLY F 128 16.63 -28.91 -3.61
CA GLY F 128 17.03 -27.68 -2.95
C GLY F 128 17.41 -27.92 -1.51
N LEU F 129 16.74 -28.87 -0.87
CA LEU F 129 16.92 -29.17 0.54
C LEU F 129 18.16 -30.03 0.82
N ILE F 130 18.86 -30.51 -0.20
CA ILE F 130 20.27 -30.89 -0.06
C ILE F 130 21.19 -29.74 -0.43
N ASP F 131 20.76 -28.85 -1.31
CA ASP F 131 21.66 -27.79 -1.78
C ASP F 131 22.07 -26.82 -0.67
N ALA F 132 21.51 -26.93 0.53
CA ALA F 132 21.85 -26.09 1.68
C ALA F 132 22.77 -26.79 2.68
N ILE F 133 23.17 -28.02 2.42
CA ILE F 133 23.90 -28.83 3.41
C ILE F 133 25.19 -29.43 2.88
N LYS F 134 25.35 -29.60 1.57
CA LYS F 134 26.61 -30.12 1.03
C LYS F 134 27.85 -29.37 1.53
N PRO F 135 27.84 -28.04 1.65
CA PRO F 135 28.99 -27.37 2.27
C PRO F 135 29.24 -27.83 3.69
N PHE F 136 28.20 -28.12 4.46
CA PHE F 136 28.41 -28.65 5.80
C PHE F 136 29.13 -29.99 5.79
N LEU F 137 29.08 -30.71 4.67
CA LEU F 137 29.76 -31.98 4.52
C LEU F 137 31.03 -31.87 3.69
N ASP F 138 31.55 -30.67 3.48
CA ASP F 138 32.96 -30.57 3.19
C ASP F 138 33.74 -31.04 4.41
N TYR F 139 34.86 -31.69 4.13
CA TYR F 139 35.83 -32.07 5.16
C TYR F 139 36.58 -30.88 5.74
N TYR F 140 36.24 -29.64 5.34
CA TYR F 140 36.73 -28.41 5.95
C TYR F 140 36.82 -28.54 7.47
N ASP F 141 37.92 -28.04 8.04
CA ASP F 141 38.00 -28.00 9.48
C ASP F 141 36.95 -27.07 10.09
N LEU F 142 36.40 -26.15 9.31
CA LEU F 142 35.38 -25.28 9.84
C LEU F 142 34.53 -24.71 8.72
N VAL F 143 33.44 -24.06 9.15
CA VAL F 143 32.63 -23.19 8.31
C VAL F 143 32.10 -22.08 9.21
N ASP F 144 32.21 -20.84 8.76
CA ASP F 144 31.73 -19.67 9.51
C ASP F 144 32.36 -19.61 10.90
N GLY F 145 33.61 -20.04 10.99
CA GLY F 145 34.28 -20.12 12.28
C GLY F 145 33.76 -21.21 13.18
N VAL F 146 33.21 -22.29 12.63
CA VAL F 146 32.69 -23.40 13.41
C VAL F 146 33.03 -24.70 12.69
N SER F 147 33.39 -25.72 13.47
CA SER F 147 33.64 -27.06 12.94
C SER F 147 32.42 -27.94 13.15
N TYR F 148 32.17 -28.80 12.15
CA TYR F 148 31.05 -29.71 12.16
C TYR F 148 31.46 -31.17 12.05
N GLN F 149 32.76 -31.45 11.97
CA GLN F 149 33.20 -32.79 11.61
C GLN F 149 33.08 -33.79 12.77
N LYS F 150 32.71 -33.35 13.96
CA LYS F 150 32.46 -34.30 15.04
C LYS F 150 31.02 -34.81 15.02
N ALA F 151 30.09 -33.99 14.55
CA ALA F 151 28.70 -34.40 14.51
C ALA F 151 28.52 -35.52 13.49
N MET F 152 27.30 -36.06 13.46
CA MET F 152 27.02 -37.30 12.76
C MET F 152 25.64 -37.19 12.13
N PHE F 153 25.59 -37.28 10.81
CA PHE F 153 24.36 -37.15 10.05
C PHE F 153 23.96 -38.51 9.48
N ILE F 154 22.70 -38.87 9.68
CA ILE F 154 22.19 -40.22 9.42
C ILE F 154 20.89 -40.08 8.66
N PHE F 155 20.72 -40.90 7.64
CA PHE F 155 19.54 -40.87 6.78
C PHE F 155 18.83 -42.21 6.81
N LEU F 156 17.61 -42.20 6.28
CA LEU F 156 16.76 -43.38 6.25
C LEU F 156 15.94 -43.38 4.98
N SER F 157 15.60 -44.57 4.52
CA SER F 157 14.76 -44.74 3.35
C SER F 157 14.36 -46.21 3.27
N ASN F 158 13.71 -46.58 2.17
CA ASN F 158 13.46 -47.97 1.84
C ASN F 158 13.70 -48.28 0.37
N ALA F 159 14.09 -47.31 -0.44
CA ALA F 159 14.34 -47.56 -1.85
C ALA F 159 15.55 -48.48 -2.02
N GLY F 160 15.67 -49.04 -3.22
CA GLY F 160 16.69 -50.03 -3.46
C GLY F 160 16.44 -51.35 -2.79
N ALA F 161 15.27 -51.54 -2.18
CA ALA F 161 14.97 -52.80 -1.51
C ALA F 161 14.98 -53.96 -2.51
N GLU F 162 14.60 -53.71 -3.75
CA GLU F 162 14.44 -54.79 -4.71
C GLU F 162 15.76 -55.52 -4.94
N ARG F 163 16.87 -54.80 -4.87
CA ARG F 163 18.18 -55.41 -5.05
C ARG F 163 18.53 -56.31 -3.87
N ILE F 164 18.32 -55.84 -2.65
CA ILE F 164 18.66 -56.69 -1.51
C ILE F 164 17.74 -57.90 -1.47
N THR F 165 16.51 -57.77 -1.97
CA THR F 165 15.62 -58.91 -2.07
C THR F 165 16.13 -59.94 -3.07
N ASP F 166 16.25 -59.54 -4.33
CA ASP F 166 16.56 -60.53 -5.36
C ASP F 166 17.96 -61.12 -5.16
N VAL F 167 18.85 -60.35 -4.53
CA VAL F 167 20.14 -60.92 -4.13
C VAL F 167 19.95 -61.91 -2.98
N ALA F 168 19.07 -61.57 -2.04
CA ALA F 168 18.85 -62.46 -0.90
C ALA F 168 18.36 -63.82 -1.36
N LEU F 169 17.39 -63.84 -2.28
CA LEU F 169 17.00 -65.12 -2.86
C LEU F 169 18.04 -65.66 -3.81
N ASP F 170 18.94 -64.83 -4.33
CA ASP F 170 19.99 -65.37 -5.19
C ASP F 170 20.89 -66.31 -4.39
N PHE F 171 21.58 -65.76 -3.39
CA PHE F 171 22.47 -66.58 -2.60
C PHE F 171 21.68 -67.61 -1.79
N TRP F 172 20.49 -67.26 -1.33
CA TRP F 172 19.72 -68.25 -0.56
C TRP F 172 19.28 -69.40 -1.46
N ARG F 173 18.94 -69.10 -2.70
CA ARG F 173 18.69 -70.13 -3.70
C ARG F 173 19.94 -70.95 -3.97
N SER F 174 21.13 -70.39 -3.74
CA SER F 174 22.37 -71.16 -3.83
C SER F 174 22.64 -72.14 -2.69
N GLY F 175 21.68 -72.41 -1.80
CA GLY F 175 21.91 -73.27 -0.67
C GLY F 175 22.82 -72.60 0.34
N LYS F 176 22.32 -71.55 0.98
CA LYS F 176 23.16 -70.60 1.69
C LYS F 176 22.38 -69.63 2.54
N GLN F 177 23.00 -69.14 3.62
CA GLN F 177 22.39 -68.14 4.49
C GLN F 177 23.14 -66.82 4.34
N ARG F 178 22.46 -65.72 4.64
CA ARG F 178 23.08 -64.41 4.44
C ARG F 178 24.24 -64.15 5.40
N GLU F 179 24.38 -64.95 6.47
CA GLU F 179 25.65 -65.00 7.17
C GLU F 179 26.79 -65.26 6.21
N ASP F 180 26.58 -66.17 5.27
CA ASP F 180 27.59 -66.48 4.27
C ASP F 180 27.61 -65.47 3.14
N ILE F 181 26.50 -64.74 2.92
CA ILE F 181 26.60 -63.54 2.11
C ILE F 181 27.56 -62.61 2.82
N LYS F 182 28.40 -61.94 2.05
CA LYS F 182 29.38 -61.02 2.59
C LYS F 182 28.82 -59.62 2.61
N LEU F 183 29.54 -58.74 3.30
CA LEU F 183 29.14 -57.35 3.32
C LEU F 183 29.16 -56.78 1.92
N LYS F 184 30.25 -57.00 1.20
CA LYS F 184 30.31 -56.61 -0.20
C LYS F 184 29.17 -57.25 -0.95
N ASP F 185 28.36 -56.41 -1.57
CA ASP F 185 27.36 -56.86 -2.52
C ASP F 185 27.32 -55.76 -3.56
N ILE F 186 26.34 -55.77 -4.46
CA ILE F 186 26.54 -55.02 -5.69
C ILE F 186 26.29 -53.54 -5.40
N GLU F 187 27.35 -52.85 -4.94
CA GLU F 187 27.22 -51.43 -4.64
C GLU F 187 27.08 -50.60 -5.91
N HIS F 188 27.33 -51.19 -7.07
CA HIS F 188 27.02 -50.52 -8.33
C HIS F 188 25.51 -50.34 -8.48
N ALA F 189 24.74 -51.42 -8.33
CA ALA F 189 23.29 -51.28 -8.43
C ALA F 189 22.75 -50.42 -7.31
N LEU F 190 23.38 -50.47 -6.14
CA LEU F 190 23.04 -49.51 -5.09
C LEU F 190 23.29 -48.09 -5.54
N SER F 191 24.38 -47.86 -6.26
CA SER F 191 24.61 -46.53 -6.82
C SER F 191 23.54 -46.17 -7.84
N VAL F 192 23.00 -47.16 -8.55
CA VAL F 192 21.94 -46.90 -9.52
C VAL F 192 20.67 -46.46 -8.79
N SER F 193 20.24 -47.24 -7.78
CA SER F 193 19.14 -46.83 -6.92
C SER F 193 19.40 -45.46 -6.32
N VAL F 194 20.66 -45.17 -6.03
CA VAL F 194 21.07 -43.89 -5.47
C VAL F 194 21.37 -42.87 -6.55
N PHE F 195 21.60 -43.31 -7.79
CA PHE F 195 21.53 -42.43 -8.96
C PHE F 195 20.12 -42.36 -9.53
N ASN F 196 19.19 -43.13 -9.00
CA ASN F 196 17.88 -43.32 -9.62
C ASN F 196 17.14 -42.00 -9.66
N ASN F 197 17.03 -41.41 -10.85
CA ASN F 197 16.53 -40.04 -11.00
C ASN F 197 15.09 -39.84 -10.51
N LYS F 198 14.42 -40.89 -10.05
CA LYS F 198 13.34 -40.73 -9.09
C LYS F 198 13.79 -39.82 -7.96
N ASN F 199 12.85 -39.02 -7.44
CA ASN F 199 13.19 -38.02 -6.43
C ASN F 199 13.84 -38.66 -5.20
N SER F 200 13.39 -39.86 -4.82
CA SER F 200 14.04 -40.60 -3.75
C SER F 200 15.51 -40.84 -4.08
N GLY F 201 15.78 -41.45 -5.24
CA GLY F 201 17.15 -41.71 -5.63
C GLY F 201 17.83 -40.53 -6.27
N PHE F 202 17.08 -39.50 -6.67
CA PHE F 202 17.69 -38.33 -7.28
C PHE F 202 18.27 -37.40 -6.23
N TRP F 203 17.52 -37.23 -5.14
CA TRP F 203 18.02 -36.64 -3.91
C TRP F 203 19.42 -37.18 -3.57
N HIS F 204 19.49 -38.48 -3.35
CA HIS F 204 20.76 -39.11 -3.02
C HIS F 204 21.69 -39.21 -4.23
N SER F 205 21.20 -38.94 -5.46
CA SER F 205 22.08 -38.83 -6.62
C SER F 205 22.90 -37.55 -6.55
N SER F 206 22.23 -36.45 -6.29
CA SER F 206 22.93 -35.19 -6.15
C SER F 206 23.75 -35.15 -4.87
N LEU F 207 23.38 -35.92 -3.84
CA LEU F 207 24.27 -36.08 -2.70
C LEU F 207 25.50 -36.92 -3.05
N ILE F 208 25.31 -38.00 -3.80
CA ILE F 208 26.40 -38.88 -4.19
C ILE F 208 27.19 -38.26 -5.34
N ASP F 209 26.88 -37.02 -5.72
CA ASP F 209 27.77 -36.26 -6.59
C ASP F 209 29.24 -36.32 -6.14
N ARG F 210 29.50 -36.51 -4.84
CA ARG F 210 30.86 -36.57 -4.31
C ARG F 210 31.08 -37.74 -3.35
N ASN F 211 30.21 -38.76 -3.36
CA ASN F 211 30.09 -39.75 -2.27
C ASN F 211 30.29 -39.08 -0.92
N LEU F 212 29.49 -38.06 -0.61
CA LEU F 212 29.57 -37.54 0.73
C LEU F 212 29.12 -38.56 1.77
N ILE F 213 28.40 -39.60 1.36
CA ILE F 213 28.09 -40.74 2.21
C ILE F 213 29.38 -41.44 2.60
N ASP F 214 29.39 -41.97 3.83
CA ASP F 214 30.46 -42.88 4.23
C ASP F 214 30.17 -44.30 3.74
N TYR F 215 29.12 -44.92 4.26
CA TYR F 215 28.90 -46.35 4.11
C TYR F 215 27.45 -46.59 3.75
N PHE F 216 27.20 -47.19 2.59
CA PHE F 216 25.88 -47.77 2.32
C PHE F 216 25.68 -48.99 3.19
N VAL F 217 24.49 -49.09 3.77
CA VAL F 217 24.18 -50.16 4.71
C VAL F 217 22.73 -50.57 4.54
N PRO F 218 22.43 -51.62 3.77
CA PRO F 218 21.09 -52.18 3.78
C PRO F 218 20.87 -53.15 4.92
N PHE F 219 19.63 -53.18 5.38
CA PHE F 219 19.12 -54.24 6.24
C PHE F 219 18.39 -55.26 5.37
N LEU F 220 17.90 -56.34 6.03
CA LEU F 220 17.24 -57.42 5.30
C LEU F 220 16.01 -57.95 6.02
N PRO F 221 15.08 -58.61 5.31
CA PRO F 221 13.88 -59.14 5.97
C PRO F 221 14.23 -60.06 7.13
N LEU F 222 13.74 -59.70 8.31
CA LEU F 222 13.99 -60.50 9.50
C LEU F 222 13.34 -61.85 9.32
N GLU F 223 14.16 -62.85 9.02
CA GLU F 223 13.69 -64.17 8.67
C GLU F 223 12.88 -64.75 9.83
N TYR F 224 12.00 -65.71 9.52
CA TYR F 224 11.06 -66.23 10.50
C TYR F 224 11.76 -66.78 11.73
N LYS F 225 13.02 -67.18 11.61
CA LYS F 225 13.82 -67.40 12.79
C LYS F 225 13.82 -66.15 13.66
N HIS F 226 14.02 -64.97 13.05
CA HIS F 226 14.01 -63.73 13.81
C HIS F 226 12.65 -63.44 14.40
N LEU F 227 11.59 -63.79 13.67
CA LEU F 227 10.26 -63.74 14.27
C LEU F 227 10.26 -64.50 15.57
N LYS F 228 10.56 -65.80 15.50
CA LYS F 228 10.60 -66.64 16.68
C LYS F 228 11.54 -66.11 17.76
N MET F 229 12.60 -65.40 17.38
CA MET F 229 13.48 -64.79 18.37
C MET F 229 12.76 -63.65 19.08
N CYS F 230 12.17 -62.73 18.34
CA CYS F 230 11.42 -61.63 18.95
C CYS F 230 10.01 -62.02 19.35
N ILE F 231 9.71 -63.32 19.36
CA ILE F 231 8.53 -63.87 20.02
C ILE F 231 8.92 -64.49 21.35
N ARG F 232 9.89 -65.39 21.34
CA ARG F 232 10.37 -66.01 22.56
C ARG F 232 10.97 -64.96 23.48
N VAL F 233 11.94 -64.19 22.98
CA VAL F 233 12.65 -63.22 23.80
C VAL F 233 11.70 -62.16 24.33
N GLU F 234 10.81 -61.67 23.49
CA GLU F 234 9.92 -60.60 23.92
C GLU F 234 8.89 -61.12 24.91
N MET F 235 8.15 -62.16 24.54
CA MET F 235 7.07 -62.62 25.39
C MET F 235 7.58 -63.22 26.70
N GLN F 236 8.74 -63.86 26.67
CA GLN F 236 9.39 -64.25 27.91
C GLN F 236 9.92 -63.03 28.67
N SER F 237 10.23 -61.95 27.98
CA SER F 237 10.65 -60.72 28.64
C SER F 237 9.46 -59.96 29.23
N ARG F 238 8.25 -60.20 28.72
CA ARG F 238 7.06 -59.47 29.12
C ARG F 238 6.22 -60.21 30.15
N GLY F 239 6.67 -61.35 30.66
CA GLY F 239 5.84 -62.13 31.56
C GLY F 239 4.56 -62.59 30.91
N TYR F 240 4.60 -62.88 29.61
CA TYR F 240 3.43 -63.08 28.79
C TYR F 240 2.86 -64.49 28.89
N GLU F 241 3.65 -65.44 29.38
CA GLU F 241 3.27 -66.85 29.45
C GLU F 241 2.97 -67.40 28.05
N ILE F 242 3.97 -67.29 27.20
CA ILE F 242 3.93 -67.91 25.88
C ILE F 242 4.33 -69.39 26.01
N ASP F 243 3.91 -70.20 25.05
CA ASP F 243 4.24 -71.62 25.01
C ASP F 243 4.53 -72.02 23.57
N GLU F 244 4.60 -73.32 23.28
CA GLU F 244 5.04 -73.76 21.96
C GLU F 244 4.03 -73.42 20.87
N ASP F 245 2.75 -73.72 21.12
CA ASP F 245 1.73 -73.60 20.07
C ASP F 245 1.69 -72.19 19.50
N ILE F 246 1.85 -71.19 20.38
CA ILE F 246 1.90 -69.79 19.95
C ILE F 246 3.00 -69.59 18.91
N VAL F 247 4.08 -70.38 19.00
CA VAL F 247 5.21 -70.28 18.09
C VAL F 247 5.14 -71.32 16.97
N SER F 248 4.13 -72.20 17.00
CA SER F 248 3.66 -72.80 15.77
C SER F 248 2.90 -71.78 14.95
N ARG F 249 2.16 -70.91 15.63
CA ARG F 249 1.29 -69.95 14.93
C ARG F 249 2.06 -68.79 14.32
N VAL F 250 3.37 -68.66 14.57
CA VAL F 250 4.15 -67.63 13.89
C VAL F 250 4.10 -67.86 12.39
N ALA F 251 4.17 -69.11 11.96
CA ALA F 251 4.16 -69.47 10.55
C ALA F 251 2.85 -70.10 10.10
N GLU F 252 2.11 -70.75 11.01
CA GLU F 252 0.81 -71.26 10.60
C GLU F 252 -0.18 -70.14 10.28
N GLU F 253 0.05 -68.94 10.79
CA GLU F 253 -0.88 -67.82 10.72
C GLU F 253 -0.16 -66.53 10.34
N MET F 254 0.68 -66.60 9.30
CA MET F 254 1.40 -65.42 8.81
C MET F 254 1.71 -65.60 7.34
N THR F 255 1.87 -64.48 6.65
CA THR F 255 2.29 -64.45 5.26
C THR F 255 3.76 -64.10 5.16
N PHE F 256 4.47 -64.82 4.31
CA PHE F 256 5.86 -64.58 3.97
C PHE F 256 5.97 -64.34 2.47
N PHE F 257 7.19 -63.99 2.02
CA PHE F 257 7.44 -63.60 0.64
C PHE F 257 8.55 -64.47 0.06
N PRO F 258 8.44 -64.95 -1.20
CA PRO F 258 7.26 -64.96 -2.07
C PRO F 258 6.28 -65.98 -1.57
N LYS F 259 5.07 -66.02 -2.15
CA LYS F 259 4.17 -67.12 -1.88
C LYS F 259 4.79 -68.46 -2.21
N GLU F 260 5.45 -68.55 -3.35
CA GLU F 260 5.87 -69.85 -3.88
C GLU F 260 6.93 -70.51 -3.00
N GLU F 261 7.46 -69.78 -2.01
CA GLU F 261 8.39 -70.33 -1.05
C GLU F 261 7.99 -70.00 0.39
N ARG F 262 7.32 -68.86 0.60
CA ARG F 262 6.89 -68.42 1.94
C ARG F 262 8.10 -68.31 2.88
N VAL F 263 8.97 -67.35 2.57
CA VAL F 263 10.25 -67.24 3.26
C VAL F 263 10.43 -65.88 3.89
N PHE F 264 10.54 -64.85 3.06
CA PHE F 264 10.85 -63.52 3.57
C PHE F 264 9.62 -62.93 4.22
N SER F 265 9.84 -62.31 5.38
CA SER F 265 8.75 -61.81 6.20
C SER F 265 8.10 -60.63 5.51
N ASP F 266 7.10 -60.05 6.19
CA ASP F 266 6.46 -58.83 5.76
C ASP F 266 6.75 -57.71 6.76
N LYS F 267 7.08 -58.08 8.00
CA LYS F 267 7.38 -57.09 9.02
C LYS F 267 8.55 -57.42 9.91
N GLY F 268 8.99 -58.67 9.94
CA GLY F 268 9.90 -59.03 11.00
C GLY F 268 9.25 -58.81 12.36
N CYS F 269 9.92 -58.00 13.17
CA CYS F 269 9.60 -57.86 14.58
C CYS F 269 8.85 -56.57 14.88
N LYS F 270 8.10 -56.07 13.90
CA LYS F 270 7.32 -54.86 14.03
C LYS F 270 5.89 -55.13 14.47
N THR F 271 5.13 -55.88 13.66
CA THR F 271 3.79 -56.30 14.00
C THR F 271 3.78 -57.60 14.79
N VAL F 272 4.95 -58.06 15.24
CA VAL F 272 5.03 -59.39 15.82
C VAL F 272 4.20 -59.47 17.10
N PHE F 273 4.37 -58.51 18.00
CA PHE F 273 3.79 -58.64 19.34
C PHE F 273 2.28 -58.42 19.35
N THR F 274 1.75 -57.70 18.35
CA THR F 274 0.30 -57.55 18.25
C THR F 274 -0.34 -58.87 17.85
N LYS F 275 0.19 -59.50 16.81
CA LYS F 275 -0.25 -60.82 16.43
C LYS F 275 -0.05 -61.82 17.55
N LEU F 276 1.02 -61.65 18.33
CA LEU F 276 1.18 -62.49 19.50
C LEU F 276 0.10 -62.22 20.53
N ASP F 277 -0.38 -60.98 20.64
CA ASP F 277 -1.54 -60.75 21.49
C ASP F 277 -2.77 -61.45 20.93
N TYR F 278 -2.86 -61.61 19.60
CA TYR F 278 -3.89 -62.51 19.11
C TYR F 278 -3.65 -63.93 19.59
N TYR F 279 -2.40 -64.35 19.68
CA TYR F 279 -2.15 -65.72 20.09
C TYR F 279 -2.35 -65.89 21.59
N TYR F 280 -2.33 -64.80 22.36
CA TYR F 280 -2.98 -64.83 23.67
C TYR F 280 -4.46 -65.07 23.49
N ASP F 281 -5.06 -64.39 22.50
CA ASP F 281 -6.44 -64.65 22.18
C ASP F 281 -6.61 -66.00 21.50
N ASP F 282 -5.54 -66.51 20.87
CA ASP F 282 -5.44 -67.87 20.37
C ASP F 282 -6.63 -68.29 19.51
N GLY G 1 -47.90 18.83 46.75
CA GLY G 1 -47.44 17.85 45.73
C GLY G 1 -46.17 17.14 46.15
N GLN G 2 -45.06 17.89 46.21
CA GLN G 2 -43.79 17.31 46.64
C GLN G 2 -43.86 16.82 48.08
N LYS G 3 -44.73 17.42 48.90
CA LYS G 3 -45.00 16.95 50.24
C LYS G 3 -46.22 16.04 50.28
N ARG G 4 -46.55 15.39 49.17
CA ARG G 4 -47.69 14.48 49.08
C ARG G 4 -47.22 13.15 48.51
N SER G 5 -47.42 12.07 49.26
CA SER G 5 -47.32 10.75 48.68
C SER G 5 -48.56 10.50 47.85
N LEU G 6 -48.36 10.12 46.59
CA LEU G 6 -49.43 10.13 45.60
C LEU G 6 -50.47 9.08 45.96
N SER G 7 -51.67 9.52 46.29
CA SER G 7 -52.78 8.61 46.47
C SER G 7 -53.28 8.12 45.11
N ARG G 8 -53.94 6.97 45.13
CA ARG G 8 -54.39 6.34 43.91
C ARG G 8 -55.41 7.21 43.19
N GLU G 9 -56.29 7.85 43.97
CA GLU G 9 -57.37 8.64 43.39
C GLU G 9 -56.83 9.76 42.53
N ALA G 10 -55.78 10.44 42.99
CA ALA G 10 -55.27 11.58 42.25
C ALA G 10 -54.78 11.16 40.87
N LEU G 11 -54.14 9.99 40.78
CA LEU G 11 -53.51 9.60 39.53
C LEU G 11 -54.51 8.97 38.57
N GLN G 12 -55.38 8.10 39.07
CA GLN G 12 -56.43 7.59 38.20
C GLN G 12 -57.33 8.72 37.75
N LYS G 13 -57.55 9.70 38.62
CA LYS G 13 -58.28 10.89 38.25
C LYS G 13 -57.59 11.62 37.11
N ASP G 14 -56.30 11.91 37.27
CA ASP G 14 -55.58 12.69 36.26
C ASP G 14 -55.57 11.98 34.91
N LEU G 15 -55.20 10.70 34.92
CA LEU G 15 -55.11 9.96 33.67
C LEU G 15 -56.48 9.81 33.03
N ASP G 16 -57.50 9.50 33.83
CA ASP G 16 -58.85 9.41 33.29
C ASP G 16 -59.35 10.75 32.78
N ASP G 17 -58.78 11.85 33.28
CA ASP G 17 -59.15 13.16 32.74
C ASP G 17 -58.52 13.38 31.39
N ASN G 18 -57.20 13.22 31.29
CA ASN G 18 -56.45 13.69 30.15
C ASN G 18 -55.97 12.58 29.24
N LEU G 19 -55.64 11.41 29.77
CA LEU G 19 -55.14 10.32 28.94
C LEU G 19 -56.29 9.66 28.22
N PHE G 20 -56.10 9.47 26.92
CA PHE G 20 -57.09 8.87 26.04
C PHE G 20 -56.69 7.44 25.70
N GLY G 21 -57.57 6.49 26.04
CA GLY G 21 -57.25 5.10 25.91
C GLY G 21 -56.15 4.70 26.86
N GLN G 22 -55.33 3.74 26.40
CA GLN G 22 -54.16 3.30 27.15
C GLN G 22 -54.56 2.78 28.53
N HIS G 23 -55.63 1.98 28.54
CA HIS G 23 -56.09 1.32 29.76
C HIS G 23 -54.95 0.56 30.43
N LEU G 24 -54.10 -0.09 29.62
CA LEU G 24 -52.96 -0.81 30.14
C LEU G 24 -52.07 0.12 30.95
N ALA G 25 -51.86 1.33 30.47
CA ALA G 25 -50.90 2.21 31.10
C ALA G 25 -51.46 2.74 32.40
N LYS G 26 -52.78 2.95 32.45
CA LYS G 26 -53.41 3.39 33.68
C LYS G 26 -53.31 2.31 34.74
N LYS G 27 -53.63 1.06 34.37
CA LYS G 27 -53.52 -0.05 35.33
C LYS G 27 -52.09 -0.19 35.84
N ILE G 28 -51.15 -0.36 34.91
CA ILE G 28 -49.74 -0.55 35.24
C ILE G 28 -49.26 0.57 36.13
N ILE G 29 -49.28 1.79 35.59
CA ILE G 29 -48.68 2.92 36.27
C ILE G 29 -49.31 3.07 37.64
N LEU G 30 -50.64 3.17 37.66
CA LEU G 30 -51.35 3.47 38.90
C LEU G 30 -50.99 2.49 40.00
N ASN G 31 -51.19 1.20 39.76
CA ASN G 31 -50.92 0.25 40.84
C ASN G 31 -49.43 0.12 41.12
N ALA G 32 -48.61 0.22 40.07
CA ALA G 32 -47.19 0.01 40.22
C ALA G 32 -46.55 1.08 41.10
N VAL G 33 -46.71 2.35 40.73
CA VAL G 33 -46.13 3.39 41.56
C VAL G 33 -46.85 3.45 42.90
N PHE G 34 -48.18 3.28 42.89
CA PHE G 34 -48.94 3.42 44.13
C PHE G 34 -48.51 2.39 45.17
N GLY G 35 -48.02 1.24 44.72
CA GLY G 35 -47.39 0.30 45.62
C GLY G 35 -45.95 0.71 45.92
N PHE G 36 -45.27 1.22 44.89
CA PHE G 36 -43.86 1.56 45.03
C PHE G 36 -43.66 2.76 45.94
N ILE G 37 -44.33 3.88 45.62
CA ILE G 37 -44.07 5.11 46.36
C ILE G 37 -44.51 4.97 47.80
N ASN G 38 -45.58 4.24 48.05
CA ASN G 38 -46.02 3.98 49.41
C ASN G 38 -45.12 2.98 50.13
N ASN G 39 -44.30 2.23 49.40
CA ASN G 39 -43.40 1.28 50.04
C ASN G 39 -42.20 2.02 50.62
N PRO G 40 -41.98 1.99 51.93
CA PRO G 40 -40.71 2.53 52.46
C PRO G 40 -39.50 1.65 52.20
N LYS G 41 -39.69 0.43 51.68
CA LYS G 41 -38.60 -0.49 51.42
C LYS G 41 -38.83 -1.11 50.04
N PRO G 42 -38.54 -0.37 48.98
CA PRO G 42 -38.77 -0.93 47.64
C PRO G 42 -37.87 -2.11 47.31
N LYS G 43 -36.69 -2.18 47.92
CA LYS G 43 -35.62 -3.15 47.69
C LYS G 43 -34.86 -2.85 46.39
N LYS G 44 -35.35 -1.97 45.54
CA LYS G 44 -34.73 -1.65 44.26
C LYS G 44 -35.27 -0.31 43.80
N PRO G 45 -34.54 0.39 42.96
CA PRO G 45 -35.16 1.53 42.29
C PRO G 45 -36.16 1.05 41.25
N LEU G 46 -36.88 1.99 40.63
CA LEU G 46 -37.91 1.67 39.66
C LEU G 46 -37.27 1.66 38.29
N THR G 47 -37.28 0.50 37.65
CA THR G 47 -36.61 0.28 36.37
C THR G 47 -37.70 0.11 35.31
N LEU G 48 -38.12 1.23 34.75
CA LEU G 48 -39.21 1.23 33.78
C LEU G 48 -38.67 1.21 32.36
N SER G 49 -39.39 0.53 31.48
CA SER G 49 -39.05 0.41 30.07
C SER G 49 -40.23 0.90 29.25
N LEU G 50 -39.94 1.62 28.18
CA LEU G 50 -40.96 2.05 27.24
C LEU G 50 -40.41 2.03 25.82
N HIS G 51 -41.27 1.56 24.93
CA HIS G 51 -41.00 1.58 23.50
C HIS G 51 -42.34 1.50 22.80
N GLY G 52 -42.33 1.55 21.47
CA GLY G 52 -43.54 1.55 20.68
C GLY G 52 -43.63 2.71 19.71
N TRP G 53 -44.85 3.23 19.55
CA TRP G 53 -45.12 4.30 18.61
C TRP G 53 -45.25 5.64 19.31
N THR G 54 -44.91 6.73 18.61
CA THR G 54 -44.90 8.03 19.25
C THR G 54 -46.29 8.63 19.35
N GLY G 55 -46.31 9.81 19.95
CA GLY G 55 -47.52 10.59 20.03
C GLY G 55 -48.62 9.94 20.82
N THR G 56 -48.32 8.84 21.51
CA THR G 56 -49.22 8.11 22.37
C THR G 56 -49.10 8.58 23.79
N GLY G 57 -48.01 9.28 24.09
CA GLY G 57 -47.90 10.07 25.29
C GLY G 57 -46.77 9.70 26.21
N LYS G 58 -45.65 9.20 25.71
CA LYS G 58 -44.56 8.82 26.60
C LYS G 58 -44.03 10.02 27.36
N ASN G 59 -43.49 11.00 26.65
CA ASN G 59 -43.02 12.20 27.32
C ASN G 59 -44.18 12.96 27.95
N PHE G 60 -45.37 12.82 27.37
CA PHE G 60 -46.60 13.30 28.00
C PHE G 60 -46.80 12.70 29.38
N VAL G 61 -46.88 11.37 29.49
CA VAL G 61 -47.21 10.77 30.79
C VAL G 61 -46.08 11.00 31.79
N SER G 62 -44.83 10.90 31.33
CA SER G 62 -43.71 11.16 32.21
C SER G 62 -43.78 12.57 32.75
N LYS G 63 -44.13 13.53 31.89
CA LYS G 63 -44.35 14.89 32.35
C LYS G 63 -45.45 14.94 33.40
N ILE G 64 -46.56 14.24 33.17
CA ILE G 64 -47.71 14.34 34.07
C ILE G 64 -47.31 13.87 35.45
N ILE G 65 -46.76 12.67 35.54
CA ILE G 65 -46.43 12.13 36.85
C ILE G 65 -45.33 12.96 37.48
N ALA G 66 -44.42 13.50 36.67
CA ALA G 66 -43.42 14.41 37.19
C ALA G 66 -44.07 15.62 37.85
N GLU G 67 -45.19 16.09 37.29
CA GLU G 67 -45.88 17.23 37.88
C GLU G 67 -46.61 16.83 39.15
N ASN G 68 -47.24 15.65 39.15
CA ASN G 68 -47.97 15.23 40.32
C ASN G 68 -47.03 14.99 41.49
N ILE G 69 -45.86 14.42 41.24
CA ILE G 69 -44.90 14.19 42.32
C ILE G 69 -44.39 15.51 42.85
N TYR G 70 -43.73 16.30 42.00
CA TYR G 70 -43.19 17.60 42.37
C TYR G 70 -43.85 18.70 41.56
N GLU G 71 -44.05 19.84 42.21
CA GLU G 71 -44.55 21.02 41.51
C GLU G 71 -43.63 21.44 40.38
N GLY G 72 -42.32 21.17 40.52
CA GLY G 72 -41.39 21.49 39.46
C GLY G 72 -41.68 20.79 38.15
N GLY G 73 -42.36 19.66 38.19
CA GLY G 73 -42.52 18.87 37.00
C GLY G 73 -41.15 18.47 36.49
N LEU G 74 -40.71 19.13 35.43
CA LEU G 74 -39.34 19.01 34.96
C LEU G 74 -38.45 20.14 35.46
N ASN G 75 -39.01 21.20 36.02
CA ASN G 75 -38.22 22.30 36.56
C ASN G 75 -37.50 21.94 37.85
N SER G 76 -37.85 20.83 38.49
CA SER G 76 -37.29 20.52 39.79
C SER G 76 -35.79 20.28 39.71
N ASP G 77 -35.08 20.83 40.68
CA ASP G 77 -33.65 20.53 40.82
C ASP G 77 -33.43 19.05 41.10
N TYR G 78 -34.37 18.41 41.77
CA TYR G 78 -34.33 16.96 41.94
C TYR G 78 -34.42 16.26 40.59
N VAL G 79 -35.35 16.71 39.75
CA VAL G 79 -35.63 16.05 38.48
C VAL G 79 -34.64 16.63 37.47
N HIS G 80 -33.58 15.86 37.21
CA HIS G 80 -32.50 16.27 36.34
C HIS G 80 -32.41 15.32 35.16
N LEU G 81 -32.38 15.88 33.94
CA LEU G 81 -32.63 15.14 32.72
C LEU G 81 -31.38 15.00 31.87
N PHE G 82 -31.29 13.85 31.21
CA PHE G 82 -30.24 13.56 30.26
C PHE G 82 -30.85 13.13 28.93
N VAL G 83 -30.06 13.29 27.86
CA VAL G 83 -30.47 12.94 26.51
C VAL G 83 -29.27 12.30 25.83
N ALA G 84 -29.56 11.40 24.89
CA ALA G 84 -28.51 10.77 24.11
C ALA G 84 -27.70 11.82 23.36
N THR G 85 -28.34 12.50 22.41
CA THR G 85 -27.58 13.26 21.42
C THR G 85 -27.03 14.54 22.01
N LEU G 86 -27.85 15.29 22.77
CA LEU G 86 -27.44 16.56 23.32
C LEU G 86 -26.22 16.46 24.21
N HIS G 87 -26.12 15.40 24.96
CA HIS G 87 -25.02 15.17 25.87
C HIS G 87 -24.04 14.13 25.36
N PHE G 88 -24.52 13.03 24.79
CA PHE G 88 -23.72 11.85 24.51
C PHE G 88 -23.74 11.51 23.02
N PRO G 89 -23.25 12.41 22.17
CA PRO G 89 -23.28 12.14 20.73
C PRO G 89 -22.38 11.01 20.27
N HIS G 90 -21.11 11.06 20.65
CA HIS G 90 -20.07 10.31 19.97
C HIS G 90 -19.61 9.11 20.77
N ALA G 91 -19.07 8.13 20.06
CA ALA G 91 -18.35 7.03 20.67
C ALA G 91 -16.90 7.36 20.99
N SER G 92 -16.50 8.62 20.85
CA SER G 92 -15.14 9.02 21.17
C SER G 92 -14.99 9.25 22.67
N ASN G 93 -15.88 10.05 23.24
CA ASN G 93 -15.78 10.50 24.63
C ASN G 93 -16.60 9.63 25.56
N ILE G 94 -16.68 8.32 25.29
CA ILE G 94 -17.54 7.43 26.06
C ILE G 94 -17.14 7.47 27.53
N THR G 95 -15.85 7.51 27.80
CA THR G 95 -15.38 7.41 29.18
C THR G 95 -15.76 8.66 29.96
N LEU G 96 -15.50 9.83 29.38
CA LEU G 96 -15.92 11.08 30.00
C LEU G 96 -17.42 11.06 30.23
N TYR G 97 -18.17 10.53 29.29
CA TYR G 97 -19.60 10.47 29.43
C TYR G 97 -19.98 9.55 30.59
N LYS G 98 -19.21 8.50 30.83
CA LYS G 98 -19.50 7.61 31.95
C LYS G 98 -19.17 8.27 33.27
N ASP G 99 -18.02 8.93 33.35
CA ASP G 99 -17.61 9.54 34.62
C ASP G 99 -18.54 10.69 34.98
N GLN G 100 -18.78 11.59 34.02
CA GLN G 100 -19.74 12.67 34.21
C GLN G 100 -21.10 12.12 34.59
N LEU G 101 -21.46 10.99 33.98
CA LEU G 101 -22.73 10.36 34.31
C LEU G 101 -22.78 9.98 35.78
N GLN G 102 -21.81 9.19 36.22
CA GLN G 102 -21.77 8.72 37.60
C GLN G 102 -21.79 9.89 38.58
N LEU G 103 -21.04 10.95 38.28
CA LEU G 103 -20.94 12.05 39.22
C LEU G 103 -22.23 12.86 39.29
N TRP G 104 -22.80 13.17 38.13
CA TRP G 104 -24.06 13.90 38.11
C TRP G 104 -25.16 13.10 38.82
N ILE G 105 -25.14 11.77 38.64
CA ILE G 105 -26.03 10.90 39.40
C ILE G 105 -25.83 11.14 40.89
N ARG G 106 -24.61 10.87 41.38
CA ARG G 106 -24.32 10.95 42.81
C ARG G 106 -24.70 12.31 43.38
N GLY G 107 -24.54 13.37 42.61
CA GLY G 107 -24.96 14.68 43.04
C GLY G 107 -26.45 14.73 43.30
N ASN G 108 -27.24 14.45 42.28
CA ASN G 108 -28.69 14.62 42.43
C ASN G 108 -29.25 13.67 43.47
N VAL G 109 -28.82 12.41 43.44
CA VAL G 109 -29.37 11.44 44.38
C VAL G 109 -28.91 11.77 45.80
N SER G 110 -27.69 12.25 45.95
CA SER G 110 -27.24 12.65 47.28
C SER G 110 -27.97 13.88 47.76
N ALA G 111 -28.61 14.64 46.86
CA ALA G 111 -29.59 15.61 47.32
C ALA G 111 -30.81 14.93 47.91
N CYS G 112 -31.29 13.87 47.25
CA CYS G 112 -32.41 13.08 47.77
C CYS G 112 -32.58 11.83 46.93
N ALA G 113 -32.98 10.74 47.57
CA ALA G 113 -33.19 9.50 46.85
C ALA G 113 -34.49 9.50 46.07
N ARG G 114 -35.37 10.46 46.30
CA ARG G 114 -36.60 10.59 45.54
C ARG G 114 -36.41 11.41 44.27
N SER G 115 -35.19 11.77 43.92
CA SER G 115 -34.94 12.39 42.63
C SER G 115 -35.24 11.41 41.51
N ILE G 116 -35.45 11.96 40.31
CA ILE G 116 -35.88 11.19 39.15
C ILE G 116 -34.93 11.48 38.00
N PHE G 117 -34.57 10.43 37.26
CA PHE G 117 -33.83 10.54 36.02
C PHE G 117 -34.62 9.88 34.91
N ILE G 118 -34.54 10.47 33.72
CA ILE G 118 -35.12 9.92 32.50
C ILE G 118 -34.10 10.06 31.38
N PHE G 119 -34.11 9.09 30.48
CA PHE G 119 -33.36 9.14 29.25
C PHE G 119 -34.33 9.15 28.06
N ASP G 120 -33.78 9.45 26.89
CA ASP G 120 -34.58 9.56 25.69
C ASP G 120 -33.66 9.35 24.48
N GLU G 121 -34.28 8.98 23.35
CA GLU G 121 -33.58 8.76 22.10
C GLU G 121 -32.49 7.71 22.27
N MET G 122 -32.91 6.58 22.81
CA MET G 122 -31.99 5.51 23.20
C MET G 122 -31.62 4.59 22.05
N ASP G 123 -31.91 4.99 20.82
CA ASP G 123 -31.43 4.25 19.66
C ASP G 123 -30.02 4.67 19.26
N LYS G 124 -29.38 5.54 20.03
CA LYS G 124 -28.10 6.16 19.67
C LYS G 124 -27.12 6.13 20.82
N MET G 125 -26.94 4.95 21.42
CA MET G 125 -26.15 4.78 22.63
C MET G 125 -25.10 3.69 22.44
N HIS G 126 -24.26 3.45 23.46
CA HIS G 126 -23.07 2.62 23.33
C HIS G 126 -22.81 1.90 24.65
N ALA G 127 -22.81 0.56 24.60
CA ALA G 127 -23.03 -0.28 25.78
C ALA G 127 -22.06 -0.02 26.94
N GLY G 128 -20.94 0.65 26.68
CA GLY G 128 -20.15 1.16 27.78
C GLY G 128 -20.97 2.03 28.70
N LEU G 129 -21.94 2.75 28.14
CA LEU G 129 -22.77 3.69 28.87
C LEU G 129 -23.90 3.01 29.65
N ILE G 130 -24.10 1.71 29.51
CA ILE G 130 -24.78 0.93 30.54
C ILE G 130 -23.79 0.30 31.51
N ASP G 131 -22.56 0.03 31.07
CA ASP G 131 -21.61 -0.65 31.94
C ASP G 131 -21.23 0.15 33.19
N ALA G 132 -21.66 1.42 33.29
CA ALA G 132 -21.39 2.26 34.45
C ALA G 132 -22.58 2.37 35.40
N ILE G 133 -23.69 1.70 35.12
CA ILE G 133 -24.93 1.90 35.88
C ILE G 133 -25.55 0.61 36.40
N LYS G 134 -25.25 -0.55 35.81
CA LYS G 134 -25.77 -1.81 36.33
C LYS G 134 -25.52 -2.01 37.82
N PRO G 135 -24.37 -1.66 38.38
CA PRO G 135 -24.23 -1.72 39.84
C PRO G 135 -25.22 -0.84 40.58
N PHE G 136 -25.57 0.32 40.02
CA PHE G 136 -26.58 1.16 40.65
C PHE G 136 -27.93 0.46 40.70
N LEU G 137 -28.15 -0.52 39.84
CA LEU G 137 -29.39 -1.28 39.82
C LEU G 137 -29.25 -2.65 40.44
N ASP G 138 -28.18 -2.90 41.20
CA ASP G 138 -28.27 -3.94 42.19
C ASP G 138 -29.30 -3.54 43.23
N TYR G 139 -30.03 -4.53 43.72
CA TYR G 139 -30.94 -4.37 44.84
C TYR G 139 -30.23 -4.13 46.17
N TYR G 140 -28.90 -4.01 46.18
CA TYR G 140 -28.11 -3.59 47.33
C TYR G 140 -28.81 -2.47 48.10
N ASP G 141 -28.79 -2.58 49.43
CA ASP G 141 -29.30 -1.48 50.23
C ASP G 141 -28.47 -0.22 50.06
N LEU G 142 -27.23 -0.33 49.59
CA LEU G 142 -26.43 0.86 49.38
C LEU G 142 -25.32 0.60 48.38
N VAL G 143 -24.68 1.69 47.98
CA VAL G 143 -23.41 1.69 47.26
C VAL G 143 -22.64 2.91 47.72
N ASP G 144 -21.37 2.73 48.04
CA ASP G 144 -20.50 3.82 48.47
C ASP G 144 -21.08 4.55 49.69
N GLY G 145 -21.77 3.80 50.54
CA GLY G 145 -22.44 4.40 51.67
C GLY G 145 -23.66 5.22 51.31
N VAL G 146 -24.33 4.89 50.19
CA VAL G 146 -25.52 5.60 49.75
C VAL G 146 -26.49 4.59 49.16
N SER G 147 -27.78 4.79 49.45
CA SER G 147 -28.86 3.99 48.88
C SER G 147 -29.48 4.69 47.70
N TYR G 148 -29.83 3.89 46.69
CA TYR G 148 -30.44 4.39 45.46
C TYR G 148 -31.81 3.79 45.19
N GLN G 149 -32.30 2.90 46.05
CA GLN G 149 -33.47 2.11 45.72
C GLN G 149 -34.77 2.89 45.81
N LYS G 150 -34.74 4.14 46.29
CA LYS G 150 -35.95 4.95 46.26
C LYS G 150 -36.11 5.67 44.93
N ALA G 151 -35.01 6.02 44.28
CA ALA G 151 -35.08 6.72 43.01
C ALA G 151 -35.70 5.83 41.95
N MET G 152 -35.92 6.41 40.78
CA MET G 152 -36.72 5.80 39.74
C MET G 152 -36.10 6.13 38.39
N PHE G 153 -35.69 5.10 37.66
CA PHE G 153 -35.04 5.26 36.37
C PHE G 153 -35.97 4.78 35.27
N ILE G 154 -36.13 5.62 34.24
CA ILE G 154 -37.14 5.46 33.22
C ILE G 154 -36.47 5.65 31.87
N PHE G 155 -36.81 4.79 30.91
CA PHE G 155 -36.22 4.82 29.58
C PHE G 155 -37.30 5.01 28.53
N LEU G 156 -36.85 5.31 27.32
CA LEU G 156 -37.73 5.57 26.20
C LEU G 156 -37.08 5.05 24.92
N SER G 157 -37.94 4.67 23.97
CA SER G 157 -37.48 4.20 22.68
C SER G 157 -38.70 4.11 21.76
N ASN G 158 -38.49 3.55 20.59
CA ASN G 158 -39.58 3.17 19.70
C ASN G 158 -39.36 1.82 19.04
N ALA G 159 -38.27 1.13 19.31
CA ALA G 159 -38.02 -0.16 18.71
C ALA G 159 -39.03 -1.19 19.22
N GLY G 160 -39.11 -2.30 18.51
CA GLY G 160 -40.12 -3.29 18.81
C GLY G 160 -41.53 -2.87 18.46
N ALA G 161 -41.69 -1.73 17.78
CA ALA G 161 -43.02 -1.27 17.39
C ALA G 161 -43.70 -2.26 16.46
N GLU G 162 -42.93 -2.98 15.64
CA GLU G 162 -43.52 -3.85 14.64
C GLU G 162 -44.37 -4.95 15.28
N ARG G 163 -43.96 -5.40 16.46
CA ARG G 163 -44.72 -6.43 17.17
C ARG G 163 -46.05 -5.89 17.68
N ILE G 164 -46.03 -4.71 18.30
CA ILE G 164 -47.29 -4.19 18.81
C ILE G 164 -48.22 -3.84 17.65
N THR G 165 -47.66 -3.49 16.49
CA THR G 165 -48.48 -3.25 15.31
C THR G 165 -49.15 -4.54 14.83
N ASP G 166 -48.34 -5.53 14.44
CA ASP G 166 -48.92 -6.71 13.81
C ASP G 166 -49.81 -7.47 14.78
N VAL G 167 -49.54 -7.37 16.08
CA VAL G 167 -50.45 -7.92 17.07
C VAL G 167 -51.73 -7.09 17.11
N ALA G 168 -51.61 -5.77 17.02
CA ALA G 168 -52.78 -4.91 17.08
C ALA G 168 -53.75 -5.24 15.94
N LEU G 169 -53.23 -5.40 14.73
CA LEU G 169 -54.09 -5.87 13.65
C LEU G 169 -54.44 -7.33 13.80
N ASP G 170 -53.68 -8.11 14.55
CA ASP G 170 -54.07 -9.50 14.74
C ASP G 170 -55.39 -9.59 15.49
N PHE G 171 -55.39 -9.10 16.73
CA PHE G 171 -56.63 -9.16 17.51
C PHE G 171 -57.70 -8.26 16.91
N TRP G 172 -57.31 -7.12 16.32
CA TRP G 172 -58.32 -6.25 15.74
C TRP G 172 -58.95 -6.91 14.52
N ARG G 173 -58.15 -7.63 13.74
CA ARG G 173 -58.66 -8.48 12.67
C ARG G 173 -59.56 -9.58 13.20
N SER G 174 -59.37 -9.98 14.45
CA SER G 174 -60.29 -10.93 15.09
C SER G 174 -61.66 -10.38 15.50
N GLY G 175 -62.03 -9.18 15.07
CA GLY G 175 -63.29 -8.59 15.49
C GLY G 175 -63.24 -8.20 16.95
N LYS G 176 -62.43 -7.20 17.28
CA LYS G 176 -62.00 -6.97 18.65
C LYS G 176 -61.27 -5.64 18.83
N GLN G 177 -61.36 -5.07 20.03
CA GLN G 177 -60.65 -3.84 20.37
C GLN G 177 -59.56 -4.15 21.39
N ARG G 178 -58.52 -3.30 21.42
CA ARG G 178 -57.40 -3.58 22.30
C ARG G 178 -57.75 -3.45 23.77
N GLU G 179 -58.90 -2.85 24.11
CA GLU G 179 -59.46 -3.06 25.44
C GLU G 179 -59.57 -4.54 25.75
N ASP G 180 -60.01 -5.32 24.78
CA ASP G 180 -60.12 -6.76 24.95
C ASP G 180 -58.78 -7.46 24.79
N ILE G 181 -57.82 -6.86 24.09
CA ILE G 181 -56.45 -7.32 24.22
C ILE G 181 -56.06 -7.14 25.68
N LYS G 182 -55.35 -8.12 26.20
CA LYS G 182 -54.91 -8.10 27.59
C LYS G 182 -53.54 -7.49 27.69
N LEU G 183 -53.14 -7.20 28.93
CA LEU G 183 -51.81 -6.69 29.14
C LEU G 183 -50.78 -7.68 28.69
N LYS G 184 -50.94 -8.95 29.10
CA LYS G 184 -50.06 -9.99 28.61
C LYS G 184 -50.14 -10.04 27.09
N ASP G 185 -48.99 -9.89 26.46
CA ASP G 185 -48.84 -10.14 25.05
C ASP G 185 -47.44 -10.73 24.92
N ILE G 186 -46.92 -10.85 23.70
CA ILE G 186 -45.82 -11.78 23.53
C ILE G 186 -44.53 -11.13 24.05
N GLU G 187 -44.30 -11.26 25.36
CA GLU G 187 -43.10 -10.68 25.95
C GLU G 187 -41.84 -11.43 25.53
N HIS G 188 -42.00 -12.61 24.91
CA HIS G 188 -40.87 -13.29 24.30
C HIS G 188 -40.34 -12.49 23.13
N ALA G 189 -41.20 -12.12 22.19
CA ALA G 189 -40.76 -11.32 21.05
C ALA G 189 -40.28 -9.95 21.50
N LEU G 190 -40.90 -9.40 22.57
CA LEU G 190 -40.35 -8.20 23.17
C LEU G 190 -38.94 -8.45 23.68
N SER G 191 -38.69 -9.61 24.27
CA SER G 191 -37.32 -9.92 24.68
C SER G 191 -36.40 -10.03 23.47
N VAL G 192 -36.93 -10.45 22.32
CA VAL G 192 -36.11 -10.54 21.11
C VAL G 192 -35.73 -9.14 20.64
N SER G 193 -36.72 -8.24 20.52
CA SER G 193 -36.44 -6.84 20.23
C SER G 193 -35.48 -6.25 21.25
N VAL G 194 -35.58 -6.72 22.50
CA VAL G 194 -34.72 -6.28 23.57
C VAL G 194 -33.45 -7.11 23.65
N PHE G 195 -33.43 -8.30 23.05
CA PHE G 195 -32.19 -9.02 22.75
C PHE G 195 -31.62 -8.61 21.39
N ASN G 196 -32.34 -7.79 20.63
CA ASN G 196 -32.01 -7.56 19.24
C ASN G 196 -30.64 -6.90 19.13
N ASN G 197 -29.64 -7.65 18.69
CA ASN G 197 -28.25 -7.20 18.74
C ASN G 197 -27.96 -5.94 17.93
N LYS G 198 -28.95 -5.38 17.24
CA LYS G 198 -28.93 -3.96 16.93
C LYS G 198 -28.62 -3.17 18.18
N ASN G 199 -27.90 -2.05 18.00
CA ASN G 199 -27.44 -1.27 19.15
C ASN G 199 -28.61 -0.81 20.03
N SER G 200 -29.73 -0.47 19.41
CA SER G 200 -30.95 -0.16 20.18
C SER G 200 -31.34 -1.33 21.06
N GLY G 201 -31.51 -2.51 20.47
CA GLY G 201 -31.88 -3.68 21.24
C GLY G 201 -30.71 -4.35 21.91
N PHE G 202 -29.48 -4.03 21.51
CA PHE G 202 -28.31 -4.65 22.13
C PHE G 202 -27.99 -3.99 23.45
N TRP G 203 -28.08 -2.66 23.48
CA TRP G 203 -28.11 -1.88 24.70
C TRP G 203 -28.99 -2.52 25.76
N HIS G 204 -30.29 -2.65 25.43
CA HIS G 204 -31.22 -3.26 26.35
C HIS G 204 -31.06 -4.78 26.44
N SER G 205 -30.26 -5.40 25.55
CA SER G 205 -29.90 -6.81 25.70
C SER G 205 -28.94 -7.00 26.86
N SER G 206 -27.90 -6.19 26.89
CA SER G 206 -26.95 -6.25 27.98
C SER G 206 -27.55 -5.72 29.27
N LEU G 207 -28.56 -4.84 29.19
CA LEU G 207 -29.31 -4.49 30.40
C LEU G 207 -30.19 -5.65 30.87
N ILE G 208 -30.86 -6.34 29.93
CA ILE G 208 -31.73 -7.46 30.27
C ILE G 208 -30.91 -8.71 30.55
N ASP G 209 -29.58 -8.58 30.58
CA ASP G 209 -28.75 -9.64 31.15
C ASP G 209 -29.27 -10.17 32.49
N ARG G 210 -29.97 -9.35 33.27
CA ARG G 210 -30.49 -9.73 34.57
C ARG G 210 -31.97 -9.34 34.77
N ASN G 211 -32.70 -9.03 33.70
CA ASN G 211 -33.97 -8.28 33.78
C ASN G 211 -33.92 -7.21 34.86
N LEU G 212 -32.94 -6.31 34.76
CA LEU G 212 -32.99 -5.20 35.70
C LEU G 212 -34.21 -4.32 35.47
N ILE G 213 -34.85 -4.41 34.30
CA ILE G 213 -36.14 -3.77 34.05
C ILE G 213 -37.17 -4.36 35.00
N ASP G 214 -38.11 -3.52 35.41
CA ASP G 214 -39.30 -4.00 36.09
C ASP G 214 -40.35 -4.49 35.10
N TYR G 215 -40.89 -3.57 34.29
CA TYR G 215 -42.09 -3.84 33.51
C TYR G 215 -41.88 -3.30 32.10
N PHE G 216 -41.94 -4.19 31.10
CA PHE G 216 -42.09 -3.74 29.72
C PHE G 216 -43.48 -3.15 29.53
N VAL G 217 -43.55 -2.02 28.85
CA VAL G 217 -44.81 -1.30 28.67
C VAL G 217 -44.82 -0.66 27.29
N PRO G 218 -45.42 -1.29 26.30
CA PRO G 218 -45.66 -0.60 25.03
C PRO G 218 -46.92 0.25 25.06
N PHE G 219 -46.87 1.33 24.30
CA PHE G 219 -48.04 2.11 23.93
C PHE G 219 -48.50 1.66 22.55
N LEU G 220 -49.61 2.25 22.07
CA LEU G 220 -50.19 1.86 20.78
C LEU G 220 -50.69 3.06 19.99
N PRO G 221 -50.84 2.93 18.66
CA PRO G 221 -51.32 4.04 17.85
C PRO G 221 -52.65 4.58 18.35
N LEU G 222 -52.66 5.87 18.68
CA LEU G 222 -53.88 6.49 19.16
C LEU G 222 -54.91 6.47 18.05
N GLU G 223 -55.87 5.57 18.18
CA GLU G 223 -56.84 5.32 17.14
C GLU G 223 -57.64 6.60 16.86
N TYR G 224 -58.21 6.68 15.64
CA TYR G 224 -58.86 7.91 15.20
C TYR G 224 -59.95 8.37 16.15
N LYS G 225 -60.53 7.44 16.92
CA LYS G 225 -61.33 7.88 18.05
C LYS G 225 -60.51 8.79 18.95
N HIS G 226 -59.25 8.41 19.25
CA HIS G 226 -58.43 9.26 20.10
C HIS G 226 -58.11 10.57 19.43
N LEU G 227 -57.93 10.56 18.11
CA LEU G 227 -57.83 11.83 17.39
C LEU G 227 -59.01 12.69 17.74
N LYS G 228 -60.22 12.22 17.44
CA LYS G 228 -61.44 12.97 17.75
C LYS G 228 -61.54 13.36 19.22
N MET G 229 -60.97 12.57 20.13
CA MET G 229 -60.96 12.94 21.52
C MET G 229 -60.06 14.14 21.75
N CYS G 230 -58.82 14.08 21.26
CA CYS G 230 -57.90 15.21 21.40
C CYS G 230 -58.12 16.28 20.34
N ILE G 231 -59.24 16.23 19.63
CA ILE G 231 -59.75 17.33 18.83
C ILE G 231 -60.87 18.03 19.56
N ARG G 232 -61.89 17.27 19.96
CA ARG G 232 -62.99 17.84 20.72
C ARG G 232 -62.51 18.41 22.04
N VAL G 233 -61.82 17.59 22.84
CA VAL G 233 -61.40 18.00 24.17
C VAL G 233 -60.44 19.18 24.09
N GLU G 234 -59.50 19.14 23.16
CA GLU G 234 -58.50 20.19 23.08
C GLU G 234 -59.14 21.48 22.57
N MET G 235 -59.80 21.42 21.41
CA MET G 235 -60.31 22.65 20.81
C MET G 235 -61.44 23.26 21.63
N GLN G 236 -62.25 22.43 22.28
CA GLN G 236 -63.19 22.96 23.27
C GLN G 236 -62.48 23.47 24.51
N SER G 237 -61.30 22.94 24.83
CA SER G 237 -60.52 23.46 25.94
C SER G 237 -59.81 24.76 25.58
N ARG G 238 -59.59 25.02 24.30
CA ARG G 238 -58.83 26.19 23.85
C ARG G 238 -59.72 27.35 23.41
N GLY G 239 -61.04 27.26 23.59
CA GLY G 239 -61.91 28.31 23.08
C GLY G 239 -61.81 28.47 21.59
N TYR G 240 -61.60 27.37 20.88
CA TYR G 240 -61.24 27.37 19.48
C TYR G 240 -62.44 27.52 18.55
N GLU G 241 -63.65 27.25 19.05
CA GLU G 241 -64.87 27.26 18.25
C GLU G 241 -64.79 26.24 17.11
N ILE G 242 -64.58 24.99 17.52
CA ILE G 242 -64.65 23.87 16.59
C ILE G 242 -66.11 23.46 16.43
N ASP G 243 -66.40 22.79 15.31
CA ASP G 243 -67.74 22.30 15.01
C ASP G 243 -67.63 20.91 14.38
N GLU G 244 -68.70 20.41 13.79
CA GLU G 244 -68.71 19.03 13.32
C GLU G 244 -67.80 18.83 12.11
N ASP G 245 -67.90 19.73 11.13
CA ASP G 245 -67.20 19.53 9.86
C ASP G 245 -65.70 19.38 10.07
N ILE G 246 -65.15 20.15 11.01
CA ILE G 246 -63.74 20.05 11.37
C ILE G 246 -63.39 18.63 11.79
N VAL G 247 -64.36 17.91 12.38
CA VAL G 247 -64.16 16.55 12.85
C VAL G 247 -64.67 15.52 11.84
N SER G 248 -65.27 15.97 10.74
CA SER G 248 -65.27 15.15 9.53
C SER G 248 -63.87 15.15 8.92
N ARG G 249 -63.19 16.30 9.01
CA ARG G 249 -61.90 16.45 8.35
C ARG G 249 -60.78 15.72 9.08
N VAL G 250 -61.02 15.17 10.28
CA VAL G 250 -59.98 14.38 10.94
C VAL G 250 -59.61 13.18 10.08
N ALA G 251 -60.62 12.58 9.44
CA ALA G 251 -60.42 11.41 8.59
C ALA G 251 -60.55 11.70 7.12
N GLU G 252 -61.33 12.72 6.74
CA GLU G 252 -61.37 13.08 5.33
C GLU G 252 -60.04 13.62 4.82
N GLU G 253 -59.19 14.11 5.72
CA GLU G 253 -57.95 14.81 5.37
C GLU G 253 -56.80 14.33 6.23
N MET G 254 -56.64 13.02 6.33
CA MET G 254 -55.54 12.44 7.12
C MET G 254 -55.22 11.06 6.55
N THR G 255 -53.97 10.63 6.78
CA THR G 255 -53.52 9.30 6.42
C THR G 255 -53.46 8.42 7.66
N PHE G 256 -53.95 7.20 7.51
CA PHE G 256 -53.88 6.16 8.53
C PHE G 256 -53.12 4.96 7.96
N PHE G 257 -52.90 3.96 8.82
CA PHE G 257 -52.08 2.80 8.48
C PHE G 257 -52.87 1.52 8.74
N PRO G 258 -52.81 0.52 7.84
CA PRO G 258 -52.26 0.52 6.48
C PRO G 258 -53.17 1.30 5.57
N LYS G 259 -52.75 1.55 4.33
CA LYS G 259 -53.67 2.08 3.34
C LYS G 259 -54.88 1.21 3.16
N GLU G 260 -54.68 -0.11 3.07
CA GLU G 260 -55.74 -1.00 2.65
C GLU G 260 -56.88 -1.07 3.66
N GLU G 261 -56.69 -0.46 4.84
CA GLU G 261 -57.74 -0.36 5.85
C GLU G 261 -57.90 1.07 6.36
N ARG G 262 -56.81 1.84 6.38
CA ARG G 262 -56.81 3.22 6.87
C ARG G 262 -57.30 3.28 8.32
N VAL G 263 -56.50 2.71 9.21
CA VAL G 263 -56.92 2.51 10.60
C VAL G 263 -55.95 3.16 11.57
N PHE G 264 -54.73 2.64 11.63
CA PHE G 264 -53.78 3.11 12.62
C PHE G 264 -53.24 4.46 12.22
N SER G 265 -53.16 5.36 13.19
CA SER G 265 -52.79 6.74 12.92
C SER G 265 -51.32 6.81 12.53
N ASP G 266 -50.86 8.03 12.30
CA ASP G 266 -49.45 8.31 12.06
C ASP G 266 -48.88 9.13 13.19
N LYS G 267 -49.73 9.84 13.94
CA LYS G 267 -49.29 10.66 15.04
C LYS G 267 -50.15 10.60 16.27
N GLY G 268 -51.38 10.14 16.17
CA GLY G 268 -52.29 10.36 17.27
C GLY G 268 -52.45 11.84 17.51
N CYS G 269 -52.17 12.25 18.75
CA CYS G 269 -52.50 13.57 19.24
C CYS G 269 -51.29 14.49 19.29
N LYS G 270 -50.32 14.25 18.40
CA LYS G 270 -49.10 15.05 18.32
C LYS G 270 -49.22 16.18 17.31
N THR G 271 -49.45 15.85 16.04
CA THR G 271 -49.68 16.83 15.00
C THR G 271 -51.15 17.21 14.89
N VAL G 272 -51.98 16.79 15.85
CA VAL G 272 -53.41 16.94 15.70
C VAL G 272 -53.79 18.42 15.66
N PHE G 273 -53.29 19.22 16.60
CA PHE G 273 -53.79 20.58 16.75
C PHE G 273 -53.28 21.51 15.66
N THR G 274 -52.16 21.19 15.04
CA THR G 274 -51.68 21.99 13.91
C THR G 274 -52.60 21.80 12.70
N LYS G 275 -52.90 20.55 12.36
CA LYS G 275 -53.86 20.26 11.32
C LYS G 275 -55.22 20.83 11.66
N LEU G 276 -55.58 20.85 12.95
CA LEU G 276 -56.80 21.51 13.34
C LEU G 276 -56.73 23.01 13.10
N ASP G 277 -55.54 23.62 13.25
CA ASP G 277 -55.42 25.01 12.85
C ASP G 277 -55.60 25.16 11.35
N TYR G 278 -55.22 24.14 10.56
CA TYR G 278 -55.65 24.19 9.17
C TYR G 278 -57.17 24.15 9.06
N TYR G 279 -57.83 23.41 9.93
CA TYR G 279 -59.27 23.32 9.81
C TYR G 279 -59.95 24.60 10.33
N TYR G 280 -59.25 25.40 11.14
CA TYR G 280 -59.62 26.80 11.27
C TYR G 280 -59.48 27.48 9.92
N ASP G 281 -58.39 27.19 9.24
CA ASP G 281 -58.21 27.71 7.88
C ASP G 281 -59.15 27.00 6.91
N ASP G 282 -59.59 25.79 7.25
CA ASP G 282 -60.67 25.07 6.56
C ASP G 282 -60.48 25.02 5.04
N GLY H 1 -15.03 -44.02 36.29
CA GLY H 1 -14.82 -44.38 34.86
C GLY H 1 -13.51 -43.85 34.31
N GLN H 2 -13.40 -42.53 34.20
CA GLN H 2 -12.16 -41.93 33.72
C GLN H 2 -11.00 -42.21 34.66
N LYS H 3 -11.29 -42.42 35.95
CA LYS H 3 -10.30 -42.86 36.92
C LYS H 3 -10.30 -44.37 37.10
N ARG H 4 -10.76 -45.11 36.10
CA ARG H 4 -10.79 -46.56 36.13
C ARG H 4 -10.10 -47.11 34.89
N SER H 5 -9.07 -47.92 35.10
CA SER H 5 -8.55 -48.75 34.03
C SER H 5 -9.52 -49.91 33.80
N LEU H 6 -9.97 -50.07 32.56
CA LEU H 6 -11.10 -50.94 32.27
C LEU H 6 -10.72 -52.39 32.55
N SER H 7 -11.39 -52.98 33.54
CA SER H 7 -11.24 -54.40 33.76
C SER H 7 -12.03 -55.18 32.71
N ARG H 8 -11.61 -56.43 32.52
CA ARG H 8 -12.21 -57.27 31.48
C ARG H 8 -13.69 -57.50 31.75
N GLU H 9 -14.03 -57.71 33.02
CA GLU H 9 -15.40 -58.03 33.40
C GLU H 9 -16.37 -56.95 32.97
N ALA H 10 -15.99 -55.69 33.16
CA ALA H 10 -16.90 -54.59 32.85
C ALA H 10 -17.25 -54.58 31.38
N LEU H 11 -16.29 -54.88 30.51
CA LEU H 11 -16.49 -54.74 29.08
C LEU H 11 -17.19 -55.95 28.50
N GLN H 12 -16.76 -57.15 28.89
CA GLN H 12 -17.50 -58.33 28.45
C GLN H 12 -18.91 -58.30 29.00
N LYS H 13 -19.09 -57.76 30.20
CA LYS H 13 -20.42 -57.56 30.75
C LYS H 13 -21.23 -56.64 29.87
N ASP H 14 -20.68 -55.46 29.54
CA ASP H 14 -21.43 -54.48 28.78
C ASP H 14 -21.82 -55.02 27.41
N LEU H 15 -20.85 -55.57 26.69
CA LEU H 15 -21.12 -56.07 25.36
C LEU H 15 -22.09 -57.24 25.39
N ASP H 16 -21.90 -58.16 26.34
CA ASP H 16 -22.82 -59.27 26.47
C ASP H 16 -24.21 -58.80 26.87
N ASP H 17 -24.32 -57.63 27.48
CA ASP H 17 -25.63 -57.08 27.81
C ASP H 17 -26.30 -56.53 26.56
N ASN H 18 -25.62 -55.66 25.84
CA ASN H 18 -26.25 -54.85 24.81
C ASN H 18 -25.89 -55.27 23.39
N LEU H 19 -24.68 -55.76 23.16
CA LEU H 19 -24.28 -56.14 21.81
C LEU H 19 -24.89 -57.49 21.46
N PHE H 20 -25.47 -57.56 20.28
CA PHE H 20 -26.12 -58.75 19.76
C PHE H 20 -25.24 -59.40 18.70
N GLY H 21 -24.88 -60.65 18.95
CA GLY H 21 -23.95 -61.34 18.08
C GLY H 21 -22.56 -60.71 18.17
N GLN H 22 -21.86 -60.74 17.04
CA GLN H 22 -20.56 -60.11 16.92
C GLN H 22 -19.58 -60.67 17.94
N HIS H 23 -19.61 -62.00 18.09
CA HIS H 23 -18.67 -62.70 18.95
C HIS H 23 -17.22 -62.29 18.64
N LEU H 24 -16.92 -62.13 17.35
CA LEU H 24 -15.59 -61.70 16.94
C LEU H 24 -15.22 -60.37 17.59
N ALA H 25 -16.19 -59.47 17.64
CA ALA H 25 -15.87 -58.13 18.10
C ALA H 25 -15.66 -58.11 19.61
N LYS H 26 -16.40 -58.96 20.31
CA LYS H 26 -16.21 -59.08 21.74
C LYS H 26 -14.84 -59.65 22.06
N LYS H 27 -14.45 -60.72 21.37
CA LYS H 27 -13.13 -61.31 21.58
C LYS H 27 -12.04 -60.29 21.29
N ILE H 28 -12.05 -59.75 20.07
CA ILE H 28 -11.04 -58.78 19.62
C ILE H 28 -10.95 -57.64 20.60
N ILE H 29 -12.04 -56.90 20.72
CA ILE H 29 -12.03 -55.66 21.48
C ILE H 29 -11.59 -55.94 22.89
N LEU H 30 -12.28 -56.88 23.55
CA LEU H 30 -12.05 -57.15 24.96
C LEU H 30 -10.58 -57.45 25.24
N ASN H 31 -10.03 -58.46 24.58
CA ASN H 31 -8.65 -58.82 24.89
C ASN H 31 -7.67 -57.76 24.40
N ALA H 32 -7.98 -57.14 23.26
CA ALA H 32 -7.06 -56.18 22.65
C ALA H 32 -6.88 -54.96 23.53
N VAL H 33 -7.98 -54.28 23.86
CA VAL H 33 -7.82 -53.11 24.71
C VAL H 33 -7.39 -53.53 26.10
N PHE H 34 -7.93 -54.64 26.61
CA PHE H 34 -7.61 -55.04 27.98
C PHE H 34 -6.13 -55.33 28.15
N GLY H 35 -5.45 -55.73 27.08
CA GLY H 35 -4.01 -55.83 27.10
C GLY H 35 -3.39 -54.45 26.88
N PHE H 36 -4.01 -53.67 26.00
CA PHE H 36 -3.45 -52.37 25.62
C PHE H 36 -3.52 -51.38 26.78
N ILE H 37 -4.74 -51.17 27.31
CA ILE H 37 -4.93 -50.13 28.30
C ILE H 37 -4.16 -50.46 29.57
N ASN H 38 -4.07 -51.74 29.92
CA ASN H 38 -3.28 -52.15 31.07
C ASN H 38 -1.79 -52.09 30.80
N ASN H 39 -1.37 -51.99 29.54
CA ASN H 39 0.05 -51.90 29.23
C ASN H 39 0.53 -50.48 29.47
N PRO H 40 1.48 -50.25 30.39
CA PRO H 40 2.07 -48.90 30.49
C PRO H 40 3.05 -48.59 29.36
N LYS H 41 3.38 -49.56 28.51
CA LYS H 41 4.32 -49.36 27.41
C LYS H 41 3.75 -50.02 26.17
N PRO H 42 2.77 -49.38 25.52
CA PRO H 42 2.18 -50.00 24.34
C PRO H 42 3.14 -50.11 23.17
N LYS H 43 4.15 -49.24 23.09
CA LYS H 43 5.11 -49.08 22.01
C LYS H 43 4.50 -48.38 20.79
N LYS H 44 3.18 -48.22 20.73
CA LYS H 44 2.51 -47.63 19.58
C LYS H 44 1.13 -47.19 20.05
N PRO H 45 0.53 -46.23 19.37
CA PRO H 45 -0.89 -46.00 19.62
C PRO H 45 -1.72 -47.13 19.04
N LEU H 46 -3.02 -47.10 19.28
CA LEU H 46 -3.94 -48.15 18.84
C LEU H 46 -4.46 -47.75 17.47
N THR H 47 -4.15 -48.56 16.46
CA THR H 47 -4.48 -48.28 15.08
C THR H 47 -5.55 -49.27 14.65
N LEU H 48 -6.80 -48.90 14.88
CA LEU H 48 -7.92 -49.77 14.60
C LEU H 48 -8.53 -49.46 13.25
N SER H 49 -9.00 -50.51 12.58
CA SER H 49 -9.63 -50.42 11.27
C SER H 49 -11.01 -51.04 11.37
N LEU H 50 -11.98 -50.41 10.71
CA LEU H 50 -13.32 -50.96 10.62
C LEU H 50 -13.92 -50.66 9.26
N HIS H 51 -14.60 -51.66 8.71
CA HIS H 51 -15.36 -51.53 7.49
C HIS H 51 -16.41 -52.64 7.51
N GLY H 52 -17.24 -52.67 6.47
CA GLY H 52 -18.31 -53.64 6.38
C GLY H 52 -19.68 -53.01 6.18
N TRP H 53 -20.68 -53.60 6.82
CA TRP H 53 -22.07 -53.17 6.65
C TRP H 53 -22.53 -52.34 7.86
N THR H 54 -23.46 -51.42 7.62
CA THR H 54 -23.88 -50.51 8.69
C THR H 54 -24.85 -51.16 9.64
N GLY H 55 -25.23 -50.37 10.63
CA GLY H 55 -26.24 -50.77 11.58
C GLY H 55 -25.89 -51.98 12.40
N THR H 56 -24.64 -52.42 12.33
CA THR H 56 -24.10 -53.53 13.08
C THR H 56 -23.44 -53.04 14.35
N GLY H 57 -23.17 -51.75 14.41
CA GLY H 57 -22.85 -51.07 15.64
C GLY H 57 -21.51 -50.41 15.71
N LYS H 58 -20.97 -49.92 14.60
CA LYS H 58 -19.65 -49.29 14.63
C LYS H 58 -19.66 -48.06 15.54
N ASN H 59 -20.45 -47.06 15.16
CA ASN H 59 -20.56 -45.88 16.00
C ASN H 59 -21.20 -46.22 17.34
N PHE H 60 -22.05 -47.24 17.35
CA PHE H 60 -22.56 -47.82 18.59
C PHE H 60 -21.42 -48.27 19.51
N VAL H 61 -20.58 -49.20 19.05
CA VAL H 61 -19.55 -49.76 19.95
C VAL H 61 -18.53 -48.69 20.34
N SER H 62 -18.15 -47.84 19.38
CA SER H 62 -17.22 -46.77 19.69
C SER H 62 -17.80 -45.87 20.77
N LYS H 63 -19.09 -45.56 20.66
CA LYS H 63 -19.76 -44.82 21.71
C LYS H 63 -19.68 -45.54 23.04
N ILE H 64 -19.92 -46.85 23.04
CA ILE H 64 -19.99 -47.60 24.30
C ILE H 64 -18.65 -47.52 25.02
N ILE H 65 -17.58 -47.89 24.31
CA ILE H 65 -16.28 -47.90 24.96
C ILE H 65 -15.87 -46.50 25.32
N ALA H 66 -16.26 -45.51 24.52
CA ALA H 66 -16.01 -44.12 24.88
C ALA H 66 -16.67 -43.78 26.22
N GLU H 67 -17.85 -44.34 26.48
CA GLU H 67 -18.53 -44.09 27.74
C GLU H 67 -17.85 -44.82 28.89
N ASN H 68 -17.44 -46.07 28.65
CA ASN H 68 -16.79 -46.83 29.71
C ASN H 68 -15.47 -46.20 30.11
N ILE H 69 -14.70 -45.70 29.14
CA ILE H 69 -13.43 -45.07 29.45
C ILE H 69 -13.68 -43.78 30.23
N TYR H 70 -14.37 -42.82 29.61
CA TYR H 70 -14.67 -41.54 30.23
C TYR H 70 -16.18 -41.38 30.36
N GLU H 71 -16.58 -40.73 31.46
CA GLU H 71 -17.99 -40.40 31.65
C GLU H 71 -18.49 -39.48 30.54
N GLY H 72 -17.61 -38.68 29.95
CA GLY H 72 -18.00 -37.82 28.85
C GLY H 72 -18.52 -38.58 27.65
N GLY H 73 -18.13 -39.83 27.50
CA GLY H 73 -18.46 -40.54 26.27
C GLY H 73 -17.85 -39.80 25.11
N LEU H 74 -18.71 -39.10 24.36
CA LEU H 74 -18.26 -38.18 23.34
C LEU H 74 -18.21 -36.73 23.83
N ASN H 75 -18.80 -36.43 24.99
CA ASN H 75 -18.76 -35.09 25.53
C ASN H 75 -17.39 -34.70 26.07
N SER H 76 -16.48 -35.66 26.23
CA SER H 76 -15.22 -35.34 26.88
C SER H 76 -14.39 -34.38 26.04
N ASP H 77 -13.79 -33.42 26.73
CA ASP H 77 -12.82 -32.53 26.09
C ASP H 77 -11.63 -33.31 25.56
N TYR H 78 -11.27 -34.41 26.22
CA TYR H 78 -10.25 -35.30 25.70
C TYR H 78 -10.69 -35.91 24.38
N VAL H 79 -11.94 -36.38 24.33
CA VAL H 79 -12.46 -37.10 23.17
C VAL H 79 -12.95 -36.03 22.19
N HIS H 80 -12.13 -35.76 21.18
CA HIS H 80 -12.40 -34.73 20.20
C HIS H 80 -12.48 -35.35 18.81
N LEU H 81 -13.57 -35.03 18.10
CA LEU H 81 -13.99 -35.79 16.94
C LEU H 81 -13.82 -34.99 15.66
N PHE H 82 -13.48 -35.72 14.58
CA PHE H 82 -13.37 -35.17 13.24
C PHE H 82 -14.23 -35.99 12.30
N VAL H 83 -14.59 -35.36 11.19
CA VAL H 83 -15.42 -35.97 10.15
C VAL H 83 -14.86 -35.54 8.81
N ALA H 84 -15.02 -36.40 7.80
CA ALA H 84 -14.60 -36.06 6.45
C ALA H 84 -15.31 -34.81 5.96
N THR H 85 -16.63 -34.90 5.80
CA THR H 85 -17.35 -33.90 5.02
C THR H 85 -17.51 -32.61 5.80
N LEU H 86 -17.91 -32.71 7.07
CA LEU H 86 -18.15 -31.51 7.88
C LEU H 86 -16.94 -30.62 8.00
N HIS H 87 -15.78 -31.19 8.07
CA HIS H 87 -14.53 -30.45 8.21
C HIS H 87 -13.74 -30.41 6.91
N PHE H 88 -13.65 -31.54 6.21
CA PHE H 88 -12.69 -31.72 5.11
C PHE H 88 -13.42 -32.06 3.81
N PRO H 89 -14.26 -31.16 3.32
CA PRO H 89 -15.01 -31.44 2.09
C PRO H 89 -14.14 -31.53 0.83
N HIS H 90 -13.33 -30.50 0.60
CA HIS H 90 -12.77 -30.26 -0.73
C HIS H 90 -11.31 -30.64 -0.82
N ALA H 91 -10.88 -30.91 -2.05
CA ALA H 91 -9.47 -31.07 -2.37
C ALA H 91 -8.78 -29.73 -2.62
N SER H 92 -9.45 -28.61 -2.35
CA SER H 92 -8.84 -27.30 -2.52
C SER H 92 -7.98 -26.95 -1.31
N ASN H 93 -8.56 -27.06 -0.12
CA ASN H 93 -7.93 -26.62 1.11
C ASN H 93 -7.21 -27.74 1.84
N ILE H 94 -6.62 -28.67 1.08
CA ILE H 94 -6.01 -29.85 1.68
C ILE H 94 -4.93 -29.44 2.67
N THR H 95 -4.15 -28.42 2.33
CA THR H 95 -3.02 -28.04 3.16
C THR H 95 -3.49 -27.46 4.48
N LEU H 96 -4.44 -26.53 4.43
CA LEU H 96 -5.04 -26.01 5.65
C LEU H 96 -5.62 -27.13 6.49
N TYR H 97 -6.24 -28.10 5.83
CA TYR H 97 -6.80 -29.23 6.55
C TYR H 97 -5.71 -30.03 7.24
N LYS H 98 -4.53 -30.12 6.62
CA LYS H 98 -3.43 -30.85 7.24
C LYS H 98 -2.86 -30.09 8.42
N ASP H 99 -2.66 -28.79 8.27
CA ASP H 99 -2.06 -28.01 9.33
C ASP H 99 -3.00 -27.93 10.54
N GLN H 100 -4.26 -27.57 10.28
CA GLN H 100 -5.28 -27.58 11.32
C GLN H 100 -5.37 -28.95 11.97
N LEU H 101 -5.23 -30.01 11.17
CA LEU H 101 -5.25 -31.36 11.72
C LEU H 101 -4.13 -31.54 12.73
N GLN H 102 -2.89 -31.31 12.29
CA GLN H 102 -1.73 -31.49 13.16
C GLN H 102 -1.86 -30.69 14.45
N LEU H 103 -2.34 -29.45 14.34
CA LEU H 103 -2.38 -28.59 15.51
C LEU H 103 -3.47 -29.02 16.49
N TRP H 104 -4.66 -29.34 15.97
CA TRP H 104 -5.72 -29.81 16.84
C TRP H 104 -5.33 -31.10 17.52
N ILE H 105 -4.61 -31.97 16.79
CA ILE H 105 -4.03 -33.16 17.40
C ILE H 105 -3.17 -32.76 18.58
N ARG H 106 -2.10 -32.00 18.31
CA ARG H 106 -1.13 -31.64 19.34
C ARG H 106 -1.80 -31.00 20.56
N GLY H 107 -2.86 -30.23 20.33
CA GLY H 107 -3.60 -29.66 21.43
C GLY H 107 -4.20 -30.73 22.32
N ASN H 108 -5.05 -31.58 21.75
CA ASN H 108 -5.76 -32.55 22.57
C ASN H 108 -4.80 -33.54 23.22
N VAL H 109 -3.83 -34.03 22.46
CA VAL H 109 -2.92 -35.03 23.02
C VAL H 109 -2.02 -34.38 24.06
N SER H 110 -1.63 -33.13 23.86
CA SER H 110 -0.84 -32.45 24.87
C SER H 110 -1.66 -32.17 26.12
N ALA H 111 -3.00 -32.21 26.02
CA ALA H 111 -3.79 -32.29 27.23
C ALA H 111 -3.59 -33.62 27.94
N CYS H 112 -3.58 -34.72 27.19
CA CYS H 112 -3.32 -36.04 27.74
C CYS H 112 -3.15 -37.03 26.61
N ALA H 113 -2.27 -38.00 26.81
CA ALA H 113 -2.04 -39.02 25.80
C ALA H 113 -3.16 -40.05 25.75
N ARG H 114 -4.03 -40.06 26.75
CA ARG H 114 -5.19 -40.95 26.74
C ARG H 114 -6.39 -40.37 26.02
N SER H 115 -6.23 -39.23 25.36
CA SER H 115 -7.29 -38.71 24.52
C SER H 115 -7.53 -39.66 23.36
N ILE H 116 -8.70 -39.53 22.74
CA ILE H 116 -9.15 -40.43 21.68
C ILE H 116 -9.59 -39.59 20.49
N PHE H 117 -9.21 -40.05 19.30
CA PHE H 117 -9.69 -39.49 18.04
C PHE H 117 -10.35 -40.59 17.22
N ILE H 118 -11.41 -40.20 16.52
CA ILE H 118 -12.10 -41.08 15.59
C ILE H 118 -12.38 -40.30 14.32
N PHE H 119 -12.35 -41.00 13.20
CA PHE H 119 -12.78 -40.47 11.91
C PHE H 119 -13.98 -41.26 11.42
N ASP H 120 -14.63 -40.73 10.39
CA ASP H 120 -15.82 -41.34 9.83
C ASP H 120 -16.00 -40.86 8.40
N GLU H 121 -16.76 -41.64 7.63
CA GLU H 121 -17.07 -41.33 6.23
C GLU H 121 -15.78 -41.19 5.43
N MET H 122 -14.94 -42.21 5.56
CA MET H 122 -13.60 -42.18 4.99
C MET H 122 -13.57 -42.57 3.53
N ASP H 123 -14.71 -42.62 2.85
CA ASP H 123 -14.74 -42.80 1.41
C ASP H 123 -14.55 -41.49 0.66
N LYS H 124 -14.30 -40.39 1.36
CA LYS H 124 -14.30 -39.05 0.79
C LYS H 124 -13.09 -38.25 1.24
N MET H 125 -11.91 -38.86 1.11
CA MET H 125 -10.66 -38.30 1.64
C MET H 125 -9.60 -38.22 0.56
N HIS H 126 -8.41 -37.69 0.89
CA HIS H 126 -7.40 -37.34 -0.11
C HIS H 126 -6.01 -37.53 0.49
N ALA H 127 -5.21 -38.41 -0.14
CA ALA H 127 -4.07 -39.06 0.53
C ALA H 127 -3.05 -38.08 1.12
N GLY H 128 -3.07 -36.82 0.71
CA GLY H 128 -2.32 -35.81 1.45
C GLY H 128 -2.69 -35.81 2.92
N LEU H 129 -3.95 -36.11 3.22
CA LEU H 129 -4.50 -36.07 4.55
C LEU H 129 -4.15 -37.32 5.38
N ILE H 130 -3.52 -38.34 4.80
CA ILE H 130 -2.73 -39.30 5.55
C ILE H 130 -1.26 -38.89 5.60
N ASP H 131 -0.77 -38.17 4.60
CA ASP H 131 0.65 -37.85 4.56
C ASP H 131 1.10 -36.96 5.73
N ALA H 132 0.18 -36.46 6.55
CA ALA H 132 0.50 -35.63 7.71
C ALA H 132 0.44 -36.39 9.03
N ILE H 133 0.15 -37.69 9.01
CA ILE H 133 -0.11 -38.44 10.24
C ILE H 133 0.71 -39.72 10.35
N LYS H 134 1.21 -40.29 9.26
CA LYS H 134 2.06 -41.47 9.34
C LYS H 134 3.22 -41.33 10.32
N PRO H 135 3.91 -40.19 10.40
CA PRO H 135 4.92 -40.03 11.46
C PRO H 135 4.34 -40.16 12.85
N PHE H 136 3.12 -39.69 13.08
CA PHE H 136 2.50 -39.87 14.38
C PHE H 136 2.30 -41.34 14.71
N LEU H 137 2.27 -42.21 13.71
CA LEU H 137 2.12 -43.65 13.91
C LEU H 137 3.44 -44.39 13.72
N ASP H 138 4.56 -43.70 13.75
CA ASP H 138 5.78 -44.39 14.11
C ASP H 138 5.68 -44.84 15.57
N TYR H 139 6.24 -46.01 15.83
CA TYR H 139 6.39 -46.53 17.19
C TYR H 139 7.41 -45.75 18.02
N TYR H 140 7.98 -44.66 17.49
CA TYR H 140 8.81 -43.73 18.23
C TYR H 140 8.27 -43.47 19.63
N ASP H 141 9.15 -43.44 20.62
CA ASP H 141 8.72 -43.06 21.95
C ASP H 141 8.23 -41.62 22.00
N LEU H 142 8.61 -40.79 21.04
CA LEU H 142 8.13 -39.42 21.04
C LEU H 142 8.22 -38.82 19.65
N VAL H 143 7.62 -37.64 19.52
CA VAL H 143 7.79 -36.73 18.39
C VAL H 143 7.68 -35.33 18.95
N ASP H 144 8.62 -34.47 18.56
CA ASP H 144 8.64 -33.06 18.99
C ASP H 144 8.64 -32.96 20.51
N GLY H 145 9.31 -33.90 21.16
CA GLY H 145 9.30 -33.95 22.61
C GLY H 145 7.99 -34.37 23.22
N VAL H 146 7.17 -35.14 22.49
CA VAL H 146 5.88 -35.61 22.99
C VAL H 146 5.67 -37.04 22.52
N SER H 147 5.10 -37.86 23.40
CA SER H 147 4.73 -39.23 23.07
C SER H 147 3.25 -39.32 22.73
N TYR H 148 2.94 -40.16 21.75
CA TYR H 148 1.59 -40.37 21.27
C TYR H 148 1.13 -41.81 21.40
N GLN H 149 1.97 -42.71 21.89
CA GLN H 149 1.69 -44.14 21.81
C GLN H 149 0.62 -44.59 22.80
N LYS H 150 0.16 -43.74 23.71
CA LYS H 150 -0.94 -44.11 24.57
C LYS H 150 -2.29 -43.84 23.92
N ALA H 151 -2.36 -42.83 23.07
CA ALA H 151 -3.62 -42.51 22.42
C ALA H 151 -4.01 -43.62 21.46
N MET H 152 -5.21 -43.47 20.90
CA MET H 152 -5.86 -44.54 20.16
C MET H 152 -6.61 -43.94 18.98
N PHE H 153 -6.22 -44.35 17.78
CA PHE H 153 -6.80 -43.83 16.55
C PHE H 153 -7.63 -44.92 15.89
N ILE H 154 -8.86 -44.55 15.52
CA ILE H 154 -9.88 -45.48 15.09
C ILE H 154 -10.51 -44.93 13.82
N PHE H 155 -10.73 -45.81 12.85
CA PHE H 155 -11.29 -45.43 11.56
C PHE H 155 -12.58 -46.19 11.30
N LEU H 156 -13.29 -45.73 10.28
CA LEU H 156 -14.58 -46.30 9.89
C LEU H 156 -14.72 -46.23 8.38
N SER H 157 -15.48 -47.17 7.86
CA SER H 157 -15.78 -47.22 6.44
C SER H 157 -16.88 -48.25 6.21
N ASN H 158 -17.16 -48.53 4.96
CA ASN H 158 -18.01 -49.65 4.57
C ASN H 158 -17.47 -50.42 3.37
N ALA H 159 -16.34 -50.02 2.79
CA ALA H 159 -15.79 -50.71 1.65
C ALA H 159 -15.34 -52.12 2.06
N GLY H 160 -15.12 -52.96 1.05
CA GLY H 160 -14.82 -54.35 1.31
C GLY H 160 -15.99 -55.15 1.84
N ALA H 161 -17.19 -54.57 1.86
CA ALA H 161 -18.35 -55.29 2.34
C ALA H 161 -18.64 -56.51 1.49
N GLU H 162 -18.33 -56.45 0.20
CA GLU H 162 -18.70 -57.53 -0.70
C GLU H 162 -18.04 -58.85 -0.31
N ARG H 163 -16.83 -58.77 0.24
CA ARG H 163 -16.13 -59.97 0.67
C ARG H 163 -16.79 -60.58 1.91
N ILE H 164 -17.13 -59.76 2.89
CA ILE H 164 -17.75 -60.33 4.08
C ILE H 164 -19.13 -60.88 3.73
N THR H 165 -19.79 -60.30 2.73
CA THR H 165 -21.07 -60.84 2.28
C THR H 165 -20.88 -62.20 1.62
N ASP H 166 -20.12 -62.26 0.53
CA ASP H 166 -20.08 -63.52 -0.22
C ASP H 166 -19.43 -64.62 0.60
N VAL H 167 -18.55 -64.27 1.54
CA VAL H 167 -18.05 -65.26 2.48
C VAL H 167 -19.16 -65.69 3.44
N ALA H 168 -19.97 -64.74 3.90
CA ALA H 168 -21.04 -65.07 4.83
C ALA H 168 -21.99 -66.07 4.23
N LEU H 169 -22.40 -65.86 2.97
CA LEU H 169 -23.20 -66.88 2.31
C LEU H 169 -22.38 -68.10 1.94
N ASP H 170 -21.05 -67.98 1.85
CA ASP H 170 -20.26 -69.17 1.57
C ASP H 170 -20.39 -70.17 2.70
N PHE H 171 -19.93 -69.79 3.89
CA PHE H 171 -20.01 -70.71 5.01
C PHE H 171 -21.45 -70.97 5.40
N TRP H 172 -22.33 -69.96 5.28
CA TRP H 172 -23.73 -70.20 5.64
C TRP H 172 -24.38 -71.18 4.67
N ARG H 173 -24.01 -71.10 3.39
CA ARG H 173 -24.41 -72.10 2.41
C ARG H 173 -23.83 -73.46 2.75
N SER H 174 -22.72 -73.51 3.48
CA SER H 174 -22.18 -74.78 3.96
C SER H 174 -22.93 -75.43 5.13
N GLY H 175 -24.12 -74.95 5.49
CA GLY H 175 -24.84 -75.48 6.63
C GLY H 175 -24.15 -75.10 7.92
N LYS H 176 -24.18 -73.82 8.25
CA LYS H 176 -23.27 -73.26 9.24
C LYS H 176 -23.63 -71.83 9.63
N GLN H 177 -23.28 -71.44 10.87
CA GLN H 177 -23.49 -70.09 11.36
C GLN H 177 -22.14 -69.40 11.54
N ARG H 178 -22.14 -68.06 11.48
CA ARG H 178 -20.88 -67.34 11.54
C ARG H 178 -20.22 -67.43 12.91
N GLU H 179 -20.93 -67.89 13.93
CA GLU H 179 -20.26 -68.36 15.14
C GLU H 179 -19.21 -69.40 14.80
N ASP H 180 -19.54 -70.30 13.88
CA ASP H 180 -18.60 -71.31 13.44
C ASP H 180 -17.61 -70.78 12.41
N ILE H 181 -17.96 -69.70 11.71
CA ILE H 181 -16.92 -68.96 11.01
C ILE H 181 -15.94 -68.45 12.05
N LYS H 182 -14.66 -68.52 11.72
CA LYS H 182 -13.62 -68.10 12.62
C LYS H 182 -13.26 -66.66 12.36
N LEU H 183 -12.48 -66.10 13.28
CA LEU H 183 -12.01 -64.74 13.09
C LEU H 183 -11.18 -64.64 11.83
N LYS H 184 -10.22 -65.56 11.68
CA LYS H 184 -9.46 -65.62 10.45
C LYS H 184 -10.40 -65.80 9.28
N ASP H 185 -10.31 -64.87 8.35
CA ASP H 185 -10.96 -65.00 7.06
C ASP H 185 -10.00 -64.34 6.09
N ILE H 186 -10.43 -64.11 4.84
CA ILE H 186 -9.42 -63.89 3.82
C ILE H 186 -8.89 -62.47 3.93
N GLU H 187 -7.87 -62.30 4.80
CA GLU H 187 -7.28 -60.98 4.99
C GLU H 187 -6.47 -60.55 3.77
N HIS H 188 -6.19 -61.48 2.86
CA HIS H 188 -5.60 -61.10 1.58
C HIS H 188 -6.57 -60.25 0.76
N ALA H 189 -7.80 -60.73 0.58
CA ALA H 189 -8.78 -59.93 -0.16
C ALA H 189 -9.12 -58.65 0.59
N LEU H 190 -9.09 -58.69 1.92
CA LEU H 190 -9.20 -57.45 2.68
C LEU H 190 -8.05 -56.52 2.36
N SER H 191 -6.84 -57.06 2.20
CA SER H 191 -5.74 -56.21 1.77
C SER H 191 -5.97 -55.66 0.38
N VAL H 192 -6.67 -56.40 -0.49
CA VAL H 192 -6.97 -55.90 -1.82
C VAL H 192 -7.94 -54.73 -1.75
N SER H 193 -9.05 -54.91 -1.03
CA SER H 193 -9.96 -53.80 -0.76
C SER H 193 -9.23 -52.63 -0.13
N VAL H 194 -8.21 -52.94 0.69
CA VAL H 194 -7.40 -51.92 1.35
C VAL H 194 -6.22 -51.50 0.48
N PHE H 195 -5.84 -52.30 -0.51
CA PHE H 195 -4.99 -51.86 -1.61
C PHE H 195 -5.80 -51.25 -2.75
N ASN H 196 -7.13 -51.30 -2.67
CA ASN H 196 -7.98 -50.99 -3.80
C ASN H 196 -7.78 -49.54 -4.20
N ASN H 197 -7.12 -49.30 -5.33
CA ASN H 197 -6.67 -47.96 -5.70
C ASN H 197 -7.82 -46.96 -5.92
N LYS H 198 -9.07 -47.38 -5.79
CA LYS H 198 -10.13 -46.47 -5.41
C LYS H 198 -9.69 -45.62 -4.22
N ASN H 199 -10.14 -44.37 -4.19
CA ASN H 199 -9.70 -43.44 -3.15
C ASN H 199 -10.00 -43.96 -1.76
N SER H 200 -11.15 -44.63 -1.59
CA SER H 200 -11.46 -45.30 -0.32
C SER H 200 -10.38 -46.30 0.04
N GLY H 201 -10.10 -47.23 -0.86
CA GLY H 201 -9.08 -48.23 -0.60
C GLY H 201 -7.68 -47.76 -0.89
N PHE H 202 -7.53 -46.63 -1.61
CA PHE H 202 -6.19 -46.12 -1.91
C PHE H 202 -5.62 -45.36 -0.73
N TRP H 203 -6.48 -44.57 -0.08
CA TRP H 203 -6.22 -44.00 1.23
C TRP H 203 -5.59 -45.03 2.16
N HIS H 204 -6.34 -46.09 2.43
CA HIS H 204 -5.85 -47.14 3.29
C HIS H 204 -4.78 -48.01 2.63
N SER H 205 -4.56 -47.87 1.31
CA SER H 205 -3.42 -48.51 0.65
C SER H 205 -2.12 -47.83 1.05
N SER H 206 -2.10 -46.52 0.97
CA SER H 206 -0.93 -45.78 1.38
C SER H 206 -0.75 -45.80 2.89
N LEU H 207 -1.84 -46.00 3.66
CA LEU H 207 -1.67 -46.26 5.08
C LEU H 207 -1.09 -47.65 5.34
N ILE H 208 -1.56 -48.66 4.60
CA ILE H 208 -1.09 -50.03 4.76
C ILE H 208 0.27 -50.21 4.07
N ASP H 209 0.85 -49.13 3.57
CA ASP H 209 2.26 -49.16 3.17
C ASP H 209 3.16 -49.81 4.23
N ARG H 210 2.79 -49.75 5.52
CA ARG H 210 3.57 -50.33 6.60
C ARG H 210 2.75 -51.16 7.58
N ASN H 211 1.53 -51.57 7.20
CA ASN H 211 0.50 -52.04 8.15
C ASN H 211 0.53 -51.24 9.43
N LEU H 212 0.39 -49.92 9.32
CA LEU H 212 0.26 -49.18 10.56
C LEU H 212 -1.02 -49.53 11.31
N ILE H 213 -2.00 -50.14 10.63
CA ILE H 213 -3.17 -50.70 11.28
C ILE H 213 -2.73 -51.82 12.22
N ASP H 214 -3.45 -51.95 13.33
CA ASP H 214 -3.31 -53.12 14.19
C ASP H 214 -4.12 -54.29 13.65
N TYR H 215 -5.46 -54.15 13.66
CA TYR H 215 -6.36 -55.28 13.46
C TYR H 215 -7.45 -54.86 12.49
N PHE H 216 -7.56 -55.54 11.35
CA PHE H 216 -8.76 -55.44 10.53
C PHE H 216 -9.91 -56.13 11.25
N VAL H 217 -11.07 -55.48 11.24
CA VAL H 217 -12.24 -55.97 11.98
C VAL H 217 -13.48 -55.64 11.17
N PRO H 218 -14.01 -56.57 10.38
CA PRO H 218 -15.33 -56.37 9.80
C PRO H 218 -16.46 -56.78 10.74
N PHE H 219 -17.57 -56.07 10.60
CA PHE H 219 -18.84 -56.47 11.16
C PHE H 219 -19.64 -57.20 10.09
N LEU H 220 -20.83 -57.68 10.47
CA LEU H 220 -21.68 -58.45 9.55
C LEU H 220 -23.15 -58.09 9.65
N PRO H 221 -23.96 -58.37 8.62
CA PRO H 221 -25.39 -58.05 8.69
C PRO H 221 -26.06 -58.68 9.90
N LEU H 222 -26.66 -57.82 10.74
CA LEU H 222 -27.34 -58.30 11.93
C LEU H 222 -28.51 -59.16 11.49
N GLU H 223 -28.34 -60.47 11.62
CA GLU H 223 -29.30 -61.43 11.14
C GLU H 223 -30.65 -61.21 11.81
N TYR H 224 -31.72 -61.66 11.16
CA TYR H 224 -33.08 -61.38 11.63
C TYR H 224 -33.30 -61.84 13.06
N LYS H 225 -32.55 -62.83 13.52
CA LYS H 225 -32.50 -63.09 14.94
C LYS H 225 -32.10 -61.81 15.69
N HIS H 226 -31.08 -61.10 15.20
CA HIS H 226 -30.68 -59.87 15.86
C HIS H 226 -31.74 -58.81 15.77
N LEU H 227 -32.48 -58.76 14.64
CA LEU H 227 -33.65 -57.91 14.59
C LEU H 227 -34.55 -58.21 15.78
N LYS H 228 -35.02 -59.45 15.87
CA LYS H 228 -35.89 -59.85 16.97
C LYS H 228 -35.27 -59.59 18.33
N MET H 229 -33.94 -59.62 18.45
CA MET H 229 -33.30 -59.27 19.71
C MET H 229 -33.46 -57.80 20.02
N CYS H 230 -33.13 -56.93 19.06
CA CYS H 230 -33.30 -55.50 19.25
C CYS H 230 -34.73 -55.03 18.99
N ILE H 231 -35.67 -55.96 18.90
CA ILE H 231 -37.09 -55.66 18.97
C ILE H 231 -37.63 -56.01 20.35
N ARG H 232 -37.40 -57.24 20.79
CA ARG H 232 -37.82 -57.66 22.11
C ARG H 232 -37.12 -56.84 23.19
N VAL H 233 -35.79 -56.80 23.15
CA VAL H 233 -35.00 -56.14 24.18
C VAL H 233 -35.33 -54.66 24.21
N GLU H 234 -35.42 -54.03 23.04
CA GLU H 234 -35.64 -52.59 23.01
C GLU H 234 -37.06 -52.25 23.45
N MET H 235 -38.06 -52.87 22.81
CA MET H 235 -39.44 -52.48 23.10
C MET H 235 -39.85 -52.89 24.51
N GLN H 236 -39.33 -54.00 25.01
CA GLN H 236 -39.51 -54.31 26.42
C GLN H 236 -38.71 -53.36 27.31
N SER H 237 -37.62 -52.79 26.81
CA SER H 237 -36.87 -51.79 27.56
C SER H 237 -37.55 -50.43 27.54
N ARG H 238 -38.40 -50.17 26.55
CA ARG H 238 -39.03 -48.88 26.37
C ARG H 238 -40.46 -48.81 26.92
N GLY H 239 -40.93 -49.84 27.60
CA GLY H 239 -42.31 -49.85 28.05
C GLY H 239 -43.29 -49.77 26.91
N TYR H 240 -42.93 -50.38 25.77
CA TYR H 240 -43.63 -50.18 24.52
C TYR H 240 -44.88 -51.05 24.39
N GLU H 241 -45.00 -52.11 25.20
CA GLU H 241 -46.08 -53.07 25.12
C GLU H 241 -46.12 -53.74 23.74
N ILE H 242 -45.00 -54.37 23.42
CA ILE H 242 -44.90 -55.22 22.24
C ILE H 242 -45.46 -56.61 22.57
N ASP H 243 -45.88 -57.32 21.53
CA ASP H 243 -46.41 -58.68 21.68
C ASP H 243 -45.89 -59.53 20.53
N GLU H 244 -46.47 -60.72 20.32
CA GLU H 244 -45.91 -61.66 19.36
C GLU H 244 -46.08 -61.17 17.93
N ASP H 245 -47.29 -60.73 17.58
CA ASP H 245 -47.62 -60.40 16.19
C ASP H 245 -46.67 -59.36 15.63
N ILE H 246 -46.29 -58.37 16.46
CA ILE H 246 -45.33 -57.36 16.07
C ILE H 246 -44.02 -57.99 15.64
N VAL H 247 -43.67 -59.16 16.21
CA VAL H 247 -42.44 -59.87 15.89
C VAL H 247 -42.68 -60.99 14.88
N SER H 248 -43.93 -61.22 14.49
CA SER H 248 -44.17 -61.82 13.18
C SER H 248 -43.88 -60.81 12.08
N ARG H 249 -44.19 -59.54 12.35
CA ARG H 249 -44.06 -58.51 11.32
C ARG H 249 -42.61 -58.09 11.09
N VAL H 250 -41.66 -58.55 11.89
CA VAL H 250 -40.25 -58.25 11.61
C VAL H 250 -39.87 -58.81 10.25
N ALA H 251 -40.38 -60.00 9.93
CA ALA H 251 -40.07 -60.67 8.67
C ALA H 251 -41.24 -60.68 7.70
N GLU H 252 -42.48 -60.60 8.19
CA GLU H 252 -43.60 -60.50 7.26
C GLU H 252 -43.59 -59.17 6.51
N GLU H 253 -42.93 -58.14 7.04
CA GLU H 253 -42.99 -56.79 6.54
C GLU H 253 -41.59 -56.17 6.49
N MET H 254 -40.63 -56.90 5.92
CA MET H 254 -39.26 -56.41 5.79
C MET H 254 -38.60 -57.10 4.62
N THR H 255 -37.59 -56.43 4.06
CA THR H 255 -36.77 -56.98 2.99
C THR H 255 -35.44 -57.43 3.55
N PHE H 256 -35.00 -58.61 3.12
CA PHE H 256 -33.69 -59.17 3.44
C PHE H 256 -32.95 -59.42 2.13
N PHE H 257 -31.68 -59.85 2.27
CA PHE H 257 -30.77 -60.01 1.14
C PHE H 257 -30.21 -61.44 1.13
N PRO H 258 -30.11 -62.11 -0.03
CA PRO H 258 -30.68 -61.76 -1.34
C PRO H 258 -32.18 -62.00 -1.31
N LYS H 259 -32.88 -61.60 -2.37
CA LYS H 259 -34.28 -62.00 -2.50
C LYS H 259 -34.43 -63.50 -2.50
N GLU H 260 -33.57 -64.21 -3.22
CA GLU H 260 -33.79 -65.61 -3.47
C GLU H 260 -33.68 -66.46 -2.20
N GLU H 261 -33.24 -65.86 -1.09
CA GLU H 261 -33.19 -66.52 0.20
C GLU H 261 -33.83 -65.66 1.30
N ARG H 262 -33.78 -64.34 1.16
CA ARG H 262 -34.33 -63.40 2.16
C ARG H 262 -33.70 -63.65 3.54
N VAL H 263 -32.40 -63.36 3.63
CA VAL H 263 -31.63 -63.72 4.81
C VAL H 263 -30.96 -62.52 5.42
N PHE H 264 -30.01 -61.93 4.71
CA PHE H 264 -29.23 -60.84 5.27
C PHE H 264 -30.06 -59.58 5.30
N SER H 265 -29.97 -58.87 6.42
CA SER H 265 -30.81 -57.70 6.66
C SER H 265 -30.38 -56.58 5.73
N ASP H 266 -31.05 -55.44 5.88
CA ASP H 266 -30.70 -54.21 5.17
C ASP H 266 -30.23 -53.17 6.18
N LYS H 267 -30.62 -53.31 7.44
CA LYS H 267 -30.22 -52.36 8.47
C LYS H 267 -29.85 -52.98 9.79
N GLY H 268 -30.23 -54.21 10.05
CA GLY H 268 -30.12 -54.69 11.41
C GLY H 268 -30.97 -53.83 12.33
N CYS H 269 -30.32 -53.27 13.34
CA CYS H 269 -30.99 -52.63 14.46
C CYS H 269 -30.94 -51.11 14.36
N LYS H 270 -30.88 -50.59 13.14
CA LYS H 270 -30.84 -49.16 12.88
C LYS H 270 -32.22 -48.56 12.64
N THR H 271 -32.90 -49.03 11.59
CA THR H 271 -34.26 -48.63 11.31
C THR H 271 -35.28 -49.50 12.03
N VAL H 272 -34.82 -50.34 12.97
CA VAL H 272 -35.71 -51.33 13.55
C VAL H 272 -36.84 -50.65 14.33
N PHE H 273 -36.50 -49.69 15.19
CA PHE H 273 -37.49 -49.17 16.13
C PHE H 273 -38.50 -48.25 15.46
N THR H 274 -38.14 -47.65 14.32
CA THR H 274 -39.10 -46.85 13.58
C THR H 274 -40.18 -47.73 12.96
N LYS H 275 -39.75 -48.79 12.28
CA LYS H 275 -40.68 -49.77 11.77
C LYS H 275 -41.49 -50.41 12.89
N LEU H 276 -40.87 -50.58 14.06
CA LEU H 276 -41.65 -51.04 15.19
C LEU H 276 -42.68 -50.02 15.63
N ASP H 277 -42.39 -48.72 15.48
CA ASP H 277 -43.43 -47.74 15.72
C ASP H 277 -44.54 -47.87 14.69
N TYR H 278 -44.22 -48.31 13.46
CA TYR H 278 -45.32 -48.68 12.58
C TYR H 278 -46.09 -49.85 13.15
N TYR H 279 -45.42 -50.78 13.80
CA TYR H 279 -46.15 -51.94 14.30
C TYR H 279 -46.93 -51.59 15.56
N TYR H 280 -46.59 -50.49 16.23
CA TYR H 280 -47.56 -49.85 17.11
C TYR H 280 -48.74 -49.37 16.29
N ASP H 281 -48.46 -48.78 15.14
CA ASP H 281 -49.52 -48.39 14.24
C ASP H 281 -50.15 -49.62 13.58
N ASP H 282 -49.40 -50.72 13.51
CA ASP H 282 -49.90 -52.05 13.13
C ASP H 282 -50.73 -52.04 11.84
N GLY I 1 -23.64 -8.56 68.42
CA GLY I 1 -23.27 -9.10 67.09
C GLY I 1 -21.78 -8.99 66.82
N GLN I 2 -21.30 -7.75 66.67
CA GLN I 2 -19.87 -7.54 66.44
C GLN I 2 -19.03 -8.02 67.63
N LYS I 3 -19.62 -8.02 68.82
CA LYS I 3 -19.00 -8.59 70.01
C LYS I 3 -19.43 -10.03 70.25
N ARG I 4 -19.87 -10.73 69.20
CA ARG I 4 -20.31 -12.11 69.29
C ARG I 4 -19.56 -12.94 68.25
N SER I 5 -18.86 -13.96 68.72
CA SER I 5 -18.38 -14.99 67.81
C SER I 5 -19.56 -15.88 67.45
N LEU I 6 -19.79 -16.05 66.14
CA LEU I 6 -21.04 -16.62 65.66
C LEU I 6 -21.13 -18.08 66.07
N SER I 7 -22.12 -18.38 66.92
CA SER I 7 -22.41 -19.77 67.24
C SER I 7 -23.16 -20.42 66.08
N ARG I 8 -23.07 -21.74 66.03
CA ARG I 8 -23.65 -22.50 64.93
C ARG I 8 -25.16 -22.32 64.88
N GLU I 9 -25.79 -22.30 66.06
CA GLU I 9 -27.24 -22.23 66.15
C GLU I 9 -27.77 -20.97 65.48
N ALA I 10 -27.11 -19.84 65.70
CA ALA I 10 -27.62 -18.59 65.14
C ALA I 10 -27.66 -18.63 63.62
N LEU I 11 -26.65 -19.26 63.00
CA LEU I 11 -26.53 -19.21 61.56
C LEU I 11 -27.41 -20.26 60.89
N GLN I 12 -27.41 -21.48 61.42
CA GLN I 12 -28.34 -22.47 60.89
C GLN I 12 -29.77 -22.02 61.11
N LYS I 13 -30.02 -21.34 62.22
CA LYS I 13 -31.33 -20.75 62.47
C LYS I 13 -31.68 -19.74 61.39
N ASP I 14 -30.78 -18.79 61.14
CA ASP I 14 -31.07 -17.72 60.19
C ASP I 14 -31.31 -18.28 58.80
N LEU I 15 -30.41 -19.13 58.33
CA LEU I 15 -30.53 -19.67 56.98
C LEU I 15 -31.77 -20.55 56.86
N ASP I 16 -32.03 -21.38 57.87
CA ASP I 16 -33.23 -22.20 57.85
C ASP I 16 -34.49 -21.35 57.93
N ASP I 17 -34.39 -20.13 58.46
CA ASP I 17 -35.54 -19.24 58.46
C ASP I 17 -35.78 -18.67 57.07
N ASN I 18 -34.75 -18.07 56.47
CA ASN I 18 -34.93 -17.23 55.30
C ASN I 18 -34.44 -17.87 54.01
N LEU I 19 -33.38 -18.67 54.07
CA LEU I 19 -32.84 -19.28 52.86
C LEU I 19 -33.71 -20.46 52.45
N PHE I 20 -34.05 -20.49 51.17
CA PHE I 20 -34.89 -21.52 50.58
C PHE I 20 -34.04 -22.48 49.76
N GLY I 21 -34.08 -23.75 50.13
CA GLY I 21 -33.22 -24.74 49.52
C GLY I 21 -31.77 -24.48 49.87
N GLN I 22 -30.90 -24.80 48.93
CA GLN I 22 -29.47 -24.54 49.06
C GLN I 22 -28.90 -25.22 50.30
N HIS I 23 -29.31 -26.48 50.47
CA HIS I 23 -28.78 -27.31 51.56
C HIS I 23 -27.25 -27.32 51.54
N LEU I 24 -26.67 -27.37 50.35
CA LEU I 24 -25.22 -27.35 50.21
C LEU I 24 -24.65 -26.10 50.86
N ALA I 25 -25.31 -24.97 50.66
CA ALA I 25 -24.73 -23.72 51.13
C ALA I 25 -24.84 -23.62 52.64
N LYS I 26 -25.90 -24.17 53.20
CA LYS I 26 -26.04 -24.18 54.64
C LYS I 26 -24.95 -25.05 55.28
N LYS I 27 -24.75 -26.26 54.73
CA LYS I 27 -23.70 -27.14 55.25
C LYS I 27 -22.33 -26.47 55.15
N ILE I 28 -21.96 -26.07 53.93
CA ILE I 28 -20.66 -25.44 53.67
C ILE I 28 -20.46 -24.27 54.60
N ILE I 29 -21.31 -23.26 54.44
CA ILE I 29 -21.11 -22.00 55.13
C ILE I 29 -21.05 -22.24 56.62
N LEU I 30 -22.08 -22.91 57.16
CA LEU I 30 -22.21 -23.08 58.59
C LEU I 30 -20.96 -23.71 59.19
N ASN I 31 -20.59 -24.89 58.71
CA ASN I 31 -19.45 -25.56 59.32
C ASN I 31 -18.14 -24.85 59.01
N ALA I 32 -18.04 -24.28 57.80
CA ALA I 32 -16.80 -23.67 57.36
C ALA I 32 -16.46 -22.45 58.20
N VAL I 33 -17.37 -21.47 58.26
CA VAL I 33 -17.08 -20.30 59.08
C VAL I 33 -17.05 -20.69 60.54
N PHE I 34 -17.96 -21.56 60.98
CA PHE I 34 -18.04 -21.89 62.39
C PHE I 34 -16.75 -22.53 62.90
N GLY I 35 -16.02 -23.20 62.01
CA GLY I 35 -14.68 -23.65 62.34
C GLY I 35 -13.68 -22.53 62.20
N PHE I 36 -13.87 -21.70 61.17
CA PHE I 36 -12.92 -20.64 60.87
C PHE I 36 -12.96 -19.55 61.94
N ILE I 37 -14.15 -18.98 62.18
CA ILE I 37 -14.23 -17.82 63.07
C ILE I 37 -13.85 -18.22 64.49
N ASN I 38 -14.18 -19.44 64.90
CA ASN I 38 -13.77 -19.92 66.21
C ASN I 38 -12.29 -20.27 66.26
N ASN I 39 -11.63 -20.41 65.12
CA ASN I 39 -10.21 -20.71 65.11
C ASN I 39 -9.41 -19.44 65.40
N PRO I 40 -8.64 -19.37 66.48
CA PRO I 40 -7.72 -18.24 66.65
C PRO I 40 -6.50 -18.29 65.75
N LYS I 41 -6.29 -19.39 65.02
CA LYS I 41 -5.13 -19.55 64.15
C LYS I 41 -5.62 -20.17 62.84
N PRO I 42 -6.24 -19.36 61.98
CA PRO I 42 -6.73 -19.93 60.71
C PRO I 42 -5.62 -20.41 59.79
N LYS I 43 -4.42 -19.82 59.88
CA LYS I 43 -3.26 -20.02 59.04
C LYS I 43 -3.41 -19.33 57.68
N LYS I 44 -4.60 -18.84 57.33
CA LYS I 44 -4.85 -18.21 56.04
C LYS I 44 -6.12 -17.38 56.18
N PRO I 45 -6.30 -16.38 55.35
CA PRO I 45 -7.61 -15.76 55.27
C PRO I 45 -8.60 -16.70 54.58
N LEU I 46 -9.86 -16.31 54.54
CA LEU I 46 -10.92 -17.12 53.95
C LEU I 46 -11.04 -16.75 52.49
N THR I 47 -10.77 -17.71 51.61
CA THR I 47 -10.74 -17.49 50.18
C THR I 47 -11.93 -18.21 49.57
N LEU I 48 -13.06 -17.50 49.52
CA LEU I 48 -14.30 -18.09 49.04
C LEU I 48 -14.51 -17.77 47.57
N SER I 49 -15.12 -18.72 46.87
CA SER I 49 -15.44 -18.60 45.46
C SER I 49 -16.92 -18.83 45.28
N LEU I 50 -17.54 -18.05 44.40
CA LEU I 50 -18.93 -18.23 44.04
C LEU I 50 -19.15 -17.92 42.57
N HIS I 51 -19.95 -18.76 41.95
CA HIS I 51 -20.40 -18.57 40.58
C HIS I 51 -21.69 -19.37 40.43
N GLY I 52 -22.28 -19.30 39.24
CA GLY I 52 -23.55 -19.95 38.97
C GLY I 52 -24.62 -19.02 38.45
N TRP I 53 -25.85 -19.26 38.88
CA TRP I 53 -27.01 -18.50 38.40
C TRP I 53 -27.45 -17.48 39.45
N THR I 54 -28.03 -16.37 38.97
CA THR I 54 -28.39 -15.29 39.89
C THR I 54 -29.66 -15.57 40.64
N GLY I 55 -30.00 -14.61 41.50
CA GLY I 55 -31.24 -14.65 42.21
C GLY I 55 -31.41 -15.81 43.15
N THR I 56 -30.33 -16.57 43.36
CA THR I 56 -30.26 -17.69 44.26
C THR I 56 -29.76 -17.27 45.62
N GLY I 57 -29.17 -16.08 45.68
CA GLY I 57 -28.92 -15.40 46.92
C GLY I 57 -27.49 -15.10 47.24
N LYS I 58 -26.63 -14.87 46.25
CA LYS I 58 -25.23 -14.60 46.55
C LYS I 58 -25.08 -13.33 47.36
N ASN I 59 -25.47 -12.21 46.78
CA ASN I 59 -25.41 -10.96 47.52
C ASN I 59 -26.37 -10.98 48.72
N PHE I 60 -27.45 -11.75 48.59
CA PHE I 60 -28.34 -12.04 49.72
C PHE I 60 -27.56 -12.68 50.87
N VAL I 61 -26.92 -13.84 50.65
CA VAL I 61 -26.29 -14.54 51.77
C VAL I 61 -25.12 -13.74 52.32
N SER I 62 -24.34 -13.12 51.43
CA SER I 62 -23.23 -12.29 51.88
C SER I 62 -23.74 -11.18 52.77
N LYS I 63 -24.85 -10.57 52.38
CA LYS I 63 -25.49 -9.56 53.22
C LYS I 63 -25.86 -10.15 54.57
N ILE I 64 -26.45 -11.35 54.58
CA ILE I 64 -26.96 -11.92 55.82
C ILE I 64 -25.82 -12.12 56.80
N ILE I 65 -24.77 -12.82 56.36
CA ILE I 65 -23.68 -13.10 57.27
C ILE I 65 -22.97 -11.82 57.66
N ALA I 66 -22.93 -10.85 56.74
CA ALA I 66 -22.39 -9.54 57.09
C ALA I 66 -23.17 -8.92 58.23
N GLU I 67 -24.49 -9.13 58.27
CA GLU I 67 -25.30 -8.58 59.34
C GLU I 67 -25.08 -9.35 60.64
N ASN I 68 -24.99 -10.67 60.55
CA ASN I 68 -24.79 -11.47 61.76
C ASN I 68 -23.45 -11.17 62.40
N ILE I 69 -22.41 -10.98 61.59
CA ILE I 69 -21.09 -10.65 62.15
C ILE I 69 -21.13 -9.29 62.80
N TYR I 70 -21.40 -8.25 62.01
CA TYR I 70 -21.46 -6.88 62.49
C TYR I 70 -22.85 -6.31 62.29
N GLU I 71 -23.28 -5.49 63.24
CA GLU I 71 -24.54 -4.78 63.10
C GLU I 71 -24.55 -3.89 61.88
N GLY I 72 -23.39 -3.39 61.45
CA GLY I 72 -23.31 -2.58 60.26
C GLY I 72 -23.78 -3.29 59.01
N GLY I 73 -23.72 -4.62 58.99
CA GLY I 73 -23.98 -5.33 57.77
C GLY I 73 -22.99 -4.90 56.72
N LEU I 74 -23.45 -4.09 55.78
CA LEU I 74 -22.58 -3.40 54.84
C LEU I 74 -22.23 -1.99 55.26
N ASN I 75 -22.94 -1.43 56.25
CA ASN I 75 -22.63 -0.09 56.74
C ASN I 75 -21.34 -0.01 57.53
N SER I 76 -20.77 -1.15 57.94
CA SER I 76 -19.63 -1.12 58.82
C SER I 76 -18.42 -0.48 58.13
N ASP I 77 -17.72 0.36 58.90
CA ASP I 77 -16.45 0.89 58.43
C ASP I 77 -15.44 -0.22 58.21
N TYR I 78 -15.53 -1.29 58.98
CA TYR I 78 -14.71 -2.47 58.73
C TYR I 78 -15.03 -3.08 57.37
N VAL I 79 -16.33 -3.20 57.07
CA VAL I 79 -16.79 -3.88 55.87
C VAL I 79 -16.77 -2.83 54.77
N HIS I 80 -15.72 -2.88 53.95
CA HIS I 80 -15.50 -1.91 52.88
C HIS I 80 -15.48 -2.63 51.53
N LEU I 81 -16.28 -2.12 50.60
CA LEU I 81 -16.66 -2.85 49.40
C LEU I 81 -16.03 -2.26 48.15
N PHE I 82 -15.70 -3.14 47.22
CA PHE I 82 -15.19 -2.78 45.91
C PHE I 82 -16.03 -3.45 44.83
N VAL I 83 -16.00 -2.86 43.64
CA VAL I 83 -16.73 -3.35 42.49
C VAL I 83 -15.82 -3.20 41.28
N ALA I 84 -16.02 -4.08 40.29
CA ALA I 84 -15.27 -4.00 39.06
C ALA I 84 -15.51 -2.67 38.36
N THR I 85 -16.74 -2.44 37.93
CA THR I 85 -17.00 -1.36 36.97
C THR I 85 -16.96 0.00 37.64
N LEU I 86 -17.60 0.14 38.81
CA LEU I 86 -17.66 1.42 39.49
C LEU I 86 -16.31 1.98 39.82
N HIS I 87 -15.38 1.14 40.18
CA HIS I 87 -14.03 1.55 40.53
C HIS I 87 -13.01 1.25 39.44
N PHE I 88 -13.10 0.08 38.82
CA PHE I 88 -12.04 -0.45 37.97
C PHE I 88 -12.55 -0.72 36.56
N PRO I 89 -13.01 0.31 35.84
CA PRO I 89 -13.54 0.10 34.50
C PRO I 89 -12.51 -0.32 33.47
N HIS I 90 -11.42 0.42 33.36
CA HIS I 90 -10.58 0.39 32.18
C HIS I 90 -9.28 -0.37 32.42
N ALA I 91 -8.71 -0.87 31.33
CA ALA I 91 -7.36 -1.40 31.33
C ALA I 91 -6.31 -0.32 31.17
N SER I 92 -6.69 0.95 31.24
CA SER I 92 -5.71 2.04 31.14
C SER I 92 -5.05 2.28 32.49
N ASN I 93 -5.85 2.44 33.53
CA ASN I 93 -5.38 2.83 34.86
C ASN I 93 -5.14 1.63 35.76
N ILE I 94 -4.69 0.52 35.19
CA ILE I 94 -4.55 -0.72 35.95
C ILE I 94 -3.62 -0.50 37.15
N THR I 95 -2.54 0.25 36.92
CA THR I 95 -1.53 0.40 37.96
C THR I 95 -2.08 1.20 39.13
N LEU I 96 -2.71 2.34 38.83
CA LEU I 96 -3.37 3.13 39.86
C LEU I 96 -4.38 2.28 40.61
N TYR I 97 -5.10 1.44 39.89
CA TYR I 97 -6.08 0.57 40.52
C TYR I 97 -5.40 -0.41 41.45
N LYS I 98 -4.20 -0.86 41.11
CA LYS I 98 -3.48 -1.79 41.98
C LYS I 98 -2.96 -1.09 43.22
N ASP I 99 -2.39 0.10 43.05
CA ASP I 99 -1.82 0.81 44.20
C ASP I 99 -2.92 1.25 45.16
N GLN I 100 -3.96 1.88 44.63
CA GLN I 100 -5.14 2.23 45.42
C GLN I 100 -5.70 1.01 46.11
N LEU I 101 -5.71 -0.12 45.39
CA LEU I 101 -6.20 -1.35 45.98
C LEU I 101 -5.39 -1.72 47.21
N GLN I 102 -4.07 -1.86 47.05
CA GLN I 102 -3.21 -2.25 48.15
C GLN I 102 -3.35 -1.31 49.34
N LEU I 103 -3.45 -0.02 49.08
CA LEU I 103 -3.48 0.94 50.18
C LEU I 103 -4.82 0.91 50.91
N TRP I 104 -5.92 0.86 50.16
CA TRP I 104 -7.23 0.77 50.81
C TRP I 104 -7.34 -0.52 51.62
N ILE I 105 -6.76 -1.60 51.10
CA ILE I 105 -6.65 -2.84 51.87
C ILE I 105 -5.96 -2.57 53.19
N ARG I 106 -4.69 -2.12 53.12
CA ARG I 106 -3.88 -1.93 54.32
C ARG I 106 -4.57 -1.02 55.33
N GLY I 107 -5.31 -0.04 54.85
CA GLY I 107 -6.08 0.82 55.74
C GLY I 107 -7.10 0.03 56.53
N ASN I 108 -8.03 -0.62 55.82
CA ASN I 108 -9.12 -1.29 56.52
C ASN I 108 -8.61 -2.41 57.40
N VAL I 109 -7.68 -3.22 56.89
CA VAL I 109 -7.20 -4.36 57.68
C VAL I 109 -6.38 -3.86 58.86
N SER I 110 -5.64 -2.78 58.68
CA SER I 110 -4.90 -2.22 59.81
C SER I 110 -5.84 -1.62 60.84
N ALA I 111 -7.09 -1.33 60.46
CA ALA I 111 -8.10 -1.07 61.48
C ALA I 111 -8.40 -2.34 62.27
N CYS I 112 -8.55 -3.47 61.59
CA CYS I 112 -8.77 -4.75 62.24
C CYS I 112 -8.66 -5.86 61.21
N ALA I 113 -8.14 -7.00 61.64
CA ALA I 113 -8.01 -8.14 60.75
C ALA I 113 -9.33 -8.84 60.52
N ARG I 114 -10.35 -8.54 61.30
CA ARG I 114 -11.68 -9.10 61.08
C ARG I 114 -12.51 -8.30 60.10
N SER I 115 -11.92 -7.30 59.44
CA SER I 115 -12.62 -6.62 58.37
C SER I 115 -12.87 -7.58 57.21
N ILE I 116 -13.82 -7.22 56.37
CA ILE I 116 -14.29 -8.07 55.28
C ILE I 116 -14.24 -7.28 53.98
N PHE I 117 -13.79 -7.94 52.92
CA PHE I 117 -13.83 -7.41 51.56
C PHE I 117 -14.60 -8.37 50.68
N ILE I 118 -15.35 -7.80 49.74
CA ILE I 118 -16.06 -8.56 48.72
C ILE I 118 -15.87 -7.86 47.39
N PHE I 119 -15.81 -8.65 46.33
CA PHE I 119 -15.82 -8.16 44.96
C PHE I 119 -17.07 -8.67 44.26
N ASP I 120 -17.33 -8.09 43.09
CA ASP I 120 -18.52 -8.43 42.32
C ASP I 120 -18.28 -8.06 40.87
N GLU I 121 -19.06 -8.69 39.99
CA GLU I 121 -18.99 -8.44 38.55
C GLU I 121 -17.58 -8.73 38.03
N MET I 122 -17.09 -9.91 38.37
CA MET I 122 -15.71 -10.29 38.11
C MET I 122 -15.50 -10.83 36.71
N ASP I 123 -16.46 -10.64 35.80
CA ASP I 123 -16.27 -10.95 34.40
C ASP I 123 -15.58 -9.82 33.65
N LYS I 124 -15.18 -8.75 34.33
CA LYS I 124 -14.70 -7.52 33.72
C LYS I 124 -13.43 -7.02 34.38
N MET I 125 -12.45 -7.91 34.55
CA MET I 125 -11.24 -7.64 35.30
C MET I 125 -10.00 -7.96 34.47
N HIS I 126 -8.80 -7.71 35.01
CA HIS I 126 -7.56 -7.74 34.24
C HIS I 126 -6.43 -8.22 35.13
N ALA I 127 -5.79 -9.34 34.74
CA ALA I 127 -5.01 -10.18 35.65
C ALA I 127 -3.90 -9.45 36.41
N GLY I 128 -3.50 -8.27 35.95
CA GLY I 128 -2.66 -7.42 36.79
C GLY I 128 -3.30 -7.18 38.14
N LEU I 129 -4.62 -7.10 38.17
CA LEU I 129 -5.38 -6.80 39.36
C LEU I 129 -5.56 -8.00 40.30
N ILE I 130 -5.13 -9.20 39.90
CA ILE I 130 -4.79 -10.25 40.86
C ILE I 130 -3.31 -10.25 41.21
N ASP I 131 -2.46 -9.77 40.30
CA ASP I 131 -1.02 -9.83 40.56
C ASP I 131 -0.58 -8.98 41.75
N ALA I 132 -1.47 -8.17 42.33
CA ALA I 132 -1.17 -7.34 43.49
C ALA I 132 -1.68 -7.92 44.80
N ILE I 133 -2.31 -9.10 44.77
CA ILE I 133 -3.00 -9.64 45.96
C ILE I 133 -2.59 -11.06 46.29
N LYS I 134 -2.07 -11.85 45.36
CA LYS I 134 -1.61 -13.20 45.68
C LYS I 134 -0.66 -13.26 46.87
N PRO I 135 0.28 -12.33 47.05
CA PRO I 135 1.07 -12.34 48.28
C PRO I 135 0.22 -12.17 49.54
N PHE I 136 -0.85 -11.38 49.47
CA PHE I 136 -1.74 -11.27 50.62
C PHE I 136 -2.40 -12.59 50.97
N LEU I 137 -2.45 -13.52 50.02
CA LEU I 137 -3.02 -14.85 50.24
C LEU I 137 -1.97 -15.93 50.38
N ASP I 138 -0.71 -15.55 50.62
CA ASP I 138 0.18 -16.48 51.26
C ASP I 138 -0.33 -16.74 52.67
N TYR I 139 -0.16 -17.98 53.10
CA TYR I 139 -0.43 -18.38 54.48
C TYR I 139 0.58 -17.81 55.48
N TYR I 140 1.53 -16.97 55.03
CA TYR I 140 2.42 -16.21 55.90
C TYR I 140 1.70 -15.68 57.13
N ASP I 141 2.35 -15.79 58.28
CA ASP I 141 1.78 -15.18 59.48
C ASP I 141 1.71 -13.66 59.36
N LEU I 142 2.48 -13.06 58.46
CA LEU I 142 2.41 -11.62 58.30
C LEU I 142 2.91 -11.20 56.93
N VAL I 143 2.70 -9.93 56.63
CA VAL I 143 3.32 -9.21 55.53
C VAL I 143 3.50 -7.77 55.98
N ASP I 144 4.70 -7.22 55.77
CA ASP I 144 5.00 -5.84 56.13
C ASP I 144 4.74 -5.58 57.62
N GLY I 145 4.98 -6.60 58.43
CA GLY I 145 4.69 -6.51 59.84
C GLY I 145 3.22 -6.50 60.17
N VAL I 146 2.38 -7.11 59.32
CA VAL I 146 0.94 -7.19 59.55
C VAL I 146 0.45 -8.55 59.11
N SER I 147 -0.49 -9.10 59.88
CA SER I 147 -1.15 -10.36 59.55
C SER I 147 -2.50 -10.10 58.90
N TYR I 148 -2.83 -10.93 57.92
CA TYR I 148 -4.07 -10.83 57.17
C TYR I 148 -4.92 -12.08 57.25
N GLN I 149 -4.46 -13.12 57.97
CA GLN I 149 -5.10 -14.41 57.89
C GLN I 149 -6.42 -14.49 58.64
N LYS I 150 -6.80 -13.45 59.39
CA LYS I 150 -8.11 -13.45 60.02
C LYS I 150 -9.19 -12.91 59.08
N ALA I 151 -8.82 -12.00 58.18
CA ALA I 151 -9.78 -11.42 57.27
C ALA I 151 -10.27 -12.48 56.30
N MET I 152 -11.25 -12.10 55.49
CA MET I 152 -12.02 -13.04 54.68
C MET I 152 -12.32 -12.38 53.34
N PHE I 153 -11.83 -12.99 52.26
CA PHE I 153 -11.99 -12.47 50.92
C PHE I 153 -12.96 -13.36 50.15
N ILE I 154 -13.93 -12.74 49.50
CA ILE I 154 -15.08 -13.41 48.91
C ILE I 154 -15.26 -12.85 47.51
N PHE I 155 -15.52 -13.73 46.55
CA PHE I 155 -15.69 -13.35 45.16
C PHE I 155 -17.06 -13.78 44.66
N LEU I 156 -17.42 -13.25 43.49
CA LEU I 156 -18.70 -13.49 42.87
C LEU I 156 -18.53 -13.54 41.36
N SER I 157 -19.40 -14.31 40.72
CA SER I 157 -19.42 -14.42 39.27
C SER I 157 -20.69 -15.17 38.87
N ASN I 158 -20.79 -15.48 37.59
CA ASN I 158 -21.81 -16.38 37.09
C ASN I 158 -21.29 -17.38 36.07
N ALA I 159 -20.00 -17.33 35.73
CA ALA I 159 -19.45 -18.26 34.76
C ALA I 159 -19.48 -19.69 35.32
N GLY I 160 -19.31 -20.65 34.42
CA GLY I 160 -19.45 -22.04 34.80
C GLY I 160 -20.88 -22.46 35.09
N ALA I 161 -21.86 -21.59 34.83
CA ALA I 161 -23.25 -21.94 35.09
C ALA I 161 -23.69 -23.12 34.25
N GLU I 162 -23.12 -23.28 33.06
CA GLU I 162 -23.59 -24.31 32.14
C GLU I 162 -23.40 -25.70 32.73
N ARG I 163 -22.34 -25.88 33.52
CA ARG I 163 -22.10 -27.16 34.15
C ARG I 163 -23.12 -27.46 35.23
N ILE I 164 -23.42 -26.48 36.09
CA ILE I 164 -24.38 -26.77 37.14
C ILE I 164 -25.77 -26.97 36.52
N THR I 165 -26.04 -26.34 35.38
CA THR I 165 -27.30 -26.58 34.69
C THR I 165 -27.37 -28.00 34.15
N ASP I 166 -26.46 -28.37 33.25
CA ASP I 166 -26.60 -29.65 32.58
C ASP I 166 -26.46 -30.80 33.57
N VAL I 167 -25.72 -30.60 34.66
CA VAL I 167 -25.70 -31.58 35.74
C VAL I 167 -27.05 -31.61 36.45
N ALA I 168 -27.64 -30.44 36.68
CA ALA I 168 -28.92 -30.39 37.37
C ALA I 168 -29.98 -31.17 36.62
N LEU I 169 -30.06 -30.99 35.30
CA LEU I 169 -30.96 -31.83 34.53
C LEU I 169 -30.45 -33.25 34.40
N ASP I 170 -29.15 -33.49 34.59
CA ASP I 170 -28.66 -34.86 34.54
C ASP I 170 -29.28 -35.68 35.66
N PHE I 171 -28.97 -35.32 36.90
CA PHE I 171 -29.52 -36.06 38.02
C PHE I 171 -31.03 -35.89 38.11
N TRP I 172 -31.56 -34.72 37.75
CA TRP I 172 -33.00 -34.56 37.82
C TRP I 172 -33.69 -35.43 36.77
N ARG I 173 -33.08 -35.56 35.61
CA ARG I 173 -33.54 -36.52 34.61
C ARG I 173 -33.44 -37.94 35.12
N SER I 174 -32.53 -38.21 36.07
CA SER I 174 -32.47 -39.52 36.71
C SER I 174 -33.59 -39.83 37.73
N GLY I 175 -34.64 -39.03 37.79
CA GLY I 175 -35.68 -39.25 38.78
C GLY I 175 -35.19 -38.93 40.17
N LYS I 176 -34.93 -37.65 40.43
CA LYS I 176 -34.11 -37.25 41.56
C LYS I 176 -34.14 -35.74 41.81
N GLN I 177 -33.95 -35.34 43.07
CA GLN I 177 -33.86 -33.95 43.44
C GLN I 177 -32.44 -33.60 43.87
N ARG I 178 -32.06 -32.33 43.75
CA ARG I 178 -30.69 -31.95 44.06
C ARG I 178 -30.36 -32.07 45.54
N GLU I 179 -31.37 -32.22 46.42
CA GLU I 179 -31.08 -32.73 47.75
C GLU I 179 -30.31 -34.03 47.68
N ASP I 180 -30.69 -34.91 46.75
CA ASP I 180 -29.99 -36.16 46.58
C ASP I 180 -28.72 -36.00 45.76
N ILE I 181 -28.61 -34.95 44.96
CA ILE I 181 -27.29 -34.58 44.45
C ILE I 181 -26.44 -34.24 45.66
N LYS I 182 -25.19 -34.67 45.62
CA LYS I 182 -24.26 -34.43 46.70
C LYS I 182 -23.48 -33.16 46.46
N LEU I 183 -22.78 -32.74 47.50
CA LEU I 183 -21.93 -31.57 47.35
C LEU I 183 -20.86 -31.81 46.30
N LYS I 184 -20.20 -32.96 46.40
CA LYS I 184 -19.24 -33.34 45.37
C LYS I 184 -19.96 -33.39 44.03
N ASP I 185 -19.45 -32.61 43.09
CA ASP I 185 -19.85 -32.69 41.71
C ASP I 185 -18.56 -32.41 40.93
N ILE I 186 -18.66 -32.20 39.61
CA ILE I 186 -17.45 -32.35 38.82
C ILE I 186 -16.58 -31.10 38.99
N GLU I 187 -15.75 -31.12 40.05
CA GLU I 187 -14.87 -29.98 40.29
C GLU I 187 -13.75 -29.90 39.27
N HIS I 188 -13.57 -30.96 38.47
CA HIS I 188 -12.67 -30.87 37.33
C HIS I 188 -13.19 -29.89 36.30
N ALA I 189 -14.44 -30.05 35.87
CA ALA I 189 -15.00 -29.10 34.90
C ALA I 189 -15.11 -27.72 35.50
N LEU I 190 -15.36 -27.62 36.82
CA LEU I 190 -15.27 -26.34 37.48
C LEU I 190 -13.87 -25.77 37.37
N SER I 191 -12.85 -26.60 37.49
CA SER I 191 -11.50 -26.11 37.28
C SER I 191 -11.30 -25.66 35.83
N VAL I 192 -11.98 -26.28 34.88
CA VAL I 192 -11.87 -25.87 33.49
C VAL I 192 -12.48 -24.48 33.30
N SER I 193 -13.72 -24.29 33.79
CA SER I 193 -14.32 -22.97 33.79
C SER I 193 -13.44 -21.96 34.52
N VAL I 194 -12.72 -22.43 35.54
CA VAL I 194 -11.82 -21.61 36.31
C VAL I 194 -10.42 -21.60 35.70
N PHE I 195 -10.09 -22.57 34.85
CA PHE I 195 -8.95 -22.46 33.94
C PHE I 195 -9.33 -21.79 32.64
N ASN I 196 -10.61 -21.49 32.42
CA ASN I 196 -11.10 -21.08 31.12
C ASN I 196 -10.44 -19.77 30.71
N ASN I 197 -9.53 -19.83 29.75
CA ASN I 197 -8.68 -18.69 29.41
C ASN I 197 -9.44 -17.47 28.91
N LYS I 198 -10.77 -17.53 28.79
CA LYS I 198 -11.58 -16.35 28.89
C LYS I 198 -11.17 -15.53 30.11
N ASN I 199 -11.26 -14.20 29.99
CA ASN I 199 -10.80 -13.31 31.05
C ASN I 199 -11.50 -13.60 32.38
N SER I 200 -12.79 -13.93 32.32
CA SER I 200 -13.50 -14.35 33.52
C SER I 200 -12.84 -15.57 34.15
N GLY I 201 -12.65 -16.64 33.37
CA GLY I 201 -12.01 -17.83 33.88
C GLY I 201 -10.49 -17.75 33.89
N PHE I 202 -9.92 -16.78 33.17
CA PHE I 202 -8.46 -16.67 33.14
C PHE I 202 -7.95 -15.97 34.38
N TRP I 203 -8.66 -14.92 34.79
CA TRP I 203 -8.52 -14.31 36.10
C TRP I 203 -8.40 -15.37 37.19
N HIS I 204 -9.44 -16.17 37.33
CA HIS I 204 -9.43 -17.22 38.33
C HIS I 204 -8.53 -18.39 37.96
N SER I 205 -8.03 -18.45 36.70
CA SER I 205 -6.99 -19.43 36.34
C SER I 205 -5.67 -19.07 36.98
N SER I 206 -5.27 -17.82 36.84
CA SER I 206 -4.05 -17.36 37.46
C SER I 206 -4.18 -17.28 38.97
N LEU I 207 -5.41 -17.11 39.50
CA LEU I 207 -5.60 -17.27 40.94
C LEU I 207 -5.48 -18.73 41.37
N ILE I 208 -6.06 -19.65 40.60
CA ILE I 208 -6.02 -21.07 40.91
C ILE I 208 -4.66 -21.66 40.54
N ASP I 209 -3.71 -20.82 40.12
CA ASP I 209 -2.31 -21.25 40.05
C ASP I 209 -1.85 -22.00 41.29
N ARG I 210 -2.43 -21.73 42.46
CA ARG I 210 -2.06 -22.37 43.71
C ARG I 210 -3.25 -22.86 44.53
N ASN I 211 -4.44 -22.99 43.92
CA ASN I 211 -5.72 -23.08 44.65
C ASN I 211 -5.72 -22.18 45.88
N LEU I 212 -5.48 -20.89 45.67
CA LEU I 212 -5.64 -20.01 46.82
C LEU I 212 -7.09 -19.95 47.29
N ILE I 213 -8.04 -20.35 46.45
CA ILE I 213 -9.42 -20.54 46.86
C ILE I 213 -9.50 -21.63 47.92
N ASP I 214 -10.43 -21.45 48.85
CA ASP I 214 -10.78 -22.53 49.77
C ASP I 214 -11.77 -23.49 49.13
N TYR I 215 -12.97 -23.02 48.84
CA TYR I 215 -14.10 -23.89 48.50
C TYR I 215 -14.82 -23.31 47.31
N PHE I 216 -14.89 -24.05 46.20
CA PHE I 216 -15.84 -23.73 45.14
C PHE I 216 -17.25 -24.01 45.63
N VAL I 217 -18.16 -23.10 45.34
CA VAL I 217 -19.54 -23.19 45.83
C VAL I 217 -20.47 -22.64 44.76
N PRO I 218 -21.07 -23.47 43.91
CA PRO I 218 -22.14 -23.00 43.06
C PRO I 218 -23.49 -23.01 43.76
N PHE I 219 -24.31 -22.06 43.35
CA PHE I 219 -25.74 -22.06 43.64
C PHE I 219 -26.49 -22.65 42.46
N LEU I 220 -27.82 -22.78 42.60
CA LEU I 220 -28.64 -23.39 41.55
C LEU I 220 -29.95 -22.66 41.33
N PRO I 221 -30.59 -22.82 40.16
CA PRO I 221 -31.87 -22.15 39.90
C PRO I 221 -32.90 -22.46 40.97
N LEU I 222 -33.39 -21.40 41.61
CA LEU I 222 -34.39 -21.56 42.65
C LEU I 222 -35.65 -22.12 42.01
N GLU I 223 -35.87 -23.42 42.23
CA GLU I 223 -36.94 -24.14 41.59
C GLU I 223 -38.28 -23.51 41.97
N TYR I 224 -39.30 -23.74 41.11
CA TYR I 224 -40.58 -23.07 41.27
C TYR I 224 -41.21 -23.31 42.64
N LYS I 225 -40.84 -24.42 43.29
CA LYS I 225 -41.14 -24.53 44.70
C LYS I 225 -40.57 -23.34 45.45
N HIS I 226 -39.32 -22.95 45.17
CA HIS I 226 -38.73 -21.81 45.86
C HIS I 226 -39.43 -20.53 45.48
N LEU I 227 -39.88 -20.41 44.24
CA LEU I 227 -40.75 -19.29 43.88
C LEU I 227 -41.91 -19.23 44.86
N LYS I 228 -42.72 -20.29 44.90
CA LYS I 228 -43.85 -20.35 45.82
C LYS I 228 -43.47 -20.11 47.27
N MET I 229 -42.25 -20.47 47.66
CA MET I 229 -41.80 -20.19 49.02
C MET I 229 -41.61 -18.69 49.21
N CYS I 230 -40.87 -18.04 48.31
CA CYS I 230 -40.67 -16.60 48.39
C CYS I 230 -41.84 -15.81 47.82
N ILE I 231 -42.96 -16.46 47.57
CA ILE I 231 -44.23 -15.81 47.32
C ILE I 231 -45.10 -15.86 48.57
N ARG I 232 -45.31 -17.07 49.09
CA ARG I 232 -46.07 -17.23 50.32
C ARG I 232 -45.41 -16.51 51.48
N VAL I 233 -44.13 -16.82 51.72
CA VAL I 233 -43.42 -16.29 52.88
C VAL I 233 -43.32 -14.77 52.76
N GLU I 234 -43.01 -14.26 51.58
CA GLU I 234 -42.82 -12.83 51.44
C GLU I 234 -44.15 -12.09 51.54
N MET I 235 -45.13 -12.49 50.73
CA MET I 235 -46.38 -11.75 50.71
C MET I 235 -47.16 -11.88 52.00
N GLN I 236 -47.07 -13.04 52.66
CA GLN I 236 -47.59 -13.14 54.02
C GLN I 236 -46.76 -12.34 55.01
N SER I 237 -45.47 -12.14 54.73
CA SER I 237 -44.64 -11.30 55.58
C SER I 237 -44.91 -9.82 55.35
N ARG I 238 -45.44 -9.45 54.19
CA ARG I 238 -45.66 -8.04 53.83
C ARG I 238 -47.09 -7.57 54.06
N GLY I 239 -47.95 -8.37 54.67
CA GLY I 239 -49.34 -7.98 54.81
C GLY I 239 -50.02 -7.76 53.48
N TYR I 240 -49.63 -8.54 52.48
CA TYR I 240 -49.99 -8.31 51.09
C TYR I 240 -51.37 -8.84 50.74
N GLU I 241 -51.92 -9.74 51.55
CA GLU I 241 -53.20 -10.39 51.27
C GLU I 241 -53.14 -11.17 49.96
N ILE I 242 -52.20 -12.10 49.92
CA ILE I 242 -52.12 -13.05 48.82
C ILE I 242 -53.09 -14.20 49.09
N ASP I 243 -53.48 -14.90 48.02
CA ASP I 243 -54.36 -16.05 48.10
C ASP I 243 -53.88 -17.12 47.12
N GLU I 244 -54.71 -18.12 46.86
CA GLU I 244 -54.25 -19.27 46.08
C GLU I 244 -54.01 -18.90 44.62
N ASP I 245 -54.96 -18.19 44.01
CA ASP I 245 -54.91 -17.93 42.57
C ASP I 245 -53.61 -17.24 42.18
N ILE I 246 -53.16 -16.31 43.02
CA ILE I 246 -51.89 -15.62 42.80
C ILE I 246 -50.75 -16.61 42.69
N VAL I 247 -50.85 -17.75 43.37
CA VAL I 247 -49.83 -18.79 43.36
C VAL I 247 -50.16 -19.91 42.37
N SER I 248 -51.32 -19.85 41.73
CA SER I 248 -51.45 -20.49 40.42
C SER I 248 -50.69 -19.70 39.37
N ARG I 249 -50.69 -18.38 39.52
CA ARG I 249 -50.09 -17.52 38.49
C ARG I 249 -48.57 -17.51 38.55
N VAL I 250 -47.95 -18.12 39.57
CA VAL I 250 -46.49 -18.22 39.57
C VAL I 250 -46.02 -19.00 38.36
N ALA I 251 -46.75 -20.05 37.98
CA ALA I 251 -46.41 -20.89 36.85
C ALA I 251 -47.32 -20.69 35.65
N GLU I 252 -48.56 -20.26 35.86
CA GLU I 252 -49.41 -19.96 34.71
C GLU I 252 -48.90 -18.76 33.92
N GLU I 253 -48.10 -17.89 34.54
CA GLU I 253 -47.68 -16.62 33.97
C GLU I 253 -46.18 -16.39 34.19
N MET I 254 -45.37 -17.40 33.89
CA MET I 254 -43.93 -17.28 34.04
C MET I 254 -43.26 -18.24 33.06
N THR I 255 -42.02 -17.91 32.69
CA THR I 255 -41.18 -18.76 31.85
C THR I 255 -40.15 -19.48 32.71
N PHE I 256 -39.98 -20.77 32.43
CA PHE I 256 -38.98 -21.61 33.04
C PHE I 256 -38.07 -22.17 31.95
N PHE I 257 -37.03 -22.90 32.36
CA PHE I 257 -36.00 -23.40 31.47
C PHE I 257 -35.86 -24.92 31.64
N PRO I 258 -35.73 -25.70 30.55
CA PRO I 258 -35.91 -25.36 29.14
C PRO I 258 -37.38 -25.20 28.86
N LYS I 259 -37.73 -24.73 27.67
CA LYS I 259 -39.14 -24.77 27.25
C LYS I 259 -39.69 -26.18 27.29
N GLU I 260 -38.94 -27.15 26.80
CA GLU I 260 -39.48 -28.47 26.57
C GLU I 260 -39.84 -29.18 27.86
N GLU I 261 -39.48 -28.61 29.02
CA GLU I 261 -39.86 -29.12 30.32
C GLU I 261 -40.45 -28.03 31.22
N ARG I 262 -40.02 -26.78 31.03
CA ARG I 262 -40.48 -25.65 31.85
C ARG I 262 -40.22 -25.91 33.33
N VAL I 263 -38.93 -25.95 33.69
CA VAL I 263 -38.54 -26.38 35.03
C VAL I 263 -37.70 -25.32 35.72
N PHE I 264 -36.50 -25.08 35.19
CA PHE I 264 -35.58 -24.18 35.87
C PHE I 264 -36.01 -22.74 35.66
N SER I 265 -35.96 -21.98 36.74
CA SER I 265 -36.48 -20.62 36.74
C SER I 265 -35.59 -19.73 35.88
N ASP I 266 -35.93 -18.46 35.83
CA ASP I 266 -35.14 -17.45 35.16
C ASP I 266 -34.60 -16.46 36.20
N LYS I 267 -35.26 -16.37 37.35
CA LYS I 267 -34.83 -15.45 38.40
C LYS I 267 -34.90 -16.01 39.80
N GLY I 268 -35.63 -17.08 40.03
CA GLY I 268 -35.94 -17.42 41.40
C GLY I 268 -36.68 -16.29 42.07
N CYS I 269 -36.11 -15.82 43.18
CA CYS I 269 -36.79 -14.91 44.09
C CYS I 269 -36.30 -13.48 43.93
N LYS I 270 -35.86 -13.12 42.73
CA LYS I 270 -35.39 -11.78 42.42
C LYS I 270 -36.47 -10.88 41.87
N THR I 271 -37.04 -11.26 40.73
CA THR I 271 -38.17 -10.55 40.14
C THR I 271 -39.50 -11.05 40.67
N VAL I 272 -39.49 -11.87 41.72
CA VAL I 272 -40.70 -12.54 42.14
C VAL I 272 -41.73 -11.53 42.63
N PHE I 273 -41.33 -10.61 43.50
CA PHE I 273 -42.30 -9.75 44.18
C PHE I 273 -42.86 -8.67 43.26
N THR I 274 -42.14 -8.30 42.21
CA THR I 274 -42.68 -7.35 41.24
C THR I 274 -43.81 -7.99 40.44
N LYS I 275 -43.57 -9.19 39.92
CA LYS I 275 -44.62 -9.95 39.26
C LYS I 275 -45.77 -10.24 40.22
N LEU I 276 -45.46 -10.44 41.49
CA LEU I 276 -46.54 -10.58 42.46
C LEU I 276 -47.32 -9.28 42.61
N ASP I 277 -46.67 -8.14 42.48
CA ASP I 277 -47.42 -6.90 42.44
C ASP I 277 -48.30 -6.84 41.20
N TYR I 278 -47.88 -7.46 40.09
CA TYR I 278 -48.84 -7.62 39.01
C TYR I 278 -50.01 -8.50 39.46
N TYR I 279 -49.76 -9.50 40.28
CA TYR I 279 -50.85 -10.37 40.67
C TYR I 279 -51.75 -9.72 41.71
N TYR I 280 -51.25 -8.67 42.40
CA TYR I 280 -52.16 -7.71 43.01
C TYR I 280 -52.99 -7.04 41.94
N ASP I 281 -52.32 -6.65 40.85
CA ASP I 281 -53.05 -6.10 39.72
C ASP I 281 -53.85 -7.19 39.00
N ASP I 282 -53.43 -8.45 39.14
CA ASP I 282 -54.19 -9.64 38.72
C ASP I 282 -54.71 -9.54 37.28
N GLY J 1 -49.57 -23.33 22.59
CA GLY J 1 -49.10 -24.11 21.41
C GLY J 1 -47.63 -24.46 21.49
N GLN J 2 -46.77 -23.43 21.41
CA GLN J 2 -45.34 -23.67 21.53
C GLN J 2 -44.96 -24.23 22.89
N LYS J 3 -45.75 -23.92 23.92
CA LYS J 3 -45.62 -24.51 25.24
C LYS J 3 -46.51 -25.72 25.43
N ARG J 4 -46.91 -26.38 24.35
CA ARG J 4 -47.76 -27.57 24.39
C ARG J 4 -47.09 -28.68 23.60
N SER J 5 -46.84 -29.80 24.27
CA SER J 5 -46.53 -31.03 23.56
C SER J 5 -47.82 -31.58 22.95
N LEU J 6 -47.80 -31.82 21.64
CA LEU J 6 -49.03 -32.06 20.90
C LEU J 6 -49.65 -33.38 21.34
N SER J 7 -50.83 -33.29 21.94
CA SER J 7 -51.59 -34.48 22.24
C SER J 7 -52.24 -35.02 20.96
N ARG J 8 -52.55 -36.31 21.00
CA ARG J 8 -53.08 -36.99 19.82
C ARG J 8 -54.42 -36.39 19.41
N GLU J 9 -55.25 -36.06 20.40
CA GLU J 9 -56.59 -35.56 20.13
C GLU J 9 -56.56 -34.29 19.29
N ALA J 10 -55.65 -33.37 19.61
CA ALA J 10 -55.61 -32.10 18.90
C ALA J 10 -55.34 -32.32 17.42
N LEU J 11 -54.46 -33.27 17.09
CA LEU J 11 -54.03 -33.43 15.71
C LEU J 11 -55.02 -34.24 14.91
N GLN J 12 -55.50 -35.35 15.48
CA GLN J 12 -56.55 -36.08 14.78
C GLN J 12 -57.79 -35.21 14.63
N LYS J 13 -58.05 -34.38 15.62
CA LYS J 13 -59.14 -33.41 15.52
C LYS J 13 -58.92 -32.47 14.35
N ASP J 14 -57.74 -31.86 14.27
CA ASP J 14 -57.47 -30.86 13.23
C ASP J 14 -57.57 -31.49 11.85
N LEU J 15 -56.90 -32.61 11.65
CA LEU J 15 -56.88 -33.24 10.34
C LEU J 15 -58.28 -33.73 9.96
N ASP J 16 -58.99 -34.34 10.92
CA ASP J 16 -60.35 -34.78 10.65
C ASP J 16 -61.27 -33.60 10.38
N ASP J 17 -60.92 -32.41 10.86
CA ASP J 17 -61.71 -31.23 10.54
C ASP J 17 -61.46 -30.78 9.12
N ASN J 18 -60.19 -30.58 8.76
CA ASN J 18 -59.86 -29.86 7.54
C ASN J 18 -59.30 -30.76 6.44
N LEU J 19 -58.59 -31.83 6.78
CA LEU J 19 -58.01 -32.69 5.76
C LEU J 19 -59.09 -33.61 5.21
N PHE J 20 -59.14 -33.69 3.88
CA PHE J 20 -60.11 -34.50 3.17
C PHE J 20 -59.43 -35.75 2.62
N GLY J 21 -59.95 -36.91 3.03
CA GLY J 21 -59.30 -38.15 2.68
C GLY J 21 -57.97 -38.29 3.36
N GLN J 22 -57.04 -38.96 2.67
CA GLN J 22 -55.68 -39.10 3.13
C GLN J 22 -55.63 -39.78 4.50
N HIS J 23 -56.43 -40.84 4.64
CA HIS J 23 -56.43 -41.65 5.85
C HIS J 23 -55.01 -42.09 6.21
N LEU J 24 -54.22 -42.45 5.18
CA LEU J 24 -52.84 -42.85 5.40
C LEU J 24 -52.06 -41.76 6.11
N ALA J 25 -52.29 -40.52 5.71
CA ALA J 25 -51.48 -39.44 6.24
C ALA J 25 -51.86 -39.13 7.68
N LYS J 26 -53.14 -39.29 7.99
CA LYS J 26 -53.59 -39.10 9.36
C LYS J 26 -52.99 -40.16 10.28
N LYS J 27 -53.05 -41.43 9.85
CA LYS J 27 -52.46 -42.51 10.64
C LYS J 27 -50.97 -42.27 10.85
N ILE J 28 -50.23 -42.15 9.74
CA ILE J 28 -48.78 -41.95 9.78
C ILE J 28 -48.43 -40.79 10.67
N ILE J 29 -48.88 -39.61 10.27
CA ILE J 29 -48.46 -38.38 10.92
C ILE J 29 -48.80 -38.46 12.39
N LEU J 30 -50.07 -38.73 12.69
CA LEU J 30 -50.56 -38.69 14.06
C LEU J 30 -49.72 -39.58 14.97
N ASN J 31 -49.63 -40.87 14.65
CA ASN J 31 -48.91 -41.76 15.55
C ASN J 31 -47.41 -41.49 15.53
N ALA J 32 -46.89 -41.12 14.36
CA ALA J 32 -45.45 -40.94 14.20
C ALA J 32 -44.95 -39.78 15.04
N VAL J 33 -45.51 -38.59 14.83
CA VAL J 33 -45.05 -37.46 15.63
C VAL J 33 -45.46 -37.66 17.09
N PHE J 34 -46.67 -38.19 17.33
CA PHE J 34 -47.15 -38.31 18.70
C PHE J 34 -46.26 -39.23 19.52
N GLY J 35 -45.59 -40.19 18.88
CA GLY J 35 -44.57 -40.96 19.53
C GLY J 35 -43.26 -40.19 19.59
N PHE J 36 -42.97 -39.47 18.51
CA PHE J 36 -41.69 -38.76 18.39
C PHE J 36 -41.62 -37.59 19.37
N ILE J 37 -42.60 -36.69 19.30
CA ILE J 37 -42.52 -35.46 20.09
C ILE J 37 -42.59 -35.78 21.57
N ASN J 38 -43.36 -36.79 21.94
CA ASN J 38 -43.41 -37.22 23.33
C ASN J 38 -42.15 -37.97 23.76
N ASN J 39 -41.34 -38.42 22.82
CA ASN J 39 -40.11 -39.12 23.16
C ASN J 39 -39.06 -38.11 23.57
N PRO J 40 -38.54 -38.14 24.81
CA PRO J 40 -37.38 -37.30 25.14
C PRO J 40 -36.07 -37.80 24.56
N LYS J 41 -36.05 -39.00 23.97
CA LYS J 41 -34.84 -39.58 23.40
C LYS J 41 -35.19 -40.18 22.05
N PRO J 42 -35.34 -39.34 21.02
CA PRO J 42 -35.69 -39.88 19.70
C PRO J 42 -34.62 -40.76 19.09
N LYS J 43 -33.35 -40.54 19.45
CA LYS J 43 -32.15 -41.17 18.92
C LYS J 43 -31.79 -40.61 17.54
N LYS J 44 -32.66 -39.85 16.89
CA LYS J 44 -32.42 -39.33 15.55
C LYS J 44 -33.37 -38.16 15.34
N PRO J 45 -33.06 -37.25 14.45
CA PRO J 45 -34.07 -36.30 14.03
C PRO J 45 -35.12 -36.98 13.16
N LEU J 46 -36.16 -36.26 12.80
CA LEU J 46 -37.26 -36.80 12.01
C LEU J 46 -36.94 -36.57 10.55
N THR J 47 -36.80 -37.67 9.81
CA THR J 47 -36.39 -37.63 8.41
C THR J 47 -37.59 -38.05 7.58
N LEU J 48 -38.40 -37.07 7.21
CA LEU J 48 -39.63 -37.31 6.48
C LEU J 48 -39.41 -37.12 4.99
N SER J 49 -40.12 -37.93 4.21
CA SER J 49 -40.07 -37.89 2.76
C SER J 49 -41.47 -37.70 2.23
N LEU J 50 -41.62 -36.89 1.20
CA LEU J 50 -42.89 -36.70 0.53
C LEU J 50 -42.68 -36.52 -0.97
N HIS J 51 -43.55 -37.16 -1.72
CA HIS J 51 -43.60 -37.01 -3.16
C HIS J 51 -45.01 -37.42 -3.59
N GLY J 52 -45.29 -37.31 -4.89
CA GLY J 52 -46.60 -37.61 -5.43
C GLY J 52 -47.19 -36.47 -6.23
N TRP J 53 -48.51 -36.29 -6.10
CA TRP J 53 -49.24 -35.30 -6.87
C TRP J 53 -49.56 -34.08 -6.01
N THR J 54 -49.66 -32.92 -6.66
CA THR J 54 -49.86 -31.68 -5.91
C THR J 54 -51.29 -31.49 -5.48
N GLY J 55 -51.50 -30.38 -4.78
CA GLY J 55 -52.81 -29.97 -4.38
C GLY J 55 -53.52 -30.93 -3.46
N THR J 56 -52.80 -31.93 -2.96
CA THR J 56 -53.28 -32.92 -2.02
C THR J 56 -52.97 -32.50 -0.60
N GLY J 57 -52.08 -31.54 -0.45
CA GLY J 57 -51.91 -30.81 0.78
C GLY J 57 -50.55 -30.90 1.42
N LYS J 58 -49.47 -31.05 0.66
CA LYS J 58 -48.17 -31.15 1.27
C LYS J 58 -47.81 -29.90 2.04
N ASN J 59 -47.71 -28.78 1.33
CA ASN J 59 -47.43 -27.52 2.01
C ASN J 59 -48.58 -27.14 2.93
N PHE J 60 -49.80 -27.57 2.59
CA PHE J 60 -50.95 -27.46 3.48
C PHE J 60 -50.67 -28.16 4.81
N VAL J 61 -50.39 -29.47 4.80
CA VAL J 61 -50.26 -30.19 6.08
C VAL J 61 -49.04 -29.70 6.85
N SER J 62 -47.94 -29.45 6.15
CA SER J 62 -46.75 -28.92 6.81
C SER J 62 -47.08 -27.61 7.51
N LYS J 63 -47.83 -26.75 6.83
CA LYS J 63 -48.30 -25.52 7.44
C LYS J 63 -49.12 -25.82 8.70
N ILE J 64 -50.04 -26.78 8.62
CA ILE J 64 -50.95 -27.04 9.73
C ILE J 64 -50.16 -27.44 10.96
N ILE J 65 -49.31 -28.46 10.81
CA ILE J 65 -48.59 -28.93 11.98
C ILE J 65 -47.62 -27.87 12.46
N ALA J 66 -47.08 -27.07 11.54
CA ALA J 66 -46.26 -25.94 11.95
C ALA J 66 -47.04 -24.99 12.84
N GLU J 67 -48.33 -24.81 12.56
CA GLU J 67 -49.15 -23.92 13.38
C GLU J 67 -49.47 -24.57 14.73
N ASN J 68 -49.76 -25.86 14.72
CA ASN J 68 -50.08 -26.54 15.98
C ASN J 68 -48.88 -26.56 16.91
N ILE J 69 -47.68 -26.77 16.37
CA ILE J 69 -46.50 -26.78 17.20
C ILE J 69 -46.25 -25.39 17.77
N TYR J 70 -46.01 -24.42 16.89
CA TYR J 70 -45.75 -23.04 17.28
C TYR J 70 -46.83 -22.13 16.71
N GLU J 71 -47.17 -21.11 17.50
CA GLU J 71 -48.10 -20.09 17.04
C GLU J 71 -47.58 -19.38 15.81
N GLY J 72 -46.25 -19.30 15.65
CA GLY J 72 -45.67 -18.69 14.48
C GLY J 72 -46.06 -19.37 13.18
N GLY J 73 -46.40 -20.65 13.25
CA GLY J 73 -46.60 -21.40 12.03
C GLY J 73 -45.32 -21.39 11.24
N LEU J 74 -45.30 -20.59 10.17
CA LEU J 74 -44.07 -20.31 9.44
C LEU J 74 -43.41 -19.01 9.87
N ASN J 75 -44.11 -18.16 10.63
CA ASN J 75 -43.52 -16.92 11.11
C ASN J 75 -42.47 -17.12 12.19
N SER J 76 -42.38 -18.31 12.78
CA SER J 76 -41.50 -18.51 13.90
C SER J 76 -40.04 -18.34 13.50
N ASP J 77 -39.30 -17.65 14.37
CA ASP J 77 -37.85 -17.56 14.21
C ASP J 77 -37.20 -18.93 14.28
N TYR J 78 -37.78 -19.84 15.06
CA TYR J 78 -37.33 -21.22 15.07
C TYR J 78 -37.52 -21.86 13.70
N VAL J 79 -38.69 -21.65 13.10
CA VAL J 79 -39.06 -22.30 11.85
C VAL J 79 -38.49 -21.44 10.74
N HIS J 80 -37.36 -21.87 10.20
CA HIS J 80 -36.63 -21.14 9.17
C HIS J 80 -36.54 -21.99 7.91
N LEU J 81 -36.93 -21.38 6.79
CA LEU J 81 -37.23 -22.11 5.57
C LEU J 81 -36.21 -21.86 4.48
N PHE J 82 -35.96 -22.91 3.69
CA PHE J 82 -35.10 -22.87 2.52
C PHE J 82 -35.85 -23.38 1.32
N VAL J 83 -35.39 -22.97 0.15
CA VAL J 83 -35.96 -23.36 -1.13
C VAL J 83 -34.82 -23.62 -2.09
N ALA J 84 -35.06 -24.52 -3.05
CA ALA J 84 -34.06 -24.80 -4.07
C ALA J 84 -33.73 -23.54 -4.86
N THR J 85 -34.71 -23.02 -5.59
CA THR J 85 -34.41 -22.04 -6.63
C THR J 85 -34.09 -20.67 -6.04
N LEU J 86 -34.90 -20.23 -5.06
CA LEU J 86 -34.72 -18.91 -4.48
C LEU J 86 -33.36 -18.72 -3.85
N HIS J 87 -32.83 -19.75 -3.26
CA HIS J 87 -31.53 -19.70 -2.60
C HIS J 87 -30.45 -20.41 -3.40
N PHE J 88 -30.76 -21.57 -3.97
CA PHE J 88 -29.74 -22.48 -4.51
C PHE J 88 -30.00 -22.75 -6.00
N PRO J 89 -29.95 -21.72 -6.84
CA PRO J 89 -30.23 -21.92 -8.26
C PRO J 89 -29.17 -22.74 -8.99
N HIS J 90 -27.91 -22.35 -8.87
CA HIS J 90 -26.88 -22.77 -9.81
C HIS J 90 -25.97 -23.83 -9.23
N ALA J 91 -25.36 -24.59 -10.13
CA ALA J 91 -24.27 -25.49 -9.79
C ALA J 91 -22.92 -24.78 -9.72
N SER J 92 -22.90 -23.46 -9.81
CA SER J 92 -21.65 -22.71 -9.72
C SER J 92 -21.25 -22.52 -8.26
N ASN J 93 -22.17 -22.01 -7.45
CA ASN J 93 -21.90 -21.63 -6.07
C ASN J 93 -22.24 -22.72 -5.09
N ILE J 94 -22.04 -23.99 -5.47
CA ILE J 94 -22.45 -25.11 -4.64
C ILE J 94 -21.78 -25.04 -3.28
N THR J 95 -20.51 -24.66 -3.26
CA THR J 95 -19.75 -24.67 -2.02
C THR J 95 -20.25 -23.61 -1.06
N LEU J 96 -20.43 -22.40 -1.56
CA LEU J 96 -21.03 -21.34 -0.75
C LEU J 96 -22.38 -21.77 -0.23
N TYR J 97 -23.16 -22.45 -1.07
CA TYR J 97 -24.46 -22.91 -0.65
C TYR J 97 -24.33 -23.94 0.47
N LYS J 98 -23.28 -24.75 0.44
CA LYS J 98 -23.09 -25.73 1.50
C LYS J 98 -22.66 -25.07 2.80
N ASP J 99 -21.73 -24.12 2.72
CA ASP J 99 -21.24 -23.49 3.93
C ASP J 99 -22.33 -22.64 4.58
N GLN J 100 -22.99 -21.80 3.78
CA GLN J 100 -24.13 -21.04 4.26
C GLN J 100 -25.18 -21.95 4.84
N LEU J 101 -25.38 -23.11 4.20
CA LEU J 101 -26.34 -24.07 4.71
C LEU J 101 -25.97 -24.51 6.11
N GLN J 102 -24.76 -25.04 6.27
CA GLN J 102 -24.31 -25.53 7.57
C GLN J 102 -24.41 -24.46 8.64
N LEU J 103 -24.06 -23.23 8.31
CA LEU J 103 -24.02 -22.18 9.33
C LEU J 103 -25.44 -21.76 9.72
N TRP J 104 -26.32 -21.57 8.73
CA TRP J 104 -27.69 -21.20 9.04
C TRP J 104 -28.36 -22.30 9.86
N ILE J 105 -28.04 -23.57 9.55
CA ILE J 105 -28.49 -24.67 10.37
C ILE J 105 -28.04 -24.46 11.80
N ARG J 106 -26.72 -24.42 12.03
CA ARG J 106 -26.17 -24.32 13.37
C ARG J 106 -26.76 -23.14 14.14
N GLY J 107 -27.04 -22.04 13.45
CA GLY J 107 -27.68 -20.91 14.10
C GLY J 107 -29.03 -21.28 14.65
N ASN J 108 -29.94 -21.71 13.77
CA ASN J 108 -31.30 -21.96 14.22
C ASN J 108 -31.38 -23.08 15.24
N VAL J 109 -30.65 -24.17 15.01
CA VAL J 109 -30.72 -25.29 15.94
C VAL J 109 -30.07 -24.92 17.26
N SER J 110 -29.00 -24.12 17.22
CA SER J 110 -28.39 -23.67 18.46
C SER J 110 -29.30 -22.71 19.21
N ALA J 111 -30.29 -22.11 18.53
CA ALA J 111 -31.37 -21.47 19.26
C ALA J 111 -32.21 -22.49 20.01
N CYS J 112 -32.54 -23.61 19.36
CA CYS J 112 -33.28 -24.69 20.00
C CYS J 112 -33.29 -25.89 19.08
N ALA J 113 -33.25 -27.08 19.68
CA ALA J 113 -33.28 -28.31 18.90
C ALA J 113 -34.67 -28.63 18.38
N ARG J 114 -35.70 -27.94 18.88
CA ARG J 114 -37.06 -28.12 18.38
C ARG J 114 -37.37 -27.23 17.19
N SER J 115 -36.38 -26.54 16.65
CA SER J 115 -36.58 -25.81 15.41
C SER J 115 -36.86 -26.79 14.27
N ILE J 116 -37.45 -26.27 13.19
CA ILE J 116 -37.90 -27.08 12.07
C ILE J 116 -37.33 -26.48 10.79
N PHE J 117 -36.88 -27.36 9.90
CA PHE J 117 -36.47 -27.00 8.55
C PHE J 117 -37.28 -27.80 7.55
N ILE J 118 -37.62 -27.15 6.43
CA ILE J 118 -38.29 -27.79 5.31
C ILE J 118 -37.60 -27.33 4.04
N PHE J 119 -37.55 -28.23 3.06
CA PHE J 119 -37.12 -27.91 1.71
C PHE J 119 -38.29 -28.12 0.75
N ASP J 120 -38.11 -27.63 -0.47
CA ASP J 120 -39.14 -27.69 -1.49
C ASP J 120 -38.49 -27.58 -2.86
N GLU J 121 -39.21 -28.06 -3.88
CA GLU J 121 -38.77 -28.02 -5.26
C GLU J 121 -37.44 -28.75 -5.40
N MET J 122 -37.41 -29.97 -4.91
CA MET J 122 -36.20 -30.76 -4.81
C MET J 122 -35.85 -31.49 -6.10
N ASP J 123 -36.50 -31.14 -7.21
CA ASP J 123 -36.10 -31.67 -8.51
C ASP J 123 -34.96 -30.86 -9.13
N LYS J 124 -34.41 -29.89 -8.41
CA LYS J 124 -33.46 -28.92 -8.96
C LYS J 124 -32.27 -28.74 -8.02
N MET J 125 -31.67 -29.86 -7.59
CA MET J 125 -30.63 -29.85 -6.58
C MET J 125 -29.39 -30.60 -7.07
N HIS J 126 -28.33 -30.65 -6.26
CA HIS J 126 -27.02 -31.12 -6.71
C HIS J 126 -26.30 -31.80 -5.55
N ALA J 127 -25.97 -33.09 -5.73
CA ALA J 127 -25.71 -34.02 -4.61
C ALA J 127 -24.61 -33.54 -3.65
N GLY J 128 -23.78 -32.58 -4.06
CA GLY J 128 -22.93 -31.93 -3.08
C GLY J 128 -23.74 -31.36 -1.93
N LEU J 129 -24.95 -30.91 -2.22
CA LEU J 129 -25.83 -30.26 -1.26
C LEU J 129 -26.55 -31.24 -0.35
N ILE J 130 -26.43 -32.56 -0.57
CA ILE J 130 -26.64 -33.54 0.49
C ILE J 130 -25.35 -33.91 1.18
N ASP J 131 -24.21 -33.82 0.48
CA ASP J 131 -22.96 -34.25 1.09
C ASP J 131 -22.54 -33.43 2.30
N ALA J 132 -23.25 -32.34 2.62
CA ALA J 132 -22.97 -31.51 3.78
C ALA J 132 -23.91 -31.76 4.95
N ILE J 133 -24.85 -32.70 4.82
CA ILE J 133 -25.90 -32.88 5.83
C ILE J 133 -26.03 -34.30 6.32
N LYS J 134 -25.58 -35.31 5.58
CA LYS J 134 -25.64 -36.70 6.06
C LYS J 134 -25.04 -36.88 7.44
N PRO J 135 -23.93 -36.25 7.80
CA PRO J 135 -23.46 -36.33 9.19
C PRO J 135 -24.47 -35.80 10.19
N PHE J 136 -25.20 -34.74 9.83
CA PHE J 136 -26.24 -34.25 10.73
C PHE J 136 -27.32 -35.28 10.97
N LEU J 137 -27.47 -36.25 10.08
CA LEU J 137 -28.44 -37.33 10.22
C LEU J 137 -27.82 -38.64 10.66
N ASP J 138 -26.59 -38.61 11.16
CA ASP J 138 -26.19 -39.68 12.05
C ASP J 138 -27.05 -39.62 13.31
N TYR J 139 -27.38 -40.79 13.82
CA TYR J 139 -28.03 -40.94 15.11
C TYR J 139 -27.14 -40.57 16.30
N TYR J 140 -25.91 -40.09 16.05
CA TYR J 140 -25.04 -39.52 17.06
C TYR J 140 -25.81 -38.67 18.07
N ASP J 141 -25.49 -38.83 19.35
CA ASP J 141 -26.07 -37.95 20.35
C ASP J 141 -25.66 -36.50 20.14
N LEU J 142 -24.57 -36.25 19.43
CA LEU J 142 -24.16 -34.88 19.19
C LEU J 142 -23.27 -34.78 17.96
N VAL J 143 -23.01 -33.55 17.56
CA VAL J 143 -21.98 -33.17 16.62
C VAL J 143 -21.47 -31.81 17.03
N ASP J 144 -20.14 -31.65 17.08
CA ASP J 144 -19.52 -30.38 17.45
C ASP J 144 -20.00 -29.89 18.82
N GLY J 145 -20.26 -30.84 19.71
CA GLY J 145 -20.81 -30.49 21.00
C GLY J 145 -22.26 -30.03 20.96
N VAL J 146 -23.03 -30.46 19.97
CA VAL J 146 -24.44 -30.09 19.84
C VAL J 146 -25.22 -31.30 19.36
N SER J 147 -26.43 -31.47 19.92
CA SER J 147 -27.35 -32.52 19.49
C SER J 147 -28.38 -31.95 18.52
N TYR J 148 -28.72 -32.76 17.52
CA TYR J 148 -29.68 -32.40 16.49
C TYR J 148 -30.87 -33.34 16.43
N GLN J 149 -30.92 -34.37 17.28
CA GLN J 149 -31.89 -35.43 17.11
C GLN J 149 -33.30 -35.04 17.52
N LYS J 150 -33.50 -33.86 18.11
CA LYS J 150 -34.85 -33.40 18.40
C LYS J 150 -35.47 -32.69 17.21
N ALA J 151 -34.66 -32.04 16.39
CA ALA J 151 -35.18 -31.32 15.24
C ALA J 151 -35.75 -32.30 14.23
N MET J 152 -36.36 -31.74 13.19
CA MET J 152 -37.19 -32.51 12.27
C MET J 152 -36.98 -31.96 10.87
N PHE J 153 -36.48 -32.80 9.97
CA PHE J 153 -36.18 -32.42 8.60
C PHE J 153 -37.18 -33.08 7.66
N ILE J 154 -37.75 -32.28 6.77
CA ILE J 154 -38.89 -32.66 5.96
C ILE J 154 -38.59 -32.23 4.53
N PHE J 155 -38.90 -33.11 3.58
CA PHE J 155 -38.64 -32.87 2.17
C PHE J 155 -39.93 -32.93 1.37
N LEU J 156 -39.84 -32.46 0.13
CA LEU J 156 -40.97 -32.40 -0.77
C LEU J 156 -40.50 -32.67 -2.19
N SER J 157 -41.41 -33.23 -2.98
CA SER J 157 -41.15 -33.50 -4.38
C SER J 157 -42.47 -33.88 -5.05
N ASN J 158 -42.37 -34.30 -6.30
CA ASN J 158 -43.50 -34.92 -6.99
C ASN J 158 -43.09 -36.14 -7.82
N ALA J 159 -41.81 -36.51 -7.84
CA ALA J 159 -41.37 -37.67 -8.59
C ALA J 159 -41.95 -38.94 -8.00
N GLY J 160 -41.89 -40.01 -8.79
CA GLY J 160 -42.53 -41.25 -8.39
C GLY J 160 -44.05 -41.20 -8.43
N ALA J 161 -44.64 -40.12 -8.96
CA ALA J 161 -46.08 -40.03 -9.02
C ALA J 161 -46.68 -41.13 -9.89
N GLU J 162 -45.94 -41.57 -10.91
CA GLU J 162 -46.49 -42.52 -11.86
C GLU J 162 -46.87 -43.84 -11.18
N ARG J 163 -46.11 -44.22 -10.15
CA ARG J 163 -46.42 -45.44 -9.43
C ARG J 163 -47.69 -45.30 -8.61
N ILE J 164 -47.86 -44.20 -7.90
CA ILE J 164 -49.06 -44.06 -7.09
C ILE J 164 -50.27 -43.92 -8.02
N THR J 165 -50.08 -43.38 -9.22
CA THR J 165 -51.18 -43.33 -10.18
C THR J 165 -51.57 -44.73 -10.65
N ASP J 166 -50.64 -45.43 -11.29
CA ASP J 166 -51.02 -46.70 -11.91
C ASP J 166 -51.45 -47.72 -10.86
N VAL J 167 -50.94 -47.60 -9.65
CA VAL J 167 -51.45 -48.42 -8.55
C VAL J 167 -52.86 -47.99 -8.18
N ALA J 168 -53.11 -46.68 -8.16
CA ALA J 168 -54.43 -46.18 -7.79
C ALA J 168 -55.49 -46.71 -8.74
N LEU J 169 -55.22 -46.67 -10.05
CA LEU J 169 -56.14 -47.30 -10.97
C LEU J 169 -56.07 -48.80 -10.92
N ASP J 170 -54.99 -49.38 -10.41
CA ASP J 170 -54.95 -50.84 -10.27
C ASP J 170 -56.02 -51.30 -9.30
N PHE J 171 -55.88 -50.90 -8.05
CA PHE J 171 -56.86 -51.32 -7.05
C PHE J 171 -58.23 -50.72 -7.34
N TRP J 172 -58.29 -49.50 -7.86
CA TRP J 172 -59.59 -48.92 -8.16
C TRP J 172 -60.27 -49.67 -9.30
N ARG J 173 -59.49 -50.11 -10.28
CA ARG J 173 -59.98 -51.00 -11.30
C ARG J 173 -60.44 -52.33 -10.72
N SER J 174 -59.89 -52.73 -9.57
CA SER J 174 -60.37 -53.92 -8.87
C SER J 174 -61.72 -53.78 -8.16
N GLY J 175 -62.47 -52.70 -8.38
CA GLY J 175 -63.72 -52.50 -7.66
C GLY J 175 -63.46 -52.18 -6.20
N LYS J 176 -62.88 -51.01 -5.95
CA LYS J 176 -62.24 -50.73 -4.67
C LYS J 176 -61.87 -49.26 -4.51
N GLN J 177 -61.83 -48.79 -3.26
CA GLN J 177 -61.41 -47.43 -2.94
C GLN J 177 -60.08 -47.47 -2.19
N ARG J 178 -59.32 -46.38 -2.28
CA ARG J 178 -58.00 -46.38 -1.67
C ARG J 178 -58.05 -46.42 -0.15
N GLU J 179 -59.21 -46.17 0.46
CA GLU J 179 -59.40 -46.57 1.85
C GLU J 179 -59.06 -48.05 2.03
N ASP J 180 -59.47 -48.88 1.08
CA ASP J 180 -59.17 -50.30 1.14
C ASP J 180 -57.78 -50.60 0.64
N ILE J 181 -57.17 -49.72 -0.16
CA ILE J 181 -55.73 -49.80 -0.35
C ILE J 181 -55.09 -49.59 1.02
N LYS J 182 -54.06 -50.36 1.29
CA LYS J 182 -53.36 -50.27 2.56
C LYS J 182 -52.20 -49.32 2.45
N LEU J 183 -51.64 -49.00 3.61
CA LEU J 183 -50.46 -48.14 3.61
C LEU J 183 -49.33 -48.81 2.87
N LYS J 184 -49.07 -50.08 3.18
CA LYS J 184 -48.09 -50.83 2.43
C LYS J 184 -48.47 -50.83 0.96
N ASP J 185 -47.56 -50.34 0.14
CA ASP J 185 -47.65 -50.47 -1.30
C ASP J 185 -46.21 -50.65 -1.76
N ILE J 186 -45.95 -50.57 -3.07
CA ILE J 186 -44.70 -51.16 -3.53
C ILE J 186 -43.56 -50.21 -3.22
N GLU J 187 -43.02 -50.33 -2.00
CA GLU J 187 -41.91 -49.47 -1.60
C GLU J 187 -40.63 -49.84 -2.33
N HIS J 188 -40.61 -50.99 -3.00
CA HIS J 188 -39.50 -51.30 -3.89
C HIS J 188 -39.45 -50.33 -5.07
N ALA J 189 -40.57 -50.18 -5.78
CA ALA J 189 -40.59 -49.23 -6.90
C ALA J 189 -40.40 -47.80 -6.41
N LEU J 190 -40.89 -47.49 -5.19
CA LEU J 190 -40.55 -46.22 -4.59
C LEU J 190 -39.05 -46.10 -4.38
N SER J 191 -38.39 -47.17 -3.98
CA SER J 191 -36.94 -47.12 -3.89
C SER J 191 -36.31 -46.91 -5.25
N VAL J 192 -36.93 -47.42 -6.32
CA VAL J 192 -36.40 -47.22 -7.65
C VAL J 192 -36.50 -45.75 -8.05
N SER J 193 -37.69 -45.16 -7.90
CA SER J 193 -37.85 -43.72 -8.08
C SER J 193 -36.88 -42.94 -7.22
N VAL J 194 -36.58 -43.47 -6.04
CA VAL J 194 -35.65 -42.85 -5.10
C VAL J 194 -34.22 -43.31 -5.36
N PHE J 195 -34.03 -44.43 -6.06
CA PHE J 195 -32.74 -44.76 -6.67
C PHE J 195 -32.60 -44.16 -8.06
N ASN J 196 -33.65 -43.53 -8.58
CA ASN J 196 -33.70 -43.15 -9.99
C ASN J 196 -32.61 -42.15 -10.28
N ASN J 197 -31.56 -42.58 -11.00
CA ASN J 197 -30.36 -41.78 -11.16
C ASN J 197 -30.58 -40.45 -11.89
N LYS J 198 -31.81 -40.15 -12.32
CA LYS J 198 -32.22 -38.77 -12.48
C LYS J 198 -31.86 -37.97 -11.23
N ASN J 199 -31.51 -36.69 -11.44
CA ASN J 199 -31.03 -35.86 -10.33
C ASN J 199 -32.06 -35.78 -9.21
N SER J 200 -33.35 -35.74 -9.55
CA SER J 200 -34.40 -35.80 -8.55
C SER J 200 -34.29 -37.07 -7.71
N GLY J 201 -34.27 -38.22 -8.38
CA GLY J 201 -34.16 -39.48 -7.67
C GLY J 201 -32.73 -39.84 -7.31
N PHE J 202 -31.74 -39.17 -7.91
CA PHE J 202 -30.35 -39.48 -7.60
C PHE J 202 -29.93 -38.82 -6.30
N TRP J 203 -30.35 -37.57 -6.12
CA TRP J 203 -30.32 -36.88 -4.84
C TRP J 203 -30.76 -37.79 -3.71
N HIS J 204 -32.01 -38.24 -3.79
CA HIS J 204 -32.54 -39.12 -2.77
C HIS J 204 -31.97 -40.54 -2.86
N SER J 205 -31.26 -40.89 -3.95
CA SER J 205 -30.52 -42.16 -4.01
C SER J 205 -29.32 -42.12 -3.09
N SER J 206 -28.55 -41.06 -3.19
CA SER J 206 -27.41 -40.91 -2.31
C SER J 206 -27.83 -40.62 -0.88
N LEU J 207 -29.02 -40.04 -0.67
CA LEU J 207 -29.56 -39.98 0.69
C LEU J 207 -29.99 -41.34 1.20
N ILE J 208 -30.64 -42.14 0.35
CA ILE J 208 -31.11 -43.47 0.73
C ILE J 208 -29.94 -44.46 0.73
N ASP J 209 -28.72 -43.99 0.52
CA ASP J 209 -27.54 -44.81 0.79
C ASP J 209 -27.61 -45.50 2.15
N ARG J 210 -28.32 -44.94 3.13
CA ARG J 210 -28.43 -45.52 4.46
C ARG J 210 -29.87 -45.54 4.99
N ASN J 211 -30.88 -45.40 4.12
CA ASN J 211 -32.26 -45.03 4.52
C ASN J 211 -32.24 -44.04 5.66
N LEU J 212 -31.58 -42.90 5.47
CA LEU J 212 -31.70 -41.88 6.50
C LEU J 212 -33.13 -41.36 6.61
N ILE J 213 -33.96 -41.57 5.58
CA ILE J 213 -35.39 -41.29 5.66
C ILE J 213 -36.02 -42.19 6.71
N ASP J 214 -37.03 -41.65 7.39
CA ASP J 214 -37.88 -42.46 8.23
C ASP J 214 -38.95 -43.18 7.42
N TYR J 215 -39.87 -42.41 6.84
CA TYR J 215 -41.11 -42.95 6.27
C TYR J 215 -41.34 -42.33 4.91
N PHE J 216 -41.39 -43.14 3.86
CA PHE J 216 -41.94 -42.69 2.59
C PHE J 216 -43.44 -42.50 2.72
N VAL J 217 -43.95 -41.40 2.19
CA VAL J 217 -45.35 -41.04 2.34
C VAL J 217 -45.82 -40.37 1.05
N PRO J 218 -46.44 -41.10 0.13
CA PRO J 218 -47.11 -40.43 -0.99
C PRO J 218 -48.52 -39.97 -0.64
N PHE J 219 -48.90 -38.88 -1.27
CA PHE J 219 -50.28 -38.44 -1.33
C PHE J 219 -50.91 -38.93 -2.64
N LEU J 220 -52.21 -38.65 -2.81
CA LEU J 220 -52.93 -39.12 -3.99
C LEU J 220 -53.88 -38.07 -4.57
N PRO J 221 -54.26 -38.18 -5.85
CA PRO J 221 -55.19 -37.20 -6.43
C PRO J 221 -56.47 -37.07 -5.63
N LEU J 222 -56.74 -35.85 -5.17
CA LEU J 222 -57.94 -35.60 -4.40
C LEU J 222 -59.14 -35.85 -5.29
N GLU J 223 -59.78 -36.99 -5.08
CA GLU J 223 -60.87 -37.44 -5.92
C GLU J 223 -62.00 -36.42 -5.92
N TYR J 224 -62.82 -36.44 -6.97
CA TYR J 224 -63.85 -35.42 -7.16
C TYR J 224 -64.79 -35.31 -5.97
N LYS J 225 -64.93 -36.39 -5.21
CA LYS J 225 -65.55 -36.26 -3.90
C LYS J 225 -64.82 -35.20 -3.09
N HIS J 226 -63.48 -35.22 -3.08
CA HIS J 226 -62.73 -34.23 -2.34
C HIS J 226 -62.91 -32.84 -2.92
N LEU J 227 -63.03 -32.75 -4.25
CA LEU J 227 -63.42 -31.48 -4.84
C LEU J 227 -64.68 -30.97 -4.17
N LYS J 228 -65.75 -31.75 -4.28
CA LYS J 228 -67.03 -31.37 -3.67
C LYS J 228 -66.92 -31.09 -2.18
N MET J 229 -65.97 -31.74 -1.49
CA MET J 229 -65.77 -31.43 -0.07
C MET J 229 -65.17 -30.04 0.09
N CYS J 230 -64.09 -29.74 -0.63
CA CYS J 230 -63.49 -28.41 -0.57
C CYS J 230 -64.20 -27.40 -1.44
N ILE J 231 -65.39 -27.73 -1.92
CA ILE J 231 -66.32 -26.77 -2.50
C ILE J 231 -67.40 -26.42 -1.50
N ARG J 232 -68.08 -27.45 -0.99
CA ARG J 232 -69.11 -27.24 0.02
C ARG J 232 -68.52 -26.62 1.28
N VAL J 233 -67.49 -27.26 1.84
CA VAL J 233 -66.91 -26.81 3.10
C VAL J 233 -66.33 -25.41 2.94
N GLU J 234 -65.63 -25.16 1.85
CA GLU J 234 -64.98 -23.86 1.69
C GLU J 234 -66.02 -22.77 1.44
N MET J 235 -66.88 -22.96 0.44
CA MET J 235 -67.79 -21.90 0.07
C MET J 235 -68.85 -21.65 1.15
N GLN J 236 -69.25 -22.69 1.86
CA GLN J 236 -70.06 -22.49 3.06
C GLN J 236 -69.26 -21.85 4.18
N SER J 237 -67.94 -22.06 4.21
CA SER J 237 -67.10 -21.40 5.20
C SER J 237 -66.86 -19.94 4.84
N ARG J 238 -66.98 -19.57 3.57
CA ARG J 238 -66.67 -18.23 3.10
C ARG J 238 -67.90 -17.33 2.96
N GLY J 239 -69.08 -17.78 3.39
CA GLY J 239 -70.28 -16.99 3.17
C GLY J 239 -70.55 -16.74 1.70
N TYR J 240 -70.21 -17.72 0.86
CA TYR J 240 -70.18 -17.55 -0.58
C TYR J 240 -71.55 -17.69 -1.23
N GLU J 241 -72.51 -18.31 -0.53
CA GLU J 241 -73.83 -18.58 -1.08
C GLU J 241 -73.73 -19.50 -2.30
N ILE J 242 -73.14 -20.66 -2.08
CA ILE J 242 -73.10 -21.72 -3.07
C ILE J 242 -74.42 -22.50 -3.01
N ASP J 243 -74.76 -23.17 -4.10
CA ASP J 243 -75.95 -24.00 -4.19
C ASP J 243 -75.63 -25.27 -4.96
N GLU J 244 -76.65 -26.02 -5.38
CA GLU J 244 -76.39 -27.33 -5.96
C GLU J 244 -75.74 -27.22 -7.34
N ASP J 245 -76.28 -26.35 -8.20
CA ASP J 245 -75.84 -26.29 -9.59
C ASP J 245 -74.35 -26.04 -9.69
N ILE J 246 -73.82 -25.18 -8.80
CA ILE J 246 -72.38 -24.91 -8.74
C ILE J 246 -71.60 -26.20 -8.53
N VAL J 247 -72.20 -27.17 -7.85
CA VAL J 247 -71.56 -28.45 -7.57
C VAL J 247 -72.00 -29.53 -8.55
N SER J 248 -72.92 -29.23 -9.45
CA SER J 248 -72.96 -29.95 -10.72
C SER J 248 -71.78 -29.54 -11.59
N ARG J 249 -71.41 -28.26 -11.52
CA ARG J 249 -70.37 -27.75 -12.40
C ARG J 249 -68.96 -28.15 -11.98
N VAL J 250 -68.80 -28.80 -10.82
CA VAL J 250 -67.48 -29.32 -10.45
C VAL J 250 -67.01 -30.33 -11.48
N ALA J 251 -67.93 -31.16 -11.97
CA ALA J 251 -67.63 -32.19 -12.95
C ALA J 251 -68.15 -31.88 -14.34
N GLU J 252 -69.22 -31.09 -14.45
CA GLU J 252 -69.66 -30.69 -15.79
C GLU J 252 -68.64 -29.79 -16.49
N GLU J 253 -67.77 -29.13 -15.73
CA GLU J 253 -66.88 -28.09 -16.24
C GLU J 253 -65.47 -28.29 -15.67
N MET J 254 -64.96 -29.52 -15.73
CA MET J 254 -63.61 -29.80 -15.24
C MET J 254 -63.07 -31.02 -15.99
N THR J 255 -61.74 -31.09 -16.06
CA THR J 255 -61.05 -32.24 -16.63
C THR J 255 -60.50 -33.12 -15.52
N PHE J 256 -60.68 -34.43 -15.69
CA PHE J 256 -60.13 -35.45 -14.82
C PHE J 256 -59.23 -36.37 -15.64
N PHE J 257 -58.57 -37.31 -14.94
CA PHE J 257 -57.57 -38.18 -15.55
C PHE J 257 -57.95 -39.64 -15.27
N PRO J 258 -57.82 -40.56 -16.26
CA PRO J 258 -57.59 -40.35 -17.69
C PRO J 258 -58.85 -39.80 -18.32
N LYS J 259 -58.77 -39.39 -19.59
CA LYS J 259 -59.99 -39.08 -20.32
C LYS J 259 -60.95 -40.25 -20.36
N GLU J 260 -60.44 -41.45 -20.61
CA GLU J 260 -61.29 -42.58 -20.90
C GLU J 260 -62.13 -43.00 -19.70
N GLU J 261 -61.87 -42.42 -18.52
CA GLU J 261 -62.67 -42.65 -17.33
C GLU J 261 -63.07 -41.34 -16.65
N ARG J 262 -62.24 -40.30 -16.78
CA ARG J 262 -62.50 -38.99 -16.15
C ARG J 262 -62.66 -39.14 -14.63
N VAL J 263 -61.56 -39.51 -13.98
CA VAL J 263 -61.61 -39.88 -12.57
C VAL J 263 -60.65 -39.03 -11.74
N PHE J 264 -59.36 -39.20 -11.98
CA PHE J 264 -58.37 -38.54 -11.14
C PHE J 264 -58.30 -37.07 -11.51
N SER J 265 -58.25 -36.23 -10.49
CA SER J 265 -58.32 -34.79 -10.68
C SER J 265 -57.03 -34.31 -11.34
N ASP J 266 -56.95 -32.99 -11.53
CA ASP J 266 -55.76 -32.34 -12.02
C ASP J 266 -55.18 -31.44 -10.94
N LYS J 267 -56.01 -31.03 -9.98
CA LYS J 267 -55.56 -30.16 -8.90
C LYS J 267 -56.09 -30.51 -7.54
N GLY J 268 -57.16 -31.29 -7.45
CA GLY J 268 -57.84 -31.36 -6.18
C GLY J 268 -58.32 -30.00 -5.75
N CYS J 269 -57.89 -29.58 -4.57
CA CYS J 269 -58.44 -28.42 -3.89
C CYS J 269 -57.53 -27.21 -3.98
N LYS J 270 -56.74 -27.13 -5.06
CA LYS J 270 -55.82 -26.04 -5.31
C LYS J 270 -56.44 -24.93 -6.15
N THR J 271 -56.83 -25.26 -7.37
CA THR J 271 -57.53 -24.34 -8.24
C THR J 271 -59.03 -24.37 -8.03
N VAL J 272 -59.50 -25.03 -6.98
CA VAL J 272 -60.93 -25.27 -6.83
C VAL J 272 -61.67 -23.96 -6.65
N PHE J 273 -61.20 -23.10 -5.75
CA PHE J 273 -61.99 -21.93 -5.36
C PHE J 273 -61.99 -20.84 -6.43
N THR J 274 -60.98 -20.82 -7.29
CA THR J 274 -60.98 -19.88 -8.42
C THR J 274 -62.05 -20.25 -9.43
N LYS J 275 -62.08 -21.52 -9.82
CA LYS J 275 -63.14 -22.02 -10.68
C LYS J 275 -64.50 -21.85 -10.02
N LEU J 276 -64.56 -21.99 -8.70
CA LEU J 276 -65.81 -21.69 -8.02
C LEU J 276 -66.16 -20.23 -8.11
N ASP J 277 -65.18 -19.34 -8.13
CA ASP J 277 -65.50 -17.94 -8.41
C ASP J 277 -66.02 -17.78 -9.83
N TYR J 278 -65.58 -18.63 -10.77
CA TYR J 278 -66.29 -18.63 -12.05
C TYR J 278 -67.74 -19.07 -11.86
N TYR J 279 -67.99 -20.00 -10.95
CA TYR J 279 -69.35 -20.47 -10.80
C TYR J 279 -70.20 -19.47 -10.03
N TYR J 280 -69.58 -18.54 -9.29
CA TYR J 280 -70.26 -17.29 -8.96
C TYR J 280 -70.59 -16.55 -10.23
N ASP J 281 -69.63 -16.49 -11.14
CA ASP J 281 -69.89 -15.89 -12.44
C ASP J 281 -70.80 -16.77 -13.28
N ASP J 282 -70.82 -18.09 -12.99
CA ASP J 282 -71.80 -19.04 -13.52
C ASP J 282 -71.95 -18.96 -15.05
N GLY K 1 17.62 -18.30 71.84
CA GLY K 1 17.57 -18.52 70.37
C GLY K 1 18.50 -17.59 69.62
N GLN K 2 18.19 -16.29 69.64
CA GLN K 2 19.06 -15.31 68.97
C GLN K 2 20.44 -15.27 69.60
N LYS K 3 20.55 -15.62 70.89
CA LYS K 3 21.82 -15.77 71.57
C LYS K 3 22.30 -17.22 71.57
N ARG K 4 21.85 -18.02 70.60
CA ARG K 4 22.24 -19.42 70.48
C ARG K 4 22.74 -19.67 69.06
N SER K 5 23.98 -20.12 68.95
CA SER K 5 24.43 -20.71 67.70
C SER K 5 23.82 -22.10 67.55
N LEU K 6 23.15 -22.33 66.43
CA LEU K 6 22.28 -23.49 66.30
C LEU K 6 23.10 -24.77 66.32
N SER K 7 22.90 -25.58 67.35
CA SER K 7 23.49 -26.90 67.38
C SER K 7 22.74 -27.83 66.43
N ARG K 8 23.43 -28.89 66.01
CA ARG K 8 22.87 -29.82 65.03
C ARG K 8 21.64 -30.50 65.59
N GLU K 9 21.68 -30.86 66.87
CA GLU K 9 20.60 -31.61 67.50
C GLU K 9 19.29 -30.84 67.42
N ALA K 10 19.32 -29.55 67.67
CA ALA K 10 18.09 -28.76 67.68
C ALA K 10 17.39 -28.80 66.34
N LEU K 11 18.17 -28.74 65.25
CA LEU K 11 17.60 -28.61 63.93
C LEU K 11 17.16 -29.95 63.38
N GLN K 12 18.00 -30.98 63.53
CA GLN K 12 17.54 -32.30 63.12
C GLN K 12 16.35 -32.73 63.95
N LYS K 13 16.32 -32.33 65.22
CA LYS K 13 15.17 -32.58 66.07
C LYS K 13 13.94 -31.90 65.50
N ASP K 14 14.03 -30.61 65.20
CA ASP K 14 12.86 -29.86 64.73
C ASP K 14 12.33 -30.43 63.43
N LEU K 15 13.22 -30.62 62.46
CA LEU K 15 12.79 -31.12 61.16
C LEU K 15 12.24 -32.53 61.26
N ASP K 16 12.90 -33.39 62.04
CA ASP K 16 12.39 -34.74 62.24
C ASP K 16 11.07 -34.73 62.99
N ASP K 17 10.78 -33.67 63.74
CA ASP K 17 9.48 -33.57 64.40
C ASP K 17 8.41 -33.21 63.40
N ASN K 18 8.62 -32.12 62.65
CA ASN K 18 7.55 -31.50 61.88
C ASN K 18 7.66 -31.73 60.38
N LEU K 19 8.86 -31.82 59.84
CA LEU K 19 9.03 -31.99 58.40
C LEU K 19 8.78 -33.44 58.04
N PHE K 20 7.96 -33.64 57.00
CA PHE K 20 7.58 -34.94 56.51
C PHE K 20 8.32 -35.25 55.22
N GLY K 21 9.07 -36.34 55.24
CA GLY K 21 9.92 -36.66 54.11
C GLY K 21 11.04 -35.65 53.98
N GLN K 22 11.44 -35.42 52.73
CA GLN K 22 12.43 -34.41 52.40
C GLN K 22 13.74 -34.68 53.12
N HIS K 23 14.14 -35.96 53.10
CA HIS K 23 15.42 -36.39 53.66
C HIS K 23 16.57 -35.54 53.09
N LEU K 24 16.48 -35.23 51.79
CA LEU K 24 17.51 -34.40 51.15
C LEU K 24 17.62 -33.06 51.86
N ALA K 25 16.48 -32.49 52.22
CA ALA K 25 16.51 -31.14 52.76
C ALA K 25 17.04 -31.14 54.17
N LYS K 26 16.77 -32.20 54.92
CA LYS K 26 17.32 -32.32 56.25
C LYS K 26 18.84 -32.45 56.20
N LYS K 27 19.34 -33.33 55.32
CA LYS K 27 20.79 -33.49 55.18
C LYS K 27 21.44 -32.17 54.77
N ILE K 28 20.99 -31.61 53.65
CA ILE K 28 21.54 -30.36 53.12
C ILE K 28 21.53 -29.29 54.18
N ILE K 29 20.32 -28.93 54.61
CA ILE K 29 20.17 -27.78 55.49
C ILE K 29 21.00 -27.98 56.73
N LEU K 30 20.79 -29.12 57.41
CA LEU K 30 21.42 -29.36 58.70
C LEU K 30 22.92 -29.21 58.62
N ASN K 31 23.57 -29.96 57.73
CA ASN K 31 25.03 -29.90 57.70
C ASN K 31 25.51 -28.57 57.14
N ALA K 32 24.78 -28.03 56.17
CA ALA K 32 25.21 -26.81 55.49
C ALA K 32 25.23 -25.63 56.44
N VAL K 33 24.10 -25.33 57.07
CA VAL K 33 24.11 -24.21 58.01
C VAL K 33 24.98 -24.54 59.21
N PHE K 34 24.92 -25.78 59.70
CA PHE K 34 25.65 -26.14 60.91
C PHE K 34 27.15 -25.96 60.72
N GLY K 35 27.64 -26.09 59.49
CA GLY K 35 29.00 -25.73 59.18
C GLY K 35 29.14 -24.23 58.99
N PHE K 36 28.13 -23.63 58.36
CA PHE K 36 28.19 -22.21 58.03
C PHE K 36 28.10 -21.34 59.28
N ILE K 37 27.05 -21.54 60.08
CA ILE K 37 26.81 -20.65 61.22
C ILE K 37 27.93 -20.79 62.23
N ASN K 38 28.46 -22.00 62.40
CA ASN K 38 29.58 -22.20 63.30
C ASN K 38 30.89 -21.67 62.73
N ASN K 39 30.94 -21.39 61.42
CA ASN K 39 32.15 -20.86 60.83
C ASN K 39 32.24 -19.37 61.12
N PRO K 40 33.29 -18.90 61.83
CA PRO K 40 33.48 -17.45 61.96
C PRO K 40 34.02 -16.79 60.69
N LYS K 41 34.40 -17.58 59.68
CA LYS K 41 34.95 -17.05 58.44
C LYS K 41 34.31 -17.80 57.28
N PRO K 42 33.06 -17.46 56.94
CA PRO K 42 32.41 -18.18 55.84
C PRO K 42 33.06 -17.94 54.49
N LYS K 43 33.72 -16.79 54.30
CA LYS K 43 34.30 -16.30 53.06
C LYS K 43 33.24 -15.77 52.09
N LYS K 44 31.96 -16.02 52.34
CA LYS K 44 30.89 -15.61 51.45
C LYS K 44 29.60 -15.63 52.24
N PRO K 45 28.61 -14.88 51.83
CA PRO K 45 27.27 -15.10 52.40
C PRO K 45 26.68 -16.40 51.88
N LEU K 46 25.53 -16.78 52.40
CA LEU K 46 24.88 -18.03 52.05
C LEU K 46 23.95 -17.75 50.88
N THR K 47 24.23 -18.39 49.75
CA THR K 47 23.51 -18.16 48.51
C THR K 47 22.70 -19.40 48.21
N LEU K 48 21.49 -19.45 48.75
CA LEU K 48 20.63 -20.61 48.62
C LEU K 48 19.66 -20.43 47.46
N SER K 49 19.36 -21.55 46.80
CA SER K 49 18.43 -21.59 45.68
C SER K 49 17.35 -22.61 46.00
N LEU K 50 16.11 -22.28 45.65
CA LEU K 50 15.00 -23.20 45.78
C LEU K 50 14.04 -23.03 44.62
N HIS K 51 13.56 -24.17 44.14
CA HIS K 51 12.52 -24.23 43.13
C HIS K 51 11.87 -25.60 43.23
N GLY K 52 10.86 -25.84 42.41
CA GLY K 52 10.11 -27.09 42.45
C GLY K 52 8.62 -26.90 42.62
N TRP K 53 8.01 -27.79 43.38
CA TRP K 53 6.57 -27.80 43.57
C TRP K 53 6.20 -27.21 44.94
N THR K 54 5.01 -26.61 45.02
CA THR K 54 4.62 -25.92 46.25
C THR K 54 4.14 -26.88 47.30
N GLY K 55 3.80 -26.29 48.44
CA GLY K 55 3.20 -27.03 49.53
C GLY K 55 4.07 -28.11 50.11
N THR K 56 5.34 -28.14 49.71
CA THR K 56 6.35 -29.06 50.20
C THR K 56 7.12 -28.45 51.35
N GLY K 57 7.01 -27.14 51.50
CA GLY K 57 7.41 -26.46 52.70
C GLY K 57 8.48 -25.42 52.55
N LYS K 58 8.57 -24.73 51.42
CA LYS K 58 9.62 -23.74 51.25
C LYS K 58 9.48 -22.62 52.26
N ASN K 59 8.37 -21.89 52.18
CA ASN K 59 8.14 -20.83 53.15
C ASN K 59 7.97 -21.41 54.55
N PHE K 60 7.47 -22.65 54.63
CA PHE K 60 7.45 -23.41 55.88
C PHE K 60 8.87 -23.53 56.46
N VAL K 61 9.81 -24.13 55.73
CA VAL K 61 11.13 -24.39 56.32
C VAL K 61 11.86 -23.09 56.60
N SER K 62 11.74 -22.12 55.68
CA SER K 62 12.37 -20.82 55.90
C SER K 62 11.85 -20.20 57.18
N LYS K 63 10.53 -20.29 57.39
CA LYS K 63 9.95 -19.84 58.63
C LYS K 63 10.54 -20.56 59.83
N ILE K 64 10.70 -21.88 59.73
CA ILE K 64 11.16 -22.67 60.88
C ILE K 64 12.55 -22.22 61.29
N ILE K 65 13.47 -22.21 60.33
CA ILE K 65 14.84 -21.86 60.68
C ILE K 65 14.91 -20.41 61.10
N ALA K 66 14.06 -19.56 60.53
CA ALA K 66 13.98 -18.17 60.99
C ALA K 66 13.60 -18.12 62.46
N GLU K 67 12.73 -19.02 62.91
CA GLU K 67 12.33 -19.04 64.31
C GLU K 67 13.45 -19.59 65.19
N ASN K 68 14.13 -20.63 64.72
CA ASN K 68 15.20 -21.21 65.52
C ASN K 68 16.35 -20.22 65.69
N ILE K 69 16.67 -19.48 64.65
CA ILE K 69 17.75 -18.50 64.75
C ILE K 69 17.34 -17.39 65.71
N TYR K 70 16.28 -16.66 65.37
CA TYR K 70 15.78 -15.56 66.18
C TYR K 70 14.37 -15.86 66.66
N GLU K 71 14.07 -15.43 67.88
CA GLU K 71 12.72 -15.54 68.40
C GLU K 71 11.72 -14.79 67.55
N GLY K 72 12.16 -13.72 66.87
CA GLY K 72 11.29 -12.97 66.00
C GLY K 72 10.73 -13.80 64.86
N GLY K 73 11.42 -14.87 64.47
CA GLY K 73 11.02 -15.58 63.29
C GLY K 73 11.09 -14.64 62.11
N LEU K 74 9.93 -14.21 61.65
CA LEU K 74 9.83 -13.14 60.66
C LEU K 74 9.58 -11.78 61.30
N ASN K 75 9.22 -11.72 62.58
CA ASN K 75 9.00 -10.45 63.25
C ASN K 75 10.29 -9.69 63.53
N SER K 76 11.45 -10.33 63.38
CA SER K 76 12.69 -9.68 63.77
C SER K 76 12.98 -8.47 62.89
N ASP K 77 13.43 -7.39 63.54
CA ASP K 77 13.92 -6.24 62.81
C ASP K 77 15.12 -6.59 61.95
N TYR K 78 15.92 -7.55 62.38
CA TYR K 78 17.00 -8.06 61.55
C TYR K 78 16.44 -8.72 60.30
N VAL K 79 15.41 -9.54 60.46
CA VAL K 79 14.86 -10.34 59.37
C VAL K 79 13.86 -9.43 58.65
N HIS K 80 14.30 -8.86 57.53
CA HIS K 80 13.52 -7.92 56.76
C HIS K 80 13.28 -8.48 55.35
N LEU K 81 12.01 -8.48 54.94
CA LEU K 81 11.56 -9.27 53.81
C LEU K 81 11.18 -8.40 52.63
N PHE K 82 11.44 -8.94 51.43
CA PHE K 82 11.07 -8.32 50.16
C PHE K 82 10.28 -9.33 49.34
N VAL K 83 9.49 -8.78 48.42
CA VAL K 83 8.66 -9.58 47.52
C VAL K 83 8.73 -8.93 46.15
N ALA K 84 8.57 -9.75 45.11
CA ALA K 84 8.54 -9.23 43.75
C ALA K 84 7.41 -8.25 43.57
N THR K 85 6.17 -8.74 43.69
CA THR K 85 5.03 -7.96 43.21
C THR K 85 4.70 -6.82 44.15
N LEU K 86 4.66 -7.08 45.46
CA LEU K 86 4.29 -6.07 46.43
C LEU K 86 5.18 -4.85 46.39
N HIS K 87 6.44 -5.04 46.14
CA HIS K 87 7.42 -3.96 46.09
C HIS K 87 7.83 -3.62 44.67
N PHE K 88 8.07 -4.64 43.83
CA PHE K 88 8.74 -4.47 42.55
C PHE K 88 7.86 -4.95 41.39
N PRO K 89 6.70 -4.33 41.20
CA PRO K 89 5.79 -4.77 40.13
C PRO K 89 6.31 -4.53 38.73
N HIS K 90 6.72 -3.30 38.44
CA HIS K 90 6.84 -2.84 37.07
C HIS K 90 8.29 -2.74 36.61
N ALA K 91 8.48 -2.82 35.30
CA ALA K 91 9.74 -2.52 34.66
C ALA K 91 9.94 -1.03 34.43
N SER K 92 9.05 -0.19 34.97
CA SER K 92 9.21 1.25 34.83
C SER K 92 10.20 1.81 35.85
N ASN K 93 9.98 1.47 37.11
CA ASN K 93 10.73 2.03 38.22
C ASN K 93 11.90 1.14 38.64
N ILE K 94 12.53 0.48 37.67
CA ILE K 94 13.58 -0.49 37.98
C ILE K 94 14.70 0.19 38.76
N THR K 95 15.05 1.41 38.37
CA THR K 95 16.19 2.08 38.98
C THR K 95 15.90 2.42 40.44
N LEU K 96 14.74 3.02 40.70
CA LEU K 96 14.33 3.28 42.06
C LEU K 96 14.32 2.00 42.87
N TYR K 97 13.87 0.92 42.27
CA TYR K 97 13.84 -0.36 42.95
C TYR K 97 15.25 -0.82 43.28
N LYS K 98 16.22 -0.52 42.43
CA LYS K 98 17.60 -0.90 42.70
C LYS K 98 18.20 -0.06 43.81
N ASP K 99 17.97 1.25 43.77
CA ASP K 99 18.55 2.12 44.78
C ASP K 99 17.95 1.86 46.15
N GLN K 100 16.61 1.82 46.21
CA GLN K 100 15.93 1.45 47.43
C GLN K 100 16.40 0.10 47.94
N LEU K 101 16.64 -0.83 47.00
CA LEU K 101 17.14 -2.13 47.38
C LEU K 101 18.47 -2.02 48.09
N GLN K 102 19.45 -1.40 47.43
CA GLN K 102 20.79 -1.27 48.00
C GLN K 102 20.75 -0.59 49.37
N LEU K 103 19.92 0.44 49.51
CA LEU K 103 19.92 1.19 50.76
C LEU K 103 19.27 0.40 51.88
N TRP K 104 18.13 -0.24 51.60
CA TRP K 104 17.48 -1.05 52.62
C TRP K 104 18.39 -2.19 53.05
N ILE K 105 19.13 -2.76 52.09
CA ILE K 105 20.15 -3.74 52.41
C ILE K 105 21.12 -3.16 53.42
N ARG K 106 21.83 -2.10 53.01
CA ARG K 106 22.87 -1.51 53.85
C ARG K 106 22.36 -1.16 55.24
N GLY K 107 21.11 -0.74 55.34
CA GLY K 107 20.52 -0.47 56.63
C GLY K 107 20.49 -1.71 57.50
N ASN K 108 19.80 -2.75 57.03
CA ASN K 108 19.62 -3.93 57.87
C ASN K 108 20.94 -4.61 58.17
N VAL K 109 21.81 -4.75 57.18
CA VAL K 109 23.07 -5.44 57.41
C VAL K 109 23.97 -4.60 58.30
N SER K 110 23.93 -3.28 58.16
CA SER K 110 24.71 -2.44 59.05
C SER K 110 24.17 -2.48 60.47
N ALA K 111 22.92 -2.92 60.66
CA ALA K 111 22.49 -3.29 62.00
C ALA K 111 23.23 -4.52 62.49
N CYS K 112 23.38 -5.53 61.62
CA CYS K 112 24.13 -6.74 61.95
C CYS K 112 24.29 -7.57 60.70
N ALA K 113 25.44 -8.25 60.60
CA ALA K 113 25.70 -9.09 59.45
C ALA K 113 24.95 -10.42 59.52
N ARG K 114 24.38 -10.74 60.68
CA ARG K 114 23.57 -11.94 60.82
C ARG K 114 22.11 -11.71 60.45
N SER K 115 21.77 -10.55 59.91
CA SER K 115 20.44 -10.35 59.38
C SER K 115 20.21 -11.26 58.19
N ILE K 116 18.93 -11.47 57.86
CA ILE K 116 18.51 -12.41 56.83
C ILE K 116 17.59 -11.70 55.86
N PHE K 117 17.77 -11.97 54.58
CA PHE K 117 16.88 -11.53 53.52
C PHE K 117 16.37 -12.73 52.74
N ILE K 118 15.11 -12.66 52.33
CA ILE K 118 14.50 -13.67 51.48
C ILE K 118 13.71 -12.95 50.41
N PHE K 119 13.67 -13.55 49.23
CA PHE K 119 12.81 -13.13 48.14
C PHE K 119 11.81 -14.22 47.82
N ASP K 120 10.80 -13.86 47.03
CA ASP K 120 9.74 -14.79 46.68
C ASP K 120 9.08 -14.32 45.39
N GLU K 121 8.41 -15.26 44.71
CA GLU K 121 7.71 -14.99 43.46
C GLU K 121 8.67 -14.43 42.43
N MET K 122 9.77 -15.14 42.24
CA MET K 122 10.87 -14.69 41.41
C MET K 122 10.66 -14.98 39.93
N ASP K 123 9.45 -15.35 39.52
CA ASP K 123 9.13 -15.46 38.11
C ASP K 123 8.75 -14.12 37.49
N LYS K 124 8.83 -13.03 38.24
CA LYS K 124 8.31 -11.73 37.84
C LYS K 124 9.32 -10.62 38.11
N MET K 125 10.55 -10.83 37.66
CA MET K 125 11.67 -9.94 37.97
C MET K 125 12.38 -9.49 36.70
N HIS K 126 13.40 -8.64 36.82
CA HIS K 126 14.01 -7.96 35.68
C HIS K 126 15.49 -7.74 35.94
N ALA K 127 16.33 -8.31 35.06
CA ALA K 127 17.74 -8.60 35.38
C ALA K 127 18.54 -7.38 35.85
N GLY K 128 18.06 -6.17 35.60
CA GLY K 128 18.66 -5.02 36.27
C GLY K 128 18.66 -5.20 37.78
N LEU K 129 17.64 -5.87 38.30
CA LEU K 129 17.46 -6.08 39.72
C LEU K 129 18.33 -7.18 40.30
N ILE K 130 19.07 -7.93 39.48
CA ILE K 130 20.26 -8.65 39.94
C ILE K 130 21.52 -7.82 39.72
N ASP K 131 21.53 -6.93 38.72
CA ASP K 131 22.75 -6.19 38.42
C ASP K 131 23.18 -5.26 39.55
N ALA K 132 22.38 -5.09 40.61
CA ALA K 132 22.72 -4.26 41.75
C ALA K 132 23.21 -5.07 42.96
N ILE K 133 23.29 -6.39 42.85
CA ILE K 133 23.57 -7.24 44.01
C ILE K 133 24.72 -8.21 43.79
N LYS K 134 25.09 -8.55 42.56
CA LYS K 134 26.24 -9.42 42.32
C LYS K 134 27.51 -8.97 43.03
N PRO K 135 27.84 -7.69 43.10
CA PRO K 135 28.98 -7.28 43.92
C PRO K 135 28.83 -7.63 45.38
N PHE K 136 27.60 -7.57 45.92
CA PHE K 136 27.40 -8.00 47.30
C PHE K 136 27.72 -9.48 47.50
N LEU K 137 27.70 -10.26 46.43
CA LEU K 137 28.03 -11.68 46.48
C LEU K 137 29.41 -11.98 45.94
N ASP K 138 30.26 -10.98 45.80
CA ASP K 138 31.67 -11.28 45.81
C ASP K 138 32.06 -11.80 47.18
N TYR K 139 32.98 -12.75 47.18
CA TYR K 139 33.59 -13.26 48.40
C TYR K 139 34.51 -12.24 49.09
N TYR K 140 34.61 -11.02 48.57
CA TYR K 140 35.28 -9.90 49.21
C TYR K 140 35.05 -9.89 50.72
N ASP K 141 36.10 -9.64 51.49
CA ASP K 141 35.90 -9.47 52.92
C ASP K 141 35.06 -8.25 53.24
N LEU K 142 34.94 -7.30 52.31
CA LEU K 142 34.10 -6.14 52.58
C LEU K 142 33.67 -5.49 51.29
N VAL K 143 32.74 -4.54 51.43
CA VAL K 143 32.38 -3.57 50.41
C VAL K 143 32.00 -2.29 51.13
N ASP K 144 32.53 -1.17 50.65
CA ASP K 144 32.25 0.15 51.23
C ASP K 144 32.60 0.19 52.72
N GLY K 145 33.64 -0.55 53.09
CA GLY K 145 34.00 -0.66 54.49
C GLY K 145 33.04 -1.48 55.31
N VAL K 146 32.34 -2.44 54.70
CA VAL K 146 31.40 -3.30 55.40
C VAL K 146 31.49 -4.70 54.83
N SER K 147 31.41 -5.69 55.71
CA SER K 147 31.39 -7.10 55.32
C SER K 147 29.95 -7.62 55.29
N TYR K 148 29.67 -8.47 54.31
CA TYR K 148 28.36 -9.07 54.12
C TYR K 148 28.38 -10.58 54.17
N GLN K 149 29.55 -11.20 54.37
CA GLN K 149 29.67 -12.63 54.19
C GLN K 149 29.06 -13.45 55.32
N LYS K 150 28.59 -12.81 56.40
CA LYS K 150 27.89 -13.55 57.43
C LYS K 150 26.40 -13.68 57.12
N ALA K 151 25.84 -12.70 56.43
CA ALA K 151 24.42 -12.73 56.10
C ALA K 151 24.14 -13.87 55.13
N MET K 152 22.85 -14.07 54.86
CA MET K 152 22.38 -15.26 54.17
C MET K 152 21.24 -14.86 53.25
N PHE K 153 21.43 -15.07 51.96
CA PHE K 153 20.44 -14.70 50.94
C PHE K 153 19.81 -15.97 50.37
N ILE K 154 18.49 -15.97 50.31
CA ILE K 154 17.70 -17.15 50.01
C ILE K 154 16.65 -16.76 48.98
N PHE K 155 16.46 -17.62 47.98
CA PHE K 155 15.53 -17.37 46.90
C PHE K 155 14.49 -18.47 46.83
N LEU K 156 13.45 -18.20 46.05
CA LEU K 156 12.33 -19.11 45.89
C LEU K 156 11.81 -19.03 44.47
N SER K 157 11.25 -20.14 44.01
CA SER K 157 10.64 -20.21 42.70
C SER K 157 9.87 -21.52 42.60
N ASN K 158 9.38 -21.81 41.40
CA ASN K 158 8.83 -23.12 41.09
C ASN K 158 9.26 -23.64 39.72
N ALA K 159 10.05 -22.88 38.97
CA ALA K 159 10.49 -23.33 37.66
C ALA K 159 11.41 -24.53 37.78
N GLY K 160 11.60 -25.21 36.67
CA GLY K 160 12.34 -26.46 36.69
C GLY K 160 11.61 -27.61 37.36
N ALA K 161 10.34 -27.42 37.71
CA ALA K 161 9.59 -28.49 38.35
C ALA K 161 9.47 -29.70 37.44
N GLU K 162 9.42 -29.49 36.13
CA GLU K 162 9.17 -30.59 35.21
C GLU K 162 10.26 -31.65 35.29
N ARG K 163 11.49 -31.23 35.57
CA ARG K 163 12.59 -32.18 35.70
C ARG K 163 12.44 -33.02 36.97
N ILE K 164 12.13 -32.39 38.09
CA ILE K 164 12.01 -33.18 39.31
C ILE K 164 10.80 -34.11 39.21
N THR K 165 9.78 -33.71 38.45
CA THR K 165 8.64 -34.59 38.22
C THR K 165 9.05 -35.80 37.40
N ASP K 166 9.51 -35.58 36.16
CA ASP K 166 9.73 -36.72 35.28
C ASP K 166 10.85 -37.61 35.81
N VAL K 167 11.78 -37.06 36.57
CA VAL K 167 12.76 -37.88 37.26
C VAL K 167 12.08 -38.67 38.38
N ALA K 168 11.17 -38.03 39.10
CA ALA K 168 10.49 -38.72 40.21
C ALA K 168 9.75 -39.94 39.71
N LEU K 169 9.01 -39.80 38.61
CA LEU K 169 8.41 -40.99 38.02
C LEU K 169 9.43 -41.88 37.34
N ASP K 170 10.60 -41.36 36.98
CA ASP K 170 11.62 -42.23 36.39
C ASP K 170 12.04 -43.28 37.41
N PHE K 171 12.65 -42.83 38.50
CA PHE K 171 13.11 -43.78 39.51
C PHE K 171 11.94 -44.48 40.18
N TRP K 172 10.81 -43.79 40.35
CA TRP K 172 9.67 -44.46 40.97
C TRP K 172 9.12 -45.55 40.06
N ARG K 173 9.12 -45.30 38.76
CA ARG K 173 8.81 -46.32 37.78
C ARG K 173 9.80 -47.46 37.82
N SER K 174 11.03 -47.20 38.28
CA SER K 174 12.01 -48.26 38.49
C SER K 174 11.77 -49.17 39.70
N GLY K 175 10.63 -49.09 40.37
CA GLY K 175 10.39 -49.87 41.56
C GLY K 175 11.23 -49.36 42.71
N LYS K 176 10.92 -48.16 43.19
CA LYS K 176 11.84 -47.39 44.01
C LYS K 176 11.19 -46.16 44.64
N GLN K 177 11.70 -45.75 45.80
CA GLN K 177 11.24 -44.54 46.47
C GLN K 177 12.34 -43.48 46.44
N ARG K 178 11.94 -42.21 46.54
CA ARG K 178 12.92 -41.14 46.42
C ARG K 178 13.88 -41.09 47.59
N GLU K 179 13.60 -41.79 48.69
CA GLU K 179 14.64 -42.08 49.66
C GLU K 179 15.83 -42.73 48.97
N ASP K 180 15.57 -43.65 48.05
CA ASP K 180 16.63 -44.31 47.30
C ASP K 180 17.14 -43.45 46.15
N ILE K 181 16.35 -42.49 45.67
CA ILE K 181 16.92 -41.44 44.85
C ILE K 181 17.94 -40.71 45.71
N LYS K 182 19.06 -40.37 45.10
CA LYS K 182 20.13 -39.69 45.81
C LYS K 182 19.98 -38.20 45.64
N LEU K 183 20.77 -37.46 46.43
CA LEU K 183 20.76 -36.02 46.30
C LEU K 183 21.21 -35.62 44.91
N LYS K 184 22.32 -36.19 44.46
CA LYS K 184 22.75 -35.95 43.09
C LYS K 184 21.65 -36.36 42.13
N ASP K 185 21.23 -35.41 41.32
CA ASP K 185 20.35 -35.68 40.20
C ASP K 185 20.83 -34.71 39.12
N ILE K 186 20.06 -34.56 38.04
CA ILE K 186 20.69 -34.01 36.85
C ILE K 186 20.81 -32.49 37.02
N GLU K 187 21.90 -32.05 37.65
CA GLU K 187 22.12 -30.63 37.86
C GLU K 187 22.46 -29.92 36.55
N HIS K 188 22.76 -30.68 35.50
CA HIS K 188 22.89 -30.08 34.18
C HIS K 188 21.56 -29.53 33.70
N ALA K 189 20.49 -30.35 33.72
CA ALA K 189 19.18 -29.86 33.32
C ALA K 189 18.69 -28.78 34.26
N LEU K 190 19.04 -28.87 35.54
CA LEU K 190 18.77 -27.76 36.44
C LEU K 190 19.50 -26.51 35.99
N SER K 191 20.73 -26.63 35.51
CA SER K 191 21.40 -25.47 34.97
C SER K 191 20.70 -24.96 33.72
N VAL K 192 20.06 -25.84 32.95
CA VAL K 192 19.32 -25.40 31.77
C VAL K 192 18.10 -24.58 32.19
N SER K 193 17.30 -25.13 33.12
CA SER K 193 16.19 -24.35 33.69
C SER K 193 16.69 -23.05 34.29
N VAL K 194 17.91 -23.06 34.83
CA VAL K 194 18.54 -21.89 35.40
C VAL K 194 19.30 -21.09 34.36
N PHE K 195 19.64 -21.69 33.22
CA PHE K 195 20.03 -20.96 32.03
C PHE K 195 18.85 -20.58 31.16
N ASN K 196 17.64 -21.04 31.53
CA ASN K 196 16.49 -20.94 30.64
C ASN K 196 16.15 -19.48 30.38
N ASN K 197 16.44 -19.00 29.17
CA ASN K 197 16.37 -17.57 28.87
C ASN K 197 14.97 -16.97 29.02
N LYS K 198 13.97 -17.76 29.38
CA LYS K 198 12.80 -17.23 30.07
C LYS K 198 13.26 -16.34 31.23
N ASN K 199 12.49 -15.29 31.50
CA ASN K 199 12.88 -14.32 32.52
C ASN K 199 13.09 -14.97 33.89
N SER K 200 12.26 -15.97 34.21
CA SER K 200 12.47 -16.75 35.43
C SER K 200 13.85 -17.40 35.44
N GLY K 201 14.16 -18.15 34.38
CA GLY K 201 15.45 -18.81 34.30
C GLY K 201 16.55 -17.91 33.78
N PHE K 202 16.18 -16.76 33.18
CA PHE K 202 17.20 -15.85 32.66
C PHE K 202 17.80 -15.01 33.77
N TRP K 203 16.94 -14.55 34.67
CA TRP K 203 17.33 -13.99 35.95
C TRP K 203 18.43 -14.82 36.60
N HIS K 204 18.10 -16.07 36.90
CA HIS K 204 19.07 -16.96 37.52
C HIS K 204 20.16 -17.42 36.54
N SER K 205 19.99 -17.17 35.22
CA SER K 205 21.08 -17.39 34.26
C SER K 205 22.19 -16.37 34.45
N SER K 206 21.81 -15.11 34.52
CA SER K 206 22.78 -14.07 34.75
C SER K 206 23.32 -14.11 36.17
N LEU K 207 22.55 -14.66 37.13
CA LEU K 207 23.12 -14.93 38.45
C LEU K 207 24.13 -16.08 38.40
N ILE K 208 23.79 -17.15 37.68
CA ILE K 208 24.66 -18.32 37.57
C ILE K 208 25.80 -18.04 36.59
N ASP K 209 25.92 -16.80 36.10
CA ASP K 209 27.13 -16.39 35.41
C ASP K 209 28.42 -16.78 36.16
N ARG K 210 28.36 -16.89 37.49
CA ARG K 210 29.52 -17.25 38.30
C ARG K 210 29.22 -18.34 39.34
N ASN K 211 28.13 -19.10 39.19
CA ASN K 211 27.53 -19.90 40.28
C ASN K 211 27.65 -19.17 41.62
N LEU K 212 27.10 -17.97 41.68
CA LEU K 212 27.06 -17.36 42.99
C LEU K 212 26.16 -18.12 43.96
N ILE K 213 25.27 -18.96 43.44
CA ILE K 213 24.51 -19.89 44.26
C ILE K 213 25.46 -20.86 44.94
N ASP K 214 25.10 -21.25 46.16
CA ASP K 214 25.77 -22.37 46.83
C ASP K 214 25.21 -23.70 46.35
N TYR K 215 23.95 -23.97 46.66
CA TYR K 215 23.38 -25.31 46.53
C TYR K 215 22.01 -25.21 45.88
N PHE K 216 21.84 -25.83 44.72
CA PHE K 216 20.50 -26.08 44.20
C PHE K 216 19.80 -27.11 45.07
N VAL K 217 18.54 -26.84 45.38
CA VAL K 217 17.77 -27.69 46.28
C VAL K 217 16.33 -27.73 45.81
N PRO K 218 15.91 -28.74 45.05
CA PRO K 218 14.49 -28.93 44.80
C PRO K 218 13.80 -29.70 45.90
N PHE K 219 12.53 -29.37 46.09
CA PHE K 219 11.59 -30.16 46.87
C PHE K 219 10.79 -31.05 45.91
N LEU K 220 9.92 -31.89 46.49
CA LEU K 220 9.14 -32.83 45.68
C LEU K 220 7.70 -32.95 46.15
N PRO K 221 6.79 -33.42 45.29
CA PRO K 221 5.37 -33.55 45.71
C PRO K 221 5.23 -34.41 46.95
N LEU K 222 4.64 -33.81 47.98
CA LEU K 222 4.43 -34.53 49.22
C LEU K 222 3.48 -35.68 48.96
N GLU K 223 4.05 -36.89 48.90
CA GLU K 223 3.31 -38.07 48.52
C GLU K 223 2.16 -38.31 49.50
N TYR K 224 1.14 -39.03 49.05
CA TYR K 224 -0.09 -39.20 49.83
C TYR K 224 0.18 -39.77 51.21
N LYS K 225 1.29 -40.50 51.37
CA LYS K 225 1.74 -40.80 52.71
C LYS K 225 1.93 -39.50 53.50
N HIS K 226 2.54 -38.49 52.89
CA HIS K 226 2.72 -37.22 53.59
C HIS K 226 1.41 -36.53 53.85
N LEU K 227 0.44 -36.67 52.93
CA LEU K 227 -0.90 -36.21 53.22
C LEU K 227 -1.35 -36.82 54.53
N LYS K 228 -1.42 -38.15 54.58
CA LYS K 228 -1.83 -38.85 55.79
C LYS K 228 -1.01 -38.47 57.02
N MET K 229 0.25 -38.11 56.83
CA MET K 229 1.05 -37.64 57.96
C MET K 229 0.55 -36.30 58.46
N CYS K 230 0.38 -35.33 57.56
CA CYS K 230 -0.14 -34.02 57.94
C CYS K 230 -1.66 -34.00 58.06
N ILE K 231 -2.29 -35.16 58.07
CA ILE K 231 -3.68 -35.33 58.48
C ILE K 231 -3.74 -35.87 59.89
N ARG K 232 -3.08 -37.00 60.12
CA ARG K 232 -3.02 -37.60 61.45
C ARG K 232 -2.35 -36.65 62.44
N VAL K 233 -1.13 -36.21 62.11
CA VAL K 233 -0.35 -35.38 63.02
C VAL K 233 -1.06 -34.07 63.29
N GLU K 234 -1.61 -33.45 62.25
CA GLU K 234 -2.24 -32.14 62.43
C GLU K 234 -3.54 -32.28 63.20
N MET K 235 -4.45 -33.14 62.73
CA MET K 235 -5.77 -33.21 63.35
C MET K 235 -5.70 -33.78 64.75
N GLN K 236 -4.78 -34.71 65.01
CA GLN K 236 -4.51 -35.12 66.38
C GLN K 236 -3.83 -34.01 67.17
N SER K 237 -3.10 -33.12 66.52
CA SER K 237 -2.51 -31.97 67.20
C SER K 237 -3.54 -30.89 67.49
N ARG K 238 -4.63 -30.85 66.74
CA ARG K 238 -5.64 -29.81 66.85
C ARG K 238 -6.84 -30.20 67.70
N GLY K 239 -6.82 -31.37 68.35
CA GLY K 239 -7.98 -31.81 69.08
C GLY K 239 -9.20 -31.98 68.19
N TYR K 240 -8.96 -32.39 66.95
CA TYR K 240 -9.98 -32.37 65.91
C TYR K 240 -10.91 -33.57 65.95
N GLU K 241 -10.52 -34.64 66.63
CA GLU K 241 -11.29 -35.89 66.67
C GLU K 241 -11.44 -36.48 65.28
N ILE K 242 -10.30 -36.73 64.65
CA ILE K 242 -10.25 -37.45 63.38
C ILE K 242 -10.31 -38.94 63.66
N ASP K 243 -10.73 -39.72 62.67
CA ASP K 243 -10.80 -41.17 62.76
C ASP K 243 -10.35 -41.77 61.43
N GLU K 244 -10.59 -43.06 61.23
CA GLU K 244 -10.04 -43.74 60.07
C GLU K 244 -10.69 -43.26 58.77
N ASP K 245 -12.03 -43.20 58.75
CA ASP K 245 -12.75 -42.92 57.51
C ASP K 245 -12.30 -41.62 56.87
N ILE K 246 -12.04 -40.61 57.71
CA ILE K 246 -11.53 -39.33 57.25
C ILE K 246 -10.24 -39.51 56.47
N VAL K 247 -9.45 -40.53 56.81
CA VAL K 247 -8.18 -40.82 56.16
C VAL K 247 -8.32 -41.91 55.10
N SER K 248 -9.51 -42.50 54.96
CA SER K 248 -9.87 -43.08 53.67
C SER K 248 -10.16 -41.98 52.67
N ARG K 249 -10.75 -40.88 53.14
CA ARG K 249 -11.16 -39.82 52.24
C ARG K 249 -10.00 -38.96 51.74
N VAL K 250 -8.79 -39.15 52.27
CA VAL K 250 -7.64 -38.42 51.72
C VAL K 250 -7.45 -38.78 50.26
N ALA K 251 -7.65 -40.05 49.91
CA ALA K 251 -7.49 -40.54 48.55
C ALA K 251 -8.81 -40.85 47.86
N GLU K 252 -9.86 -41.18 48.61
CA GLU K 252 -11.14 -41.38 47.96
C GLU K 252 -11.70 -40.08 47.38
N GLU K 253 -11.25 -38.93 47.89
CA GLU K 253 -11.82 -37.63 47.57
C GLU K 253 -10.71 -36.62 47.28
N MET K 254 -9.74 -37.00 46.45
CA MET K 254 -8.65 -36.10 46.08
C MET K 254 -8.12 -36.50 44.72
N THR K 255 -7.51 -35.53 44.03
CA THR K 255 -6.85 -35.76 42.76
C THR K 255 -5.35 -35.80 42.97
N PHE K 256 -4.72 -36.77 42.32
CA PHE K 256 -3.27 -36.92 42.27
C PHE K 256 -2.81 -36.87 40.82
N PHE K 257 -1.49 -36.89 40.63
CA PHE K 257 -0.87 -36.72 39.32
C PHE K 257 0.05 -37.90 39.02
N PRO K 258 0.06 -38.46 37.80
CA PRO K 258 -0.88 -38.25 36.69
C PRO K 258 -2.19 -38.93 37.01
N LYS K 259 -3.21 -38.71 36.20
CA LYS K 259 -4.43 -39.51 36.32
C LYS K 259 -4.14 -40.99 36.18
N GLU K 260 -3.31 -41.37 35.21
CA GLU K 260 -3.16 -42.77 34.86
C GLU K 260 -2.52 -43.59 35.96
N GLU K 261 -2.02 -42.93 37.01
CA GLU K 261 -1.47 -43.60 38.17
C GLU K 261 -2.05 -43.04 39.47
N ARG K 262 -2.41 -41.75 39.49
CA ARG K 262 -2.94 -41.08 40.68
C ARG K 262 -1.97 -41.19 41.85
N VAL K 263 -0.83 -40.52 41.69
CA VAL K 263 0.29 -40.69 42.63
C VAL K 263 0.70 -39.35 43.23
N PHE K 264 1.24 -38.47 42.40
CA PHE K 264 1.80 -37.22 42.89
C PHE K 264 0.67 -36.27 43.26
N SER K 265 0.82 -35.62 44.39
CA SER K 265 -0.23 -34.79 44.94
C SER K 265 -0.39 -33.54 44.08
N ASP K 266 -1.30 -32.67 44.50
CA ASP K 266 -1.49 -31.37 43.88
C ASP K 266 -1.11 -30.27 44.87
N LYS K 267 -1.13 -30.58 46.17
CA LYS K 267 -0.79 -29.61 47.20
C LYS K 267 0.05 -30.15 48.32
N GLY K 268 0.13 -31.44 48.52
CA GLY K 268 0.68 -31.93 49.76
C GLY K 268 -0.13 -31.41 50.93
N CYS K 269 0.56 -30.72 51.83
CA CYS K 269 0.01 -30.37 53.14
C CYS K 269 -0.40 -28.91 53.20
N LYS K 270 -0.78 -28.33 52.06
CA LYS K 270 -1.21 -26.95 51.97
C LYS K 270 -2.71 -26.79 52.10
N THR K 271 -3.46 -27.40 51.18
CA THR K 271 -4.92 -27.43 51.25
C THR K 271 -5.43 -28.59 52.07
N VAL K 272 -4.54 -29.29 52.78
CA VAL K 272 -4.94 -30.54 53.42
C VAL K 272 -5.99 -30.27 54.50
N PHE K 273 -5.75 -29.30 55.38
CA PHE K 273 -6.59 -29.15 56.56
C PHE K 273 -7.95 -28.54 56.24
N THR K 274 -8.06 -27.81 55.13
CA THR K 274 -9.37 -27.31 54.70
C THR K 274 -10.26 -28.45 54.23
N LYS K 275 -9.73 -29.30 53.36
CA LYS K 275 -10.43 -30.49 52.95
C LYS K 275 -10.72 -31.39 54.14
N LEU K 276 -9.83 -31.43 55.12
CA LEU K 276 -10.14 -32.15 56.33
C LEU K 276 -11.28 -31.52 57.09
N ASP K 277 -11.42 -30.19 57.04
CA ASP K 277 -12.61 -29.58 57.61
C ASP K 277 -13.85 -30.00 56.83
N TYR K 278 -13.72 -30.26 55.53
CA TYR K 278 -14.84 -30.91 54.86
C TYR K 278 -15.09 -32.29 55.45
N TYR K 279 -14.04 -33.01 55.83
CA TYR K 279 -14.26 -34.35 56.35
C TYR K 279 -14.79 -34.32 57.77
N TYR K 280 -14.63 -33.19 58.48
CA TYR K 280 -15.49 -32.91 59.62
C TYR K 280 -16.93 -32.79 59.13
N ASP K 281 -17.10 -32.08 58.02
CA ASP K 281 -18.42 -32.00 57.42
C ASP K 281 -18.82 -33.33 56.76
N ASP K 282 -17.82 -34.15 56.41
CA ASP K 282 -17.99 -35.54 56.00
C ASP K 282 -19.07 -35.73 54.92
N GLY L 1 -59.00 7.16 -5.52
CA GLY L 1 -58.66 5.97 -6.35
C GLY L 1 -57.77 4.99 -5.61
N GLN L 2 -56.54 5.39 -5.31
CA GLN L 2 -55.63 4.52 -4.57
C GLN L 2 -56.16 4.24 -3.17
N LYS L 3 -56.94 5.16 -2.61
CA LYS L 3 -57.65 4.95 -1.35
C LYS L 3 -59.06 4.43 -1.56
N ARG L 4 -59.34 3.78 -2.69
CA ARG L 4 -60.65 3.23 -3.01
C ARG L 4 -60.49 1.77 -3.40
N SER L 5 -61.16 0.89 -2.67
CA SER L 5 -61.35 -0.47 -3.14
C SER L 5 -62.40 -0.46 -4.24
N LEU L 6 -62.05 -1.02 -5.39
CA LEU L 6 -62.83 -0.81 -6.61
C LEU L 6 -64.19 -1.47 -6.46
N SER L 7 -65.24 -0.66 -6.45
CA SER L 7 -66.58 -1.19 -6.50
C SER L 7 -66.91 -1.68 -7.92
N ARG L 8 -67.88 -2.58 -8.00
CA ARG L 8 -68.23 -3.19 -9.28
C ARG L 8 -68.75 -2.15 -10.25
N GLU L 9 -69.53 -1.20 -9.74
CA GLU L 9 -70.17 -0.21 -10.59
C GLU L 9 -69.14 0.61 -11.35
N ALA L 10 -68.06 1.00 -10.68
CA ALA L 10 -67.08 1.85 -11.33
C ALA L 10 -66.45 1.16 -12.53
N LEU L 11 -66.20 -0.15 -12.41
CA LEU L 11 -65.46 -0.86 -13.45
C LEU L 11 -66.38 -1.27 -14.59
N GLN L 12 -67.56 -1.80 -14.27
CA GLN L 12 -68.50 -2.08 -15.35
C GLN L 12 -68.89 -0.79 -16.06
N LYS L 13 -68.98 0.30 -15.31
CA LYS L 13 -69.22 1.61 -15.91
C LYS L 13 -68.11 1.97 -16.88
N ASP L 14 -66.86 1.88 -16.43
CA ASP L 14 -65.73 2.31 -17.26
C ASP L 14 -65.65 1.47 -18.53
N LEU L 15 -65.69 0.15 -18.38
CA LEU L 15 -65.57 -0.73 -19.53
C LEU L 15 -66.76 -0.55 -20.48
N ASP L 16 -67.96 -0.45 -19.93
CA ASP L 16 -69.13 -0.22 -20.78
C ASP L 16 -69.07 1.14 -21.45
N ASP L 17 -68.31 2.08 -20.89
CA ASP L 17 -68.14 3.37 -21.55
C ASP L 17 -67.19 3.25 -22.73
N ASN L 18 -66.00 2.70 -22.48
CA ASN L 18 -64.90 2.80 -23.44
C ASN L 18 -64.60 1.49 -24.16
N LEU L 19 -64.77 0.35 -23.50
CA LEU L 19 -64.46 -0.92 -24.14
C LEU L 19 -65.57 -1.30 -25.10
N PHE L 20 -65.19 -1.70 -26.30
CA PHE L 20 -66.10 -2.08 -27.36
C PHE L 20 -66.09 -3.60 -27.52
N GLY L 21 -67.26 -4.20 -27.36
CA GLY L 21 -67.36 -5.64 -27.36
C GLY L 21 -66.67 -6.22 -26.14
N GLN L 22 -66.10 -7.42 -26.34
CA GLN L 22 -65.32 -8.09 -25.32
C GLN L 22 -66.15 -8.31 -24.06
N HIS L 23 -67.39 -8.77 -24.27
CA HIS L 23 -68.28 -9.12 -23.17
C HIS L 23 -67.60 -10.09 -22.21
N LEU L 24 -66.83 -11.03 -22.76
CA LEU L 24 -66.10 -11.99 -21.95
C LEU L 24 -65.18 -11.27 -20.99
N ALA L 25 -64.51 -10.23 -21.47
CA ALA L 25 -63.49 -9.61 -20.65
C ALA L 25 -64.13 -8.78 -19.55
N LYS L 26 -65.28 -8.20 -19.84
CA LYS L 26 -66.01 -7.47 -18.81
C LYS L 26 -66.47 -8.40 -17.71
N LYS L 27 -67.07 -9.53 -18.09
CA LYS L 27 -67.51 -10.51 -17.09
C LYS L 27 -66.35 -10.99 -16.25
N ILE L 28 -65.32 -11.54 -16.92
CA ILE L 28 -64.14 -12.08 -16.24
C ILE L 28 -63.55 -11.05 -15.31
N ILE L 29 -63.08 -9.95 -15.89
CA ILE L 29 -62.32 -8.97 -15.14
C ILE L 29 -63.16 -8.48 -13.98
N LEU L 30 -64.36 -8.00 -14.27
CA LEU L 30 -65.21 -7.37 -13.26
C LEU L 30 -65.40 -8.28 -12.06
N ASN L 31 -65.93 -9.48 -12.28
CA ASN L 31 -66.21 -10.33 -11.13
C ASN L 31 -64.93 -10.84 -10.49
N ALA L 32 -63.92 -11.11 -11.31
CA ALA L 32 -62.68 -11.70 -10.82
C ALA L 32 -61.96 -10.76 -9.86
N VAL L 33 -61.64 -9.55 -10.32
CA VAL L 33 -60.96 -8.62 -9.42
C VAL L 33 -61.91 -8.21 -8.31
N PHE L 34 -63.19 -7.99 -8.62
CA PHE L 34 -64.12 -7.50 -7.61
C PHE L 34 -64.25 -8.48 -6.45
N GLY L 35 -64.05 -9.77 -6.71
CA GLY L 35 -63.94 -10.74 -5.65
C GLY L 35 -62.56 -10.73 -5.04
N PHE L 36 -61.54 -10.56 -5.89
CA PHE L 36 -60.17 -10.63 -5.43
C PHE L 36 -59.81 -9.43 -4.55
N ILE L 37 -60.02 -8.22 -5.07
CA ILE L 37 -59.56 -7.03 -4.35
C ILE L 37 -60.32 -6.87 -3.05
N ASN L 38 -61.60 -7.24 -3.04
CA ASN L 38 -62.37 -7.20 -1.81
C ASN L 38 -62.01 -8.32 -0.85
N ASN L 39 -61.31 -9.34 -1.33
CA ASN L 39 -60.91 -10.44 -0.45
C ASN L 39 -59.69 -10.01 0.36
N PRO L 40 -59.78 -9.96 1.70
CA PRO L 40 -58.55 -9.74 2.49
C PRO L 40 -57.65 -10.95 2.57
N LYS L 41 -58.08 -12.11 2.07
CA LYS L 41 -57.29 -13.34 2.12
C LYS L 41 -57.41 -14.02 0.77
N PRO L 42 -56.67 -13.52 -0.23
CA PRO L 42 -56.77 -14.15 -1.56
C PRO L 42 -56.23 -15.57 -1.61
N LYS L 43 -55.29 -15.91 -0.72
CA LYS L 43 -54.53 -17.15 -0.65
C LYS L 43 -53.47 -17.24 -1.74
N LYS L 44 -53.46 -16.35 -2.72
CA LYS L 44 -52.52 -16.38 -3.82
C LYS L 44 -52.50 -15.01 -4.46
N PRO L 45 -51.43 -14.65 -5.14
CA PRO L 45 -51.52 -13.46 -5.99
C PRO L 45 -52.36 -13.75 -7.21
N LEU L 46 -52.61 -12.73 -8.02
CA LEU L 46 -53.45 -12.84 -9.21
C LEU L 46 -52.56 -13.20 -10.37
N THR L 47 -52.79 -14.38 -10.95
CA THR L 47 -51.97 -14.91 -12.02
C THR L 47 -52.79 -14.90 -13.29
N LEU L 48 -52.72 -13.78 -14.00
CA LEU L 48 -53.52 -13.58 -15.20
C LEU L 48 -52.72 -13.92 -16.44
N SER L 49 -53.40 -14.46 -17.43
CA SER L 49 -52.82 -14.83 -18.71
C SER L 49 -53.59 -14.12 -19.82
N LEU L 50 -52.87 -13.64 -20.82
CA LEU L 50 -53.48 -13.05 -21.99
C LEU L 50 -52.67 -13.39 -23.23
N HIS L 51 -53.41 -13.69 -24.29
CA HIS L 51 -52.85 -13.92 -25.61
C HIS L 51 -53.97 -13.68 -26.61
N GLY L 52 -53.65 -13.80 -27.90
CA GLY L 52 -54.61 -13.55 -28.96
C GLY L 52 -54.13 -12.53 -29.97
N TRP L 53 -55.06 -11.70 -30.44
CA TRP L 53 -54.78 -10.73 -31.48
C TRP L 53 -54.65 -9.32 -30.88
N THR L 54 -53.85 -8.48 -31.53
CA THR L 54 -53.57 -7.16 -30.97
C THR L 54 -54.70 -6.18 -31.23
N GLY L 55 -54.49 -4.98 -30.71
CA GLY L 55 -55.40 -3.88 -30.96
C GLY L 55 -56.79 -4.10 -30.43
N THR L 56 -56.99 -5.15 -29.64
CA THR L 56 -58.24 -5.48 -28.99
C THR L 56 -58.28 -4.91 -27.60
N GLY L 57 -57.13 -4.52 -27.08
CA GLY L 57 -57.04 -3.66 -25.93
C GLY L 57 -56.32 -4.23 -24.74
N LYS L 58 -55.31 -5.08 -24.94
CA LYS L 58 -54.61 -5.65 -23.80
C LYS L 58 -53.92 -4.58 -22.98
N ASN L 59 -52.96 -3.89 -23.59
CA ASN L 59 -52.30 -2.81 -22.89
C ASN L 59 -53.28 -1.67 -22.58
N PHE L 60 -54.31 -1.53 -23.42
CA PHE L 60 -55.44 -0.64 -23.14
C PHE L 60 -56.09 -1.00 -21.81
N VAL L 61 -56.61 -2.23 -21.67
CA VAL L 61 -57.37 -2.56 -20.46
C VAL L 61 -56.47 -2.54 -19.23
N SER L 62 -55.24 -3.05 -19.38
CA SER L 62 -54.31 -3.02 -18.26
C SER L 62 -54.07 -1.59 -17.81
N LYS L 63 -53.92 -0.69 -18.77
CA LYS L 63 -53.80 0.72 -18.44
C LYS L 63 -55.03 1.21 -17.70
N ILE L 64 -56.22 0.83 -18.15
CA ILE L 64 -57.46 1.36 -17.57
C ILE L 64 -57.54 0.97 -16.10
N ILE L 65 -57.41 -0.33 -15.83
CA ILE L 65 -57.55 -0.77 -14.46
C ILE L 65 -56.41 -0.24 -13.62
N ALA L 66 -55.23 -0.08 -14.22
CA ALA L 66 -54.13 0.56 -13.50
C ALA L 66 -54.51 1.97 -13.08
N GLU L 67 -55.28 2.68 -13.91
CA GLU L 67 -55.69 4.03 -13.56
C GLU L 67 -56.77 4.01 -12.48
N ASN L 68 -57.71 3.07 -12.59
CA ASN L 68 -58.78 3.00 -11.60
C ASN L 68 -58.24 2.64 -10.23
N ILE L 69 -57.27 1.73 -10.17
CA ILE L 69 -56.67 1.37 -8.88
C ILE L 69 -55.92 2.55 -8.31
N TYR L 70 -54.88 3.00 -9.00
CA TYR L 70 -54.06 4.13 -8.57
C TYR L 70 -54.16 5.27 -9.57
N GLU L 71 -54.13 6.49 -9.04
CA GLU L 71 -54.09 7.67 -9.90
C GLU L 71 -52.86 7.68 -10.78
N GLY L 72 -51.78 7.06 -10.33
CA GLY L 72 -50.57 6.98 -11.14
C GLY L 72 -50.78 6.25 -12.45
N GLY L 73 -51.77 5.37 -12.52
CA GLY L 73 -51.90 4.53 -13.68
C GLY L 73 -50.64 3.69 -13.82
N LEU L 74 -49.80 4.06 -14.78
CA LEU L 74 -48.46 3.51 -14.89
C LEU L 74 -47.40 4.39 -14.24
N ASN L 75 -47.72 5.63 -13.89
CA ASN L 75 -46.77 6.50 -13.23
C ASN L 75 -46.49 6.10 -11.78
N SER L 76 -47.29 5.22 -11.19
CA SER L 76 -47.14 4.92 -9.79
C SER L 76 -45.81 4.24 -9.50
N ASP L 77 -45.19 4.69 -8.41
CA ASP L 77 -43.99 4.00 -7.91
C ASP L 77 -44.29 2.57 -7.52
N TYR L 78 -45.52 2.30 -7.07
CA TYR L 78 -45.95 0.94 -6.83
C TYR L 78 -45.95 0.14 -8.13
N VAL L 79 -46.50 0.72 -9.18
CA VAL L 79 -46.69 0.04 -10.46
C VAL L 79 -45.38 0.18 -11.21
N HIS L 80 -44.58 -0.88 -11.18
CA HIS L 80 -43.25 -0.89 -11.79
C HIS L 80 -43.21 -1.98 -12.86
N LEU L 81 -42.75 -1.58 -14.06
CA LEU L 81 -42.95 -2.35 -15.27
C LEU L 81 -41.65 -2.94 -15.79
N PHE L 82 -41.76 -4.13 -16.36
CA PHE L 82 -40.67 -4.83 -17.01
C PHE L 82 -41.08 -5.21 -18.43
N VAL L 83 -40.07 -5.41 -19.28
CA VAL L 83 -40.26 -5.78 -20.67
C VAL L 83 -39.20 -6.81 -21.01
N ALA L 84 -39.54 -7.70 -21.96
CA ALA L 84 -38.58 -8.69 -22.42
C ALA L 84 -37.36 -8.01 -23.01
N THR L 85 -37.54 -7.30 -24.11
CA THR L 85 -36.39 -6.90 -24.92
C THR L 85 -35.61 -5.76 -24.28
N LEU L 86 -36.31 -4.74 -23.77
CA LEU L 86 -35.66 -3.58 -23.20
C LEU L 86 -34.76 -3.93 -22.04
N HIS L 87 -35.15 -4.88 -21.24
CA HIS L 87 -34.39 -5.30 -20.08
C HIS L 87 -33.68 -6.62 -20.30
N PHE L 88 -34.35 -7.60 -20.91
CA PHE L 88 -33.90 -8.99 -20.93
C PHE L 88 -33.71 -9.48 -22.37
N PRO L 89 -32.80 -8.87 -23.11
CA PRO L 89 -32.60 -9.28 -24.52
C PRO L 89 -32.01 -10.66 -24.68
N HIS L 90 -30.90 -10.93 -24.02
CA HIS L 90 -30.02 -12.03 -24.39
C HIS L 90 -30.13 -13.21 -23.44
N ALA L 91 -29.76 -14.37 -23.95
CA ALA L 91 -29.57 -15.56 -23.14
C ALA L 91 -28.19 -15.62 -22.50
N SER L 92 -27.41 -14.55 -22.60
CA SER L 92 -26.10 -14.52 -21.97
C SER L 92 -26.21 -14.17 -20.49
N ASN L 93 -26.92 -13.09 -20.19
CA ASN L 93 -26.99 -12.53 -18.84
C ASN L 93 -28.22 -13.01 -18.10
N ILE L 94 -28.62 -14.27 -18.32
CA ILE L 94 -29.86 -14.78 -17.75
C ILE L 94 -29.80 -14.68 -16.22
N THR L 95 -28.65 -15.00 -15.65
CA THR L 95 -28.53 -15.06 -14.20
C THR L 95 -28.67 -13.67 -13.59
N LEU L 96 -27.95 -12.70 -14.13
CA LEU L 96 -28.10 -11.32 -13.70
C LEU L 96 -29.54 -10.87 -13.83
N TYR L 97 -30.19 -11.27 -14.91
CA TYR L 97 -31.58 -10.92 -15.12
C TYR L 97 -32.46 -11.54 -14.04
N LYS L 98 -32.11 -12.73 -13.57
CA LYS L 98 -32.90 -13.37 -12.52
C LYS L 98 -32.68 -12.68 -11.18
N ASP L 99 -31.43 -12.37 -10.85
CA ASP L 99 -31.14 -11.76 -9.56
C ASP L 99 -31.72 -10.36 -9.49
N GLN L 100 -31.45 -9.55 -10.51
CA GLN L 100 -32.06 -8.23 -10.61
C GLN L 100 -33.58 -8.32 -10.54
N LEU L 101 -34.13 -9.36 -11.18
CA LEU L 101 -35.57 -9.55 -11.13
C LEU L 101 -36.04 -9.73 -9.70
N GLN L 102 -35.48 -10.71 -9.00
CA GLN L 102 -35.89 -11.00 -7.63
C GLN L 102 -35.76 -9.78 -6.74
N LEU L 103 -34.68 -9.02 -6.91
CA LEU L 103 -34.45 -7.89 -6.01
C LEU L 103 -35.41 -6.74 -6.30
N TRP L 104 -35.60 -6.41 -7.57
CA TRP L 104 -36.54 -5.36 -7.92
C TRP L 104 -37.95 -5.73 -7.46
N ILE L 105 -38.30 -7.02 -7.57
CA ILE L 105 -39.55 -7.50 -7.01
C ILE L 105 -39.62 -7.15 -5.53
N ARG L 106 -38.68 -7.71 -4.75
CA ARG L 106 -38.70 -7.55 -3.30
C ARG L 106 -38.76 -6.08 -2.90
N GLY L 107 -38.11 -5.22 -3.66
CA GLY L 107 -38.20 -3.79 -3.39
C GLY L 107 -39.61 -3.29 -3.50
N ASN L 108 -40.22 -3.44 -4.68
CA ASN L 108 -41.54 -2.85 -4.89
C ASN L 108 -42.58 -3.47 -3.97
N VAL L 109 -42.56 -4.80 -3.83
CA VAL L 109 -43.57 -5.45 -3.02
C VAL L 109 -43.35 -5.12 -1.55
N SER L 110 -42.09 -4.99 -1.13
CA SER L 110 -41.85 -4.58 0.25
C SER L 110 -42.26 -3.14 0.49
N ALA L 111 -42.41 -2.34 -0.57
CA ALA L 111 -43.13 -1.08 -0.41
C ALA L 111 -44.60 -1.32 -0.10
N CYS L 112 -45.24 -2.26 -0.80
CA CYS L 112 -46.62 -2.63 -0.54
C CYS L 112 -46.96 -3.87 -1.34
N ALA L 113 -47.82 -4.71 -0.76
CA ALA L 113 -48.23 -5.92 -1.45
C ALA L 113 -49.27 -5.65 -2.53
N ARG L 114 -49.84 -4.44 -2.55
CA ARG L 114 -50.78 -4.06 -3.60
C ARG L 114 -50.08 -3.48 -4.83
N SER L 115 -48.76 -3.53 -4.88
CA SER L 115 -48.06 -3.15 -6.10
C SER L 115 -48.41 -4.13 -7.21
N ILE L 116 -48.18 -3.70 -8.45
CA ILE L 116 -48.55 -4.44 -9.64
C ILE L 116 -47.34 -4.56 -10.55
N PHE L 117 -47.16 -5.75 -11.12
CA PHE L 117 -46.17 -6.01 -12.15
C PHE L 117 -46.85 -6.53 -13.39
N ILE L 118 -46.35 -6.13 -14.56
CA ILE L 118 -46.79 -6.62 -15.85
C ILE L 118 -45.57 -6.92 -16.69
N PHE L 119 -45.69 -7.94 -17.52
CA PHE L 119 -44.70 -8.25 -18.55
C PHE L 119 -45.34 -8.11 -19.92
N ASP L 120 -44.48 -8.11 -20.94
CA ASP L 120 -44.93 -7.93 -22.31
C ASP L 120 -43.89 -8.51 -23.25
N GLU L 121 -44.34 -8.83 -24.47
CA GLU L 121 -43.47 -9.37 -25.51
C GLU L 121 -42.83 -10.67 -25.04
N MET L 122 -43.67 -11.57 -24.55
CA MET L 122 -43.22 -12.80 -23.91
C MET L 122 -42.92 -13.91 -24.89
N ASP L 123 -42.80 -13.60 -26.18
CA ASP L 123 -42.34 -14.56 -27.15
C ASP L 123 -40.81 -14.63 -27.21
N LYS L 124 -40.11 -13.89 -26.35
CA LYS L 124 -38.67 -13.70 -26.43
C LYS L 124 -38.01 -13.89 -25.07
N MET L 125 -38.34 -14.98 -24.39
CA MET L 125 -37.92 -15.23 -23.02
C MET L 125 -37.24 -16.59 -22.90
N HIS L 126 -36.76 -16.94 -21.69
CA HIS L 126 -35.87 -18.09 -21.50
C HIS L 126 -36.13 -18.70 -20.13
N ALA L 127 -36.54 -19.98 -20.12
CA ALA L 127 -37.26 -20.58 -18.98
C ALA L 127 -36.53 -20.47 -17.64
N GLY L 128 -35.22 -20.19 -17.65
CA GLY L 128 -34.57 -19.80 -16.41
C GLY L 128 -35.27 -18.63 -15.76
N LEU L 129 -35.82 -17.73 -16.57
CA LEU L 129 -36.46 -16.52 -16.12
C LEU L 129 -37.88 -16.74 -15.60
N ILE L 130 -38.44 -17.94 -15.72
CA ILE L 130 -39.54 -18.37 -14.84
C ILE L 130 -39.02 -19.14 -13.64
N ASP L 131 -37.86 -19.80 -13.76
CA ASP L 131 -37.38 -20.62 -12.65
C ASP L 131 -37.05 -19.81 -11.40
N ALA L 132 -37.09 -18.48 -11.45
CA ALA L 132 -36.84 -17.63 -10.30
C ALA L 132 -38.11 -17.06 -9.67
N ILE L 133 -39.29 -17.42 -10.18
CA ILE L 133 -40.54 -16.79 -9.75
C ILE L 133 -41.61 -17.77 -9.34
N LYS L 134 -41.56 -19.03 -9.78
CA LYS L 134 -42.54 -20.02 -9.35
C LYS L 134 -42.70 -20.10 -7.84
N PRO L 135 -41.64 -20.04 -7.03
CA PRO L 135 -41.85 -19.97 -5.58
C PRO L 135 -42.65 -18.76 -5.14
N PHE L 136 -42.50 -17.62 -5.82
CA PHE L 136 -43.33 -16.47 -5.48
C PHE L 136 -44.79 -16.73 -5.74
N LEU L 137 -45.12 -17.71 -6.58
CA LEU L 137 -46.49 -18.07 -6.86
C LEU L 137 -46.91 -19.36 -6.17
N ASP L 138 -46.16 -19.80 -5.16
CA ASP L 138 -46.78 -20.66 -4.17
C ASP L 138 -47.84 -19.85 -3.43
N TYR L 139 -48.92 -20.53 -3.09
CA TYR L 139 -49.96 -19.99 -2.23
C TYR L 139 -49.52 -19.81 -0.77
N TYR L 140 -48.24 -20.08 -0.46
CA TYR L 140 -47.64 -19.77 0.83
C TYR L 140 -48.10 -18.42 1.37
N ASP L 141 -48.40 -18.36 2.66
CA ASP L 141 -48.72 -17.08 3.26
C ASP L 141 -47.53 -16.14 3.24
N LEU L 142 -46.32 -16.66 3.09
CA LEU L 142 -45.16 -15.77 3.02
C LEU L 142 -44.00 -16.46 2.33
N VAL L 143 -42.98 -15.65 2.05
CA VAL L 143 -41.65 -16.10 1.66
C VAL L 143 -40.66 -15.10 2.23
N ASP L 144 -39.60 -15.61 2.86
CA ASP L 144 -38.56 -14.77 3.44
C ASP L 144 -39.14 -13.77 4.44
N GLY L 145 -40.18 -14.18 5.14
CA GLY L 145 -40.88 -13.29 6.05
C GLY L 145 -41.68 -12.20 5.36
N VAL L 146 -42.15 -12.46 4.14
CA VAL L 146 -42.94 -11.49 3.39
C VAL L 146 -44.04 -12.24 2.63
N SER L 147 -45.23 -11.65 2.59
CA SER L 147 -46.34 -12.17 1.81
C SER L 147 -46.45 -11.46 0.48
N TYR L 148 -46.80 -12.23 -0.55
CA TYR L 148 -46.95 -11.73 -1.90
C TYR L 148 -48.34 -11.94 -2.47
N GLN L 149 -49.25 -12.55 -1.71
CA GLN L 149 -50.51 -12.99 -2.28
C GLN L 149 -51.50 -11.87 -2.54
N LYS L 150 -51.20 -10.64 -2.13
CA LYS L 150 -52.06 -9.52 -2.49
C LYS L 150 -51.70 -8.94 -3.84
N ALA L 151 -50.44 -9.01 -4.22
CA ALA L 151 -50.02 -8.46 -5.50
C ALA L 151 -50.63 -9.27 -6.64
N MET L 152 -50.40 -8.78 -7.85
CA MET L 152 -51.11 -9.26 -9.03
C MET L 152 -50.14 -9.27 -10.20
N PHE L 153 -49.92 -10.45 -10.77
CA PHE L 153 -48.98 -10.64 -11.87
C PHE L 153 -49.76 -10.95 -13.14
N ILE L 154 -49.42 -10.23 -14.21
CA ILE L 154 -50.19 -10.21 -15.44
C ILE L 154 -49.21 -10.38 -16.59
N PHE L 155 -49.58 -11.21 -17.56
CA PHE L 155 -48.75 -11.50 -18.71
C PHE L 155 -49.47 -11.14 -20.00
N LEU L 156 -48.69 -11.12 -21.07
CA LEU L 156 -49.18 -10.75 -22.39
C LEU L 156 -48.47 -11.58 -23.44
N SER L 157 -49.17 -11.81 -24.55
CA SER L 157 -48.62 -12.53 -25.68
C SER L 157 -49.57 -12.38 -26.85
N ASN L 158 -49.29 -13.10 -27.92
CA ASN L 158 -50.23 -13.25 -29.03
C ASN L 158 -50.30 -14.68 -29.56
N ALA L 159 -49.55 -15.61 -28.99
CA ALA L 159 -49.59 -16.99 -29.46
C ALA L 159 -50.94 -17.61 -29.16
N GLY L 160 -51.21 -18.73 -29.81
CA GLY L 160 -52.52 -19.34 -29.72
C GLY L 160 -53.62 -18.58 -30.43
N ALA L 161 -53.26 -17.54 -31.18
CA ALA L 161 -54.28 -16.76 -31.89
C ALA L 161 -55.01 -17.62 -32.91
N GLU L 162 -54.34 -18.62 -33.48
CA GLU L 162 -54.95 -19.38 -34.56
C GLU L 162 -56.20 -20.11 -34.10
N ARG L 163 -56.22 -20.52 -32.83
CA ARG L 163 -57.38 -21.20 -32.29
C ARG L 163 -58.56 -20.24 -32.14
N ILE L 164 -58.32 -19.06 -31.59
CA ILE L 164 -59.43 -18.14 -31.41
C ILE L 164 -59.94 -17.69 -32.78
N THR L 165 -59.07 -17.64 -33.79
CA THR L 165 -59.50 -17.31 -35.14
C THR L 165 -60.41 -18.41 -35.70
N ASP L 166 -59.86 -19.62 -35.84
CA ASP L 166 -60.63 -20.65 -36.54
C ASP L 166 -61.90 -21.01 -35.77
N VAL L 167 -61.90 -20.85 -34.46
CA VAL L 167 -63.13 -20.99 -33.69
C VAL L 167 -64.07 -19.83 -34.00
N ALA L 168 -63.53 -18.62 -34.12
CA ALA L 168 -64.38 -17.46 -34.39
C ALA L 168 -65.13 -17.63 -35.70
N LEU L 169 -64.43 -18.07 -36.75
CA LEU L 169 -65.14 -18.39 -37.98
C LEU L 169 -65.95 -19.67 -37.86
N ASP L 170 -65.64 -20.54 -36.90
CA ASP L 170 -66.46 -21.74 -36.74
C ASP L 170 -67.88 -21.34 -36.34
N PHE L 171 -68.01 -20.74 -35.16
CA PHE L 171 -69.33 -20.35 -34.71
C PHE L 171 -69.91 -19.25 -35.58
N TRP L 172 -69.09 -18.35 -36.10
CA TRP L 172 -69.64 -17.31 -36.96
C TRP L 172 -70.15 -17.90 -38.27
N ARG L 173 -69.46 -18.91 -38.79
CA ARG L 173 -69.96 -19.67 -39.91
C ARG L 173 -71.25 -20.41 -39.56
N SER L 174 -71.48 -20.69 -38.28
CA SER L 174 -72.74 -21.27 -37.84
C SER L 174 -73.94 -20.30 -37.80
N GLY L 175 -73.82 -19.09 -38.36
CA GLY L 175 -74.90 -18.13 -38.28
C GLY L 175 -75.05 -17.61 -36.87
N LYS L 176 -74.06 -16.85 -36.41
CA LYS L 176 -73.89 -16.59 -34.99
C LYS L 176 -72.86 -15.52 -34.70
N GLN L 177 -73.01 -14.81 -33.58
CA GLN L 177 -72.06 -13.81 -33.14
C GLN L 177 -71.36 -14.29 -31.87
N ARG L 178 -70.15 -13.77 -31.63
CA ARG L 178 -69.37 -14.27 -30.49
C ARG L 178 -69.98 -13.87 -29.16
N GLU L 179 -70.93 -12.95 -29.14
CA GLU L 179 -71.81 -12.82 -27.96
C GLU L 179 -72.43 -14.15 -27.63
N ASP L 180 -72.86 -14.88 -28.64
CA ASP L 180 -73.45 -16.20 -28.43
C ASP L 180 -72.39 -17.27 -28.24
N ILE L 181 -71.16 -17.06 -28.71
CA ILE L 181 -70.06 -17.87 -28.23
C ILE L 181 -69.95 -17.64 -26.74
N LYS L 182 -69.71 -18.72 -26.01
CA LYS L 182 -69.60 -18.66 -24.56
C LYS L 182 -68.16 -18.46 -24.16
N LEU L 183 -67.97 -18.16 -22.88
CA LEU L 183 -66.62 -18.03 -22.37
C LEU L 183 -65.87 -19.33 -22.51
N LYS L 184 -66.50 -20.43 -22.10
CA LYS L 184 -65.90 -21.74 -22.32
C LYS L 184 -65.66 -21.93 -23.80
N ASP L 185 -64.41 -22.19 -24.14
CA ASP L 185 -64.03 -22.63 -25.47
C ASP L 185 -62.90 -23.61 -25.23
N ILE L 186 -62.18 -24.02 -26.28
CA ILE L 186 -61.42 -25.25 -26.13
C ILE L 186 -60.13 -24.92 -25.36
N GLU L 187 -60.24 -24.98 -24.02
CA GLU L 187 -59.07 -24.70 -23.18
C GLU L 187 -58.05 -25.82 -23.26
N HIS L 188 -58.43 -26.96 -23.83
CA HIS L 188 -57.45 -28.00 -24.12
C HIS L 188 -56.46 -27.53 -25.17
N ALA L 189 -56.95 -27.04 -26.32
CA ALA L 189 -56.05 -26.54 -27.34
C ALA L 189 -55.29 -25.32 -26.85
N LEU L 190 -55.91 -24.50 -25.99
CA LEU L 190 -55.17 -23.45 -25.33
C LEU L 190 -54.06 -24.02 -24.48
N SER L 191 -54.29 -25.14 -23.80
CA SER L 191 -53.22 -25.77 -23.06
C SER L 191 -52.14 -26.27 -24.01
N VAL L 192 -52.50 -26.68 -25.23
CA VAL L 192 -51.50 -27.12 -26.19
C VAL L 192 -50.62 -25.95 -26.62
N SER L 193 -51.24 -24.83 -27.03
CA SER L 193 -50.49 -23.61 -27.30
C SER L 193 -49.65 -23.21 -26.10
N VAL L 194 -50.14 -23.48 -24.90
CA VAL L 194 -49.44 -23.18 -23.67
C VAL L 194 -48.53 -24.33 -23.25
N PHE L 195 -48.76 -25.54 -23.77
CA PHE L 195 -47.77 -26.61 -23.73
C PHE L 195 -46.82 -26.54 -24.93
N ASN L 196 -47.07 -25.65 -25.87
CA ASN L 196 -46.39 -25.68 -27.16
C ASN L 196 -44.90 -25.45 -26.96
N ASN L 197 -44.10 -26.51 -27.13
CA ASN L 197 -42.69 -26.48 -26.75
C ASN L 197 -41.87 -25.46 -27.53
N LYS L 198 -42.46 -24.72 -28.47
CA LYS L 198 -41.95 -23.41 -28.83
C LYS L 198 -41.67 -22.60 -27.56
N ASN L 199 -40.63 -21.77 -27.61
CA ASN L 199 -40.21 -21.02 -26.43
C ASN L 199 -41.35 -20.15 -25.88
N SER L 200 -42.15 -19.57 -26.78
CA SER L 200 -43.34 -18.84 -26.33
C SER L 200 -44.26 -19.74 -25.52
N GLY L 201 -44.65 -20.88 -26.08
CA GLY L 201 -45.52 -21.80 -25.37
C GLY L 201 -44.78 -22.70 -24.40
N PHE L 202 -43.45 -22.78 -24.51
CA PHE L 202 -42.70 -23.64 -23.60
C PHE L 202 -42.48 -22.95 -22.27
N TRP L 203 -42.16 -21.66 -22.32
CA TRP L 203 -42.22 -20.76 -21.18
C TRP L 203 -43.47 -21.01 -20.34
N HIS L 204 -44.63 -20.78 -20.96
CA HIS L 204 -45.88 -20.99 -20.27
C HIS L 204 -46.21 -22.47 -20.07
N SER L 205 -45.47 -23.40 -20.72
CA SER L 205 -45.60 -24.83 -20.42
C SER L 205 -45.02 -25.14 -19.06
N SER L 206 -43.81 -24.67 -18.82
CA SER L 206 -43.19 -24.87 -17.53
C SER L 206 -43.87 -24.05 -16.44
N LEU L 207 -44.51 -22.93 -16.81
CA LEU L 207 -45.37 -22.24 -15.83
C LEU L 207 -46.64 -23.04 -15.54
N ILE L 208 -47.26 -23.61 -16.57
CA ILE L 208 -48.48 -24.38 -16.41
C ILE L 208 -48.17 -25.78 -15.88
N ASP L 209 -46.90 -26.04 -15.52
CA ASP L 209 -46.57 -27.22 -14.73
C ASP L 209 -47.51 -27.42 -13.53
N ARG L 210 -48.08 -26.34 -12.99
CA ARG L 210 -48.97 -26.41 -11.83
C ARG L 210 -50.24 -25.58 -12.01
N ASN L 211 -50.61 -25.20 -13.24
CA ASN L 211 -51.58 -24.12 -13.50
C ASN L 211 -51.43 -22.99 -12.49
N LEU L 212 -50.23 -22.43 -12.39
CA LEU L 212 -50.14 -21.25 -11.55
C LEU L 212 -50.95 -20.09 -12.10
N ILE L 213 -51.32 -20.13 -13.38
CA ILE L 213 -52.26 -19.18 -13.96
C ILE L 213 -53.60 -19.33 -13.27
N ASP L 214 -54.31 -18.21 -13.14
CA ASP L 214 -55.71 -18.25 -12.74
C ASP L 214 -56.61 -18.53 -13.93
N TYR L 215 -56.67 -17.60 -14.88
CA TYR L 215 -57.69 -17.60 -15.92
C TYR L 215 -57.01 -17.32 -17.26
N PHE L 216 -57.13 -18.26 -18.20
CA PHE L 216 -56.84 -17.94 -19.60
C PHE L 216 -57.91 -17.01 -20.14
N VAL L 217 -57.48 -15.99 -20.88
CA VAL L 217 -58.39 -14.97 -21.38
C VAL L 217 -57.90 -14.52 -22.75
N PRO L 218 -58.43 -15.05 -23.84
CA PRO L 218 -58.17 -14.48 -25.15
C PRO L 218 -59.09 -13.31 -25.47
N PHE L 219 -58.55 -12.38 -26.24
CA PHE L 219 -59.31 -11.35 -26.92
C PHE L 219 -59.57 -11.80 -28.35
N LEU L 220 -60.34 -10.98 -29.10
CA LEU L 220 -60.70 -11.33 -30.47
C LEU L 220 -60.63 -10.15 -31.43
N PRO L 221 -60.52 -10.38 -32.74
CA PRO L 221 -60.45 -9.27 -33.69
C PRO L 221 -61.62 -8.33 -33.56
N LEU L 222 -61.32 -7.06 -33.29
CA LEU L 222 -62.35 -6.06 -33.14
C LEU L 222 -63.07 -5.91 -34.47
N GLU L 223 -64.27 -6.49 -34.54
CA GLU L 223 -65.02 -6.55 -35.77
C GLU L 223 -65.30 -5.14 -36.29
N TYR L 224 -65.56 -5.05 -37.60
CA TYR L 224 -65.69 -3.74 -38.25
C TYR L 224 -66.76 -2.88 -37.61
N LYS L 225 -67.74 -3.51 -36.97
CA LYS L 225 -68.60 -2.74 -36.08
C LYS L 225 -67.76 -2.01 -35.05
N HIS L 226 -66.77 -2.68 -34.45
CA HIS L 226 -65.93 -2.02 -33.47
C HIS L 226 -65.08 -0.94 -34.09
N LEU L 227 -64.63 -1.15 -35.34
CA LEU L 227 -64.01 -0.06 -36.06
C LEU L 227 -64.91 1.15 -36.05
N LYS L 228 -66.11 1.00 -36.60
CA LYS L 228 -67.08 2.10 -36.63
C LYS L 228 -67.37 2.67 -35.25
N MET L 229 -67.28 1.85 -34.20
CA MET L 229 -67.46 2.38 -32.85
C MET L 229 -66.31 3.29 -32.47
N CYS L 230 -65.07 2.82 -32.64
CA CYS L 230 -63.90 3.64 -32.34
C CYS L 230 -63.56 4.61 -33.46
N ILE L 231 -64.45 4.79 -34.42
CA ILE L 231 -64.41 5.88 -35.37
C ILE L 231 -65.40 6.97 -34.97
N ARG L 232 -66.66 6.58 -34.79
CA ARG L 232 -67.68 7.52 -34.35
C ARG L 232 -67.34 8.08 -32.97
N VAL L 233 -67.12 7.20 -32.00
CA VAL L 233 -66.89 7.62 -30.63
C VAL L 233 -65.63 8.45 -30.53
N GLU L 234 -64.56 8.04 -31.20
CA GLU L 234 -63.30 8.76 -31.09
C GLU L 234 -63.38 10.10 -31.80
N MET L 235 -63.77 10.10 -33.07
CA MET L 235 -63.74 11.34 -33.83
C MET L 235 -64.77 12.34 -33.34
N GLN L 236 -65.91 11.86 -32.86
CA GLN L 236 -66.84 12.74 -32.16
C GLN L 236 -66.29 13.18 -30.80
N SER L 237 -65.43 12.37 -30.19
CA SER L 237 -64.78 12.76 -28.94
C SER L 237 -63.66 13.77 -29.18
N ARG L 238 -63.09 13.80 -30.38
CA ARG L 238 -61.94 14.63 -30.70
C ARG L 238 -62.31 15.94 -31.39
N GLY L 239 -63.60 16.26 -31.52
CA GLY L 239 -63.98 17.44 -32.27
C GLY L 239 -63.52 17.40 -33.71
N TYR L 240 -63.50 16.20 -34.29
CA TYR L 240 -62.87 15.95 -35.57
C TYR L 240 -63.74 16.32 -36.76
N GLU L 241 -65.05 16.47 -36.55
CA GLU L 241 -66.00 16.74 -37.63
C GLU L 241 -65.99 15.61 -38.66
N ILE L 242 -66.26 14.41 -38.16
CA ILE L 242 -66.48 13.26 -39.02
C ILE L 242 -67.91 13.27 -39.52
N ASP L 243 -68.15 12.59 -40.65
CA ASP L 243 -69.48 12.47 -41.24
C ASP L 243 -69.65 11.04 -41.76
N GLU L 244 -70.69 10.81 -42.56
CA GLU L 244 -71.02 9.44 -42.95
C GLU L 244 -69.97 8.85 -43.89
N ASP L 245 -69.57 9.61 -44.92
CA ASP L 245 -68.71 9.08 -45.97
C ASP L 245 -67.41 8.54 -45.40
N ILE L 246 -66.87 9.22 -44.39
CA ILE L 246 -65.67 8.76 -43.70
C ILE L 246 -65.87 7.36 -43.14
N VAL L 247 -67.11 7.02 -42.77
CA VAL L 247 -67.45 5.72 -42.20
C VAL L 247 -68.02 4.77 -43.25
N SER L 248 -68.21 5.24 -44.49
CA SER L 248 -68.19 4.33 -45.62
C SER L 248 -66.76 3.86 -45.88
N ARG L 249 -65.80 4.76 -45.68
CA ARG L 249 -64.42 4.45 -46.00
C ARG L 249 -63.74 3.53 -45.00
N VAL L 250 -64.40 3.21 -43.87
CA VAL L 250 -63.82 2.24 -42.95
C VAL L 250 -63.67 0.90 -43.64
N ALA L 251 -64.64 0.53 -44.47
CA ALA L 251 -64.63 -0.74 -45.19
C ALA L 251 -64.35 -0.59 -46.67
N GLU L 252 -64.66 0.57 -47.27
CA GLU L 252 -64.29 0.75 -48.66
C GLU L 252 -62.79 0.82 -48.85
N GLU L 253 -62.03 1.15 -47.80
CA GLU L 253 -60.61 1.42 -47.87
C GLU L 253 -59.86 0.73 -46.74
N MET L 254 -60.14 -0.55 -46.54
CA MET L 254 -59.47 -1.32 -45.49
C MET L 254 -59.47 -2.79 -45.90
N THR L 255 -58.50 -3.53 -45.36
CA THR L 255 -58.41 -4.97 -45.54
C THR L 255 -58.89 -5.67 -44.29
N PHE L 256 -59.68 -6.72 -44.49
CA PHE L 256 -60.15 -7.61 -43.44
C PHE L 256 -59.70 -9.02 -43.75
N PHE L 257 -59.98 -9.95 -42.82
CA PHE L 257 -59.50 -11.32 -42.90
C PHE L 257 -60.69 -12.28 -42.79
N PRO L 258 -60.74 -13.36 -43.60
CA PRO L 258 -59.94 -13.68 -44.77
C PRO L 258 -60.35 -12.77 -45.92
N LYS L 259 -59.61 -12.81 -47.02
CA LYS L 259 -60.09 -12.14 -48.23
C LYS L 259 -61.45 -12.66 -48.66
N GLU L 260 -61.63 -13.98 -48.63
CA GLU L 260 -62.80 -14.57 -49.25
C GLU L 260 -64.09 -14.19 -48.54
N GLU L 261 -64.00 -13.53 -47.39
CA GLU L 261 -65.16 -13.01 -46.67
C GLU L 261 -64.97 -11.56 -46.27
N ARG L 262 -63.73 -11.12 -46.04
CA ARG L 262 -63.42 -9.75 -45.61
C ARG L 262 -64.17 -9.39 -44.33
N VAL L 263 -63.79 -10.07 -43.24
CA VAL L 263 -64.54 -9.98 -42.00
C VAL L 263 -63.66 -9.52 -40.85
N PHE L 264 -62.70 -10.35 -40.48
CA PHE L 264 -61.88 -10.06 -39.31
C PHE L 264 -60.87 -8.98 -39.63
N SER L 265 -60.74 -8.04 -38.71
CA SER L 265 -59.92 -6.86 -38.94
C SER L 265 -58.46 -7.26 -38.97
N ASP L 266 -57.60 -6.26 -39.14
CA ASP L 266 -56.16 -6.42 -39.05
C ASP L 266 -55.61 -5.67 -37.85
N LYS L 267 -56.35 -4.67 -37.37
CA LYS L 267 -55.93 -3.89 -36.22
C LYS L 267 -57.01 -3.56 -35.24
N GLY L 268 -58.28 -3.65 -35.61
CA GLY L 268 -59.28 -3.06 -34.78
C GLY L 268 -59.04 -1.57 -34.65
N CYS L 269 -58.91 -1.12 -33.40
CA CYS L 269 -58.92 0.29 -33.06
C CYS L 269 -57.53 0.82 -32.76
N LYS L 270 -56.51 0.21 -33.38
CA LYS L 270 -55.13 0.61 -33.21
C LYS L 270 -54.67 1.61 -34.25
N THR L 271 -54.71 1.21 -35.53
CA THR L 271 -54.40 2.09 -36.64
C THR L 271 -55.62 2.86 -37.12
N VAL L 272 -56.73 2.80 -36.36
CA VAL L 272 -57.98 3.35 -36.87
C VAL L 272 -57.87 4.85 -37.06
N PHE L 273 -57.37 5.58 -36.07
CA PHE L 273 -57.44 7.04 -36.10
C PHE L 273 -56.45 7.65 -37.08
N THR L 274 -55.37 6.95 -37.40
CA THR L 274 -54.45 7.44 -38.41
C THR L 274 -55.10 7.38 -39.80
N LYS L 275 -55.67 6.24 -40.14
CA LYS L 275 -56.43 6.12 -41.37
C LYS L 275 -57.60 7.09 -41.39
N LEU L 276 -58.20 7.36 -40.23
CA LEU L 276 -59.22 8.39 -40.18
C LEU L 276 -58.63 9.77 -40.46
N ASP L 277 -57.38 10.02 -40.06
CA ASP L 277 -56.76 11.26 -40.48
C ASP L 277 -56.55 11.28 -41.98
N TYR L 278 -56.35 10.12 -42.61
CA TYR L 278 -56.42 10.12 -44.07
C TYR L 278 -57.81 10.51 -44.53
N TYR L 279 -58.85 10.10 -43.82
CA TYR L 279 -60.19 10.42 -44.28
C TYR L 279 -60.55 11.87 -44.00
N TYR L 280 -59.82 12.53 -43.08
CA TYR L 280 -59.76 13.98 -43.10
C TYR L 280 -59.13 14.43 -44.41
N ASP L 281 -58.05 13.77 -44.80
CA ASP L 281 -57.44 14.04 -46.08
C ASP L 281 -58.32 13.54 -47.22
N ASP L 282 -59.17 12.54 -46.95
CA ASP L 282 -60.24 12.09 -47.84
C ASP L 282 -59.76 11.81 -49.27
N GLY M 1 54.81 -3.52 57.45
CA GLY M 1 54.22 -3.69 56.09
C GLY M 1 54.13 -2.39 55.33
N GLN M 2 53.28 -1.48 55.80
CA GLN M 2 53.15 -0.18 55.15
C GLN M 2 54.45 0.60 55.23
N LYS M 3 55.27 0.36 56.24
CA LYS M 3 56.60 0.92 56.35
C LYS M 3 57.67 -0.01 55.80
N ARG M 4 57.29 -0.91 54.89
CA ARG M 4 58.21 -1.86 54.27
C ARG M 4 58.08 -1.76 52.76
N SER M 5 59.18 -1.45 52.09
CA SER M 5 59.24 -1.66 50.64
C SER M 5 59.40 -3.14 50.37
N LEU M 6 58.52 -3.69 49.55
CA LEU M 6 58.37 -5.13 49.44
C LEU M 6 59.63 -5.73 48.82
N SER M 7 60.33 -6.55 49.61
CA SER M 7 61.43 -7.31 49.06
C SER M 7 60.91 -8.49 48.25
N ARG M 8 61.75 -8.97 47.34
CA ARG M 8 61.35 -10.03 46.43
C ARG M 8 61.01 -11.30 47.19
N GLU M 9 61.79 -11.59 48.22
CA GLU M 9 61.62 -12.83 48.98
C GLU M 9 60.24 -12.93 49.57
N ALA M 10 59.73 -11.84 50.13
CA ALA M 10 58.43 -11.88 50.80
C ALA M 10 57.33 -12.26 49.83
N LEU M 11 57.41 -11.75 48.60
CA LEU M 11 56.31 -11.94 47.65
C LEU M 11 56.40 -13.29 46.97
N GLN M 12 57.59 -13.68 46.53
CA GLN M 12 57.72 -15.02 45.98
C GLN M 12 57.41 -16.05 47.04
N LYS M 13 57.76 -15.77 48.29
CA LYS M 13 57.40 -16.63 49.40
C LYS M 13 55.88 -16.74 49.52
N ASP M 14 55.19 -15.60 49.55
CA ASP M 14 53.74 -15.63 49.75
C ASP M 14 53.04 -16.37 48.63
N LEU M 15 53.37 -16.02 47.39
CA LEU M 15 52.70 -16.63 46.25
C LEU M 15 53.03 -18.13 46.18
N ASP M 16 54.29 -18.48 46.40
CA ASP M 16 54.66 -19.89 46.41
C ASP M 16 54.00 -20.64 47.55
N ASP M 17 53.61 -19.93 48.60
CA ASP M 17 52.88 -20.58 49.69
C ASP M 17 51.44 -20.85 49.29
N ASN M 18 50.74 -19.82 48.82
CA ASN M 18 49.29 -19.89 48.68
C ASN M 18 48.82 -19.98 47.24
N LEU M 19 49.52 -19.37 46.29
CA LEU M 19 49.09 -19.39 44.91
C LEU M 19 49.44 -20.74 44.29
N PHE M 20 48.47 -21.32 43.61
CA PHE M 20 48.60 -22.62 42.96
C PHE M 20 48.73 -22.43 41.46
N GLY M 21 49.84 -22.92 40.91
CA GLY M 21 50.13 -22.69 39.52
C GLY M 21 50.41 -21.22 39.25
N GLN M 22 50.03 -20.78 38.06
CA GLN M 22 50.14 -19.38 37.67
C GLN M 22 51.58 -18.90 37.77
N HIS M 23 52.49 -19.75 37.28
CA HIS M 23 53.90 -19.39 37.20
C HIS M 23 54.10 -18.05 36.50
N LEU M 24 53.31 -17.80 35.45
CA LEU M 24 53.37 -16.53 34.73
C LEU M 24 53.12 -15.38 35.67
N ALA M 25 52.15 -15.54 36.57
CA ALA M 25 51.74 -14.41 37.38
C ALA M 25 52.79 -14.14 38.46
N LYS M 26 53.43 -15.19 38.94
CA LYS M 26 54.50 -15.01 39.91
C LYS M 26 55.68 -14.28 39.28
N LYS M 27 56.09 -14.71 38.08
CA LYS M 27 57.19 -14.04 37.38
C LYS M 27 56.85 -12.57 37.14
N ILE M 28 55.73 -12.33 36.45
CA ILE M 28 55.29 -10.98 36.10
C ILE M 28 55.24 -10.11 37.33
N ILE M 29 54.36 -10.49 38.25
CA ILE M 29 54.06 -9.64 39.40
C ILE M 29 55.34 -9.37 40.16
N LEU M 30 56.04 -10.44 40.54
CA LEU M 30 57.20 -10.33 41.40
C LEU M 30 58.22 -9.36 40.83
N ASN M 31 58.69 -9.62 39.60
CA ASN M 31 59.73 -8.75 39.06
C ASN M 31 59.19 -7.37 38.73
N ALA M 32 57.94 -7.30 38.28
CA ALA M 32 57.36 -6.04 37.84
C ALA M 32 57.24 -5.06 38.99
N VAL M 33 56.52 -5.45 40.04
CA VAL M 33 56.40 -4.54 41.17
C VAL M 33 57.74 -4.35 41.85
N PHE M 34 58.52 -5.44 41.98
CA PHE M 34 59.78 -5.34 42.70
C PHE M 34 60.75 -4.36 42.04
N GLY M 35 60.62 -4.17 40.73
CA GLY M 35 61.33 -3.11 40.05
C GLY M 35 60.60 -1.78 40.23
N PHE M 36 59.28 -1.83 40.20
CA PHE M 36 58.48 -0.61 40.25
C PHE M 36 58.55 0.04 41.63
N ILE M 37 58.22 -0.73 42.67
CA ILE M 37 58.11 -0.15 44.01
C ILE M 37 59.47 0.34 44.48
N ASN M 38 60.53 -0.37 44.12
CA ASN M 38 61.87 0.07 44.46
C ASN M 38 62.33 1.24 43.62
N ASN M 39 61.66 1.53 42.51
CA ASN M 39 62.03 2.66 41.68
C ASN M 39 61.52 3.94 42.30
N PRO M 40 62.37 4.89 42.69
CA PRO M 40 61.86 6.21 43.11
C PRO M 40 61.38 7.07 41.95
N LYS M 41 61.60 6.66 40.71
CA LYS M 41 61.20 7.43 39.53
C LYS M 41 60.57 6.48 38.54
N PRO M 42 59.33 6.06 38.77
CA PRO M 42 58.69 5.13 37.84
C PRO M 42 58.45 5.72 36.45
N LYS M 43 58.30 7.05 36.35
CA LYS M 43 57.95 7.81 35.16
C LYS M 43 56.46 7.68 34.82
N LYS M 44 55.73 6.75 35.42
CA LYS M 44 54.33 6.52 35.13
C LYS M 44 53.73 5.76 36.30
N PRO M 45 52.43 5.85 36.48
CA PRO M 45 51.80 4.92 37.41
C PRO M 45 51.77 3.52 36.82
N LEU M 46 51.32 2.54 37.60
CA LEU M 46 51.29 1.15 37.19
C LEU M 46 49.93 0.89 36.56
N THR M 47 49.95 0.55 35.27
CA THR M 47 48.74 0.36 34.49
C THR M 47 48.61 -1.12 34.19
N LEU M 48 47.96 -1.84 35.08
CA LEU M 48 47.84 -3.29 34.98
C LEU M 48 46.50 -3.65 34.34
N SER M 49 46.53 -4.73 33.56
CA SER M 49 45.35 -5.27 32.88
C SER M 49 45.18 -6.71 33.29
N LEU M 50 43.94 -7.12 33.51
CA LEU M 50 43.62 -8.50 33.78
C LEU M 50 42.30 -8.88 33.14
N HIS M 51 42.28 -10.08 32.57
CA HIS M 51 41.08 -10.68 32.03
C HIS M 51 41.32 -12.18 32.00
N GLY M 52 40.31 -12.93 31.56
CA GLY M 52 40.38 -14.38 31.54
C GLY M 52 39.24 -15.05 32.27
N TRP M 53 39.56 -16.15 32.95
CA TRP M 53 38.57 -16.97 33.64
C TRP M 53 38.61 -16.71 35.15
N THR M 54 37.47 -16.87 35.80
CA THR M 54 37.39 -16.54 37.22
C THR M 54 37.97 -17.64 38.09
N GLY M 55 37.93 -17.36 39.39
CA GLY M 55 38.33 -18.32 40.38
C GLY M 55 39.77 -18.74 40.30
N THR M 56 40.56 -18.06 39.49
CA THR M 56 41.98 -18.28 39.32
C THR M 56 42.77 -17.37 40.22
N GLY M 57 42.11 -16.34 40.75
CA GLY M 57 42.62 -15.58 41.85
C GLY M 57 42.85 -14.12 41.60
N LYS M 58 42.07 -13.47 40.74
CA LYS M 58 42.29 -12.06 40.47
C LYS M 58 42.09 -11.22 41.73
N ASN M 59 40.87 -11.23 42.25
CA ASN M 59 40.61 -10.51 43.47
C ASN M 59 41.39 -11.12 44.64
N PHE M 60 41.66 -12.42 44.56
CA PHE M 60 42.58 -13.08 45.48
C PHE M 60 43.95 -12.41 45.47
N VAL M 61 44.63 -12.37 44.31
CA VAL M 61 46.01 -11.87 44.30
C VAL M 61 46.04 -10.38 44.63
N SER M 62 45.07 -9.63 44.10
CA SER M 62 45.01 -8.21 44.42
C SER M 62 44.88 -8.01 45.92
N LYS M 63 44.03 -8.82 46.55
CA LYS M 63 43.92 -8.80 48.00
C LYS M 63 45.27 -9.08 48.65
N ILE M 64 45.99 -10.10 48.17
CA ILE M 64 47.22 -10.51 48.81
C ILE M 64 48.22 -9.38 48.80
N ILE M 65 48.48 -8.84 47.62
CA ILE M 65 49.50 -7.80 47.53
C ILE M 65 49.03 -6.56 48.26
N ALA M 66 47.72 -6.31 48.27
CA ALA M 66 47.18 -5.22 49.09
C ALA M 66 47.53 -5.41 50.55
N GLU M 67 47.52 -6.66 51.03
CA GLU M 67 47.86 -6.92 52.42
C GLU M 67 49.35 -6.77 52.66
N ASN M 68 50.17 -7.25 51.72
CA ASN M 68 51.60 -7.15 51.89
C ASN M 68 52.06 -5.70 51.89
N ILE M 69 51.47 -4.87 51.04
CA ILE M 69 51.84 -3.47 51.00
C ILE M 69 51.42 -2.79 52.30
N TYR M 70 50.12 -2.76 52.57
CA TYR M 70 49.56 -2.15 53.78
C TYR M 70 48.87 -3.20 54.62
N GLU M 71 48.98 -3.03 55.94
CA GLU M 71 48.26 -3.89 56.87
C GLU M 71 46.76 -3.79 56.66
N GLY M 72 46.27 -2.65 56.19
CA GLY M 72 44.85 -2.50 55.91
C GLY M 72 44.34 -3.47 54.87
N GLY M 73 45.20 -3.96 54.00
CA GLY M 73 44.72 -4.75 52.88
C GLY M 73 43.79 -3.91 52.06
N LEU M 74 42.50 -4.19 52.18
CA LEU M 74 41.46 -3.33 51.62
C LEU M 74 40.89 -2.35 52.64
N ASN M 75 41.17 -2.53 53.93
CA ASN M 75 40.68 -1.61 54.94
C ASN M 75 41.39 -0.27 54.93
N SER M 76 42.51 -0.15 54.20
CA SER M 76 43.30 1.07 54.28
C SER M 76 42.53 2.25 53.70
N ASP M 77 42.63 3.38 54.41
CA ASP M 77 42.10 4.63 53.88
C ASP M 77 42.79 5.03 52.59
N TYR M 78 44.06 4.66 52.44
CA TYR M 78 44.75 4.85 51.17
C TYR M 78 44.09 4.03 50.07
N VAL M 79 43.79 2.77 50.38
CA VAL M 79 43.27 1.82 49.39
C VAL M 79 41.78 2.04 49.35
N HIS M 80 41.32 2.77 48.33
CA HIS M 80 39.92 3.13 48.16
C HIS M 80 39.40 2.57 46.85
N LEU M 81 38.26 1.88 46.94
CA LEU M 81 37.80 0.99 45.88
C LEU M 81 36.56 1.53 45.19
N PHE M 82 36.49 1.25 43.88
CA PHE M 82 35.34 1.58 43.05
C PHE M 82 34.87 0.33 42.34
N VAL M 83 33.61 0.36 41.94
CA VAL M 83 32.97 -0.74 41.23
C VAL M 83 32.09 -0.14 40.14
N ALA M 84 31.92 -0.89 39.05
CA ALA M 84 31.05 -0.45 37.98
C ALA M 84 29.63 -0.26 38.49
N THR M 85 28.99 -1.35 38.92
CA THR M 85 27.54 -1.33 39.10
C THR M 85 27.15 -0.58 40.36
N LEU M 86 27.85 -0.85 41.47
CA LEU M 86 27.50 -0.23 42.75
C LEU M 86 27.55 1.28 42.71
N HIS M 87 28.48 1.83 41.98
CA HIS M 87 28.66 3.26 41.87
C HIS M 87 28.17 3.80 40.54
N PHE M 88 28.47 3.12 39.44
CA PHE M 88 28.32 3.65 38.08
C PHE M 88 27.37 2.79 37.25
N PRO M 89 26.11 2.66 37.67
CA PRO M 89 25.17 1.81 36.92
C PRO M 89 24.82 2.33 35.53
N HIS M 90 24.39 3.58 35.46
CA HIS M 90 23.65 4.06 34.31
C HIS M 90 24.48 4.96 33.40
N ALA M 91 24.08 5.02 32.15
CA ALA M 91 24.59 5.99 31.19
C ALA M 91 23.91 7.34 31.31
N SER M 92 23.08 7.55 32.33
CA SER M 92 22.42 8.84 32.52
C SER M 92 23.34 9.82 33.23
N ASN M 93 23.92 9.38 34.35
CA ASN M 93 24.70 10.24 35.22
C ASN M 93 26.19 10.15 34.94
N ILE M 94 26.56 9.97 33.67
CA ILE M 94 27.95 9.75 33.31
C ILE M 94 28.81 10.91 33.78
N THR M 95 28.30 12.13 33.64
CA THR M 95 29.10 13.30 33.95
C THR M 95 29.36 13.40 35.44
N LEU M 96 28.32 13.25 36.24
CA LEU M 96 28.49 13.21 37.69
C LEU M 96 29.47 12.13 38.08
N TYR M 97 29.39 10.98 37.41
CA TYR M 97 30.30 9.89 37.70
C TYR M 97 31.74 10.28 37.37
N LYS M 98 31.93 11.09 36.33
CA LYS M 98 33.27 11.53 35.98
C LYS M 98 33.81 12.54 36.97
N ASP M 99 32.97 13.50 37.37
CA ASP M 99 33.43 14.54 38.28
C ASP M 99 33.72 13.95 39.66
N GLN M 100 32.77 13.18 40.19
CA GLN M 100 32.98 12.46 41.44
C GLN M 100 34.22 11.58 41.35
N LEU M 101 34.43 10.97 40.18
CA LEU M 101 35.62 10.15 40.01
C LEU M 101 36.87 10.98 40.19
N GLN M 102 37.01 12.05 39.40
CA GLN M 102 38.21 12.89 39.48
C GLN M 102 38.45 13.40 40.88
N LEU M 103 37.40 13.80 41.58
CA LEU M 103 37.58 14.40 42.90
C LEU M 103 37.98 13.36 43.93
N TRP M 104 37.31 12.20 43.92
CA TRP M 104 37.68 11.14 44.86
C TRP M 104 39.12 10.68 44.61
N ILE M 105 39.52 10.64 43.34
CA ILE M 105 40.91 10.38 43.00
C ILE M 105 41.80 11.39 43.70
N ARG M 106 41.63 12.68 43.36
CA ARG M 106 42.49 13.73 43.89
C ARG M 106 42.56 13.71 45.41
N GLY M 107 41.46 13.35 46.06
CA GLY M 107 41.46 13.22 47.51
C GLY M 107 42.44 12.16 47.96
N ASN M 108 42.22 10.92 47.51
CA ASN M 108 43.04 9.82 48.02
C ASN M 108 44.51 9.99 47.63
N VAL M 109 44.77 10.37 46.40
CA VAL M 109 46.16 10.50 45.96
C VAL M 109 46.82 11.67 46.66
N SER M 110 46.07 12.75 46.90
CA SER M 110 46.65 13.87 47.64
C SER M 110 46.89 13.51 49.09
N ALA M 111 46.26 12.43 49.58
CA ALA M 111 46.71 11.86 50.85
C ALA M 111 48.10 11.23 50.68
N CYS M 112 48.31 10.50 49.60
CA CYS M 112 49.61 9.91 49.30
C CYS M 112 49.59 9.34 47.90
N ALA M 113 50.73 9.41 47.22
CA ALA M 113 50.83 8.88 45.88
C ALA M 113 50.94 7.36 45.87
N ARG M 114 51.20 6.74 47.02
CA ARG M 114 51.23 5.30 47.12
C ARG M 114 49.87 4.68 47.37
N SER M 115 48.80 5.47 47.32
CA SER M 115 47.47 4.92 47.38
C SER M 115 47.21 4.05 46.16
N ILE M 116 46.22 3.16 46.27
CA ILE M 116 45.91 2.18 45.24
C ILE M 116 44.42 2.28 44.91
N PHE M 117 44.12 2.19 43.62
CA PHE M 117 42.77 2.07 43.12
C PHE M 117 42.63 0.81 42.28
N ILE M 118 41.47 0.17 42.39
CA ILE M 118 41.12 -0.98 41.58
C ILE M 118 39.69 -0.80 41.10
N PHE M 119 39.44 -1.30 39.89
CA PHE M 119 38.10 -1.40 39.34
C PHE M 119 37.75 -2.86 39.13
N ASP M 120 36.46 -3.11 38.88
CA ASP M 120 35.96 -4.46 38.70
C ASP M 120 34.66 -4.41 37.91
N GLU M 121 34.33 -5.55 37.30
CA GLU M 121 33.10 -5.69 36.50
C GLU M 121 33.08 -4.66 35.38
N MET M 122 34.17 -4.64 34.63
CA MET M 122 34.40 -3.63 33.61
C MET M 122 33.74 -3.96 32.28
N ASP M 123 32.83 -4.93 32.26
CA ASP M 123 32.02 -5.18 31.08
C ASP M 123 30.79 -4.26 31.02
N LYS M 124 30.65 -3.33 31.95
CA LYS M 124 29.44 -2.52 32.13
C LYS M 124 29.78 -1.05 32.29
N MET M 125 30.62 -0.52 31.39
CA MET M 125 31.15 0.83 31.50
C MET M 125 30.89 1.63 30.22
N HIS M 126 31.30 2.90 30.19
CA HIS M 126 30.90 3.83 29.13
C HIS M 126 32.03 4.82 28.88
N ALA M 127 32.55 4.84 27.64
CA ALA M 127 33.88 5.37 27.34
C ALA M 127 34.09 6.82 27.80
N GLY M 128 33.03 7.57 28.07
CA GLY M 128 33.21 8.83 28.76
C GLY M 128 33.97 8.66 30.06
N LEU M 129 33.77 7.51 30.71
CA LEU M 129 34.37 7.22 32.00
C LEU M 129 35.83 6.77 31.91
N ILE M 130 36.38 6.58 30.71
CA ILE M 130 37.82 6.64 30.50
C ILE M 130 38.26 8.03 30.07
N ASP M 131 37.40 8.79 29.41
CA ASP M 131 37.81 10.09 28.90
C ASP M 131 38.18 11.09 29.99
N ALA M 132 37.97 10.75 31.27
CA ALA M 132 38.33 11.61 32.39
C ALA M 132 39.63 11.19 33.09
N ILE M 133 40.30 10.13 32.61
CA ILE M 133 41.44 9.56 33.31
C ILE M 133 42.68 9.40 32.45
N LYS M 134 42.57 9.35 31.13
CA LYS M 134 43.75 9.26 30.27
C LYS M 134 44.79 10.33 30.57
N PRO M 135 44.44 11.59 30.85
CA PRO M 135 45.46 12.54 31.28
C PRO M 135 46.17 12.12 32.55
N PHE M 136 45.47 11.49 33.48
CA PHE M 136 46.14 10.99 34.68
C PHE M 136 47.19 9.93 34.36
N LEU M 137 47.08 9.29 33.19
CA LEU M 137 48.04 8.29 32.76
C LEU M 137 48.98 8.82 31.69
N ASP M 138 49.07 10.13 31.52
CA ASP M 138 50.28 10.68 30.94
C ASP M 138 51.43 10.42 31.90
N TYR M 139 52.60 10.15 31.31
CA TYR M 139 53.84 10.04 32.05
C TYR M 139 54.34 11.37 32.59
N TYR M 140 53.58 12.47 32.42
CA TYR M 140 53.84 13.75 33.05
C TYR M 140 54.32 13.60 34.48
N ASP M 141 55.33 14.38 34.86
CA ASP M 141 55.74 14.39 36.26
C ASP M 141 54.65 14.91 37.17
N LEU M 142 53.68 15.65 36.64
CA LEU M 142 52.61 16.15 37.48
C LEU M 142 51.39 16.48 36.65
N VAL M 143 50.30 16.75 37.36
CA VAL M 143 49.08 17.36 36.83
C VAL M 143 48.51 18.21 37.95
N ASP M 144 48.14 19.45 37.63
CA ASP M 144 47.53 20.37 38.60
C ASP M 144 48.44 20.56 39.81
N GLY M 145 49.75 20.53 39.58
CA GLY M 145 50.71 20.61 40.67
C GLY M 145 50.75 19.36 41.54
N VAL M 146 50.42 18.20 40.99
CA VAL M 146 50.44 16.94 41.73
C VAL M 146 50.96 15.84 40.82
N SER M 147 51.78 14.95 41.37
CA SER M 147 52.26 13.78 40.66
C SER M 147 51.43 12.56 41.01
N TYR M 148 51.21 11.71 40.01
CA TYR M 148 50.43 10.50 40.15
C TYR M 148 51.21 9.24 39.79
N GLN M 149 52.47 9.37 39.39
CA GLN M 149 53.18 8.25 38.79
C GLN M 149 53.63 7.21 39.82
N LYS M 150 53.45 7.47 41.12
CA LYS M 150 53.74 6.44 42.11
C LYS M 150 52.55 5.51 42.33
N ALA M 151 51.34 6.03 42.17
CA ALA M 151 50.16 5.21 42.39
C ALA M 151 50.07 4.13 41.32
N MET M 152 49.09 3.26 41.49
CA MET M 152 49.00 2.02 40.72
C MET M 152 47.54 1.74 40.42
N PHE M 153 47.21 1.69 39.14
CA PHE M 153 45.84 1.47 38.68
C PHE M 153 45.73 0.09 38.06
N ILE M 154 44.71 -0.66 38.49
CA ILE M 154 44.57 -2.07 38.20
C ILE M 154 43.13 -2.30 37.75
N PHE M 155 42.97 -3.09 36.70
CA PHE M 155 41.67 -3.39 36.13
C PHE M 155 41.40 -4.89 36.16
N LEU M 156 40.14 -5.22 35.91
CA LEU M 156 39.66 -6.60 35.92
C LEU M 156 38.60 -6.79 34.87
N SER M 157 38.52 -8.01 34.36
CA SER M 157 37.51 -8.38 33.39
C SER M 157 37.53 -9.89 33.23
N ASN M 158 36.78 -10.39 32.25
CA ASN M 158 36.87 -11.78 31.83
C ASN M 158 36.83 -11.94 30.32
N ALA M 159 36.71 -10.85 29.56
CA ALA M 159 36.67 -10.95 28.11
C ALA M 159 38.01 -11.45 27.58
N GLY M 160 38.00 -11.88 26.33
CA GLY M 160 39.17 -12.50 25.75
C GLY M 160 39.49 -13.87 26.31
N ALA M 161 38.59 -14.43 27.13
CA ALA M 161 38.84 -15.75 27.69
C ALA M 161 38.94 -16.82 26.60
N GLU M 162 38.21 -16.63 25.50
CA GLU M 162 38.15 -17.67 24.47
C GLU M 162 39.53 -17.94 23.88
N ARG M 163 40.37 -16.91 23.80
CA ARG M 163 41.71 -17.10 23.27
C ARG M 163 42.58 -17.90 24.23
N ILE M 164 42.54 -17.57 25.52
CA ILE M 164 43.38 -18.32 26.45
C ILE M 164 42.88 -19.76 26.54
N THR M 165 41.59 -19.98 26.33
CA THR M 165 41.06 -21.34 26.31
C THR M 165 41.59 -22.11 25.11
N ASP M 166 41.28 -21.64 23.90
CA ASP M 166 41.61 -22.45 22.72
C ASP M 166 43.12 -22.59 22.56
N VAL M 167 43.89 -21.61 23.05
CA VAL M 167 45.33 -21.77 23.10
C VAL M 167 45.71 -22.82 24.13
N ALA M 168 45.03 -22.82 25.28
CA ALA M 168 45.36 -23.79 26.33
C ALA M 168 45.18 -25.20 25.83
N LEU M 169 44.07 -25.48 25.14
CA LEU M 169 43.93 -26.79 24.53
C LEU M 169 44.83 -26.95 23.32
N ASP M 170 45.29 -25.85 22.71
CA ASP M 170 46.22 -26.00 21.59
C ASP M 170 47.51 -26.65 22.06
N PHE M 171 48.23 -25.97 22.94
CA PHE M 171 49.48 -26.52 23.43
C PHE M 171 49.25 -27.78 24.25
N TRP M 172 48.14 -27.83 25.01
CA TRP M 172 47.89 -29.04 25.80
C TRP M 172 47.61 -30.22 24.89
N ARG M 173 46.90 -29.99 23.79
CA ARG M 173 46.73 -31.00 22.76
C ARG M 173 48.06 -31.39 22.14
N SER M 174 49.05 -30.49 22.17
CA SER M 174 50.40 -30.84 21.72
C SER M 174 51.21 -31.75 22.66
N GLY M 175 50.60 -32.33 23.69
CA GLY M 175 51.35 -33.14 24.64
C GLY M 175 52.24 -32.27 25.50
N LYS M 176 51.63 -31.46 26.35
CA LYS M 176 52.31 -30.33 26.96
C LYS M 176 51.51 -29.69 28.08
N GLN M 177 52.20 -29.07 29.04
CA GLN M 177 51.57 -28.34 30.13
C GLN M 177 51.85 -26.86 29.99
N ARG M 178 50.97 -26.03 30.55
CA ARG M 178 51.13 -24.58 30.37
C ARG M 178 52.35 -24.03 31.08
N GLU M 179 52.97 -24.80 31.99
CA GLU M 179 54.34 -24.48 32.39
C GLU M 179 55.24 -24.34 31.18
N ASP M 180 55.08 -25.23 30.21
CA ASP M 180 55.85 -25.17 28.99
C ASP M 180 55.31 -24.15 28.01
N ILE M 181 54.03 -23.79 28.11
CA ILE M 181 53.58 -22.58 27.44
C ILE M 181 54.36 -21.43 28.04
N LYS M 182 54.77 -20.50 27.18
CA LYS M 182 55.54 -19.36 27.60
C LYS M 182 54.63 -18.19 27.91
N LEU M 183 55.22 -17.17 28.52
CA LEU M 183 54.45 -15.97 28.79
C LEU M 183 53.96 -15.35 27.49
N LYS M 184 54.87 -15.20 26.53
CA LYS M 184 54.47 -14.74 25.21
C LYS M 184 53.42 -15.67 24.65
N ASP M 185 52.27 -15.10 24.33
CA ASP M 185 51.25 -15.78 23.57
C ASP M 185 50.65 -14.69 22.69
N ILE M 186 49.52 -14.96 22.03
CA ILE M 186 49.19 -14.14 20.88
C ILE M 186 48.61 -12.82 21.39
N GLU M 187 49.51 -11.85 21.69
CA GLU M 187 49.05 -10.56 22.17
C GLU M 187 48.37 -9.75 21.07
N HIS M 188 48.50 -10.18 19.82
CA HIS M 188 47.72 -9.59 18.75
C HIS M 188 46.23 -9.86 18.95
N ALA M 189 45.86 -11.14 19.13
CA ALA M 189 44.46 -11.45 19.36
C ALA M 189 43.97 -10.85 20.67
N LEU M 190 44.86 -10.76 21.67
CA LEU M 190 44.51 -10.00 22.87
C LEU M 190 44.24 -8.55 22.54
N SER M 191 45.01 -7.96 21.63
CA SER M 191 44.70 -6.60 21.19
C SER M 191 43.36 -6.54 20.48
N VAL M 192 42.97 -7.62 19.79
CA VAL M 192 41.68 -7.64 19.12
C VAL M 192 40.55 -7.65 20.14
N SER M 193 40.63 -8.57 21.12
CA SER M 193 39.68 -8.55 22.24
C SER M 193 39.69 -7.20 22.93
N VAL M 194 40.84 -6.55 22.96
CA VAL M 194 40.99 -5.23 23.58
C VAL M 194 40.71 -4.12 22.57
N PHE M 195 40.75 -4.41 21.27
CA PHE M 195 40.15 -3.55 20.26
C PHE M 195 38.69 -3.88 20.02
N ASN M 196 38.17 -4.93 20.65
CA ASN M 196 36.87 -5.48 20.30
C ASN M 196 35.79 -4.45 20.57
N ASN M 197 35.23 -3.86 19.51
CA ASN M 197 34.34 -2.70 19.65
C ASN M 197 33.07 -2.99 20.45
N LYS M 198 32.86 -4.21 20.92
CA LYS M 198 32.04 -4.43 22.10
C LYS M 198 32.47 -3.47 23.20
N ASN M 199 31.50 -3.02 24.00
CA ASN M 199 31.76 -2.02 25.03
C ASN M 199 32.85 -2.48 26.00
N SER M 200 32.87 -3.78 26.33
CA SER M 200 33.94 -4.34 27.14
C SER M 200 35.29 -4.10 26.48
N GLY M 201 35.43 -4.54 25.23
CA GLY M 201 36.68 -4.36 24.51
C GLY M 201 36.83 -2.99 23.89
N PHE M 202 35.74 -2.23 23.79
CA PHE M 202 35.82 -0.90 23.19
C PHE M 202 36.35 0.11 24.19
N TRP M 203 35.87 0.00 25.43
CA TRP M 203 36.47 0.66 26.58
C TRP M 203 37.99 0.56 26.55
N HIS M 204 38.49 -0.67 26.60
CA HIS M 204 39.92 -0.88 26.57
C HIS M 204 40.52 -0.64 25.19
N SER M 205 39.69 -0.49 24.13
CA SER M 205 40.19 -0.06 22.82
C SER M 205 40.60 1.40 22.86
N SER M 206 39.73 2.23 23.39
CA SER M 206 40.05 3.64 23.52
C SER M 206 41.11 3.88 24.59
N LEU M 207 41.23 2.97 25.58
CA LEU M 207 42.39 3.05 26.47
C LEU M 207 43.68 2.64 25.78
N ILE M 208 43.62 1.59 24.96
CA ILE M 208 44.80 1.10 24.24
C ILE M 208 45.09 1.98 23.03
N ASP M 209 44.35 3.08 22.87
CA ASP M 209 44.75 4.12 21.92
C ASP M 209 46.23 4.49 22.03
N ARG M 210 46.85 4.34 23.21
CA ARG M 210 48.24 4.67 23.43
C ARG M 210 49.02 3.57 24.18
N ASN M 211 48.51 2.34 24.23
CA ASN M 211 48.94 1.31 25.21
C ASN M 211 49.26 1.96 26.55
N LEU M 212 48.29 2.66 27.14
CA LEU M 212 48.55 3.12 28.49
C LEU M 212 48.68 1.97 29.47
N ILE M 213 48.19 0.78 29.11
CA ILE M 213 48.44 -0.44 29.87
C ILE M 213 49.93 -0.73 29.88
N ASP M 214 50.39 -1.28 31.00
CA ASP M 214 51.74 -1.85 31.06
C ASP M 214 51.77 -3.25 30.48
N TYR M 215 51.10 -4.19 31.14
CA TYR M 215 51.27 -5.62 30.88
C TYR M 215 49.89 -6.27 30.82
N PHE M 216 49.56 -6.87 29.68
CA PHE M 216 48.44 -7.80 29.62
C PHE M 216 48.81 -9.07 30.38
N VAL M 217 47.88 -9.56 31.19
CA VAL M 217 48.13 -10.71 32.05
C VAL M 217 46.85 -11.54 32.14
N PRO M 218 46.69 -12.58 31.34
CA PRO M 218 45.60 -13.53 31.57
C PRO M 218 45.96 -14.58 32.62
N PHE M 219 44.93 -15.01 33.33
CA PHE M 219 44.96 -16.21 34.15
C PHE M 219 44.38 -17.37 33.35
N LEU M 220 44.39 -18.56 33.96
CA LEU M 220 43.90 -19.76 33.27
C LEU M 220 43.09 -20.67 34.17
N PRO M 221 42.25 -21.55 33.61
CA PRO M 221 41.45 -22.46 34.44
C PRO M 221 42.31 -23.27 35.39
N LEU M 222 42.03 -23.13 36.69
CA LEU M 222 42.79 -23.87 37.69
C LEU M 222 42.53 -25.35 37.49
N GLU M 223 43.51 -26.03 36.91
CA GLU M 223 43.38 -27.42 36.53
C GLU M 223 43.06 -28.28 37.76
N TYR M 224 42.45 -29.44 37.53
CA TYR M 224 41.96 -30.27 38.63
C TYR M 224 43.05 -30.63 39.60
N LYS M 225 44.32 -30.63 39.17
CA LYS M 225 45.40 -30.64 40.12
C LYS M 225 45.25 -29.48 41.10
N HIS M 226 44.95 -28.28 40.61
CA HIS M 226 44.78 -27.14 41.49
C HIS M 226 43.57 -27.31 42.39
N LEU M 227 42.50 -27.93 41.87
CA LEU M 227 41.41 -28.31 42.75
C LEU M 227 41.95 -29.10 43.92
N LYS M 228 42.57 -30.24 43.63
CA LYS M 228 43.14 -31.08 44.68
C LYS M 228 44.12 -30.34 45.57
N MET M 229 44.80 -29.32 45.05
CA MET M 229 45.69 -28.51 45.90
C MET M 229 44.87 -27.69 46.88
N CYS M 230 43.87 -26.96 46.39
CA CYS M 230 43.01 -26.17 47.27
C CYS M 230 41.91 -27.00 47.93
N ILE M 231 42.01 -28.32 47.85
CA ILE M 231 41.24 -29.22 48.68
C ILE M 231 42.09 -29.76 49.81
N ARG M 232 43.24 -30.33 49.49
CA ARG M 232 44.16 -30.82 50.49
C ARG M 232 44.64 -29.67 51.39
N VAL M 233 45.19 -28.62 50.78
CA VAL M 233 45.78 -27.53 51.53
C VAL M 233 44.73 -26.84 52.37
N GLU M 234 43.54 -26.60 51.80
CA GLU M 234 42.52 -25.87 52.54
C GLU M 234 41.95 -26.73 53.66
N MET M 235 41.49 -27.93 53.34
CA MET M 235 40.81 -28.74 54.35
C MET M 235 41.77 -29.21 55.43
N GLN M 236 43.03 -29.47 55.08
CA GLN M 236 44.04 -29.68 56.10
C GLN M 236 44.36 -28.41 56.86
N SER M 237 44.18 -27.24 56.24
CA SER M 237 44.37 -25.98 56.94
C SER M 237 43.19 -25.65 57.86
N ARG M 238 42.02 -26.21 57.59
CA ARG M 238 40.81 -25.91 58.33
C ARG M 238 40.47 -26.92 59.42
N GLY M 239 41.35 -27.89 59.69
CA GLY M 239 41.02 -28.93 60.65
C GLY M 239 39.80 -29.72 60.24
N TYR M 240 39.62 -29.92 58.94
CA TYR M 240 38.38 -30.44 58.37
C TYR M 240 38.29 -31.95 58.44
N GLU M 241 39.42 -32.64 58.62
CA GLU M 241 39.48 -34.10 58.60
C GLU M 241 39.02 -34.65 57.26
N ILE M 242 39.72 -34.20 56.22
CA ILE M 242 39.54 -34.75 54.88
C ILE M 242 40.36 -36.03 54.75
N ASP M 243 39.98 -36.89 53.81
CA ASP M 243 40.68 -38.14 53.54
C ASP M 243 40.72 -38.36 52.03
N GLU M 244 41.07 -39.57 51.59
CA GLU M 244 41.30 -39.79 50.16
C GLU M 244 40.00 -39.73 49.37
N ASP M 245 38.96 -40.42 49.85
CA ASP M 245 37.73 -40.57 49.07
C ASP M 245 37.14 -39.22 48.69
N ILE M 246 37.22 -38.25 49.62
CA ILE M 246 36.77 -36.89 49.35
C ILE M 246 37.47 -36.31 48.14
N VAL M 247 38.72 -36.74 47.90
CA VAL M 247 39.52 -36.25 46.78
C VAL M 247 39.48 -37.22 45.60
N SER M 248 38.81 -38.36 45.74
CA SER M 248 38.26 -39.02 44.57
C SER M 248 37.05 -38.23 44.06
N ARG M 249 36.29 -37.67 44.99
CA ARG M 249 35.04 -37.00 44.61
C ARG M 249 35.27 -35.63 43.98
N VAL M 250 36.51 -35.12 43.96
CA VAL M 250 36.77 -33.87 43.25
C VAL M 250 36.43 -34.03 41.77
N ALA M 251 36.75 -35.18 41.20
CA ALA M 251 36.50 -35.47 39.80
C ALA M 251 35.37 -36.44 39.57
N GLU M 252 35.07 -37.33 40.53
CA GLU M 252 33.91 -38.19 40.37
C GLU M 252 32.60 -37.41 40.40
N GLU M 253 32.60 -36.22 40.98
CA GLU M 253 31.40 -35.44 41.24
C GLU M 253 31.61 -33.97 40.86
N MET M 254 32.14 -33.74 39.66
CA MET M 254 32.36 -32.38 39.18
C MET M 254 32.35 -32.38 37.66
N THR M 255 32.01 -31.23 37.08
CA THR M 255 32.05 -31.02 35.65
C THR M 255 33.30 -30.22 35.28
N PHE M 256 33.95 -30.67 34.22
CA PHE M 256 35.10 -29.99 33.61
C PHE M 256 34.75 -29.66 32.16
N PHE M 257 35.68 -28.94 31.51
CA PHE M 257 35.48 -28.43 30.16
C PHE M 257 36.62 -28.89 29.25
N PRO M 258 36.34 -29.32 28.00
CA PRO M 258 35.03 -29.65 27.41
C PRO M 258 34.53 -30.95 27.99
N LYS M 259 33.30 -31.32 27.69
CA LYS M 259 32.84 -32.66 28.02
C LYS M 259 33.72 -33.73 27.40
N GLU M 260 34.09 -33.56 26.14
CA GLU M 260 34.72 -34.63 25.40
C GLU M 260 36.09 -34.98 25.94
N GLU M 261 36.62 -34.17 26.87
CA GLU M 261 37.88 -34.45 27.54
C GLU M 261 37.75 -34.33 29.06
N ARG M 262 36.85 -33.47 29.54
CA ARG M 262 36.66 -33.24 30.97
C ARG M 262 37.97 -32.80 31.64
N VAL M 263 38.43 -31.61 31.27
CA VAL M 263 39.75 -31.14 31.66
C VAL M 263 39.69 -29.81 32.39
N PHE M 264 39.28 -28.77 31.69
CA PHE M 264 39.31 -27.43 32.26
C PHE M 264 38.16 -27.28 33.23
N SER M 265 38.47 -26.68 34.38
CA SER M 265 37.52 -26.59 35.47
C SER M 265 36.40 -25.62 35.08
N ASP M 266 35.48 -25.41 36.02
CA ASP M 266 34.43 -24.42 35.88
C ASP M 266 34.61 -23.32 36.92
N LYS M 267 35.33 -23.62 38.00
CA LYS M 267 35.57 -22.63 39.05
C LYS M 267 36.96 -22.63 39.61
N GLY M 268 37.73 -23.68 39.41
CA GLY M 268 38.94 -23.81 40.20
C GLY M 268 38.60 -23.84 41.68
N CYS M 269 39.18 -22.91 42.41
CA CYS M 269 39.19 -22.94 43.87
C CYS M 269 38.20 -21.96 44.47
N LYS M 270 37.12 -21.68 43.74
CA LYS M 270 36.08 -20.76 44.17
C LYS M 270 34.93 -21.47 44.88
N THR M 271 34.26 -22.38 44.17
CA THR M 271 33.22 -23.20 44.74
C THR M 271 33.77 -24.47 45.35
N VAL M 272 35.09 -24.58 45.49
CA VAL M 272 35.69 -25.85 45.88
C VAL M 272 35.25 -26.24 47.29
N PHE M 273 35.35 -25.31 48.24
CA PHE M 273 35.17 -25.67 49.65
C PHE M 273 33.71 -25.93 50.01
N THR M 274 32.78 -25.36 49.25
CA THR M 274 31.36 -25.65 49.46
C THR M 274 31.04 -27.08 49.07
N LYS M 275 31.47 -27.47 47.87
CA LYS M 275 31.34 -28.86 47.45
C LYS M 275 32.10 -29.79 48.37
N LEU M 276 33.23 -29.34 48.92
CA LEU M 276 33.89 -30.14 49.93
C LEU M 276 33.06 -30.26 51.19
N ASP M 277 32.29 -29.24 51.54
CA ASP M 277 31.35 -29.41 52.64
C ASP M 277 30.27 -30.43 52.28
N TYR M 278 29.92 -30.55 51.00
CA TYR M 278 29.10 -31.69 50.63
C TYR M 278 29.85 -32.99 50.89
N TYR M 279 31.15 -33.02 50.66
CA TYR M 279 31.88 -34.26 50.84
C TYR M 279 32.10 -34.55 52.32
N TYR M 280 31.99 -33.54 53.19
CA TYR M 280 31.71 -33.82 54.59
C TYR M 280 30.37 -34.50 54.71
N ASP M 281 29.38 -34.00 53.97
CA ASP M 281 28.09 -34.64 53.92
C ASP M 281 28.16 -35.95 53.13
N ASP M 282 29.15 -36.07 52.25
CA ASP M 282 29.51 -37.32 51.57
C ASP M 282 28.32 -38.05 50.95
N GLY N 1 -38.97 29.70 -35.52
CA GLY N 1 -39.08 28.33 -36.08
C GLY N 1 -39.24 27.27 -35.01
N GLN N 2 -38.19 27.09 -34.20
CA GLN N 2 -38.26 26.11 -33.11
C GLN N 2 -39.32 26.51 -32.08
N LYS N 3 -39.61 27.80 -31.96
CA LYS N 3 -40.70 28.30 -31.14
C LYS N 3 -41.97 28.50 -31.95
N ARG N 4 -42.12 27.80 -33.07
CA ARG N 4 -43.29 27.90 -33.92
C ARG N 4 -43.85 26.50 -34.17
N SER N 5 -45.11 26.30 -33.80
CA SER N 5 -45.84 25.14 -34.27
C SER N 5 -46.22 25.38 -35.72
N LEU N 6 -45.85 24.44 -36.60
CA LEU N 6 -45.89 24.67 -38.04
C LEU N 6 -47.33 24.82 -38.50
N SER N 7 -47.66 26.01 -38.98
CA SER N 7 -48.95 26.21 -39.61
C SER N 7 -48.94 25.60 -41.01
N ARG N 8 -50.14 25.30 -41.50
CA ARG N 8 -50.29 24.63 -42.77
C ARG N 8 -49.75 25.48 -43.91
N GLU N 9 -49.99 26.80 -43.82
CA GLU N 9 -49.61 27.71 -44.89
C GLU N 9 -48.11 27.69 -45.12
N ALA N 10 -47.33 27.67 -44.05
CA ALA N 10 -45.88 27.71 -44.21
C ALA N 10 -45.37 26.51 -44.99
N LEU N 11 -45.95 25.33 -44.75
CA LEU N 11 -45.42 24.12 -45.32
C LEU N 11 -45.92 23.92 -46.75
N GLN N 12 -47.21 24.14 -46.99
CA GLN N 12 -47.68 24.08 -48.36
C GLN N 12 -47.01 25.15 -49.19
N LYS N 13 -46.73 26.30 -48.59
CA LYS N 13 -45.98 27.35 -49.26
C LYS N 13 -44.59 26.85 -49.63
N ASP N 14 -43.86 26.29 -48.66
CA ASP N 14 -42.48 25.86 -48.92
C ASP N 14 -42.43 24.79 -50.01
N LEU N 15 -43.26 23.76 -49.86
CA LEU N 15 -43.23 22.67 -50.82
C LEU N 15 -43.68 23.14 -52.20
N ASP N 16 -44.72 23.96 -52.25
CA ASP N 16 -45.17 24.50 -53.53
C ASP N 16 -44.12 25.42 -54.14
N ASP N 17 -43.23 25.98 -53.32
CA ASP N 17 -42.15 26.79 -53.86
C ASP N 17 -41.08 25.92 -54.48
N ASN N 18 -40.58 24.94 -53.71
CA ASN N 18 -39.36 24.23 -54.09
C ASN N 18 -39.60 22.81 -54.57
N LEU N 19 -40.60 22.13 -54.04
CA LEU N 19 -40.84 20.75 -54.45
C LEU N 19 -41.55 20.73 -55.79
N PHE N 20 -41.04 19.88 -56.68
CA PHE N 20 -41.56 19.73 -58.03
C PHE N 20 -42.33 18.43 -58.14
N GLY N 21 -43.60 18.54 -58.51
CA GLY N 21 -44.47 17.40 -58.51
C GLY N 21 -44.72 16.89 -57.11
N GLN N 22 -44.90 15.57 -57.01
CA GLN N 22 -45.04 14.90 -55.73
C GLN N 22 -46.24 15.46 -54.97
N HIS N 23 -47.35 15.63 -55.69
CA HIS N 23 -48.61 16.06 -55.10
C HIS N 23 -48.99 15.17 -53.92
N LEU N 24 -48.74 13.86 -54.05
CA LEU N 24 -49.02 12.93 -52.98
C LEU N 24 -48.27 13.32 -51.72
N ALA N 25 -47.02 13.74 -51.88
CA ALA N 25 -46.20 13.97 -50.71
C ALA N 25 -46.62 15.26 -50.02
N LYS N 26 -47.06 16.23 -50.80
CA LYS N 26 -47.56 17.47 -50.23
C LYS N 26 -48.83 17.22 -49.43
N LYS N 27 -49.78 16.46 -50.01
CA LYS N 27 -51.00 16.13 -49.29
C LYS N 27 -50.70 15.38 -48.01
N ILE N 28 -49.99 14.25 -48.13
CA ILE N 28 -49.66 13.40 -46.99
C ILE N 28 -48.98 14.21 -45.92
N ILE N 29 -47.80 14.75 -46.26
CA ILE N 29 -46.96 15.39 -45.27
C ILE N 29 -47.73 16.50 -44.61
N LEU N 30 -48.27 17.42 -45.43
CA LEU N 30 -48.91 18.62 -44.91
C LEU N 30 -49.99 18.28 -43.90
N ASN N 31 -50.98 17.49 -44.31
CA ASN N 31 -52.08 17.22 -43.39
C ASN N 31 -51.63 16.33 -42.23
N ALA N 32 -50.72 15.40 -42.51
CA ALA N 32 -50.31 14.43 -41.50
C ALA N 32 -49.59 15.11 -40.35
N VAL N 33 -48.52 15.84 -40.64
CA VAL N 33 -47.82 16.51 -39.55
C VAL N 33 -48.69 17.61 -38.98
N PHE N 34 -49.41 18.34 -39.84
CA PHE N 34 -50.21 19.47 -39.36
C PHE N 34 -51.27 19.03 -38.37
N GLY N 35 -51.74 17.79 -38.48
CA GLY N 35 -52.59 17.22 -37.46
C GLY N 35 -51.76 16.71 -36.30
N PHE N 36 -50.61 16.13 -36.61
CA PHE N 36 -49.77 15.52 -35.59
C PHE N 36 -49.15 16.56 -34.66
N ILE N 37 -48.44 17.54 -35.25
CA ILE N 37 -47.70 18.49 -34.42
C ILE N 37 -48.65 19.34 -33.61
N ASN N 38 -49.82 19.67 -34.15
CA ASN N 38 -50.83 20.39 -33.40
C ASN N 38 -51.52 19.54 -32.36
N ASN N 39 -51.39 18.22 -32.45
CA ASN N 39 -52.01 17.35 -31.46
C ASN N 39 -51.16 17.33 -30.20
N PRO N 40 -51.68 17.76 -29.04
CA PRO N 40 -50.94 17.56 -27.80
C PRO N 40 -50.95 16.12 -27.29
N LYS N 41 -51.74 15.24 -27.91
CA LYS N 41 -51.85 13.84 -27.49
C LYS N 41 -51.83 12.97 -28.73
N PRO N 42 -50.64 12.77 -29.31
CA PRO N 42 -50.58 11.94 -30.53
C PRO N 42 -50.94 10.50 -30.30
N LYS N 43 -50.75 9.98 -29.09
CA LYS N 43 -50.91 8.60 -28.66
C LYS N 43 -49.76 7.71 -29.15
N LYS N 44 -48.91 8.19 -30.05
CA LYS N 44 -47.81 7.41 -30.61
C LYS N 44 -46.82 8.37 -31.20
N PRO N 45 -45.57 7.97 -31.34
CA PRO N 45 -44.66 8.77 -32.16
C PRO N 45 -45.02 8.63 -33.63
N LEU N 46 -44.34 9.38 -34.48
CA LEU N 46 -44.62 9.39 -35.92
C LEU N 46 -43.72 8.35 -36.56
N THR N 47 -44.34 7.33 -37.16
CA THR N 47 -43.64 6.20 -37.73
C THR N 47 -43.78 6.28 -39.24
N LEU N 48 -42.85 6.99 -39.86
CA LEU N 48 -42.91 7.23 -41.30
C LEU N 48 -42.04 6.22 -42.03
N SER N 49 -42.51 5.85 -43.22
CA SER N 49 -41.82 4.92 -44.10
C SER N 49 -41.60 5.59 -45.44
N LEU N 50 -40.43 5.38 -46.03
CA LEU N 50 -40.13 5.85 -47.36
C LEU N 50 -39.28 4.85 -48.11
N HIS N 51 -39.61 4.68 -49.38
CA HIS N 51 -38.84 3.87 -50.30
C HIS N 51 -39.19 4.35 -51.70
N GLY N 52 -38.55 3.76 -52.71
CA GLY N 52 -38.74 4.16 -54.09
C GLY N 52 -37.46 4.51 -54.80
N TRP N 53 -37.52 5.52 -55.66
CA TRP N 53 -36.40 5.93 -56.47
C TRP N 53 -35.74 7.19 -55.92
N THR N 54 -34.43 7.32 -56.15
CA THR N 54 -33.70 8.43 -55.56
C THR N 54 -33.90 9.72 -56.32
N GLY N 55 -33.26 10.76 -55.78
CA GLY N 55 -33.25 12.04 -56.43
C GLY N 55 -34.59 12.69 -56.58
N THR N 56 -35.62 12.12 -55.94
CA THR N 56 -36.96 12.63 -55.91
C THR N 56 -37.18 13.49 -54.69
N GLY N 57 -36.29 13.39 -53.72
CA GLY N 57 -36.17 14.37 -52.67
C GLY N 57 -36.37 13.84 -51.27
N LYS N 58 -36.02 12.60 -50.99
CA LYS N 58 -36.22 12.08 -49.64
C LYS N 58 -35.40 12.85 -48.62
N ASN N 59 -34.08 12.80 -48.75
CA ASN N 59 -33.23 13.56 -47.85
C ASN N 59 -33.46 15.06 -48.04
N PHE N 60 -33.84 15.46 -49.26
CA PHE N 60 -34.29 16.82 -49.52
C PHE N 60 -35.47 17.20 -48.63
N VAL N 61 -36.59 16.46 -48.70
CA VAL N 61 -37.77 16.89 -47.95
C VAL N 61 -37.53 16.78 -46.45
N SER N 62 -36.84 15.72 -46.01
CA SER N 62 -36.53 15.58 -44.61
C SER N 62 -35.72 16.77 -44.13
N LYS N 63 -34.76 17.19 -44.94
CA LYS N 63 -34.00 18.40 -44.63
C LYS N 63 -34.92 19.60 -44.52
N ILE N 64 -35.86 19.75 -45.45
CA ILE N 64 -36.70 20.94 -45.48
C ILE N 64 -37.51 21.04 -44.20
N ILE N 65 -38.24 19.97 -43.88
CA ILE N 65 -39.08 20.03 -42.70
C ILE N 65 -38.23 20.15 -41.44
N ALA N 66 -37.04 19.55 -41.47
CA ALA N 66 -36.12 19.72 -40.34
C ALA N 66 -35.77 21.19 -40.16
N GLU N 67 -35.65 21.94 -41.27
CA GLU N 67 -35.34 23.36 -41.16
C GLU N 67 -36.55 24.15 -40.68
N ASN N 68 -37.74 23.81 -41.18
CA ASN N 68 -38.93 24.53 -40.77
C ASN N 68 -39.22 24.33 -39.30
N ILE N 69 -39.02 23.11 -38.79
CA ILE N 69 -39.24 22.86 -37.36
C ILE N 69 -38.23 23.62 -36.54
N TYR N 70 -36.94 23.32 -36.70
CA TYR N 70 -35.86 23.97 -35.97
C TYR N 70 -34.94 24.69 -36.94
N GLU N 71 -34.43 25.83 -36.48
CA GLU N 71 -33.45 26.57 -37.25
C GLU N 71 -32.20 25.73 -37.50
N GLY N 72 -31.89 24.81 -36.59
CA GLY N 72 -30.74 23.93 -36.77
C GLY N 72 -30.83 23.09 -38.02
N GLY N 73 -32.03 22.82 -38.51
CA GLY N 73 -32.17 21.88 -39.59
C GLY N 73 -31.65 20.54 -39.14
N LEU N 74 -30.47 20.18 -39.63
CA LEU N 74 -29.73 19.03 -39.12
C LEU N 74 -28.69 19.41 -38.08
N ASN N 75 -28.36 20.69 -37.93
CA ASN N 75 -27.40 21.13 -36.93
C ASN N 75 -27.94 21.04 -35.51
N SER N 76 -29.23 20.85 -35.32
CA SER N 76 -29.80 20.90 -34.00
C SER N 76 -29.28 19.77 -33.12
N ASP N 77 -28.97 20.11 -31.88
CA ASP N 77 -28.62 19.09 -30.89
C ASP N 77 -29.79 18.15 -30.65
N TYR N 78 -31.02 18.65 -30.79
CA TYR N 78 -32.18 17.78 -30.73
C TYR N 78 -32.17 16.78 -31.88
N VAL N 79 -31.87 17.27 -33.08
CA VAL N 79 -31.94 16.46 -34.29
C VAL N 79 -30.59 15.73 -34.38
N HIS N 80 -30.60 14.47 -33.98
CA HIS N 80 -29.40 13.64 -33.93
C HIS N 80 -29.57 12.44 -34.84
N LEU N 81 -28.59 12.22 -35.71
CA LEU N 81 -28.73 11.36 -36.87
C LEU N 81 -27.90 10.09 -36.74
N PHE N 82 -28.44 9.01 -37.28
CA PHE N 82 -27.77 7.72 -37.36
C PHE N 82 -27.77 7.23 -38.81
N VAL N 83 -26.83 6.36 -39.11
CA VAL N 83 -26.68 5.77 -40.43
C VAL N 83 -26.34 4.31 -40.25
N ALA N 84 -26.73 3.49 -41.23
CA ALA N 84 -26.41 2.07 -41.19
C ALA N 84 -24.89 1.87 -41.18
N THR N 85 -24.23 2.27 -42.26
CA THR N 85 -22.86 1.82 -42.48
C THR N 85 -21.88 2.55 -41.58
N LEU N 86 -22.02 3.88 -41.47
CA LEU N 86 -21.09 4.68 -40.69
C LEU N 86 -21.03 4.26 -39.24
N HIS N 87 -22.14 3.87 -38.68
CA HIS N 87 -22.23 3.44 -37.29
C HIS N 87 -22.35 1.94 -37.14
N PHE N 88 -23.17 1.30 -37.97
CA PHE N 88 -23.60 -0.08 -37.77
C PHE N 88 -23.21 -0.96 -38.95
N PRO N 89 -21.92 -1.09 -39.23
CA PRO N 89 -21.48 -1.91 -40.38
C PRO N 89 -21.76 -3.39 -40.23
N HIS N 90 -21.31 -3.98 -39.14
CA HIS N 90 -21.13 -5.42 -39.06
C HIS N 90 -22.21 -6.10 -38.23
N ALA N 91 -22.41 -7.37 -38.51
CA ALA N 91 -23.21 -8.24 -37.67
C ALA N 91 -22.44 -8.80 -36.48
N SER N 92 -21.23 -8.32 -36.24
CA SER N 92 -20.45 -8.77 -35.09
C SER N 92 -20.87 -8.04 -33.83
N ASN N 93 -20.91 -6.71 -33.89
CA ASN N 93 -21.15 -5.86 -32.73
C ASN N 93 -22.60 -5.46 -32.60
N ILE N 94 -23.52 -6.36 -32.96
CA ILE N 94 -24.94 -6.03 -32.99
C ILE N 94 -25.39 -5.57 -31.60
N THR N 95 -24.91 -6.25 -30.56
CA THR N 95 -25.37 -5.97 -29.22
C THR N 95 -24.94 -4.59 -28.76
N LEU N 96 -23.66 -4.28 -28.95
CA LEU N 96 -23.16 -2.95 -28.65
C LEU N 96 -23.95 -1.91 -29.42
N TYR N 97 -24.26 -2.21 -30.67
CA TYR N 97 -25.03 -1.28 -31.48
C TYR N 97 -26.42 -1.08 -30.89
N LYS N 98 -27.00 -2.13 -30.30
CA LYS N 98 -28.31 -1.99 -29.69
C LYS N 98 -28.26 -1.17 -28.41
N ASP N 99 -27.27 -1.45 -27.57
CA ASP N 99 -27.17 -0.73 -26.29
C ASP N 99 -26.85 0.74 -26.52
N GLN N 100 -25.84 1.01 -27.34
CA GLN N 100 -25.52 2.38 -27.73
C GLN N 100 -26.72 3.06 -28.34
N LEU N 101 -27.49 2.30 -29.13
CA LEU N 101 -28.69 2.86 -29.73
C LEU N 101 -29.65 3.32 -28.66
N GLN N 102 -30.04 2.41 -27.76
CA GLN N 102 -31.01 2.73 -26.71
C GLN N 102 -30.55 3.92 -25.88
N LEU N 103 -29.26 3.98 -25.56
CA LEU N 103 -28.78 5.04 -24.68
C LEU N 103 -28.75 6.39 -25.39
N TRP N 104 -28.26 6.42 -26.62
CA TRP N 104 -28.26 7.66 -27.38
C TRP N 104 -29.67 8.17 -27.59
N ILE N 105 -30.61 7.24 -27.82
CA ILE N 105 -32.03 7.60 -27.86
C ILE N 105 -32.42 8.31 -26.57
N ARG N 106 -32.31 7.60 -25.44
CA ARG N 106 -32.75 8.12 -24.15
C ARG N 106 -32.13 9.47 -23.85
N GLY N 107 -30.88 9.68 -24.26
CA GLY N 107 -30.24 10.97 -24.10
C GLY N 107 -30.99 12.06 -24.84
N ASN N 108 -31.10 11.91 -26.16
CA ASN N 108 -31.69 13.00 -26.95
C ASN N 108 -33.14 13.23 -26.58
N VAL N 109 -33.91 12.16 -26.42
CA VAL N 109 -35.33 12.33 -26.12
C VAL N 109 -35.51 12.89 -24.72
N SER N 110 -34.66 12.49 -23.79
CA SER N 110 -34.73 13.07 -22.45
C SER N 110 -34.33 14.53 -22.45
N ALA N 111 -33.62 14.99 -23.49
CA ALA N 111 -33.51 16.42 -23.69
C ALA N 111 -34.86 17.03 -24.06
N CYS N 112 -35.61 16.37 -24.95
CA CYS N 112 -36.94 16.82 -25.33
C CYS N 112 -37.60 15.75 -26.17
N ALA N 113 -38.92 15.61 -26.02
CA ALA N 113 -39.65 14.63 -26.79
C ALA N 113 -39.89 15.09 -28.22
N ARG N 114 -39.63 16.36 -28.53
CA ARG N 114 -39.75 16.85 -29.89
C ARG N 114 -38.47 16.67 -30.69
N SER N 115 -37.48 15.97 -30.15
CA SER N 115 -36.31 15.62 -30.93
C SER N 115 -36.71 14.68 -32.06
N ILE N 116 -35.84 14.61 -33.07
CA ILE N 116 -36.11 13.86 -34.30
C ILE N 116 -34.95 12.92 -34.56
N PHE N 117 -35.27 11.70 -34.98
CA PHE N 117 -34.30 10.72 -35.45
C PHE N 117 -34.66 10.30 -36.85
N ILE N 118 -33.63 10.07 -37.67
CA ILE N 118 -33.78 9.54 -39.02
C ILE N 118 -32.71 8.47 -39.22
N PHE N 119 -33.06 7.46 -39.99
CA PHE N 119 -32.14 6.45 -40.47
C PHE N 119 -32.03 6.52 -41.98
N ASP N 120 -31.03 5.84 -42.51
CA ASP N 120 -30.76 5.84 -43.94
C ASP N 120 -29.98 4.60 -44.30
N GLU N 121 -30.04 4.23 -45.59
CA GLU N 121 -29.33 3.08 -46.12
C GLU N 121 -29.74 1.81 -45.38
N MET N 122 -31.05 1.60 -45.30
CA MET N 122 -31.63 0.54 -44.51
C MET N 122 -31.66 -0.79 -45.22
N ASP N 123 -30.93 -0.93 -46.34
CA ASP N 123 -30.77 -2.22 -46.97
C ASP N 123 -29.64 -3.03 -46.35
N LYS N 124 -29.02 -2.54 -45.27
CA LYS N 124 -27.80 -3.11 -44.71
C LYS N 124 -27.91 -3.22 -43.20
N MET N 125 -29.01 -3.79 -42.72
CA MET N 125 -29.32 -3.85 -41.29
C MET N 125 -29.61 -5.28 -40.85
N HIS N 126 -29.88 -5.49 -39.55
CA HIS N 126 -29.93 -6.82 -38.95
C HIS N 126 -30.96 -6.84 -37.83
N ALA N 127 -31.98 -7.70 -37.97
CA ALA N 127 -33.25 -7.55 -37.27
C ALA N 127 -33.12 -7.47 -35.75
N GLY N 128 -31.99 -7.87 -35.19
CA GLY N 128 -31.74 -7.54 -33.79
C GLY N 128 -31.85 -6.05 -33.54
N LEU N 129 -31.47 -5.26 -34.53
CA LEU N 129 -31.44 -3.81 -34.43
C LEU N 129 -32.81 -3.16 -34.61
N ILE N 130 -33.86 -3.92 -34.94
CA ILE N 130 -35.23 -3.51 -34.63
C ILE N 130 -35.71 -4.09 -33.31
N ASP N 131 -35.17 -5.23 -32.88
CA ASP N 131 -35.66 -5.85 -31.67
C ASP N 131 -35.42 -5.02 -30.41
N ALA N 132 -34.69 -3.90 -30.50
CA ALA N 132 -34.43 -3.01 -29.38
C ALA N 132 -35.29 -1.75 -29.40
N ILE N 133 -36.19 -1.61 -30.37
CA ILE N 133 -36.93 -0.36 -30.55
C ILE N 133 -38.43 -0.55 -30.65
N LYS N 134 -38.94 -1.73 -30.99
CA LYS N 134 -40.38 -1.96 -31.02
C LYS N 134 -41.09 -1.55 -29.74
N PRO N 135 -40.55 -1.80 -28.55
CA PRO N 135 -41.19 -1.26 -27.34
C PRO N 135 -41.27 0.25 -27.34
N PHE N 136 -40.28 0.95 -27.90
CA PHE N 136 -40.38 2.40 -27.99
C PHE N 136 -41.54 2.84 -28.87
N LEU N 137 -42.02 1.96 -29.74
CA LEU N 137 -43.15 2.25 -30.60
C LEU N 137 -44.43 1.57 -30.14
N ASP N 138 -44.48 1.11 -28.89
CA ASP N 138 -45.77 0.96 -28.27
C ASP N 138 -46.39 2.34 -28.09
N TYR N 139 -47.70 2.39 -28.26
CA TYR N 139 -48.49 3.58 -27.97
C TYR N 139 -48.58 3.90 -26.47
N TYR N 140 -47.89 3.13 -25.61
CA TYR N 140 -47.73 3.44 -24.20
C TYR N 140 -47.52 4.92 -23.95
N ASP N 141 -48.19 5.46 -22.93
CA ASP N 141 -47.92 6.84 -22.56
C ASP N 141 -46.50 7.03 -22.07
N LEU N 142 -45.81 5.97 -21.66
CA LEU N 142 -44.44 6.12 -21.22
C LEU N 142 -43.70 4.80 -21.31
N VAL N 143 -42.39 4.89 -21.12
CA VAL N 143 -41.51 3.77 -20.86
C VAL N 143 -40.41 4.27 -19.93
N ASP N 144 -40.13 3.49 -18.88
CA ASP N 144 -39.09 3.83 -17.91
C ASP N 144 -39.33 5.21 -17.30
N GLY N 145 -40.59 5.57 -17.13
CA GLY N 145 -40.94 6.88 -16.65
C GLY N 145 -40.70 8.00 -17.64
N VAL N 146 -40.74 7.69 -18.95
CA VAL N 146 -40.53 8.69 -19.99
C VAL N 146 -41.49 8.40 -21.14
N SER N 147 -42.04 9.47 -21.72
CA SER N 147 -42.89 9.37 -22.90
C SER N 147 -42.09 9.66 -24.16
N TYR N 148 -42.41 8.93 -25.22
CA TYR N 148 -41.75 9.06 -26.51
C TYR N 148 -42.72 9.41 -27.63
N GLN N 149 -44.00 9.55 -27.35
CA GLN N 149 -44.99 9.65 -28.41
C GLN N 149 -45.01 10.99 -29.10
N LYS N 150 -44.25 11.98 -28.62
CA LYS N 150 -44.14 13.24 -29.35
C LYS N 150 -43.07 13.19 -30.42
N ALA N 151 -42.02 12.40 -30.19
CA ALA N 151 -40.94 12.32 -31.16
C ALA N 151 -41.42 11.65 -32.44
N MET N 152 -40.55 11.63 -33.43
CA MET N 152 -40.92 11.26 -34.79
C MET N 152 -39.78 10.47 -35.41
N PHE N 153 -40.07 9.23 -35.78
CA PHE N 153 -39.08 8.33 -36.35
C PHE N 153 -39.37 8.11 -37.82
N ILE N 154 -38.34 8.27 -38.64
CA ILE N 154 -38.46 8.33 -40.09
C ILE N 154 -37.40 7.41 -40.69
N PHE N 155 -37.79 6.65 -41.70
CA PHE N 155 -36.91 5.68 -42.34
C PHE N 155 -36.78 6.00 -43.83
N LEU N 156 -35.80 5.35 -44.45
CA LEU N 156 -35.50 5.55 -45.84
C LEU N 156 -35.04 4.24 -46.46
N SER N 157 -35.30 4.10 -47.75
CA SER N 157 -34.87 2.93 -48.50
C SER N 157 -35.08 3.22 -49.98
N ASN N 158 -34.89 2.20 -50.80
CA ASN N 158 -35.28 2.24 -52.20
C ASN N 158 -35.93 0.95 -52.68
N ALA N 159 -36.09 -0.05 -51.82
CA ALA N 159 -36.72 -1.30 -52.22
C ALA N 159 -38.19 -1.07 -52.55
N GLY N 160 -38.78 -2.04 -53.23
CA GLY N 160 -40.13 -1.89 -53.72
C GLY N 160 -40.27 -0.90 -54.85
N ALA N 161 -39.15 -0.40 -55.39
CA ALA N 161 -39.23 0.54 -56.50
C ALA N 161 -39.88 -0.07 -57.72
N GLU N 162 -39.73 -1.37 -57.92
CA GLU N 162 -40.22 -2.01 -59.13
C GLU N 162 -41.73 -1.87 -59.26
N ARG N 163 -42.44 -1.88 -58.12
CA ARG N 163 -43.89 -1.72 -58.14
C ARG N 163 -44.28 -0.32 -58.55
N ILE N 164 -43.64 0.70 -57.98
CA ILE N 164 -44.03 2.05 -58.34
C ILE N 164 -43.66 2.32 -59.80
N THR N 165 -42.62 1.66 -60.31
CA THR N 165 -42.28 1.79 -61.71
C THR N 165 -43.35 1.18 -62.61
N ASP N 166 -43.58 -0.13 -62.46
CA ASP N 166 -44.48 -0.79 -63.42
C ASP N 166 -45.90 -0.28 -63.28
N VAL N 167 -46.28 0.21 -62.11
CA VAL N 167 -47.56 0.90 -61.97
C VAL N 167 -47.52 2.23 -62.69
N ALA N 168 -46.39 2.95 -62.58
CA ALA N 168 -46.29 4.27 -63.22
C ALA N 168 -46.47 4.13 -64.72
N LEU N 169 -45.80 3.15 -65.35
CA LEU N 169 -46.07 2.91 -66.75
C LEU N 169 -47.43 2.28 -66.98
N ASP N 170 -48.02 1.65 -65.97
CA ASP N 170 -49.37 1.11 -66.17
C ASP N 170 -50.35 2.23 -66.45
N PHE N 171 -50.54 3.11 -65.46
CA PHE N 171 -51.48 4.20 -65.66
C PHE N 171 -51.00 5.16 -66.73
N TRP N 172 -49.68 5.37 -66.84
CA TRP N 172 -49.21 6.28 -67.87
C TRP N 172 -49.46 5.71 -69.26
N ARG N 173 -49.30 4.39 -69.39
CA ARG N 173 -49.70 3.69 -70.61
C ARG N 173 -51.20 3.81 -70.86
N SER N 174 -51.99 4.01 -69.81
CA SER N 174 -53.41 4.28 -69.97
C SER N 174 -53.79 5.68 -70.48
N GLY N 175 -52.83 6.47 -70.96
CA GLY N 175 -53.13 7.82 -71.39
C GLY N 175 -53.46 8.70 -70.21
N LYS N 176 -52.47 8.97 -69.37
CA LYS N 176 -52.71 9.48 -68.03
C LYS N 176 -51.43 9.94 -67.32
N GLN N 177 -51.57 10.90 -66.41
CA GLN N 177 -50.45 11.38 -65.60
C GLN N 177 -50.65 10.96 -64.15
N ARG N 178 -49.54 10.87 -63.41
CA ARG N 178 -49.65 10.39 -62.04
C ARG N 178 -50.37 11.36 -61.12
N GLU N 179 -50.57 12.61 -61.54
CA GLU N 179 -51.57 13.45 -60.89
C GLU N 179 -52.91 12.73 -60.84
N ASP N 180 -53.28 12.07 -61.92
CA ASP N 180 -54.52 11.32 -61.97
C ASP N 180 -54.39 9.96 -61.30
N ILE N 181 -53.18 9.42 -61.17
CA ILE N 181 -52.99 8.32 -60.25
C ILE N 181 -53.32 8.86 -58.86
N LYS N 182 -54.00 8.03 -58.08
CA LYS N 182 -54.40 8.41 -56.74
C LYS N 182 -53.36 7.97 -55.74
N LEU N 183 -53.50 8.47 -54.52
CA LEU N 183 -52.61 8.06 -53.46
C LEU N 183 -52.72 6.57 -53.23
N LYS N 184 -53.95 6.07 -53.12
CA LYS N 184 -54.15 4.64 -53.02
C LYS N 184 -53.55 3.96 -54.24
N ASP N 185 -52.63 3.04 -53.97
CA ASP N 185 -52.11 2.15 -54.98
C ASP N 185 -51.89 0.83 -54.24
N ILE N 186 -51.21 -0.13 -54.85
CA ILE N 186 -51.36 -1.49 -54.35
C ILE N 186 -50.51 -1.64 -53.09
N GLU N 187 -51.09 -1.28 -51.94
CA GLU N 187 -50.37 -1.39 -50.68
C GLU N 187 -50.20 -2.85 -50.27
N HIS N 188 -50.91 -3.77 -50.93
CA HIS N 188 -50.65 -5.19 -50.73
C HIS N 188 -49.27 -5.56 -51.23
N ALA N 189 -48.95 -5.22 -52.49
CA ALA N 189 -47.63 -5.51 -53.01
C ALA N 189 -46.56 -4.74 -52.26
N LEU N 190 -46.89 -3.53 -51.78
CA LEU N 190 -45.98 -2.84 -50.88
C LEU N 190 -45.76 -3.64 -49.61
N SER N 191 -46.81 -4.26 -49.09
CA SER N 191 -46.63 -5.12 -47.94
C SER N 191 -45.75 -6.32 -48.28
N VAL N 192 -45.80 -6.80 -49.53
CA VAL N 192 -44.96 -7.91 -49.95
C VAL N 192 -43.49 -7.49 -49.96
N SER N 193 -43.20 -6.36 -50.62
CA SER N 193 -41.86 -5.79 -50.56
C SER N 193 -41.43 -5.55 -49.12
N VAL N 194 -42.39 -5.22 -48.26
CA VAL N 194 -42.14 -4.99 -46.85
C VAL N 194 -42.25 -6.28 -46.04
N PHE N 195 -42.90 -7.31 -46.58
CA PHE N 195 -42.76 -8.67 -46.09
C PHE N 195 -41.59 -9.39 -46.73
N ASN N 196 -40.93 -8.78 -47.71
CA ASN N 196 -39.98 -9.47 -48.56
C ASN N 196 -38.81 -9.96 -47.73
N ASN N 197 -38.74 -11.27 -47.48
CA ASN N 197 -37.80 -11.85 -46.52
C ASN N 197 -36.33 -11.60 -46.86
N LYS N 198 -36.04 -10.95 -47.99
CA LYS N 198 -34.79 -10.21 -48.10
C LYS N 198 -34.59 -9.33 -46.88
N ASN N 199 -33.33 -9.16 -46.48
CA ASN N 199 -33.03 -8.44 -45.24
C ASN N 199 -33.59 -7.02 -45.27
N SER N 200 -33.56 -6.37 -46.44
CA SER N 200 -34.20 -5.06 -46.60
C SER N 200 -35.68 -5.15 -46.26
N GLY N 201 -36.40 -6.06 -46.91
CA GLY N 201 -37.81 -6.20 -46.65
C GLY N 201 -38.12 -7.05 -45.43
N PHE N 202 -37.13 -7.80 -44.94
CA PHE N 202 -37.37 -8.65 -43.77
C PHE N 202 -37.31 -7.83 -42.50
N TRP N 203 -36.33 -6.93 -42.42
CA TRP N 203 -36.28 -5.86 -41.45
C TRP N 203 -37.65 -5.22 -41.25
N HIS N 204 -38.18 -4.64 -42.33
CA HIS N 204 -39.49 -4.02 -42.26
C HIS N 204 -40.63 -5.03 -42.20
N SER N 205 -40.35 -6.33 -42.44
CA SER N 205 -41.35 -7.38 -42.19
C SER N 205 -41.58 -7.57 -40.70
N SER N 206 -40.50 -7.70 -39.97
CA SER N 206 -40.61 -7.83 -38.53
C SER N 206 -41.04 -6.53 -37.88
N LEU N 207 -40.78 -5.38 -38.51
CA LEU N 207 -41.39 -4.13 -38.03
C LEU N 207 -42.89 -4.09 -38.32
N ILE N 208 -43.30 -4.54 -39.51
CA ILE N 208 -44.71 -4.53 -39.90
C ILE N 208 -45.44 -5.71 -39.25
N ASP N 209 -44.76 -6.46 -38.37
CA ASP N 209 -45.46 -7.38 -37.49
C ASP N 209 -46.70 -6.78 -36.83
N ARG N 210 -46.73 -5.46 -36.61
CA ARG N 210 -47.84 -4.77 -35.98
C ARG N 210 -48.28 -3.51 -36.73
N ASN N 211 -47.90 -3.34 -38.00
CA ASN N 211 -47.92 -2.03 -38.69
C ASN N 211 -47.56 -0.90 -37.73
N LEU N 212 -46.37 -1.00 -37.13
CA LEU N 212 -45.95 0.16 -36.35
C LEU N 212 -45.72 1.38 -37.24
N ILE N 213 -45.56 1.19 -38.55
CA ILE N 213 -45.53 2.28 -39.50
C ILE N 213 -46.86 3.00 -39.49
N ASP N 214 -46.82 4.31 -39.71
CA ASP N 214 -48.04 5.07 -39.97
C ASP N 214 -48.43 4.96 -41.44
N TYR N 215 -47.61 5.51 -42.33
CA TYR N 215 -48.01 5.73 -43.71
C TYR N 215 -46.86 5.29 -44.62
N PHE N 216 -47.13 4.32 -45.50
CA PHE N 216 -46.24 4.07 -46.62
C PHE N 216 -46.32 5.22 -47.60
N VAL N 217 -45.17 5.66 -48.09
CA VAL N 217 -45.10 6.82 -48.97
C VAL N 217 -43.99 6.60 -49.99
N PRO N 218 -44.29 6.12 -51.18
CA PRO N 218 -43.29 6.14 -52.25
C PRO N 218 -43.23 7.47 -52.97
N PHE N 219 -42.03 7.77 -53.44
CA PHE N 219 -41.78 8.82 -54.41
C PHE N 219 -41.72 8.20 -55.80
N LEU N 220 -41.56 9.06 -56.82
CA LEU N 220 -41.53 8.59 -58.21
C LEU N 220 -40.47 9.28 -59.05
N PRO N 221 -40.05 8.68 -60.17
CA PRO N 221 -39.03 9.32 -61.02
C PRO N 221 -39.44 10.72 -61.44
N LEU N 222 -38.60 11.69 -61.09
CA LEU N 222 -38.88 13.07 -61.45
C LEU N 222 -38.86 13.19 -62.96
N GLU N 223 -40.04 13.28 -63.54
CA GLU N 223 -40.20 13.27 -64.98
C GLU N 223 -39.45 14.44 -65.60
N TYR N 224 -39.10 14.30 -66.89
CA TYR N 224 -38.24 15.28 -67.56
C TYR N 224 -38.80 16.69 -67.49
N LYS N 225 -40.12 16.82 -67.33
CA LYS N 225 -40.65 18.11 -66.94
C LYS N 225 -39.98 18.58 -65.65
N HIS N 226 -39.84 17.69 -64.66
CA HIS N 226 -39.19 18.09 -63.41
C HIS N 226 -37.73 18.40 -63.62
N LEU N 227 -37.07 17.69 -64.53
CA LEU N 227 -35.72 18.09 -64.92
C LEU N 227 -35.74 19.54 -65.34
N LYS N 228 -36.51 19.86 -66.37
CA LYS N 228 -36.62 21.24 -66.85
C LYS N 228 -37.02 22.22 -65.75
N MET N 229 -37.79 21.78 -64.75
CA MET N 229 -38.12 22.66 -63.64
C MET N 229 -36.89 22.95 -62.81
N CYS N 230 -36.15 21.91 -62.40
CA CYS N 230 -34.93 22.10 -61.62
C CYS N 230 -33.72 22.43 -62.50
N ILE N 231 -33.96 22.77 -63.75
CA ILE N 231 -32.97 23.42 -64.61
C ILE N 231 -33.26 24.90 -64.71
N ARG N 232 -34.48 25.25 -65.11
CA ARG N 232 -34.88 26.64 -65.18
C ARG N 232 -34.80 27.31 -63.82
N VAL N 233 -35.49 26.72 -62.83
CA VAL N 233 -35.58 27.32 -61.51
C VAL N 233 -34.20 27.42 -60.87
N GLU N 234 -33.40 26.37 -60.99
CA GLU N 234 -32.09 26.39 -60.35
C GLU N 234 -31.14 27.35 -61.04
N MET N 235 -30.97 27.21 -62.35
CA MET N 235 -29.99 28.02 -63.04
C MET N 235 -30.39 29.49 -63.09
N GLN N 236 -31.69 29.78 -63.16
CA GLN N 236 -32.14 31.15 -62.96
C GLN N 236 -31.98 31.60 -61.52
N SER N 237 -32.00 30.66 -60.57
CA SER N 237 -31.74 31.01 -59.17
C SER N 237 -30.27 31.22 -58.90
N ARG N 238 -29.39 30.66 -59.73
CA ARG N 238 -27.95 30.72 -59.50
C ARG N 238 -27.25 31.80 -60.32
N GLY N 239 -27.98 32.65 -61.02
CA GLY N 239 -27.34 33.62 -61.89
C GLY N 239 -26.51 32.98 -62.96
N TYR N 240 -26.96 31.83 -63.45
CA TYR N 240 -26.15 30.97 -64.31
C TYR N 240 -26.16 31.39 -65.77
N GLU N 241 -27.14 32.21 -66.18
CA GLU N 241 -27.32 32.61 -67.57
C GLU N 241 -27.56 31.40 -68.46
N ILE N 242 -28.61 30.67 -68.12
CA ILE N 242 -29.11 29.58 -68.95
C ILE N 242 -30.00 30.17 -70.04
N ASP N 243 -30.15 29.42 -71.14
CA ASP N 243 -31.00 29.82 -72.25
C ASP N 243 -31.74 28.58 -72.77
N GLU N 244 -32.35 28.68 -73.95
CA GLU N 244 -33.21 27.60 -74.42
C GLU N 244 -32.41 26.35 -74.78
N ASP N 245 -31.32 26.52 -75.53
CA ASP N 245 -30.59 25.38 -76.08
C ASP N 245 -30.14 24.44 -74.97
N ILE N 246 -29.71 25.00 -73.85
CA ILE N 246 -29.31 24.22 -72.68
C ILE N 246 -30.45 23.30 -72.24
N VAL N 247 -31.70 23.72 -72.46
CA VAL N 247 -32.87 22.95 -72.07
C VAL N 247 -33.45 22.17 -73.25
N SER N 248 -32.89 22.33 -74.45
CA SER N 248 -32.97 21.26 -75.43
C SER N 248 -32.07 20.11 -75.02
N ARG N 249 -30.92 20.44 -74.42
CA ARG N 249 -29.94 19.42 -74.10
C ARG N 249 -30.32 18.59 -72.88
N VAL N 250 -31.38 18.95 -72.16
CA VAL N 250 -31.83 18.10 -71.05
C VAL N 250 -32.20 16.72 -71.57
N ALA N 251 -32.84 16.68 -72.74
CA ALA N 251 -33.28 15.43 -73.35
C ALA N 251 -32.46 15.02 -74.56
N GLU N 252 -31.83 15.98 -75.26
CA GLU N 252 -30.95 15.58 -76.34
C GLU N 252 -29.71 14.85 -75.85
N GLU N 253 -29.34 15.03 -74.57
CA GLU N 253 -28.09 14.55 -74.01
C GLU N 253 -28.33 13.90 -72.64
N MET N 254 -29.33 13.03 -72.56
CA MET N 254 -29.63 12.33 -71.31
C MET N 254 -30.30 11.00 -71.64
N THR N 255 -30.18 10.06 -70.72
CA THR N 255 -30.84 8.77 -70.80
C THR N 255 -32.05 8.75 -69.88
N PHE N 256 -33.15 8.21 -70.39
CA PHE N 256 -34.38 7.98 -69.65
C PHE N 256 -34.71 6.50 -69.69
N PHE N 257 -35.77 6.11 -68.96
CA PHE N 257 -36.15 4.72 -68.79
C PHE N 257 -37.61 4.54 -69.20
N PRO N 258 -37.97 3.45 -69.93
CA PRO N 258 -37.10 2.48 -70.62
C PRO N 258 -36.50 3.14 -71.84
N LYS N 259 -35.57 2.46 -72.50
CA LYS N 259 -35.12 2.92 -73.81
C LYS N 259 -36.26 3.03 -74.79
N GLU N 260 -37.15 2.05 -74.82
CA GLU N 260 -38.13 1.96 -75.88
C GLU N 260 -39.14 3.10 -75.83
N GLU N 261 -39.13 3.90 -74.77
CA GLU N 261 -39.96 5.09 -74.65
C GLU N 261 -39.15 6.32 -74.24
N ARG N 262 -38.07 6.13 -73.49
CA ARG N 262 -37.22 7.23 -73.00
C ARG N 262 -38.06 8.24 -72.20
N VAL N 263 -38.53 7.77 -71.04
CA VAL N 263 -39.49 8.55 -70.26
C VAL N 263 -38.99 8.80 -68.85
N PHE N 264 -38.88 7.73 -68.07
CA PHE N 264 -38.53 7.88 -66.67
C PHE N 264 -37.05 8.20 -66.53
N SER N 265 -36.77 9.16 -65.67
CA SER N 265 -35.41 9.68 -65.53
C SER N 265 -34.53 8.63 -64.90
N ASP N 266 -33.27 8.99 -64.68
CA ASP N 266 -32.31 8.17 -63.96
C ASP N 266 -31.92 8.85 -62.66
N LYS N 267 -32.09 10.16 -62.58
CA LYS N 267 -31.74 10.91 -61.38
C LYS N 267 -32.73 11.98 -60.99
N GLY N 268 -33.59 12.42 -61.88
CA GLY N 268 -34.32 13.63 -61.60
C GLY N 268 -33.35 14.78 -61.41
N CYS N 269 -33.47 15.42 -60.24
CA CYS N 269 -32.81 16.69 -59.98
C CYS N 269 -31.57 16.52 -59.10
N LYS N 270 -30.93 15.36 -59.18
CA LYS N 270 -29.73 15.06 -58.41
C LYS N 270 -28.45 15.39 -59.18
N THR N 271 -28.25 14.73 -60.32
CA THR N 271 -27.13 15.02 -61.20
C THR N 271 -27.45 16.13 -62.18
N VAL N 272 -28.57 16.83 -62.00
CA VAL N 272 -29.02 17.76 -63.03
C VAL N 272 -28.03 18.90 -63.18
N PHE N 273 -27.62 19.52 -62.08
CA PHE N 273 -26.85 20.76 -62.17
C PHE N 273 -25.41 20.53 -62.62
N THR N 274 -24.87 19.33 -62.41
CA THR N 274 -23.55 19.02 -62.92
C THR N 274 -23.57 18.92 -64.44
N LYS N 275 -24.52 18.17 -64.98
CA LYS N 275 -24.71 18.12 -66.42
C LYS N 275 -25.03 19.49 -66.98
N LEU N 276 -25.75 20.32 -66.22
CA LEU N 276 -25.95 21.68 -66.65
C LEU N 276 -24.66 22.46 -66.66
N ASP N 277 -23.72 22.18 -65.75
CA ASP N 277 -22.41 22.78 -65.88
C ASP N 277 -21.70 22.30 -67.13
N TYR N 278 -21.98 21.07 -67.58
CA TYR N 278 -21.49 20.72 -68.92
C TYR N 278 -22.16 21.61 -69.96
N TYR N 279 -23.42 21.96 -69.77
CA TYR N 279 -24.08 22.76 -70.79
C TYR N 279 -23.64 24.22 -70.72
N TYR N 280 -23.06 24.65 -69.59
CA TYR N 280 -22.20 25.83 -69.63
C TYR N 280 -21.02 25.54 -70.52
N ASP N 281 -20.44 24.36 -70.37
CA ASP N 281 -19.36 23.95 -71.25
C ASP N 281 -19.88 23.66 -72.66
N ASP N 282 -21.17 23.32 -72.77
CA ASP N 282 -21.91 23.23 -74.04
C ASP N 282 -21.19 22.39 -75.09
N GLY O 1 69.01 29.73 35.06
CA GLY O 1 68.05 29.29 34.01
C GLY O 1 67.01 30.34 33.71
N GLN O 2 66.12 30.61 34.68
CA GLN O 2 65.11 31.64 34.48
C GLN O 2 65.72 33.01 34.29
N LYS O 3 66.91 33.23 34.84
CA LYS O 3 67.69 34.43 34.61
C LYS O 3 68.69 34.27 33.48
N ARG O 4 68.45 33.33 32.56
CA ARG O 4 69.31 33.08 31.43
C ARG O 4 68.49 33.11 30.15
N SER O 5 68.87 33.99 29.23
CA SER O 5 68.38 33.89 27.86
C SER O 5 69.11 32.75 27.17
N LEU O 6 68.34 31.83 26.61
CA LEU O 6 68.88 30.54 26.18
C LEU O 6 69.84 30.76 25.03
N SER O 7 71.12 30.46 25.25
CA SER O 7 72.08 30.44 24.17
C SER O 7 71.90 29.19 23.32
N ARG O 8 72.36 29.28 22.08
CA ARG O 8 72.18 28.20 21.12
C ARG O 8 72.88 26.93 21.59
N GLU O 9 74.07 27.09 22.16
CA GLU O 9 74.89 25.96 22.57
C GLU O 9 74.17 25.09 23.58
N ALA O 10 73.50 25.72 24.55
CA ALA O 10 72.85 24.94 25.60
C ALA O 10 71.78 24.03 25.02
N LEU O 11 71.03 24.52 24.03
CA LEU O 11 69.89 23.78 23.54
C LEU O 11 70.30 22.72 22.54
N GLN O 12 71.19 23.07 21.61
CA GLN O 12 71.70 22.04 20.72
C GLN O 12 72.44 20.98 21.50
N LYS O 13 73.13 21.40 22.57
CA LYS O 13 73.77 20.45 23.47
C LYS O 13 72.74 19.51 24.08
N ASP O 14 71.69 20.07 24.67
CA ASP O 14 70.70 19.24 25.37
C ASP O 14 70.03 18.26 24.42
N LEU O 15 69.55 18.76 23.28
CA LEU O 15 68.85 17.90 22.34
C LEU O 15 69.79 16.85 21.76
N ASP O 16 71.01 17.25 21.42
CA ASP O 16 71.99 16.29 20.91
C ASP O 16 72.36 15.28 21.98
N ASP O 17 72.20 15.61 23.25
CA ASP O 17 72.46 14.65 24.31
C ASP O 17 71.33 13.63 24.39
N ASN O 18 70.09 14.11 24.51
CA ASN O 18 68.98 13.25 24.89
C ASN O 18 68.02 12.94 23.75
N LEU O 19 67.83 13.86 22.81
CA LEU O 19 66.90 13.62 21.72
C LEU O 19 67.54 12.72 20.68
N PHE O 20 66.80 11.70 20.27
CA PHE O 20 67.25 10.72 19.29
C PHE O 20 66.58 10.98 17.96
N GLY O 21 67.40 11.20 16.94
CA GLY O 21 66.89 11.58 15.65
C GLY O 21 66.26 12.96 15.70
N GLN O 22 65.22 13.14 14.87
CA GLN O 22 64.45 14.37 14.87
C GLN O 22 65.34 15.57 14.56
N HIS O 23 66.21 15.39 13.57
CA HIS O 23 67.06 16.47 13.08
C HIS O 23 66.24 17.70 12.74
N LEU O 24 65.05 17.50 12.15
CA LEU O 24 64.17 18.60 11.83
C LEU O 24 63.82 19.40 13.06
N ALA O 25 63.58 18.71 14.16
CA ALA O 25 63.09 19.40 15.34
C ALA O 25 64.21 20.18 16.00
N LYS O 26 65.42 19.66 15.92
CA LYS O 26 66.58 20.38 16.45
C LYS O 26 66.82 21.65 15.65
N LYS O 27 66.80 21.56 14.32
CA LYS O 27 66.98 22.73 13.48
C LYS O 27 65.91 23.78 13.77
N ILE O 28 64.63 23.37 13.62
CA ILE O 28 63.49 24.26 13.82
C ILE O 28 63.57 24.92 15.17
N ILE O 29 63.51 24.09 16.22
CA ILE O 29 63.39 24.62 17.57
C ILE O 29 64.56 25.53 17.86
N LEU O 30 65.77 25.02 17.66
CA LEU O 30 66.98 25.74 18.04
C LEU O 30 67.00 27.13 17.42
N ASN O 31 66.93 27.21 16.09
CA ASN O 31 67.04 28.51 15.45
C ASN O 31 65.82 29.36 15.72
N ALA O 32 64.64 28.74 15.79
CA ALA O 32 63.40 29.47 15.93
C ALA O 32 63.33 30.19 17.27
N VAL O 33 63.46 29.45 18.37
CA VAL O 33 63.43 30.12 19.66
C VAL O 33 64.64 31.00 19.83
N PHE O 34 65.82 30.54 19.38
CA PHE O 34 67.04 31.30 19.59
C PHE O 34 66.98 32.66 18.91
N GLY O 35 66.21 32.78 17.84
CA GLY O 35 65.92 34.07 17.26
C GLY O 35 64.81 34.76 18.03
N PHE O 36 63.82 33.99 18.46
CA PHE O 36 62.66 34.55 19.11
C PHE O 36 63.01 35.10 20.50
N ILE O 37 63.60 34.26 21.35
CA ILE O 37 63.83 34.65 22.73
C ILE O 37 64.82 35.80 22.80
N ASN O 38 65.80 35.80 21.91
CA ASN O 38 66.74 36.91 21.84
C ASN O 38 66.14 38.16 21.22
N ASN O 39 64.99 38.05 20.56
CA ASN O 39 64.35 39.21 19.98
C ASN O 39 63.62 39.98 21.06
N PRO O 40 63.97 41.25 21.35
CA PRO O 40 63.13 42.04 22.25
C PRO O 40 61.83 42.52 21.62
N LYS O 41 61.64 42.32 20.32
CA LYS O 41 60.43 42.76 19.62
C LYS O 41 59.98 41.64 18.70
N PRO O 42 59.35 40.60 19.25
CA PRO O 42 58.92 39.50 18.40
C PRO O 42 57.83 39.88 17.41
N LYS O 43 57.03 40.90 17.71
CA LYS O 43 55.86 41.36 16.98
C LYS O 43 54.66 40.43 17.17
N LYS O 44 54.83 39.24 17.73
CA LYS O 44 53.77 38.27 17.90
C LYS O 44 54.21 37.30 18.98
N PRO O 45 53.28 36.64 19.64
CA PRO O 45 53.68 35.49 20.45
C PRO O 45 54.08 34.33 19.56
N LEU O 46 54.57 33.25 20.17
CA LEU O 46 55.04 32.08 19.43
C LEU O 46 53.87 31.13 19.29
N THR O 47 53.48 30.87 18.05
CA THR O 47 52.31 30.06 17.74
C THR O 47 52.81 28.77 17.11
N LEU O 48 53.08 27.79 17.96
CA LEU O 48 53.63 26.53 17.53
C LEU O 48 52.54 25.49 17.34
N SER O 49 52.74 24.62 16.35
CA SER O 49 51.82 23.54 16.03
C SER O 49 52.58 22.24 16.08
N LEU O 50 51.94 21.21 16.61
CA LEU O 50 52.51 19.87 16.61
C LEU O 50 51.41 18.83 16.42
N HIS O 51 51.73 17.84 15.59
CA HIS O 51 50.88 16.69 15.38
C HIS O 51 51.79 15.57 14.87
N GLY O 52 51.20 14.40 14.65
CA GLY O 52 51.95 13.24 14.22
C GLY O 52 51.77 12.03 15.11
N TRP O 53 52.84 11.27 15.31
CA TRP O 53 52.80 10.04 16.07
C TRP O 53 53.39 10.24 17.47
N THR O 54 52.89 9.46 18.43
CA THR O 54 53.31 9.66 19.81
C THR O 54 54.67 9.04 20.10
N GLY O 55 55.08 9.23 21.34
CA GLY O 55 56.29 8.64 21.83
C GLY O 55 57.54 9.07 21.13
N THR O 56 57.43 10.11 20.29
CA THR O 56 58.53 10.72 19.57
C THR O 56 59.08 11.90 20.34
N GLY O 57 58.32 12.38 21.31
CA GLY O 57 58.82 13.26 22.33
C GLY O 57 58.16 14.61 22.41
N LYS O 58 56.88 14.73 22.08
CA LYS O 58 56.24 16.04 22.13
C LYS O 58 56.24 16.59 23.55
N ASN O 59 55.56 15.90 24.45
CA ASN O 59 55.56 16.33 25.84
C ASN O 59 56.95 16.23 26.44
N PHE O 60 57.77 15.30 25.92
CA PHE O 60 59.19 15.24 26.25
C PHE O 60 59.88 16.56 25.91
N VAL O 61 59.85 16.99 24.65
CA VAL O 61 60.63 18.18 24.27
C VAL O 61 60.07 19.42 24.94
N SER O 62 58.75 19.53 25.02
CA SER O 62 58.14 20.66 25.70
C SER O 62 58.61 20.73 27.14
N LYS O 63 58.66 19.57 27.80
CA LYS O 63 59.22 19.50 29.14
C LYS O 63 60.66 19.99 29.17
N ILE O 64 61.47 19.56 28.20
CA ILE O 64 62.90 19.88 28.23
C ILE O 64 63.09 21.38 28.16
N ILE O 65 62.48 22.01 27.14
CA ILE O 65 62.68 23.44 26.97
C ILE O 65 62.06 24.18 28.13
N ALA O 66 60.97 23.66 28.68
CA ALA O 66 60.39 24.26 29.87
C ALA O 66 61.40 24.26 31.02
N GLU O 67 62.22 23.21 31.12
CA GLU O 67 63.22 23.15 32.17
C GLU O 67 64.37 24.09 31.88
N ASN O 68 64.80 24.17 30.63
CA ASN O 68 65.91 25.06 30.29
C ASN O 68 65.54 26.51 30.51
N ILE O 69 64.31 26.89 30.18
CA ILE O 69 63.88 28.27 30.38
C ILE O 69 63.82 28.56 31.87
N TYR O 70 62.95 27.86 32.59
CA TYR O 70 62.77 28.03 34.03
C TYR O 70 63.14 26.76 34.76
N GLU O 71 63.73 26.94 35.94
CA GLU O 71 64.02 25.80 36.81
C GLU O 71 62.76 25.05 37.19
N GLY O 72 61.62 25.74 37.24
CA GLY O 72 60.36 25.09 37.54
C GLY O 72 59.98 24.01 36.55
N GLY O 73 60.48 24.09 35.32
CA GLY O 73 60.02 23.19 34.29
C GLY O 73 58.53 23.40 34.11
N LEU O 74 57.76 22.44 34.61
CA LEU O 74 56.31 22.59 34.72
C LEU O 74 55.86 23.07 36.08
N ASN O 75 56.73 23.05 37.09
CA ASN O 75 56.37 23.52 38.42
C ASN O 75 56.24 25.04 38.49
N SER O 76 56.69 25.76 37.49
CA SER O 76 56.72 27.21 37.59
C SER O 76 55.31 27.79 37.66
N ASP O 77 55.14 28.77 38.55
CA ASP O 77 53.90 29.52 38.61
C ASP O 77 53.64 30.25 37.30
N TYR O 78 54.71 30.67 36.61
CA TYR O 78 54.57 31.23 35.28
C TYR O 78 53.99 30.21 34.32
N VAL O 79 54.52 28.99 34.37
CA VAL O 79 54.15 27.93 33.42
C VAL O 79 52.90 27.28 33.98
N HIS O 80 51.76 27.65 33.42
CA HIS O 80 50.46 27.18 33.88
C HIS O 80 49.75 26.45 32.75
N LEU O 81 49.28 25.24 33.05
CA LEU O 81 48.90 24.27 32.04
C LEU O 81 47.40 24.04 32.00
N PHE O 82 46.89 23.81 30.79
CA PHE O 82 45.51 23.46 30.54
C PHE O 82 45.45 22.16 29.75
N VAL O 83 44.31 21.50 29.85
CA VAL O 83 44.05 20.25 29.15
C VAL O 83 42.61 20.27 28.66
N ALA O 84 42.37 19.58 27.55
CA ALA O 84 41.01 19.49 27.03
C ALA O 84 40.08 18.84 28.05
N THR O 85 40.33 17.58 28.36
CA THR O 85 39.32 16.79 29.06
C THR O 85 39.23 17.16 30.52
N LEU O 86 40.37 17.29 31.20
CA LEU O 86 40.38 17.59 32.62
C LEU O 86 39.66 18.87 32.97
N HIS O 87 39.76 19.87 32.13
CA HIS O 87 39.14 21.16 32.35
C HIS O 87 37.92 21.37 31.47
N PHE O 88 37.99 20.98 30.20
CA PHE O 88 37.01 21.37 29.19
C PHE O 88 36.35 20.15 28.55
N PRO O 89 35.66 19.34 29.34
CA PRO O 89 35.04 18.12 28.79
C PRO O 89 33.91 18.38 27.81
N HIS O 90 32.93 19.19 28.23
CA HIS O 90 31.62 19.20 27.60
C HIS O 90 31.41 20.42 26.73
N ALA O 91 30.51 20.28 25.76
CA ALA O 91 29.99 21.39 24.98
C ALA O 91 28.87 22.13 25.69
N SER O 92 28.61 21.82 26.96
CA SER O 92 27.58 22.52 27.71
C SER O 92 28.09 23.83 28.26
N ASN O 93 29.24 23.77 28.95
CA ASN O 93 29.80 24.90 29.66
C ASN O 93 30.83 25.66 28.85
N ILE O 94 30.62 25.74 27.54
CA ILE O 94 31.62 26.34 26.65
C ILE O 94 31.91 27.77 27.07
N THR O 95 30.86 28.50 27.45
CA THR O 95 31.02 29.92 27.75
C THR O 95 31.84 30.11 29.02
N LEU O 96 31.49 29.39 30.07
CA LEU O 96 32.28 29.42 31.29
C LEU O 96 33.73 29.06 30.99
N TYR O 97 33.92 28.07 30.13
CA TYR O 97 35.27 27.67 29.78
C TYR O 97 36.00 28.80 29.06
N LYS O 98 35.28 29.60 28.28
CA LYS O 98 35.92 30.71 27.58
C LYS O 98 36.27 31.84 28.56
N ASP O 99 35.35 32.16 29.46
CA ASP O 99 35.60 33.25 30.39
C ASP O 99 36.72 32.91 31.36
N GLN O 100 36.62 31.72 31.97
CA GLN O 100 37.69 31.22 32.82
C GLN O 100 39.00 31.18 32.07
N LEU O 101 38.95 30.81 30.79
CA LEU O 101 40.15 30.79 29.98
C LEU O 101 40.77 32.17 29.91
N GLN O 102 40.00 33.16 29.45
CA GLN O 102 40.51 34.52 29.30
C GLN O 102 41.07 35.05 30.61
N LEU O 103 40.40 34.78 31.72
CA LEU O 103 40.83 35.34 32.98
C LEU O 103 42.11 34.68 33.49
N TRP O 104 42.17 33.35 33.42
CA TRP O 104 43.38 32.66 33.84
C TRP O 104 44.56 33.09 32.98
N ILE O 105 44.32 33.30 31.69
CA ILE O 105 45.34 33.87 30.81
C ILE O 105 45.83 35.18 31.38
N ARG O 106 44.91 36.16 31.49
CA ARG O 106 45.28 37.51 31.92
C ARG O 106 46.01 37.49 33.25
N GLY O 107 45.66 36.57 34.14
CA GLY O 107 46.37 36.44 35.40
C GLY O 107 47.82 36.08 35.17
N ASN O 108 48.06 34.94 34.51
CA ASN O 108 49.45 34.48 34.39
C ASN O 108 50.29 35.44 33.56
N VAL O 109 49.75 35.93 32.45
CA VAL O 109 50.54 36.82 31.61
C VAL O 109 50.76 38.15 32.30
N SER O 110 49.78 38.62 33.07
CA SER O 110 50.00 39.85 33.82
C SER O 110 51.01 39.65 34.92
N ALA O 111 51.28 38.40 35.32
CA ALA O 111 52.46 38.16 36.13
C ALA O 111 53.74 38.41 35.32
N CYS O 112 53.77 37.94 34.08
CA CYS O 112 54.90 38.17 33.19
C CYS O 112 54.54 37.71 31.80
N ALA O 113 55.04 38.43 30.80
CA ALA O 113 54.79 38.06 29.42
C ALA O 113 55.61 36.87 28.96
N ARG O 114 56.61 36.48 29.75
CA ARG O 114 57.40 35.29 29.44
C ARG O 114 56.79 34.01 29.99
N SER O 115 55.58 34.08 30.53
CA SER O 115 54.88 32.87 30.93
C SER O 115 54.57 32.03 29.69
N ILE O 116 54.30 30.75 29.93
CA ILE O 116 54.10 29.77 28.86
C ILE O 116 52.79 29.04 29.12
N PHE O 117 52.04 28.82 28.05
CA PHE O 117 50.85 27.99 28.06
C PHE O 117 50.99 26.88 27.03
N ILE O 118 50.48 25.71 27.37
CA ILE O 118 50.43 24.57 26.47
C ILE O 118 49.05 23.93 26.60
N PHE O 119 48.57 23.41 25.48
CA PHE O 119 47.38 22.59 25.44
C PHE O 119 47.73 21.18 25.00
N ASP O 120 46.78 20.27 25.18
CA ASP O 120 46.98 18.87 24.84
C ASP O 120 45.63 18.21 24.61
N GLU O 121 45.66 17.09 23.89
CA GLU O 121 44.46 16.31 23.58
C GLU O 121 43.44 17.17 22.84
N MET O 122 43.92 17.81 21.79
CA MET O 122 43.14 18.80 21.06
C MET O 122 42.21 18.18 20.02
N ASP O 123 41.99 16.87 20.08
CA ASP O 123 40.98 16.24 19.26
C ASP O 123 39.59 16.32 19.87
N LYS O 124 39.43 17.01 21.01
CA LYS O 124 38.22 17.00 21.81
C LYS O 124 37.82 18.40 22.23
N MET O 125 37.79 19.32 21.26
CA MET O 125 37.57 20.74 21.53
C MET O 125 36.42 21.29 20.68
N HIS O 126 36.09 22.57 20.84
CA HIS O 126 34.86 23.14 20.29
C HIS O 126 35.11 24.60 19.92
N ALA O 127 34.94 24.93 18.63
CA ALA O 127 35.53 26.12 18.03
C ALA O 127 35.19 27.43 18.73
N GLY O 128 34.15 27.45 19.56
CA GLY O 128 33.97 28.59 20.45
C GLY O 128 35.21 28.84 21.29
N LEU O 129 35.92 27.78 21.63
CA LEU O 129 37.08 27.83 22.50
C LEU O 129 38.35 28.28 21.77
N ILE O 130 38.32 28.44 20.45
CA ILE O 130 39.28 29.30 19.76
C ILE O 130 38.74 30.71 19.58
N ASP O 131 37.41 30.88 19.50
CA ASP O 131 36.86 32.19 19.23
C ASP O 131 37.14 33.21 20.35
N ALA O 132 37.72 32.79 21.47
CA ALA O 132 38.07 33.67 22.58
C ALA O 132 39.55 34.02 22.62
N ILE O 133 40.36 33.53 21.68
CA ILE O 133 41.81 33.67 21.74
C ILE O 133 42.43 34.25 20.48
N LYS O 134 41.79 34.17 19.33
CA LYS O 134 42.33 34.78 18.11
C LYS O 134 42.72 36.24 18.28
N PRO O 135 41.97 37.08 18.99
CA PRO O 135 42.46 38.43 19.26
C PRO O 135 43.76 38.46 20.03
N PHE O 136 43.97 37.52 20.95
CA PHE O 136 45.24 37.46 21.65
C PHE O 136 46.40 37.17 20.70
N LEU O 137 46.11 36.59 19.53
CA LEU O 137 47.12 36.31 18.53
C LEU O 137 47.11 37.29 17.38
N ASP O 138 46.45 38.44 17.54
CA ASP O 138 46.84 39.57 16.73
C ASP O 138 48.25 39.99 17.09
N TYR O 139 48.99 40.41 16.09
CA TYR O 139 50.31 41.00 16.27
C TYR O 139 50.26 42.38 16.92
N TYR O 140 49.08 42.85 17.34
CA TYR O 140 48.93 44.06 18.14
C TYR O 140 50.00 44.17 19.21
N ASP O 141 50.55 45.37 19.39
CA ASP O 141 51.48 45.56 20.49
C ASP O 141 50.81 45.39 21.84
N LEU O 142 49.48 45.48 21.91
CA LEU O 142 48.81 45.27 23.18
C LEU O 142 47.36 44.88 22.97
N VAL O 143 46.74 44.49 24.07
CA VAL O 143 45.29 44.34 24.19
C VAL O 143 44.94 44.70 25.63
N ASP O 144 43.91 45.53 25.80
CA ASP O 144 43.44 45.94 27.13
C ASP O 144 44.57 46.58 27.93
N GLY O 145 45.46 47.28 27.25
CA GLY O 145 46.63 47.85 27.90
C GLY O 145 47.66 46.83 28.33
N VAL O 146 47.73 45.68 27.66
CA VAL O 146 48.70 44.64 27.98
C VAL O 146 49.21 44.03 26.68
N SER O 147 50.50 43.74 26.65
CA SER O 147 51.13 43.05 25.52
C SER O 147 51.27 41.56 25.82
N TYR O 148 51.07 40.75 24.78
CA TYR O 148 51.14 39.31 24.86
C TYR O 148 52.18 38.70 23.92
N GLN O 149 52.88 39.53 23.15
CA GLN O 149 53.69 39.00 22.07
C GLN O 149 55.00 38.36 22.55
N LYS O 150 55.32 38.45 23.84
CA LYS O 150 56.49 37.74 24.35
C LYS O 150 56.15 36.31 24.73
N ALA O 151 54.91 36.06 25.17
CA ALA O 151 54.52 34.72 25.57
C ALA O 151 54.50 33.80 24.36
N MET O 152 54.28 32.52 24.64
CA MET O 152 54.47 31.46 23.66
C MET O 152 53.40 30.42 23.83
N PHE O 153 52.59 30.22 22.80
CA PHE O 153 51.48 29.29 22.83
C PHE O 153 51.79 28.09 21.95
N ILE O 154 51.58 26.91 22.49
CA ILE O 154 52.03 25.66 21.91
C ILE O 154 50.87 24.67 21.97
N PHE O 155 50.67 23.94 20.88
CA PHE O 155 49.58 22.99 20.76
C PHE O 155 50.12 21.59 20.49
N LEU O 156 49.23 20.61 20.64
CA LEU O 156 49.57 19.21 20.45
C LEU O 156 48.39 18.48 19.84
N SER O 157 48.70 17.44 19.10
CA SER O 157 47.69 16.59 18.49
C SER O 157 48.38 15.35 17.94
N ASN O 158 47.62 14.53 17.22
CA ASN O 158 48.17 13.44 16.43
C ASN O 158 47.54 13.32 15.06
N ALA O 159 46.59 14.17 14.70
CA ALA O 159 45.97 14.10 13.40
C ALA O 159 46.97 14.44 12.31
N GLY O 160 46.61 14.10 11.07
CA GLY O 160 47.54 14.24 9.98
C GLY O 160 48.69 13.27 10.00
N ALA O 161 48.68 12.29 10.90
CA ALA O 161 49.75 11.32 10.97
C ALA O 161 49.85 10.52 9.68
N GLU O 162 48.73 10.29 9.01
CA GLU O 162 48.73 9.42 7.83
C GLU O 162 49.65 9.95 6.74
N ARG O 163 49.73 11.28 6.63
CA ARG O 163 50.59 11.88 5.63
C ARG O 163 52.07 11.69 5.96
N ILE O 164 52.44 11.91 7.21
CA ILE O 164 53.86 11.74 7.54
C ILE O 164 54.23 10.26 7.43
N THR O 165 53.28 9.36 7.65
CA THR O 165 53.54 7.94 7.46
C THR O 165 53.77 7.61 5.99
N ASP O 166 52.76 7.85 5.14
CA ASP O 166 52.89 7.40 3.76
C ASP O 166 54.00 8.12 3.03
N VAL O 167 54.32 9.35 3.45
CA VAL O 167 55.51 10.02 2.93
C VAL O 167 56.78 9.34 3.44
N ALA O 168 56.78 8.94 4.72
CA ALA O 168 57.96 8.29 5.28
C ALA O 168 58.30 7.02 4.53
N LEU O 169 57.29 6.19 4.24
CA LEU O 169 57.56 5.05 3.39
C LEU O 169 57.76 5.43 1.95
N ASP O 170 57.31 6.62 1.52
CA ASP O 170 57.57 7.03 0.15
C ASP O 170 59.07 7.19 -0.06
N PHE O 171 59.66 8.15 0.64
CA PHE O 171 61.09 8.38 0.47
C PHE O 171 61.90 7.18 0.97
N TRP O 172 61.44 6.51 2.02
CA TRP O 172 62.20 5.35 2.51
C TRP O 172 62.16 4.22 1.49
N ARG O 173 61.02 4.06 0.82
CA ARG O 173 60.92 3.14 -0.31
C ARG O 173 61.84 3.57 -1.45
N SER O 174 62.16 4.86 -1.55
CA SER O 174 63.13 5.33 -2.53
C SER O 174 64.60 5.01 -2.21
N GLY O 175 64.89 4.16 -1.22
CA GLY O 175 66.27 3.89 -0.86
C GLY O 175 66.90 5.08 -0.18
N LYS O 176 66.42 5.40 1.02
CA LYS O 176 66.66 6.71 1.61
C LYS O 176 66.24 6.78 3.07
N GLN O 177 66.89 7.65 3.85
CA GLN O 177 66.54 7.88 5.24
C GLN O 177 65.96 9.27 5.39
N ARG O 178 65.14 9.46 6.44
CA ARG O 178 64.48 10.75 6.60
C ARG O 178 65.44 11.88 6.95
N GLU O 179 66.68 11.57 7.33
CA GLU O 179 67.73 12.58 7.28
C GLU O 179 67.80 13.22 5.92
N ASP O 180 67.67 12.42 4.87
CA ASP O 180 67.69 12.93 3.51
C ASP O 180 66.33 13.49 3.10
N ILE O 181 65.25 13.07 3.75
CA ILE O 181 64.02 13.84 3.64
C ILE O 181 64.31 15.22 4.19
N LYS O 182 63.78 16.23 3.52
CA LYS O 182 63.99 17.61 3.92
C LYS O 182 62.87 18.06 4.83
N LEU O 183 63.08 19.23 5.44
CA LEU O 183 62.03 19.79 6.27
C LEU O 183 60.79 20.06 5.44
N LYS O 184 60.97 20.71 4.30
CA LYS O 184 59.85 20.90 3.38
C LYS O 184 59.28 19.55 3.02
N ASP O 185 57.99 19.41 3.29
CA ASP O 185 57.22 18.28 2.80
C ASP O 185 55.84 18.86 2.51
N ILE O 186 54.84 18.03 2.26
CA ILE O 186 53.68 18.56 1.57
C ILE O 186 52.82 19.32 2.59
N GLU O 187 53.15 20.61 2.77
CA GLU O 187 52.39 21.43 3.72
C GLU O 187 51.00 21.75 3.19
N HIS O 188 50.75 21.48 1.92
CA HIS O 188 49.39 21.56 1.40
C HIS O 188 48.50 20.50 2.03
N ALA O 189 48.93 19.24 2.00
CA ALA O 189 48.13 18.19 2.63
C ALA O 189 48.06 18.39 4.14
N LEU O 190 49.13 18.94 4.73
CA LEU O 190 49.03 19.36 6.12
C LEU O 190 47.97 20.42 6.31
N SER O 191 47.85 21.35 5.38
CA SER O 191 46.77 22.31 5.46
C SER O 191 45.41 21.63 5.32
N VAL O 192 45.34 20.54 4.55
CA VAL O 192 44.07 19.82 4.41
C VAL O 192 43.70 19.16 5.74
N SER O 193 44.64 18.42 6.35
CA SER O 193 44.42 17.89 7.69
C SER O 193 44.08 18.99 8.67
N VAL O 194 44.63 20.18 8.45
CA VAL O 194 44.38 21.34 9.29
C VAL O 194 43.17 22.13 8.79
N PHE O 195 42.77 21.94 7.53
CA PHE O 195 41.44 22.34 7.07
C PHE O 195 40.41 21.27 7.29
N ASN O 196 40.81 20.09 7.76
CA ASN O 196 39.94 18.92 7.78
C ASN O 196 38.76 19.17 8.69
N ASN O 197 37.58 19.36 8.09
CA ASN O 197 36.41 19.84 8.84
C ASN O 197 35.95 18.88 9.94
N LYS O 198 36.60 17.72 10.12
CA LYS O 198 36.62 17.06 11.41
C LYS O 198 36.96 18.08 12.50
N ASN O 199 36.37 17.90 13.68
CA ASN O 199 36.54 18.86 14.76
C ASN O 199 38.02 19.05 15.12
N SER O 200 38.81 17.98 15.07
CA SER O 200 40.25 18.10 15.26
C SER O 200 40.85 19.06 14.23
N GLY O 201 40.61 18.79 12.96
CA GLY O 201 41.14 19.65 11.92
C GLY O 201 40.30 20.89 11.66
N PHE O 202 39.06 20.92 12.17
CA PHE O 202 38.21 22.08 11.95
C PHE O 202 38.56 23.19 12.93
N TRP O 203 38.80 22.81 14.17
CA TRP O 203 39.44 23.66 15.16
C TRP O 203 40.62 24.43 14.56
N HIS O 204 41.61 23.68 14.11
CA HIS O 204 42.78 24.30 13.49
C HIS O 204 42.49 24.85 12.11
N SER O 205 41.33 24.55 11.51
CA SER O 205 40.91 25.22 10.27
C SER O 205 40.52 26.66 10.54
N SER O 206 39.69 26.85 11.55
CA SER O 206 39.30 28.20 11.92
C SER O 206 40.46 28.96 12.56
N LEU O 207 41.43 28.26 13.15
CA LEU O 207 42.67 28.93 13.56
C LEU O 207 43.51 29.33 12.36
N ILE O 208 43.63 28.44 11.38
CA ILE O 208 44.43 28.71 10.18
C ILE O 208 43.66 29.62 9.23
N ASP O 209 42.50 30.13 9.64
CA ASP O 209 41.87 31.23 8.93
C ASP O 209 42.85 32.37 8.59
N ARG O 210 43.91 32.55 9.38
CA ARG O 210 44.90 33.60 9.16
C ARG O 210 46.35 33.11 9.26
N ASN O 211 46.58 31.80 9.17
CA ASN O 211 47.84 31.16 9.62
C ASN O 211 48.37 31.85 10.87
N LEU O 212 47.57 31.89 11.92
CA LEU O 212 48.14 32.38 13.16
C LEU O 212 49.24 31.47 13.69
N ILE O 213 49.30 30.22 13.23
CA ILE O 213 50.43 29.34 13.50
C ILE O 213 51.68 29.92 12.90
N ASP O 214 52.80 29.70 13.58
CA ASP O 214 54.11 29.98 13.00
C ASP O 214 54.56 28.84 12.10
N TYR O 215 54.81 27.67 12.69
CA TYR O 215 55.52 26.58 12.01
C TYR O 215 54.78 25.28 12.28
N PHE O 216 54.32 24.62 11.22
CA PHE O 216 53.91 23.22 11.34
C PHE O 216 55.14 22.36 11.54
N VAL O 217 55.05 21.42 12.47
CA VAL O 217 56.18 20.58 12.85
C VAL O 217 55.67 19.19 13.17
N PRO O 218 55.71 18.24 12.24
CA PRO O 218 55.46 16.85 12.59
C PRO O 218 56.71 16.15 13.12
N PHE O 219 56.46 15.21 14.01
CA PHE O 219 57.44 14.20 14.42
C PHE O 219 57.21 12.94 13.61
N LEU O 220 58.08 11.94 13.83
CA LEU O 220 58.00 10.69 13.07
C LEU O 220 58.24 9.45 13.94
N PRO O 221 57.80 8.27 13.51
CA PRO O 221 58.01 7.05 14.30
C PRO O 221 59.47 6.84 14.62
N LEU O 222 59.78 6.77 15.92
CA LEU O 222 61.15 6.55 16.35
C LEU O 222 61.59 5.18 15.88
N GLU O 223 62.40 5.18 14.82
CA GLU O 223 62.81 3.96 14.17
C GLU O 223 63.54 3.04 15.15
N TYR O 224 63.55 1.75 14.86
CA TYR O 224 64.09 0.76 15.80
C TYR O 224 65.53 1.04 16.18
N LYS O 225 66.26 1.76 15.34
CA LYS O 225 67.52 2.33 15.79
C LYS O 225 67.27 3.19 17.02
N HIS O 226 66.23 4.04 17.01
CA HIS O 226 65.94 4.86 18.17
C HIS O 226 65.52 4.04 19.36
N LEU O 227 64.79 2.94 19.12
CA LEU O 227 64.54 1.99 20.20
C LEU O 227 65.86 1.62 20.84
N LYS O 228 66.76 1.02 20.06
CA LYS O 228 68.07 0.61 20.57
C LYS O 228 68.83 1.76 21.22
N MET O 229 68.62 2.99 20.77
CA MET O 229 69.25 4.13 21.43
C MET O 229 68.68 4.34 22.81
N CYS O 230 67.36 4.41 22.93
CA CYS O 230 66.72 4.57 24.23
C CYS O 230 66.60 3.26 24.99
N ILE O 231 67.28 2.21 24.54
CA ILE O 231 67.51 1.00 25.32
C ILE O 231 68.92 1.03 25.89
N ARG O 232 69.92 1.20 25.03
CA ARG O 232 71.30 1.28 25.47
C ARG O 232 71.49 2.48 26.40
N VAL O 233 71.12 3.67 25.93
CA VAL O 233 71.36 4.90 26.68
C VAL O 233 70.61 4.86 28.00
N GLU O 234 69.36 4.41 27.98
CA GLU O 234 68.56 4.44 29.20
C GLU O 234 69.05 3.38 30.19
N MET O 235 69.14 2.13 29.75
CA MET O 235 69.48 1.06 30.68
C MET O 235 70.92 1.18 31.18
N GLN O 236 71.83 1.68 30.35
CA GLN O 236 73.15 2.03 30.83
C GLN O 236 73.11 3.25 31.74
N SER O 237 72.12 4.14 31.56
CA SER O 237 71.96 5.27 32.45
C SER O 237 71.33 4.88 33.78
N ARG O 238 70.60 3.76 33.82
CA ARG O 238 69.87 3.33 35.00
C ARG O 238 70.61 2.28 35.82
N GLY O 239 71.86 1.95 35.49
CA GLY O 239 72.54 0.89 36.19
C GLY O 239 71.85 -0.44 36.06
N TYR O 240 71.22 -0.68 34.90
CA TYR O 240 70.30 -1.78 34.70
C TYR O 240 71.00 -3.10 34.39
N GLU O 241 72.26 -3.04 33.97
CA GLU O 241 73.02 -4.22 33.55
C GLU O 241 72.34 -4.91 32.37
N ILE O 242 72.18 -4.13 31.31
CA ILE O 242 71.72 -4.65 30.03
C ILE O 242 72.91 -5.26 29.28
N ASP O 243 72.62 -6.17 28.36
CA ASP O 243 73.63 -6.80 27.52
C ASP O 243 73.10 -6.94 26.10
N GLU O 244 73.75 -7.74 25.26
CA GLU O 244 73.40 -7.76 23.84
C GLU O 244 72.05 -8.42 23.62
N ASP O 245 71.82 -9.58 24.24
CA ASP O 245 70.62 -10.37 23.95
C ASP O 245 69.35 -9.56 24.18
N ILE O 246 69.34 -8.73 25.23
CA ILE O 246 68.22 -7.85 25.52
C ILE O 246 67.93 -6.96 24.33
N VAL O 247 68.96 -6.60 23.55
CA VAL O 247 68.82 -5.74 22.39
C VAL O 247 68.74 -6.54 21.09
N SER O 248 68.85 -7.86 21.15
CA SER O 248 68.25 -8.70 20.14
C SER O 248 66.73 -8.70 20.32
N ARG O 249 66.29 -8.68 21.57
CA ARG O 249 64.87 -8.81 21.87
C ARG O 249 64.08 -7.52 21.58
N VAL O 250 64.75 -6.41 21.25
CA VAL O 250 64.02 -5.21 20.85
C VAL O 250 63.18 -5.50 19.61
N ALA O 251 63.73 -6.27 18.68
CA ALA O 251 63.06 -6.62 17.44
C ALA O 251 62.58 -8.06 17.39
N GLU O 252 63.23 -8.97 18.12
CA GLU O 252 62.71 -10.33 18.17
C GLU O 252 61.36 -10.41 18.87
N GLU O 253 61.03 -9.44 19.71
CA GLU O 253 59.87 -9.46 20.58
C GLU O 253 59.14 -8.12 20.55
N MET O 254 58.89 -7.61 19.35
CA MET O 254 58.17 -6.35 19.20
C MET O 254 57.49 -6.33 17.84
N THR O 255 56.42 -5.54 17.75
CA THR O 255 55.70 -5.31 16.51
C THR O 255 56.08 -3.95 15.93
N PHE O 256 56.30 -3.93 14.63
CA PHE O 256 56.56 -2.72 13.87
C PHE O 256 55.50 -2.60 12.77
N PHE O 257 55.54 -1.48 12.05
CA PHE O 257 54.54 -1.14 11.05
C PHE O 257 55.21 -0.87 9.70
N PRO O 258 54.66 -1.35 8.57
CA PRO O 258 53.58 -2.33 8.42
C PRO O 258 54.10 -3.70 8.78
N LYS O 259 53.21 -4.70 8.85
CA LYS O 259 53.68 -6.08 8.97
C LYS O 259 54.59 -6.46 7.81
N GLU O 260 54.22 -6.09 6.60
CA GLU O 260 54.89 -6.62 5.42
C GLU O 260 56.33 -6.15 5.32
N GLU O 261 56.75 -5.21 6.17
CA GLU O 261 58.12 -4.76 6.24
C GLU O 261 58.65 -4.75 7.68
N ARG O 262 57.77 -4.55 8.67
CA ARG O 262 58.14 -4.49 10.08
C ARG O 262 59.22 -3.42 10.32
N VAL O 263 58.81 -2.16 10.14
CA VAL O 263 59.75 -1.05 10.13
C VAL O 263 59.37 -0.01 11.16
N PHE O 264 58.25 0.66 10.95
CA PHE O 264 57.87 1.77 11.81
C PHE O 264 57.36 1.25 13.13
N SER O 265 57.82 1.89 14.20
CA SER O 265 57.53 1.41 15.55
C SER O 265 56.06 1.61 15.86
N ASP O 266 55.68 1.25 17.09
CA ASP O 266 54.35 1.49 17.60
C ASP O 266 54.42 2.49 18.75
N LYS O 267 55.58 2.62 19.38
CA LYS O 267 55.74 3.54 20.50
C LYS O 267 57.04 4.31 20.50
N GLY O 268 58.05 3.87 19.76
CA GLY O 268 59.36 4.42 20.00
C GLY O 268 59.78 4.17 21.43
N CYS O 269 60.09 5.25 22.13
CA CYS O 269 60.77 5.19 23.43
C CYS O 269 59.80 5.45 24.57
N LYS O 270 58.53 5.11 24.38
CA LYS O 270 57.50 5.27 25.39
C LYS O 270 57.31 4.03 26.25
N THR O 271 56.92 2.92 25.62
CA THR O 271 56.80 1.64 26.28
C THR O 271 58.11 0.87 26.30
N VAL O 272 59.22 1.52 25.91
CA VAL O 272 60.46 0.78 25.71
C VAL O 272 60.95 0.20 27.03
N PHE O 273 61.00 1.01 28.09
CA PHE O 273 61.66 0.57 29.32
C PHE O 273 60.85 -0.46 30.10
N THR O 274 59.53 -0.49 29.90
CA THR O 274 58.72 -1.53 30.54
C THR O 274 59.01 -2.89 29.92
N LYS O 275 58.98 -2.94 28.58
CA LYS O 275 59.37 -4.16 27.88
C LYS O 275 60.81 -4.53 28.19
N LEU O 276 61.68 -3.55 28.40
CA LEU O 276 63.02 -3.86 28.85
C LEU O 276 63.02 -4.44 30.24
N ASP O 277 62.09 -4.03 31.11
CA ASP O 277 61.96 -4.72 32.39
C ASP O 277 61.51 -6.15 32.18
N TYR O 278 60.72 -6.42 31.13
CA TYR O 278 60.51 -7.82 30.80
C TYR O 278 61.81 -8.50 30.42
N TYR O 279 62.70 -7.78 29.73
CA TYR O 279 63.93 -8.42 29.31
C TYR O 279 64.91 -8.56 30.47
N TYR O 280 64.72 -7.81 31.56
CA TYR O 280 65.27 -8.23 32.84
C TYR O 280 64.64 -9.54 33.25
N ASP O 281 63.33 -9.65 33.07
CA ASP O 281 62.66 -10.91 33.32
C ASP O 281 63.01 -11.94 32.25
N ASP O 282 63.40 -11.48 31.06
CA ASP O 282 63.98 -12.30 30.00
C ASP O 282 63.17 -13.55 29.69
N GLY P 1 -0.63 30.70 -53.89
CA GLY P 1 -1.27 29.46 -54.41
C GLY P 1 -2.36 28.96 -53.49
N GLN P 2 -1.97 28.50 -52.30
CA GLN P 2 -2.96 28.01 -51.34
C GLN P 2 -3.90 29.13 -50.90
N LYS P 3 -3.44 30.38 -50.94
CA LYS P 3 -4.28 31.54 -50.71
C LYS P 3 -4.83 32.12 -52.00
N ARG P 4 -4.93 31.32 -53.06
CA ARG P 4 -5.45 31.75 -54.35
C ARG P 4 -6.55 30.80 -54.79
N SER P 5 -7.73 31.34 -55.02
CA SER P 5 -8.75 30.60 -55.75
C SER P 5 -8.39 30.61 -57.22
N LEU P 6 -8.31 29.42 -57.81
CA LEU P 6 -7.70 29.25 -59.12
C LEU P 6 -8.53 29.95 -60.18
N SER P 7 -7.95 30.98 -60.78
CA SER P 7 -8.57 31.61 -61.93
C SER P 7 -8.39 30.73 -63.17
N ARG P 8 -9.29 30.94 -64.13
CA ARG P 8 -9.31 30.12 -65.33
C ARG P 8 -8.02 30.27 -66.11
N GLU P 9 -7.50 31.50 -66.18
CA GLU P 9 -6.33 31.79 -66.98
C GLU P 9 -5.13 30.98 -66.52
N ALA P 10 -4.94 30.85 -65.21
CA ALA P 10 -3.77 30.14 -64.70
C ALA P 10 -3.77 28.69 -65.15
N LEU P 11 -4.95 28.07 -65.16
CA LEU P 11 -5.02 26.63 -65.42
C LEU P 11 -4.99 26.33 -66.91
N GLN P 12 -5.76 27.09 -67.71
CA GLN P 12 -5.65 26.91 -69.15
C GLN P 12 -4.24 27.25 -69.61
N LYS P 13 -3.62 28.23 -68.97
CA LYS P 13 -2.22 28.55 -69.25
C LYS P 13 -1.33 27.36 -68.96
N ASP P 14 -1.44 26.79 -67.76
CA ASP P 14 -0.55 25.70 -67.37
C ASP P 14 -0.72 24.50 -68.29
N LEU P 15 -1.96 24.08 -68.51
CA LEU P 15 -2.21 22.91 -69.33
C LEU P 15 -1.78 23.15 -70.78
N ASP P 16 -2.09 24.34 -71.30
CA ASP P 16 -1.67 24.66 -72.66
C ASP P 16 -0.15 24.76 -72.75
N ASP P 17 0.53 25.00 -71.63
CA ASP P 17 1.98 25.00 -71.65
C ASP P 17 2.53 23.59 -71.71
N ASN P 18 2.09 22.74 -70.78
CA ASN P 18 2.74 21.46 -70.56
C ASN P 18 1.95 20.27 -71.06
N LEU P 19 0.62 20.32 -71.03
CA LEU P 19 -0.18 19.19 -71.47
C LEU P 19 -0.24 19.16 -72.98
N PHE P 20 0.00 17.97 -73.53
CA PHE P 20 0.01 17.74 -74.97
C PHE P 20 -1.26 17.01 -75.39
N GLY P 21 -2.02 17.64 -76.29
CA GLY P 21 -3.30 17.11 -76.65
C GLY P 21 -4.28 17.17 -75.50
N GLN P 22 -5.17 16.19 -75.46
CA GLN P 22 -6.12 16.05 -74.37
C GLN P 22 -6.99 17.30 -74.23
N HIS P 23 -7.45 17.79 -75.38
CA HIS P 23 -8.37 18.92 -75.42
C HIS P 23 -9.57 18.68 -74.51
N LEU P 24 -10.06 17.43 -74.49
CA LEU P 24 -11.18 17.07 -73.64
C LEU P 24 -10.86 17.37 -72.19
N ALA P 25 -9.63 17.06 -71.78
CA ALA P 25 -9.31 17.17 -70.37
C ALA P 25 -9.15 18.62 -69.97
N LYS P 26 -8.66 19.44 -70.89
CA LYS P 26 -8.55 20.86 -70.62
C LYS P 26 -9.94 21.48 -70.47
N LYS P 27 -10.85 21.16 -71.40
CA LYS P 27 -12.22 21.69 -71.30
C LYS P 27 -12.86 21.26 -69.99
N ILE P 28 -12.92 19.94 -69.77
CA ILE P 28 -13.56 19.36 -68.58
C ILE P 28 -12.98 19.99 -67.34
N ILE P 29 -11.68 19.78 -67.12
CA ILE P 29 -11.05 20.16 -65.87
C ILE P 29 -11.24 21.63 -65.65
N LEU P 30 -10.84 22.43 -66.64
CA LEU P 30 -10.84 23.89 -66.50
C LEU P 30 -12.21 24.40 -66.06
N ASN P 31 -13.24 24.12 -66.86
CA ASN P 31 -14.54 24.67 -66.52
C ASN P 31 -15.11 24.02 -65.27
N ALA P 32 -14.86 22.73 -65.08
CA ALA P 32 -15.45 21.99 -63.98
C ALA P 32 -14.96 22.51 -62.64
N VAL P 33 -13.63 22.50 -62.43
CA VAL P 33 -13.13 23.02 -61.17
C VAL P 33 -13.38 24.51 -61.07
N PHE P 34 -13.21 25.25 -62.17
CA PHE P 34 -13.34 26.69 -62.11
C PHE P 34 -14.75 27.11 -61.70
N GLY P 35 -15.75 26.27 -61.99
CA GLY P 35 -17.06 26.48 -61.44
C GLY P 35 -17.15 25.96 -60.02
N PHE P 36 -16.48 24.84 -59.77
CA PHE P 36 -16.57 24.18 -58.47
C PHE P 36 -15.87 25.00 -57.39
N ILE P 37 -14.59 25.31 -57.62
CA ILE P 37 -13.79 25.96 -56.58
C ILE P 37 -14.33 27.34 -56.28
N ASN P 38 -14.82 28.04 -57.29
CA ASN P 38 -15.44 29.33 -57.09
C ASN P 38 -16.81 29.23 -56.45
N ASN P 39 -17.43 28.06 -56.45
CA ASN P 39 -18.72 27.90 -55.82
C ASN P 39 -18.56 27.80 -54.31
N PRO P 40 -19.11 28.72 -53.52
CA PRO P 40 -19.13 28.51 -52.06
C PRO P 40 -20.12 27.46 -51.59
N LYS P 41 -20.98 26.95 -52.47
CA LYS P 41 -21.98 25.96 -52.12
C LYS P 41 -22.00 24.89 -53.20
N PRO P 42 -21.02 23.98 -53.19
CA PRO P 42 -20.99 22.96 -54.24
C PRO P 42 -22.15 21.98 -54.15
N LYS P 43 -22.73 21.78 -52.97
CA LYS P 43 -23.77 20.82 -52.63
C LYS P 43 -23.23 19.39 -52.54
N LYS P 44 -22.00 19.14 -52.98
CA LYS P 44 -21.42 17.81 -52.98
C LYS P 44 -19.91 17.96 -53.08
N PRO P 45 -19.15 16.99 -52.64
CA PRO P 45 -17.73 16.99 -52.99
C PRO P 45 -17.55 16.65 -54.45
N LEU P 46 -16.32 16.73 -54.94
CA LEU P 46 -16.01 16.48 -56.34
C LEU P 46 -15.68 15.01 -56.49
N THR P 47 -16.50 14.32 -57.27
CA THR P 47 -16.39 12.88 -57.45
C THR P 47 -15.91 12.61 -58.87
N LEU P 48 -14.59 12.59 -59.03
CA LEU P 48 -13.99 12.44 -60.34
C LEU P 48 -13.62 10.99 -60.60
N SER P 49 -13.75 10.59 -61.86
CA SER P 49 -13.44 9.24 -62.31
C SER P 49 -12.42 9.34 -63.43
N LEU P 50 -11.45 8.43 -63.42
CA LEU P 50 -10.48 8.34 -64.49
C LEU P 50 -10.13 6.89 -64.77
N HIS P 51 -10.02 6.57 -66.04
CA HIS P 51 -9.56 5.28 -66.51
C HIS P 51 -9.05 5.48 -67.93
N GLY P 52 -8.54 4.40 -68.53
CA GLY P 52 -7.96 4.48 -69.86
C GLY P 52 -6.55 3.94 -69.94
N TRP P 53 -5.73 4.59 -70.75
CA TRP P 53 -4.36 4.16 -70.99
C TRP P 53 -3.37 5.03 -70.22
N THR P 54 -2.22 4.44 -69.85
CA THR P 54 -1.28 5.16 -69.02
C THR P 54 -0.44 6.13 -69.81
N GLY P 55 0.42 6.83 -69.07
CA GLY P 55 1.39 7.71 -69.67
C GLY P 55 0.79 8.87 -70.42
N THR P 56 -0.53 9.07 -70.29
CA THR P 56 -1.27 10.15 -70.87
C THR P 56 -1.39 11.30 -69.90
N GLY P 57 -1.12 11.04 -68.63
CA GLY P 57 -0.88 12.06 -67.66
C GLY P 57 -1.81 12.10 -66.48
N LYS P 58 -2.35 10.97 -66.05
CA LYS P 58 -3.28 10.99 -64.92
C LYS P 58 -2.60 11.50 -63.66
N ASN P 59 -1.59 10.78 -63.19
CA ASN P 59 -0.86 11.23 -62.02
C ASN P 59 -0.12 12.53 -62.32
N PHE P 60 0.26 12.73 -63.58
CA PHE P 60 0.77 14.02 -64.06
C PHE P 60 -0.23 15.13 -63.78
N VAL P 61 -1.45 15.06 -64.33
CA VAL P 61 -2.36 16.19 -64.20
C VAL P 61 -2.79 16.38 -62.75
N SER P 62 -3.02 15.28 -62.04
CA SER P 62 -3.38 15.38 -60.63
C SER P 62 -2.27 16.10 -59.86
N LYS P 63 -1.03 15.76 -60.17
CA LYS P 63 0.09 16.48 -59.58
C LYS P 63 0.04 17.96 -59.92
N ILE P 64 -0.25 18.30 -61.18
CA ILE P 64 -0.20 19.68 -61.60
C ILE P 64 -1.21 20.50 -60.82
N ILE P 65 -2.47 20.05 -60.83
CA ILE P 65 -3.49 20.83 -60.15
C ILE P 65 -3.25 20.84 -58.65
N ALA P 66 -2.68 19.76 -58.13
CA ALA P 66 -2.29 19.74 -56.72
C ALA P 66 -1.28 20.84 -56.44
N GLU P 67 -0.38 21.12 -57.38
CA GLU P 67 0.60 22.17 -57.19
C GLU P 67 -0.03 23.55 -57.31
N ASN P 68 -0.94 23.71 -58.28
CA ASN P 68 -1.58 25.01 -58.46
C ASN P 68 -2.43 25.37 -57.25
N ILE P 69 -3.14 24.39 -56.69
CA ILE P 69 -3.96 24.66 -55.52
C ILE P 69 -3.08 25.03 -54.33
N TYR P 70 -2.23 24.09 -53.91
CA TYR P 70 -1.32 24.29 -52.78
C TYR P 70 0.12 24.20 -53.26
N GLU P 71 0.97 25.01 -52.65
CA GLU P 71 2.39 24.94 -52.90
C GLU P 71 2.96 23.57 -52.55
N GLY P 72 2.34 22.89 -51.57
CA GLY P 72 2.78 21.56 -51.22
C GLY P 72 2.69 20.56 -52.35
N GLY P 73 1.82 20.80 -53.33
CA GLY P 73 1.58 19.80 -54.33
C GLY P 73 1.06 18.55 -53.66
N LEU P 74 1.93 17.55 -53.57
CA LEU P 74 1.66 16.36 -52.76
C LEU P 74 2.28 16.44 -51.37
N ASN P 75 3.18 17.39 -51.12
CA ASN P 75 3.78 17.54 -49.80
C ASN P 75 2.83 18.10 -48.77
N SER P 76 1.68 18.64 -49.19
CA SER P 76 0.80 19.31 -48.24
C SER P 76 0.25 18.35 -47.21
N ASP P 77 0.22 18.80 -45.96
CA ASP P 77 -0.44 18.05 -44.91
C ASP P 77 -1.93 17.90 -45.19
N TYR P 78 -2.52 18.88 -45.87
CA TYR P 78 -3.89 18.75 -46.33
C TYR P 78 -4.02 17.60 -47.32
N VAL P 79 -3.10 17.53 -48.27
CA VAL P 79 -3.17 16.58 -49.37
C VAL P 79 -2.53 15.29 -48.84
N HIS P 80 -3.39 14.35 -48.45
CA HIS P 80 -2.96 13.10 -47.86
C HIS P 80 -3.42 11.93 -48.72
N LEU P 81 -2.49 11.05 -49.05
CA LEU P 81 -2.66 10.09 -50.14
C LEU P 81 -2.79 8.66 -49.63
N PHE P 82 -3.60 7.89 -50.33
CA PHE P 82 -3.79 6.47 -50.08
C PHE P 82 -3.55 5.69 -51.36
N VAL P 83 -3.21 4.42 -51.20
CA VAL P 83 -2.95 3.51 -52.30
C VAL P 83 -3.58 2.17 -51.95
N ALA P 84 -3.98 1.42 -52.98
CA ALA P 84 -4.53 0.10 -52.76
C ALA P 84 -3.51 -0.80 -52.09
N THR P 85 -2.41 -1.09 -52.76
CA THR P 85 -1.55 -2.18 -52.35
C THR P 85 -0.73 -1.82 -51.11
N LEU P 86 -0.14 -0.62 -51.11
CA LEU P 86 0.72 -0.21 -50.00
C LEU P 86 0.01 -0.20 -48.68
N HIS P 87 -1.24 0.16 -48.66
CA HIS P 87 -2.04 0.22 -47.45
C HIS P 87 -3.02 -0.93 -47.34
N PHE P 88 -3.69 -1.28 -48.44
CA PHE P 88 -4.86 -2.16 -48.41
C PHE P 88 -4.63 -3.39 -49.28
N PRO P 89 -3.63 -4.21 -48.95
CA PRO P 89 -3.34 -5.39 -49.76
C PRO P 89 -4.43 -6.47 -49.73
N HIS P 90 -4.81 -6.89 -48.54
CA HIS P 90 -5.52 -8.15 -48.35
C HIS P 90 -6.99 -7.96 -48.07
N ALA P 91 -7.76 -9.00 -48.39
CA ALA P 91 -9.15 -9.11 -47.98
C ALA P 91 -9.30 -9.64 -46.56
N SER P 92 -8.21 -9.77 -45.81
CA SER P 92 -8.30 -10.22 -44.43
C SER P 92 -8.67 -9.07 -43.50
N ASN P 93 -7.92 -7.97 -43.60
CA ASN P 93 -8.05 -6.84 -42.69
C ASN P 93 -8.96 -5.76 -43.24
N ILE P 94 -10.03 -6.15 -43.95
CA ILE P 94 -10.90 -5.19 -44.60
C ILE P 94 -11.48 -4.22 -43.58
N THR P 95 -11.86 -4.74 -42.42
CA THR P 95 -12.55 -3.93 -41.43
C THR P 95 -11.62 -2.88 -40.85
N LEU P 96 -10.42 -3.30 -40.46
CA LEU P 96 -9.41 -2.36 -40.00
C LEU P 96 -9.14 -1.31 -41.05
N TYR P 97 -9.10 -1.73 -42.31
CA TYR P 97 -8.87 -0.80 -43.39
C TYR P 97 -10.00 0.20 -43.50
N LYS P 98 -11.23 -0.23 -43.20
CA LYS P 98 -12.37 0.69 -43.25
C LYS P 98 -12.33 1.67 -42.10
N ASP P 99 -12.04 1.19 -40.90
CA ASP P 99 -12.03 2.07 -39.73
C ASP P 99 -10.90 3.07 -39.82
N GLN P 100 -9.68 2.59 -40.10
CA GLN P 100 -8.54 3.48 -40.33
C GLN P 100 -8.86 4.46 -41.44
N LEU P 101 -9.56 4.01 -42.47
CA LEU P 101 -9.94 4.89 -43.55
C LEU P 101 -10.80 6.03 -43.04
N GLN P 102 -11.91 5.70 -42.39
CA GLN P 102 -12.83 6.72 -41.89
C GLN P 102 -12.13 7.70 -40.97
N LEU P 103 -11.25 7.21 -40.10
CA LEU P 103 -10.62 8.08 -39.12
C LEU P 103 -9.59 9.00 -39.77
N TRP P 104 -8.76 8.46 -40.66
CA TRP P 104 -7.79 9.30 -41.36
C TRP P 104 -8.50 10.35 -42.19
N ILE P 105 -9.63 9.98 -42.79
CA ILE P 105 -10.48 10.96 -43.47
C ILE P 105 -10.84 12.08 -42.51
N ARG P 106 -11.56 11.73 -41.44
CA ARG P 106 -12.06 12.73 -40.49
C ARG P 106 -10.95 13.62 -39.97
N GLY P 107 -9.75 13.08 -39.79
CA GLY P 107 -8.62 13.88 -39.39
C GLY P 107 -8.32 14.96 -40.40
N ASN P 108 -8.00 14.55 -41.63
CA ASN P 108 -7.55 15.52 -42.61
C ASN P 108 -8.65 16.52 -42.94
N VAL P 109 -9.87 16.05 -43.12
CA VAL P 109 -10.95 16.97 -43.48
C VAL P 109 -11.28 17.89 -42.33
N SER P 110 -11.19 17.38 -41.10
CA SER P 110 -11.41 18.25 -39.96
C SER P 110 -10.30 19.28 -39.81
N ALA P 111 -9.14 19.03 -40.43
CA ALA P 111 -8.18 20.12 -40.59
C ALA P 111 -8.73 21.19 -41.54
N CYS P 112 -9.33 20.77 -42.65
CA CYS P 112 -9.94 21.69 -43.60
C CYS P 112 -10.73 20.91 -44.62
N ALA P 113 -11.84 21.47 -45.07
CA ALA P 113 -12.67 20.82 -46.07
C ALA P 113 -12.06 20.93 -47.46
N ARG P 114 -11.07 21.79 -47.65
CA ARG P 114 -10.38 21.90 -48.93
C ARG P 114 -9.23 20.91 -49.07
N SER P 115 -9.08 19.98 -48.13
CA SER P 115 -8.12 18.91 -48.30
C SER P 115 -8.53 18.03 -49.48
N ILE P 116 -7.56 17.28 -49.98
CA ILE P 116 -7.73 16.46 -51.18
C ILE P 116 -7.28 15.04 -50.88
N PHE P 117 -8.06 14.07 -51.37
CA PHE P 117 -7.70 12.66 -51.34
C PHE P 117 -7.70 12.11 -52.75
N ILE P 118 -6.77 11.21 -53.02
CA ILE P 118 -6.68 10.49 -54.28
C ILE P 118 -6.41 9.03 -53.95
N PHE P 119 -6.95 8.15 -54.79
CA PHE P 119 -6.65 6.74 -54.77
C PHE P 119 -5.98 6.34 -56.09
N ASP P 120 -5.43 5.13 -56.09
CA ASP P 120 -4.71 4.64 -57.25
C ASP P 120 -4.67 3.12 -57.20
N GLU P 121 -4.47 2.51 -58.38
CA GLU P 121 -4.38 1.06 -58.51
C GLU P 121 -5.66 0.41 -58.00
N MET P 122 -6.78 0.89 -58.51
CA MET P 122 -8.09 0.50 -58.04
C MET P 122 -8.60 -0.78 -58.66
N ASP P 123 -7.74 -1.53 -59.33
CA ASP P 123 -8.10 -2.86 -59.81
C ASP P 123 -7.93 -3.93 -58.72
N LYS P 124 -7.57 -3.53 -57.49
CA LYS P 124 -7.19 -4.45 -56.43
C LYS P 124 -7.88 -4.10 -55.12
N MET P 125 -9.19 -3.91 -55.17
CA MET P 125 -9.96 -3.43 -54.04
C MET P 125 -11.14 -4.35 -53.74
N HIS P 126 -11.93 -4.05 -52.69
CA HIS P 126 -12.92 -4.98 -52.16
C HIS P 126 -14.11 -4.19 -51.61
N ALA P 127 -15.29 -4.45 -52.17
CA ALA P 127 -16.43 -3.51 -52.13
C ALA P 127 -16.82 -3.10 -50.70
N GLY P 128 -16.41 -3.85 -49.68
CA GLY P 128 -16.54 -3.33 -48.33
C GLY P 128 -15.88 -1.97 -48.19
N LEU P 129 -14.80 -1.75 -48.93
CA LEU P 129 -14.01 -0.54 -48.85
C LEU P 129 -14.61 0.62 -49.63
N ILE P 130 -15.70 0.42 -50.38
CA ILE P 130 -16.61 1.51 -50.73
C ILE P 130 -17.76 1.61 -49.74
N ASP P 131 -18.14 0.51 -49.09
CA ASP P 131 -19.30 0.56 -48.22
C ASP P 131 -19.11 1.47 -47.00
N ALA P 132 -17.91 2.01 -46.78
CA ALA P 132 -17.62 2.92 -45.69
C ALA P 132 -17.57 4.38 -46.11
N ILE P 133 -17.81 4.68 -47.39
CA ILE P 133 -17.60 6.04 -47.91
C ILE P 133 -18.80 6.60 -48.66
N LYS P 134 -19.70 5.77 -49.17
CA LYS P 134 -20.90 6.27 -49.82
C LYS P 134 -21.67 7.29 -49.01
N PRO P 135 -21.83 7.14 -47.69
CA PRO P 135 -22.44 8.22 -46.91
C PRO P 135 -21.67 9.52 -46.98
N PHE P 136 -20.34 9.47 -47.05
CA PHE P 136 -19.58 10.69 -47.21
C PHE P 136 -19.88 11.39 -48.52
N LEU P 137 -20.41 10.67 -49.50
CA LEU P 137 -20.79 11.24 -50.78
C LEU P 137 -22.30 11.43 -50.92
N ASP P 138 -23.03 11.39 -49.82
CA ASP P 138 -24.32 12.07 -49.84
C ASP P 138 -24.07 13.56 -49.98
N TYR P 139 -24.96 14.20 -50.71
CA TYR P 139 -25.00 15.66 -50.83
C TYR P 139 -25.43 16.36 -49.54
N TYR P 140 -25.65 15.61 -48.45
CA TYR P 140 -25.86 16.16 -47.12
C TYR P 140 -24.97 17.35 -46.84
N ASP P 141 -25.54 18.39 -46.23
CA ASP P 141 -24.71 19.51 -45.81
C ASP P 141 -23.71 19.10 -44.74
N LEU P 142 -23.94 17.99 -44.04
CA LEU P 142 -22.99 17.56 -43.04
C LEU P 142 -23.14 16.07 -42.76
N VAL P 143 -22.18 15.57 -42.01
CA VAL P 143 -22.23 14.26 -41.36
C VAL P 143 -21.47 14.39 -40.05
N ASP P 144 -22.06 13.89 -38.97
CA ASP P 144 -21.44 13.91 -37.65
C ASP P 144 -21.08 15.34 -37.24
N GLY P 145 -21.89 16.30 -37.65
CA GLY P 145 -21.60 17.69 -37.41
C GLY P 145 -20.43 18.23 -38.21
N VAL P 146 -20.16 17.66 -39.39
CA VAL P 146 -19.08 18.11 -40.25
C VAL P 146 -19.53 18.04 -41.70
N SER P 147 -19.15 19.03 -42.49
CA SER P 147 -19.42 19.06 -43.92
C SER P 147 -18.20 18.58 -44.69
N TYR P 148 -18.47 17.85 -45.77
CA TYR P 148 -17.44 17.29 -46.63
C TYR P 148 -17.55 17.76 -48.08
N GLN P 149 -18.54 18.58 -48.40
CA GLN P 149 -18.85 18.87 -49.79
C GLN P 149 -17.86 19.81 -50.45
N LYS P 150 -16.92 20.38 -49.71
CA LYS P 150 -15.88 21.19 -50.34
C LYS P 150 -14.71 20.33 -50.81
N ALA P 151 -14.44 19.24 -50.12
CA ALA P 151 -13.33 18.38 -50.49
C ALA P 151 -13.61 17.73 -51.85
N MET P 152 -12.61 17.01 -52.34
CA MET P 152 -12.60 16.53 -53.71
C MET P 152 -11.97 15.15 -53.75
N PHE P 153 -12.73 14.16 -54.19
CA PHE P 153 -12.29 12.78 -54.23
C PHE P 153 -12.10 12.36 -55.68
N ILE P 154 -10.94 11.76 -55.95
CA ILE P 154 -10.47 11.49 -57.30
C ILE P 154 -9.98 10.05 -57.34
N PHE P 155 -10.34 9.34 -58.40
CA PHE P 155 -9.97 7.94 -58.57
C PHE P 155 -9.17 7.75 -59.85
N LEU P 156 -8.57 6.57 -59.95
CA LEU P 156 -7.73 6.21 -61.07
C LEU P 156 -7.89 4.74 -61.38
N SER P 157 -7.69 4.40 -62.65
CA SER P 157 -7.76 3.03 -63.11
C SER P 157 -7.22 2.98 -64.53
N ASN P 158 -7.35 1.82 -65.16
CA ASN P 158 -7.11 1.68 -66.59
C ASN P 158 -8.15 0.81 -67.28
N ALA P 159 -9.13 0.27 -66.56
CA ALA P 159 -10.15 -0.57 -67.17
C ALA P 159 -11.01 0.26 -68.13
N GLY P 160 -11.74 -0.44 -68.98
CA GLY P 160 -12.49 0.22 -70.02
C GLY P 160 -11.64 0.81 -71.12
N ALA P 161 -10.33 0.54 -71.12
CA ALA P 161 -9.46 1.07 -72.16
C ALA P 161 -9.86 0.56 -73.53
N GLU P 162 -10.40 -0.66 -73.61
CA GLU P 162 -10.68 -1.26 -74.90
C GLU P 162 -11.68 -0.44 -75.69
N ARG P 163 -12.63 0.20 -74.99
CA ARG P 163 -13.62 1.02 -75.66
C ARG P 163 -12.99 2.29 -76.24
N ILE P 164 -12.15 2.97 -75.45
CA ILE P 164 -11.56 4.18 -75.98
C ILE P 164 -10.60 3.84 -77.13
N THR P 165 -10.00 2.65 -77.10
CA THR P 165 -9.18 2.22 -78.22
C THR P 165 -10.01 2.00 -79.48
N ASP P 166 -10.95 1.06 -79.42
CA ASP P 166 -11.64 0.69 -80.66
C ASP P 166 -12.47 1.86 -81.19
N VAL P 167 -12.91 2.76 -80.31
CA VAL P 167 -13.53 3.99 -80.77
C VAL P 167 -12.49 4.90 -81.43
N ALA P 168 -11.29 4.97 -80.85
CA ALA P 168 -10.26 5.84 -81.40
C ALA P 168 -9.92 5.43 -82.83
N LEU P 169 -9.75 4.13 -83.06
CA LEU P 169 -9.57 3.67 -84.44
C LEU P 169 -10.87 3.77 -85.23
N ASP P 170 -12.02 3.80 -84.59
CA ASP P 170 -13.26 3.95 -85.35
C ASP P 170 -13.27 5.29 -86.06
N PHE P 171 -13.28 6.37 -85.28
CA PHE P 171 -13.30 7.68 -85.90
C PHE P 171 -12.02 7.97 -86.66
N TRP P 172 -10.88 7.47 -86.18
CA TRP P 172 -9.65 7.72 -86.91
C TRP P 172 -9.65 6.99 -88.25
N ARG P 173 -10.22 5.80 -88.28
CA ARG P 173 -10.47 5.09 -89.52
C ARG P 173 -11.43 5.85 -90.42
N SER P 174 -12.29 6.69 -89.84
CA SER P 174 -13.16 7.56 -90.62
C SER P 174 -12.47 8.77 -91.28
N GLY P 175 -11.14 8.83 -91.29
CA GLY P 175 -10.45 9.99 -91.84
C GLY P 175 -10.64 11.20 -90.95
N LYS P 176 -10.05 11.15 -89.76
CA LYS P 176 -10.43 12.05 -88.68
C LYS P 176 -9.47 12.00 -87.49
N GLN P 177 -9.37 13.10 -86.75
CA GLN P 177 -8.56 13.17 -85.54
C GLN P 177 -9.46 13.30 -84.32
N ARG P 178 -8.95 12.87 -83.17
CA ARG P 178 -9.80 12.88 -81.97
C ARG P 178 -10.12 14.29 -81.49
N GLU P 179 -9.43 15.32 -81.99
CA GLU P 179 -9.95 16.68 -81.88
C GLU P 179 -11.37 16.75 -82.40
N ASP P 180 -11.62 16.09 -83.53
CA ASP P 180 -12.96 16.06 -84.11
C ASP P 180 -13.86 15.05 -83.42
N ILE P 181 -13.29 14.04 -82.76
CA ILE P 181 -14.09 13.28 -81.82
C ILE P 181 -14.54 14.25 -80.74
N LYS P 182 -15.79 14.10 -80.32
CA LYS P 182 -16.36 14.97 -79.31
C LYS P 182 -16.18 14.36 -77.94
N LEU P 183 -16.46 15.18 -76.93
CA LEU P 183 -16.40 14.67 -75.57
C LEU P 183 -17.40 13.54 -75.38
N LYS P 184 -18.63 13.76 -75.82
CA LYS P 184 -19.62 12.70 -75.79
C LYS P 184 -19.10 11.52 -76.59
N ASP P 185 -19.03 10.38 -75.93
CA ASP P 185 -18.77 9.11 -76.58
C ASP P 185 -19.60 8.10 -75.79
N ILE P 186 -19.40 6.81 -76.02
CA ILE P 186 -20.45 5.89 -75.61
C ILE P 186 -20.35 5.67 -74.10
N GLU P 187 -21.01 6.56 -73.34
CA GLU P 187 -20.98 6.44 -71.89
C GLU P 187 -21.82 5.26 -71.41
N HIS P 188 -22.62 4.67 -72.30
CA HIS P 188 -23.29 3.42 -71.97
C HIS P 188 -22.27 2.30 -71.81
N ALA P 189 -21.39 2.11 -72.79
CA ALA P 189 -20.38 1.07 -72.66
C ALA P 189 -19.41 1.39 -71.52
N LEU P 190 -19.16 2.68 -71.28
CA LEU P 190 -18.43 3.05 -70.08
C LEU P 190 -19.17 2.61 -68.83
N SER P 191 -20.49 2.74 -68.81
CA SER P 191 -21.24 2.24 -67.68
C SER P 191 -21.13 0.72 -67.57
N VAL P 192 -20.98 0.03 -68.71
CA VAL P 192 -20.82 -1.42 -68.68
C VAL P 192 -19.48 -1.79 -68.05
N SER P 193 -18.40 -1.18 -68.52
CA SER P 193 -17.09 -1.35 -67.88
C SER P 193 -17.15 -0.97 -66.41
N VAL P 194 -18.00 0.00 -66.07
CA VAL P 194 -18.20 0.45 -64.71
C VAL P 194 -19.29 -0.36 -64.01
N PHE P 195 -20.15 -1.04 -64.76
CA PHE P 195 -20.98 -2.12 -64.22
C PHE P 195 -20.29 -3.46 -64.27
N ASN P 196 -19.09 -3.52 -64.86
CA ASN P 196 -18.46 -4.80 -65.18
C ASN P 196 -18.16 -5.56 -63.90
N ASN P 197 -18.92 -6.61 -63.63
CA ASN P 197 -18.88 -7.29 -62.34
C ASN P 197 -17.52 -7.90 -62.00
N LYS P 198 -16.52 -7.80 -62.87
CA LYS P 198 -15.14 -7.82 -62.44
C LYS P 198 -14.96 -6.88 -61.27
N ASN P 199 -14.06 -7.24 -60.35
CA ASN P 199 -13.87 -6.45 -59.13
C ASN P 199 -13.49 -5.01 -59.45
N SER P 200 -12.68 -4.80 -60.48
CA SER P 200 -12.39 -3.44 -60.94
C SER P 200 -13.65 -2.70 -61.29
N GLY P 201 -14.47 -3.28 -62.18
CA GLY P 201 -15.71 -2.63 -62.58
C GLY P 201 -16.84 -2.87 -61.60
N PHE P 202 -16.70 -3.84 -60.70
CA PHE P 202 -17.77 -4.12 -59.75
C PHE P 202 -17.73 -3.14 -58.59
N TRP P 203 -16.51 -2.84 -58.12
CA TRP P 203 -16.24 -1.72 -57.24
C TRP P 203 -16.98 -0.47 -57.69
N HIS P 204 -16.66 -0.01 -58.91
CA HIS P 204 -17.32 1.16 -59.44
C HIS P 204 -18.76 0.89 -59.87
N SER P 205 -19.20 -0.39 -59.93
CA SER P 205 -20.61 -0.70 -60.14
C SER P 205 -21.43 -0.35 -58.91
N SER P 206 -20.95 -0.80 -57.76
CA SER P 206 -21.63 -0.48 -56.52
C SER P 206 -21.47 1.00 -56.17
N LEU P 207 -20.40 1.66 -56.64
CA LEU P 207 -20.35 3.12 -56.51
C LEU P 207 -21.34 3.80 -57.44
N ILE P 208 -21.47 3.32 -58.67
CA ILE P 208 -22.38 3.91 -59.65
C ILE P 208 -23.81 3.46 -59.37
N ASP P 209 -24.04 2.75 -58.27
CA ASP P 209 -25.39 2.55 -57.77
C ASP P 209 -26.22 3.83 -57.74
N ARG P 210 -25.58 5.00 -57.59
CA ARG P 210 -26.27 6.28 -57.53
C ARG P 210 -25.63 7.35 -58.43
N ASN P 211 -24.79 6.97 -59.39
CA ASN P 211 -23.83 7.88 -60.05
C ASN P 211 -23.27 8.90 -59.06
N LEU P 212 -22.66 8.40 -57.99
CA LEU P 212 -21.98 9.36 -57.13
C LEU P 212 -20.81 10.02 -57.84
N ILE P 213 -20.32 9.44 -58.94
CA ILE P 213 -19.34 10.08 -59.80
C ILE P 213 -19.95 11.34 -60.40
N ASP P 214 -19.12 12.35 -60.61
CA ASP P 214 -19.50 13.51 -61.40
C ASP P 214 -19.34 13.22 -62.88
N TYR P 215 -18.09 13.04 -63.32
CA TYR P 215 -17.75 13.05 -64.75
C TYR P 215 -16.83 11.88 -65.05
N PHE P 216 -17.25 10.97 -65.92
CA PHE P 216 -16.31 10.03 -66.52
C PHE P 216 -15.38 10.77 -67.46
N VAL P 217 -14.10 10.45 -67.40
CA VAL P 217 -13.08 11.14 -68.17
C VAL P 217 -12.01 10.14 -68.58
N PRO P 218 -12.07 9.59 -69.78
CA PRO P 218 -10.93 8.83 -70.29
C PRO P 218 -9.88 9.71 -70.93
N PHE P 219 -8.65 9.25 -70.82
CA PHE P 219 -7.53 9.75 -71.61
C PHE P 219 -7.32 8.84 -72.81
N LEU P 220 -6.36 9.19 -73.66
CA LEU P 220 -6.10 8.43 -74.89
C LEU P 220 -4.62 8.27 -75.18
N PRO P 221 -4.23 7.26 -75.99
CA PRO P 221 -2.80 7.07 -76.30
C PRO P 221 -2.19 8.32 -76.89
N LEU P 222 -1.14 8.81 -76.23
CA LEU P 222 -0.45 10.00 -76.69
C LEU P 222 0.18 9.69 -78.04
N GLU P 223 -0.44 10.19 -79.09
CA GLU P 223 -0.07 9.89 -80.45
C GLU P 223 1.38 10.32 -80.69
N TYR P 224 2.03 9.69 -81.69
CA TYR P 224 3.45 9.91 -81.92
C TYR P 224 3.79 11.37 -82.13
N LYS P 225 2.83 12.16 -82.58
CA LYS P 225 3.00 13.61 -82.49
C LYS P 225 3.30 14.01 -81.06
N HIS P 226 2.56 13.47 -80.09
CA HIS P 226 2.81 13.80 -78.69
C HIS P 226 4.16 13.29 -78.24
N LEU P 227 4.58 12.13 -78.73
CA LEU P 227 5.96 11.71 -78.50
C LEU P 227 6.90 12.81 -78.91
N LYS P 228 6.87 13.19 -80.18
CA LYS P 228 7.73 14.26 -80.69
C LYS P 228 7.58 15.56 -79.91
N MET P 229 6.40 15.83 -79.35
CA MET P 229 6.24 17.01 -78.52
C MET P 229 7.02 16.87 -77.23
N CYS P 230 6.85 15.75 -76.51
CA CYS P 230 7.59 15.52 -75.28
C CYS P 230 8.99 14.98 -75.52
N ILE P 231 9.46 15.04 -76.76
CA ILE P 231 10.86 14.86 -77.10
C ILE P 231 11.51 16.22 -77.35
N ARG P 232 10.93 16.99 -78.26
CA ARG P 232 11.44 18.33 -78.54
C ARG P 232 11.36 19.21 -77.29
N VAL P 233 10.17 19.31 -76.70
CA VAL P 233 9.96 20.20 -75.58
C VAL P 233 10.82 19.79 -74.39
N GLU P 234 10.88 18.49 -74.11
CA GLU P 234 11.63 18.03 -72.96
C GLU P 234 13.13 18.18 -73.17
N MET P 235 13.66 17.64 -74.27
CA MET P 235 15.09 17.65 -74.47
C MET P 235 15.63 19.05 -74.72
N GLN P 236 14.84 19.90 -75.37
CA GLN P 236 15.19 21.32 -75.42
C GLN P 236 15.04 22.00 -74.07
N SER P 237 14.16 21.48 -73.20
CA SER P 237 14.04 22.01 -71.85
C SER P 237 15.17 21.54 -70.95
N ARG P 238 15.81 20.42 -71.29
CA ARG P 238 16.84 19.82 -70.44
C ARG P 238 18.26 20.16 -70.89
N GLY P 239 18.44 21.05 -71.86
CA GLY P 239 19.78 21.31 -72.37
C GLY P 239 20.43 20.09 -72.95
N TYR P 240 19.63 19.21 -73.56
CA TYR P 240 20.06 17.88 -73.95
C TYR P 240 20.81 17.86 -75.27
N GLU P 241 20.69 18.90 -76.09
CA GLU P 241 21.28 18.96 -77.42
C GLU P 241 20.74 17.84 -78.30
N ILE P 242 19.43 17.84 -78.45
CA ILE P 242 18.75 16.96 -79.39
C ILE P 242 18.80 17.59 -80.77
N ASP P 243 18.67 16.75 -81.81
CA ASP P 243 18.65 17.21 -83.19
C ASP P 243 17.61 16.40 -83.96
N GLU P 244 17.63 16.47 -85.29
CA GLU P 244 16.55 15.87 -86.07
C GLU P 244 16.58 14.35 -86.02
N ASP P 245 17.76 13.76 -86.21
CA ASP P 245 17.87 12.31 -86.34
C ASP P 245 17.30 11.60 -85.13
N ILE P 246 17.52 12.15 -83.94
CA ILE P 246 16.96 11.62 -82.71
C ILE P 246 15.44 11.53 -82.80
N VAL P 247 14.82 12.43 -83.56
CA VAL P 247 13.37 12.47 -83.73
C VAL P 247 12.93 11.79 -85.02
N SER P 248 13.87 11.33 -85.84
CA SER P 248 13.57 10.22 -86.74
C SER P 248 13.45 8.93 -85.94
N ARG P 249 14.29 8.79 -84.90
CA ARG P 249 14.33 7.55 -84.15
C ARG P 249 13.15 7.37 -83.21
N VAL P 250 12.29 8.38 -83.05
CA VAL P 250 11.09 8.19 -82.24
C VAL P 250 10.22 7.10 -82.85
N ALA P 251 10.14 7.05 -84.17
CA ALA P 251 9.34 6.08 -84.89
C ALA P 251 10.18 5.01 -85.59
N GLU P 252 11.42 5.32 -85.96
CA GLU P 252 12.25 4.27 -86.53
C GLU P 252 12.59 3.18 -85.51
N GLU P 253 12.52 3.49 -84.22
CA GLU P 253 12.98 2.63 -83.15
C GLU P 253 11.95 2.57 -82.02
N MET P 254 10.68 2.35 -82.37
CA MET P 254 9.62 2.25 -81.37
C MET P 254 8.49 1.39 -81.94
N THR P 255 7.73 0.79 -81.03
CA THR P 255 6.55 0.02 -81.39
C THR P 255 5.30 0.84 -81.10
N PHE P 256 4.37 0.80 -82.04
CA PHE P 256 3.05 1.41 -81.90
C PHE P 256 1.99 0.32 -82.07
N PHE P 257 0.73 0.71 -81.88
CA PHE P 257 -0.41 -0.21 -81.87
C PHE P 257 -1.45 0.24 -82.88
N PRO P 258 -2.05 -0.68 -83.66
CA PRO P 258 -1.70 -2.09 -83.88
C PRO P 258 -0.45 -2.16 -84.72
N LYS P 259 0.11 -3.36 -84.88
CA LYS P 259 1.17 -3.53 -85.85
C LYS P 259 0.74 -3.14 -87.24
N GLU P 260 -0.46 -3.53 -87.65
CA GLU P 260 -0.86 -3.41 -89.04
C GLU P 260 -1.00 -1.95 -89.46
N GLU P 261 -0.93 -1.02 -88.52
CA GLU P 261 -0.94 0.42 -88.82
C GLU P 261 0.20 1.15 -88.12
N ARG P 262 0.64 0.66 -86.96
CA ARG P 262 1.70 1.28 -86.17
C ARG P 262 1.36 2.74 -85.85
N VAL P 263 0.32 2.90 -85.01
CA VAL P 263 -0.25 4.22 -84.76
C VAL P 263 -0.24 4.55 -83.28
N PHE P 264 -1.02 3.82 -82.50
CA PHE P 264 -1.19 4.14 -81.10
C PHE P 264 0.04 3.72 -80.32
N SER P 265 0.48 4.60 -79.44
CA SER P 265 1.73 4.40 -78.73
C SER P 265 1.58 3.26 -77.74
N ASP P 266 2.65 3.01 -77.00
CA ASP P 266 2.65 2.04 -75.90
C ASP P 266 2.84 2.76 -74.58
N LYS P 267 3.43 3.96 -74.61
CA LYS P 267 3.66 4.72 -73.40
C LYS P 267 3.38 6.21 -73.51
N GLY P 268 3.31 6.75 -74.71
CA GLY P 268 3.33 8.19 -74.81
C GLY P 268 4.61 8.73 -74.23
N CYS P 269 4.48 9.61 -73.25
CA CYS P 269 5.57 10.42 -72.74
C CYS P 269 6.09 9.90 -71.40
N LYS P 270 5.96 8.61 -71.16
CA LYS P 270 6.41 7.97 -69.94
C LYS P 270 7.82 7.42 -70.06
N THR P 271 8.03 6.47 -70.98
CA THR P 271 9.34 5.93 -71.27
C THR P 271 10.08 6.75 -72.32
N VAL P 272 9.56 7.92 -72.67
CA VAL P 272 10.10 8.65 -73.81
C VAL P 272 11.54 9.08 -73.53
N PHE P 273 11.80 9.67 -72.37
CA PHE P 273 13.10 10.31 -72.14
C PHE P 273 14.21 9.30 -71.89
N THR P 274 13.87 8.09 -71.44
CA THR P 274 14.87 7.04 -71.29
C THR P 274 15.35 6.57 -72.66
N LYS P 275 14.41 6.27 -73.56
CA LYS P 275 14.76 5.94 -74.92
C LYS P 275 15.48 7.10 -75.60
N LEU P 276 15.12 8.33 -75.25
CA LEU P 276 15.89 9.45 -75.75
C LEU P 276 17.30 9.47 -75.21
N ASP P 277 17.51 9.01 -73.97
CA ASP P 277 18.88 8.83 -73.51
C ASP P 277 19.59 7.75 -74.30
N TYR P 278 18.86 6.75 -74.80
CA TYR P 278 19.51 5.88 -75.78
C TYR P 278 19.88 6.66 -77.03
N TYR P 279 19.07 7.62 -77.43
CA TYR P 279 19.39 8.34 -78.65
C TYR P 279 20.50 9.35 -78.42
N TYR P 280 20.76 9.72 -77.16
CA TYR P 280 22.07 10.27 -76.83
C TYR P 280 23.13 9.22 -77.10
N ASP P 281 22.85 7.99 -76.68
CA ASP P 281 23.76 6.89 -76.98
C ASP P 281 23.70 6.54 -78.47
N ASP P 282 22.59 6.87 -79.14
CA ASP P 282 22.45 6.81 -80.59
C ASP P 282 22.91 5.47 -81.20
N GLY Q 1 53.37 65.73 18.69
CA GLY Q 1 52.39 64.85 17.98
C GLY Q 1 50.96 65.15 18.36
N GLN Q 2 50.60 64.87 19.62
CA GLN Q 2 49.25 65.15 20.09
C GLN Q 2 48.95 66.64 20.05
N LYS Q 3 49.98 67.48 20.17
CA LYS Q 3 49.87 68.92 20.00
C LYS Q 3 50.20 69.36 18.59
N ARG Q 4 50.06 68.47 17.61
CA ARG Q 4 50.34 68.75 16.20
C ARG Q 4 49.13 68.36 15.37
N SER Q 5 48.57 69.32 14.64
CA SER Q 5 47.64 68.99 13.57
C SER Q 5 48.43 68.46 12.40
N LEU Q 6 48.07 67.28 11.92
CA LEU Q 6 48.91 66.52 11.00
C LEU Q 6 49.01 67.25 9.67
N SER Q 7 50.21 67.70 9.34
CA SER Q 7 50.46 68.25 8.02
C SER Q 7 50.55 67.13 7.00
N ARG Q 8 50.30 67.49 5.75
CA ARG Q 8 50.27 66.50 4.67
C ARG Q 8 51.62 65.84 4.50
N GLU Q 9 52.69 66.63 4.62
CA GLU Q 9 54.04 66.13 4.40
C GLU Q 9 54.37 64.99 5.33
N ALA Q 10 54.00 65.11 6.60
CA ALA Q 10 54.36 64.09 7.58
C ALA Q 10 53.74 62.74 7.21
N LEU Q 11 52.51 62.76 6.71
CA LEU Q 11 51.79 61.51 6.49
C LEU Q 11 52.17 60.89 5.16
N GLN Q 12 52.25 61.69 4.11
CA GLN Q 12 52.74 61.13 2.84
C GLN Q 12 54.17 60.65 3.01
N LYS Q 13 54.96 61.36 3.82
CA LYS Q 13 56.30 60.91 4.16
C LYS Q 13 56.26 59.54 4.83
N ASP Q 14 55.46 59.41 5.88
CA ASP Q 14 55.44 58.16 6.64
C ASP Q 14 55.00 56.99 5.77
N LEU Q 15 53.88 57.16 5.05
CA LEU Q 15 53.36 56.08 4.23
C LEU Q 15 54.33 55.75 3.11
N ASP Q 16 54.89 56.76 2.47
CA ASP Q 16 55.86 56.51 1.41
C ASP Q 16 57.12 55.85 1.95
N ASP Q 17 57.39 56.02 3.25
CA ASP Q 17 58.53 55.33 3.85
C ASP Q 17 58.22 53.86 4.06
N ASN Q 18 57.12 53.57 4.74
CA ASN Q 18 56.87 52.23 5.25
C ASN Q 18 55.80 51.47 4.49
N LEU Q 19 54.79 52.14 3.96
CA LEU Q 19 53.72 51.45 3.26
C LEU Q 19 54.18 51.08 1.86
N PHE Q 20 53.94 49.83 1.49
CA PHE Q 20 54.32 49.27 0.21
C PHE Q 20 53.10 49.15 -0.68
N GLY Q 21 53.15 49.81 -1.83
CA GLY Q 21 51.99 49.87 -2.70
C GLY Q 21 50.88 50.68 -2.07
N GLN Q 22 49.65 50.26 -2.39
CA GLN Q 22 48.46 50.86 -1.78
C GLN Q 22 48.40 52.35 -2.07
N HIS Q 23 48.70 52.71 -3.32
CA HIS Q 23 48.59 54.09 -3.77
C HIS Q 23 47.21 54.67 -3.45
N LEU Q 24 46.17 53.84 -3.61
CA LEU Q 24 44.81 54.28 -3.29
C LEU Q 24 44.72 54.73 -1.85
N ALA Q 25 45.36 53.99 -0.95
CA ALA Q 25 45.19 54.27 0.46
C ALA Q 25 45.93 55.53 0.84
N LYS Q 26 47.07 55.77 0.20
CA LYS Q 26 47.81 57.00 0.45
C LYS Q 26 47.01 58.21 -0.02
N LYS Q 27 46.45 58.15 -1.23
CA LYS Q 27 45.64 59.24 -1.73
C LYS Q 27 44.45 59.50 -0.81
N ILE Q 28 43.64 58.46 -0.60
CA ILE Q 28 42.43 58.56 0.22
C ILE Q 28 42.77 59.13 1.58
N ILE Q 29 43.60 58.39 2.32
CA ILE Q 29 43.85 58.72 3.71
C ILE Q 29 44.41 60.12 3.80
N LEU Q 30 45.48 60.38 3.05
CA LEU Q 30 46.19 61.64 3.13
C LEU Q 30 45.26 62.83 2.94
N ASN Q 31 44.58 62.87 1.80
CA ASN Q 31 43.74 64.03 1.54
C ASN Q 31 42.52 64.06 2.44
N ALA Q 32 41.98 62.89 2.75
CA ALA Q 32 40.75 62.80 3.53
C ALA Q 32 40.95 63.33 4.94
N VAL Q 33 41.90 62.76 5.68
CA VAL Q 33 42.12 63.27 7.02
C VAL Q 33 42.67 64.68 6.97
N PHE Q 34 43.58 64.95 6.02
CA PHE Q 34 44.22 66.27 5.97
C PHE Q 34 43.21 67.37 5.74
N GLY Q 35 42.09 67.06 5.08
CA GLY Q 35 40.98 67.99 5.02
C GLY Q 35 40.16 67.94 6.29
N PHE Q 36 39.99 66.73 6.83
CA PHE Q 36 39.12 66.54 7.99
C PHE Q 36 39.73 67.16 9.23
N ILE Q 37 40.97 66.77 9.57
CA ILE Q 37 41.56 67.20 10.82
C ILE Q 37 41.78 68.70 10.83
N ASN Q 38 42.11 69.27 9.68
CA ASN Q 38 42.25 70.72 9.58
C ASN Q 38 40.91 71.43 9.57
N ASN Q 39 39.81 70.71 9.36
CA ASN Q 39 38.50 71.34 9.38
C ASN Q 39 38.06 71.54 10.82
N PRO Q 40 37.82 72.78 11.28
CA PRO Q 40 37.21 72.96 12.60
C PRO Q 40 35.72 72.65 12.63
N LYS Q 41 35.10 72.40 11.48
CA LYS Q 41 33.67 72.11 11.41
C LYS Q 41 33.47 70.96 10.45
N PRO Q 42 33.75 69.73 10.89
CA PRO Q 42 33.59 68.58 9.99
C PRO Q 42 32.14 68.32 9.60
N LYS Q 43 31.18 68.71 10.44
CA LYS Q 43 29.75 68.47 10.32
C LYS Q 43 29.39 67.02 10.68
N LYS Q 44 30.36 66.12 10.80
CA LYS Q 44 30.11 64.71 11.09
C LYS Q 44 31.40 64.13 11.63
N PRO Q 45 31.32 63.05 12.38
CA PRO Q 45 32.54 62.30 12.66
C PRO Q 45 33.01 61.56 11.42
N LEU Q 46 34.18 60.94 11.50
CA LEU Q 46 34.78 60.24 10.36
C LEU Q 46 34.30 58.80 10.41
N THR Q 47 33.58 58.40 9.37
CA THR Q 47 32.95 57.08 9.29
C THR Q 47 33.68 56.30 8.23
N LEU Q 48 34.75 55.62 8.62
CA LEU Q 48 35.59 54.89 7.70
C LEU Q 48 35.20 53.42 7.66
N SER Q 49 35.33 52.84 6.47
CA SER Q 49 35.02 51.43 6.23
C SER Q 49 36.25 50.77 5.65
N LEU Q 50 36.52 49.55 6.09
CA LEU Q 50 37.60 48.75 5.53
C LEU Q 50 37.20 47.29 5.47
N HIS Q 51 37.56 46.65 4.37
CA HIS Q 51 37.39 45.23 4.18
C HIS Q 51 38.38 44.81 3.10
N GLY Q 52 38.43 43.52 2.80
CA GLY Q 52 39.36 42.98 1.84
C GLY Q 52 40.21 41.84 2.38
N TRP Q 53 41.48 41.82 1.98
CA TRP Q 53 42.39 40.75 2.34
C TRP Q 53 43.36 41.22 3.44
N THR Q 54 43.80 40.27 4.27
CA THR Q 54 44.64 40.64 5.41
C THR Q 54 46.07 40.88 5.02
N GLY Q 55 46.84 41.24 6.02
CA GLY Q 55 48.27 41.41 5.87
C GLY Q 55 48.67 42.49 4.90
N THR Q 56 47.71 43.30 4.47
CA THR Q 56 47.91 44.44 3.59
C THR Q 56 48.09 45.71 4.39
N GLY Q 57 47.72 45.66 5.66
CA GLY Q 57 48.11 46.65 6.61
C GLY Q 57 46.99 47.41 7.28
N LYS Q 58 45.83 46.80 7.48
CA LYS Q 58 44.73 47.53 8.11
C LYS Q 58 45.09 47.96 9.53
N ASN Q 59 45.33 46.98 10.40
CA ASN Q 59 45.74 47.31 11.75
C ASN Q 59 47.10 47.99 11.76
N PHE Q 60 47.93 47.68 10.76
CA PHE Q 60 49.17 48.42 10.52
C PHE Q 60 48.89 49.91 10.32
N VAL Q 61 48.09 50.27 9.31
CA VAL Q 61 47.93 51.70 9.00
C VAL Q 61 47.20 52.41 10.13
N SER Q 62 46.20 51.75 10.72
CA SER Q 62 45.49 52.35 11.84
C SER Q 62 46.46 52.64 12.97
N LYS Q 63 47.35 51.69 13.24
CA LYS Q 63 48.40 51.91 14.22
C LYS Q 63 49.25 53.12 13.86
N ILE Q 64 49.64 53.22 12.59
CA ILE Q 64 50.56 54.29 12.18
C ILE Q 64 49.93 55.65 12.44
N ILE Q 65 48.73 55.85 11.92
CA ILE Q 65 48.11 57.16 12.07
C ILE Q 65 47.78 57.41 13.53
N ALA Q 66 47.46 56.35 14.28
CA ALA Q 66 47.27 56.50 15.72
C ALA Q 66 48.54 57.04 16.37
N GLU Q 67 49.71 56.61 15.88
CA GLU Q 67 50.96 57.09 16.45
C GLU Q 67 51.23 58.53 16.03
N ASN Q 68 50.96 58.86 14.76
CA ASN Q 68 51.20 60.22 14.31
C ASN Q 68 50.31 61.22 15.02
N ILE Q 69 49.06 60.86 15.26
CA ILE Q 69 48.15 61.76 15.96
C ILE Q 69 48.61 61.94 17.40
N TYR Q 70 48.64 60.85 18.17
CA TYR Q 70 49.06 60.87 19.57
C TYR Q 70 50.29 60.00 19.75
N GLU Q 71 51.17 60.45 20.65
CA GLU Q 71 52.33 59.65 21.01
C GLU Q 71 51.92 58.31 21.60
N GLY Q 72 50.75 58.26 22.25
CA GLY Q 72 50.26 57.01 22.80
C GLY Q 72 50.07 55.93 21.76
N GLY Q 73 49.85 56.30 20.50
CA GLY Q 73 49.49 55.32 19.51
C GLY Q 73 48.20 54.66 19.94
N LEU Q 74 48.30 53.42 20.42
CA LEU Q 74 47.20 52.75 21.07
C LEU Q 74 47.23 52.86 22.59
N ASN Q 75 48.35 53.30 23.16
CA ASN Q 75 48.44 53.48 24.60
C ASN Q 75 47.63 54.66 25.13
N SER Q 76 47.17 55.54 24.25
CA SER Q 76 46.52 56.76 24.71
C SER Q 76 45.22 56.44 25.44
N ASP Q 77 45.02 57.14 26.56
CA ASP Q 77 43.74 57.08 27.26
C ASP Q 77 42.60 57.58 26.37
N TYR Q 78 42.89 58.53 25.48
CA TYR Q 78 41.91 58.94 24.48
C TYR Q 78 41.55 57.79 23.57
N VAL Q 79 42.57 57.07 23.10
CA VAL Q 79 42.39 56.01 22.10
C VAL Q 79 42.02 54.76 22.88
N HIS Q 80 40.73 54.44 22.90
CA HIS Q 80 40.19 53.33 23.65
C HIS Q 80 39.51 52.35 22.70
N LEU Q 81 39.89 51.08 22.82
CA LEU Q 81 39.63 50.08 21.78
C LEU Q 81 38.60 49.06 22.25
N PHE Q 82 37.80 48.60 21.28
CA PHE Q 82 36.82 47.54 21.47
C PHE Q 82 37.05 46.46 20.43
N VAL Q 83 36.58 45.26 20.76
CA VAL Q 83 36.68 44.10 19.90
C VAL Q 83 35.36 43.34 19.98
N ALA Q 84 35.02 42.65 18.90
CA ALA Q 84 33.82 41.82 18.90
C ALA Q 84 33.90 40.74 19.97
N THR Q 85 34.84 39.83 19.82
CA THR Q 85 34.79 38.60 20.60
C THR Q 85 35.19 38.82 22.05
N LEU Q 86 36.28 39.56 22.27
CA LEU Q 86 36.78 39.77 23.62
C LEU Q 86 35.77 40.44 24.53
N HIS Q 87 34.99 41.34 24.00
CA HIS Q 87 33.98 42.06 24.77
C HIS Q 87 32.57 41.57 24.48
N PHE Q 88 32.25 41.32 23.22
CA PHE Q 88 30.86 41.12 22.76
C PHE Q 88 30.70 39.75 22.11
N PRO Q 89 30.92 38.67 22.85
CA PRO Q 89 30.80 37.33 22.27
C PRO Q 89 29.39 36.94 21.87
N HIS Q 90 28.45 37.06 22.81
CA HIS Q 90 27.19 36.35 22.71
C HIS Q 90 26.04 37.27 22.33
N ALA Q 91 25.00 36.67 21.76
CA ALA Q 91 23.73 37.32 21.54
C ALA Q 91 22.84 37.30 22.77
N SER Q 92 23.37 36.87 23.92
CA SER Q 92 22.58 36.85 25.15
C SER Q 92 22.58 38.22 25.80
N ASN Q 93 23.77 38.80 25.99
CA ASN Q 93 23.95 40.03 26.73
C ASN Q 93 23.99 41.25 25.82
N ILE Q 94 23.21 41.23 24.74
CA ILE Q 94 23.27 42.30 23.75
C ILE Q 94 22.97 43.64 24.41
N THR Q 95 22.00 43.66 25.31
CA THR Q 95 21.55 44.92 25.90
C THR Q 95 22.63 45.51 26.79
N LEU Q 96 23.20 44.70 27.66
CA LEU Q 96 24.32 45.14 28.48
C LEU Q 96 25.46 45.64 27.60
N TYR Q 97 25.70 44.95 26.49
CA TYR Q 97 26.74 45.37 25.58
C TYR Q 97 26.42 46.73 24.98
N LYS Q 98 25.14 47.01 24.74
CA LYS Q 98 24.75 48.31 24.19
C LYS Q 98 24.91 49.41 25.24
N ASP Q 99 24.46 49.16 26.46
CA ASP Q 99 24.52 50.19 27.48
C ASP Q 99 25.98 50.48 27.85
N GLN Q 100 26.75 49.44 28.12
CA GLN Q 100 28.18 49.60 28.38
C GLN Q 100 28.85 50.31 27.22
N LEU Q 101 28.41 50.01 25.99
CA LEU Q 101 28.96 50.67 24.83
C LEU Q 101 28.73 52.17 24.91
N GLN Q 102 27.45 52.57 25.03
CA GLN Q 102 27.10 53.98 25.08
C GLN Q 102 27.85 54.72 26.18
N LEU Q 103 27.98 54.09 27.34
CA LEU Q 103 28.58 54.78 28.47
C LEU Q 103 30.09 54.92 28.29
N TRP Q 104 30.76 53.85 27.85
CA TRP Q 104 32.20 53.94 27.60
C TRP Q 104 32.49 54.97 26.53
N ILE Q 105 31.62 55.04 25.51
CA ILE Q 105 31.71 56.10 24.52
C ILE Q 105 31.69 57.45 25.20
N ARG Q 106 30.57 57.76 25.87
CA ARG Q 106 30.39 59.07 26.49
C ARG Q 106 31.54 59.43 27.40
N GLY Q 107 32.12 58.46 28.09
CA GLY Q 107 33.28 58.71 28.92
C GLY Q 107 34.44 59.23 28.10
N ASN Q 108 34.89 58.43 27.12
CA ASN Q 108 36.09 58.82 26.39
C ASN Q 108 35.88 60.10 25.60
N VAL Q 109 34.74 60.23 24.94
CA VAL Q 109 34.52 61.42 24.13
C VAL Q 109 34.34 62.64 25.02
N SER Q 110 33.72 62.47 26.18
CA SER Q 110 33.61 63.59 27.09
C SER Q 110 34.96 63.97 27.67
N ALA Q 111 35.95 63.08 27.60
CA ALA Q 111 37.32 63.52 27.83
C ALA Q 111 37.79 64.44 26.72
N CYS Q 112 37.50 64.10 25.48
CA CYS Q 112 37.82 64.94 24.33
C CYS Q 112 37.16 64.39 23.09
N ALA Q 113 36.74 65.29 22.20
CA ALA Q 113 36.11 64.87 20.97
C ALA Q 113 37.11 64.34 19.95
N ARG Q 114 38.40 64.56 20.18
CA ARG Q 114 39.44 64.02 19.31
C ARG Q 114 39.85 62.61 19.69
N SER Q 115 39.15 61.97 20.63
CA SER Q 115 39.40 60.57 20.91
C SER Q 115 39.02 59.72 19.70
N ILE Q 116 39.56 58.51 19.66
CA ILE Q 116 39.40 57.61 18.53
C ILE Q 116 38.91 56.27 19.04
N PHE Q 117 37.97 55.69 18.30
CA PHE Q 117 37.49 54.34 18.51
C PHE Q 117 37.68 53.52 17.24
N ILE Q 118 38.03 52.25 17.43
CA ILE Q 118 38.15 51.29 16.34
C ILE Q 118 37.48 50.00 16.78
N PHE Q 119 36.88 49.31 15.82
CA PHE Q 119 36.37 47.97 16.01
C PHE Q 119 37.12 47.01 15.11
N ASP Q 120 36.93 45.72 15.37
CA ASP Q 120 37.63 44.68 14.62
C ASP Q 120 36.83 43.38 14.72
N GLU Q 121 37.08 42.48 13.78
CA GLU Q 121 36.43 41.17 13.72
C GLU Q 121 34.91 41.34 13.66
N MET Q 122 34.48 42.15 12.72
CA MET Q 122 33.10 42.56 12.61
C MET Q 122 32.24 41.54 11.85
N ASP Q 123 32.74 40.34 11.64
CA ASP Q 123 31.92 39.27 11.10
C ASP Q 123 31.11 38.55 12.17
N LYS Q 124 31.17 39.01 13.42
CA LYS Q 124 30.63 38.30 14.57
C LYS Q 124 29.83 39.26 15.47
N MET Q 125 28.92 40.01 14.86
CA MET Q 125 28.19 41.07 15.54
C MET Q 125 26.68 40.91 15.35
N HIS Q 126 25.87 41.78 15.96
CA HIS Q 126 24.43 41.58 16.05
C HIS Q 126 23.73 42.94 16.02
N ALA Q 127 22.86 43.14 15.01
CA ALA Q 127 22.46 44.48 14.56
C ALA Q 127 21.88 45.37 15.67
N GLY Q 128 21.45 44.79 16.79
CA GLY Q 128 21.16 45.61 17.95
C GLY Q 128 22.34 46.50 18.32
N LEU Q 129 23.54 45.99 18.09
CA LEU Q 129 24.77 46.67 18.46
C LEU Q 129 25.18 47.75 17.47
N ILE Q 130 24.49 47.91 16.33
CA ILE Q 130 24.48 49.17 15.61
C ILE Q 130 23.30 50.03 16.01
N ASP Q 131 22.20 49.44 16.46
CA ASP Q 131 21.02 50.23 16.78
C ASP Q 131 21.23 51.21 17.94
N ALA Q 132 22.36 51.16 18.62
CA ALA Q 132 22.69 52.07 19.72
C ALA Q 132 23.65 53.18 19.31
N ILE Q 133 24.06 53.25 18.05
CA ILE Q 133 25.12 54.17 17.62
C ILE Q 133 24.74 55.02 16.42
N LYS Q 134 23.78 54.62 15.60
CA LYS Q 134 23.35 55.45 14.48
C LYS Q 134 23.00 56.88 14.88
N PRO Q 135 22.34 57.14 16.00
CA PRO Q 135 22.17 58.54 16.42
C PRO Q 135 23.47 59.26 16.65
N PHE Q 136 24.50 58.58 17.15
CA PHE Q 136 25.80 59.22 17.30
C PHE Q 136 26.38 59.64 15.96
N LEU Q 137 25.93 59.03 14.86
CA LEU Q 137 26.37 59.38 13.52
C LEU Q 137 25.36 60.21 12.76
N ASP Q 138 24.38 60.79 13.44
CA ASP Q 138 23.76 61.97 12.88
C ASP Q 138 24.77 63.09 12.81
N TYR Q 139 24.68 63.87 11.75
CA TYR Q 139 25.45 65.09 11.59
C TYR Q 139 25.04 66.20 12.56
N TYR Q 140 24.11 65.94 13.48
CA TYR Q 140 23.75 66.83 14.58
C TYR Q 140 24.98 67.49 15.17
N ASP Q 141 24.89 68.79 15.46
CA ASP Q 141 25.97 69.45 16.15
C ASP Q 141 26.17 68.90 17.56
N LEU Q 142 25.15 68.24 18.12
CA LEU Q 142 25.32 67.67 19.45
C LEU Q 142 24.32 66.54 19.67
N VAL Q 143 24.55 65.84 20.78
CA VAL Q 143 23.59 64.92 21.37
C VAL Q 143 23.80 64.99 22.87
N ASP Q 144 22.70 65.10 23.62
CA ASP Q 144 22.74 65.15 25.09
C ASP Q 144 23.63 66.29 25.57
N GLY Q 145 23.65 67.39 24.82
CA GLY Q 145 24.53 68.50 25.13
C GLY Q 145 26.00 68.21 24.88
N VAL Q 146 26.31 67.31 23.95
CA VAL Q 146 27.69 66.99 23.61
C VAL Q 146 27.79 66.79 22.10
N SER Q 147 28.89 67.25 21.52
CA SER Q 147 29.19 67.06 20.12
C SER Q 147 30.15 65.89 19.94
N TYR Q 148 29.94 65.13 18.87
CA TYR Q 148 30.74 63.97 18.53
C TYR Q 148 31.40 64.06 17.16
N GLN Q 149 31.17 65.14 16.43
CA GLN Q 149 31.56 65.19 15.03
C GLN Q 149 33.06 65.37 14.83
N LYS Q 150 33.83 65.60 15.88
CA LYS Q 150 35.28 65.64 15.74
C LYS Q 150 35.90 64.26 15.82
N ALA Q 151 35.29 63.36 16.59
CA ALA Q 151 35.83 62.03 16.73
C ALA Q 151 35.74 61.27 15.42
N MET Q 152 36.32 60.08 15.41
CA MET Q 152 36.54 59.34 14.18
C MET Q 152 36.32 57.86 14.46
N PHE Q 153 35.35 57.27 13.77
CA PHE Q 153 34.99 55.87 13.95
C PHE Q 153 35.42 55.07 12.73
N ILE Q 154 36.08 53.96 12.99
CA ILE Q 154 36.78 53.17 11.97
C ILE Q 154 36.41 51.72 12.18
N PHE Q 155 36.13 51.02 11.08
CA PHE Q 155 35.74 49.62 11.13
C PHE Q 155 36.70 48.77 10.32
N LEU Q 156 36.57 47.47 10.51
CA LEU Q 156 37.44 46.49 9.85
C LEU Q 156 36.63 45.24 9.53
N SER Q 157 37.06 44.55 8.49
CA SER Q 157 36.44 43.30 8.07
C SER Q 157 37.32 42.67 7.02
N ASN Q 158 36.82 41.58 6.43
CA ASN Q 158 37.42 41.00 5.24
C ASN Q 158 36.40 40.58 4.20
N ALA Q 159 35.11 40.76 4.45
CA ALA Q 159 34.09 40.39 3.49
C ALA Q 159 34.19 41.25 2.24
N GLY Q 160 33.54 40.79 1.17
CA GLY Q 160 33.67 41.46 -0.10
C GLY Q 160 35.03 41.29 -0.75
N ALA Q 161 35.90 40.44 -0.19
CA ALA Q 161 37.21 40.23 -0.78
C ALA Q 161 37.11 39.64 -2.18
N GLU Q 162 36.07 38.85 -2.44
CA GLU Q 162 35.98 38.15 -3.72
C GLU Q 162 35.90 39.13 -4.89
N ARG Q 163 35.27 40.28 -4.67
CA ARG Q 163 35.17 41.29 -5.71
C ARG Q 163 36.52 41.93 -5.99
N ILE Q 164 37.25 42.30 -4.96
CA ILE Q 164 38.55 42.92 -5.22
C ILE Q 164 39.49 41.91 -5.84
N THR Q 165 39.32 40.63 -5.54
CA THR Q 165 40.13 39.60 -6.18
C THR Q 165 39.81 39.49 -7.66
N ASP Q 166 38.55 39.15 -8.00
CA ASP Q 166 38.26 38.87 -9.39
C ASP Q 166 38.41 40.11 -10.26
N VAL Q 167 38.24 41.30 -9.67
CA VAL Q 167 38.57 42.53 -10.39
C VAL Q 167 40.07 42.64 -10.57
N ALA Q 168 40.84 42.29 -9.54
CA ALA Q 168 42.29 42.40 -9.63
C ALA Q 168 42.83 41.55 -10.76
N LEU Q 169 42.36 40.31 -10.87
CA LEU Q 169 42.73 39.52 -12.03
C LEU Q 169 42.05 39.99 -13.30
N ASP Q 170 40.95 40.72 -13.20
CA ASP Q 170 40.33 41.25 -14.42
C ASP Q 170 41.28 42.22 -15.10
N PHE Q 171 41.57 43.33 -14.44
CA PHE Q 171 42.46 44.31 -15.03
C PHE Q 171 43.86 43.75 -15.19
N TRP Q 172 44.33 42.92 -14.26
CA TRP Q 172 45.66 42.37 -14.41
C TRP Q 172 45.74 41.43 -15.61
N ARG Q 173 44.67 40.67 -15.84
CA ARG Q 173 44.54 39.89 -17.06
C ARG Q 173 44.51 40.77 -18.29
N SER Q 174 44.07 42.02 -18.16
CA SER Q 174 44.14 42.97 -19.26
C SER Q 174 45.53 43.52 -19.59
N GLY Q 175 46.61 42.96 -19.04
CA GLY Q 175 47.94 43.49 -19.28
C GLY Q 175 48.13 44.82 -18.58
N LYS Q 176 48.14 44.80 -17.26
CA LYS Q 176 47.95 45.99 -16.46
C LYS Q 176 48.25 45.78 -14.98
N GLN Q 177 48.66 46.85 -14.31
CA GLN Q 177 48.91 46.83 -12.87
C GLN Q 177 47.86 47.66 -12.15
N ARG Q 178 47.62 47.34 -10.87
CA ARG Q 178 46.56 48.04 -10.15
C ARG Q 178 46.88 49.51 -9.89
N GLU Q 179 48.13 49.93 -10.07
CA GLU Q 179 48.41 51.35 -10.23
C GLU Q 179 47.53 51.95 -11.30
N ASP Q 180 47.37 51.24 -12.41
CA ASP Q 180 46.52 51.70 -13.50
C ASP Q 180 45.05 51.42 -13.23
N ILE Q 181 44.73 50.46 -12.36
CA ILE Q 181 43.38 50.42 -11.82
C ILE Q 181 43.17 51.71 -11.07
N LYS Q 182 41.98 52.28 -11.21
CA LYS Q 182 41.64 53.53 -10.57
C LYS Q 182 40.98 53.26 -9.23
N LEU Q 183 40.85 54.33 -8.45
CA LEU Q 183 40.16 54.20 -7.18
C LEU Q 183 38.73 53.75 -7.40
N LYS Q 184 38.03 54.42 -8.32
CA LYS Q 184 36.69 53.97 -8.68
C LYS Q 184 36.76 52.54 -9.16
N ASP Q 185 35.99 51.70 -8.49
CA ASP Q 185 35.74 50.34 -8.94
C ASP Q 185 34.30 50.06 -8.55
N ILE Q 186 33.84 48.82 -8.63
CA ILE Q 186 32.40 48.62 -8.68
C ILE Q 186 31.85 48.76 -7.27
N GLU Q 187 31.55 50.01 -6.89
CA GLU Q 187 30.99 50.25 -5.55
C GLU Q 187 29.57 49.76 -5.44
N HIS Q 188 28.93 49.42 -6.56
CA HIS Q 188 27.65 48.75 -6.51
C HIS Q 188 27.78 47.35 -5.90
N ALA Q 189 28.70 46.54 -6.42
CA ALA Q 189 28.91 45.22 -5.84
C ALA Q 189 29.42 45.32 -4.42
N LEU Q 190 30.22 46.35 -4.12
CA LEU Q 190 30.57 46.62 -2.73
C LEU Q 190 29.33 46.89 -1.90
N SER Q 191 28.37 47.63 -2.45
CA SER Q 191 27.12 47.83 -1.73
C SER Q 191 26.38 46.51 -1.55
N VAL Q 192 26.52 45.57 -2.49
CA VAL Q 192 25.86 44.27 -2.36
C VAL Q 192 26.50 43.49 -1.20
N SER Q 193 27.83 43.39 -1.20
CA SER Q 193 28.54 42.80 -0.06
C SER Q 193 28.17 43.50 1.23
N VAL Q 194 27.91 44.80 1.15
CA VAL Q 194 27.52 45.61 2.30
C VAL Q 194 26.01 45.60 2.50
N PHE Q 195 25.24 45.25 1.47
CA PHE Q 195 23.84 44.86 1.63
C PHE Q 195 23.70 43.37 1.93
N ASN Q 196 24.79 42.61 1.88
CA ASN Q 196 24.72 41.16 1.90
C ASN Q 196 24.11 40.69 3.21
N ASN Q 197 22.87 40.21 3.16
CA ASN Q 197 22.09 39.93 4.37
C ASN Q 197 22.70 38.86 5.27
N LYS Q 198 23.83 38.26 4.89
CA LYS Q 198 24.75 37.70 5.87
C LYS Q 198 25.00 38.71 6.98
N ASN Q 199 25.18 38.20 8.20
CA ASN Q 199 25.32 39.07 9.37
C ASN Q 199 26.48 40.04 9.20
N SER Q 200 27.58 39.59 8.59
CA SER Q 200 28.68 40.50 8.27
C SER Q 200 28.21 41.64 7.40
N GLY Q 201 27.59 41.32 6.27
CA GLY Q 201 27.10 42.35 5.37
C GLY Q 201 25.75 42.91 5.77
N PHE Q 202 25.04 42.24 6.68
CA PHE Q 202 23.73 42.73 7.10
C PHE Q 202 23.88 43.83 8.14
N TRP Q 203 24.81 43.62 9.07
CA TRP Q 203 25.31 44.67 9.94
C TRP Q 203 25.55 45.96 9.19
N HIS Q 204 26.46 45.91 8.21
CA HIS Q 204 26.76 47.08 7.42
C HIS Q 204 25.64 47.43 6.42
N SER Q 205 24.66 46.53 6.23
CA SER Q 205 23.46 46.88 5.45
C SER Q 205 22.58 47.85 6.22
N SER Q 206 22.32 47.54 7.46
CA SER Q 206 21.54 48.42 8.28
C SER Q 206 22.31 49.69 8.65
N LEU Q 207 23.66 49.64 8.64
CA LEU Q 207 24.43 50.87 8.75
C LEU Q 207 24.33 51.71 7.47
N ILE Q 208 24.41 51.04 6.31
CA ILE Q 208 24.34 51.74 5.03
C ILE Q 208 22.90 52.10 4.69
N ASP Q 209 21.97 51.86 5.62
CA ASP Q 209 20.64 52.44 5.49
C ASP Q 209 20.66 53.94 5.13
N ARG Q 210 21.72 54.67 5.51
CA ARG Q 210 21.85 56.09 5.23
C ARG Q 210 23.21 56.48 4.67
N ASN Q 211 24.00 55.52 4.16
CA ASN Q 211 25.45 55.69 3.93
C ASN Q 211 26.08 56.53 5.04
N LEU Q 212 25.92 56.09 6.29
CA LEU Q 212 26.66 56.79 7.32
C LEU Q 212 28.16 56.64 7.15
N ILE Q 213 28.61 55.64 6.39
CA ILE Q 213 30.01 55.51 6.00
C ILE Q 213 30.40 56.72 5.16
N ASP Q 214 31.65 57.15 5.31
CA ASP Q 214 32.24 58.11 4.39
C ASP Q 214 32.74 57.43 3.12
N TYR Q 215 33.76 56.59 3.25
CA TYR Q 215 34.51 56.09 2.10
C TYR Q 215 34.73 54.60 2.26
N PHE Q 216 34.23 53.81 1.30
CA PHE Q 216 34.66 52.43 1.19
C PHE Q 216 36.09 52.39 0.70
N VAL Q 217 36.90 51.53 1.32
CA VAL Q 217 38.33 51.46 1.03
C VAL Q 217 38.77 50.01 1.14
N PRO Q 218 38.85 49.27 0.03
CA PRO Q 218 39.50 47.97 0.07
C PRO Q 218 41.01 48.06 -0.09
N PHE Q 219 41.69 47.13 0.55
CA PHE Q 219 43.09 46.83 0.29
C PHE Q 219 43.19 45.66 -0.68
N LEU Q 220 44.42 45.32 -1.06
CA LEU Q 220 44.64 44.25 -2.04
C LEU Q 220 45.81 43.34 -1.68
N PRO Q 221 45.85 42.11 -2.22
CA PRO Q 221 46.96 41.21 -1.90
C PRO Q 221 48.31 41.84 -2.20
N LEU Q 222 49.14 41.92 -1.17
CA LEU Q 222 50.47 42.50 -1.34
C LEU Q 222 51.27 41.61 -2.28
N GLU Q 223 51.40 42.08 -3.52
CA GLU Q 223 52.02 41.30 -4.58
C GLU Q 223 53.45 40.94 -4.20
N TYR Q 224 53.96 39.86 -4.80
CA TYR Q 224 55.27 39.33 -4.42
C TYR Q 224 56.37 40.35 -4.52
N LYS Q 225 56.20 41.38 -5.35
CA LYS Q 225 57.06 42.53 -5.24
C LYS Q 225 57.01 43.08 -3.82
N HIS Q 226 55.81 43.20 -3.24
CA HIS Q 226 55.71 43.71 -1.88
C HIS Q 226 56.32 42.76 -0.89
N LEU Q 227 56.21 41.46 -1.13
CA LEU Q 227 56.97 40.51 -0.32
C LEU Q 227 58.43 40.91 -0.32
N LYS Q 228 59.05 40.94 -1.50
CA LYS Q 228 60.44 41.31 -1.63
C LYS Q 228 60.75 42.68 -1.02
N MET Q 229 59.78 43.59 -1.01
CA MET Q 229 60.00 44.88 -0.35
C MET Q 229 60.08 44.71 1.15
N CYS Q 230 59.11 44.02 1.75
CA CYS Q 230 59.13 43.78 3.19
C CYS Q 230 60.03 42.60 3.57
N ILE Q 231 60.85 42.12 2.64
CA ILE Q 231 61.96 41.24 2.93
C ILE Q 231 63.27 42.01 2.94
N ARG Q 232 63.54 42.74 1.86
CA ARG Q 232 64.73 43.56 1.78
C ARG Q 232 64.71 44.65 2.85
N VAL Q 233 63.64 45.44 2.88
CA VAL Q 233 63.55 46.57 3.79
C VAL Q 233 63.59 46.10 5.23
N GLU Q 234 62.86 45.03 5.54
CA GLU Q 234 62.79 44.58 6.93
C GLU Q 234 64.12 43.96 7.36
N MET Q 235 64.62 42.98 6.60
CA MET Q 235 65.81 42.26 7.03
C MET Q 235 67.04 43.15 7.00
N GLN Q 236 67.11 44.09 6.05
CA GLN Q 236 68.14 45.10 6.11
C GLN Q 236 67.91 46.07 7.25
N SER Q 237 66.66 46.27 7.68
CA SER Q 237 66.38 47.10 8.83
C SER Q 237 66.70 46.39 10.15
N ARG Q 238 66.72 45.06 10.14
CA ARG Q 238 66.92 44.27 11.35
C ARG Q 238 68.35 43.79 11.55
N GLY Q 239 69.29 44.22 10.71
CA GLY Q 239 70.64 43.70 10.81
C GLY Q 239 70.71 42.21 10.60
N TYR Q 240 69.84 41.69 9.72
CA TYR Q 240 69.60 40.26 9.59
C TYR Q 240 70.63 39.57 8.71
N GLU Q 241 71.37 40.32 7.89
CA GLU Q 241 72.32 39.77 6.94
C GLU Q 241 71.62 38.86 5.93
N ILE Q 242 70.64 39.43 5.25
CA ILE Q 242 69.98 38.77 4.13
C ILE Q 242 70.84 38.94 2.88
N ASP Q 243 70.65 38.05 1.91
CA ASP Q 243 71.35 38.10 0.64
C ASP Q 243 70.38 37.72 -0.48
N GLU Q 244 70.89 37.44 -1.68
CA GLU Q 244 70.01 37.25 -2.83
C GLU Q 244 69.22 35.96 -2.71
N ASP Q 245 69.89 34.85 -2.38
CA ASP Q 245 69.25 33.53 -2.41
C ASP Q 245 68.01 33.50 -1.54
N ILE Q 246 68.07 34.15 -0.38
CA ILE Q 246 66.92 34.26 0.51
C ILE Q 246 65.73 34.87 -0.21
N VAL Q 247 65.99 35.75 -1.18
CA VAL Q 247 64.94 36.42 -1.94
C VAL Q 247 64.69 35.73 -3.28
N SER Q 248 65.46 34.70 -3.62
CA SER Q 248 64.95 33.68 -4.52
C SER Q 248 63.90 32.83 -3.82
N ARG Q 249 64.12 32.59 -2.53
CA ARG Q 249 63.24 31.68 -1.79
C ARG Q 249 61.91 32.32 -1.43
N VAL Q 250 61.72 33.62 -1.67
CA VAL Q 250 60.39 34.21 -1.44
C VAL Q 250 59.36 33.53 -2.33
N ALA Q 251 59.73 33.21 -3.57
CA ALA Q 251 58.85 32.58 -4.53
C ALA Q 251 59.17 31.13 -4.78
N GLU Q 252 60.43 30.71 -4.59
CA GLU Q 252 60.73 29.29 -4.74
C GLU Q 252 60.07 28.46 -3.64
N GLU Q 253 59.72 29.07 -2.51
CA GLU Q 253 59.25 28.39 -1.31
C GLU Q 253 58.04 29.10 -0.73
N MET Q 254 57.06 29.42 -1.57
CA MET Q 254 55.83 30.06 -1.12
C MET Q 254 54.71 29.72 -2.08
N THR Q 255 53.48 29.78 -1.56
CA THR Q 255 52.28 29.61 -2.36
C THR Q 255 51.63 30.95 -2.65
N PHE Q 256 51.22 31.13 -3.89
CA PHE Q 256 50.47 32.29 -4.35
C PHE Q 256 49.13 31.82 -4.92
N PHE Q 257 48.29 32.79 -5.29
CA PHE Q 257 46.93 32.54 -5.72
C PHE Q 257 46.69 33.16 -7.10
N PRO Q 258 46.01 32.48 -8.03
CA PRO Q 258 45.63 31.06 -8.04
C PRO Q 258 46.85 30.22 -8.27
N LYS Q 259 46.70 28.89 -8.15
CA LYS Q 259 47.78 28.00 -8.58
C LYS Q 259 48.13 28.21 -10.03
N GLU Q 260 47.12 28.34 -10.90
CA GLU Q 260 47.35 28.30 -12.33
C GLU Q 260 48.17 29.49 -12.82
N GLU Q 261 48.40 30.49 -11.96
CA GLU Q 261 49.24 31.63 -12.28
C GLU Q 261 50.27 31.89 -11.17
N ARG Q 262 49.95 31.56 -9.92
CA ARG Q 262 50.83 31.78 -8.77
C ARG Q 262 51.22 33.26 -8.66
N VAL Q 263 50.21 34.07 -8.35
CA VAL Q 263 50.38 35.53 -8.40
C VAL Q 263 50.04 36.17 -7.07
N PHE Q 264 48.78 36.10 -6.67
CA PHE Q 264 48.33 36.79 -5.48
C PHE Q 264 48.81 36.05 -4.25
N SER Q 265 49.31 36.81 -3.28
CA SER Q 265 49.93 36.24 -2.10
C SER Q 265 48.87 35.57 -1.25
N ASP Q 266 49.30 35.04 -0.11
CA ASP Q 266 48.42 34.48 0.90
C ASP Q 266 48.50 35.32 2.17
N LYS Q 267 49.59 36.06 2.35
CA LYS Q 267 49.75 36.89 3.52
C LYS Q 267 50.35 38.26 3.26
N GLY Q 268 50.99 38.47 2.13
CA GLY Q 268 51.81 39.65 2.01
C GLY Q 268 52.89 39.65 3.08
N CYS Q 269 52.90 40.71 3.87
CA CYS Q 269 54.01 41.00 4.78
C CYS Q 269 53.68 40.66 6.22
N LYS Q 270 52.80 39.67 6.42
CA LYS Q 270 52.40 39.21 7.73
C LYS Q 270 53.24 38.05 8.24
N THR Q 271 53.23 36.93 7.52
CA THR Q 271 54.06 35.78 7.82
C THR Q 271 55.43 35.88 7.17
N VAL Q 272 55.76 37.04 6.60
CA VAL Q 272 56.96 37.12 5.77
C VAL Q 272 58.20 36.88 6.62
N PHE Q 273 58.33 37.55 7.76
CA PHE Q 273 59.58 37.54 8.50
C PHE Q 273 59.83 36.22 9.22
N THR Q 274 58.77 35.46 9.51
CA THR Q 274 58.95 34.13 10.10
C THR Q 274 59.55 33.18 9.09
N LYS Q 275 58.96 33.14 7.89
CA LYS Q 275 59.54 32.37 6.79
C LYS Q 275 60.94 32.84 6.46
N LEU Q 276 61.19 34.14 6.59
CA LEU Q 276 62.56 34.62 6.43
C LEU Q 276 63.47 34.10 7.52
N ASP Q 277 62.95 33.91 8.74
CA ASP Q 277 63.77 33.25 9.74
C ASP Q 277 64.03 31.80 9.35
N TYR Q 278 63.11 31.17 8.62
CA TYR Q 278 63.49 29.88 8.03
C TYR Q 278 64.62 30.06 7.04
N TYR Q 279 64.63 31.16 6.29
CA TYR Q 279 65.68 31.33 5.30
C TYR Q 279 67.00 31.72 5.95
N TYR Q 280 66.97 32.23 7.19
CA TYR Q 280 68.16 32.16 8.03
C TYR Q 280 68.52 30.71 8.28
N ASP Q 281 67.50 29.89 8.56
CA ASP Q 281 67.74 28.46 8.70
C ASP Q 281 68.02 27.83 7.34
N ASP Q 282 67.56 28.46 6.25
CA ASP Q 282 67.92 28.12 4.88
C ASP Q 282 67.79 26.64 4.56
N GLY R 1 35.27 7.91 -53.23
CA GLY R 1 34.30 7.07 -53.95
C GLY R 1 32.86 7.42 -53.61
N GLN R 2 32.46 7.16 -52.36
CA GLN R 2 31.11 7.50 -51.93
C GLN R 2 30.87 9.00 -51.99
N LYS R 3 31.92 9.79 -51.84
CA LYS R 3 31.85 11.23 -52.03
C LYS R 3 32.24 11.64 -53.45
N ARG R 4 32.10 10.75 -54.41
CA ARG R 4 32.41 11.02 -55.82
C ARG R 4 31.22 10.65 -56.68
N SER R 5 30.71 11.62 -57.42
CA SER R 5 29.80 11.32 -58.51
C SER R 5 30.61 10.75 -59.67
N LEU R 6 30.22 9.58 -60.14
CA LEU R 6 31.06 8.78 -61.04
C LEU R 6 31.21 9.50 -62.36
N SER R 7 32.43 9.91 -62.67
CA SER R 7 32.73 10.44 -63.98
C SER R 7 32.81 9.31 -64.99
N ARG R 8 32.61 9.65 -66.26
CA ARG R 8 32.57 8.66 -67.32
C ARG R 8 33.90 7.95 -67.45
N GLU R 9 35.00 8.70 -67.31
CA GLU R 9 36.33 8.15 -67.50
C GLU R 9 36.60 7.01 -66.54
N ALA R 10 36.21 7.16 -65.28
CA ALA R 10 36.50 6.13 -64.30
C ALA R 10 35.85 4.81 -64.66
N LEU R 11 34.63 4.86 -65.19
CA LEU R 11 33.88 3.64 -65.42
C LEU R 11 34.27 2.99 -66.74
N GLN R 12 34.41 3.78 -67.80
CA GLN R 12 34.91 3.19 -69.03
C GLN R 12 36.32 2.66 -68.83
N LYS R 13 37.10 3.35 -68.00
CA LYS R 13 38.43 2.86 -67.64
C LYS R 13 38.32 1.50 -66.96
N ASP R 14 37.49 1.41 -65.92
CA ASP R 14 37.40 0.17 -65.15
C ASP R 14 36.94 -0.99 -66.03
N LEU R 15 35.86 -0.79 -66.76
CA LEU R 15 35.33 -1.87 -67.59
C LEU R 15 36.30 -2.25 -68.68
N ASP R 16 36.92 -1.25 -69.32
CA ASP R 16 37.90 -1.55 -70.35
C ASP R 16 39.13 -2.24 -69.77
N ASP R 17 39.38 -2.07 -68.47
CA ASP R 17 40.48 -2.80 -67.83
C ASP R 17 40.10 -4.25 -67.62
N ASN R 18 38.98 -4.49 -66.97
CA ASN R 18 38.67 -5.82 -66.44
C ASN R 18 37.59 -6.55 -67.23
N LEU R 19 36.62 -5.85 -67.79
CA LEU R 19 35.55 -6.51 -68.51
C LEU R 19 36.03 -6.91 -69.90
N PHE R 20 35.75 -8.15 -70.26
CA PHE R 20 36.15 -8.73 -71.53
C PHE R 20 34.95 -8.83 -72.45
N GLY R 21 35.05 -8.18 -73.61
CA GLY R 21 33.92 -8.08 -74.50
C GLY R 21 32.82 -7.24 -73.91
N GLN R 22 31.58 -7.61 -74.25
CA GLN R 22 30.39 -6.98 -73.69
C GLN R 22 30.40 -5.49 -73.98
N HIS R 23 30.74 -5.15 -75.23
CA HIS R 23 30.70 -3.77 -75.70
C HIS R 23 29.33 -3.14 -75.42
N LEU R 24 28.26 -3.93 -75.59
CA LEU R 24 26.91 -3.45 -75.33
C LEU R 24 26.80 -2.98 -73.89
N ALA R 25 27.40 -3.73 -72.97
CA ALA R 25 27.19 -3.44 -71.56
C ALA R 25 27.97 -2.19 -71.17
N LYS R 26 29.12 -2.00 -71.79
CA LYS R 26 29.90 -0.80 -71.53
C LYS R 26 29.15 0.43 -72.02
N LYS R 27 28.63 0.37 -73.25
CA LYS R 27 27.87 1.50 -73.78
C LYS R 27 26.66 1.81 -72.90
N ILE R 28 25.81 0.80 -72.70
CA ILE R 28 24.59 0.94 -71.91
C ILE R 28 24.91 1.51 -70.55
N ILE R 29 25.69 0.75 -69.77
CA ILE R 29 25.92 1.09 -68.38
C ILE R 29 26.52 2.47 -68.30
N LEU R 30 27.62 2.68 -69.02
CA LEU R 30 28.37 3.93 -68.92
C LEU R 30 27.49 5.13 -69.16
N ASN R 31 26.84 5.20 -70.32
CA ASN R 31 26.05 6.38 -70.61
C ASN R 31 24.81 6.46 -69.74
N ALA R 32 24.22 5.31 -69.43
CA ALA R 32 22.96 5.27 -68.69
C ALA R 32 23.14 5.81 -67.28
N VAL R 33 24.06 5.22 -66.51
CA VAL R 33 24.26 5.73 -65.16
C VAL R 33 24.87 7.12 -65.22
N PHE R 34 25.81 7.35 -66.14
CA PHE R 34 26.49 8.64 -66.18
C PHE R 34 25.52 9.78 -66.44
N GLY R 35 24.41 9.50 -67.13
CA GLY R 35 23.33 10.46 -67.23
C GLY R 35 22.48 10.44 -65.99
N PHE R 36 22.26 9.25 -65.45
CA PHE R 36 21.36 9.10 -64.30
C PHE R 36 21.95 9.72 -63.05
N ILE R 37 23.17 9.29 -62.69
CA ILE R 37 23.74 9.71 -61.41
C ILE R 37 24.00 11.20 -61.41
N ASN R 38 24.38 11.75 -62.55
CA ASN R 38 24.58 13.18 -62.68
C ASN R 38 23.26 13.95 -62.72
N ASN R 39 22.15 13.27 -62.95
CA ASN R 39 20.86 13.93 -62.98
C ASN R 39 20.38 14.16 -61.54
N PRO R 40 20.19 15.41 -61.11
CA PRO R 40 19.54 15.62 -59.80
C PRO R 40 18.05 15.37 -59.81
N LYS R 41 17.44 15.13 -60.97
CA LYS R 41 16.00 14.89 -61.08
C LYS R 41 15.79 13.73 -62.04
N PRO R 42 16.02 12.50 -61.57
CA PRO R 42 15.84 11.35 -62.46
C PRO R 42 14.40 11.14 -62.89
N LYS R 43 13.43 11.57 -62.09
CA LYS R 43 11.99 11.37 -62.23
C LYS R 43 11.57 9.93 -61.87
N LYS R 44 12.51 9.01 -61.71
CA LYS R 44 12.20 7.62 -61.42
C LYS R 44 13.45 6.98 -60.84
N PRO R 45 13.32 5.92 -60.09
CA PRO R 45 14.51 5.14 -59.77
C PRO R 45 14.99 4.37 -60.99
N LEU R 46 16.12 3.71 -60.88
CA LEU R 46 16.73 2.98 -61.98
C LEU R 46 16.21 1.56 -61.94
N THR R 47 15.50 1.18 -63.00
CA THR R 47 14.84 -0.13 -63.08
C THR R 47 15.56 -0.95 -64.13
N LEU R 48 16.60 -1.65 -63.68
CA LEU R 48 17.44 -2.43 -64.58
C LEU R 48 16.99 -3.88 -64.62
N SER R 49 17.13 -4.48 -65.79
CA SER R 49 16.79 -5.87 -66.03
C SER R 49 18.01 -6.58 -66.58
N LEU R 50 18.23 -7.81 -66.12
CA LEU R 50 19.29 -8.65 -66.64
C LEU R 50 18.83 -10.10 -66.70
N HIS R 51 19.20 -10.75 -67.79
CA HIS R 51 19.00 -12.17 -67.98
C HIS R 51 20.01 -12.64 -69.02
N GLY R 52 20.00 -13.93 -69.31
CA GLY R 52 20.95 -14.51 -70.23
C GLY R 52 21.75 -15.66 -69.66
N TRP R 53 23.02 -15.74 -70.04
CA TRP R 53 23.89 -16.83 -69.63
C TRP R 53 24.83 -16.39 -68.51
N THR R 54 25.23 -17.34 -67.66
CA THR R 54 26.04 -16.99 -66.51
C THR R 54 27.50 -16.80 -66.88
N GLY R 55 28.26 -16.46 -65.84
CA GLY R 55 29.69 -16.35 -65.96
C GLY R 55 30.15 -15.28 -66.92
N THR R 56 29.24 -14.45 -67.40
CA THR R 56 29.49 -13.32 -68.27
C THR R 56 29.69 -12.06 -67.49
N GLY R 57 29.29 -12.07 -66.22
CA GLY R 57 29.70 -11.09 -65.26
C GLY R 57 28.59 -10.28 -64.63
N LYS R 58 27.40 -10.85 -64.46
CA LYS R 58 26.31 -10.09 -63.86
C LYS R 58 26.65 -9.66 -62.45
N ASN R 59 26.82 -10.63 -61.56
CA ASN R 59 27.20 -10.30 -60.19
C ASN R 59 28.59 -9.66 -60.16
N PHE R 60 29.44 -10.02 -61.13
CA PHE R 60 30.70 -9.32 -61.35
C PHE R 60 30.49 -7.82 -61.57
N VAL R 61 29.73 -7.44 -62.61
CA VAL R 61 29.62 -6.02 -62.92
C VAL R 61 28.88 -5.27 -61.82
N SER R 62 27.85 -5.88 -61.26
CA SER R 62 27.13 -5.26 -60.16
C SER R 62 28.08 -4.99 -59.00
N LYS R 63 28.93 -5.97 -58.71
CA LYS R 63 29.96 -5.77 -57.70
C LYS R 63 30.86 -4.60 -58.06
N ILE R 64 31.29 -4.51 -59.31
CA ILE R 64 32.26 -3.49 -59.71
C ILE R 64 31.66 -2.11 -59.48
N ILE R 65 30.48 -1.87 -60.02
CA ILE R 65 29.90 -0.54 -59.90
C ILE R 65 29.55 -0.26 -58.45
N ALA R 66 29.17 -1.30 -57.70
CA ALA R 66 28.95 -1.13 -56.27
C ALA R 66 30.22 -0.63 -55.60
N GLU R 67 31.38 -1.09 -56.05
CA GLU R 67 32.64 -0.65 -55.45
C GLU R 67 32.97 0.77 -55.87
N ASN R 68 32.74 1.10 -57.15
CA ASN R 68 33.04 2.43 -57.62
C ASN R 68 32.17 3.48 -56.93
N ILE R 69 30.89 3.16 -56.73
CA ILE R 69 30.00 4.10 -56.05
C ILE R 69 30.44 4.28 -54.60
N TYR R 70 30.40 3.20 -53.82
CA TYR R 70 30.79 3.22 -52.41
C TYR R 70 31.98 2.31 -52.19
N GLU R 71 32.85 2.73 -51.28
CA GLU R 71 33.98 1.90 -50.87
C GLU R 71 33.51 0.59 -50.29
N GLY R 72 32.32 0.57 -49.67
CA GLY R 72 31.78 -0.66 -49.12
C GLY R 72 31.57 -1.73 -50.15
N GLY R 73 31.40 -1.37 -51.42
CA GLY R 73 31.02 -2.35 -52.41
C GLY R 73 29.70 -2.96 -52.02
N LEU R 74 29.76 -4.19 -51.52
CA LEU R 74 28.61 -4.83 -50.90
C LEU R 74 28.61 -4.69 -49.38
N ASN R 75 29.73 -4.29 -48.77
CA ASN R 75 29.78 -4.10 -47.33
C ASN R 75 29.01 -2.90 -46.85
N SER R 76 28.60 -2.00 -47.74
CA SER R 76 27.98 -0.77 -47.30
C SER R 76 26.65 -1.03 -46.60
N ASP R 77 26.44 -0.31 -45.51
CA ASP R 77 25.14 -0.32 -44.85
C ASP R 77 24.05 0.20 -45.76
N TYR R 78 24.39 1.13 -46.65
CA TYR R 78 23.45 1.57 -47.67
C TYR R 78 23.08 0.42 -48.60
N VAL R 79 24.08 -0.33 -49.03
CA VAL R 79 23.89 -1.39 -50.01
C VAL R 79 23.46 -2.63 -49.24
N HIS R 80 22.16 -2.89 -49.25
CA HIS R 80 21.56 -3.99 -48.50
C HIS R 80 20.88 -4.95 -49.46
N LEU R 81 21.20 -6.23 -49.32
CA LEU R 81 20.94 -7.23 -50.35
C LEU R 81 19.87 -8.22 -49.92
N PHE R 82 19.08 -8.65 -50.89
CA PHE R 82 18.05 -9.67 -50.72
C PHE R 82 18.27 -10.77 -51.74
N VAL R 83 17.75 -11.96 -51.42
CA VAL R 83 17.83 -13.13 -52.26
C VAL R 83 16.50 -13.84 -52.21
N ALA R 84 16.16 -14.53 -53.30
CA ALA R 84 14.94 -15.31 -53.32
C ALA R 84 14.94 -16.38 -52.24
N THR R 85 15.87 -17.34 -52.35
CA THR R 85 15.75 -18.56 -51.57
C THR R 85 16.12 -18.32 -50.10
N LEU R 86 17.22 -17.63 -49.86
CA LEU R 86 17.69 -17.41 -48.50
C LEU R 86 16.69 -16.71 -47.63
N HIS R 87 15.95 -15.79 -48.18
CA HIS R 87 14.94 -15.03 -47.46
C HIS R 87 13.53 -15.47 -47.78
N PHE R 88 13.23 -15.73 -49.04
CA PHE R 88 11.86 -15.88 -49.52
C PHE R 88 11.65 -17.25 -50.17
N PRO R 89 11.82 -18.33 -49.41
CA PRO R 89 11.68 -19.67 -49.99
C PRO R 89 10.27 -20.01 -50.42
N HIS R 90 9.31 -19.86 -49.52
CA HIS R 90 8.02 -20.52 -49.64
C HIS R 90 6.92 -19.56 -50.05
N ALA R 91 5.87 -20.14 -50.65
CA ALA R 91 4.63 -19.44 -50.91
C ALA R 91 3.70 -19.42 -49.70
N SER R 92 4.19 -19.86 -48.53
CA SER R 92 3.37 -19.85 -47.33
C SER R 92 3.40 -18.46 -46.69
N ASN R 93 4.60 -17.93 -46.47
CA ASN R 93 4.81 -16.70 -45.73
C ASN R 93 4.92 -15.49 -46.66
N ILE R 94 4.15 -15.49 -47.75
CA ILE R 94 4.29 -14.43 -48.75
C ILE R 94 4.00 -13.08 -48.11
N THR R 95 3.02 -13.01 -47.24
CA THR R 95 2.60 -11.73 -46.67
C THR R 95 3.67 -11.18 -45.77
N LEU R 96 4.19 -12.00 -44.87
CA LEU R 96 5.31 -11.59 -44.02
C LEU R 96 6.47 -11.13 -44.87
N TYR R 97 6.72 -11.84 -45.97
CA TYR R 97 7.81 -11.46 -46.86
C TYR R 97 7.54 -10.10 -47.47
N LYS R 98 6.28 -9.78 -47.75
CA LYS R 98 5.96 -8.47 -48.32
C LYS R 98 6.12 -7.37 -47.29
N ASP R 99 5.63 -7.60 -46.08
CA ASP R 99 5.71 -6.56 -45.05
C ASP R 99 7.16 -6.30 -44.65
N GLN R 100 7.89 -7.37 -44.35
CA GLN R 100 9.31 -7.26 -44.06
C GLN R 100 10.03 -6.58 -45.21
N LEU R 101 9.63 -6.88 -46.44
CA LEU R 101 10.22 -6.24 -47.60
C LEU R 101 10.03 -4.75 -47.54
N GLN R 102 8.77 -4.30 -47.45
CA GLN R 102 8.48 -2.88 -47.43
C GLN R 102 9.21 -2.16 -46.32
N LEU R 103 9.29 -2.78 -45.14
CA LEU R 103 9.89 -2.10 -44.00
C LEU R 103 11.40 -2.01 -44.14
N TRP R 104 12.05 -3.10 -44.55
CA TRP R 104 13.49 -3.07 -44.76
C TRP R 104 13.85 -2.06 -45.84
N ILE R 105 13.01 -1.97 -46.89
CA ILE R 105 13.17 -0.93 -47.89
C ILE R 105 13.17 0.44 -47.21
N ARG R 106 12.04 0.79 -46.57
CA ARG R 106 11.88 2.11 -45.97
C ARG R 106 13.03 2.45 -45.03
N GLY R 107 13.56 1.46 -44.32
CA GLY R 107 14.70 1.68 -43.47
C GLY R 107 15.90 2.15 -44.26
N ASN R 108 16.34 1.32 -45.21
CA ASN R 108 17.58 1.66 -45.91
C ASN R 108 17.44 2.94 -46.72
N VAL R 109 16.31 3.11 -47.42
CA VAL R 109 16.16 4.30 -48.24
C VAL R 109 16.01 5.53 -47.37
N SER R 110 15.34 5.39 -46.23
CA SER R 110 15.25 6.53 -45.32
C SER R 110 16.60 6.86 -44.71
N ALA R 111 17.56 5.94 -44.75
CA ALA R 111 18.93 6.33 -44.48
C ALA R 111 19.47 7.23 -45.59
N CYS R 112 19.18 6.88 -46.85
CA CYS R 112 19.58 7.71 -47.99
C CYS R 112 18.92 7.16 -49.24
N ALA R 113 18.57 8.07 -50.14
CA ALA R 113 17.94 7.65 -51.40
C ALA R 113 18.96 7.09 -52.38
N ARG R 114 20.25 7.26 -52.12
CA ARG R 114 21.29 6.67 -52.96
C ARG R 114 21.65 5.26 -52.55
N SER R 115 20.90 4.66 -51.63
CA SER R 115 21.09 3.26 -51.33
C SER R 115 20.71 2.41 -52.54
N ILE R 116 21.22 1.18 -52.55
CA ILE R 116 21.06 0.27 -53.68
C ILE R 116 20.50 -1.05 -53.18
N PHE R 117 19.56 -1.60 -53.94
CA PHE R 117 19.03 -2.94 -53.73
C PHE R 117 19.23 -3.77 -54.97
N ILE R 118 19.53 -5.05 -54.78
CA ILE R 118 19.64 -6.02 -55.86
C ILE R 118 18.92 -7.28 -55.41
N PHE R 119 18.32 -7.96 -56.39
CA PHE R 119 17.76 -9.28 -56.20
C PHE R 119 18.51 -10.28 -57.08
N ASP R 120 18.26 -11.56 -56.81
CA ASP R 120 18.94 -12.63 -57.51
C ASP R 120 18.10 -13.89 -57.42
N GLU R 121 18.35 -14.82 -58.36
CA GLU R 121 17.65 -16.10 -58.41
C GLU R 121 16.14 -15.88 -58.52
N MET R 122 15.76 -15.07 -59.48
CA MET R 122 14.39 -14.62 -59.64
C MET R 122 13.52 -15.60 -60.40
N ASP R 123 13.99 -16.83 -60.59
CA ASP R 123 13.15 -17.88 -61.14
C ASP R 123 12.29 -18.56 -60.08
N LYS R 124 12.33 -18.09 -58.83
CA LYS R 124 11.73 -18.76 -57.70
C LYS R 124 10.95 -17.78 -56.83
N MET R 125 10.08 -16.99 -57.47
CA MET R 125 9.36 -15.91 -56.82
C MET R 125 7.85 -16.03 -57.05
N HIS R 126 7.06 -15.11 -56.47
CA HIS R 126 5.61 -15.26 -56.41
C HIS R 126 4.96 -13.89 -56.47
N ALA R 127 4.13 -13.66 -57.50
CA ALA R 127 3.79 -12.32 -57.98
C ALA R 127 3.20 -11.40 -56.90
N GLY R 128 2.73 -11.96 -55.78
CA GLY R 128 2.43 -11.11 -54.64
C GLY R 128 3.62 -10.26 -54.25
N LEU R 129 4.83 -10.81 -54.43
CA LEU R 129 6.07 -10.17 -54.03
C LEU R 129 6.54 -9.11 -55.02
N ILE R 130 5.88 -8.94 -56.18
CA ILE R 130 5.93 -7.68 -56.92
C ILE R 130 4.77 -6.78 -56.56
N ASP R 131 3.64 -7.33 -56.12
CA ASP R 131 2.48 -6.49 -55.85
C ASP R 131 2.69 -5.52 -54.70
N ALA R 132 3.82 -5.60 -53.97
CA ALA R 132 4.14 -4.69 -52.89
C ALA R 132 5.15 -3.61 -53.28
N ILE R 133 5.59 -3.58 -54.53
CA ILE R 133 6.69 -2.69 -54.93
C ILE R 133 6.37 -1.84 -56.15
N LYS R 134 5.42 -2.22 -56.99
CA LYS R 134 5.05 -1.38 -58.13
C LYS R 134 4.74 0.05 -57.76
N PRO R 135 4.05 0.35 -56.65
CA PRO R 135 3.92 1.75 -56.25
C PRO R 135 5.24 2.45 -56.00
N PHE R 136 6.23 1.73 -55.46
CA PHE R 136 7.55 2.33 -55.28
C PHE R 136 8.18 2.71 -56.61
N LEU R 137 7.73 2.12 -57.72
CA LEU R 137 8.23 2.43 -59.04
C LEU R 137 7.26 3.29 -59.84
N ASP R 138 6.29 3.92 -59.19
CA ASP R 138 5.72 5.09 -59.78
C ASP R 138 6.77 6.18 -59.84
N TYR R 139 6.73 6.96 -60.90
CA TYR R 139 7.55 8.15 -61.05
C TYR R 139 7.15 9.28 -60.10
N TYR R 140 6.18 9.06 -59.20
CA TYR R 140 5.84 9.97 -58.13
C TYR R 140 7.07 10.60 -57.50
N ASP R 141 7.01 11.91 -57.24
CA ASP R 141 8.10 12.54 -56.52
C ASP R 141 8.24 11.99 -55.10
N LEU R 142 7.19 11.37 -54.55
CA LEU R 142 7.30 10.81 -53.22
C LEU R 142 6.27 9.72 -53.01
N VAL R 143 6.43 9.02 -51.89
CA VAL R 143 5.44 8.13 -51.32
C VAL R 143 5.60 8.21 -49.81
N ASP R 144 4.49 8.37 -49.10
CA ASP R 144 4.49 8.44 -47.64
C ASP R 144 5.41 9.56 -47.13
N GLY R 145 5.48 10.64 -47.89
CA GLY R 145 6.39 11.72 -47.57
C GLY R 145 7.85 11.38 -47.78
N VAL R 146 8.16 10.47 -48.69
CA VAL R 146 9.53 10.08 -49.00
C VAL R 146 9.67 9.87 -50.50
N SER R 147 10.81 10.29 -51.05
CA SER R 147 11.14 10.07 -52.45
C SER R 147 12.06 8.87 -52.59
N TYR R 148 11.84 8.11 -53.66
CA TYR R 148 12.62 6.92 -53.96
C TYR R 148 13.31 6.98 -55.31
N GLN R 149 13.14 8.06 -56.06
CA GLN R 149 13.57 8.08 -57.45
C GLN R 149 15.08 8.21 -57.62
N LYS R 150 15.83 8.42 -56.54
CA LYS R 150 17.28 8.42 -56.65
C LYS R 150 17.85 7.02 -56.54
N ALA R 151 17.20 6.15 -55.78
CA ALA R 151 17.69 4.79 -55.61
C ALA R 151 17.59 4.02 -56.92
N MET R 152 18.13 2.81 -56.91
CA MET R 152 18.36 2.05 -58.12
C MET R 152 18.08 0.58 -57.84
N PHE R 153 17.11 0.01 -58.54
CA PHE R 153 16.70 -1.37 -58.36
C PHE R 153 17.13 -2.19 -59.56
N ILE R 154 17.76 -3.32 -59.27
CA ILE R 154 18.45 -4.13 -60.27
C ILE R 154 18.04 -5.57 -60.05
N PHE R 155 17.76 -6.28 -61.15
CA PHE R 155 17.31 -7.66 -61.11
C PHE R 155 18.26 -8.55 -61.89
N LEU R 156 18.10 -9.85 -61.69
CA LEU R 156 18.93 -10.86 -62.31
C LEU R 156 18.10 -12.09 -62.63
N SER R 157 18.52 -12.79 -63.67
CA SER R 157 17.88 -14.03 -64.08
C SER R 157 18.77 -14.70 -65.11
N ASN R 158 18.25 -15.78 -65.70
CA ASN R 158 18.85 -16.39 -66.87
C ASN R 158 17.84 -16.78 -67.93
N ALA R 159 16.56 -16.56 -67.72
CA ALA R 159 15.55 -16.91 -68.70
C ALA R 159 15.71 -16.06 -69.96
N GLY R 160 15.07 -16.51 -71.03
CA GLY R 160 15.26 -15.86 -72.31
C GLY R 160 16.62 -16.08 -72.92
N ALA R 161 17.45 -16.95 -72.33
CA ALA R 161 18.77 -17.21 -72.89
C ALA R 161 18.68 -17.80 -74.28
N GLU R 162 17.63 -18.57 -74.57
CA GLU R 162 17.55 -19.28 -75.84
C GLU R 162 17.54 -18.30 -77.01
N ARG R 163 16.94 -17.13 -76.82
CA ARG R 163 16.90 -16.13 -77.88
C ARG R 163 18.28 -15.55 -78.14
N ILE R 164 19.00 -15.18 -77.08
CA ILE R 164 20.31 -14.60 -77.31
C ILE R 164 21.25 -15.65 -77.90
N THR R 165 21.02 -16.93 -77.59
CA THR R 165 21.81 -17.99 -78.21
C THR R 165 21.52 -18.10 -79.70
N ASP R 166 20.27 -18.40 -80.06
CA ASP R 166 20.00 -18.68 -81.46
C ASP R 166 20.22 -17.46 -82.33
N VAL R 167 20.07 -16.27 -81.75
CA VAL R 167 20.45 -15.06 -82.48
C VAL R 167 21.97 -14.99 -82.62
N ALA R 168 22.71 -15.35 -81.56
CA ALA R 168 24.16 -15.29 -81.62
C ALA R 168 24.70 -16.18 -82.73
N LEU R 169 24.18 -17.40 -82.84
CA LEU R 169 24.56 -18.22 -83.98
C LEU R 169 23.93 -17.74 -85.26
N ASP R 170 22.85 -16.97 -85.21
CA ASP R 170 22.29 -16.44 -86.44
C ASP R 170 23.27 -15.51 -87.12
N PHE R 171 23.59 -14.39 -86.45
CA PHE R 171 24.52 -13.45 -87.04
C PHE R 171 25.92 -14.04 -87.16
N TRP R 172 26.32 -14.89 -86.20
CA TRP R 172 27.65 -15.49 -86.31
C TRP R 172 27.72 -16.44 -87.49
N ARG R 173 26.64 -17.16 -87.75
CA ARG R 173 26.52 -17.96 -88.96
C ARG R 173 26.53 -17.09 -90.21
N SER R 174 26.15 -15.82 -90.08
CA SER R 174 26.26 -14.88 -91.19
C SER R 174 27.70 -14.38 -91.50
N GLY R 175 28.73 -14.98 -90.92
CA GLY R 175 30.08 -14.50 -91.13
C GLY R 175 30.29 -13.17 -90.45
N LYS R 176 30.28 -13.18 -89.11
CA LYS R 176 30.10 -11.96 -88.33
C LYS R 176 30.36 -12.16 -86.85
N GLN R 177 30.78 -11.11 -86.16
CA GLN R 177 31.01 -11.13 -84.72
C GLN R 177 29.95 -10.25 -84.04
N ARG R 178 29.67 -10.55 -82.76
CA ARG R 178 28.63 -9.82 -82.07
C ARG R 178 28.99 -8.35 -81.82
N GLU R 179 30.27 -7.98 -81.98
CA GLU R 179 30.58 -6.56 -82.13
C GLU R 179 29.75 -5.94 -83.24
N ASP R 180 29.60 -6.67 -84.34
CA ASP R 180 28.79 -6.19 -85.46
C ASP R 180 27.31 -6.41 -85.22
N ILE R 181 26.93 -7.35 -84.35
CA ILE R 181 25.57 -7.35 -83.86
C ILE R 181 25.39 -6.03 -83.11
N LYS R 182 24.22 -5.44 -83.30
CA LYS R 182 23.90 -4.17 -82.66
C LYS R 182 23.21 -4.40 -81.34
N LEU R 183 23.09 -3.31 -80.58
CA LEU R 183 22.36 -3.41 -79.33
C LEU R 183 20.92 -3.81 -79.58
N LYS R 184 20.27 -3.14 -80.53
CA LYS R 184 18.93 -3.53 -80.92
C LYS R 184 18.96 -4.97 -81.38
N ASP R 185 18.14 -5.79 -80.73
CA ASP R 185 17.86 -7.13 -81.17
C ASP R 185 16.40 -7.36 -80.82
N ILE R 186 15.91 -8.58 -80.90
CA ILE R 186 14.46 -8.73 -80.99
C ILE R 186 13.87 -8.56 -79.59
N GLU R 187 13.60 -7.30 -79.22
CA GLU R 187 13.03 -7.03 -77.91
C GLU R 187 11.58 -7.47 -77.83
N HIS R 188 10.97 -7.81 -78.97
CA HIS R 188 9.65 -8.43 -78.95
C HIS R 188 9.73 -9.82 -78.32
N ALA R 189 10.64 -10.67 -78.80
CA ALA R 189 10.78 -12.00 -78.22
C ALA R 189 11.27 -11.90 -76.77
N LEU R 190 12.08 -10.89 -76.47
CA LEU R 190 12.41 -10.63 -75.07
C LEU R 190 11.16 -10.30 -74.28
N SER R 191 10.24 -9.54 -74.86
CA SER R 191 8.98 -9.29 -74.17
C SER R 191 8.18 -10.57 -73.99
N VAL R 192 8.32 -11.52 -74.92
CA VAL R 192 7.62 -12.80 -74.79
C VAL R 192 8.19 -13.59 -73.63
N SER R 193 9.53 -13.74 -73.58
CA SER R 193 10.17 -14.35 -72.42
C SER R 193 9.80 -13.61 -71.14
N VAL R 194 9.59 -12.30 -71.24
CA VAL R 194 9.19 -11.49 -70.11
C VAL R 194 7.67 -11.43 -69.96
N PHE R 195 6.92 -11.77 -71.00
CA PHE R 195 5.51 -12.11 -70.87
C PHE R 195 5.31 -13.58 -70.56
N ASN R 196 6.37 -14.38 -70.57
CA ASN R 196 6.26 -15.83 -70.54
C ASN R 196 5.59 -16.27 -69.25
N ASN R 197 4.34 -16.71 -69.32
CA ASN R 197 3.52 -16.95 -68.14
C ASN R 197 4.08 -18.03 -67.21
N LYS R 198 5.19 -18.66 -67.55
CA LYS R 198 6.07 -19.26 -66.55
C LYS R 198 6.32 -18.25 -65.44
N ASN R 199 6.45 -18.75 -64.21
CA ASN R 199 6.59 -17.87 -63.04
C ASN R 199 7.78 -16.93 -63.19
N SER R 200 8.88 -17.43 -63.76
CA SER R 200 10.03 -16.57 -64.06
C SER R 200 9.61 -15.42 -64.96
N GLY R 201 9.01 -15.73 -66.11
CA GLY R 201 8.58 -14.69 -67.02
C GLY R 201 7.24 -14.08 -66.66
N PHE R 202 6.49 -14.72 -65.77
CA PHE R 202 5.19 -14.17 -65.38
C PHE R 202 5.35 -13.08 -64.36
N TRP R 203 6.25 -13.30 -63.40
CA TRP R 203 6.76 -12.27 -62.51
C TRP R 203 7.06 -10.99 -63.28
N HIS R 204 7.99 -11.09 -64.23
CA HIS R 204 8.35 -9.92 -65.03
C HIS R 204 7.28 -9.56 -66.05
N SER R 205 6.26 -10.42 -66.27
CA SER R 205 5.10 -10.05 -67.08
C SER R 205 4.24 -9.03 -66.35
N SER R 206 3.93 -9.33 -65.10
CA SER R 206 3.16 -8.40 -64.31
C SER R 206 3.97 -7.17 -63.93
N LEU R 207 5.31 -7.26 -63.90
CA LEU R 207 6.12 -6.05 -63.79
C LEU R 207 6.09 -5.23 -65.09
N ILE R 208 6.17 -5.90 -66.24
CA ILE R 208 6.16 -5.22 -67.52
C ILE R 208 4.74 -4.81 -67.90
N ASP R 209 3.78 -5.00 -67.00
CA ASP R 209 2.47 -4.38 -67.16
C ASP R 209 2.56 -2.90 -67.54
N ARG R 210 3.63 -2.21 -67.14
CA ARG R 210 3.81 -0.78 -67.42
C ARG R 210 5.20 -0.44 -67.96
N ASN R 211 5.97 -1.43 -68.44
CA ASN R 211 7.43 -1.31 -68.62
C ASN R 211 8.06 -0.49 -67.50
N LEU R 212 7.86 -0.91 -66.27
CA LEU R 212 8.59 -0.23 -65.21
C LEU R 212 10.09 -0.44 -65.34
N ILE R 213 10.52 -1.46 -66.08
CA ILE R 213 11.93 -1.63 -66.44
C ILE R 213 12.38 -0.44 -67.27
N ASP R 214 13.64 -0.06 -67.10
CA ASP R 214 14.28 0.88 -68.00
C ASP R 214 14.79 0.17 -69.26
N TYR R 215 15.78 -0.70 -69.09
CA TYR R 215 16.55 -1.23 -70.22
C TYR R 215 16.70 -2.74 -70.04
N PHE R 216 16.20 -3.52 -71.00
CA PHE R 216 16.59 -4.91 -71.10
C PHE R 216 18.04 -5.01 -71.54
N VAL R 217 18.80 -5.89 -70.90
CA VAL R 217 20.23 -6.01 -71.16
C VAL R 217 20.62 -7.47 -71.03
N PRO R 218 20.69 -8.22 -72.11
CA PRO R 218 21.31 -9.55 -72.04
C PRO R 218 22.82 -9.50 -72.16
N PHE R 219 23.44 -10.46 -71.51
CA PHE R 219 24.85 -10.80 -71.71
C PHE R 219 24.93 -11.98 -72.68
N LEU R 220 26.16 -12.38 -73.03
CA LEU R 220 26.37 -13.45 -73.98
C LEU R 220 27.49 -14.40 -73.58
N PRO R 221 27.51 -15.64 -74.11
CA PRO R 221 28.58 -16.57 -73.76
C PRO R 221 29.96 -15.99 -74.02
N LEU R 222 30.77 -15.93 -72.98
CA LEU R 222 32.12 -15.39 -73.11
C LEU R 222 32.90 -16.32 -74.03
N GLU R 223 33.09 -15.87 -75.26
CA GLU R 223 33.70 -16.68 -76.30
C GLU R 223 35.11 -17.08 -75.88
N TYR R 224 35.60 -18.19 -76.47
CA TYR R 224 36.87 -18.76 -76.04
C TYR R 224 38.03 -17.77 -76.12
N LYS R 225 37.90 -16.76 -76.97
CA LYS R 225 38.80 -15.62 -76.84
C LYS R 225 38.73 -15.05 -75.44
N HIS R 226 37.52 -14.89 -74.88
CA HIS R 226 37.40 -14.36 -73.53
C HIS R 226 37.96 -15.32 -72.51
N LEU R 227 37.81 -16.63 -72.74
CA LEU R 227 38.52 -17.59 -71.91
C LEU R 227 39.98 -17.24 -71.88
N LYS R 228 40.63 -17.25 -73.03
CA LYS R 228 42.05 -16.92 -73.13
C LYS R 228 42.39 -15.56 -72.53
N MET R 229 41.45 -14.61 -72.55
CA MET R 229 41.68 -13.33 -71.91
C MET R 229 41.73 -13.49 -70.40
N CYS R 230 40.72 -14.14 -69.82
CA CYS R 230 40.70 -14.37 -68.38
C CYS R 230 41.54 -15.57 -67.96
N ILE R 231 42.37 -16.08 -68.86
CA ILE R 231 43.44 -17.00 -68.53
C ILE R 231 44.77 -16.27 -68.49
N ARG R 232 45.10 -15.58 -69.58
CA ARG R 232 46.32 -14.78 -69.64
C ARG R 232 46.30 -13.69 -68.57
N VAL R 233 45.26 -12.87 -68.58
CA VAL R 233 45.19 -11.71 -67.68
C VAL R 233 45.17 -12.17 -66.23
N GLU R 234 44.40 -13.22 -65.93
CA GLU R 234 44.28 -13.65 -64.55
C GLU R 234 45.57 -14.32 -64.08
N MET R 235 46.05 -15.32 -64.81
CA MET R 235 47.21 -16.07 -64.35
C MET R 235 48.48 -15.22 -64.36
N GLN R 236 48.60 -14.30 -65.32
CA GLN R 236 49.67 -13.31 -65.23
C GLN R 236 49.44 -12.32 -64.10
N SER R 237 48.19 -12.09 -63.72
CA SER R 237 47.90 -11.24 -62.57
C SER R 237 48.17 -11.94 -61.24
N ARG R 238 48.14 -13.27 -61.24
CA ARG R 238 48.28 -14.06 -60.01
C ARG R 238 49.68 -14.59 -59.78
N GLY R 239 50.67 -14.19 -60.59
CA GLY R 239 51.99 -14.76 -60.46
C GLY R 239 52.01 -16.25 -60.66
N TYR R 240 51.16 -16.75 -61.54
CA TYR R 240 50.87 -18.17 -61.67
C TYR R 240 51.90 -18.91 -62.52
N GLU R 241 52.68 -18.19 -63.33
CA GLU R 241 53.64 -18.78 -64.25
C GLU R 241 52.93 -19.68 -65.26
N ILE R 242 52.00 -19.08 -65.98
CA ILE R 242 51.34 -19.74 -67.10
C ILE R 242 52.23 -19.59 -68.33
N ASP R 243 52.04 -20.50 -69.29
CA ASP R 243 52.77 -20.48 -70.55
C ASP R 243 51.83 -20.83 -71.69
N GLU R 244 52.35 -21.14 -72.87
CA GLU R 244 51.49 -21.32 -74.04
C GLU R 244 50.65 -22.58 -73.95
N ASP R 245 51.28 -23.70 -73.58
CA ASP R 245 50.61 -25.00 -73.62
C ASP R 245 49.33 -24.98 -72.78
N ILE R 246 49.38 -24.32 -71.62
CA ILE R 246 48.22 -24.16 -70.76
C ILE R 246 47.07 -23.53 -71.52
N VAL R 247 47.39 -22.67 -72.50
CA VAL R 247 46.38 -21.97 -73.29
C VAL R 247 46.13 -22.66 -74.63
N SER R 248 46.88 -23.72 -74.94
CA SER R 248 46.36 -24.73 -75.85
C SER R 248 45.27 -25.54 -75.16
N ARG R 249 45.45 -25.78 -73.86
CA ARG R 249 44.52 -26.64 -73.14
C ARG R 249 43.19 -25.96 -72.82
N VAL R 250 43.05 -24.65 -73.08
CA VAL R 250 41.76 -24.01 -72.89
C VAL R 250 40.72 -24.66 -73.80
N ALA R 251 41.12 -25.00 -75.02
CA ALA R 251 40.23 -25.61 -76.00
C ALA R 251 40.52 -27.09 -76.22
N GLU R 252 41.75 -27.55 -76.01
CA GLU R 252 42.00 -28.97 -76.13
C GLU R 252 41.29 -29.78 -75.04
N GLU R 253 40.93 -29.13 -73.93
CA GLU R 253 40.41 -29.80 -72.74
C GLU R 253 39.19 -29.05 -72.19
N MET R 254 38.25 -28.69 -73.06
CA MET R 254 37.04 -28.00 -72.64
C MET R 254 35.93 -28.32 -73.64
N THR R 255 34.69 -28.21 -73.15
CA THR R 255 33.51 -28.35 -73.98
C THR R 255 32.92 -26.99 -74.29
N PHE R 256 32.54 -26.81 -75.54
CA PHE R 256 31.85 -25.63 -76.03
C PHE R 256 30.51 -26.05 -76.63
N PHE R 257 29.71 -25.06 -77.04
CA PHE R 257 28.35 -25.27 -77.51
C PHE R 257 28.18 -24.65 -78.89
N PRO R 258 27.50 -25.32 -79.84
CA PRO R 258 27.06 -26.72 -79.85
C PRO R 258 28.26 -27.63 -80.04
N LYS R 259 28.06 -28.93 -79.91
CA LYS R 259 29.11 -29.85 -80.30
C LYS R 259 29.51 -29.68 -81.74
N GLU R 260 28.53 -29.53 -82.64
CA GLU R 260 28.81 -29.59 -84.06
C GLU R 260 29.67 -28.43 -84.53
N GLU R 261 29.91 -27.44 -83.67
CA GLU R 261 30.80 -26.33 -83.98
C GLU R 261 31.81 -26.09 -82.86
N ARG R 262 31.44 -26.40 -81.61
CA ARG R 262 32.31 -26.19 -80.45
C ARG R 262 32.74 -24.72 -80.33
N VAL R 263 31.75 -23.87 -80.06
CA VAL R 263 31.97 -22.43 -80.12
C VAL R 263 31.62 -21.76 -78.80
N PHE R 264 30.35 -21.79 -78.43
CA PHE R 264 29.89 -21.07 -77.26
C PHE R 264 30.31 -21.82 -76.01
N SER R 265 30.81 -21.07 -75.04
CA SER R 265 31.38 -21.65 -73.85
C SER R 265 30.27 -22.27 -73.00
N ASP R 266 30.67 -22.80 -71.86
CA ASP R 266 29.74 -23.32 -70.85
C ASP R 266 29.80 -22.47 -69.61
N LYS R 267 30.91 -21.76 -69.39
CA LYS R 267 31.08 -20.92 -68.22
C LYS R 267 31.73 -19.59 -68.48
N GLY R 268 32.41 -19.41 -69.60
CA GLY R 268 33.26 -18.25 -69.70
C GLY R 268 34.32 -18.29 -68.62
N CYS R 269 34.35 -17.22 -67.83
CA CYS R 269 35.44 -16.95 -66.90
C CYS R 269 35.06 -17.27 -65.46
N LYS R 270 34.15 -18.23 -65.27
CA LYS R 270 33.70 -18.66 -63.97
C LYS R 270 34.48 -19.84 -63.44
N THR R 271 34.45 -20.97 -64.13
CA THR R 271 35.24 -22.14 -63.80
C THR R 271 36.62 -22.10 -64.43
N VAL R 272 37.01 -20.96 -65.01
CA VAL R 272 38.23 -20.92 -65.79
C VAL R 272 39.45 -21.20 -64.91
N PHE R 273 39.55 -20.51 -63.77
CA PHE R 273 40.79 -20.57 -63.00
C PHE R 273 40.97 -21.89 -62.26
N THR R 274 39.89 -22.60 -61.99
CA THR R 274 40.00 -23.93 -61.38
C THR R 274 40.60 -24.92 -62.37
N LYS R 275 40.04 -24.94 -63.59
CA LYS R 275 40.62 -25.75 -64.66
C LYS R 275 42.05 -25.32 -64.96
N LEU R 276 42.34 -24.03 -64.83
CA LEU R 276 43.72 -23.60 -64.96
C LEU R 276 44.58 -24.13 -63.84
N ASP R 277 44.03 -24.30 -62.64
CA ASP R 277 44.80 -24.99 -61.60
C ASP R 277 45.02 -26.44 -61.99
N TYR R 278 44.09 -27.06 -62.73
CA TYR R 278 44.44 -28.35 -63.29
C TYR R 278 45.61 -28.22 -64.27
N TYR R 279 45.68 -27.13 -65.01
CA TYR R 279 46.75 -27.01 -65.98
C TYR R 279 48.08 -26.65 -65.30
N TYR R 280 48.02 -26.14 -64.06
CA TYR R 280 49.20 -26.24 -63.19
C TYR R 280 49.50 -27.70 -62.93
N ASP R 281 48.46 -28.48 -62.66
CA ASP R 281 48.63 -29.91 -62.50
C ASP R 281 48.93 -30.57 -63.85
N ASP R 282 48.51 -29.94 -64.95
CA ASP R 282 48.90 -30.29 -66.32
C ASP R 282 48.73 -31.78 -66.63
N GLY S 1 16.71 87.29 19.17
CA GLY S 1 16.10 86.04 18.66
C GLY S 1 15.04 85.48 19.60
N GLN S 2 15.48 85.02 20.78
CA GLN S 2 14.53 84.50 21.76
C GLN S 2 13.56 85.58 22.23
N LYS S 3 13.99 86.84 22.19
CA LYS S 3 13.11 87.97 22.46
C LYS S 3 12.51 88.55 21.18
N ARG S 4 12.41 87.75 20.13
CA ARG S 4 11.85 88.17 18.85
C ARG S 4 10.77 87.19 18.44
N SER S 5 9.55 87.69 18.24
CA SER S 5 8.54 86.92 17.53
C SER S 5 8.88 86.95 16.05
N LEU S 6 8.97 85.78 15.44
CA LEU S 6 9.56 85.63 14.12
C LEU S 6 8.68 86.32 13.09
N SER S 7 9.21 87.38 12.48
CA SER S 7 8.53 87.99 11.36
C SER S 7 8.70 87.14 10.11
N ARG S 8 7.77 87.32 9.18
CA ARG S 8 7.75 86.51 7.96
C ARG S 8 9.02 86.71 7.15
N GLU S 9 9.49 87.96 7.08
CA GLU S 9 10.64 88.30 6.26
C GLU S 9 11.87 87.51 6.67
N ALA S 10 12.09 87.38 7.98
CA ALA S 10 13.30 86.72 8.45
C ALA S 10 13.34 85.26 7.98
N LEU S 11 12.18 84.60 8.00
CA LEU S 11 12.15 83.17 7.72
C LEU S 11 12.15 82.89 6.24
N GLN S 12 11.34 83.62 5.46
CA GLN S 12 11.43 83.46 4.02
C GLN S 12 12.80 83.85 3.52
N LYS S 13 13.41 84.85 4.16
CA LYS S 13 14.78 85.23 3.85
C LYS S 13 15.72 84.05 4.09
N ASP S 14 15.65 83.47 5.30
CA ASP S 14 16.59 82.40 5.66
C ASP S 14 16.45 81.21 4.73
N LEU S 15 15.21 80.75 4.53
CA LEU S 15 14.99 79.57 3.71
C LEU S 15 15.37 79.85 2.26
N ASP S 16 15.00 81.03 1.75
CA ASP S 16 15.38 81.38 0.39
C ASP S 16 16.88 81.53 0.25
N ASP S 17 17.59 81.79 1.35
CA ASP S 17 19.05 81.84 1.30
C ASP S 17 19.63 80.44 1.20
N ASN S 18 19.24 79.57 2.14
CA ASN S 18 19.95 78.31 2.34
C ASN S 18 19.18 77.09 1.84
N LEU S 19 17.85 77.11 1.91
CA LEU S 19 17.08 75.95 1.48
C LEU S 19 16.98 75.93 -0.03
N PHE S 20 17.25 74.77 -0.60
CA PHE S 20 17.23 74.54 -2.04
C PHE S 20 15.98 73.78 -2.43
N GLY S 21 15.18 74.37 -3.30
CA GLY S 21 13.90 73.81 -3.65
C GLY S 21 12.95 73.83 -2.46
N GLN S 22 12.10 72.82 -2.41
CA GLN S 22 11.18 72.64 -1.29
C GLN S 22 10.27 73.85 -1.12
N HIS S 23 9.77 74.34 -2.26
CA HIS S 23 8.81 75.44 -2.26
C HIS S 23 7.64 75.15 -1.33
N LEU S 24 7.18 73.88 -1.30
CA LEU S 24 6.10 73.48 -0.43
C LEU S 24 6.45 73.78 1.02
N ALA S 25 7.70 73.51 1.39
CA ALA S 25 8.06 73.60 2.80
C ALA S 25 8.18 75.06 3.20
N LYS S 26 8.62 75.90 2.28
CA LYS S 26 8.68 77.34 2.57
C LYS S 26 7.28 77.91 2.75
N LYS S 27 6.35 77.57 1.85
CA LYS S 27 4.98 78.04 1.98
C LYS S 27 4.38 77.57 3.31
N ILE S 28 4.37 76.25 3.52
CA ILE S 28 3.79 75.64 4.72
C ILE S 28 4.37 76.28 5.95
N ILE S 29 5.69 76.10 6.13
CA ILE S 29 6.34 76.50 7.37
C ILE S 29 6.10 77.97 7.61
N LEU S 30 6.45 78.78 6.62
CA LEU S 30 6.40 80.24 6.77
C LEU S 30 5.03 80.70 7.24
N ASN S 31 3.99 80.39 6.48
CA ASN S 31 2.67 80.89 6.86
C ASN S 31 2.15 80.22 8.12
N ALA S 32 2.47 78.93 8.28
CA ALA S 32 1.93 78.16 9.39
C ALA S 32 2.45 78.69 10.73
N VAL S 33 3.76 78.73 10.89
CA VAL S 33 4.28 79.24 12.15
C VAL S 33 3.99 80.72 12.27
N PHE S 34 4.11 81.48 11.17
CA PHE S 34 3.92 82.92 11.25
C PHE S 34 2.52 83.28 11.70
N GLY S 35 1.54 82.42 11.43
CA GLY S 35 0.22 82.58 12.01
C GLY S 35 0.20 82.04 13.43
N PHE S 36 0.90 80.94 13.66
CA PHE S 36 0.87 80.28 14.96
C PHE S 36 1.58 81.10 16.01
N ILE S 37 2.85 81.46 15.77
CA ILE S 37 3.64 82.12 16.79
C ILE S 37 3.07 83.49 17.12
N ASN S 38 2.52 84.17 16.12
CA ASN S 38 1.87 85.44 16.34
C ASN S 38 0.52 85.30 17.02
N ASN S 39 -0.05 84.10 17.04
CA ASN S 39 -1.32 83.88 17.69
C ASN S 39 -1.12 83.78 19.19
N PRO S 40 -1.69 84.66 20.01
CA PRO S 40 -1.64 84.45 21.47
C PRO S 40 -2.59 83.36 21.95
N LYS S 41 -3.46 82.83 21.08
CA LYS S 41 -4.43 81.80 21.45
C LYS S 41 -4.43 80.75 20.37
N PRO S 42 -3.42 79.87 20.34
CA PRO S 42 -3.38 78.85 19.28
C PRO S 42 -4.51 77.84 19.39
N LYS S 43 -5.04 77.61 20.59
CA LYS S 43 -6.05 76.62 20.94
C LYS S 43 -5.46 75.20 21.01
N LYS S 44 -4.23 74.99 20.53
CA LYS S 44 -3.60 73.68 20.50
C LYS S 44 -2.11 73.89 20.36
N PRO S 45 -1.31 72.93 20.78
CA PRO S 45 0.10 72.99 20.39
C PRO S 45 0.25 72.67 18.91
N LEU S 46 1.47 72.79 18.40
CA LEU S 46 1.76 72.58 16.99
C LEU S 46 2.12 71.11 16.82
N THR S 47 1.32 70.40 16.05
CA THR S 47 1.47 68.96 15.85
C THR S 47 1.91 68.74 14.43
N LEU S 48 3.23 68.75 14.23
CA LEU S 48 3.80 68.64 12.91
C LEU S 48 4.21 67.20 12.62
N SER S 49 4.06 66.81 11.35
CA SER S 49 4.41 65.47 10.88
C SER S 49 5.40 65.62 9.74
N LEU S 50 6.39 64.75 9.71
CA LEU S 50 7.34 64.69 8.62
C LEU S 50 7.74 63.26 8.33
N HIS S 51 7.82 62.95 7.04
CA HIS S 51 8.31 61.68 6.54
C HIS S 51 8.78 61.91 5.11
N GLY S 52 9.30 60.86 4.50
CA GLY S 52 9.84 60.96 3.15
C GLY S 52 11.27 60.48 3.03
N TRP S 53 12.06 61.16 2.21
CA TRP S 53 13.43 60.78 1.93
C TRP S 53 14.40 61.68 2.69
N THR S 54 15.58 61.13 3.01
CA THR S 54 16.53 61.87 3.83
C THR S 54 17.31 62.88 3.02
N GLY S 55 18.17 63.58 3.74
CA GLY S 55 19.08 64.51 3.13
C GLY S 55 18.42 65.66 2.41
N THR S 56 17.12 65.81 2.58
CA THR S 56 16.32 66.88 2.03
C THR S 56 16.18 68.02 3.01
N GLY S 57 16.49 67.75 4.27
CA GLY S 57 16.73 68.77 5.24
C GLY S 57 15.82 68.77 6.44
N LYS S 58 15.33 67.60 6.88
CA LYS S 58 14.44 67.59 8.03
C LYS S 58 15.14 68.11 9.27
N ASN S 59 16.17 67.42 9.71
CA ASN S 59 16.92 67.89 10.87
C ASN S 59 17.61 69.22 10.56
N PHE S 60 17.94 69.44 9.29
CA PHE S 60 18.40 70.74 8.82
C PHE S 60 17.38 71.84 9.13
N VAL S 61 16.14 71.72 8.61
CA VAL S 61 15.18 72.82 8.78
C VAL S 61 14.79 72.97 10.23
N SER S 62 14.62 71.86 10.94
CA SER S 62 14.31 71.94 12.36
C SER S 62 15.39 72.69 13.11
N LYS S 63 16.65 72.40 12.77
CA LYS S 63 17.76 73.14 13.33
C LYS S 63 17.64 74.62 13.02
N ILE S 64 17.32 74.96 11.77
CA ILE S 64 17.30 76.37 11.35
C ILE S 64 16.29 77.13 12.16
N ILE S 65 15.05 76.64 12.19
CA ILE S 65 14.02 77.38 12.90
C ILE S 65 14.30 77.38 14.39
N ALA S 66 14.92 76.31 14.89
CA ALA S 66 15.34 76.30 16.28
C ALA S 66 16.32 77.44 16.56
N GLU S 67 17.18 77.74 15.58
CA GLU S 67 18.14 78.83 15.76
C GLU S 67 17.45 80.18 15.67
N ASN S 68 16.52 80.32 14.73
CA ASN S 68 15.83 81.60 14.58
C ASN S 68 14.99 81.92 15.81
N ILE S 69 14.34 80.92 16.38
CA ILE S 69 13.53 81.15 17.58
C ILE S 69 14.43 81.53 18.74
N TYR S 70 15.32 80.63 19.14
CA TYR S 70 16.26 80.85 20.24
C TYR S 70 17.68 80.80 19.73
N GLU S 71 18.53 81.65 20.33
CA GLU S 71 19.95 81.62 20.03
C GLU S 71 20.56 80.27 20.35
N GLY S 72 20.01 79.56 21.33
CA GLY S 72 20.49 78.24 21.68
C GLY S 72 20.42 77.25 20.54
N GLY S 73 19.51 77.47 19.58
CA GLY S 73 19.27 76.47 18.57
C GLY S 73 18.82 75.20 19.25
N LEU S 74 19.72 74.21 19.31
CA LEU S 74 19.51 73.03 20.11
C LEU S 74 20.16 73.11 21.49
N ASN S 75 21.04 74.08 21.71
CA ASN S 75 21.67 74.24 23.02
C ASN S 75 20.72 74.77 24.09
N SER S 76 19.53 75.26 23.70
CA SER S 76 18.67 75.91 24.67
C SER S 76 18.18 74.90 25.71
N ASP S 77 18.17 75.35 26.96
CA ASP S 77 17.55 74.57 28.04
C ASP S 77 16.07 74.37 27.78
N TYR S 78 15.43 75.33 27.13
CA TYR S 78 14.05 75.16 26.70
C TYR S 78 13.93 74.03 25.71
N VAL S 79 14.83 73.99 24.73
CA VAL S 79 14.77 73.04 23.63
C VAL S 79 15.46 71.77 24.12
N HIS S 80 14.65 70.80 24.52
CA HIS S 80 15.13 69.55 25.10
C HIS S 80 14.68 68.39 24.23
N LEU S 81 15.63 67.53 23.87
CA LEU S 81 15.47 66.58 22.78
C LEU S 81 15.41 65.15 23.29
N PHE S 82 14.59 64.35 22.59
CA PHE S 82 14.47 62.92 22.84
C PHE S 82 14.71 62.18 21.54
N VAL S 83 15.08 60.91 21.69
CA VAL S 83 15.35 60.01 20.56
C VAL S 83 14.77 58.65 20.92
N ALA S 84 14.38 57.91 19.89
CA ALA S 84 13.87 56.56 20.10
C ALA S 84 14.93 55.68 20.75
N THR S 85 16.03 55.45 20.04
CA THR S 85 16.94 54.37 20.43
C THR S 85 17.78 54.76 21.64
N LEU S 86 18.33 55.97 21.64
CA LEU S 86 19.21 56.40 22.73
C LEU S 86 18.52 56.38 24.08
N HIS S 87 17.27 56.69 24.13
CA HIS S 87 16.49 56.72 25.35
C HIS S 87 15.56 55.54 25.48
N PHE S 88 14.87 55.18 24.40
CA PHE S 88 13.73 54.25 24.45
C PHE S 88 13.98 53.03 23.56
N PRO S 89 15.01 52.25 23.86
CA PRO S 89 15.32 51.08 23.02
C PRO S 89 14.27 49.98 23.07
N HIS S 90 13.93 49.53 24.28
CA HIS S 90 13.29 48.24 24.46
C HIS S 90 11.81 48.38 24.79
N ALA S 91 11.07 47.31 24.48
CA ALA S 91 9.70 47.16 24.92
C ALA S 91 9.59 46.62 26.33
N SER S 92 10.71 46.51 27.06
CA SER S 92 10.68 46.05 28.44
C SER S 92 10.30 47.17 29.39
N ASN S 93 10.99 48.30 29.28
CA ASN S 93 10.86 49.42 30.20
C ASN S 93 9.89 50.47 29.69
N ILE S 94 8.82 50.05 29.00
CA ILE S 94 7.91 50.99 28.38
C ILE S 94 7.32 51.92 29.43
N THR S 95 6.98 51.38 30.60
CA THR S 95 6.29 52.16 31.61
C THR S 95 7.20 53.24 32.17
N LEU S 96 8.43 52.86 32.53
CA LEU S 96 9.42 53.83 32.98
C LEU S 96 9.62 54.89 31.92
N TYR S 97 9.64 54.48 30.65
CA TYR S 97 9.82 55.43 29.57
C TYR S 97 8.64 56.40 29.51
N LYS S 98 7.44 55.92 29.83
CA LYS S 98 6.28 56.80 29.82
C LYS S 98 6.31 57.78 30.99
N ASP S 99 6.65 57.29 32.18
CA ASP S 99 6.65 58.16 33.35
C ASP S 99 7.75 59.21 33.23
N GLN S 100 8.97 58.76 32.92
CA GLN S 100 10.07 59.68 32.67
C GLN S 100 9.70 60.67 31.59
N LEU S 101 8.98 60.20 30.57
CA LEU S 101 8.55 61.08 29.50
C LEU S 101 7.67 62.19 30.06
N GLN S 102 6.58 61.82 30.73
CA GLN S 102 5.64 62.79 31.26
C GLN S 102 6.33 63.80 32.17
N LEU S 103 7.26 63.33 33.01
CA LEU S 103 7.88 64.21 33.98
C LEU S 103 8.86 65.18 33.31
N TRP S 104 9.69 64.66 32.40
CA TRP S 104 10.60 65.54 31.68
C TRP S 104 9.84 66.58 30.89
N ILE S 105 8.70 66.17 30.30
CA ILE S 105 7.81 67.13 29.66
C ILE S 105 7.43 68.22 30.64
N ARG S 106 6.75 67.85 31.72
CA ARG S 106 6.24 68.81 32.69
C ARG S 106 7.33 69.74 33.19
N GLY S 107 8.55 69.24 33.34
CA GLY S 107 9.67 70.08 33.72
C GLY S 107 9.91 71.18 32.71
N ASN S 108 10.21 70.78 31.47
CA ASN S 108 10.59 71.78 30.48
C ASN S 108 9.46 72.75 30.19
N VAL S 109 8.24 72.24 30.04
CA VAL S 109 7.13 73.12 29.71
C VAL S 109 6.80 74.02 30.89
N SER S 110 6.94 73.51 32.11
CA SER S 110 6.71 74.36 33.26
C SER S 110 7.80 75.41 33.39
N ALA S 111 8.95 75.22 32.74
CA ALA S 111 9.86 76.34 32.56
C ALA S 111 9.26 77.39 31.64
N CYS S 112 8.65 76.97 30.55
CA CYS S 112 7.98 77.88 29.63
C CYS S 112 7.19 77.07 28.61
N ALA S 113 6.05 77.61 28.20
CA ALA S 113 5.23 76.93 27.21
C ALA S 113 5.78 77.08 25.80
N ARG S 114 6.75 77.97 25.60
CA ARG S 114 7.40 78.12 24.30
C ARG S 114 8.56 77.17 24.13
N SER S 115 8.78 76.23 25.05
CA SER S 115 9.77 75.19 24.84
C SER S 115 9.36 74.31 23.67
N ILE S 116 10.35 73.60 23.13
CA ILE S 116 10.17 72.79 21.93
C ILE S 116 10.66 71.38 22.22
N PHE S 117 9.92 70.39 21.74
CA PHE S 117 10.32 69.00 21.74
C PHE S 117 10.30 68.46 20.32
N ILE S 118 11.26 67.59 20.03
CA ILE S 118 11.33 66.88 18.76
C ILE S 118 11.66 65.43 19.05
N PHE S 119 11.12 64.55 18.23
CA PHE S 119 11.48 63.14 18.22
C PHE S 119 12.12 62.78 16.89
N ASP S 120 12.72 61.60 16.85
CA ASP S 120 13.42 61.13 15.67
C ASP S 120 13.50 59.61 15.71
N GLU S 121 13.71 59.03 14.52
CA GLU S 121 13.84 57.58 14.37
C GLU S 121 12.59 56.87 14.90
N MET S 122 11.45 57.33 14.43
CA MET S 122 10.16 56.89 14.94
C MET S 122 9.67 55.59 14.31
N ASP S 123 10.55 54.87 13.62
CA ASP S 123 10.23 53.54 13.14
C ASP S 123 10.45 52.47 14.20
N LYS S 124 10.83 52.86 15.43
CA LYS S 124 11.27 51.95 16.46
C LYS S 124 10.61 52.27 17.80
N MET S 125 9.29 52.42 17.78
CA MET S 125 8.53 52.87 18.94
C MET S 125 7.39 51.90 19.27
N HIS S 126 6.63 52.16 20.33
CA HIS S 126 5.68 51.20 20.88
C HIS S 126 4.49 51.93 21.46
N ALA S 127 3.29 51.64 20.93
CA ALA S 127 2.13 52.54 21.03
C ALA S 127 1.74 52.92 22.46
N GLY S 128 2.21 52.19 23.46
CA GLY S 128 2.10 52.68 24.82
C GLY S 128 2.73 54.07 24.96
N LEU S 129 3.78 54.32 24.20
CA LEU S 129 4.53 55.56 24.26
C LEU S 129 3.87 56.72 23.51
N ILE S 130 2.76 56.47 22.78
CA ILE S 130 1.81 57.54 22.47
C ILE S 130 0.69 57.59 23.48
N ASP S 131 0.35 56.48 24.13
CA ASP S 131 -0.78 56.47 25.05
C ASP S 131 -0.59 57.38 26.27
N ALA S 132 0.60 57.95 26.46
CA ALA S 132 0.89 58.86 27.55
C ALA S 132 0.88 60.33 27.14
N ILE S 133 0.60 60.65 25.88
CA ILE S 133 0.74 62.00 25.36
C ILE S 133 -0.49 62.53 24.64
N LYS S 134 -1.39 61.68 24.15
CA LYS S 134 -2.61 62.15 23.53
C LYS S 134 -3.40 63.14 24.37
N PRO S 135 -3.52 62.96 25.69
CA PRO S 135 -4.14 64.02 26.51
C PRO S 135 -3.42 65.34 26.43
N PHE S 136 -2.09 65.33 26.33
CA PHE S 136 -1.37 66.59 26.16
C PHE S 136 -1.74 67.29 24.87
N LEU S 137 -2.27 66.56 23.88
CA LEU S 137 -2.70 67.13 22.62
C LEU S 137 -4.21 67.26 22.52
N ASP S 138 -4.91 67.19 23.64
CA ASP S 138 -6.22 67.82 23.67
C ASP S 138 -6.03 69.32 23.53
N TYR S 139 -6.97 69.94 22.82
CA TYR S 139 -7.05 71.40 22.73
C TYR S 139 -7.47 72.06 24.04
N TYR S 140 -7.63 71.31 25.13
CA TYR S 140 -7.83 71.83 26.47
C TYR S 140 -6.98 73.05 26.73
N ASP S 141 -7.57 74.07 27.36
CA ASP S 141 -6.77 75.21 27.77
C ASP S 141 -5.72 74.83 28.81
N LEU S 142 -5.90 73.71 29.51
CA LEU S 142 -4.91 73.30 30.49
C LEU S 142 -5.00 71.81 30.75
N VAL S 143 -3.99 71.32 31.47
CA VAL S 143 -3.99 70.01 32.10
C VAL S 143 -3.20 70.15 33.39
N ASP S 144 -3.75 69.61 34.49
CA ASP S 144 -3.09 69.66 35.80
C ASP S 144 -2.76 71.08 36.21
N GLY S 145 -3.62 72.02 35.82
CA GLY S 145 -3.36 73.43 36.07
C GLY S 145 -2.24 74.01 35.24
N VAL S 146 -1.99 73.46 34.06
CA VAL S 146 -0.94 73.95 33.16
C VAL S 146 -1.44 73.88 31.74
N SER S 147 -1.10 74.89 30.94
CA SER S 147 -1.41 74.93 29.53
C SER S 147 -0.20 74.50 28.71
N TYR S 148 -0.46 73.77 27.63
CA TYR S 148 0.56 73.25 26.74
C TYR S 148 0.39 73.72 25.31
N GLN S 149 -0.64 74.51 25.01
CA GLN S 149 -0.99 74.80 23.63
C GLN S 149 -0.05 75.79 22.95
N LYS S 150 0.89 76.38 23.68
CA LYS S 150 1.89 77.23 23.04
C LYS S 150 3.07 76.43 22.52
N ALA S 151 3.39 75.33 23.20
CA ALA S 151 4.52 74.51 22.78
C ALA S 151 4.23 73.86 21.43
N MET S 152 5.24 73.18 20.91
CA MET S 152 5.23 72.72 19.52
C MET S 152 5.91 71.36 19.47
N PHE S 153 5.17 70.34 19.04
CA PHE S 153 5.65 68.98 18.96
C PHE S 153 5.82 68.58 17.52
N ILE S 154 6.99 68.02 17.20
CA ILE S 154 7.44 67.78 15.84
C ILE S 154 7.97 66.36 15.78
N PHE S 155 7.61 65.64 14.71
CA PHE S 155 8.02 64.26 14.52
C PHE S 155 8.80 64.11 13.23
N LEU S 156 9.43 62.96 13.10
CA LEU S 156 10.26 62.63 11.95
C LEU S 156 10.13 61.16 11.62
N SER S 157 10.31 60.84 10.34
CA SER S 157 10.28 59.47 9.87
C SER S 157 10.78 59.45 8.44
N ASN S 158 10.66 58.29 7.81
CA ASN S 158 10.88 58.16 6.38
C ASN S 158 9.85 57.27 5.70
N ALA S 159 8.91 56.70 6.44
CA ALA S 159 7.90 55.83 5.84
C ALA S 159 7.00 56.63 4.93
N GLY S 160 6.26 55.92 4.08
CA GLY S 160 5.46 56.56 3.06
C GLY S 160 6.27 57.20 1.95
N ALA S 161 7.58 56.97 1.92
CA ALA S 161 8.41 57.53 0.86
C ALA S 161 7.99 57.01 -0.51
N GLU S 162 7.48 55.79 -0.58
CA GLU S 162 7.19 55.18 -1.87
C GLU S 162 6.13 55.98 -2.62
N ARG S 163 5.20 56.58 -1.90
CA ARG S 163 4.16 57.38 -2.53
C ARG S 163 4.73 58.67 -3.11
N ILE S 164 5.57 59.37 -2.35
CA ILE S 164 6.10 60.60 -2.88
C ILE S 164 7.04 60.31 -4.05
N THR S 165 7.67 59.13 -4.05
CA THR S 165 8.49 58.75 -5.19
C THR S 165 7.64 58.51 -6.43
N ASP S 166 6.73 57.54 -6.37
CA ASP S 166 6.01 57.17 -7.58
C ASP S 166 5.14 58.30 -8.08
N VAL S 167 4.69 59.18 -7.19
CA VAL S 167 4.01 60.40 -7.62
C VAL S 167 5.00 61.33 -8.30
N ALA S 168 6.21 61.45 -7.74
CA ALA S 168 7.20 62.35 -8.31
C ALA S 168 7.52 61.96 -9.75
N LEU S 169 7.72 60.67 -10.01
CA LEU S 169 7.88 60.25 -11.39
C LEU S 169 6.57 60.29 -12.15
N ASP S 170 5.42 60.28 -11.46
CA ASP S 170 4.17 60.39 -12.19
C ASP S 170 4.09 61.74 -12.90
N PHE S 171 4.07 62.82 -12.11
CA PHE S 171 3.98 64.13 -12.71
C PHE S 171 5.23 64.47 -13.51
N TRP S 172 6.39 64.01 -13.06
CA TRP S 172 7.61 64.29 -13.81
C TRP S 172 7.59 63.59 -15.16
N ARG S 173 7.05 62.36 -15.18
CA ARG S 173 6.80 61.66 -16.44
C ARG S 173 5.79 62.41 -17.29
N SER S 174 4.92 63.20 -16.68
CA SER S 174 4.01 64.05 -17.44
C SER S 174 4.63 65.29 -18.10
N GLY S 175 5.96 65.41 -18.14
CA GLY S 175 6.59 66.58 -18.70
C GLY S 175 6.38 67.78 -17.79
N LYS S 176 7.00 67.75 -16.62
CA LYS S 176 6.62 68.62 -15.51
C LYS S 176 7.62 68.58 -14.36
N GLN S 177 7.71 69.68 -13.62
CA GLN S 177 8.55 69.77 -12.43
C GLN S 177 7.67 69.86 -11.19
N ARG S 178 8.22 69.44 -10.04
CA ARG S 178 7.41 69.41 -8.83
C ARG S 178 7.05 70.81 -8.32
N GLU S 179 7.69 71.86 -8.83
CA GLU S 179 7.13 73.20 -8.69
C GLU S 179 5.70 73.23 -9.18
N ASP S 180 5.43 72.57 -10.31
CA ASP S 180 4.10 72.49 -10.85
C ASP S 180 3.25 71.45 -10.15
N ILE S 181 3.87 70.45 -9.51
CA ILE S 181 3.11 69.65 -8.56
C ILE S 181 2.65 70.60 -7.46
N LYS S 182 1.43 70.41 -7.01
CA LYS S 182 0.84 71.25 -5.98
C LYS S 182 1.08 70.63 -4.61
N LEU S 183 0.80 71.43 -3.59
CA LEU S 183 0.92 70.91 -2.24
C LEU S 183 -0.03 69.75 -2.04
N LYS S 184 -1.28 69.93 -2.43
CA LYS S 184 -2.23 68.83 -2.40
C LYS S 184 -1.70 67.68 -3.22
N ASP S 185 -1.56 66.54 -2.57
CA ASP S 185 -1.29 65.29 -3.24
C ASP S 185 -2.06 64.25 -2.45
N ILE S 186 -1.82 62.97 -2.69
CA ILE S 186 -2.83 62.00 -2.26
C ILE S 186 -2.68 61.77 -0.76
N GLU S 187 -3.35 62.63 0.03
CA GLU S 187 -3.28 62.51 1.48
C GLU S 187 -4.07 61.29 1.97
N HIS S 188 -4.87 60.69 1.09
CA HIS S 188 -5.49 59.42 1.43
C HIS S 188 -4.43 58.32 1.56
N ALA S 189 -3.57 58.17 0.55
CA ALA S 189 -2.51 57.17 0.64
C ALA S 189 -1.54 57.51 1.76
N LEU S 190 -1.32 58.80 2.01
CA LEU S 190 -0.56 59.19 3.20
C LEU S 190 -1.25 58.71 4.46
N SER S 191 -2.59 58.80 4.50
CA SER S 191 -3.28 58.26 5.65
C SER S 191 -3.12 56.74 5.74
N VAL S 192 -2.98 56.06 4.60
CA VAL S 192 -2.77 54.62 4.61
C VAL S 192 -1.40 54.30 5.21
N SER S 193 -0.35 54.95 4.70
CA SER S 193 0.98 54.82 5.30
C SER S 193 0.93 55.18 6.79
N VAL S 194 0.06 56.12 7.15
CA VAL S 194 -0.12 56.55 8.52
C VAL S 194 -1.15 55.70 9.25
N PHE S 195 -2.01 55.00 8.52
CA PHE S 195 -2.79 53.89 9.06
C PHE S 195 -2.05 52.57 8.99
N ASN S 196 -0.88 52.55 8.36
CA ASN S 196 -0.21 51.30 8.01
C ASN S 196 0.16 50.55 9.28
N ASN S 197 -0.56 49.46 9.55
CA ASN S 197 -0.47 48.77 10.84
C ASN S 197 0.92 48.20 11.14
N LYS S 198 1.88 48.34 10.24
CA LYS S 198 3.28 48.37 10.63
C LYS S 198 3.47 49.31 11.81
N ASN S 199 4.41 48.96 12.70
CA ASN S 199 4.60 49.75 13.92
C ASN S 199 4.92 51.20 13.62
N SER S 200 5.68 51.45 12.55
CA SER S 200 5.93 52.82 12.11
C SER S 200 4.63 53.53 11.79
N GLY S 201 3.81 52.94 10.92
CA GLY S 201 2.54 53.54 10.57
C GLY S 201 1.44 53.25 11.56
N PHE S 202 1.64 52.27 12.45
CA PHE S 202 0.60 51.95 13.44
C PHE S 202 0.64 52.93 14.60
N TRP S 203 1.86 53.26 15.03
CA TRP S 203 2.12 54.38 15.92
C TRP S 203 1.32 55.61 15.50
N HIS S 204 1.59 56.09 14.28
CA HIS S 204 0.88 57.24 13.78
C HIS S 204 -0.56 56.92 13.38
N SER S 205 -0.95 55.65 13.32
CA SER S 205 -2.36 55.29 13.14
C SER S 205 -3.16 55.60 14.40
N SER S 206 -2.64 55.15 15.53
CA SER S 206 -3.29 55.44 16.78
C SER S 206 -3.17 56.91 17.16
N LEU S 207 -2.15 57.61 16.67
CA LEU S 207 -2.13 59.07 16.80
C LEU S 207 -3.17 59.74 15.91
N ILE S 208 -3.31 59.26 14.67
CA ILE S 208 -4.27 59.82 13.73
C ILE S 208 -5.68 59.32 14.05
N ASP S 209 -5.84 58.59 15.15
CA ASP S 209 -7.19 58.34 15.67
C ASP S 209 -8.06 59.59 15.73
N ARG S 210 -7.45 60.78 15.89
CA ARG S 210 -8.18 62.04 15.96
C ARG S 210 -7.60 63.14 15.07
N ASN S 211 -6.77 62.80 14.08
CA ASN S 211 -5.86 63.75 13.40
C ASN S 211 -5.31 64.77 14.38
N LEU S 212 -4.65 64.28 15.43
CA LEU S 212 -3.99 65.26 16.28
C LEU S 212 -2.86 65.97 15.56
N ILE S 213 -2.37 65.41 14.45
CA ILE S 213 -1.45 66.09 13.55
C ILE S 213 -2.11 67.33 12.98
N ASP S 214 -1.32 68.38 12.77
CA ASP S 214 -1.76 69.52 12.00
C ASP S 214 -1.62 69.26 10.51
N TYR S 215 -0.39 69.12 10.03
CA TYR S 215 -0.10 69.16 8.59
C TYR S 215 0.87 68.03 8.27
N PHE S 216 0.45 67.11 7.39
CA PHE S 216 1.41 66.21 6.76
C PHE S 216 2.28 66.98 5.80
N VAL S 217 3.58 66.71 5.84
CA VAL S 217 4.55 67.45 5.04
C VAL S 217 5.65 66.49 4.59
N PRO S 218 5.57 65.93 3.39
CA PRO S 218 6.72 65.22 2.84
C PRO S 218 7.73 66.14 2.17
N PHE S 219 8.98 65.73 2.26
CA PHE S 219 10.05 66.27 1.44
C PHE S 219 10.26 65.37 0.23
N LEU S 220 11.19 65.77 -0.65
CA LEU S 220 11.44 65.02 -1.88
C LEU S 220 12.92 64.91 -2.22
N PRO S 221 13.32 63.93 -3.05
CA PRO S 221 14.74 63.79 -3.41
C PRO S 221 15.31 65.07 -3.99
N LEU S 222 16.35 65.58 -3.35
CA LEU S 222 16.98 66.80 -3.82
C LEU S 222 17.59 66.52 -5.19
N GLU S 223 16.91 67.02 -6.21
CA GLU S 223 17.27 66.73 -7.59
C GLU S 223 18.70 67.22 -7.86
N TYR S 224 19.33 66.62 -8.87
CA TYR S 224 20.75 66.89 -9.15
C TYR S 224 21.04 68.36 -9.36
N LYS S 225 20.03 69.14 -9.77
CA LYS S 225 20.16 70.58 -9.68
C LYS S 225 20.48 70.97 -8.25
N HIS S 226 19.78 70.40 -7.26
CA HIS S 226 20.06 70.74 -5.87
C HIS S 226 21.43 70.26 -5.45
N LEU S 227 21.88 69.12 -5.97
CA LEU S 227 23.28 68.74 -5.78
C LEU S 227 24.17 69.89 -6.19
N LYS S 228 24.10 70.27 -7.47
CA LYS S 228 24.91 71.37 -7.99
C LYS S 228 24.73 72.66 -7.19
N MET S 229 23.57 72.88 -6.60
CA MET S 229 23.39 74.05 -5.76
C MET S 229 24.20 73.93 -4.48
N CYS S 230 24.08 72.81 -3.77
CA CYS S 230 24.86 72.58 -2.56
C CYS S 230 26.28 72.09 -2.85
N ILE S 231 26.71 72.18 -4.11
CA ILE S 231 28.11 72.05 -4.48
C ILE S 231 28.71 73.43 -4.74
N ARG S 232 28.08 74.20 -5.61
CA ARG S 232 28.53 75.54 -5.89
C ARG S 232 28.46 76.41 -4.64
N VAL S 233 27.28 76.47 -4.02
CA VAL S 233 27.07 77.35 -2.87
C VAL S 233 27.97 76.95 -1.72
N GLU S 234 28.10 75.65 -1.46
CA GLU S 234 28.88 75.21 -0.32
C GLU S 234 30.37 75.42 -0.57
N MET S 235 30.88 74.89 -1.69
CA MET S 235 32.31 74.95 -1.93
C MET S 235 32.80 76.38 -2.17
N GLN S 236 31.96 77.21 -2.79
CA GLN S 236 32.26 78.64 -2.85
C GLN S 236 32.13 79.29 -1.48
N SER S 237 31.29 78.75 -0.60
CA SER S 237 31.18 79.25 0.76
C SER S 237 32.35 78.81 1.63
N ARG S 238 33.02 77.71 1.26
CA ARG S 238 34.10 77.15 2.07
C ARG S 238 35.48 77.54 1.59
N GLY S 239 35.61 78.45 0.62
CA GLY S 239 36.92 78.75 0.08
C GLY S 239 37.60 77.56 -0.53
N TYR S 240 36.82 76.67 -1.12
CA TYR S 240 37.28 75.35 -1.54
C TYR S 240 37.99 75.36 -2.88
N GLU S 241 37.81 76.42 -3.67
CA GLU S 241 38.37 76.51 -5.02
C GLU S 241 37.85 75.37 -5.90
N ILE S 242 36.53 75.33 -6.01
CA ILE S 242 35.87 74.43 -6.95
C ILE S 242 35.86 75.08 -8.34
N ASP S 243 35.73 74.25 -9.37
CA ASP S 243 35.66 74.71 -10.75
C ASP S 243 34.62 73.88 -11.49
N GLU S 244 34.60 73.96 -12.82
CA GLU S 244 33.52 73.34 -13.59
C GLU S 244 33.61 71.81 -13.54
N ASP S 245 34.80 71.26 -13.77
CA ASP S 245 34.96 69.82 -13.92
C ASP S 245 34.43 69.07 -12.70
N ILE S 246 34.67 69.62 -11.51
CA ILE S 246 34.16 69.06 -10.27
C ILE S 246 32.65 68.92 -10.33
N VAL S 247 31.97 69.81 -11.06
CA VAL S 247 30.53 69.80 -11.18
C VAL S 247 30.07 69.12 -12.47
N SER S 248 31.01 68.69 -13.33
CA SER S 248 30.72 67.58 -14.23
C SER S 248 30.66 66.28 -13.44
N ARG S 249 31.53 66.17 -12.43
CA ARG S 249 31.64 64.93 -11.69
C ARG S 249 30.49 64.70 -10.71
N VAL S 250 29.60 65.68 -10.51
CA VAL S 250 28.42 65.43 -9.68
C VAL S 250 27.58 64.31 -10.28
N ALA S 251 27.47 64.29 -11.61
CA ALA S 251 26.68 63.28 -12.31
C ALA S 251 27.53 62.26 -13.04
N GLU S 252 28.76 62.61 -13.43
CA GLU S 252 29.62 61.59 -14.04
C GLU S 252 30.01 60.51 -13.05
N GLU S 253 29.96 60.81 -11.75
CA GLU S 253 30.48 59.96 -10.69
C GLU S 253 29.48 59.85 -9.54
N MET S 254 28.21 59.59 -9.86
CA MET S 254 27.19 59.44 -8.84
C MET S 254 26.08 58.55 -9.38
N THR S 255 25.35 57.91 -8.46
CA THR S 255 24.19 57.11 -8.79
C THR S 255 22.92 57.88 -8.46
N PHE S 256 21.96 57.83 -9.37
CA PHE S 256 20.63 58.38 -9.21
C PHE S 256 19.61 57.26 -9.36
N PHE S 257 18.34 57.60 -9.13
CA PHE S 257 17.25 56.64 -9.09
C PHE S 257 16.15 57.07 -10.08
N PRO S 258 15.56 56.14 -10.85
CA PRO S 258 15.95 54.75 -11.09
C PRO S 258 17.19 54.72 -11.97
N LYS S 259 17.78 53.54 -12.15
CA LYS S 259 18.83 53.41 -13.15
C LYS S 259 18.33 53.81 -14.53
N GLU S 260 17.14 53.37 -14.90
CA GLU S 260 16.70 53.50 -16.28
C GLU S 260 16.50 54.95 -16.69
N GLU S 261 16.57 55.89 -15.74
CA GLU S 261 16.50 57.31 -16.03
C GLU S 261 17.63 58.07 -15.35
N ARG S 262 18.12 57.60 -14.20
CA ARG S 262 19.19 58.25 -13.43
C ARG S 262 18.79 59.69 -13.08
N VAL S 263 17.78 59.80 -12.23
CA VAL S 263 17.17 61.11 -11.94
C VAL S 263 17.20 61.42 -10.46
N PHE S 264 16.46 60.65 -9.67
CA PHE S 264 16.32 60.95 -8.26
C PHE S 264 17.59 60.58 -7.53
N SER S 265 18.03 61.46 -6.65
CA SER S 265 19.30 61.30 -5.97
C SER S 265 19.22 60.15 -4.99
N ASP S 266 20.31 59.92 -4.27
CA ASP S 266 20.38 58.95 -3.19
C ASP S 266 20.58 59.67 -1.86
N LYS S 267 21.12 60.88 -1.90
CA LYS S 267 21.36 61.64 -0.69
C LYS S 267 21.02 63.11 -0.78
N GLY S 268 20.89 63.66 -1.97
CA GLY S 268 20.87 65.10 -2.05
C GLY S 268 22.15 65.67 -1.50
N CYS S 269 22.00 66.55 -0.51
CA CYS S 269 23.09 67.40 -0.02
C CYS S 269 23.66 66.90 1.29
N LYS S 270 23.58 65.58 1.53
CA LYS S 270 24.09 64.95 2.73
C LYS S 270 25.50 64.44 2.57
N THR S 271 25.73 63.52 1.64
CA THR S 271 27.05 63.02 1.31
C THR S 271 27.72 63.88 0.25
N VAL S 272 27.16 65.04 -0.07
CA VAL S 272 27.65 65.78 -1.22
C VAL S 272 29.08 66.26 -0.98
N PHE S 273 29.34 66.87 0.18
CA PHE S 273 30.62 67.53 0.38
C PHE S 273 31.78 66.56 0.60
N THR S 274 31.48 65.34 1.04
CA THR S 274 32.52 64.33 1.15
C THR S 274 33.00 63.88 -0.23
N LYS S 275 32.04 63.55 -1.10
CA LYS S 275 32.36 63.24 -2.49
C LYS S 275 33.03 64.43 -3.17
N LEU S 276 32.64 65.65 -2.80
CA LEU S 276 33.36 66.81 -3.31
C LEU S 276 34.78 66.86 -2.80
N ASP S 277 35.03 66.39 -1.57
CA ASP S 277 36.42 66.27 -1.14
C ASP S 277 37.15 65.23 -1.97
N TYR S 278 36.44 64.19 -2.46
CA TYR S 278 37.09 63.36 -3.46
C TYR S 278 37.41 64.15 -4.72
N TYR S 279 36.55 65.09 -5.09
CA TYR S 279 36.80 65.83 -6.31
C TYR S 279 37.89 66.88 -6.10
N TYR S 280 38.18 67.26 -4.85
CA TYR S 280 39.48 67.84 -4.55
C TYR S 280 40.57 66.84 -4.84
N ASP S 281 40.34 65.58 -4.43
CA ASP S 281 41.27 64.53 -4.78
C ASP S 281 41.19 64.18 -6.26
N ASP S 282 40.04 64.47 -6.90
CA ASP S 282 39.87 64.43 -8.35
C ASP S 282 40.35 63.11 -8.98
N GLY T 1 49.25 -28.43 -36.14
CA GLY T 1 48.31 -28.85 -37.20
C GLY T 1 47.31 -27.76 -37.54
N GLN T 2 46.41 -27.45 -36.59
CA GLN T 2 45.44 -26.40 -36.82
C GLN T 2 46.11 -25.05 -37.01
N LYS T 3 47.29 -24.86 -36.43
CA LYS T 3 48.11 -23.68 -36.66
C LYS T 3 49.14 -23.91 -37.76
N ARG T 4 48.88 -24.83 -38.67
CA ARG T 4 49.77 -25.14 -39.79
C ARG T 4 48.99 -25.08 -41.08
N SER T 5 49.42 -24.22 -42.00
CA SER T 5 48.96 -24.31 -43.38
C SER T 5 49.66 -25.49 -44.04
N LEU T 6 48.88 -26.40 -44.61
CA LEU T 6 49.39 -27.71 -45.02
C LEU T 6 50.39 -27.53 -46.16
N SER T 7 51.64 -27.87 -45.89
CA SER T 7 52.63 -27.93 -46.94
C SER T 7 52.43 -29.18 -47.78
N ARG T 8 52.92 -29.12 -49.02
CA ARG T 8 52.73 -30.21 -49.97
C ARG T 8 53.38 -31.48 -49.47
N GLU T 9 54.56 -31.36 -48.87
CA GLU T 9 55.33 -32.51 -48.43
C GLU T 9 54.55 -33.34 -47.43
N ALA T 10 53.87 -32.70 -46.48
CA ALA T 10 53.17 -33.43 -45.44
C ALA T 10 52.08 -34.31 -46.04
N LEU T 11 51.39 -33.81 -47.06
CA LEU T 11 50.23 -34.51 -47.58
C LEU T 11 50.63 -35.60 -48.55
N GLN T 12 51.56 -35.29 -49.47
CA GLN T 12 52.05 -36.35 -50.34
C GLN T 12 52.74 -37.43 -49.52
N LYS T 13 53.41 -37.02 -48.43
CA LYS T 13 54.00 -37.97 -47.51
C LYS T 13 52.92 -38.88 -46.92
N ASP T 14 51.87 -38.27 -46.36
CA ASP T 14 50.84 -39.06 -45.68
C ASP T 14 50.17 -40.03 -46.64
N LEU T 15 49.73 -39.53 -47.80
CA LEU T 15 49.03 -40.37 -48.75
C LEU T 15 49.95 -41.46 -49.29
N ASP T 16 51.19 -41.10 -49.61
CA ASP T 16 52.14 -42.11 -50.08
C ASP T 16 52.46 -43.13 -48.99
N ASP T 17 52.27 -42.76 -47.73
CA ASP T 17 52.46 -43.73 -46.65
C ASP T 17 51.31 -44.70 -46.60
N ASN T 18 50.08 -44.18 -46.51
CA ASN T 18 48.93 -44.99 -46.15
C ASN T 18 48.00 -45.29 -47.31
N LEU T 19 47.85 -44.37 -48.27
CA LEU T 19 46.95 -44.58 -49.38
C LEU T 19 47.59 -45.52 -50.40
N PHE T 20 46.82 -46.51 -50.82
CA PHE T 20 47.26 -47.53 -51.77
C PHE T 20 46.63 -47.26 -53.12
N GLY T 21 47.49 -47.07 -54.13
CA GLY T 21 47.03 -46.68 -55.43
C GLY T 21 46.44 -45.28 -55.41
N GLN T 22 45.44 -45.08 -56.26
CA GLN T 22 44.70 -43.83 -56.30
C GLN T 22 45.64 -42.65 -56.60
N HIS T 23 46.53 -42.88 -57.56
CA HIS T 23 47.44 -41.83 -58.04
C HIS T 23 46.66 -40.57 -58.41
N LEU T 24 45.48 -40.75 -59.02
CA LEU T 24 44.64 -39.62 -59.39
C LEU T 24 44.30 -38.79 -58.17
N ALA T 25 44.00 -39.46 -57.06
CA ALA T 25 43.50 -38.74 -55.91
C ALA T 25 44.64 -37.99 -55.23
N LYS T 26 45.83 -38.56 -55.27
CA LYS T 26 46.98 -37.87 -54.72
C LYS T 26 47.30 -36.61 -55.52
N LYS T 27 47.30 -36.73 -56.86
CA LYS T 27 47.55 -35.56 -57.70
C LYS T 27 46.50 -34.48 -57.44
N ILE T 28 45.23 -34.85 -57.62
CA ILE T 28 44.11 -33.92 -57.47
C ILE T 28 44.18 -33.25 -56.12
N ILE T 29 44.05 -34.05 -55.06
CA ILE T 29 43.92 -33.52 -53.72
C ILE T 29 45.11 -32.65 -53.41
N LEU T 30 46.31 -33.20 -53.57
CA LEU T 30 47.53 -32.51 -53.17
C LEU T 30 47.62 -31.13 -53.80
N ASN T 31 47.58 -31.07 -55.13
CA ASN T 31 47.77 -29.78 -55.77
C ASN T 31 46.56 -28.88 -55.54
N ALA T 32 45.37 -29.46 -55.50
CA ALA T 32 44.14 -28.69 -55.40
C ALA T 32 44.06 -27.95 -54.08
N VAL T 33 44.14 -28.68 -52.96
CA VAL T 33 44.09 -28.00 -51.68
C VAL T 33 45.33 -27.16 -51.49
N PHE T 34 46.50 -27.67 -51.90
CA PHE T 34 47.75 -26.95 -51.66
C PHE T 34 47.75 -25.59 -52.35
N GLY T 35 47.01 -25.47 -53.45
CA GLY T 35 46.78 -24.16 -54.04
C GLY T 35 45.68 -23.43 -53.32
N PHE T 36 44.65 -24.17 -52.90
CA PHE T 36 43.48 -23.55 -52.28
C PHE T 36 43.82 -23.00 -50.90
N ILE T 37 44.36 -23.86 -50.01
CA ILE T 37 44.56 -23.45 -48.64
C ILE T 37 45.59 -22.34 -48.55
N ASN T 38 46.60 -22.37 -49.42
CA ASN T 38 47.57 -21.30 -49.47
C ASN T 38 47.03 -20.04 -50.11
N ASN T 39 45.91 -20.12 -50.80
CA ASN T 39 45.31 -18.95 -51.42
C ASN T 39 44.58 -18.14 -50.35
N PRO T 40 44.97 -16.89 -50.08
CA PRO T 40 44.13 -16.05 -49.20
C PRO T 40 42.87 -15.54 -49.87
N LYS T 41 42.70 -15.74 -51.17
CA LYS T 41 41.53 -15.27 -51.91
C LYS T 41 41.07 -16.38 -52.83
N PRO T 42 40.39 -17.39 -52.28
CA PRO T 42 39.94 -18.50 -53.14
C PRO T 42 38.90 -18.08 -54.16
N LYS T 43 38.12 -17.03 -53.88
CA LYS T 43 36.98 -16.53 -54.65
C LYS T 43 35.74 -17.42 -54.48
N LYS T 44 35.87 -18.61 -53.91
CA LYS T 44 34.77 -19.54 -53.75
C LYS T 44 35.14 -20.53 -52.67
N PRO T 45 34.17 -21.15 -52.03
CA PRO T 45 34.51 -22.30 -51.19
C PRO T 45 34.89 -23.49 -52.06
N LEU T 46 35.34 -24.57 -51.44
CA LEU T 46 35.79 -25.77 -52.13
C LEU T 46 34.59 -26.68 -52.31
N THR T 47 34.23 -26.92 -53.56
CA THR T 47 33.03 -27.71 -53.89
C THR T 47 33.50 -29.01 -54.49
N LEU T 48 33.72 -30.00 -53.62
CA LEU T 48 34.24 -31.29 -54.03
C LEU T 48 33.12 -32.28 -54.24
N SER T 49 33.31 -33.16 -55.21
CA SER T 49 32.36 -34.21 -55.55
C SER T 49 33.07 -35.55 -55.48
N LEU T 50 32.39 -36.55 -54.95
CA LEU T 50 32.92 -37.91 -54.92
C LEU T 50 31.79 -38.91 -55.15
N HIS T 51 32.10 -39.92 -55.94
CA HIS T 51 31.21 -41.05 -56.17
C HIS T 51 32.09 -42.20 -56.64
N GLY T 52 31.47 -43.36 -56.87
CA GLY T 52 32.20 -44.54 -57.26
C GLY T 52 31.94 -45.74 -56.38
N TRP T 53 32.99 -46.52 -56.14
CA TRP T 53 32.89 -47.75 -55.37
C TRP T 53 33.44 -47.55 -53.96
N THR T 54 32.90 -48.31 -53.00
CA THR T 54 33.28 -48.11 -51.61
C THR T 54 34.61 -48.76 -51.28
N GLY T 55 35.00 -48.57 -50.04
CA GLY T 55 36.17 -49.21 -49.51
C GLY T 55 37.46 -48.82 -50.18
N THR T 56 37.42 -47.79 -51.02
CA THR T 56 38.54 -47.22 -51.72
C THR T 56 39.11 -46.05 -50.95
N GLY T 57 38.34 -45.54 -50.00
CA GLY T 57 38.85 -44.67 -49.00
C GLY T 57 38.24 -43.29 -48.93
N LYS T 58 36.97 -43.14 -49.30
CA LYS T 58 36.37 -41.81 -49.27
C LYS T 58 36.34 -41.25 -47.86
N ASN T 59 35.63 -41.90 -46.97
CA ASN T 59 35.60 -41.46 -45.59
C ASN T 59 36.98 -41.60 -44.95
N PHE T 60 37.77 -42.56 -45.43
CA PHE T 60 39.18 -42.67 -45.07
C PHE T 60 39.93 -41.37 -45.40
N VAL T 61 39.95 -40.95 -46.67
CA VAL T 61 40.77 -39.79 -47.04
C VAL T 61 40.24 -38.53 -46.40
N SER T 62 38.92 -38.38 -46.34
CA SER T 62 38.34 -37.22 -45.69
C SER T 62 38.77 -37.15 -44.24
N LYS T 63 38.76 -38.30 -43.57
CA LYS T 63 39.28 -38.38 -42.22
C LYS T 63 40.73 -37.94 -42.15
N ILE T 64 41.56 -38.41 -43.10
CA ILE T 64 42.99 -38.14 -43.04
C ILE T 64 43.23 -36.64 -43.13
N ILE T 65 42.68 -36.00 -44.15
CA ILE T 65 42.94 -34.59 -44.32
C ILE T 65 42.30 -33.80 -43.19
N ALA T 66 41.18 -34.28 -42.67
CA ALA T 66 40.59 -33.66 -41.49
C ALA T 66 41.58 -33.68 -40.32
N GLU T 67 42.34 -34.76 -40.20
CA GLU T 67 43.32 -34.84 -39.12
C GLU T 67 44.51 -33.94 -39.38
N ASN T 68 44.97 -33.89 -40.63
CA ASN T 68 46.12 -33.05 -40.94
C ASN T 68 45.80 -31.57 -40.74
N ILE T 69 44.59 -31.16 -41.12
CA ILE T 69 44.20 -29.77 -40.93
C ILE T 69 44.10 -29.44 -39.44
N TYR T 70 43.20 -30.12 -38.74
CA TYR T 70 42.99 -29.92 -37.31
C TYR T 70 43.30 -31.20 -36.56
N GLU T 71 43.85 -31.04 -35.37
CA GLU T 71 44.09 -32.17 -34.48
C GLU T 71 42.80 -32.88 -34.13
N GLY T 72 41.68 -32.14 -34.11
CA GLY T 72 40.39 -32.76 -33.83
C GLY T 72 40.00 -33.82 -34.83
N GLY T 73 40.54 -33.77 -36.05
CA GLY T 73 40.07 -34.66 -37.09
C GLY T 73 38.60 -34.41 -37.30
N LEU T 74 37.78 -35.34 -36.81
CA LEU T 74 36.34 -35.13 -36.75
C LEU T 74 35.87 -34.63 -35.40
N ASN T 75 36.71 -34.68 -34.37
CA ASN T 75 36.33 -34.18 -33.05
C ASN T 75 36.25 -32.66 -32.99
N SER T 76 36.76 -31.95 -34.00
CA SER T 76 36.83 -30.50 -33.90
C SER T 76 35.43 -29.89 -33.87
N ASP T 77 35.27 -28.90 -33.00
CA ASP T 77 34.06 -28.09 -32.98
C ASP T 77 33.86 -27.37 -34.30
N TYR T 78 34.97 -27.00 -34.96
CA TYR T 78 34.86 -26.45 -36.30
C TYR T 78 34.28 -27.46 -37.28
N VAL T 79 34.77 -28.70 -37.20
CA VAL T 79 34.39 -29.74 -38.14
C VAL T 79 33.11 -30.36 -37.62
N HIS T 80 31.99 -29.94 -38.20
CA HIS T 80 30.67 -30.36 -37.78
C HIS T 80 29.96 -31.07 -38.92
N LEU T 81 29.44 -32.27 -38.62
CA LEU T 81 29.05 -33.23 -39.64
C LEU T 81 27.56 -33.42 -39.71
N PHE T 82 27.07 -33.65 -40.92
CA PHE T 82 25.68 -33.95 -41.20
C PHE T 82 25.60 -35.24 -42.00
N VAL T 83 24.43 -35.88 -41.91
CA VAL T 83 24.15 -37.13 -42.61
C VAL T 83 22.73 -37.05 -43.14
N ALA T 84 22.49 -37.74 -44.25
CA ALA T 84 21.14 -37.80 -44.81
C ALA T 84 20.16 -38.40 -43.81
N THR T 85 20.37 -39.68 -43.48
CA THR T 85 19.31 -40.42 -42.81
C THR T 85 19.20 -40.03 -41.34
N LEU T 86 20.32 -39.92 -40.64
CA LEU T 86 20.31 -39.63 -39.21
C LEU T 86 19.63 -38.31 -38.90
N HIS T 87 19.79 -37.33 -39.74
CA HIS T 87 19.19 -36.02 -39.56
C HIS T 87 18.01 -35.78 -40.47
N PHE T 88 18.10 -36.18 -41.74
CA PHE T 88 17.16 -35.76 -42.77
C PHE T 88 16.47 -36.97 -43.41
N PRO T 89 15.73 -37.74 -42.63
CA PRO T 89 15.09 -38.94 -43.19
C PRO T 89 13.98 -38.66 -44.20
N HIS T 90 13.02 -37.82 -43.82
CA HIS T 90 11.74 -37.77 -44.49
C HIS T 90 11.59 -36.54 -45.37
N ALA T 91 10.71 -36.67 -46.36
CA ALA T 91 10.26 -35.54 -47.16
C ALA T 91 9.15 -34.76 -46.49
N SER T 92 8.83 -35.05 -45.23
CA SER T 92 7.80 -34.30 -44.51
C SER T 92 8.36 -33.02 -43.95
N ASN T 93 9.48 -33.10 -43.23
CA ASN T 93 10.05 -31.98 -42.51
C ASN T 93 11.13 -31.28 -43.31
N ILE T 94 10.96 -31.19 -44.63
CA ILE T 94 12.01 -30.64 -45.49
C ILE T 94 12.32 -29.21 -45.07
N THR T 95 11.30 -28.44 -44.73
CA THR T 95 11.49 -27.03 -44.43
C THR T 95 12.28 -26.84 -43.16
N LEU T 96 11.89 -27.55 -42.10
CA LEU T 96 12.65 -27.53 -40.86
C LEU T 96 14.09 -27.95 -41.11
N TYR T 97 14.28 -28.95 -41.97
CA TYR T 97 15.61 -29.40 -42.29
C TYR T 97 16.40 -28.30 -42.99
N LYS T 98 15.73 -27.49 -43.80
CA LYS T 98 16.42 -26.40 -44.49
C LYS T 98 16.78 -25.28 -43.52
N ASP T 99 15.85 -24.91 -42.63
CA ASP T 99 16.12 -23.82 -41.71
C ASP T 99 17.20 -24.21 -40.71
N GLN T 100 17.04 -25.38 -40.09
CA GLN T 100 18.07 -25.90 -39.20
C GLN T 100 19.40 -26.00 -39.92
N LEU T 101 19.37 -26.37 -41.20
CA LEU T 101 20.59 -26.45 -41.98
C LEU T 101 21.26 -25.09 -42.03
N GLN T 102 20.54 -24.08 -42.54
CA GLN T 102 21.09 -22.74 -42.69
C GLN T 102 21.64 -22.21 -41.37
N LEU T 103 20.94 -22.45 -40.27
CA LEU T 103 21.35 -21.89 -38.99
C LEU T 103 22.59 -22.59 -38.45
N TRP T 104 22.61 -23.92 -38.51
CA TRP T 104 23.79 -24.66 -38.05
C TRP T 104 25.00 -24.28 -38.88
N ILE T 105 24.80 -24.07 -40.19
CA ILE T 105 25.86 -23.54 -41.04
C ILE T 105 26.37 -22.23 -40.46
N ARG T 106 25.50 -21.23 -40.39
CA ARG T 106 25.89 -19.89 -39.96
C ARG T 106 26.60 -19.91 -38.62
N GLY T 107 26.19 -20.81 -37.72
CA GLY T 107 26.86 -20.96 -36.46
C GLY T 107 28.30 -21.36 -36.63
N ASN T 108 28.52 -22.52 -37.27
CA ASN T 108 29.89 -23.03 -37.36
C ASN T 108 30.79 -22.10 -38.17
N VAL T 109 30.29 -21.61 -39.30
CA VAL T 109 31.12 -20.76 -40.13
C VAL T 109 31.38 -19.42 -39.45
N SER T 110 30.40 -18.91 -38.71
CA SER T 110 30.63 -17.69 -37.97
C SER T 110 31.62 -17.91 -36.83
N ALA T 111 31.83 -19.16 -36.41
CA ALA T 111 32.98 -19.44 -35.57
C ALA T 111 34.29 -19.24 -36.35
N CYS T 112 34.33 -19.72 -37.58
CA CYS T 112 35.49 -19.53 -38.44
C CYS T 112 35.15 -20.00 -39.85
N ALA T 113 35.71 -19.30 -40.84
CA ALA T 113 35.47 -19.68 -42.23
C ALA T 113 36.27 -20.90 -42.64
N ARG T 114 37.24 -21.33 -41.83
CA ARG T 114 38.00 -22.54 -42.10
C ARG T 114 37.33 -23.78 -41.55
N SER T 115 36.11 -23.68 -41.04
CA SER T 115 35.36 -24.86 -40.66
C SER T 115 35.04 -25.69 -41.90
N ILE T 116 34.73 -26.97 -41.66
CA ILE T 116 34.52 -27.94 -42.72
C ILE T 116 33.19 -28.63 -42.49
N PHE T 117 32.45 -28.83 -43.58
CA PHE T 117 31.23 -29.63 -43.60
C PHE T 117 31.38 -30.75 -44.61
N ILE T 118 30.81 -31.90 -44.27
CA ILE T 118 30.75 -33.05 -45.16
C ILE T 118 29.35 -33.63 -45.06
N PHE T 119 28.87 -34.16 -46.19
CA PHE T 119 27.64 -34.93 -46.24
C PHE T 119 27.97 -36.36 -46.67
N ASP T 120 26.98 -37.24 -46.52
CA ASP T 120 27.14 -38.64 -46.82
C ASP T 120 25.78 -39.25 -47.09
N GLU T 121 25.79 -40.38 -47.80
CA GLU T 121 24.57 -41.13 -48.13
C GLU T 121 23.61 -40.24 -48.91
N MET T 122 24.12 -39.62 -49.95
CA MET T 122 23.40 -38.63 -50.71
C MET T 122 22.48 -39.22 -51.76
N ASP T 123 22.21 -40.52 -51.69
CA ASP T 123 21.20 -41.12 -52.54
C ASP T 123 19.80 -40.99 -51.96
N LYS T 124 19.64 -40.28 -50.84
CA LYS T 124 18.41 -40.25 -50.08
C LYS T 124 18.04 -38.82 -49.67
N MET T 125 18.07 -37.91 -50.65
CA MET T 125 17.90 -36.49 -50.41
C MET T 125 16.79 -35.91 -51.29
N HIS T 126 16.49 -34.61 -51.14
CA HIS T 126 15.30 -34.01 -51.73
C HIS T 126 15.61 -32.56 -52.11
N ALA T 127 15.47 -32.24 -53.41
CA ALA T 127 16.14 -31.07 -54.02
C ALA T 127 15.81 -29.75 -53.33
N GLY T 128 14.75 -29.68 -52.52
CA GLY T 128 14.59 -28.53 -51.66
C GLY T 128 15.81 -28.31 -50.79
N LEU T 129 16.48 -29.40 -50.40
CA LEU T 129 17.62 -29.36 -49.51
C LEU T 129 18.92 -28.98 -50.21
N ILE T 130 18.93 -28.83 -51.54
CA ILE T 130 19.93 -28.00 -52.21
C ILE T 130 19.44 -26.59 -52.41
N ASP T 131 18.14 -26.37 -52.52
CA ASP T 131 17.63 -25.04 -52.81
C ASP T 131 17.92 -24.03 -51.71
N ALA T 132 18.45 -24.45 -50.56
CA ALA T 132 18.81 -23.57 -49.46
C ALA T 132 20.30 -23.26 -49.38
N ILE T 133 21.11 -23.79 -50.29
CA ILE T 133 22.57 -23.70 -50.19
C ILE T 133 23.24 -23.16 -51.44
N LYS T 134 22.61 -23.23 -52.61
CA LYS T 134 23.22 -22.65 -53.82
C LYS T 134 23.65 -21.20 -53.66
N PRO T 135 22.91 -20.34 -52.97
CA PRO T 135 23.44 -18.98 -52.70
C PRO T 135 24.72 -19.00 -51.90
N PHE T 136 24.87 -19.94 -50.96
CA PHE T 136 26.13 -20.04 -50.23
C PHE T 136 27.29 -20.38 -51.14
N LEU T 137 27.02 -20.95 -52.32
CA LEU T 137 28.04 -21.27 -53.29
C LEU T 137 28.08 -20.30 -54.45
N ASP T 138 27.46 -19.14 -54.31
CA ASP T 138 27.91 -18.03 -55.14
C ASP T 138 29.33 -17.65 -54.73
N TYR T 139 30.11 -17.27 -55.72
CA TYR T 139 31.45 -16.72 -55.52
C TYR T 139 31.43 -15.33 -54.87
N TYR T 140 30.26 -14.81 -54.49
CA TYR T 140 30.12 -13.59 -53.69
C TYR T 140 31.17 -13.51 -52.61
N ASP T 141 31.75 -12.34 -52.42
CA ASP T 141 32.65 -12.15 -51.30
C ASP T 141 31.95 -12.31 -49.97
N LEU T 142 30.63 -12.15 -49.93
CA LEU T 142 29.92 -12.33 -48.67
C LEU T 142 28.46 -12.67 -48.92
N VAL T 143 27.79 -13.04 -47.84
CA VAL T 143 26.34 -13.13 -47.75
C VAL T 143 25.96 -12.75 -46.32
N ASP T 144 24.96 -11.88 -46.19
CA ASP T 144 24.47 -11.45 -44.88
C ASP T 144 25.60 -10.83 -44.05
N GLY T 145 26.53 -10.17 -44.71
CA GLY T 145 27.69 -9.63 -44.03
C GLY T 145 28.68 -10.68 -43.57
N VAL T 146 28.73 -11.84 -44.23
CA VAL T 146 29.66 -12.92 -43.88
C VAL T 146 30.18 -13.55 -45.16
N SER T 147 31.46 -13.89 -45.16
CA SER T 147 32.10 -14.61 -46.25
C SER T 147 32.17 -16.10 -45.95
N TYR T 148 31.97 -16.91 -46.98
CA TYR T 148 31.99 -18.36 -46.88
C TYR T 148 33.03 -19.00 -47.78
N GLN T 149 33.78 -18.21 -48.55
CA GLN T 149 34.61 -18.78 -49.60
C GLN T 149 35.87 -19.46 -49.08
N LYS T 150 36.16 -19.36 -47.79
CA LYS T 150 37.30 -20.11 -47.24
C LYS T 150 36.90 -21.52 -46.85
N ALA T 151 35.65 -21.72 -46.45
CA ALA T 151 35.21 -23.04 -46.04
C ALA T 151 35.18 -23.97 -47.24
N MET T 152 34.90 -25.25 -46.97
CA MET T 152 35.10 -26.32 -47.93
C MET T 152 33.97 -27.32 -47.77
N PHE T 153 33.18 -27.51 -48.83
CA PHE T 153 32.03 -28.40 -48.82
C PHE T 153 32.33 -29.62 -49.68
N ILE T 154 32.08 -30.78 -49.13
CA ILE T 154 32.49 -32.06 -49.69
C ILE T 154 31.31 -33.00 -49.65
N PHE T 155 31.10 -33.73 -50.74
CA PHE T 155 29.98 -34.66 -50.88
C PHE T 155 30.49 -36.06 -51.12
N LEU T 156 29.56 -37.02 -51.00
CA LEU T 156 29.86 -38.42 -51.15
C LEU T 156 28.67 -39.12 -51.79
N SER T 157 28.96 -40.20 -52.52
CA SER T 157 27.94 -41.01 -53.15
C SER T 157 28.60 -42.27 -53.66
N ASN T 158 27.83 -43.06 -54.40
CA ASN T 158 28.37 -44.19 -55.15
C ASN T 158 27.77 -44.30 -56.54
N ALA T 159 26.86 -43.43 -56.93
CA ALA T 159 26.26 -43.49 -58.26
C ALA T 159 27.30 -43.19 -59.33
N GLY T 160 26.98 -43.53 -60.57
CA GLY T 160 27.92 -43.42 -61.64
C GLY T 160 29.05 -44.43 -61.57
N ALA T 161 28.98 -45.40 -60.66
CA ALA T 161 30.01 -46.42 -60.56
C ALA T 161 30.13 -47.24 -61.83
N GLU T 162 29.02 -47.43 -62.54
CA GLU T 162 29.02 -48.31 -63.70
C GLU T 162 29.98 -47.81 -64.77
N ARG T 163 30.11 -46.49 -64.90
CA ARG T 163 31.01 -45.92 -65.88
C ARG T 163 32.47 -46.17 -65.50
N ILE T 164 32.83 -45.95 -64.25
CA ILE T 164 34.22 -46.18 -63.88
C ILE T 164 34.54 -47.65 -63.97
N THR T 165 33.55 -48.52 -63.77
CA THR T 165 33.77 -49.96 -63.94
C THR T 165 34.04 -50.30 -65.40
N ASP T 166 33.06 -50.04 -66.27
CA ASP T 166 33.20 -50.50 -67.65
C ASP T 166 34.37 -49.83 -68.35
N VAL T 167 34.72 -48.60 -67.93
CA VAL T 167 35.94 -47.98 -68.43
C VAL T 167 37.16 -48.71 -67.88
N ALA T 168 37.12 -49.09 -66.60
CA ALA T 168 38.27 -49.76 -66.00
C ALA T 168 38.58 -51.06 -66.74
N LEU T 169 37.55 -51.86 -67.04
CA LEU T 169 37.80 -53.02 -67.87
C LEU T 169 38.05 -52.64 -69.32
N ASP T 170 37.65 -51.46 -69.76
CA ASP T 170 37.97 -51.07 -71.13
C ASP T 170 39.47 -50.96 -71.32
N PHE T 171 40.08 -50.01 -70.59
CA PHE T 171 41.52 -49.84 -70.73
C PHE T 171 42.27 -51.05 -70.20
N TRP T 172 41.76 -51.70 -69.15
CA TRP T 172 42.46 -52.87 -68.64
C TRP T 172 42.42 -54.01 -69.65
N ARG T 173 41.29 -54.16 -70.34
CA ARG T 173 41.20 -55.07 -71.47
C ARG T 173 42.15 -54.69 -72.58
N SER T 174 42.51 -53.41 -72.68
CA SER T 174 43.53 -52.98 -73.64
C SER T 174 44.99 -53.34 -73.29
N GLY T 175 45.22 -54.20 -72.29
CA GLY T 175 46.58 -54.52 -71.89
C GLY T 175 47.23 -53.33 -71.20
N LYS T 176 46.73 -52.99 -70.02
CA LYS T 176 47.00 -51.68 -69.42
C LYS T 176 46.54 -51.59 -67.97
N GLN T 177 47.20 -50.74 -67.19
CA GLN T 177 46.83 -50.47 -65.81
C GLN T 177 46.29 -49.05 -65.69
N ARG T 178 45.45 -48.83 -64.66
CA ARG T 178 44.82 -47.52 -64.53
C ARG T 178 45.81 -46.42 -64.17
N GLU T 179 47.04 -46.77 -63.75
CA GLU T 179 48.11 -45.80 -63.78
C GLU T 179 48.24 -45.17 -65.15
N ASP T 180 48.12 -45.98 -66.19
CA ASP T 180 48.19 -45.49 -67.56
C ASP T 180 46.87 -44.88 -68.01
N ILE T 181 45.74 -45.25 -67.38
CA ILE T 181 44.55 -44.44 -67.55
C ILE T 181 44.88 -43.06 -66.99
N LYS T 182 44.40 -42.04 -67.68
CA LYS T 182 44.63 -40.67 -67.29
C LYS T 182 43.51 -40.18 -66.41
N LEU T 183 43.75 -39.01 -65.80
CA LEU T 183 42.70 -38.41 -65.01
C LEU T 183 41.49 -38.10 -65.87
N LYS T 184 41.72 -37.47 -67.02
CA LYS T 184 40.63 -37.25 -67.95
C LYS T 184 40.02 -38.58 -68.33
N ASP T 185 38.72 -38.69 -68.10
CA ASP T 185 37.93 -39.79 -68.58
C ASP T 185 36.58 -39.16 -68.92
N ILE T 186 35.56 -39.97 -69.18
CA ILE T 186 34.42 -39.39 -69.91
C ILE T 186 33.57 -38.60 -68.92
N GLU T 187 33.94 -37.32 -68.74
CA GLU T 187 33.19 -36.47 -67.82
C GLU T 187 31.82 -36.11 -68.39
N HIS T 188 31.60 -36.39 -69.68
CA HIS T 188 30.26 -36.25 -70.23
C HIS T 188 29.32 -37.28 -69.61
N ALA T 189 29.69 -38.55 -69.62
CA ALA T 189 28.85 -39.58 -69.00
C ALA T 189 28.74 -39.35 -67.49
N LEU T 190 29.81 -38.83 -66.87
CA LEU T 190 29.70 -38.40 -65.48
C LEU T 190 28.66 -37.30 -65.34
N SER T 191 28.60 -36.38 -66.29
CA SER T 191 27.56 -35.38 -66.24
C SER T 191 26.18 -36.01 -66.41
N VAL T 192 26.09 -37.11 -67.17
CA VAL T 192 24.81 -37.80 -67.33
C VAL T 192 24.38 -38.42 -66.01
N SER T 193 25.27 -39.19 -65.38
CA SER T 193 25.00 -39.71 -64.04
C SER T 193 24.66 -38.57 -63.08
N VAL T 194 25.27 -37.41 -63.29
CA VAL T 194 25.03 -36.23 -62.48
C VAL T 194 23.87 -35.41 -63.01
N PHE T 195 23.48 -35.59 -64.27
CA PHE T 195 22.19 -35.15 -64.78
C PHE T 195 21.11 -36.19 -64.56
N ASN T 196 21.46 -37.39 -64.08
CA ASN T 196 20.56 -38.52 -64.08
C ASN T 196 19.36 -38.22 -63.20
N ASN T 197 18.20 -37.99 -63.82
CA ASN T 197 17.02 -37.48 -63.12
C ASN T 197 16.51 -38.40 -62.02
N LYS T 198 17.12 -39.57 -61.81
CA LYS T 198 17.08 -40.22 -60.51
C LYS T 198 17.43 -39.21 -59.44
N ASN T 199 16.80 -39.37 -58.26
CA ASN T 199 16.97 -38.40 -57.17
C ASN T 199 18.44 -38.24 -56.79
N SER T 200 19.20 -39.35 -56.80
CA SER T 200 20.64 -39.27 -56.58
C SER T 200 21.30 -38.35 -57.59
N GLY T 201 21.08 -38.61 -58.88
CA GLY T 201 21.67 -37.78 -59.91
C GLY T 201 20.87 -36.53 -60.20
N PHE T 202 19.63 -36.45 -59.72
CA PHE T 202 18.82 -35.26 -59.97
C PHE T 202 19.18 -34.16 -59.00
N TRP T 203 19.39 -34.53 -57.74
CA TRP T 203 20.03 -33.69 -56.74
C TRP T 203 21.25 -32.97 -57.32
N HIS T 204 22.22 -33.76 -57.75
CA HIS T 204 23.42 -33.18 -58.33
C HIS T 204 23.20 -32.62 -59.73
N SER T 205 22.04 -32.89 -60.36
CA SER T 205 21.67 -32.23 -61.61
C SER T 205 21.33 -30.77 -61.36
N SER T 206 20.48 -30.54 -60.38
CA SER T 206 20.12 -29.19 -60.04
C SER T 206 21.28 -28.45 -59.37
N LEU T 207 22.22 -29.18 -58.74
CA LEU T 207 23.47 -28.55 -58.30
C LEU T 207 24.36 -28.19 -59.49
N ILE T 208 24.47 -29.09 -60.47
CA ILE T 208 25.31 -28.86 -61.64
C ILE T 208 24.60 -27.93 -62.62
N ASP T 209 23.45 -27.38 -62.24
CA ASP T 209 22.87 -26.26 -62.98
C ASP T 209 23.90 -25.18 -63.31
N ARG T 210 24.94 -25.01 -62.48
CA ARG T 210 25.97 -23.99 -62.69
C ARG T 210 27.40 -24.53 -62.55
N ASN T 211 27.60 -25.86 -62.62
CA ASN T 211 28.82 -26.53 -62.13
C ASN T 211 29.35 -25.85 -60.87
N LEU T 212 28.51 -25.78 -59.85
CA LEU T 212 29.06 -25.29 -58.60
C LEU T 212 30.11 -26.22 -58.03
N ILE T 213 30.14 -27.49 -58.48
CA ILE T 213 31.23 -28.41 -58.17
C ILE T 213 32.53 -27.87 -58.74
N ASP T 214 33.62 -28.13 -58.02
CA ASP T 214 34.95 -27.90 -58.57
C ASP T 214 35.38 -29.06 -59.45
N TYR T 215 35.58 -30.23 -58.85
CA TYR T 215 36.28 -31.35 -59.50
C TYR T 215 35.48 -32.62 -59.24
N PHE T 216 35.03 -33.28 -60.30
CA PHE T 216 34.57 -34.66 -60.19
C PHE T 216 35.77 -35.56 -59.94
N VAL T 217 35.61 -36.49 -59.01
CA VAL T 217 36.71 -37.35 -58.59
C VAL T 217 36.14 -38.73 -58.26
N PRO T 218 36.17 -39.69 -59.19
CA PRO T 218 35.87 -41.07 -58.83
C PRO T 218 37.07 -41.80 -58.27
N PHE T 219 36.77 -42.73 -57.37
CA PHE T 219 37.71 -43.75 -56.93
C PHE T 219 37.46 -45.02 -57.73
N LEU T 220 38.29 -46.05 -57.49
CA LEU T 220 38.18 -47.30 -58.23
C LEU T 220 38.36 -48.53 -57.35
N PRO T 221 37.88 -49.71 -57.78
CA PRO T 221 38.03 -50.92 -56.97
C PRO T 221 39.49 -51.19 -56.61
N LEU T 222 39.75 -51.25 -55.31
CA LEU T 222 41.10 -51.50 -54.84
C LEU T 222 41.50 -52.90 -55.29
N GLU T 223 42.34 -52.94 -56.32
CA GLU T 223 42.73 -54.19 -56.96
C GLU T 223 43.40 -55.10 -55.94
N TYR T 224 43.37 -56.42 -56.23
CA TYR T 224 43.86 -57.41 -55.27
C TYR T 224 45.29 -57.16 -54.84
N LYS T 225 46.07 -56.48 -55.67
CA LYS T 225 47.32 -55.94 -55.19
C LYS T 225 47.08 -55.07 -53.97
N HIS T 226 46.07 -54.20 -54.02
CA HIS T 226 45.79 -53.34 -52.88
C HIS T 226 45.30 -54.15 -51.69
N LEU T 227 44.55 -55.22 -51.94
CA LEU T 227 44.24 -56.14 -50.86
C LEU T 227 45.53 -56.56 -50.18
N LYS T 228 46.42 -57.19 -50.93
CA LYS T 228 47.70 -57.64 -50.39
C LYS T 228 48.49 -56.51 -49.73
N MET T 229 48.32 -55.27 -50.19
CA MET T 229 48.99 -54.15 -49.54
C MET T 229 48.38 -53.90 -48.16
N CYS T 230 47.06 -53.80 -48.09
CA CYS T 230 46.39 -53.61 -46.80
C CYS T 230 46.21 -54.90 -46.02
N ILE T 231 46.87 -55.97 -46.45
CA ILE T 231 47.04 -57.18 -45.65
C ILE T 231 48.43 -57.21 -45.04
N ARG T 232 49.45 -57.07 -45.88
CA ARG T 232 50.83 -57.03 -45.40
C ARG T 232 51.04 -55.83 -44.48
N VAL T 233 50.72 -54.64 -44.97
CA VAL T 233 50.98 -53.41 -44.22
C VAL T 233 50.19 -53.41 -42.92
N GLU T 234 48.93 -53.81 -42.98
CA GLU T 234 48.09 -53.75 -41.77
C GLU T 234 48.52 -54.82 -40.77
N MET T 235 48.59 -56.07 -41.20
CA MET T 235 48.87 -57.14 -40.25
C MET T 235 50.29 -57.07 -39.71
N GLN T 236 51.24 -56.60 -40.52
CA GLN T 236 52.56 -56.28 -40.00
C GLN T 236 52.54 -55.06 -39.11
N SER T 237 51.59 -54.15 -39.33
CA SER T 237 51.43 -53.00 -38.45
C SER T 237 50.76 -53.36 -37.13
N ARG T 238 50.00 -54.46 -37.11
CA ARG T 238 49.23 -54.85 -35.94
C ARG T 238 49.91 -55.91 -35.10
N GLY T 239 51.15 -56.28 -35.39
CA GLY T 239 51.77 -57.37 -34.66
C GLY T 239 51.04 -58.67 -34.80
N TYR T 240 50.44 -58.89 -35.96
CA TYR T 240 49.48 -59.97 -36.17
C TYR T 240 50.14 -61.31 -36.46
N GLU T 241 51.43 -61.30 -36.84
CA GLU T 241 52.15 -62.51 -37.23
C GLU T 241 51.47 -63.18 -38.43
N ILE T 242 51.37 -62.42 -39.51
CA ILE T 242 50.92 -62.94 -40.79
C ILE T 242 52.11 -63.58 -41.50
N ASP T 243 51.81 -64.49 -42.42
CA ASP T 243 52.83 -65.17 -43.22
C ASP T 243 52.32 -65.30 -44.65
N GLU T 244 52.98 -66.12 -45.47
CA GLU T 244 52.66 -66.16 -46.90
C GLU T 244 51.29 -66.77 -47.15
N ASP T 245 51.00 -67.91 -46.53
CA ASP T 245 49.79 -68.67 -46.84
C ASP T 245 48.54 -67.82 -46.65
N ILE T 246 48.54 -66.99 -45.61
CA ILE T 246 47.44 -66.06 -45.36
C ILE T 246 47.21 -65.16 -46.57
N VAL T 247 48.27 -64.85 -47.32
CA VAL T 247 48.19 -64.00 -48.49
C VAL T 247 48.12 -64.80 -49.79
N SER T 248 48.18 -66.13 -49.70
CA SER T 248 47.57 -66.96 -50.73
C SER T 248 46.05 -66.91 -50.59
N ARG T 249 45.58 -66.86 -49.34
CA ARG T 249 44.16 -66.93 -49.09
C ARG T 249 43.42 -65.63 -49.40
N VAL T 250 44.14 -64.54 -49.73
CA VAL T 250 43.45 -63.32 -50.16
C VAL T 250 42.63 -63.60 -51.41
N ALA T 251 43.18 -64.40 -52.33
CA ALA T 251 42.53 -64.73 -53.59
C ALA T 251 42.02 -66.15 -53.63
N GLU T 252 42.61 -67.08 -52.87
CA GLU T 252 42.03 -68.42 -52.84
C GLU T 252 40.67 -68.45 -52.17
N GLU T 253 40.35 -67.45 -51.35
CA GLU T 253 39.17 -67.43 -50.51
C GLU T 253 38.49 -66.07 -50.56
N MET T 254 38.28 -65.55 -51.77
CA MET T 254 37.62 -64.27 -51.95
C MET T 254 36.97 -64.24 -53.33
N THR T 255 35.92 -63.42 -53.45
CA THR T 255 35.25 -63.18 -54.72
C THR T 255 35.68 -61.84 -55.29
N PHE T 256 35.96 -61.83 -56.59
CA PHE T 256 36.27 -60.64 -57.36
C PHE T 256 35.24 -60.50 -58.48
N PHE T 257 35.34 -59.39 -59.22
CA PHE T 257 34.37 -59.03 -60.25
C PHE T 257 35.09 -58.79 -61.57
N PRO T 258 34.56 -59.27 -62.71
CA PRO T 258 33.44 -60.21 -62.88
C PRO T 258 33.91 -61.60 -62.51
N LYS T 259 32.99 -62.56 -62.45
CA LYS T 259 33.40 -63.95 -62.30
C LYS T 259 34.32 -64.38 -63.42
N GLU T 260 34.00 -64.01 -64.65
CA GLU T 260 34.68 -64.57 -65.81
C GLU T 260 36.15 -64.14 -65.88
N GLU T 261 36.57 -63.21 -65.02
CA GLU T 261 37.96 -62.81 -64.92
C GLU T 261 38.44 -62.81 -63.48
N ARG T 262 37.54 -62.56 -62.51
CA ARG T 262 37.88 -62.50 -61.08
C ARG T 262 38.99 -61.46 -60.83
N VAL T 263 38.62 -60.20 -61.04
CA VAL T 263 39.61 -59.12 -61.03
C VAL T 263 39.23 -58.05 -60.01
N PHE T 264 38.14 -57.35 -60.26
CA PHE T 264 37.78 -56.22 -59.43
C PHE T 264 37.22 -56.72 -58.10
N SER T 265 37.67 -56.08 -57.04
CA SER T 265 37.34 -56.54 -55.69
C SER T 265 35.86 -56.28 -55.42
N ASP T 266 35.43 -56.61 -54.21
CA ASP T 266 34.10 -56.32 -53.72
C ASP T 266 34.17 -55.33 -52.58
N LYS T 267 35.32 -55.23 -51.91
CA LYS T 267 35.49 -54.30 -50.81
C LYS T 267 36.81 -53.57 -50.78
N GLY T 268 37.83 -54.05 -51.49
CA GLY T 268 39.14 -53.54 -51.22
C GLY T 268 39.52 -53.80 -49.78
N CYS T 269 39.85 -52.72 -49.07
CA CYS T 269 40.49 -52.78 -47.76
C CYS T 269 39.50 -52.48 -46.64
N LYS T 270 38.23 -52.78 -46.86
CA LYS T 270 37.18 -52.58 -45.88
C LYS T 270 36.92 -53.81 -45.03
N THR T 271 36.51 -54.90 -45.65
CA THR T 271 36.33 -56.18 -44.98
C THR T 271 37.62 -56.98 -44.92
N VAL T 272 38.74 -56.39 -45.28
CA VAL T 272 39.97 -57.16 -45.45
C VAL T 272 40.41 -57.75 -44.12
N PHE T 273 40.45 -56.94 -43.05
CA PHE T 273 41.07 -57.38 -41.81
C PHE T 273 40.21 -58.37 -41.04
N THR T 274 38.90 -58.36 -41.27
CA THR T 274 38.03 -59.36 -40.65
C THR T 274 38.30 -60.73 -41.25
N LYS T 275 38.30 -60.80 -42.58
CA LYS T 275 38.67 -62.04 -43.26
C LYS T 275 40.07 -62.46 -42.91
N LEU T 276 40.97 -61.50 -42.69
CA LEU T 276 42.29 -61.85 -42.20
C LEU T 276 42.24 -62.42 -40.80
N ASP T 277 41.30 -61.97 -39.96
CA ASP T 277 41.12 -62.65 -38.68
C ASP T 277 40.61 -64.06 -38.89
N TYR T 278 39.85 -64.32 -39.95
CA TYR T 278 39.59 -65.72 -40.28
C TYR T 278 40.89 -66.43 -40.63
N TYR T 279 41.82 -65.75 -41.29
CA TYR T 279 43.04 -66.44 -41.68
C TYR T 279 43.98 -66.61 -40.49
N TYR T 280 43.78 -65.83 -39.42
CA TYR T 280 44.29 -66.26 -38.12
C TYR T 280 43.60 -67.55 -37.72
N ASP T 281 42.30 -67.61 -37.93
CA ASP T 281 41.58 -68.85 -37.68
C ASP T 281 41.91 -69.90 -38.73
N ASP T 282 42.36 -69.46 -39.91
CA ASP T 282 42.94 -70.31 -40.95
C ASP T 282 42.09 -71.54 -41.28
N GLY U 1 -21.09 84.81 38.53
CA GLY U 1 -21.16 83.45 37.96
C GLY U 1 -21.26 82.38 39.03
N GLN U 2 -20.18 82.22 39.81
CA GLN U 2 -20.19 81.24 40.89
C GLN U 2 -21.23 81.58 41.94
N LYS U 3 -21.56 82.86 42.09
CA LYS U 3 -22.64 83.32 42.94
C LYS U 3 -23.95 83.49 42.17
N ARG U 4 -24.10 82.80 41.05
CA ARG U 4 -25.30 82.86 40.22
C ARG U 4 -25.81 81.45 39.97
N SER U 5 -27.06 81.19 40.38
CA SER U 5 -27.76 80.01 39.91
C SER U 5 -28.18 80.26 38.46
N LEU U 6 -27.81 79.34 37.58
CA LEU U 6 -27.89 79.57 36.14
C LEU U 6 -29.35 79.68 35.72
N SER U 7 -29.74 80.86 35.26
CA SER U 7 -31.05 81.03 34.67
C SER U 7 -31.05 80.44 33.27
N ARG U 8 -32.25 80.09 32.80
CA ARG U 8 -32.41 79.43 31.52
C ARG U 8 -31.93 80.32 30.39
N GLU U 9 -32.22 81.62 30.49
CA GLU U 9 -31.89 82.55 29.43
C GLU U 9 -30.40 82.58 29.15
N ALA U 10 -29.59 82.57 30.20
CA ALA U 10 -28.15 82.67 30.01
C ALA U 10 -27.61 81.50 29.20
N LEU U 11 -28.15 80.30 29.45
CA LEU U 11 -27.59 79.11 28.84
C LEU U 11 -28.12 78.90 27.43
N GLN U 12 -29.43 79.08 27.22
CA GLN U 12 -29.93 79.02 25.86
C GLN U 12 -29.32 80.12 25.02
N LYS U 13 -29.07 81.28 25.64
CA LYS U 13 -28.36 82.36 24.96
C LYS U 13 -26.97 81.90 24.53
N ASP U 14 -26.19 81.36 25.48
CA ASP U 14 -24.82 80.98 25.19
C ASP U 14 -24.75 79.93 24.10
N LEU U 15 -25.54 78.86 24.24
CA LEU U 15 -25.51 77.78 23.27
C LEU U 15 -26.00 78.25 21.92
N ASP U 16 -27.08 79.03 21.91
CA ASP U 16 -27.57 79.56 20.64
C ASP U 16 -26.57 80.53 20.01
N ASP U 17 -25.68 81.12 20.81
CA ASP U 17 -24.64 81.97 20.26
C ASP U 17 -23.56 81.13 19.59
N ASN U 18 -23.01 80.17 20.33
CA ASN U 18 -21.78 79.51 19.92
C ASN U 18 -21.97 78.09 19.43
N LEU U 19 -22.94 77.36 19.98
CA LEU U 19 -23.15 75.97 19.58
C LEU U 19 -23.89 75.93 18.25
N PHE U 20 -23.37 75.12 17.34
CA PHE U 20 -23.92 74.96 15.99
C PHE U 20 -24.66 73.64 15.90
N GLY U 21 -25.94 73.71 15.56
CA GLY U 21 -26.77 72.54 15.57
C GLY U 21 -26.97 72.01 16.97
N GLN U 22 -27.09 70.68 17.06
CA GLN U 22 -27.18 70.00 18.34
C GLN U 22 -28.38 70.50 19.14
N HIS U 23 -29.51 70.65 18.44
CA HIS U 23 -30.77 71.03 19.07
C HIS U 23 -31.08 70.12 20.25
N LEU U 24 -30.80 68.82 20.10
CA LEU U 24 -31.02 67.87 21.17
C LEU U 24 -30.25 68.27 22.42
N ALA U 25 -29.02 68.73 22.23
CA ALA U 25 -28.17 68.99 23.38
C ALA U 25 -28.62 70.25 24.09
N LYS U 26 -29.11 71.21 23.33
CA LYS U 26 -29.64 72.43 23.93
C LYS U 26 -30.88 72.12 24.76
N LYS U 27 -31.81 71.35 24.19
CA LYS U 27 -33.01 70.97 24.94
C LYS U 27 -32.64 70.23 26.21
N ILE U 28 -31.91 69.12 26.05
CA ILE U 28 -31.51 68.26 27.17
C ILE U 28 -30.83 69.09 28.24
N ILE U 29 -29.69 69.67 27.88
CA ILE U 29 -28.84 70.33 28.85
C ILE U 29 -29.63 71.42 29.55
N LEU U 30 -30.22 72.32 28.74
CA LEU U 30 -30.88 73.49 29.29
C LEU U 30 -31.93 73.10 30.33
N ASN U 31 -32.90 72.27 29.94
CA ASN U 31 -33.97 71.96 30.88
C ASN U 31 -33.46 71.09 32.01
N ALA U 32 -32.52 70.18 31.72
CA ALA U 32 -32.05 69.22 32.70
C ALA U 32 -31.33 69.92 33.83
N VAL U 33 -30.28 70.68 33.53
CA VAL U 33 -29.58 71.37 34.60
C VAL U 33 -30.48 72.44 35.20
N PHE U 34 -31.25 73.16 34.38
CA PHE U 34 -32.06 74.25 34.89
C PHE U 34 -33.09 73.76 35.90
N GLY U 35 -33.52 72.50 35.79
CA GLY U 35 -34.32 71.90 36.82
C GLY U 35 -33.44 71.40 37.95
N PHE U 36 -32.27 70.87 37.62
CA PHE U 36 -31.39 70.28 38.61
C PHE U 36 -30.80 71.34 39.52
N ILE U 37 -30.14 72.34 38.93
CA ILE U 37 -29.41 73.31 39.73
C ILE U 37 -30.36 74.12 40.60
N ASN U 38 -31.55 74.41 40.08
CA ASN U 38 -32.56 75.10 40.86
C ASN U 38 -33.19 74.21 41.91
N ASN U 39 -33.03 72.90 41.82
CA ASN U 39 -33.58 72.00 42.81
C ASN U 39 -32.71 71.99 44.05
N PRO U 40 -33.21 72.40 45.21
CA PRO U 40 -32.42 72.20 46.44
C PRO U 40 -32.38 70.76 46.93
N LYS U 41 -33.16 69.87 46.33
CA LYS U 41 -33.20 68.46 46.73
C LYS U 41 -33.18 67.61 45.48
N PRO U 42 -32.01 67.45 44.87
CA PRO U 42 -31.95 66.64 43.64
C PRO U 42 -32.25 65.17 43.87
N LYS U 43 -32.01 64.65 45.08
CA LYS U 43 -32.12 63.26 45.49
C LYS U 43 -30.95 62.43 44.97
N LYS U 44 -30.14 62.93 44.05
CA LYS U 44 -29.04 62.20 43.45
C LYS U 44 -28.08 63.20 42.84
N PRO U 45 -26.84 62.85 42.67
CA PRO U 45 -25.97 63.68 41.82
C PRO U 45 -26.36 63.53 40.37
N LEU U 46 -25.74 64.32 39.50
CA LEU U 46 -26.05 64.33 38.08
C LEU U 46 -25.13 63.32 37.40
N THR U 47 -25.74 62.30 36.82
CA THR U 47 -25.01 61.19 36.22
C THR U 47 -25.20 61.28 34.72
N LEU U 48 -24.32 62.03 34.07
CA LEU U 48 -24.41 62.28 32.64
C LEU U 48 -23.53 61.31 31.86
N SER U 49 -24.01 60.94 30.68
CA SER U 49 -23.31 60.03 29.78
C SER U 49 -23.15 60.72 28.44
N LEU U 50 -22.00 60.56 27.83
CA LEU U 50 -21.74 61.06 26.50
C LEU U 50 -20.87 60.09 25.71
N HIS U 51 -21.25 59.91 24.45
CA HIS U 51 -20.48 59.14 23.50
C HIS U 51 -20.88 59.62 22.11
N GLY U 52 -20.24 59.05 21.08
CA GLY U 52 -20.49 59.46 19.72
C GLY U 52 -19.23 59.85 18.97
N TRP U 53 -19.35 60.88 18.12
CA TRP U 53 -18.27 61.33 17.28
C TRP U 53 -17.63 62.61 17.84
N THR U 54 -16.34 62.79 17.57
CA THR U 54 -15.62 63.92 18.15
C THR U 54 -15.88 65.21 17.41
N GLY U 55 -15.27 66.26 17.94
CA GLY U 55 -15.32 67.55 17.30
C GLY U 55 -16.69 68.15 17.20
N THR U 56 -17.68 67.54 17.86
CA THR U 56 -19.04 68.01 17.94
C THR U 56 -19.26 68.85 19.17
N GLY U 57 -18.33 68.78 20.11
CA GLY U 57 -18.22 69.74 21.16
C GLY U 57 -18.36 69.20 22.57
N LYS U 58 -17.96 67.96 22.83
CA LYS U 58 -18.11 67.42 24.17
C LYS U 58 -17.29 68.21 25.17
N ASN U 59 -15.97 68.21 25.01
CA ASN U 59 -15.14 69.00 25.89
C ASN U 59 -15.41 70.48 25.72
N PHE U 60 -15.83 70.88 24.53
CA PHE U 60 -16.34 72.23 24.28
C PHE U 60 -17.50 72.56 25.22
N VAL U 61 -18.59 71.80 25.17
CA VAL U 61 -19.78 72.16 25.95
C VAL U 61 -19.50 72.05 27.44
N SER U 62 -18.76 71.02 27.84
CA SER U 62 -18.41 70.88 29.25
C SER U 62 -17.63 72.09 29.72
N LYS U 63 -16.70 72.55 28.89
CA LYS U 63 -15.97 73.77 29.18
C LYS U 63 -16.92 74.94 29.34
N ILE U 64 -17.90 75.07 28.42
CA ILE U 64 -18.79 76.23 28.42
C ILE U 64 -19.55 76.29 29.73
N ILE U 65 -20.23 75.20 30.07
CA ILE U 65 -21.05 75.22 31.27
C ILE U 65 -20.17 75.35 32.49
N ALA U 66 -18.97 74.79 32.44
CA ALA U 66 -18.02 74.99 33.53
C ALA U 66 -17.72 76.47 33.72
N GLU U 67 -17.65 77.22 32.63
CA GLU U 67 -17.39 78.65 32.73
C GLU U 67 -18.61 79.40 33.25
N ASN U 68 -19.80 79.02 32.78
CA ASN U 68 -21.01 79.70 33.23
C ASN U 68 -21.25 79.48 34.72
N ILE U 69 -20.99 78.27 35.20
CA ILE U 69 -21.17 77.99 36.62
C ILE U 69 -20.16 78.78 37.44
N TYR U 70 -18.87 78.52 37.23
CA TYR U 70 -17.80 79.19 37.94
C TYR U 70 -16.93 79.96 36.96
N GLU U 71 -16.44 81.12 37.42
CA GLU U 71 -15.50 81.90 36.62
C GLU U 71 -14.23 81.10 36.33
N GLY U 72 -13.87 80.19 37.23
CA GLY U 72 -12.70 79.35 37.01
C GLY U 72 -12.79 78.51 35.76
N GLY U 73 -14.00 78.21 35.29
CA GLY U 73 -14.13 77.26 34.20
C GLY U 73 -13.55 75.94 34.64
N LEU U 74 -12.37 75.63 34.11
CA LEU U 74 -11.58 74.51 34.59
C LEU U 74 -10.52 74.91 35.61
N ASN U 75 -10.25 76.20 35.75
CA ASN U 75 -9.27 76.66 36.73
C ASN U 75 -9.76 76.54 38.17
N SER U 76 -11.06 76.31 38.38
CA SER U 76 -11.58 76.33 39.73
C SER U 76 -11.00 75.20 40.57
N ASP U 77 -10.67 75.54 41.81
CA ASP U 77 -10.26 74.54 42.79
C ASP U 77 -11.39 73.55 43.05
N TYR U 78 -12.64 74.01 42.95
CA TYR U 78 -13.78 73.10 43.02
C TYR U 78 -13.75 72.11 41.86
N VAL U 79 -13.51 72.61 40.66
CA VAL U 79 -13.57 71.81 39.45
C VAL U 79 -12.22 71.13 39.31
N HIS U 80 -12.16 69.86 39.70
CA HIS U 80 -10.94 69.08 39.71
C HIS U 80 -11.09 67.88 38.79
N LEU U 81 -10.12 67.71 37.90
CA LEU U 81 -10.26 66.85 36.73
C LEU U 81 -9.38 65.61 36.83
N PHE U 82 -9.90 64.52 36.29
CA PHE U 82 -9.20 63.25 36.18
C PHE U 82 -9.23 62.78 34.74
N VAL U 83 -8.26 61.94 34.39
CA VAL U 83 -8.13 61.37 33.06
C VAL U 83 -7.73 59.91 33.23
N ALA U 84 -8.13 59.09 32.26
CA ALA U 84 -7.74 57.69 32.27
C ALA U 84 -6.23 57.54 32.23
N THR U 85 -5.61 57.96 31.14
CA THR U 85 -4.24 57.57 30.87
C THR U 85 -3.25 58.33 31.76
N LEU U 86 -3.43 59.65 31.88
CA LEU U 86 -2.50 60.46 32.65
C LEU U 86 -2.40 60.03 34.10
N HIS U 87 -3.48 59.60 34.69
CA HIS U 87 -3.52 59.17 36.06
C HIS U 87 -3.58 57.66 36.20
N PHE U 88 -4.40 57.00 35.38
CA PHE U 88 -4.78 55.60 35.59
C PHE U 88 -4.39 54.74 34.39
N PRO U 89 -3.10 54.65 34.08
CA PRO U 89 -2.68 53.87 32.92
C PRO U 89 -2.89 52.38 33.04
N HIS U 90 -2.39 51.79 34.12
CA HIS U 90 -2.17 50.35 34.19
C HIS U 90 -3.20 49.64 35.04
N ALA U 91 -3.37 48.35 34.76
CA ALA U 91 -4.12 47.45 35.60
C ALA U 91 -3.30 46.92 36.76
N SER U 92 -2.09 47.44 36.98
CA SER U 92 -1.27 47.00 38.11
C SER U 92 -1.68 47.70 39.38
N ASN U 93 -1.77 49.04 39.34
CA ASN U 93 -2.00 49.86 40.51
C ASN U 93 -3.46 50.21 40.68
N ILE U 94 -4.36 49.28 40.33
CA ILE U 94 -5.79 49.57 40.36
C ILE U 94 -6.23 49.99 41.76
N THR U 95 -5.68 49.33 42.77
CA THR U 95 -6.13 49.58 44.14
C THR U 95 -5.72 50.97 44.59
N LEU U 96 -4.46 51.32 44.38
CA LEU U 96 -4.00 52.68 44.67
C LEU U 96 -4.84 53.69 43.93
N TYR U 97 -5.19 53.38 42.69
CA TYR U 97 -6.00 54.30 41.91
C TYR U 97 -7.39 54.45 42.53
N LYS U 98 -7.91 53.37 43.13
CA LYS U 98 -9.21 53.46 43.77
C LYS U 98 -9.15 54.27 45.05
N ASP U 99 -8.13 54.03 45.87
CA ASP U 99 -8.03 54.72 47.14
C ASP U 99 -7.77 56.20 46.93
N GLN U 100 -6.77 56.52 46.09
CA GLN U 100 -6.51 57.91 45.71
C GLN U 100 -7.76 58.54 45.13
N LEU U 101 -8.52 57.78 44.35
CA LEU U 101 -9.75 58.29 43.79
C LEU U 101 -10.71 58.71 44.90
N GLN U 102 -11.04 57.78 45.78
CA GLN U 102 -11.99 58.06 46.87
C GLN U 102 -11.54 59.25 47.69
N LEU U 103 -10.25 59.36 47.98
CA LEU U 103 -9.78 60.42 48.86
C LEU U 103 -9.82 61.77 48.16
N TRP U 104 -9.37 61.84 46.91
CA TRP U 104 -9.42 63.09 46.17
C TRP U 104 -10.86 63.55 46.01
N ILE U 105 -11.77 62.59 45.79
CA ILE U 105 -13.20 62.90 45.78
C ILE U 105 -13.57 63.59 47.09
N ARG U 106 -13.41 62.86 48.21
CA ARG U 106 -13.84 63.37 49.51
C ARG U 106 -13.26 64.73 49.81
N GLY U 107 -12.03 64.99 49.37
CA GLY U 107 -11.43 66.29 49.53
C GLY U 107 -12.24 67.37 48.83
N ASN U 108 -12.38 67.22 47.51
CA ASN U 108 -13.02 68.30 46.75
C ASN U 108 -14.48 68.47 47.16
N VAL U 109 -15.21 67.37 47.33
CA VAL U 109 -16.61 67.49 47.67
C VAL U 109 -16.77 68.04 49.07
N SER U 110 -15.88 67.66 49.99
CA SER U 110 -15.95 68.22 51.32
C SER U 110 -15.60 69.70 51.32
N ALA U 111 -14.94 70.19 50.27
CA ALA U 111 -14.87 71.63 50.08
C ALA U 111 -16.25 72.20 49.75
N CYS U 112 -16.99 71.53 48.88
CA CYS U 112 -18.35 71.93 48.54
C CYS U 112 -19.00 70.84 47.70
N ALA U 113 -20.30 70.67 47.89
CA ALA U 113 -21.03 69.66 47.12
C ALA U 113 -21.31 70.12 45.70
N ARG U 114 -21.11 71.40 45.40
CA ARG U 114 -21.28 71.91 44.06
C ARG U 114 -20.02 71.78 43.22
N SER U 115 -18.99 71.10 43.72
CA SER U 115 -17.83 70.80 42.90
C SER U 115 -18.22 69.85 41.78
N ILE U 116 -17.38 69.82 40.74
CA ILE U 116 -17.66 69.07 39.52
C ILE U 116 -16.47 68.18 39.22
N PHE U 117 -16.75 66.95 38.81
CA PHE U 117 -15.77 66.02 38.30
C PHE U 117 -16.15 65.58 36.89
N ILE U 118 -15.14 65.41 36.06
CA ILE U 118 -15.30 64.89 34.71
C ILE U 118 -14.21 63.85 34.47
N PHE U 119 -14.56 62.83 33.69
CA PHE U 119 -13.60 61.87 33.19
C PHE U 119 -13.55 61.95 31.67
N ASP U 120 -12.53 61.30 31.10
CA ASP U 120 -12.31 61.33 29.67
C ASP U 120 -11.49 60.12 29.27
N GLU U 121 -11.57 59.76 27.99
CA GLU U 121 -10.83 58.63 27.42
C GLU U 121 -11.18 57.35 28.16
N MET U 122 -12.47 57.10 28.28
CA MET U 122 -13.00 56.01 29.07
C MET U 122 -13.01 54.68 28.34
N ASP U 123 -12.30 54.58 27.21
CA ASP U 123 -12.11 53.30 26.56
C ASP U 123 -10.94 52.51 27.15
N LYS U 124 -10.31 53.03 28.21
CA LYS U 124 -9.06 52.49 28.73
C LYS U 124 -9.12 52.36 30.26
N MET U 125 -10.18 51.74 30.75
CA MET U 125 -10.46 51.67 32.18
C MET U 125 -10.69 50.22 32.62
N HIS U 126 -10.92 50.00 33.92
CA HIS U 126 -10.91 48.66 34.50
C HIS U 126 -11.90 48.59 35.65
N ALA U 127 -12.89 47.70 35.53
CA ALA U 127 -14.16 47.79 36.27
C ALA U 127 -13.99 47.88 37.79
N GLY U 128 -12.83 47.50 38.33
CA GLY U 128 -12.56 47.82 39.71
C GLY U 128 -12.71 49.31 39.98
N LEU U 129 -12.39 50.13 38.98
CA LEU U 129 -12.40 51.58 39.10
C LEU U 129 -13.80 52.18 38.97
N ILE U 130 -14.83 51.39 38.65
CA ILE U 130 -16.20 51.75 38.99
C ILE U 130 -16.62 51.14 40.32
N ASP U 131 -16.03 50.02 40.73
CA ASP U 131 -16.47 49.37 41.95
C ASP U 131 -16.23 50.20 43.21
N ALA U 132 -15.53 51.34 43.11
CA ALA U 132 -15.28 52.22 44.23
C ALA U 132 -16.19 53.45 44.25
N ILE U 133 -17.11 53.58 43.30
CA ILE U 133 -17.90 54.80 43.15
C ILE U 133 -19.40 54.57 43.09
N LYS U 134 -19.87 53.37 42.74
CA LYS U 134 -21.30 53.10 42.75
C LYS U 134 -21.99 53.46 44.06
N PRO U 135 -21.41 53.22 45.23
CA PRO U 135 -22.04 53.74 46.46
C PRO U 135 -22.18 55.24 46.48
N PHE U 136 -21.22 55.97 45.91
CA PHE U 136 -21.37 57.42 45.83
C PHE U 136 -22.57 57.83 44.98
N LEU U 137 -23.04 56.94 44.11
CA LEU U 137 -24.20 57.20 43.28
C LEU U 137 -25.44 56.48 43.78
N ASP U 138 -25.44 56.00 45.01
CA ASP U 138 -26.72 55.80 45.67
C ASP U 138 -27.37 57.15 45.88
N TYR U 139 -28.70 57.17 45.75
CA TYR U 139 -29.51 58.33 46.08
C TYR U 139 -29.56 58.63 47.57
N TYR U 140 -28.83 57.88 48.41
CA TYR U 140 -28.65 58.18 49.82
C TYR U 140 -28.48 59.66 50.07
N ASP U 141 -29.13 60.17 51.11
CA ASP U 141 -28.91 61.55 51.49
C ASP U 141 -27.48 61.79 51.94
N LEU U 142 -26.75 60.75 52.34
CA LEU U 142 -25.38 60.94 52.75
C LEU U 142 -24.60 59.65 52.62
N VAL U 143 -23.29 59.79 52.77
CA VAL U 143 -22.36 58.68 52.99
C VAL U 143 -21.25 59.21 53.90
N ASP U 144 -20.92 58.44 54.93
CA ASP U 144 -19.85 58.81 55.89
C ASP U 144 -20.14 60.17 56.51
N GLY U 145 -21.40 60.49 56.72
CA GLY U 145 -21.78 61.79 57.23
C GLY U 145 -21.60 62.92 56.23
N VAL U 146 -21.67 62.63 54.93
CA VAL U 146 -21.53 63.63 53.89
C VAL U 146 -22.50 63.32 52.76
N SER U 147 -23.10 64.37 52.21
CA SER U 147 -23.98 64.26 51.06
C SER U 147 -23.22 64.58 49.77
N TYR U 148 -23.55 63.85 48.71
CA TYR U 148 -22.93 64.02 47.41
C TYR U 148 -23.93 64.35 46.31
N GLN U 149 -25.22 64.44 46.63
CA GLN U 149 -26.24 64.51 45.60
C GLN U 149 -26.31 65.86 44.91
N LYS U 150 -25.58 66.87 45.38
CA LYS U 150 -25.53 68.14 44.67
C LYS U 150 -24.48 68.14 43.58
N ALA U 151 -23.40 67.39 43.77
CA ALA U 151 -22.34 67.35 42.77
C ALA U 151 -22.85 66.67 41.51
N MET U 152 -21.99 66.69 40.49
CA MET U 152 -22.39 66.32 39.14
C MET U 152 -21.24 65.57 38.48
N PHE U 153 -21.49 64.33 38.09
CA PHE U 153 -20.49 63.46 37.49
C PHE U 153 -20.82 63.26 36.03
N ILE U 154 -19.81 63.45 35.18
CA ILE U 154 -19.96 63.53 33.73
C ILE U 154 -18.90 62.65 33.11
N PHE U 155 -19.29 61.87 32.10
CA PHE U 155 -18.39 60.95 31.41
C PHE U 155 -18.32 61.29 29.94
N LEU U 156 -17.33 60.67 29.28
CA LEU U 156 -17.07 60.89 27.88
C LEU U 156 -16.58 59.60 27.24
N SER U 157 -16.87 59.47 25.96
CA SER U 157 -16.43 58.32 25.18
C SER U 157 -16.68 58.62 23.72
N ASN U 158 -16.48 57.60 22.88
CA ASN U 158 -16.91 57.65 21.49
C ASN U 158 -17.53 56.34 21.02
N ALA U 159 -17.63 55.33 21.87
CA ALA U 159 -18.23 54.06 21.47
C ALA U 159 -19.71 54.25 21.19
N GLY U 160 -20.29 53.26 20.51
CA GLY U 160 -21.65 53.37 20.06
C GLY U 160 -21.85 54.37 18.94
N ALA U 161 -20.77 54.91 18.37
CA ALA U 161 -20.91 55.86 17.28
C ALA U 161 -21.58 55.23 16.07
N GLU U 162 -21.39 53.93 15.86
CA GLU U 162 -21.88 53.29 14.65
C GLU U 162 -23.40 53.38 14.57
N ARG U 163 -24.07 53.34 15.71
CA ARG U 163 -25.53 53.45 15.73
C ARG U 163 -25.98 54.84 15.35
N ILE U 164 -25.36 55.87 15.92
CA ILE U 164 -25.80 57.21 15.58
C ILE U 164 -25.49 57.51 14.12
N THR U 165 -24.43 56.89 13.58
CA THR U 165 -24.13 57.04 12.15
C THR U 165 -25.21 56.41 11.30
N ASP U 166 -25.39 55.08 11.43
CA ASP U 166 -26.28 54.41 10.50
C ASP U 166 -27.72 54.87 10.66
N VAL U 167 -28.08 55.34 11.86
CA VAL U 167 -29.38 55.97 12.03
C VAL U 167 -29.40 57.32 11.32
N ALA U 168 -28.30 58.08 11.42
CA ALA U 168 -28.26 59.39 10.78
C ALA U 168 -28.48 59.27 9.28
N LEU U 169 -27.81 58.32 8.64
CA LEU U 169 -28.09 58.08 7.23
C LEU U 169 -29.43 57.41 7.04
N ASP U 170 -29.99 56.74 8.05
CA ASP U 170 -31.31 56.16 7.89
C ASP U 170 -32.34 57.25 7.64
N PHE U 171 -32.54 58.11 8.64
CA PHE U 171 -33.51 59.17 8.48
C PHE U 171 -33.09 60.16 7.41
N TRP U 172 -31.79 60.42 7.27
CA TRP U 172 -31.36 61.35 6.22
C TRP U 172 -31.63 60.78 4.84
N ARG U 173 -31.44 59.47 4.69
CA ARG U 173 -31.85 58.77 3.47
C ARG U 173 -33.35 58.84 3.27
N SER U 174 -34.13 59.01 4.34
CA SER U 174 -35.57 59.22 4.22
C SER U 174 -36.00 60.62 3.73
N GLY U 175 -35.08 61.45 3.23
CA GLY U 175 -35.44 62.79 2.83
C GLY U 175 -35.76 63.65 4.02
N LYS U 176 -34.76 63.94 4.84
CA LYS U 176 -34.98 64.43 6.20
C LYS U 176 -33.70 64.93 6.87
N GLN U 177 -33.84 65.87 7.79
CA GLN U 177 -32.73 66.39 8.58
C GLN U 177 -32.87 65.95 10.02
N ARG U 178 -31.74 65.88 10.74
CA ARG U 178 -31.79 65.38 12.11
C ARG U 178 -32.52 66.33 13.06
N GLU U 179 -32.78 67.57 12.65
CA GLU U 179 -33.80 68.37 13.33
C GLU U 179 -35.10 67.62 13.41
N ASP U 180 -35.48 66.95 12.33
CA ASP U 180 -36.69 66.15 12.31
C ASP U 180 -36.50 64.79 12.97
N ILE U 181 -35.26 64.29 13.05
CA ILE U 181 -35.02 63.19 13.96
C ILE U 181 -35.33 63.70 15.36
N LYS U 182 -35.95 62.86 16.16
CA LYS U 182 -36.34 63.20 17.51
C LYS U 182 -35.25 62.80 18.48
N LEU U 183 -35.39 63.28 19.71
CA LEU U 183 -34.45 62.89 20.74
C LEU U 183 -34.51 61.39 20.96
N LYS U 184 -35.71 60.85 21.10
CA LYS U 184 -35.87 59.40 21.19
C LYS U 184 -35.27 58.77 19.96
N ASP U 185 -34.31 57.87 20.18
CA ASP U 185 -33.79 57.01 19.15
C ASP U 185 -33.50 55.70 19.87
N ILE U 186 -32.81 54.77 19.23
CA ILE U 186 -32.90 53.40 19.72
C ILE U 186 -32.02 53.26 20.96
N GLU U 187 -32.58 53.58 22.12
CA GLU U 187 -31.82 53.48 23.37
C GLU U 187 -31.60 52.03 23.77
N HIS U 188 -32.29 51.10 23.11
CA HIS U 188 -31.97 49.69 23.30
C HIS U 188 -30.60 49.37 22.75
N ALA U 189 -30.32 49.74 21.49
CA ALA U 189 -29.00 49.50 20.93
C ALA U 189 -27.94 50.30 21.66
N LEU U 190 -28.29 51.49 22.15
CA LEU U 190 -27.39 52.20 23.03
C LEU U 190 -27.12 51.40 24.30
N SER U 191 -28.13 50.73 24.84
CA SER U 191 -27.89 49.86 25.98
C SER U 191 -26.97 48.70 25.60
N VAL U 192 -27.05 48.24 24.34
CA VAL U 192 -26.17 47.15 23.90
C VAL U 192 -24.73 47.62 23.85
N SER U 193 -24.48 48.77 23.20
CA SER U 193 -23.16 49.39 23.22
C SER U 193 -22.70 49.63 24.66
N VAL U 194 -23.65 49.92 25.55
CA VAL U 194 -23.38 50.14 26.95
C VAL U 194 -23.43 48.85 27.74
N PHE U 195 -24.05 47.80 27.22
CA PHE U 195 -23.86 46.44 27.70
C PHE U 195 -22.68 45.76 27.01
N ASN U 196 -22.07 46.40 26.02
CA ASN U 196 -21.11 45.75 25.14
C ASN U 196 -19.91 45.30 25.94
N ASN U 197 -19.78 43.98 26.16
CA ASN U 197 -18.81 43.44 27.09
C ASN U 197 -17.36 43.73 26.72
N LYS U 198 -17.10 44.40 25.60
CA LYS U 198 -15.89 45.19 25.45
C LYS U 198 -15.69 46.06 26.69
N ASN U 199 -14.43 46.27 27.06
CA ASN U 199 -14.12 47.00 28.29
C ASN U 199 -14.73 48.40 28.28
N SER U 200 -14.74 49.05 27.12
CA SER U 200 -15.43 50.33 26.99
C SER U 200 -16.90 50.21 27.37
N GLY U 201 -17.60 49.28 26.73
CA GLY U 201 -19.01 49.09 27.03
C GLY U 201 -19.25 48.20 28.24
N PHE U 202 -18.23 47.48 28.71
CA PHE U 202 -18.40 46.62 29.88
C PHE U 202 -18.34 47.44 31.15
N TRP U 203 -17.39 48.37 31.20
CA TRP U 203 -17.35 49.43 32.19
C TRP U 203 -18.74 50.02 32.42
N HIS U 204 -19.31 50.59 31.36
CA HIS U 204 -20.64 51.17 31.47
C HIS U 204 -21.73 50.12 31.55
N SER U 205 -21.43 48.82 31.30
CA SER U 205 -22.39 47.75 31.56
C SER U 205 -22.57 47.54 33.05
N SER U 206 -21.47 47.43 33.77
CA SER U 206 -21.54 47.28 35.20
C SER U 206 -21.99 48.57 35.88
N LEU U 207 -21.79 49.73 35.25
CA LEU U 207 -22.43 50.95 35.75
C LEU U 207 -23.93 50.93 35.50
N ILE U 208 -24.36 50.49 34.32
CA ILE U 208 -25.77 50.45 33.97
C ILE U 208 -26.44 49.25 34.63
N ASP U 209 -25.72 48.52 35.48
CA ASP U 209 -26.37 47.55 36.37
C ASP U 209 -27.61 48.11 37.06
N ARG U 210 -27.67 49.43 37.30
CA ARG U 210 -28.79 50.07 37.97
C ARG U 210 -29.30 51.33 37.25
N ASN U 211 -28.96 51.52 35.96
CA ASN U 211 -29.04 52.83 35.29
C ASN U 211 -28.69 53.96 36.24
N LEU U 212 -27.49 53.91 36.81
CA LEU U 212 -27.09 55.07 37.59
C LEU U 212 -26.91 56.30 36.71
N ILE U 213 -26.77 56.13 35.40
CA ILE U 213 -26.81 57.23 34.45
C ILE U 213 -28.17 57.90 34.50
N ASP U 214 -28.18 59.21 34.31
CA ASP U 214 -29.42 59.94 34.08
C ASP U 214 -29.85 59.82 32.63
N TYR U 215 -29.08 60.42 31.71
CA TYR U 215 -29.52 60.63 30.33
C TYR U 215 -28.38 60.24 29.40
N PHE U 216 -28.65 59.27 28.52
CA PHE U 216 -27.77 59.05 27.37
C PHE U 216 -27.92 60.20 26.41
N VAL U 217 -26.80 60.70 25.90
CA VAL U 217 -26.78 61.88 25.03
C VAL U 217 -25.70 61.68 23.98
N PRO U 218 -26.01 61.21 22.78
CA PRO U 218 -25.05 61.27 21.69
C PRO U 218 -25.04 62.61 20.97
N PHE U 219 -23.86 62.96 20.49
CA PHE U 219 -23.69 64.03 19.51
C PHE U 219 -23.63 63.42 18.12
N LEU U 220 -23.53 64.29 17.10
CA LEU U 220 -23.53 63.83 15.71
C LEU U 220 -22.51 64.57 14.84
N PRO U 221 -22.10 64.00 13.70
CA PRO U 221 -21.13 64.67 12.84
C PRO U 221 -21.60 66.07 12.44
N LEU U 222 -20.78 67.05 12.78
CA LEU U 222 -21.11 68.43 12.45
C LEU U 222 -21.13 68.56 10.93
N GLU U 223 -22.34 68.62 10.39
CA GLU U 223 -22.54 68.61 8.95
C GLU U 223 -21.84 69.82 8.32
N TYR U 224 -21.52 69.70 7.02
CA TYR U 224 -20.71 70.71 6.34
C TYR U 224 -21.32 72.10 6.44
N LYS U 225 -22.62 72.19 6.63
CA LYS U 225 -23.20 73.46 7.06
C LYS U 225 -22.51 73.94 8.32
N HIS U 226 -22.31 73.04 9.31
CA HIS U 226 -21.65 73.45 10.54
C HIS U 226 -20.20 73.82 10.29
N LEU U 227 -19.54 73.13 9.36
CA LEU U 227 -18.22 73.59 8.94
C LEU U 227 -18.29 75.05 8.54
N LYS U 228 -19.11 75.35 7.53
CA LYS U 228 -19.27 76.72 7.07
C LYS U 228 -19.68 77.68 8.18
N MET U 229 -20.40 77.20 9.20
CA MET U 229 -20.73 78.05 10.32
C MET U 229 -19.49 78.38 11.14
N CYS U 230 -18.71 77.36 11.51
CA CYS U 230 -17.47 77.59 12.25
C CYS U 230 -16.31 77.97 11.36
N ILE U 231 -16.58 78.31 10.10
CA ILE U 231 -15.64 78.99 9.23
C ILE U 231 -15.97 80.47 9.15
N ARG U 232 -17.22 80.79 8.80
CA ARG U 232 -17.67 82.16 8.73
C ARG U 232 -17.59 82.81 10.11
N VAL U 233 -18.22 82.20 11.11
CA VAL U 233 -18.30 82.79 12.44
C VAL U 233 -16.91 82.93 13.04
N GLU U 234 -16.07 81.91 12.89
CA GLU U 234 -14.76 81.96 13.51
C GLU U 234 -13.85 82.96 12.79
N MET U 235 -13.72 82.84 11.48
CA MET U 235 -12.77 83.69 10.76
C MET U 235 -13.22 85.14 10.74
N GLN U 236 -14.53 85.39 10.71
CA GLN U 236 -15.03 86.73 10.94
C GLN U 236 -14.84 87.18 12.37
N SER U 237 -14.80 86.23 13.32
CA SER U 237 -14.53 86.57 14.71
C SER U 237 -13.05 86.85 14.95
N ARG U 238 -12.18 86.31 14.09
CA ARG U 238 -10.74 86.42 14.27
C ARG U 238 -10.09 87.53 13.45
N GLY U 239 -10.87 88.37 12.78
CA GLY U 239 -10.29 89.36 11.90
C GLY U 239 -9.47 88.77 10.80
N TYR U 240 -9.88 87.60 10.31
CA TYR U 240 -9.08 86.77 9.42
C TYR U 240 -9.14 87.21 7.97
N GLU U 241 -10.15 88.00 7.61
CA GLU U 241 -10.38 88.42 6.22
C GLU U 241 -10.61 87.20 5.33
N ILE U 242 -11.62 86.43 5.69
CA ILE U 242 -12.11 85.33 4.85
C ILE U 242 -13.04 85.90 3.79
N ASP U 243 -13.19 85.16 2.70
CA ASP U 243 -14.09 85.53 1.60
C ASP U 243 -14.79 84.28 1.10
N GLU U 244 -15.44 84.36 -0.07
CA GLU U 244 -16.28 83.25 -0.53
C GLU U 244 -15.45 82.04 -0.92
N ASP U 245 -14.39 82.25 -1.70
CA ASP U 245 -13.64 81.14 -2.28
C ASP U 245 -13.11 80.21 -1.19
N ILE U 246 -12.68 80.78 -0.07
CA ILE U 246 -12.23 79.99 1.08
C ILE U 246 -13.32 79.03 1.54
N VAL U 247 -14.59 79.41 1.36
CA VAL U 247 -15.73 78.61 1.76
C VAL U 247 -16.31 77.81 0.59
N SER U 248 -15.79 78.00 -0.61
CA SER U 248 -15.85 76.94 -1.61
C SER U 248 -14.90 75.81 -1.23
N ARG U 249 -13.75 76.18 -0.66
CA ARG U 249 -12.73 75.18 -0.37
C ARG U 249 -13.04 74.34 0.86
N VAL U 250 -14.10 74.66 1.61
CA VAL U 250 -14.49 73.78 2.72
C VAL U 250 -14.83 72.40 2.19
N ALA U 251 -15.50 72.33 1.04
CA ALA U 251 -15.91 71.08 0.42
C ALA U 251 -15.11 70.72 -0.80
N GLU U 252 -14.53 71.69 -1.51
CA GLU U 252 -13.66 71.34 -2.63
C GLU U 252 -12.39 70.65 -2.17
N GLU U 253 -11.99 70.83 -0.90
CA GLU U 253 -10.72 70.38 -0.38
C GLU U 253 -10.90 69.73 0.99
N MET U 254 -11.86 68.81 1.10
CA MET U 254 -12.11 68.09 2.34
C MET U 254 -12.74 66.75 2.02
N THR U 255 -12.56 65.80 2.93
CA THR U 255 -13.18 64.48 2.84
C THR U 255 -14.36 64.41 3.80
N PHE U 256 -15.46 63.86 3.31
CA PHE U 256 -16.66 63.58 4.09
C PHE U 256 -16.94 62.08 4.03
N PHE U 257 -17.97 61.66 4.78
CA PHE U 257 -18.30 60.24 4.95
C PHE U 257 -19.76 60.02 4.58
N PRO U 258 -20.09 58.93 3.86
CA PRO U 258 -19.22 58.00 3.14
C PRO U 258 -18.67 58.68 1.90
N LYS U 259 -17.74 58.03 1.21
CA LYS U 259 -17.34 58.52 -0.09
C LYS U 259 -18.51 58.61 -1.04
N GLU U 260 -19.36 57.60 -1.07
CA GLU U 260 -20.37 57.48 -2.11
C GLU U 260 -21.41 58.58 -2.02
N GLU U 261 -21.40 59.39 -0.95
CA GLU U 261 -22.28 60.53 -0.80
C GLU U 261 -21.50 61.79 -0.41
N ARG U 262 -20.39 61.63 0.33
CA ARG U 262 -19.57 62.75 0.80
C ARG U 262 -20.41 63.73 1.63
N VAL U 263 -20.84 63.23 2.80
CA VAL U 263 -21.81 63.97 3.61
C VAL U 263 -21.27 64.22 5.01
N PHE U 264 -21.10 63.15 5.78
CA PHE U 264 -20.72 63.30 7.17
C PHE U 264 -19.26 63.67 7.27
N SER U 265 -18.97 64.63 8.13
CA SER U 265 -17.64 65.20 8.24
C SER U 265 -16.70 64.16 8.84
N ASP U 266 -15.45 64.57 9.03
CA ASP U 266 -14.45 63.78 9.72
C ASP U 266 -14.05 64.46 11.01
N LYS U 267 -14.26 65.77 11.12
CA LYS U 267 -13.92 66.51 12.31
C LYS U 267 -14.93 67.55 12.74
N GLY U 268 -15.82 67.96 11.86
CA GLY U 268 -16.58 69.15 12.18
C GLY U 268 -15.65 70.32 12.36
N CYS U 269 -15.75 70.95 13.53
CA CYS U 269 -15.13 72.24 13.80
C CYS U 269 -13.87 72.11 14.64
N LYS U 270 -13.19 70.98 14.53
CA LYS U 270 -11.96 70.71 15.26
C LYS U 270 -10.72 71.08 14.46
N THR U 271 -10.52 70.45 13.32
CA THR U 271 -9.43 70.78 12.41
C THR U 271 -9.81 71.88 11.45
N VAL U 272 -10.95 72.54 11.66
CA VAL U 272 -11.47 73.46 10.66
C VAL U 272 -10.52 74.64 10.49
N PHE U 273 -10.09 75.27 11.59
CA PHE U 273 -9.37 76.54 11.48
C PHE U 273 -7.94 76.36 11.00
N THR U 274 -7.36 75.18 11.18
CA THR U 274 -6.03 74.91 10.63
C THR U 274 -6.09 74.83 9.12
N LYS U 275 -7.03 74.04 8.60
CA LYS U 275 -7.26 74.00 7.15
C LYS U 275 -7.64 75.37 6.62
N LEU U 276 -8.37 76.16 7.41
CA LEU U 276 -8.62 77.53 7.00
C LEU U 276 -7.36 78.35 6.96
N ASP U 277 -6.39 78.08 7.84
CA ASP U 277 -5.10 78.74 7.69
C ASP U 277 -4.41 78.29 6.42
N TYR U 278 -4.65 77.06 5.96
CA TYR U 278 -4.20 76.74 4.61
C TYR U 278 -4.92 77.61 3.58
N TYR U 279 -6.19 77.91 3.81
CA TYR U 279 -6.90 78.69 2.82
C TYR U 279 -6.50 80.17 2.89
N TYR U 280 -5.92 80.61 4.00
CA TYR U 280 -5.09 81.82 3.96
C TYR U 280 -3.92 81.59 3.04
N ASP U 281 -3.30 80.41 3.16
CA ASP U 281 -2.23 80.06 2.23
C ASP U 281 -2.79 79.76 0.85
N ASP U 282 -4.07 79.38 0.76
CA ASP U 282 -4.83 79.27 -0.48
C ASP U 282 -4.11 78.47 -1.57
N GLY V 1 33.36 -60.96 -13.83
CA GLY V 1 32.80 -61.13 -15.20
C GLY V 1 32.78 -59.83 -15.98
N GLN V 2 31.94 -58.89 -15.53
CA GLN V 2 31.88 -57.59 -16.20
C GLN V 2 33.20 -56.85 -16.10
N LYS V 3 33.97 -57.12 -15.05
CA LYS V 3 35.33 -56.60 -14.91
C LYS V 3 36.38 -57.58 -15.44
N ARG V 4 36.00 -58.46 -16.35
CA ARG V 4 36.89 -59.45 -16.94
C ARG V 4 36.80 -59.36 -18.45
N SER V 5 37.93 -59.09 -19.10
CA SER V 5 38.03 -59.32 -20.54
C SER V 5 38.14 -60.81 -20.78
N LEU V 6 37.26 -61.33 -21.63
CA LEU V 6 37.07 -62.78 -21.74
C LEU V 6 38.32 -63.43 -22.31
N SER V 7 38.97 -64.25 -21.51
CA SER V 7 40.06 -65.06 -22.01
C SER V 7 39.51 -66.22 -22.83
N ARG V 8 40.37 -66.74 -23.70
CA ARG V 8 39.96 -67.79 -24.63
C ARG V 8 39.55 -69.04 -23.86
N GLU V 9 40.30 -69.36 -22.80
CA GLU V 9 40.07 -70.58 -22.04
C GLU V 9 38.66 -70.63 -21.47
N ALA V 10 38.18 -69.51 -20.94
CA ALA V 10 36.87 -69.50 -20.31
C ALA V 10 35.78 -69.85 -21.31
N LEU V 11 35.90 -69.37 -22.54
CA LEU V 11 34.82 -69.52 -23.51
C LEU V 11 34.88 -70.88 -24.18
N GLN V 12 36.08 -71.32 -24.59
CA GLN V 12 36.17 -72.67 -25.13
C GLN V 12 35.79 -73.68 -24.06
N LYS V 13 36.13 -73.39 -22.80
CA LYS V 13 35.71 -74.23 -21.69
C LYS V 13 34.19 -74.29 -21.63
N ASP V 14 33.53 -73.13 -21.61
CA ASP V 14 32.08 -73.09 -21.45
C ASP V 14 31.38 -73.83 -22.58
N LEU V 15 31.75 -73.51 -23.82
CA LEU V 15 31.10 -74.11 -24.97
C LEU V 15 31.38 -75.60 -25.02
N ASP V 16 32.62 -76.00 -24.76
CA ASP V 16 32.94 -77.42 -24.73
C ASP V 16 32.23 -78.15 -23.60
N ASP V 17 31.83 -77.41 -22.56
CA ASP V 17 31.06 -78.02 -21.49
C ASP V 17 29.62 -78.25 -21.94
N ASN V 18 28.96 -77.20 -22.42
CA ASN V 18 27.52 -77.21 -22.60
C ASN V 18 27.07 -77.31 -24.04
N LEU V 19 27.83 -76.73 -24.98
CA LEU V 19 27.43 -76.76 -26.38
C LEU V 19 27.75 -78.12 -26.98
N PHE V 20 26.78 -78.68 -27.68
CA PHE V 20 26.88 -79.99 -28.31
C PHE V 20 27.06 -79.81 -29.81
N GLY V 21 28.16 -80.35 -30.33
CA GLY V 21 28.50 -80.14 -31.71
C GLY V 21 28.83 -78.68 -31.98
N GLN V 22 28.50 -78.25 -33.19
CA GLN V 22 28.66 -76.84 -33.58
C GLN V 22 30.12 -76.42 -33.45
N HIS V 23 31.02 -77.29 -33.92
CA HIS V 23 32.44 -76.99 -33.96
C HIS V 23 32.70 -75.66 -34.66
N LEU V 24 31.94 -75.39 -35.74
CA LEU V 24 32.07 -74.15 -36.46
C LEU V 24 31.83 -72.97 -35.54
N ALA V 25 30.83 -73.09 -34.67
CA ALA V 25 30.45 -71.94 -33.88
C ALA V 25 31.47 -71.69 -32.78
N LYS V 26 32.06 -72.76 -32.27
CA LYS V 26 33.11 -72.61 -31.28
C LYS V 26 34.33 -71.92 -31.88
N LYS V 27 34.76 -72.38 -33.07
CA LYS V 27 35.90 -71.75 -33.74
C LYS V 27 35.62 -70.27 -34.00
N ILE V 28 34.52 -70.00 -34.72
CA ILE V 28 34.14 -68.64 -35.10
C ILE V 28 34.09 -67.76 -33.88
N ILE V 29 33.16 -68.10 -32.97
CA ILE V 29 32.87 -67.23 -31.84
C ILE V 29 34.13 -67.00 -31.04
N LEU V 30 34.79 -68.09 -30.65
CA LEU V 30 35.93 -68.01 -29.76
C LEU V 30 37.00 -67.07 -30.31
N ASN V 31 37.49 -67.36 -31.51
CA ASN V 31 38.58 -66.54 -32.04
C ASN V 31 38.09 -65.14 -32.39
N ALA V 32 36.85 -65.03 -32.88
CA ALA V 32 36.34 -63.75 -33.35
C ALA V 32 36.20 -62.76 -32.20
N VAL V 33 35.45 -63.12 -31.17
CA VAL V 33 35.33 -62.19 -30.06
C VAL V 33 36.67 -62.05 -29.35
N PHE V 34 37.40 -63.15 -29.18
CA PHE V 34 38.65 -63.09 -28.43
C PHE V 34 39.65 -62.15 -29.08
N GLY V 35 39.57 -61.98 -30.39
CA GLY V 35 40.34 -60.94 -31.05
C GLY V 35 39.66 -59.60 -30.91
N PHE V 36 38.33 -59.60 -30.97
CA PHE V 36 37.57 -58.34 -30.96
C PHE V 36 37.62 -57.70 -29.58
N ILE V 37 37.24 -58.43 -28.54
CA ILE V 37 37.12 -57.83 -27.22
C ILE V 37 38.47 -57.39 -26.71
N ASN V 38 39.53 -58.14 -27.03
CA ASN V 38 40.87 -57.75 -26.67
C ASN V 38 41.39 -56.60 -27.51
N ASN V 39 40.76 -56.29 -28.63
CA ASN V 39 41.20 -55.19 -29.46
C ASN V 39 40.70 -53.88 -28.86
N PRO V 40 41.58 -52.96 -28.47
CA PRO V 40 41.11 -51.62 -28.07
C PRO V 40 40.69 -50.75 -29.24
N LYS V 41 40.92 -51.18 -30.48
CA LYS V 41 40.58 -50.41 -31.67
C LYS V 41 39.95 -51.35 -32.67
N PRO V 42 38.67 -51.72 -32.47
CA PRO V 42 38.03 -52.64 -33.42
C PRO V 42 37.86 -52.05 -34.81
N LYS V 43 37.75 -50.73 -34.92
CA LYS V 43 37.45 -49.96 -36.13
C LYS V 43 35.98 -50.05 -36.51
N LYS V 44 35.20 -50.94 -35.92
CA LYS V 44 33.80 -51.14 -36.25
C LYS V 44 33.14 -51.86 -35.09
N PRO V 45 31.84 -51.73 -34.93
CA PRO V 45 31.15 -52.63 -34.01
C PRO V 45 31.09 -54.04 -34.60
N LEU V 46 30.59 -54.98 -33.82
CA LEU V 46 30.52 -56.38 -34.22
C LEU V 46 29.18 -56.60 -34.89
N THR V 47 29.22 -56.95 -36.17
CA THR V 47 28.02 -57.11 -36.98
C THR V 47 27.85 -58.58 -37.28
N LEU V 48 27.15 -59.27 -36.38
CA LEU V 48 26.98 -60.71 -36.48
C LEU V 48 25.65 -61.05 -37.15
N SER V 49 25.66 -62.13 -37.92
CA SER V 49 24.49 -62.62 -38.63
C SER V 49 24.26 -64.06 -38.22
N LEU V 50 23.00 -64.42 -38.02
CA LEU V 50 22.63 -65.79 -37.74
C LEU V 50 21.31 -66.13 -38.41
N HIS V 51 21.26 -67.34 -38.97
CA HIS V 51 20.06 -67.90 -39.54
C HIS V 51 20.24 -69.41 -39.56
N GLY V 52 19.23 -70.13 -40.00
CA GLY V 52 19.25 -71.58 -40.02
C GLY V 52 18.07 -72.21 -39.31
N TRP V 53 18.34 -73.31 -38.61
CA TRP V 53 17.30 -74.09 -37.94
C TRP V 53 17.31 -73.81 -36.43
N THR V 54 16.14 -73.93 -35.80
CA THR V 54 16.04 -73.58 -34.39
C THR V 54 16.55 -74.69 -33.50
N GLY V 55 16.50 -74.40 -32.21
CA GLY V 55 16.83 -75.36 -31.19
C GLY V 55 18.25 -75.84 -31.24
N THR V 56 19.10 -75.19 -32.03
CA THR V 56 20.51 -75.45 -32.16
C THR V 56 21.31 -74.56 -31.25
N GLY V 57 20.67 -73.50 -30.76
CA GLY V 57 21.18 -72.76 -29.64
C GLY V 57 21.46 -71.30 -29.89
N LYS V 58 20.73 -70.64 -30.79
CA LYS V 58 21.01 -69.24 -31.06
C LYS V 58 20.80 -68.38 -29.81
N ASN V 59 19.56 -68.35 -29.33
CA ASN V 59 19.30 -67.60 -28.11
C ASN V 59 20.03 -68.22 -26.93
N PHE V 60 20.26 -69.53 -26.98
CA PHE V 60 21.12 -70.23 -26.03
C PHE V 60 22.53 -69.60 -26.01
N VAL V 61 23.23 -69.59 -27.15
CA VAL V 61 24.62 -69.13 -27.14
C VAL V 61 24.69 -67.65 -26.83
N SER V 62 23.76 -66.87 -27.37
CA SER V 62 23.75 -65.44 -27.07
C SER V 62 23.58 -65.22 -25.58
N LYS V 63 22.69 -66.00 -24.96
CA LYS V 63 22.55 -65.96 -23.52
C LYS V 63 23.86 -66.28 -22.82
N ILE V 64 24.55 -67.33 -23.29
CA ILE V 64 25.77 -67.78 -22.60
C ILE V 64 26.80 -66.69 -22.60
N ILE V 65 27.12 -66.16 -23.78
CA ILE V 65 28.16 -65.15 -23.85
C ILE V 65 27.71 -63.89 -23.14
N ALA V 66 26.41 -63.60 -23.16
CA ALA V 66 25.90 -62.48 -22.39
C ALA V 66 26.19 -62.67 -20.90
N GLU V 67 26.13 -63.92 -20.42
CA GLU V 67 26.42 -64.18 -19.02
C GLU V 67 27.91 -64.08 -18.74
N ASN V 68 28.74 -64.60 -19.65
CA ASN V 68 30.18 -64.54 -19.43
C ASN V 68 30.68 -63.10 -19.43
N ILE V 69 30.14 -62.27 -20.31
CA ILE V 69 30.56 -60.87 -20.35
C ILE V 69 30.13 -60.17 -19.07
N TYR V 70 28.82 -60.10 -18.83
CA TYR V 70 28.26 -59.45 -17.65
C TYR V 70 27.50 -60.47 -16.82
N GLU V 71 27.58 -60.29 -15.49
CA GLU V 71 26.81 -61.11 -14.58
C GLU V 71 25.33 -60.98 -14.83
N GLY V 72 24.89 -59.81 -15.33
CA GLY V 72 23.49 -59.62 -15.64
C GLY V 72 22.96 -60.58 -16.68
N GLY V 73 23.83 -61.12 -17.54
CA GLY V 73 23.36 -61.90 -18.65
C GLY V 73 22.47 -61.03 -19.51
N LEU V 74 21.16 -61.27 -19.42
CA LEU V 74 20.18 -60.38 -20.01
C LEU V 74 19.62 -59.37 -19.02
N ASN V 75 19.85 -59.56 -17.72
CA ASN V 75 19.37 -58.61 -16.72
C ASN V 75 20.14 -57.28 -16.74
N SER V 76 21.27 -57.21 -17.42
CA SER V 76 22.09 -56.02 -17.34
C SER V 76 21.38 -54.82 -17.95
N ASP V 77 21.50 -53.69 -17.26
CA ASP V 77 21.03 -52.42 -17.80
C ASP V 77 21.76 -52.06 -19.09
N TYR V 78 23.03 -52.47 -19.20
CA TYR V 78 23.75 -52.32 -20.45
C TYR V 78 23.10 -53.14 -21.56
N VAL V 79 22.75 -54.38 -21.25
CA VAL V 79 22.22 -55.31 -22.24
C VAL V 79 20.73 -55.05 -22.33
N HIS V 80 20.33 -54.31 -23.36
CA HIS V 80 18.96 -53.90 -23.56
C HIS V 80 18.45 -54.45 -24.88
N LEU V 81 17.29 -55.11 -24.82
CA LEU V 81 16.83 -56.00 -25.89
C LEU V 81 15.62 -55.42 -26.61
N PHE V 82 15.57 -55.71 -27.92
CA PHE V 82 14.46 -55.35 -28.78
C PHE V 82 13.96 -56.59 -29.50
N VAL V 83 12.70 -56.53 -29.93
CA VAL V 83 12.06 -57.61 -30.65
C VAL V 83 11.23 -56.99 -31.76
N ALA V 84 11.06 -57.73 -32.85
CA ALA V 84 10.22 -57.27 -33.94
C ALA V 84 8.80 -57.04 -33.48
N THR V 85 8.11 -58.10 -33.06
CA THR V 85 6.67 -58.03 -32.92
C THR V 85 6.27 -57.26 -31.66
N LEU V 86 6.92 -57.54 -30.54
CA LEU V 86 6.56 -56.90 -29.28
C LEU V 86 6.67 -55.40 -29.33
N HIS V 87 7.63 -54.89 -30.03
CA HIS V 87 7.87 -53.45 -30.15
C HIS V 87 7.42 -52.91 -31.50
N PHE V 88 7.74 -53.62 -32.59
CA PHE V 88 7.64 -53.09 -33.95
C PHE V 88 6.69 -53.93 -34.80
N PRO V 89 5.41 -54.01 -34.42
CA PRO V 89 4.47 -54.83 -35.18
C PRO V 89 4.17 -54.32 -36.58
N HIS V 90 3.78 -53.05 -36.68
CA HIS V 90 3.08 -52.55 -37.85
C HIS V 90 3.98 -51.70 -38.74
N ALA V 91 3.59 -51.64 -40.01
CA ALA V 91 4.17 -50.69 -40.95
C ALA V 91 3.53 -49.31 -40.87
N SER V 92 2.68 -49.07 -39.87
CA SER V 92 2.07 -47.76 -39.71
C SER V 92 3.00 -46.82 -38.99
N ASN V 93 3.52 -47.24 -37.85
CA ASN V 93 4.32 -46.41 -36.96
C ASN V 93 5.81 -46.56 -37.21
N ILE V 94 6.21 -46.76 -38.47
CA ILE V 94 7.60 -47.03 -38.78
C ILE V 94 8.49 -45.89 -38.30
N THR V 95 8.02 -44.66 -38.47
CA THR V 95 8.85 -43.50 -38.15
C THR V 95 9.08 -43.40 -36.65
N LEU V 96 8.02 -43.52 -35.87
CA LEU V 96 8.14 -43.54 -34.42
C LEU V 96 9.08 -44.66 -34.00
N TYR V 97 8.97 -45.81 -34.66
CA TYR V 97 9.84 -46.92 -34.34
C TYR V 97 11.29 -46.58 -34.63
N LYS V 98 11.54 -45.80 -35.68
CA LYS V 98 12.90 -45.40 -36.00
C LYS V 98 13.45 -44.41 -35.00
N ASP V 99 12.64 -43.40 -34.63
CA ASP V 99 13.11 -42.38 -33.72
C ASP V 99 13.34 -42.97 -32.33
N GLN V 100 12.35 -43.70 -31.82
CA GLN V 100 12.51 -44.41 -30.55
C GLN V 100 13.72 -45.33 -30.60
N LEU V 101 13.94 -45.96 -31.75
CA LEU V 101 15.10 -46.83 -31.90
C LEU V 101 16.38 -46.04 -31.68
N GLN V 102 16.57 -44.98 -32.47
CA GLN V 102 17.78 -44.18 -32.39
C GLN V 102 18.02 -43.66 -30.98
N LEU V 103 16.96 -43.23 -30.30
CA LEU V 103 17.12 -42.62 -28.99
C LEU V 103 17.47 -43.67 -27.93
N TRP V 104 16.76 -44.80 -27.95
CA TRP V 104 17.07 -45.86 -27.00
C TRP V 104 18.49 -46.36 -27.21
N ILE V 105 18.92 -46.44 -28.47
CA ILE V 105 20.32 -46.73 -28.77
C ILE V 105 21.23 -45.76 -28.05
N ARG V 106 21.10 -44.47 -28.40
CA ARG V 106 21.99 -43.44 -27.86
C ARG V 106 22.01 -43.45 -26.35
N GLY V 107 20.88 -43.76 -25.71
CA GLY V 107 20.85 -43.88 -24.28
C GLY V 107 21.78 -44.97 -23.78
N ASN V 108 21.52 -46.21 -24.23
CA ASN V 108 22.29 -47.33 -23.68
C ASN V 108 23.77 -47.21 -24.03
N VAL V 109 24.08 -46.85 -25.27
CA VAL V 109 25.48 -46.77 -25.66
C VAL V 109 26.17 -45.61 -24.96
N SER V 110 25.46 -44.51 -24.75
CA SER V 110 26.05 -43.41 -24.01
C SER V 110 26.24 -43.77 -22.55
N ALA V 111 25.56 -44.80 -22.06
CA ALA V 111 25.97 -45.38 -20.78
C ALA V 111 27.32 -46.06 -20.90
N CYS V 112 27.55 -46.80 -21.98
CA CYS V 112 28.83 -47.44 -22.23
C CYS V 112 28.82 -48.03 -23.63
N ALA V 113 29.99 -47.99 -24.28
CA ALA V 113 30.10 -48.55 -25.62
C ALA V 113 30.16 -50.07 -25.60
N ARG V 114 30.37 -50.68 -24.44
CA ARG V 114 30.36 -52.13 -24.32
C ARG V 114 28.96 -52.70 -24.10
N SER V 115 27.92 -51.87 -24.20
CA SER V 115 26.57 -52.39 -24.17
C SER V 115 26.32 -53.25 -25.40
N ILE V 116 25.29 -54.09 -25.29
CA ILE V 116 24.96 -55.08 -26.32
C ILE V 116 23.51 -54.94 -26.69
N PHE V 117 23.24 -55.04 -27.99
CA PHE V 117 21.88 -55.11 -28.52
C PHE V 117 21.73 -56.37 -29.35
N ILE V 118 20.54 -56.97 -29.27
CA ILE V 118 20.18 -58.12 -30.07
C ILE V 118 18.78 -57.90 -30.60
N PHE V 119 18.53 -58.39 -31.80
CA PHE V 119 17.21 -58.45 -32.39
C PHE V 119 16.81 -59.90 -32.60
N ASP V 120 15.53 -60.11 -32.87
CA ASP V 120 14.97 -61.45 -33.05
C ASP V 120 13.71 -61.35 -33.89
N GLU V 121 13.34 -62.49 -34.49
CA GLU V 121 12.14 -62.60 -35.32
C GLU V 121 12.19 -61.59 -36.46
N MET V 122 13.30 -61.61 -37.17
CA MET V 122 13.59 -60.61 -38.20
C MET V 122 12.94 -60.94 -39.55
N ASP V 123 12.00 -61.88 -39.57
CA ASP V 123 11.21 -62.10 -40.77
C ASP V 123 10.02 -61.16 -40.88
N LYS V 124 9.89 -60.20 -39.96
CA LYS V 124 8.71 -59.36 -39.83
C LYS V 124 9.09 -57.89 -39.66
N MET V 125 9.96 -57.40 -40.55
CA MET V 125 10.54 -56.07 -40.44
C MET V 125 10.34 -55.29 -41.73
N HIS V 126 10.80 -54.02 -41.75
CA HIS V 126 10.45 -53.09 -42.83
C HIS V 126 11.61 -52.13 -43.06
N ALA V 127 12.17 -52.15 -44.29
CA ALA V 127 13.53 -51.66 -44.56
C ALA V 127 13.78 -50.22 -44.12
N GLY V 128 12.73 -49.43 -43.87
CA GLY V 128 12.94 -48.16 -43.19
C GLY V 128 13.67 -48.36 -41.87
N LEU V 129 13.41 -49.48 -41.21
CA LEU V 129 13.97 -49.79 -39.90
C LEU V 129 15.41 -50.28 -39.95
N ILE V 130 15.98 -50.52 -41.14
CA ILE V 130 17.43 -50.50 -41.31
C ILE V 130 17.93 -49.13 -41.75
N ASP V 131 17.10 -48.34 -42.43
CA ASP V 131 17.57 -47.07 -42.94
C ASP V 131 17.95 -46.07 -41.84
N ALA V 132 17.70 -46.39 -40.57
CA ALA V 132 18.06 -45.53 -39.45
C ALA V 132 19.31 -46.00 -38.72
N ILE V 133 19.96 -47.06 -39.17
CA ILE V 133 21.07 -47.68 -38.43
C ILE V 133 22.33 -47.89 -39.25
N LYS V 134 22.24 -47.95 -40.58
CA LYS V 134 23.44 -48.08 -41.40
C LYS V 134 24.52 -47.05 -41.09
N PRO V 135 24.20 -45.78 -40.83
CA PRO V 135 25.25 -44.85 -40.38
C PRO V 135 25.91 -45.27 -39.09
N PHE V 136 25.16 -45.88 -38.16
CA PHE V 136 25.79 -46.39 -36.94
C PHE V 136 26.80 -47.48 -37.23
N LEU V 137 26.70 -48.13 -38.40
CA LEU V 137 27.64 -49.17 -38.79
C LEU V 137 28.62 -48.68 -39.84
N ASP V 138 28.76 -47.38 -40.02
CA ASP V 138 30.00 -46.88 -40.57
C ASP V 138 31.13 -47.16 -39.59
N TYR V 139 32.29 -47.49 -40.13
CA TYR V 139 33.52 -47.63 -39.36
C TYR V 139 34.04 -46.30 -38.82
N TYR V 140 33.32 -45.19 -39.02
CA TYR V 140 33.60 -43.91 -38.39
C TYR V 140 34.04 -44.07 -36.96
N ASP V 141 35.07 -43.32 -36.56
CA ASP V 141 35.44 -43.32 -35.15
C ASP V 141 34.35 -42.73 -34.27
N LEU V 142 33.43 -41.97 -34.83
CA LEU V 142 32.35 -41.43 -34.02
C LEU V 142 31.15 -41.07 -34.89
N VAL V 143 30.06 -40.76 -34.21
CA VAL V 143 28.89 -40.10 -34.78
C VAL V 143 28.30 -39.22 -33.68
N ASP V 144 27.98 -37.98 -34.02
CA ASP V 144 27.40 -37.02 -33.07
C ASP V 144 28.28 -36.85 -31.84
N GLY V 145 29.58 -36.93 -32.03
CA GLY V 145 30.51 -36.88 -30.92
C GLY V 145 30.49 -38.11 -30.04
N VAL V 146 30.14 -39.27 -30.59
CA VAL V 146 30.10 -40.52 -29.84
C VAL V 146 30.59 -41.65 -30.74
N SER V 147 31.37 -42.56 -30.15
CA SER V 147 31.84 -43.75 -30.84
C SER V 147 30.95 -44.94 -30.49
N TYR V 148 30.73 -45.78 -31.50
CA TYR V 148 29.90 -46.98 -31.37
C TYR V 148 30.65 -48.27 -31.69
N GLN V 149 31.93 -48.18 -32.07
CA GLN V 149 32.61 -49.33 -32.62
C GLN V 149 32.99 -50.37 -31.58
N LYS V 150 32.79 -50.10 -30.29
CA LYS V 150 33.03 -51.13 -29.28
C LYS V 150 31.81 -52.01 -29.08
N ALA V 151 30.61 -51.45 -29.27
CA ALA V 151 29.40 -52.22 -29.08
C ALA V 151 29.30 -53.31 -30.14
N MET V 152 28.29 -54.16 -29.99
CA MET V 152 28.18 -55.39 -30.75
C MET V 152 26.72 -55.63 -31.09
N PHE V 153 26.41 -55.68 -32.38
CA PHE V 153 25.05 -55.86 -32.88
C PHE V 153 24.91 -57.24 -33.48
N ILE V 154 23.86 -57.94 -33.08
CA ILE V 154 23.68 -59.36 -33.36
C ILE V 154 22.25 -59.54 -33.84
N PHE V 155 22.08 -60.35 -34.89
CA PHE V 155 20.78 -60.59 -35.50
C PHE V 155 20.47 -62.08 -35.46
N LEU V 156 19.19 -62.38 -35.73
CA LEU V 156 18.68 -63.74 -35.72
C LEU V 156 17.63 -63.90 -36.80
N SER V 157 17.53 -65.13 -37.30
CA SER V 157 16.53 -65.47 -38.31
C SER V 157 16.51 -66.98 -38.44
N ASN V 158 15.76 -67.46 -39.43
CA ASN V 158 15.81 -68.85 -39.84
C ASN V 158 15.80 -69.03 -41.35
N ALA V 159 15.75 -67.95 -42.13
CA ALA V 159 15.75 -68.06 -43.57
C ALA V 159 17.08 -68.60 -44.06
N GLY V 160 17.08 -69.05 -45.32
CA GLY V 160 18.25 -69.72 -45.86
C GLY V 160 18.51 -71.09 -45.27
N ALA V 161 17.57 -71.62 -44.47
CA ALA V 161 17.76 -72.93 -43.89
C ALA V 161 17.85 -74.01 -44.97
N GLU V 162 17.17 -73.81 -46.09
CA GLU V 162 17.08 -74.86 -47.11
C GLU V 162 18.47 -75.19 -47.66
N ARG V 163 19.35 -74.19 -47.73
CA ARG V 163 20.70 -74.42 -48.22
C ARG V 163 21.51 -75.24 -47.23
N ILE V 164 21.46 -74.90 -45.95
CA ILE V 164 22.24 -75.67 -45.00
C ILE V 164 21.69 -77.09 -44.89
N THR V 165 20.39 -77.27 -45.14
CA THR V 165 19.82 -78.62 -45.17
C THR V 165 20.36 -79.41 -46.35
N ASP V 166 20.09 -78.95 -47.57
CA ASP V 166 20.43 -79.77 -48.73
C ASP V 166 21.93 -79.96 -48.85
N VAL V 167 22.72 -79.01 -48.35
CA VAL V 167 24.16 -79.22 -48.25
C VAL V 167 24.48 -80.28 -47.21
N ALA V 168 23.77 -80.23 -46.07
CA ALA V 168 24.03 -81.20 -45.01
C ALA V 168 23.82 -82.62 -45.51
N LEU V 169 22.72 -82.86 -46.21
CA LEU V 169 22.55 -84.16 -46.83
C LEU V 169 23.48 -84.36 -48.01
N ASP V 170 23.99 -83.30 -48.61
CA ASP V 170 24.94 -83.49 -49.70
C ASP V 170 26.19 -84.18 -49.19
N PHE V 171 26.92 -83.51 -48.30
CA PHE V 171 28.13 -84.10 -47.79
C PHE V 171 27.84 -85.34 -46.95
N TRP V 172 26.71 -85.35 -46.22
CA TRP V 172 26.40 -86.53 -45.43
C TRP V 172 26.10 -87.73 -46.33
N ARG V 173 25.43 -87.47 -47.45
CA ARG V 173 25.25 -88.49 -48.48
C ARG V 173 26.59 -88.92 -49.06
N SER V 174 27.60 -88.08 -49.01
CA SER V 174 28.95 -88.47 -49.42
C SER V 174 29.71 -89.39 -48.45
N GLY V 175 29.05 -89.94 -47.44
CA GLY V 175 29.74 -90.77 -46.47
C GLY V 175 30.64 -89.92 -45.58
N LYS V 176 30.03 -89.08 -44.76
CA LYS V 176 30.75 -87.97 -44.14
C LYS V 176 29.93 -87.28 -43.05
N GLN V 177 30.62 -86.69 -42.07
CA GLN V 177 29.98 -85.93 -41.00
C GLN V 177 30.32 -84.45 -41.17
N ARG V 178 29.45 -83.58 -40.63
CA ARG V 178 29.66 -82.16 -40.81
C ARG V 178 30.89 -81.63 -40.07
N GLU V 179 31.46 -82.41 -39.15
CA GLU V 179 32.82 -82.14 -38.71
C GLU V 179 33.76 -82.04 -39.89
N ASP V 180 33.59 -82.93 -40.86
CA ASP V 180 34.41 -82.91 -42.07
C ASP V 180 33.92 -81.88 -43.07
N ILE V 181 32.65 -81.47 -43.00
CA ILE V 181 32.26 -80.26 -43.70
C ILE V 181 33.06 -79.13 -43.08
N LYS V 182 33.52 -78.23 -43.93
CA LYS V 182 34.33 -77.10 -43.51
C LYS V 182 33.45 -75.90 -43.24
N LEU V 183 34.04 -74.89 -42.62
CA LEU V 183 33.32 -73.67 -42.38
C LEU V 183 32.89 -73.05 -43.70
N LYS V 184 33.82 -72.94 -44.63
CA LYS V 184 33.48 -72.48 -45.96
C LYS V 184 32.41 -73.38 -46.54
N ASP V 185 31.30 -72.76 -46.91
CA ASP V 185 30.27 -73.42 -47.69
C ASP V 185 29.72 -72.33 -48.60
N ILE V 186 28.60 -72.56 -49.27
CA ILE V 186 28.33 -71.73 -50.44
C ILE V 186 27.78 -70.39 -49.96
N GLU V 187 28.70 -69.46 -49.65
CA GLU V 187 28.28 -68.15 -49.19
C GLU V 187 27.67 -67.33 -50.31
N HIS V 188 27.80 -67.78 -51.56
CA HIS V 188 27.07 -67.16 -52.65
C HIS V 188 25.57 -67.39 -52.49
N ALA V 189 25.15 -68.64 -52.31
CA ALA V 189 23.73 -68.90 -52.10
C ALA V 189 23.24 -68.27 -50.82
N LEU V 190 24.10 -68.20 -49.80
CA LEU V 190 23.75 -67.43 -48.61
C LEU V 190 23.54 -65.97 -48.97
N SER V 191 24.34 -65.42 -49.87
CA SER V 191 24.10 -64.06 -50.31
C SER V 191 22.78 -63.96 -51.06
N VAL V 192 22.37 -65.02 -51.76
CA VAL V 192 21.09 -65.01 -52.47
C VAL V 192 19.95 -64.97 -51.46
N SER V 193 19.96 -65.88 -50.48
CA SER V 193 18.99 -65.82 -49.39
C SER V 193 19.02 -64.46 -48.70
N VAL V 194 20.19 -63.85 -48.65
CA VAL V 194 20.37 -62.54 -48.05
C VAL V 194 20.16 -61.42 -49.06
N PHE V 195 20.22 -61.73 -50.35
CA PHE V 195 19.68 -60.85 -51.40
C PHE V 195 18.22 -61.14 -51.67
N ASN V 196 17.65 -62.18 -51.05
CA ASN V 196 16.34 -62.68 -51.43
C ASN V 196 15.29 -61.60 -51.19
N ASN V 197 14.77 -61.02 -52.26
CA ASN V 197 13.92 -59.83 -52.17
C ASN V 197 12.62 -60.05 -51.40
N LYS V 198 12.35 -61.26 -50.92
CA LYS V 198 11.50 -61.45 -49.76
C LYS V 198 11.93 -60.49 -48.65
N ASN V 199 10.95 -60.00 -47.88
CA ASN V 199 11.22 -59.00 -46.86
C ASN V 199 12.27 -59.49 -45.86
N SER V 200 12.23 -60.77 -45.51
CA SER V 200 13.27 -61.36 -44.67
C SER V 200 14.65 -61.19 -45.30
N GLY V 201 14.80 -61.64 -46.54
CA GLY V 201 16.08 -61.51 -47.22
C GLY V 201 16.28 -60.15 -47.86
N PHE V 202 15.22 -59.35 -47.99
CA PHE V 202 15.36 -58.03 -48.60
C PHE V 202 15.91 -57.04 -47.59
N TRP V 203 15.39 -57.11 -46.37
CA TRP V 203 15.97 -56.47 -45.20
C TRP V 203 17.49 -56.61 -45.20
N HIS V 204 17.94 -57.87 -45.13
CA HIS V 204 19.37 -58.13 -45.12
C HIS V 204 20.02 -57.92 -46.49
N SER V 205 19.23 -57.74 -47.56
CA SER V 205 19.77 -57.34 -48.86
C SER V 205 20.23 -55.90 -48.82
N SER V 206 19.38 -55.03 -48.33
CA SER V 206 19.74 -53.64 -48.21
C SER V 206 20.78 -53.43 -47.10
N LEU V 207 20.84 -54.32 -46.11
CA LEU V 207 21.98 -54.29 -45.18
C LEU V 207 23.26 -54.74 -45.85
N ILE V 208 23.20 -55.80 -46.66
CA ILE V 208 24.37 -56.33 -47.33
C ILE V 208 24.72 -55.46 -48.54
N ASP V 209 24.03 -54.34 -48.73
CA ASP V 209 24.49 -53.33 -49.68
C ASP V 209 25.97 -53.02 -49.53
N ARG V 210 26.56 -53.17 -48.33
CA ARG V 210 27.96 -52.89 -48.08
C ARG V 210 28.68 -54.00 -47.30
N ASN V 211 28.12 -55.21 -47.25
CA ASN V 211 28.49 -56.25 -46.26
C ASN V 211 28.80 -55.60 -44.91
N LEU V 212 27.84 -54.87 -44.36
CA LEU V 212 28.08 -54.39 -43.01
C LEU V 212 28.15 -55.54 -42.01
N ILE V 213 27.63 -56.72 -42.37
CA ILE V 213 27.82 -57.94 -41.60
C ILE V 213 29.29 -58.28 -41.53
N ASP V 214 29.72 -58.84 -40.40
CA ASP V 214 31.03 -59.44 -40.31
C ASP V 214 31.03 -60.85 -40.87
N TYR V 215 30.31 -61.76 -40.22
CA TYR V 215 30.44 -63.20 -40.47
C TYR V 215 29.05 -63.80 -40.56
N PHE V 216 28.72 -64.41 -41.71
CA PHE V 216 27.57 -65.30 -41.78
C PHE V 216 27.87 -66.57 -41.00
N VAL V 217 26.90 -67.02 -40.21
CA VAL V 217 27.10 -68.17 -39.34
C VAL V 217 25.79 -68.95 -39.27
N PRO V 218 25.62 -70.00 -40.07
CA PRO V 218 24.49 -70.91 -39.85
C PRO V 218 24.78 -71.96 -38.79
N PHE V 219 23.72 -72.34 -38.10
CA PHE V 219 23.69 -73.53 -37.28
C PHE V 219 23.09 -74.68 -38.08
N LEU V 220 23.04 -75.87 -37.47
CA LEU V 220 22.54 -77.06 -38.14
C LEU V 220 21.67 -77.94 -37.25
N PRO V 221 20.82 -78.80 -37.84
CA PRO V 221 19.96 -79.66 -37.01
C PRO V 221 20.77 -80.49 -36.03
N LEU V 222 20.47 -80.34 -34.75
CA LEU V 222 21.17 -81.08 -33.72
C LEU V 222 20.86 -82.56 -33.92
N GLU V 223 21.83 -83.28 -34.46
CA GLU V 223 21.65 -84.67 -34.84
C GLU V 223 21.29 -85.50 -33.61
N TYR V 224 20.64 -86.64 -33.85
CA TYR V 224 20.10 -87.46 -32.75
C TYR V 224 21.16 -87.84 -31.74
N LYS V 225 22.43 -87.87 -32.15
CA LYS V 225 23.49 -87.92 -31.16
C LYS V 225 23.36 -86.75 -30.20
N HIS V 226 23.10 -85.54 -30.72
CA HIS V 226 22.95 -84.38 -29.84
C HIS V 226 21.71 -84.51 -28.97
N LEU V 227 20.64 -85.09 -29.52
CA LEU V 227 19.50 -85.43 -28.66
C LEU V 227 19.99 -86.23 -27.47
N LYS V 228 20.58 -87.39 -27.72
CA LYS V 228 21.10 -88.24 -26.67
C LYS V 228 22.07 -87.51 -25.75
N MET V 229 22.81 -86.53 -26.26
CA MET V 229 23.69 -85.75 -25.41
C MET V 229 22.88 -84.88 -24.45
N CYS V 230 21.92 -84.13 -24.97
CA CYS V 230 21.06 -83.30 -24.12
C CYS V 230 19.93 -84.08 -23.49
N ILE V 231 19.98 -85.41 -23.55
CA ILE V 231 19.15 -86.28 -22.74
C ILE V 231 19.96 -86.83 -21.57
N ARG V 232 21.10 -87.44 -21.86
CA ARG V 232 21.97 -87.95 -20.83
C ARG V 232 22.47 -86.82 -19.93
N VAL V 233 23.07 -85.79 -20.54
CA VAL V 233 23.68 -84.70 -19.78
C VAL V 233 22.62 -83.98 -18.97
N GLU V 234 21.47 -83.70 -19.57
CA GLU V 234 20.45 -82.93 -18.87
C GLU V 234 19.81 -83.76 -17.76
N MET V 235 19.32 -84.95 -18.08
CA MET V 235 18.60 -85.73 -17.08
C MET V 235 19.50 -86.22 -15.97
N GLN V 236 20.76 -86.52 -16.28
CA GLN V 236 21.75 -86.76 -15.23
C GLN V 236 22.08 -85.49 -14.47
N SER V 237 21.96 -84.32 -15.11
CA SER V 237 22.17 -83.06 -14.41
C SER V 237 20.99 -82.69 -13.53
N ARG V 238 19.80 -83.21 -13.83
CA ARG V 238 18.58 -82.85 -13.12
C ARG V 238 18.19 -83.86 -12.03
N GLY V 239 19.02 -84.84 -11.73
CA GLY V 239 18.63 -85.86 -10.79
C GLY V 239 17.40 -86.62 -11.21
N TYR V 240 17.25 -86.82 -12.51
CA TYR V 240 16.01 -87.30 -13.11
C TYR V 240 15.86 -88.82 -13.04
N GLU V 241 16.96 -89.53 -12.81
CA GLU V 241 16.97 -90.99 -12.81
C GLU V 241 16.53 -91.54 -14.17
N ILE V 242 17.27 -91.13 -15.19
CA ILE V 242 17.11 -91.69 -16.52
C ILE V 242 17.89 -93.00 -16.62
N ASP V 243 17.49 -93.84 -17.56
CA ASP V 243 18.16 -95.12 -17.81
C ASP V 243 18.23 -95.35 -19.31
N GLU V 244 18.56 -96.58 -19.73
CA GLU V 244 18.81 -96.83 -21.15
C GLU V 244 17.54 -96.73 -21.98
N ASP V 245 16.47 -97.38 -21.52
CA ASP V 245 15.25 -97.49 -22.33
C ASP V 245 14.72 -96.12 -22.74
N ILE V 246 14.80 -95.16 -21.82
CA ILE V 246 14.41 -93.78 -22.10
C ILE V 246 15.17 -93.24 -23.31
N VAL V 247 16.41 -93.71 -23.51
CA VAL V 247 17.25 -93.26 -24.61
C VAL V 247 17.21 -94.23 -25.79
N SER V 248 16.50 -95.36 -25.66
CA SER V 248 15.94 -96.01 -26.84
C SER V 248 14.78 -95.19 -27.38
N ARG V 249 14.01 -94.59 -26.48
CA ARG V 249 12.81 -93.88 -26.89
C ARG V 249 13.09 -92.52 -27.53
N VAL V 250 14.35 -92.06 -27.52
CA VAL V 250 14.67 -90.82 -28.23
C VAL V 250 14.37 -90.98 -29.72
N ALA V 251 14.65 -92.16 -30.28
CA ALA V 251 14.44 -92.45 -31.69
C ALA V 251 13.28 -93.39 -31.92
N GLU V 252 12.93 -94.25 -30.96
CA GLU V 252 11.74 -95.07 -31.16
C GLU V 252 10.46 -94.25 -31.17
N GLU V 253 10.48 -93.05 -30.59
CA GLU V 253 9.30 -92.24 -30.37
C GLU V 253 9.57 -90.77 -30.76
N MET V 254 10.15 -90.57 -31.94
CA MET V 254 10.42 -89.22 -32.43
C MET V 254 10.45 -89.25 -33.95
N THR V 255 10.16 -88.09 -34.55
CA THR V 255 10.25 -87.89 -35.99
C THR V 255 11.53 -87.15 -36.33
N PHE V 256 12.21 -87.61 -37.37
CA PHE V 256 13.38 -86.97 -37.95
C PHE V 256 13.09 -86.65 -39.41
N PHE V 257 14.05 -85.97 -40.05
CA PHE V 257 13.90 -85.46 -41.40
C PHE V 257 15.05 -85.97 -42.28
N PRO V 258 14.79 -86.41 -43.53
CA PRO V 258 13.49 -86.69 -44.15
C PRO V 258 12.93 -87.98 -43.58
N LYS V 259 11.70 -88.31 -43.91
CA LYS V 259 11.18 -89.62 -43.57
C LYS V 259 12.03 -90.73 -44.16
N GLU V 260 12.44 -90.59 -45.41
CA GLU V 260 13.05 -91.69 -46.13
C GLU V 260 14.40 -92.08 -45.54
N GLU V 261 14.93 -91.28 -44.61
CA GLU V 261 16.16 -91.60 -43.91
C GLU V 261 16.01 -91.46 -42.40
N ARG V 262 15.13 -90.56 -41.94
CA ARG V 262 14.90 -90.30 -40.52
C ARG V 262 16.21 -89.91 -39.81
N VAL V 263 16.71 -88.74 -40.19
CA VAL V 263 18.05 -88.31 -39.76
C VAL V 263 18.00 -86.98 -39.05
N PHE V 264 17.65 -85.92 -39.77
CA PHE V 264 17.72 -84.59 -39.21
C PHE V 264 16.54 -84.38 -38.27
N SER V 265 16.84 -83.78 -37.12
CA SER V 265 15.86 -83.64 -36.06
C SER V 265 14.80 -82.64 -36.48
N ASP V 266 13.86 -82.39 -35.58
CA ASP V 266 12.84 -81.37 -35.74
C ASP V 266 13.04 -80.27 -34.72
N LYS V 267 13.72 -80.58 -33.61
CA LYS V 267 13.96 -79.60 -32.57
C LYS V 267 15.34 -79.64 -31.96
N GLY V 268 16.09 -80.71 -32.14
CA GLY V 268 17.26 -80.87 -31.31
C GLY V 268 16.89 -80.88 -29.85
N CYS V 269 17.48 -79.96 -29.10
CA CYS V 269 17.45 -79.98 -27.64
C CYS V 269 16.47 -78.95 -27.08
N LYS V 270 15.43 -78.64 -27.84
CA LYS V 270 14.40 -77.69 -27.44
C LYS V 270 13.21 -78.36 -26.77
N THR V 271 12.53 -79.24 -27.48
CA THR V 271 11.44 -80.03 -26.93
C THR V 271 11.94 -81.31 -26.29
N VAL V 272 13.25 -81.46 -26.12
CA VAL V 272 13.79 -82.75 -25.71
C VAL V 272 13.31 -83.11 -24.31
N PHE V 273 13.42 -82.17 -23.35
CA PHE V 273 13.18 -82.52 -21.95
C PHE V 273 11.71 -82.72 -21.63
N THR V 274 10.81 -82.12 -22.42
CA THR V 274 9.38 -82.37 -22.23
C THR V 274 9.04 -83.79 -22.63
N LYS V 275 9.48 -84.21 -23.81
CA LYS V 275 9.31 -85.59 -24.23
C LYS V 275 10.00 -86.54 -23.28
N LEU V 276 11.13 -86.12 -22.70
CA LEU V 276 11.75 -86.94 -21.66
C LEU V 276 10.89 -87.01 -20.43
N ASP V 277 10.13 -85.96 -20.10
CA ASP V 277 9.16 -86.09 -19.03
C ASP V 277 8.07 -87.07 -19.41
N TYR V 278 7.74 -87.19 -20.69
CA TYR V 278 6.89 -88.31 -21.07
C TYR V 278 7.58 -89.64 -20.79
N TYR V 279 8.90 -89.70 -20.99
CA TYR V 279 9.57 -90.97 -20.77
C TYR V 279 9.75 -91.26 -19.28
N TYR V 280 9.65 -90.23 -18.43
CA TYR V 280 9.32 -90.49 -17.03
C TYR V 280 7.95 -91.12 -16.94
N ASP V 281 7.01 -90.59 -17.72
CA ASP V 281 5.70 -91.20 -17.79
C ASP V 281 5.74 -92.52 -18.56
N ASP V 282 6.75 -92.68 -19.43
CA ASP V 282 7.09 -93.95 -20.09
C ASP V 282 5.89 -94.64 -20.72
N GLY W 1 -39.54 61.35 68.81
CA GLY W 1 -39.18 60.18 67.96
C GLY W 1 -38.25 59.22 68.68
N GLN W 2 -37.02 59.67 68.94
CA GLN W 2 -36.07 58.82 69.66
C GLN W 2 -36.54 58.51 71.07
N LYS W 3 -37.36 59.39 71.66
CA LYS W 3 -38.01 59.15 72.93
C LYS W 3 -39.41 58.58 72.75
N ARG W 4 -39.69 57.94 71.62
CA ARG W 4 -40.98 57.34 71.33
C ARG W 4 -40.79 55.88 70.93
N SER W 5 -41.42 54.98 71.67
CA SER W 5 -41.57 53.62 71.19
C SER W 5 -42.65 53.61 70.11
N LEU W 6 -42.31 53.08 68.95
CA LEU W 6 -43.13 53.26 67.75
C LEU W 6 -44.47 52.55 67.93
N SER W 7 -45.54 53.32 67.97
CA SER W 7 -46.87 52.74 67.95
C SER W 7 -47.21 52.28 66.55
N ARG W 8 -48.15 51.33 66.47
CA ARG W 8 -48.52 50.72 65.21
C ARG W 8 -49.10 51.75 64.25
N GLU W 9 -49.90 52.66 64.80
CA GLU W 9 -50.59 53.65 63.97
C GLU W 9 -49.61 54.51 63.19
N ALA W 10 -48.53 54.94 63.83
CA ALA W 10 -47.59 55.82 63.16
C ALA W 10 -46.97 55.16 61.94
N LEU W 11 -46.67 53.86 62.05
CA LEU W 11 -45.94 53.19 60.99
C LEU W 11 -46.87 52.75 59.86
N GLN W 12 -48.03 52.18 60.20
CA GLN W 12 -48.98 51.88 59.14
C GLN W 12 -49.43 53.16 58.46
N LYS W 13 -49.54 54.25 59.23
CA LYS W 13 -49.84 55.54 58.66
C LYS W 13 -48.76 55.95 57.65
N ASP W 14 -47.50 55.91 58.07
CA ASP W 14 -46.41 56.37 57.21
C ASP W 14 -46.34 55.55 55.93
N LEU W 15 -46.33 54.22 56.07
CA LEU W 15 -46.21 53.36 54.91
C LEU W 15 -47.42 53.51 53.99
N ASP W 16 -48.62 53.57 54.57
CA ASP W 16 -49.81 53.76 53.76
C ASP W 16 -49.82 55.13 53.09
N ASP W 17 -49.09 56.09 53.65
CA ASP W 17 -48.96 57.39 53.00
C ASP W 17 -48.05 57.30 51.80
N ASN W 18 -46.83 56.80 52.00
CA ASN W 18 -45.77 56.95 51.02
C ASN W 18 -45.44 55.66 50.28
N LEU W 19 -45.56 54.51 50.92
CA LEU W 19 -45.22 53.26 50.27
C LEU W 19 -46.34 52.84 49.34
N PHE W 20 -45.96 52.47 48.13
CA PHE W 20 -46.90 52.06 47.08
C PHE W 20 -46.84 50.55 46.90
N GLY W 21 -47.99 49.91 47.09
CA GLY W 21 -48.03 48.47 47.08
C GLY W 21 -47.30 47.89 48.27
N GLN W 22 -46.70 46.72 48.04
CA GLN W 22 -45.86 46.07 49.04
C GLN W 22 -46.66 45.81 50.33
N HIS W 23 -47.88 45.32 50.14
CA HIS W 23 -48.72 44.92 51.26
C HIS W 23 -47.99 43.96 52.19
N LEU W 24 -47.20 43.05 51.61
CA LEU W 24 -46.42 42.11 52.39
C LEU W 24 -45.50 42.85 53.34
N ALA W 25 -44.88 43.92 52.85
CA ALA W 25 -43.86 44.58 53.64
C ALA W 25 -44.50 45.36 54.77
N LYS W 26 -45.68 45.90 54.52
CA LYS W 26 -46.40 46.61 55.57
C LYS W 26 -46.81 45.65 56.68
N LYS W 27 -47.37 44.50 56.30
CA LYS W 27 -47.76 43.50 57.30
C LYS W 27 -46.55 43.05 58.12
N ILE W 28 -45.53 42.55 57.42
CA ILE W 28 -44.31 42.04 58.05
C ILE W 28 -43.74 43.08 58.97
N ILE W 29 -43.31 44.21 58.39
CA ILE W 29 -42.57 45.21 59.13
C ILE W 29 -43.39 45.65 60.32
N LEU W 30 -44.62 46.09 60.06
CA LEU W 30 -45.46 46.68 61.10
C LEU W 30 -45.59 45.76 62.30
N ASN W 31 -46.09 44.54 62.08
CA ASN W 31 -46.30 43.67 63.23
C ASN W 31 -44.99 43.20 63.82
N ALA W 32 -43.99 42.98 62.99
CA ALA W 32 -42.72 42.41 63.44
C ALA W 32 -42.01 43.37 64.38
N VAL W 33 -41.75 44.60 63.93
CA VAL W 33 -41.08 45.54 64.82
C VAL W 33 -42.00 45.91 65.96
N PHE W 34 -43.30 46.10 65.69
CA PHE W 34 -44.21 46.54 66.73
C PHE W 34 -44.29 45.54 67.88
N GLY W 35 -44.05 44.26 67.59
CA GLY W 35 -43.88 43.29 68.65
C GLY W 35 -42.48 43.34 69.22
N PHE W 36 -41.50 43.56 68.35
CA PHE W 36 -40.11 43.54 68.77
C PHE W 36 -39.77 44.73 69.64
N ILE W 37 -40.03 45.94 69.14
CA ILE W 37 -39.60 47.14 69.86
C ILE W 37 -40.32 47.27 71.18
N ASN W 38 -41.59 46.85 71.23
CA ASN W 38 -42.33 46.85 72.47
C ASN W 38 -41.91 45.73 73.41
N ASN W 39 -41.18 44.74 72.92
CA ASN W 39 -40.72 43.65 73.76
C ASN W 39 -39.50 44.11 74.56
N PRO W 40 -39.55 44.15 75.89
CA PRO W 40 -38.32 44.40 76.65
C PRO W 40 -37.37 43.22 76.70
N LYS W 41 -37.78 42.05 76.20
CA LYS W 41 -36.94 40.85 76.21
C LYS W 41 -37.07 40.18 74.85
N PRO W 42 -36.38 40.71 73.84
CA PRO W 42 -36.49 40.09 72.51
C PRO W 42 -35.90 38.70 72.44
N LYS W 43 -34.93 38.38 73.29
CA LYS W 43 -34.14 37.16 73.34
C LYS W 43 -33.09 37.11 72.22
N LYS W 44 -33.15 38.01 71.24
CA LYS W 44 -32.23 38.02 70.12
C LYS W 44 -32.28 39.40 69.49
N PRO W 45 -31.24 39.81 68.79
CA PRO W 45 -31.38 41.00 67.95
C PRO W 45 -32.25 40.69 66.75
N LEU W 46 -32.56 41.70 65.96
CA LEU W 46 -33.43 41.57 64.80
C LEU W 46 -32.55 41.26 63.60
N THR W 47 -32.76 40.09 63.02
CA THR W 47 -31.95 39.58 61.92
C THR W 47 -32.80 39.58 60.67
N LEU W 48 -32.79 40.71 59.98
CA LEU W 48 -33.62 40.89 58.80
C LEU W 48 -32.84 40.60 57.53
N SER W 49 -33.54 40.04 56.55
CA SER W 49 -32.98 39.69 55.26
C SER W 49 -33.79 40.39 54.18
N LEU W 50 -33.11 40.90 53.17
CA LEU W 50 -33.77 41.49 52.02
C LEU W 50 -33.00 41.18 50.74
N HIS W 51 -33.75 40.86 49.71
CA HIS W 51 -33.22 40.67 48.37
C HIS W 51 -34.37 40.87 47.40
N GLY W 52 -34.08 40.78 46.10
CA GLY W 52 -35.07 41.01 45.08
C GLY W 52 -34.66 42.05 44.06
N TRP W 53 -35.62 42.85 43.62
CA TRP W 53 -35.41 43.85 42.59
C TRP W 53 -35.30 45.25 43.20
N THR W 54 -34.55 46.12 42.54
CA THR W 54 -34.32 47.45 43.10
C THR W 54 -35.48 48.39 42.88
N GLY W 55 -35.29 49.59 43.40
CA GLY W 55 -36.24 50.65 43.19
C GLY W 55 -37.60 50.39 43.75
N THR W 56 -37.75 49.33 44.54
CA THR W 56 -38.97 48.95 45.22
C THR W 56 -39.00 49.51 46.61
N GLY W 57 -37.84 49.94 47.11
CA GLY W 57 -37.76 50.78 48.26
C GLY W 57 -36.97 50.22 49.44
N LYS W 58 -35.96 49.41 49.19
CA LYS W 58 -35.21 48.85 50.31
C LYS W 58 -34.54 49.94 51.12
N ASN W 59 -33.62 50.67 50.50
CA ASN W 59 -32.97 51.77 51.19
C ASN W 59 -33.98 52.86 51.53
N PHE W 60 -35.03 52.98 50.72
CA PHE W 60 -36.19 53.83 51.03
C PHE W 60 -36.80 53.44 52.39
N VAL W 61 -37.27 52.18 52.52
CA VAL W 61 -37.98 51.82 53.76
C VAL W 61 -37.05 51.86 54.95
N SER W 62 -35.81 51.39 54.78
CA SER W 62 -34.85 51.44 55.86
C SER W 62 -34.65 52.88 56.33
N LYS W 63 -34.55 53.80 55.36
CA LYS W 63 -34.47 55.21 55.69
C LYS W 63 -35.70 55.64 56.48
N ILE W 64 -36.89 55.23 56.05
CA ILE W 64 -38.12 55.70 56.68
C ILE W 64 -38.15 55.30 58.14
N ILE W 65 -37.97 54.01 58.40
CA ILE W 65 -38.06 53.55 59.78
C ILE W 65 -36.92 54.12 60.59
N ALA W 66 -35.76 54.32 59.96
CA ALA W 66 -34.66 54.99 60.65
C ALA W 66 -35.08 56.38 61.10
N GLU W 67 -35.89 57.07 60.30
CA GLU W 67 -36.34 58.41 60.66
C GLU W 67 -37.40 58.33 61.77
N ASN W 68 -38.31 57.37 61.68
CA ASN W 68 -39.34 57.25 62.70
C ASN W 68 -38.74 56.90 64.05
N ILE W 69 -37.75 56.03 64.07
CA ILE W 69 -37.11 55.67 65.34
C ILE W 69 -36.38 56.87 65.92
N TYR W 70 -35.38 57.37 65.19
CA TYR W 70 -34.59 58.51 65.62
C TYR W 70 -34.75 59.65 64.63
N GLU W 71 -34.75 60.87 65.16
CA GLU W 71 -34.78 62.07 64.33
C GLU W 71 -33.57 62.11 63.41
N GLY W 72 -32.45 61.53 63.83
CA GLY W 72 -31.27 61.50 62.98
C GLY W 72 -31.48 60.77 61.67
N GLY W 73 -32.44 59.87 61.61
CA GLY W 73 -32.57 59.02 60.45
C GLY W 73 -31.29 58.24 60.27
N LEU W 74 -30.49 58.65 59.29
CA LEU W 74 -29.13 58.14 59.14
C LEU W 74 -28.08 59.05 59.78
N ASN W 75 -28.44 60.27 60.14
CA ASN W 75 -27.50 61.17 60.80
C ASN W 75 -27.17 60.77 62.22
N SER W 76 -27.92 59.85 62.82
CA SER W 76 -27.74 59.55 64.23
C SER W 76 -26.37 58.92 64.48
N ASP W 77 -25.73 59.37 65.55
CA ASP W 77 -24.50 58.73 66.01
C ASP W 77 -24.74 57.28 66.39
N TYR W 78 -25.95 56.96 66.88
CA TYR W 78 -26.32 55.58 67.11
C TYR W 78 -26.34 54.80 65.80
N VAL W 79 -26.94 55.38 64.77
CA VAL W 79 -27.14 54.70 63.50
C VAL W 79 -25.85 54.89 62.71
N HIS W 80 -25.02 53.86 62.70
CA HIS W 80 -23.71 53.89 62.07
C HIS W 80 -23.64 52.82 60.98
N LEU W 81 -23.23 53.24 59.79
CA LEU W 81 -23.44 52.47 58.56
C LEU W 81 -22.13 51.93 58.00
N PHE W 82 -22.23 50.74 57.42
CA PHE W 82 -21.12 50.08 56.74
C PHE W 82 -21.57 49.72 55.33
N VAL W 83 -20.57 49.55 54.45
CA VAL W 83 -20.79 49.18 53.06
C VAL W 83 -19.70 48.19 52.68
N ALA W 84 -20.04 47.31 51.73
CA ALA W 84 -19.06 46.36 51.25
C ALA W 84 -17.87 47.07 50.63
N THR W 85 -18.10 47.80 49.54
CA THR W 85 -16.99 48.23 48.70
C THR W 85 -16.23 49.40 49.34
N LEU W 86 -16.95 50.38 49.86
CA LEU W 86 -16.33 51.56 50.43
C LEU W 86 -15.39 51.24 51.57
N HIS W 87 -15.72 50.27 52.37
CA HIS W 87 -14.92 49.86 53.50
C HIS W 87 -14.17 48.56 53.26
N PHE W 88 -14.83 47.57 52.65
CA PHE W 88 -14.33 46.20 52.60
C PHE W 88 -14.16 45.72 51.16
N PRO W 89 -13.29 46.38 50.39
CA PRO W 89 -13.10 45.99 48.99
C PRO W 89 -12.48 44.62 48.79
N HIS W 90 -11.34 44.39 49.42
CA HIS W 90 -10.44 43.32 49.01
C HIS W 90 -10.48 42.14 49.97
N ALA W 91 -10.10 40.99 49.42
CA ALA W 91 -9.84 39.79 50.22
C ALA W 91 -8.44 39.78 50.82
N SER W 92 -7.70 40.88 50.72
CA SER W 92 -6.38 40.94 51.31
C SER W 92 -6.45 41.27 52.79
N ASN W 93 -7.19 42.34 53.13
CA ASN W 93 -7.25 42.87 54.48
C ASN W 93 -8.44 42.34 55.25
N ILE W 94 -8.81 41.07 55.02
CA ILE W 94 -10.01 40.52 55.63
C ILE W 94 -9.92 40.60 57.15
N THR W 95 -8.74 40.33 57.69
CA THR W 95 -8.58 40.26 59.14
C THR W 95 -8.76 41.63 59.77
N LEU W 96 -8.08 42.63 59.21
CA LEU W 96 -8.26 44.01 59.67
C LEU W 96 -9.72 44.40 59.58
N TYR W 97 -10.38 43.98 58.51
CA TYR W 97 -11.79 44.30 58.35
C TYR W 97 -12.62 43.64 59.44
N LYS W 98 -12.23 42.45 59.88
CA LYS W 98 -12.96 41.78 60.95
C LYS W 98 -12.72 42.45 62.29
N ASP W 99 -11.48 42.81 62.58
CA ASP W 99 -11.17 43.42 63.87
C ASP W 99 -11.81 44.80 63.97
N GLN W 100 -11.59 45.63 62.95
CA GLN W 100 -12.24 46.94 62.88
C GLN W 100 -13.75 46.79 62.98
N LEU W 101 -14.29 45.74 62.36
CA LEU W 101 -15.72 45.50 62.43
C LEU W 101 -16.15 45.29 63.88
N GLN W 102 -15.54 44.31 64.55
CA GLN W 102 -15.90 43.99 65.93
C GLN W 102 -15.79 45.22 66.83
N LEU W 103 -14.74 46.02 66.65
CA LEU W 103 -14.52 47.14 67.55
C LEU W 103 -15.53 48.26 67.29
N TRP W 104 -15.76 48.59 66.03
CA TRP W 104 -16.75 49.62 65.71
C TRP W 104 -18.13 49.20 66.21
N ILE W 105 -18.44 47.90 66.09
CA ILE W 105 -19.66 47.36 66.68
C ILE W 105 -19.70 47.69 68.17
N ARG W 106 -18.72 47.16 68.92
CA ARG W 106 -18.71 47.32 70.37
C ARG W 106 -18.80 48.78 70.79
N GLY W 107 -18.21 49.68 70.02
CA GLY W 107 -18.33 51.09 70.29
C GLY W 107 -19.77 51.55 70.23
N ASN W 108 -20.40 51.38 69.07
CA ASN W 108 -21.74 51.93 68.91
C ASN W 108 -22.74 51.26 69.83
N VAL W 109 -22.67 49.94 69.96
CA VAL W 109 -23.64 49.25 70.81
C VAL W 109 -23.39 49.58 72.27
N SER W 110 -22.12 49.75 72.66
CA SER W 110 -21.86 50.15 74.02
C SER W 110 -22.31 51.57 74.29
N ALA W 111 -22.53 52.37 73.24
CA ALA W 111 -23.27 53.61 73.43
C ALA W 111 -24.73 53.31 73.78
N CYS W 112 -25.35 52.36 73.09
CA CYS W 112 -26.71 51.95 73.39
C CYS W 112 -27.04 50.70 72.58
N ALA W 113 -27.84 49.83 73.17
CA ALA W 113 -28.24 48.61 72.48
C ALA W 113 -29.31 48.86 71.44
N ARG W 114 -29.92 50.04 71.43
CA ARG W 114 -30.90 50.39 70.41
C ARG W 114 -30.26 51.01 69.19
N SER W 115 -28.93 51.01 69.09
CA SER W 115 -28.28 51.42 67.86
C SER W 115 -28.62 50.44 66.74
N ILE W 116 -28.44 50.90 65.50
CA ILE W 116 -28.82 50.15 64.31
C ILE W 116 -27.63 50.07 63.37
N PHE W 117 -27.43 48.90 62.79
CA PHE W 117 -26.46 48.68 61.73
C PHE W 117 -27.16 48.14 60.50
N ILE W 118 -26.69 48.58 59.33
CA ILE W 118 -27.16 48.08 58.04
C ILE W 118 -25.94 47.84 57.18
N PHE W 119 -26.04 46.82 56.32
CA PHE W 119 -25.08 46.55 55.28
C PHE W 119 -25.76 46.68 53.92
N ASP W 120 -24.93 46.72 52.88
CA ASP W 120 -25.42 46.90 51.52
C ASP W 120 -24.39 46.35 50.55
N GLU W 121 -24.85 46.04 49.34
CA GLU W 121 -23.99 45.52 48.27
C GLU W 121 -23.30 44.25 48.72
N MET W 122 -24.10 43.33 49.22
CA MET W 122 -23.59 42.11 49.83
C MET W 122 -23.28 41.01 48.83
N ASP W 123 -23.21 41.34 47.55
CA ASP W 123 -22.72 40.40 46.56
C ASP W 123 -21.20 40.38 46.45
N LYS W 124 -20.51 41.14 47.30
CA LYS W 124 -19.07 41.38 47.18
C LYS W 124 -18.38 41.21 48.53
N MET W 125 -18.65 40.09 49.20
CA MET W 125 -18.18 39.84 50.56
C MET W 125 -17.46 38.51 50.65
N HIS W 126 -16.93 38.17 51.84
CA HIS W 126 -16.00 37.05 52.00
C HIS W 126 -16.21 36.42 53.37
N ALA W 127 -16.57 35.12 53.39
CA ALA W 127 -17.23 34.48 54.52
C ALA W 127 -16.47 34.61 55.85
N GLY W 128 -15.18 34.93 55.81
CA GLY W 128 -14.52 35.33 57.03
C GLY W 128 -15.23 36.47 57.71
N LEU W 129 -15.84 37.35 56.93
CA LEU W 129 -16.50 38.54 57.42
C LEU W 129 -17.91 38.27 57.97
N ILE W 130 -18.43 37.04 57.85
CA ILE W 130 -19.48 36.57 58.75
C ILE W 130 -18.91 35.81 59.92
N ASP W 131 -17.74 35.20 59.78
CA ASP W 131 -17.20 34.38 60.86
C ASP W 131 -16.86 35.18 62.11
N ALA W 132 -16.95 36.51 62.08
CA ALA W 132 -16.69 37.38 63.21
C ALA W 132 -17.96 37.89 63.89
N ILE W 133 -19.14 37.50 63.40
CA ILE W 133 -20.40 38.08 63.87
C ILE W 133 -21.43 37.05 64.31
N LYS W 134 -21.35 35.80 63.85
CA LYS W 134 -22.28 34.78 64.31
C LYS W 134 -22.40 34.67 65.81
N PRO W 135 -21.32 34.77 66.59
CA PRO W 135 -21.48 34.83 68.05
C PRO W 135 -22.33 35.99 68.52
N PHE W 136 -22.23 37.15 67.86
CA PHE W 136 -23.08 38.27 68.22
C PHE W 136 -24.55 37.96 68.00
N LEU W 137 -24.86 36.98 67.16
CA LEU W 137 -26.23 36.56 66.91
C LEU W 137 -26.59 35.27 67.61
N ASP W 138 -25.80 34.84 68.59
CA ASP W 138 -26.37 33.95 69.58
C ASP W 138 -27.43 34.71 70.36
N TYR W 139 -28.47 33.99 70.72
CA TYR W 139 -29.51 34.49 71.61
C TYR W 139 -29.03 34.68 73.06
N TYR W 140 -27.75 34.45 73.34
CA TYR W 140 -27.11 34.77 74.62
C TYR W 140 -27.61 36.09 75.17
N ASP W 141 -27.89 36.13 76.47
CA ASP W 141 -28.22 37.39 77.10
C ASP W 141 -27.06 38.38 77.04
N LEU W 142 -25.84 37.91 76.86
CA LEU W 142 -24.72 38.82 76.78
C LEU W 142 -23.56 38.19 76.04
N VAL W 143 -22.57 39.02 75.75
CA VAL W 143 -21.24 38.62 75.32
C VAL W 143 -20.27 39.66 75.87
N ASP W 144 -19.18 39.18 76.47
CA ASP W 144 -18.15 40.05 77.03
C ASP W 144 -18.73 41.02 78.05
N GLY W 145 -19.74 40.57 78.78
CA GLY W 145 -20.44 41.43 79.71
C GLY W 145 -21.30 42.49 79.06
N VAL W 146 -21.79 42.23 77.84
CA VAL W 146 -22.64 43.18 77.12
C VAL W 146 -23.72 42.40 76.39
N SER W 147 -24.93 42.95 76.38
CA SER W 147 -26.06 42.39 75.64
C SER W 147 -26.22 43.11 74.31
N TYR W 148 -26.58 42.34 73.28
CA TYR W 148 -26.78 42.85 71.93
C TYR W 148 -28.18 42.60 71.40
N GLN W 149 -29.04 41.95 72.18
CA GLN W 149 -30.30 41.46 71.64
C GLN W 149 -31.33 42.56 71.41
N LYS W 150 -31.06 43.79 71.83
CA LYS W 150 -31.96 44.89 71.52
C LYS W 150 -31.67 45.49 70.15
N ALA W 151 -30.41 45.47 69.74
CA ALA W 151 -30.03 46.04 68.46
C ALA W 151 -30.64 45.23 67.33
N MET W 152 -30.47 45.74 66.10
CA MET W 152 -31.19 45.24 64.95
C MET W 152 -30.26 45.28 63.75
N PHE W 153 -30.00 44.10 63.17
CA PHE W 153 -29.10 43.95 62.04
C PHE W 153 -29.90 43.63 60.79
N ILE W 154 -29.61 44.37 59.72
CA ILE W 154 -30.41 44.37 58.50
C ILE W 154 -29.47 44.26 57.33
N PHE W 155 -29.83 43.42 56.36
CA PHE W 155 -29.01 43.16 55.19
C PHE W 155 -29.78 43.51 53.92
N LEU W 156 -29.04 43.57 52.82
CA LEU W 156 -29.57 43.92 51.53
C LEU W 156 -28.87 43.14 50.44
N SER W 157 -29.58 42.89 49.36
CA SER W 157 -29.03 42.20 48.20
C SER W 157 -30.02 42.34 47.06
N ASN W 158 -29.75 41.63 45.97
CA ASN W 158 -30.71 41.45 44.89
C ASN W 158 -30.74 40.03 44.36
N ALA W 159 -29.94 39.11 44.89
CA ALA W 159 -29.95 37.74 44.41
C ALA W 159 -31.28 37.07 44.73
N GLY W 160 -31.53 35.95 44.08
CA GLY W 160 -32.81 35.29 44.20
C GLY W 160 -33.95 36.03 43.53
N ALA W 161 -33.65 37.09 42.78
CA ALA W 161 -34.71 37.83 42.10
C ALA W 161 -35.45 36.96 41.10
N GLU W 162 -34.76 35.99 40.50
CA GLU W 162 -35.36 35.21 39.43
C GLU W 162 -36.58 34.45 39.92
N ARG W 163 -36.55 34.01 41.18
CA ARG W 163 -37.68 33.29 41.75
C ARG W 163 -38.88 34.20 41.94
N ILE W 164 -38.67 35.40 42.49
CA ILE W 164 -39.81 36.27 42.70
C ILE W 164 -40.36 36.73 41.36
N THR W 165 -39.51 36.81 40.33
CA THR W 165 -40.00 37.13 38.99
C THR W 165 -40.88 36.02 38.44
N ASP W 166 -40.31 34.82 38.28
CA ASP W 166 -41.06 33.78 37.59
C ASP W 166 -42.29 33.36 38.37
N VAL W 167 -42.25 33.51 39.71
CA VAL W 167 -43.46 33.33 40.49
C VAL W 167 -44.45 34.45 40.22
N ALA W 168 -43.95 35.69 40.11
CA ALA W 168 -44.84 36.82 39.87
C ALA W 168 -45.62 36.62 38.57
N LEU W 169 -44.94 36.23 37.50
CA LEU W 169 -45.67 35.90 36.29
C LEU W 169 -46.43 34.59 36.42
N ASP W 170 -46.07 33.71 37.35
CA ASP W 170 -46.84 32.50 37.53
C ASP W 170 -48.26 32.83 37.97
N PHE W 171 -48.38 33.42 39.16
CA PHE W 171 -49.70 33.76 39.65
C PHE W 171 -50.35 34.84 38.80
N TRP W 172 -49.56 35.78 38.27
CA TRP W 172 -50.17 36.81 37.43
C TRP W 172 -50.70 36.21 36.14
N ARG W 173 -49.99 35.24 35.58
CA ARG W 173 -50.50 34.46 34.47
C ARG W 173 -51.75 33.68 34.84
N SER W 174 -51.92 33.37 36.12
CA SER W 174 -53.17 32.75 36.59
C SER W 174 -54.39 33.68 36.67
N GLY W 175 -54.33 34.89 36.12
CA GLY W 175 -55.44 35.82 36.24
C GLY W 175 -55.57 36.32 37.65
N LYS W 176 -54.60 37.11 38.10
CA LYS W 176 -54.40 37.37 39.53
C LYS W 176 -53.39 38.47 39.79
N GLN W 177 -53.54 39.16 40.92
CA GLN W 177 -52.60 40.20 41.35
C GLN W 177 -51.86 39.72 42.58
N ARG W 178 -50.66 40.28 42.80
CA ARG W 178 -49.84 39.80 43.91
C ARG W 178 -50.42 40.17 45.27
N GLU W 179 -51.41 41.07 45.33
CA GLU W 179 -52.25 41.15 46.52
C GLU W 179 -52.82 39.79 46.87
N ASP W 180 -53.26 39.04 45.86
CA ASP W 180 -53.79 37.71 46.06
C ASP W 180 -52.69 36.68 46.22
N ILE W 181 -51.48 36.95 45.72
CA ILE W 181 -50.35 36.15 46.16
C ILE W 181 -50.21 36.38 47.65
N LYS W 182 -49.91 35.30 48.36
CA LYS W 182 -49.76 35.35 49.80
C LYS W 182 -48.31 35.60 50.18
N LEU W 183 -48.11 35.89 51.46
CA LEU W 183 -46.75 36.07 51.94
C LEU W 183 -45.96 34.79 51.75
N LYS W 184 -46.54 33.66 52.17
CA LYS W 184 -45.91 32.38 51.93
C LYS W 184 -45.70 32.21 50.44
N ASP W 185 -44.44 31.99 50.06
CA ASP W 185 -44.09 31.58 48.73
C ASP W 185 -42.92 30.64 48.92
N ILE W 186 -42.21 30.26 47.85
CA ILE W 186 -41.40 29.06 47.96
C ILE W 186 -40.12 29.41 48.71
N GLU W 187 -40.18 29.35 50.05
CA GLU W 187 -39.01 29.67 50.85
C GLU W 187 -37.94 28.57 50.75
N HIS W 188 -38.31 27.43 50.17
CA HIS W 188 -37.29 26.42 49.84
C HIS W 188 -36.35 26.94 48.77
N ALA W 189 -36.89 27.43 47.65
CA ALA W 189 -36.03 27.96 46.60
C ALA W 189 -35.29 29.21 47.09
N LEU W 190 -35.93 29.99 47.97
CA LEU W 190 -35.21 31.06 48.62
C LEU W 190 -34.05 30.52 49.43
N SER W 191 -34.23 29.39 50.11
CA SER W 191 -33.12 28.79 50.81
C SER W 191 -32.04 28.33 49.84
N VAL W 192 -32.42 27.94 48.62
CA VAL W 192 -31.44 27.53 47.62
C VAL W 192 -30.61 28.73 47.18
N SER W 193 -31.28 29.82 46.81
CA SER W 193 -30.58 31.07 46.53
C SER W 193 -29.71 31.49 47.71
N VAL W 194 -30.17 31.20 48.92
CA VAL W 194 -29.44 31.51 50.13
C VAL W 194 -28.49 30.38 50.52
N PHE W 195 -28.68 29.18 49.99
CA PHE W 195 -27.65 28.15 49.99
C PHE W 195 -26.75 28.25 48.77
N ASN W 196 -27.06 29.15 47.84
CA ASN W 196 -26.41 29.15 46.54
C ASN W 196 -24.92 29.42 46.71
N ASN W 197 -24.09 28.40 46.51
CA ASN W 197 -22.67 28.47 46.85
C ASN W 197 -21.90 29.53 46.06
N LYS W 198 -22.54 30.26 45.14
CA LYS W 198 -22.08 31.58 44.79
C LYS W 198 -21.81 32.39 46.04
N ASN W 199 -20.80 33.26 45.98
CA ASN W 199 -20.37 34.02 47.16
C ASN W 199 -21.51 34.84 47.74
N SER W 200 -22.37 35.39 46.88
CA SER W 200 -23.57 36.08 47.35
C SER W 200 -24.43 35.15 48.19
N GLY W 201 -24.80 33.99 47.62
CA GLY W 201 -25.62 33.05 48.35
C GLY W 201 -24.83 32.16 49.29
N PHE W 202 -23.50 32.12 49.15
CA PHE W 202 -22.69 31.28 50.02
C PHE W 202 -22.46 31.96 51.36
N TRP W 203 -22.19 33.27 51.31
CA TRP W 203 -22.25 34.16 52.46
C TRP W 203 -23.46 33.87 53.32
N HIS W 204 -24.64 34.04 52.74
CA HIS W 204 -25.88 33.78 53.46
C HIS W 204 -26.15 32.29 53.65
N SER W 205 -25.40 31.40 52.98
CA SER W 205 -25.47 29.96 53.26
C SER W 205 -24.84 29.66 54.62
N SER W 206 -23.65 30.17 54.83
CA SER W 206 -22.98 29.98 56.09
C SER W 206 -23.65 30.77 57.21
N LEU W 207 -24.35 31.87 56.87
CA LEU W 207 -25.20 32.51 57.88
C LEU W 207 -26.44 31.68 58.19
N ILE W 208 -27.07 31.09 57.17
CA ILE W 208 -28.26 30.28 57.36
C ILE W 208 -27.88 28.89 57.87
N ASP W 209 -26.59 28.67 58.19
CA ASP W 209 -26.22 27.49 58.95
C ASP W 209 -27.11 27.25 60.17
N ARG W 210 -27.70 28.31 60.74
CA ARG W 210 -28.56 28.20 61.92
C ARG W 210 -29.87 28.97 61.79
N ASN W 211 -30.27 29.36 60.57
CA ASN W 211 -31.28 30.41 60.34
C ASN W 211 -31.15 31.53 61.36
N LEU W 212 -29.97 32.13 61.43
CA LEU W 212 -29.89 33.31 62.29
C LEU W 212 -30.76 34.44 61.77
N ILE W 213 -31.15 34.41 60.49
CA ILE W 213 -32.14 35.32 59.95
C ILE W 213 -33.46 35.12 60.67
N ASP W 214 -34.20 36.22 60.83
CA ASP W 214 -35.59 36.13 61.28
C ASP W 214 -36.51 35.82 60.10
N TYR W 215 -36.62 36.77 59.17
CA TYR W 215 -37.67 36.74 58.14
C TYR W 215 -37.05 37.05 56.79
N PHE W 216 -37.16 36.13 55.84
CA PHE W 216 -36.90 36.46 54.44
C PHE W 216 -38.02 37.36 53.94
N VAL W 217 -37.65 38.40 53.20
CA VAL W 217 -38.60 39.39 52.73
C VAL W 217 -38.16 39.87 51.35
N PRO W 218 -38.71 39.33 50.28
CA PRO W 218 -38.49 39.93 48.97
C PRO W 218 -39.47 41.06 48.68
N PHE W 219 -38.97 42.02 47.90
CA PHE W 219 -39.79 43.03 47.25
C PHE W 219 -40.08 42.58 45.83
N LEU W 220 -40.89 43.38 45.11
CA LEU W 220 -41.28 43.04 43.75
C LEU W 220 -41.27 44.23 42.80
N PRO W 221 -41.19 44.00 41.48
CA PRO W 221 -41.17 45.13 40.53
C PRO W 221 -42.39 46.03 40.72
N LEU W 222 -42.11 47.30 40.98
CA LEU W 222 -43.17 48.27 41.17
C LEU W 222 -43.93 48.40 39.85
N GLU W 223 -45.10 47.79 39.82
CA GLU W 223 -45.90 47.70 38.61
C GLU W 223 -46.24 49.10 38.11
N TYR W 224 -46.52 49.21 36.80
CA TYR W 224 -46.72 50.51 36.16
C TYR W 224 -47.81 51.33 36.84
N LYS W 225 -48.75 50.67 37.51
CA LYS W 225 -49.60 51.40 38.43
C LYS W 225 -48.76 52.15 39.44
N HIS W 226 -47.74 51.50 40.01
CA HIS W 226 -46.89 52.18 40.99
C HIS W 226 -46.10 53.30 40.33
N LEU W 227 -45.68 53.11 39.08
CA LEU W 227 -45.10 54.23 38.35
C LEU W 227 -46.05 55.41 38.41
N LYS W 228 -47.26 55.23 37.88
CA LYS W 228 -48.26 56.29 37.88
C LYS W 228 -48.54 56.84 39.28
N MET W 229 -48.39 56.02 40.32
CA MET W 229 -48.55 56.52 41.67
C MET W 229 -47.42 57.47 42.04
N CYS W 230 -46.18 57.04 41.82
CA CYS W 230 -45.02 57.90 42.10
C CYS W 230 -44.74 58.90 40.98
N ILE W 231 -45.67 59.05 40.04
CA ILE W 231 -45.69 60.16 39.10
C ILE W 231 -46.70 61.20 39.55
N ARG W 232 -47.94 60.77 39.75
CA ARG W 232 -48.98 61.67 40.23
C ARG W 232 -48.63 62.23 41.60
N VAL W 233 -48.35 61.34 42.56
CA VAL W 233 -48.10 61.76 43.94
C VAL W 233 -46.86 62.64 44.01
N GLU W 234 -45.81 62.26 43.30
CA GLU W 234 -44.57 63.02 43.39
C GLU W 234 -44.71 64.36 42.70
N MET W 235 -45.12 64.37 41.44
CA MET W 235 -45.16 65.62 40.68
C MET W 235 -46.21 66.57 41.21
N GLN W 236 -47.34 66.05 41.71
CA GLN W 236 -48.26 66.89 42.45
C GLN W 236 -47.70 67.33 43.79
N SER W 237 -46.79 66.54 44.37
CA SER W 237 -46.13 66.95 45.61
C SER W 237 -45.04 68.00 45.36
N ARG W 238 -44.51 68.06 44.13
CA ARG W 238 -43.40 68.94 43.81
C ARG W 238 -43.83 70.24 43.13
N GLY W 239 -45.13 70.52 43.04
CA GLY W 239 -45.57 71.69 42.30
C GLY W 239 -45.14 71.67 40.86
N TYR W 240 -45.10 70.48 40.27
CA TYR W 240 -44.50 70.27 38.96
C TYR W 240 -45.41 70.61 37.80
N GLU W 241 -46.71 70.72 38.04
CA GLU W 241 -47.71 70.97 37.00
C GLU W 241 -47.69 69.85 35.96
N ILE W 242 -47.91 68.64 36.44
CA ILE W 242 -48.10 67.48 35.58
C ILE W 242 -49.56 67.45 35.13
N ASP W 243 -49.79 66.77 34.00
CA ASP W 243 -51.13 66.61 33.45
C ASP W 243 -51.28 65.18 32.91
N GLU W 244 -52.32 64.92 32.13
CA GLU W 244 -52.61 63.55 31.73
C GLU W 244 -51.57 63.00 30.76
N ASP W 245 -51.23 63.79 29.74
CA ASP W 245 -50.38 63.30 28.65
C ASP W 245 -49.05 62.79 29.19
N ILE W 246 -48.50 63.47 30.19
CA ILE W 246 -47.27 63.06 30.85
C ILE W 246 -47.41 61.64 31.39
N VAL W 247 -48.62 61.26 31.79
CA VAL W 247 -48.90 59.94 32.35
C VAL W 247 -49.47 58.99 31.30
N SER W 248 -49.70 59.45 30.09
CA SER W 248 -49.68 58.55 28.95
C SER W 248 -48.25 58.13 28.64
N ARG W 249 -47.31 59.07 28.83
CA ARG W 249 -45.93 58.81 28.46
C ARG W 249 -45.20 57.90 29.44
N VAL W 250 -45.81 57.56 30.59
CA VAL W 250 -45.17 56.60 31.49
C VAL W 250 -45.00 55.27 30.77
N ALA W 251 -45.98 54.87 29.96
CA ALA W 251 -45.95 53.61 29.24
C ALA W 251 -45.71 53.79 27.76
N GLU W 252 -46.08 54.93 27.17
CA GLU W 252 -45.75 55.14 25.76
C GLU W 252 -44.26 55.26 25.54
N GLU W 253 -43.48 55.61 26.57
CA GLU W 253 -42.07 55.94 26.46
C GLU W 253 -41.27 55.26 27.58
N MET W 254 -41.50 53.96 27.78
CA MET W 254 -40.78 53.21 28.79
C MET W 254 -40.75 51.74 28.37
N THR W 255 -39.73 51.03 28.87
CA THR W 255 -39.60 49.60 28.67
C THR W 255 -40.02 48.87 29.94
N PHE W 256 -40.78 47.80 29.75
CA PHE W 256 -41.20 46.88 30.81
C PHE W 256 -40.70 45.48 30.46
N PHE W 257 -40.92 44.55 31.38
CA PHE W 257 -40.41 43.19 31.28
C PHE W 257 -41.55 42.19 31.43
N PRO W 258 -41.60 41.12 30.61
CA PRO W 258 -40.81 40.84 29.39
C PRO W 258 -41.28 41.74 28.28
N LYS W 259 -40.58 41.74 27.15
CA LYS W 259 -41.10 42.40 25.97
C LYS W 259 -42.45 41.84 25.57
N GLU W 260 -42.59 40.51 25.59
CA GLU W 260 -43.76 39.89 24.99
C GLU W 260 -45.04 40.22 25.74
N GLU W 261 -44.94 40.88 26.90
CA GLU W 261 -46.10 41.34 27.65
C GLU W 261 -45.95 42.80 28.05
N ARG W 262 -44.71 43.27 28.27
CA ARG W 262 -44.44 44.65 28.70
C ARG W 262 -45.17 44.97 29.99
N VAL W 263 -44.74 44.30 31.06
CA VAL W 263 -45.46 44.36 32.33
C VAL W 263 -44.56 44.83 33.46
N PHE W 264 -43.56 44.03 33.81
CA PHE W 264 -42.73 44.33 34.95
C PHE W 264 -41.77 45.46 34.61
N SER W 265 -41.64 46.39 35.53
CA SER W 265 -40.87 47.59 35.30
C SER W 265 -39.39 47.25 35.23
N ASP W 266 -38.57 48.28 35.05
CA ASP W 266 -37.12 48.17 35.09
C ASP W 266 -36.58 48.92 36.29
N LYS W 267 -37.34 49.89 36.80
CA LYS W 267 -36.90 50.68 37.94
C LYS W 267 -37.98 50.97 38.97
N GLY W 268 -39.24 50.83 38.61
CA GLY W 268 -40.25 51.39 39.48
C GLY W 268 -40.06 52.87 39.62
N CYS W 269 -39.91 53.31 40.87
CA CYS W 269 -39.96 54.73 41.23
C CYS W 269 -38.58 55.30 41.49
N LYS W 270 -37.56 54.74 40.85
CA LYS W 270 -36.18 55.19 40.98
C LYS W 270 -35.78 56.20 39.92
N THR W 271 -35.85 55.81 38.66
CA THR W 271 -35.59 56.71 37.54
C THR W 271 -36.86 57.44 37.10
N VAL W 272 -37.93 57.34 37.88
CA VAL W 272 -39.22 57.85 37.42
C VAL W 272 -39.16 59.35 37.23
N PHE W 273 -38.66 60.09 38.23
CA PHE W 273 -38.79 61.54 38.21
C PHE W 273 -37.84 62.20 37.21
N THR W 274 -36.74 61.54 36.86
CA THR W 274 -35.87 62.07 35.82
C THR W 274 -36.55 62.01 34.46
N LYS W 275 -37.10 60.85 34.12
CA LYS W 275 -37.89 60.71 32.91
C LYS W 275 -39.09 61.64 32.93
N LEU W 276 -39.67 61.88 34.10
CA LEU W 276 -40.71 62.88 34.20
C LEU W 276 -40.18 64.27 33.92
N ASP W 277 -38.93 64.56 34.29
CA ASP W 277 -38.35 65.84 33.86
C ASP W 277 -38.19 65.87 32.34
N TYR W 278 -37.98 64.71 31.70
CA TYR W 278 -38.08 64.74 30.25
C TYR W 278 -39.50 65.07 29.82
N TYR W 279 -40.50 64.62 30.56
CA TYR W 279 -41.87 64.90 30.14
C TYR W 279 -42.26 66.35 30.45
N TYR W 280 -41.54 67.01 31.35
CA TYR W 280 -41.53 68.47 31.34
C TYR W 280 -40.95 68.95 30.02
N ASP W 281 -39.86 68.32 29.60
CA ASP W 281 -39.29 68.63 28.30
C ASP W 281 -40.17 68.11 27.17
N ASP W 282 -40.99 67.08 27.46
CA ASP W 282 -42.06 66.60 26.59
C ASP W 282 -41.62 66.35 25.15
N GLY X 1 -4.67 -74.34 -0.29
CA GLY X 1 -4.70 -74.56 -1.77
C GLY X 1 -3.71 -73.67 -2.50
N GLN X 2 -3.98 -72.36 -2.50
CA GLN X 2 -3.06 -71.43 -3.15
C GLN X 2 -1.69 -71.43 -2.48
N LYS X 3 -1.64 -71.76 -1.19
CA LYS X 3 -0.39 -71.96 -0.48
C LYS X 3 0.05 -73.42 -0.45
N ARG X 4 -0.41 -74.21 -1.42
CA ARG X 4 -0.07 -75.62 -1.52
C ARG X 4 0.46 -75.90 -2.93
N SER X 5 1.69 -76.41 -3.01
CA SER X 5 2.16 -77.02 -4.24
C SER X 5 1.51 -78.38 -4.38
N LEU X 6 0.85 -78.61 -5.52
CA LEU X 6 -0.05 -79.75 -5.67
C LEU X 6 0.73 -81.05 -5.62
N SER X 7 0.47 -81.83 -4.58
CA SER X 7 1.01 -83.18 -4.53
C SER X 7 0.25 -84.09 -5.48
N ARG X 8 0.92 -85.17 -5.87
CA ARG X 8 0.36 -86.09 -6.86
C ARG X 8 -0.91 -86.73 -6.33
N GLU X 9 -0.92 -87.07 -5.04
CA GLU X 9 -2.04 -87.77 -4.44
C GLU X 9 -3.32 -86.98 -4.56
N ALA X 10 -3.25 -85.68 -4.32
CA ALA X 10 -4.46 -84.85 -4.34
C ALA X 10 -5.12 -84.88 -5.72
N LEU X 11 -4.30 -84.86 -6.77
CA LEU X 11 -4.85 -84.72 -8.12
C LEU X 11 -5.31 -86.05 -8.66
N GLN X 12 -4.51 -87.10 -8.48
CA GLN X 12 -5.00 -88.42 -8.90
C GLN X 12 -6.23 -88.80 -8.09
N LYS X 13 -6.27 -88.39 -6.82
CA LYS X 13 -7.46 -88.57 -6.00
C LYS X 13 -8.65 -87.87 -6.61
N ASP X 14 -8.50 -86.58 -6.92
CA ASP X 14 -9.63 -85.80 -7.42
C ASP X 14 -10.15 -86.36 -8.73
N LEU X 15 -9.25 -86.60 -9.69
CA LEU X 15 -9.66 -87.09 -10.99
C LEU X 15 -10.27 -88.48 -10.88
N ASP X 16 -9.65 -89.35 -10.08
CA ASP X 16 -10.20 -90.68 -9.88
C ASP X 16 -11.55 -90.63 -9.18
N ASP X 17 -11.82 -89.56 -8.44
CA ASP X 17 -13.12 -89.40 -7.81
C ASP X 17 -14.17 -89.01 -8.85
N ASN X 18 -13.90 -87.94 -9.60
CA ASN X 18 -14.92 -87.29 -10.40
C ASN X 18 -14.79 -87.53 -11.89
N LEU X 19 -13.57 -87.67 -12.40
CA LEU X 19 -13.37 -87.87 -13.83
C LEU X 19 -13.68 -89.31 -14.19
N PHE X 20 -14.46 -89.48 -15.24
CA PHE X 20 -14.89 -90.79 -15.74
C PHE X 20 -14.11 -91.13 -17.00
N GLY X 21 -13.39 -92.24 -16.96
CA GLY X 21 -12.52 -92.60 -18.06
C GLY X 21 -11.37 -91.63 -18.18
N GLN X 22 -10.94 -91.42 -19.42
CA GLN X 22 -9.90 -90.44 -19.73
C GLN X 22 -8.61 -90.77 -18.97
N HIS X 23 -8.27 -92.06 -18.96
CA HIS X 23 -7.01 -92.51 -18.37
C HIS X 23 -5.83 -91.72 -18.92
N LEU X 24 -5.86 -91.42 -20.22
CA LEU X 24 -4.81 -90.63 -20.84
C LEU X 24 -4.66 -89.29 -20.15
N ALA X 25 -5.79 -88.67 -19.81
CA ALA X 25 -5.73 -87.32 -19.29
C ALA X 25 -5.22 -87.32 -17.87
N LYS X 26 -5.55 -88.37 -17.11
CA LYS X 26 -5.04 -88.49 -15.76
C LYS X 26 -3.53 -88.68 -15.78
N LYS X 27 -3.03 -89.58 -16.64
CA LYS X 27 -1.59 -89.79 -16.74
C LYS X 27 -0.88 -88.50 -17.13
N ILE X 28 -1.30 -87.93 -18.27
CA ILE X 28 -0.69 -86.71 -18.81
C ILE X 28 -0.68 -85.63 -17.76
N ILE X 29 -1.89 -85.21 -17.35
CA ILE X 29 -2.03 -84.05 -16.49
C ILE X 29 -1.25 -84.27 -15.22
N LEU X 30 -1.50 -85.39 -14.54
CA LEU X 30 -0.93 -85.66 -13.24
C LEU X 30 0.59 -85.54 -13.28
N ASN X 31 1.24 -86.33 -14.13
CA ASN X 31 2.70 -86.32 -14.14
C ASN X 31 3.24 -85.01 -14.70
N ALA X 32 2.55 -84.45 -15.69
CA ALA X 32 3.04 -83.26 -16.37
C ALA X 32 3.08 -82.07 -15.42
N VAL X 33 1.94 -81.73 -14.82
CA VAL X 33 1.96 -80.60 -13.90
C VAL X 33 2.78 -80.95 -12.68
N PHE X 34 2.68 -82.18 -12.18
CA PHE X 34 3.36 -82.55 -10.94
C PHE X 34 4.87 -82.43 -11.10
N GLY X 35 5.39 -82.58 -12.31
CA GLY X 35 6.77 -82.27 -12.59
C GLY X 35 6.96 -80.78 -12.78
N PHE X 36 5.99 -80.15 -13.44
CA PHE X 36 6.11 -78.74 -13.79
C PHE X 36 6.01 -77.87 -12.55
N ILE X 37 4.94 -78.01 -11.77
CA ILE X 37 4.70 -77.10 -10.66
C ILE X 37 5.79 -77.27 -9.60
N ASN X 38 6.27 -78.49 -9.41
CA ASN X 38 7.37 -78.73 -8.48
C ASN X 38 8.70 -78.24 -9.04
N ASN X 39 8.80 -77.98 -10.32
CA ASN X 39 10.04 -77.49 -10.90
C ASN X 39 10.19 -76.01 -10.61
N PRO X 40 11.21 -75.56 -9.88
CA PRO X 40 11.46 -74.12 -9.77
C PRO X 40 12.04 -73.50 -11.02
N LYS X 41 12.43 -74.31 -12.02
CA LYS X 41 13.03 -73.81 -13.25
C LYS X 41 12.39 -74.54 -14.41
N PRO X 42 11.17 -74.17 -14.79
CA PRO X 42 10.52 -74.87 -15.91
C PRO X 42 11.21 -74.66 -17.24
N LYS X 43 11.90 -73.55 -17.41
CA LYS X 43 12.55 -73.08 -18.64
C LYS X 43 11.54 -72.53 -19.65
N LYS X 44 10.23 -72.74 -19.44
CA LYS X 44 9.20 -72.30 -20.36
C LYS X 44 7.89 -72.26 -19.60
N PRO X 45 6.94 -71.48 -20.04
CA PRO X 45 5.58 -71.65 -19.50
C PRO X 45 4.96 -72.94 -20.03
N LEU X 46 3.79 -73.28 -19.53
CA LEU X 46 3.10 -74.52 -19.89
C LEU X 46 2.21 -74.21 -21.09
N THR X 47 2.50 -74.87 -22.20
CA THR X 47 1.81 -74.62 -23.47
C THR X 47 0.97 -75.84 -23.77
N LEU X 48 -0.25 -75.84 -23.27
CA LEU X 48 -1.15 -76.97 -23.41
C LEU X 48 -2.08 -76.78 -24.60
N SER X 49 -2.41 -77.89 -25.26
CA SER X 49 -3.30 -77.92 -26.40
C SER X 49 -4.42 -78.89 -26.10
N LEU X 50 -5.63 -78.52 -26.48
CA LEU X 50 -6.78 -79.40 -26.37
C LEU X 50 -7.71 -79.22 -27.55
N HIS X 51 -8.22 -80.34 -28.05
CA HIS X 51 -9.22 -80.37 -29.08
C HIS X 51 -9.92 -81.72 -28.97
N GLY X 52 -10.92 -81.94 -29.83
CA GLY X 52 -11.71 -83.15 -29.79
C GLY X 52 -13.19 -82.92 -29.68
N TRP X 53 -13.86 -83.77 -28.91
CA TRP X 53 -15.30 -83.73 -28.76
C TRP X 53 -15.69 -83.11 -27.41
N THR X 54 -16.86 -82.47 -27.37
CA THR X 54 -17.25 -81.77 -26.15
C THR X 54 -17.81 -82.70 -25.10
N GLY X 55 -18.15 -82.09 -23.97
CA GLY X 55 -18.79 -82.78 -22.90
C GLY X 55 -17.98 -83.90 -22.29
N THR X 56 -16.70 -83.97 -22.65
CA THR X 56 -15.74 -84.92 -22.13
C THR X 56 -14.98 -84.33 -20.97
N GLY X 57 -15.05 -83.01 -20.83
CA GLY X 57 -14.66 -82.35 -19.62
C GLY X 57 -13.54 -81.33 -19.75
N LYS X 58 -13.40 -80.66 -20.89
CA LYS X 58 -12.32 -79.71 -21.05
C LYS X 58 -12.44 -78.57 -20.04
N ASN X 59 -13.52 -77.80 -20.16
CA ASN X 59 -13.75 -76.73 -19.21
C ASN X 59 -13.98 -77.29 -17.81
N PHE X 60 -14.52 -78.51 -17.73
CA PHE X 60 -14.59 -79.26 -16.47
C PHE X 60 -13.20 -79.42 -15.85
N VAL X 61 -12.26 -80.06 -16.55
CA VAL X 61 -10.97 -80.35 -15.93
C VAL X 61 -10.20 -79.08 -15.65
N SER X 62 -10.26 -78.12 -16.57
CA SER X 62 -9.60 -76.84 -16.34
C SER X 62 -10.13 -76.18 -15.08
N LYS X 63 -11.44 -76.24 -14.91
CA LYS X 63 -12.05 -75.75 -13.68
C LYS X 63 -11.50 -76.48 -12.47
N ILE X 64 -11.40 -77.81 -12.55
CA ILE X 64 -10.99 -78.59 -11.39
C ILE X 64 -9.61 -78.19 -10.94
N ILE X 65 -8.66 -78.21 -11.88
CA ILE X 65 -7.29 -77.91 -11.49
C ILE X 65 -7.18 -76.45 -11.08
N ALA X 66 -7.98 -75.58 -11.69
CA ALA X 66 -8.03 -74.20 -11.24
C ALA X 66 -8.45 -74.11 -9.78
N GLU X 67 -9.36 -74.98 -9.35
CA GLU X 67 -9.80 -74.98 -7.96
C GLU X 67 -8.72 -75.55 -7.05
N ASN X 68 -8.05 -76.62 -7.48
CA ASN X 68 -7.03 -77.22 -6.65
C ASN X 68 -5.86 -76.28 -6.46
N ILE X 69 -5.47 -75.55 -7.50
CA ILE X 69 -4.37 -74.61 -7.38
C ILE X 69 -4.76 -73.47 -6.44
N TYR X 70 -5.78 -72.72 -6.81
CA TYR X 70 -6.28 -71.59 -6.02
C TYR X 70 -7.71 -71.84 -5.59
N GLU X 71 -8.03 -71.38 -4.37
CA GLU X 71 -9.39 -71.45 -3.88
C GLU X 71 -10.34 -70.67 -4.78
N GLY X 72 -9.84 -69.62 -5.44
CA GLY X 72 -10.66 -68.86 -6.35
C GLY X 72 -11.22 -69.67 -7.50
N GLY X 73 -10.57 -70.77 -7.86
CA GLY X 73 -10.95 -71.48 -9.05
C GLY X 73 -10.82 -70.56 -10.23
N LEU X 74 -11.96 -70.09 -10.73
CA LEU X 74 -12.00 -69.03 -11.71
C LEU X 74 -12.21 -67.65 -11.10
N ASN X 75 -12.60 -67.58 -9.83
CA ASN X 75 -12.79 -66.29 -9.18
C ASN X 75 -11.49 -65.57 -8.87
N SER X 76 -10.35 -66.24 -8.99
CA SER X 76 -9.10 -65.63 -8.57
C SER X 76 -8.75 -64.44 -9.45
N ASP X 77 -8.28 -63.38 -8.80
CA ASP X 77 -7.73 -62.24 -9.53
C ASP X 77 -6.52 -62.65 -10.36
N TYR X 78 -5.76 -63.63 -9.89
CA TYR X 78 -4.68 -64.19 -10.69
C TYR X 78 -5.23 -64.83 -11.95
N VAL X 79 -6.28 -65.62 -11.80
CA VAL X 79 -6.84 -66.41 -12.90
C VAL X 79 -7.79 -65.48 -13.66
N HIS X 80 -7.30 -64.94 -14.77
CA HIS X 80 -8.03 -63.98 -15.58
C HIS X 80 -8.25 -64.54 -16.97
N LEU X 81 -9.50 -64.50 -17.42
CA LEU X 81 -9.96 -65.29 -18.56
C LEU X 81 -10.27 -64.42 -19.76
N PHE X 82 -10.00 -64.97 -20.94
CA PHE X 82 -10.32 -64.36 -22.22
C PHE X 82 -11.12 -65.34 -23.06
N VAL X 83 -11.88 -64.78 -24.00
CA VAL X 83 -12.71 -65.55 -24.91
C VAL X 83 -12.57 -64.92 -26.30
N ALA X 84 -12.72 -65.75 -27.33
CA ALA X 84 -12.70 -65.24 -28.69
C ALA X 84 -13.80 -64.22 -28.91
N THR X 85 -15.05 -64.66 -28.82
CA THR X 85 -16.15 -63.86 -29.34
C THR X 85 -16.47 -62.69 -28.42
N LEU X 86 -16.55 -62.95 -27.11
CA LEU X 86 -16.92 -61.92 -26.16
C LEU X 86 -15.98 -60.73 -26.18
N HIS X 87 -14.72 -60.96 -26.40
CA HIS X 87 -13.71 -59.91 -26.43
C HIS X 87 -13.25 -59.61 -27.84
N PHE X 88 -13.02 -60.63 -28.66
CA PHE X 88 -12.31 -60.50 -29.94
C PHE X 88 -13.18 -60.96 -31.10
N PRO X 89 -14.31 -60.30 -31.33
CA PRO X 89 -15.21 -60.73 -32.41
C PRO X 89 -14.64 -60.52 -33.81
N HIS X 90 -14.20 -59.30 -34.10
CA HIS X 90 -14.01 -58.85 -35.48
C HIS X 90 -12.56 -58.82 -35.88
N ALA X 91 -12.34 -58.91 -37.19
CA ALA X 91 -11.04 -58.66 -37.80
C ALA X 91 -10.80 -57.18 -38.04
N SER X 92 -11.65 -56.30 -37.54
CA SER X 92 -11.45 -54.86 -37.69
C SER X 92 -10.48 -54.34 -36.65
N ASN X 93 -10.73 -54.66 -35.38
CA ASN X 93 -9.99 -54.12 -34.25
C ASN X 93 -8.87 -55.05 -33.81
N ILE X 94 -8.23 -55.73 -34.76
CA ILE X 94 -7.23 -56.73 -34.40
C ILE X 94 -6.11 -56.09 -33.60
N THR X 95 -5.70 -54.88 -33.99
CA THR X 95 -4.56 -54.24 -33.36
C THR X 95 -4.87 -53.87 -31.91
N LEU X 96 -6.01 -53.24 -31.69
CA LEU X 96 -6.46 -52.95 -30.34
C LEU X 96 -6.53 -54.22 -29.51
N TYR X 97 -7.00 -55.30 -30.13
CA TYR X 97 -7.09 -56.55 -29.43
C TYR X 97 -5.71 -57.06 -29.06
N LYS X 98 -4.71 -56.81 -29.90
CA LYS X 98 -3.35 -57.24 -29.59
C LYS X 98 -2.75 -56.40 -28.46
N ASP X 99 -2.94 -55.09 -28.52
CA ASP X 99 -2.34 -54.23 -27.51
C ASP X 99 -2.99 -54.46 -26.16
N GLN X 100 -4.33 -54.44 -26.13
CA GLN X 100 -5.06 -54.78 -24.91
C GLN X 100 -4.65 -56.15 -24.39
N LEU X 101 -4.41 -57.08 -25.31
CA LEU X 101 -3.98 -58.41 -24.91
C LEU X 101 -2.65 -58.33 -24.15
N GLN X 102 -1.64 -57.75 -24.80
CA GLN X 102 -0.31 -57.65 -24.19
C GLN X 102 -0.36 -56.97 -22.83
N LEU X 103 -1.16 -55.91 -22.72
CA LEU X 103 -1.17 -55.14 -21.49
C LEU X 103 -1.88 -55.89 -20.37
N TRP X 104 -3.03 -56.50 -20.67
CA TRP X 104 -3.73 -57.28 -19.66
C TRP X 104 -2.87 -58.45 -19.20
N ILE X 105 -2.13 -59.06 -20.13
CA ILE X 105 -1.14 -60.07 -19.78
C ILE X 105 -0.19 -59.51 -18.75
N ARG X 106 0.57 -58.47 -19.15
CA ARG X 106 1.61 -57.90 -18.29
C ARG X 106 1.07 -57.53 -16.93
N GLY X 107 -0.17 -57.06 -16.85
CA GLY X 107 -0.78 -56.77 -15.58
C GLY X 107 -0.87 -57.99 -14.70
N ASN X 108 -1.58 -59.03 -15.19
CA ASN X 108 -1.82 -60.18 -14.33
C ASN X 108 -0.53 -60.90 -13.99
N VAL X 109 0.35 -61.08 -14.97
CA VAL X 109 1.59 -61.81 -14.69
C VAL X 109 2.49 -60.99 -13.78
N SER X 110 2.49 -59.67 -13.94
CA SER X 110 3.28 -58.85 -13.04
C SER X 110 2.69 -58.86 -11.63
N ALA X 111 1.43 -59.25 -11.48
CA ALA X 111 0.95 -59.59 -10.14
C ALA X 111 1.64 -60.86 -9.62
N CYS X 112 1.78 -61.87 -10.47
CA CYS X 112 2.47 -63.10 -10.11
C CYS X 112 2.65 -63.95 -11.35
N ALA X 113 3.77 -64.66 -11.42
CA ALA X 113 4.04 -65.53 -12.55
C ALA X 113 3.24 -66.83 -12.48
N ARG X 114 2.62 -67.12 -11.34
CA ARG X 114 1.77 -68.29 -11.21
C ARG X 114 0.33 -68.02 -11.62
N SER X 115 0.04 -66.86 -12.18
CA SER X 115 -1.27 -66.61 -12.75
C SER X 115 -1.49 -67.53 -13.95
N ILE X 116 -2.78 -67.70 -14.29
CA ILE X 116 -3.20 -68.63 -15.33
C ILE X 116 -4.07 -67.90 -16.32
N PHE X 117 -3.86 -68.18 -17.60
CA PHE X 117 -4.71 -67.72 -18.68
C PHE X 117 -5.23 -68.93 -19.46
N ILE X 118 -6.49 -68.81 -19.91
CA ILE X 118 -7.11 -69.81 -20.76
C ILE X 118 -7.84 -69.06 -21.87
N PHE X 119 -7.87 -69.68 -23.04
CA PHE X 119 -8.69 -69.24 -24.16
C PHE X 119 -9.72 -70.31 -24.49
N ASP X 120 -10.69 -69.92 -25.31
CA ASP X 120 -11.78 -70.81 -25.68
C ASP X 120 -12.38 -70.33 -27.00
N GLU X 121 -13.06 -71.25 -27.68
CA GLU X 121 -13.72 -70.97 -28.96
C GLU X 121 -12.72 -70.45 -29.98
N MET X 122 -11.64 -71.20 -30.12
CA MET X 122 -10.50 -70.79 -30.93
C MET X 122 -10.68 -71.10 -32.41
N ASP X 123 -11.90 -71.42 -32.84
CA ASP X 123 -12.19 -71.55 -34.26
C ASP X 123 -12.50 -70.20 -34.91
N LYS X 124 -12.40 -69.10 -34.16
CA LYS X 124 -12.87 -67.78 -34.58
C LYS X 124 -11.84 -66.71 -34.30
N MET X 125 -10.59 -66.97 -34.70
CA MET X 125 -9.46 -66.11 -34.37
C MET X 125 -8.69 -65.70 -35.64
N HIS X 126 -7.64 -64.89 -35.49
CA HIS X 126 -7.00 -64.23 -36.63
C HIS X 126 -5.51 -64.06 -36.33
N ALA X 127 -4.67 -64.67 -37.18
CA ALA X 127 -3.28 -65.00 -36.83
C ALA X 127 -2.45 -63.81 -36.34
N GLY X 128 -2.88 -62.58 -36.61
CA GLY X 128 -2.27 -61.45 -35.94
C GLY X 128 -2.31 -61.61 -34.43
N LEU X 129 -3.36 -62.26 -33.93
CA LEU X 129 -3.59 -62.43 -32.51
C LEU X 129 -2.77 -63.56 -31.90
N ILE X 130 -2.03 -64.35 -32.71
CA ILE X 130 -0.88 -65.09 -32.20
C ILE X 130 0.41 -64.31 -32.39
N ASP X 131 0.47 -63.43 -33.39
CA ASP X 131 1.73 -62.74 -33.68
C ASP X 131 2.17 -61.80 -32.54
N ALA X 132 1.34 -61.61 -31.51
CA ALA X 132 1.68 -60.78 -30.36
C ALA X 132 2.10 -61.59 -29.14
N ILE X 133 2.16 -62.91 -29.23
CA ILE X 133 2.37 -63.76 -28.06
C ILE X 133 3.50 -64.77 -28.24
N LYS X 134 3.88 -65.13 -29.46
CA LYS X 134 5.00 -66.04 -29.65
C LYS X 134 6.27 -65.63 -28.91
N PRO X 135 6.64 -64.35 -28.85
CA PRO X 135 7.78 -63.98 -28.00
C PRO X 135 7.57 -64.32 -26.55
N PHE X 136 6.34 -64.21 -26.04
CA PHE X 136 6.08 -64.61 -24.66
C PHE X 136 6.34 -66.09 -24.44
N LEU X 137 6.33 -66.89 -25.51
CA LEU X 137 6.60 -68.32 -25.43
C LEU X 137 7.98 -68.67 -25.93
N ASP X 138 8.88 -67.70 -26.06
CA ASP X 138 10.28 -68.05 -26.01
C ASP X 138 10.61 -68.57 -24.62
N TYR X 139 11.50 -69.55 -24.59
CA TYR X 139 12.06 -70.07 -23.34
C TYR X 139 13.00 -69.08 -22.66
N TYR X 140 13.15 -67.86 -23.17
CA TYR X 140 13.84 -66.76 -22.52
C TYR X 140 13.57 -66.73 -21.03
N ASP X 141 14.60 -66.50 -20.23
CA ASP X 141 14.38 -66.31 -18.81
C ASP X 141 13.57 -65.07 -18.52
N LEU X 142 13.51 -64.12 -19.45
CA LEU X 142 12.71 -62.93 -19.22
C LEU X 142 12.33 -62.28 -20.54
N VAL X 143 11.44 -61.30 -20.42
CA VAL X 143 11.13 -60.34 -21.46
C VAL X 143 10.78 -59.03 -20.76
N ASP X 144 11.35 -57.93 -21.24
CA ASP X 144 11.10 -56.60 -20.67
C ASP X 144 11.41 -56.56 -19.18
N GLY X 145 12.42 -57.32 -18.77
CA GLY X 145 12.74 -57.43 -17.36
C GLY X 145 11.73 -58.22 -16.56
N VAL X 146 11.01 -59.14 -17.18
CA VAL X 146 10.02 -59.97 -16.50
C VAL X 146 10.08 -61.38 -17.05
N SER X 147 9.95 -62.38 -16.17
CA SER X 147 9.88 -63.77 -16.55
C SER X 147 8.44 -64.24 -16.61
N TYR X 148 8.16 -65.09 -17.59
CA TYR X 148 6.84 -65.65 -17.82
C TYR X 148 6.80 -67.17 -17.75
N GLN X 149 7.93 -67.82 -17.52
CA GLN X 149 8.01 -69.26 -17.68
C GLN X 149 7.33 -70.04 -16.56
N LYS X 150 6.88 -69.37 -15.50
CA LYS X 150 6.12 -70.07 -14.47
C LYS X 150 4.64 -70.15 -14.82
N ALA X 151 4.12 -69.16 -15.54
CA ALA X 151 2.72 -69.16 -15.89
C ALA X 151 2.42 -70.29 -16.86
N MET X 152 1.14 -70.46 -17.16
CA MET X 152 0.65 -71.64 -17.86
C MET X 152 -0.46 -71.21 -18.81
N PHE X 153 -0.25 -71.43 -20.10
CA PHE X 153 -1.20 -71.04 -21.14
C PHE X 153 -1.84 -72.29 -21.72
N ILE X 154 -3.17 -72.25 -21.81
CA ILE X 154 -3.99 -73.41 -22.13
C ILE X 154 -4.99 -72.99 -23.19
N PHE X 155 -5.19 -73.85 -24.19
CA PHE X 155 -6.08 -73.58 -25.29
C PHE X 155 -7.16 -74.64 -25.38
N LEU X 156 -8.17 -74.35 -26.18
CA LEU X 156 -9.32 -75.23 -26.36
C LEU X 156 -9.80 -75.14 -27.80
N SER X 157 -10.39 -76.23 -28.26
CA SER X 157 -10.96 -76.30 -29.59
C SER X 157 -11.77 -77.57 -29.70
N ASN X 158 -12.24 -77.87 -30.91
CA ASN X 158 -12.82 -79.16 -31.23
C ASN X 158 -12.39 -79.70 -32.58
N ALA X 159 -11.54 -78.98 -33.32
CA ALA X 159 -11.09 -79.45 -34.61
C ALA X 159 -10.21 -80.69 -34.44
N GLY X 160 -10.01 -81.39 -35.56
CA GLY X 160 -9.31 -82.65 -35.50
C GLY X 160 -10.10 -83.77 -34.84
N ALA X 161 -11.37 -83.54 -34.52
CA ALA X 161 -12.17 -84.58 -33.89
C ALA X 161 -12.32 -85.80 -34.80
N GLU X 162 -12.32 -85.59 -36.11
CA GLU X 162 -12.59 -86.70 -37.03
C GLU X 162 -11.54 -87.79 -36.90
N ARG X 163 -10.30 -87.41 -36.60
CA ARG X 163 -9.24 -88.40 -36.42
C ARG X 163 -9.44 -89.21 -35.16
N ILE X 164 -9.76 -88.56 -34.05
CA ILE X 164 -9.94 -89.33 -32.83
C ILE X 164 -11.18 -90.21 -32.95
N THR X 165 -12.17 -89.80 -33.74
CA THR X 165 -13.32 -90.64 -33.99
C THR X 165 -12.94 -91.88 -34.79
N ASP X 166 -12.45 -91.69 -36.02
CA ASP X 166 -12.24 -92.83 -36.89
C ASP X 166 -11.16 -93.76 -36.33
N VAL X 167 -10.23 -93.22 -35.54
CA VAL X 167 -9.29 -94.08 -34.81
C VAL X 167 -10.03 -94.84 -33.71
N ALA X 168 -10.95 -94.16 -33.01
CA ALA X 168 -11.67 -94.81 -31.93
C ALA X 168 -12.44 -96.01 -32.43
N LEU X 169 -13.14 -95.86 -33.55
CA LEU X 169 -13.77 -97.03 -34.15
C LEU X 169 -12.76 -97.96 -34.79
N ASP X 170 -11.56 -97.48 -35.12
CA ASP X 170 -10.57 -98.39 -35.67
C ASP X 170 -10.20 -99.44 -34.64
N PHE X 171 -9.61 -99.01 -33.53
CA PHE X 171 -9.21 -99.96 -32.52
C PHE X 171 -10.42 -100.62 -31.87
N TRP X 172 -11.53 -99.89 -31.72
CA TRP X 172 -12.70 -100.52 -31.13
C TRP X 172 -13.27 -101.59 -32.04
N ARG X 173 -13.23 -101.35 -33.35
CA ARG X 173 -13.55 -102.38 -34.33
C ARG X 173 -12.59 -103.55 -34.24
N SER X 174 -11.37 -103.33 -33.76
CA SER X 174 -10.43 -104.42 -33.53
C SER X 174 -10.73 -105.30 -32.30
N GLY X 175 -11.89 -105.18 -31.67
CA GLY X 175 -12.19 -105.93 -30.47
C GLY X 175 -11.36 -105.45 -29.30
N LYS X 176 -11.64 -104.22 -28.85
CA LYS X 176 -10.72 -103.49 -28.00
C LYS X 176 -11.34 -102.23 -27.41
N GLN X 177 -10.85 -101.83 -26.24
CA GLN X 177 -11.28 -100.60 -25.58
C GLN X 177 -10.16 -99.58 -25.61
N ARG X 178 -10.52 -98.29 -25.53
CA ARG X 178 -9.49 -97.26 -25.64
C ARG X 178 -8.56 -97.22 -24.44
N GLU X 179 -8.89 -97.90 -23.34
CA GLU X 179 -7.88 -98.23 -22.34
C GLU X 179 -6.69 -98.92 -22.99
N ASP X 180 -6.97 -99.83 -23.91
CA ASP X 180 -5.91 -100.53 -24.62
C ASP X 180 -5.34 -99.70 -25.76
N ILE X 181 -6.09 -98.72 -26.28
CA ILE X 181 -5.46 -97.71 -27.10
C ILE X 181 -4.45 -97.00 -26.21
N LYS X 182 -3.29 -96.71 -26.78
CA LYS X 182 -2.22 -96.05 -26.07
C LYS X 182 -2.31 -94.55 -26.24
N LEU X 183 -1.52 -93.84 -25.44
CA LEU X 183 -1.48 -92.40 -25.59
C LEU X 183 -0.98 -92.03 -26.97
N LYS X 184 0.12 -92.64 -27.39
CA LYS X 184 0.60 -92.44 -28.75
C LYS X 184 -0.50 -92.82 -29.72
N ASP X 185 -0.86 -91.86 -30.56
CA ASP X 185 -1.71 -92.11 -31.70
C ASP X 185 -1.19 -91.17 -32.78
N ILE X 186 -1.90 -91.00 -33.88
CA ILE X 186 -1.22 -90.48 -35.06
C ILE X 186 -1.06 -88.97 -34.90
N GLU X 187 0.03 -88.57 -34.24
CA GLU X 187 0.28 -87.15 -34.04
C GLU X 187 0.68 -86.46 -35.34
N HIS X 188 0.98 -87.23 -36.38
CA HIS X 188 1.16 -86.65 -37.70
C HIS X 188 -0.14 -86.06 -38.22
N ALA X 189 -1.22 -86.85 -38.21
CA ALA X 189 -2.50 -86.31 -38.67
C ALA X 189 -2.99 -85.21 -37.74
N LEU X 190 -2.67 -85.31 -36.45
CA LEU X 190 -2.92 -84.18 -35.56
C LEU X 190 -2.15 -82.95 -36.01
N SER X 191 -0.91 -83.12 -36.46
CA SER X 191 -0.18 -81.99 -37.00
C SER X 191 -0.84 -81.47 -38.26
N VAL X 192 -1.49 -82.33 -39.04
CA VAL X 192 -2.18 -81.89 -40.24
C VAL X 192 -3.38 -81.02 -39.86
N SER X 193 -4.23 -81.52 -38.96
CA SER X 193 -5.32 -80.72 -38.41
C SER X 193 -4.79 -79.42 -37.82
N VAL X 194 -3.59 -79.47 -37.25
CA VAL X 194 -2.95 -78.31 -36.67
C VAL X 194 -2.12 -77.54 -37.70
N PHE X 195 -1.76 -78.18 -38.82
CA PHE X 195 -1.32 -77.46 -40.01
C PHE X 195 -2.48 -77.05 -40.90
N ASN X 196 -3.69 -77.47 -40.58
CA ASN X 196 -4.83 -77.34 -41.48
C ASN X 196 -5.10 -75.87 -41.76
N ASN X 197 -4.77 -75.41 -42.97
CA ASN X 197 -4.78 -73.99 -43.29
C ASN X 197 -6.16 -73.33 -43.18
N LYS X 198 -7.20 -74.08 -42.84
CA LYS X 198 -8.36 -73.51 -42.18
C LYS X 198 -7.91 -72.63 -41.02
N ASN X 199 -8.65 -71.55 -40.77
CA ASN X 199 -8.25 -70.57 -39.76
C ASN X 199 -8.10 -71.23 -38.39
N SER X 200 -8.97 -72.19 -38.07
CA SER X 200 -8.82 -72.97 -36.84
C SER X 200 -7.46 -73.66 -36.79
N GLY X 201 -7.16 -74.44 -37.82
CA GLY X 201 -5.88 -75.13 -37.87
C GLY X 201 -4.74 -74.28 -38.37
N PHE X 202 -5.05 -73.13 -38.98
CA PHE X 202 -3.98 -72.26 -39.49
C PHE X 202 -3.39 -71.43 -38.37
N TRP X 203 -4.26 -70.92 -37.50
CA TRP X 203 -3.89 -70.36 -36.21
C TRP X 203 -2.84 -71.23 -35.52
N HIS X 204 -3.21 -72.47 -35.24
CA HIS X 204 -2.30 -73.38 -34.59
C HIS X 204 -1.20 -73.89 -35.53
N SER X 205 -1.31 -73.64 -36.85
CA SER X 205 -0.20 -73.91 -37.77
C SER X 205 0.93 -72.93 -37.56
N SER X 206 0.58 -71.66 -37.52
CA SER X 206 1.59 -70.65 -37.28
C SER X 206 2.09 -70.68 -35.84
N LEU X 207 1.28 -71.21 -34.89
CA LEU X 207 1.81 -71.48 -33.56
C LEU X 207 2.77 -72.67 -33.56
N ILE X 208 2.42 -73.73 -34.30
CA ILE X 208 3.26 -74.93 -34.37
C ILE X 208 4.43 -74.69 -35.32
N ASP X 209 4.60 -73.47 -35.82
CA ASP X 209 5.85 -73.10 -36.48
C ASP X 209 7.09 -73.53 -35.69
N ARG X 210 7.00 -73.63 -34.36
CA ARG X 210 8.12 -74.02 -33.51
C ARG X 210 7.76 -75.09 -32.47
N ASN X 211 6.65 -75.80 -32.65
CA ASN X 211 5.99 -76.58 -31.57
C ASN X 211 6.09 -75.84 -30.25
N LEU X 212 5.60 -74.62 -30.19
CA LEU X 212 5.54 -73.99 -28.89
C LEU X 212 4.59 -74.72 -27.94
N ILE X 213 3.68 -75.54 -28.47
CA ILE X 213 2.87 -76.43 -27.67
C ILE X 213 3.77 -77.42 -26.95
N ASP X 214 3.36 -77.79 -25.73
CA ASP X 214 3.98 -78.92 -25.05
C ASP X 214 3.39 -80.23 -25.53
N TYR X 215 2.11 -80.47 -25.24
CA TYR X 215 1.50 -81.80 -25.38
C TYR X 215 0.15 -81.64 -26.07
N PHE X 216 -0.01 -82.27 -27.23
CA PHE X 216 -1.34 -82.47 -27.78
C PHE X 216 -2.11 -83.48 -26.93
N VAL X 217 -3.36 -83.17 -26.65
CA VAL X 217 -4.18 -83.98 -25.75
C VAL X 217 -5.61 -83.98 -26.26
N PRO X 218 -6.04 -84.98 -27.02
CA PRO X 218 -7.46 -85.11 -27.32
C PRO X 218 -8.21 -85.86 -26.22
N PHE X 219 -9.46 -85.47 -26.07
CA PHE X 219 -10.45 -86.23 -25.32
C PHE X 219 -11.25 -87.10 -26.28
N LEU X 220 -12.16 -87.91 -25.72
CA LEU X 220 -12.96 -88.83 -26.53
C LEU X 220 -14.41 -88.90 -26.11
N PRO X 221 -15.32 -89.34 -26.99
CA PRO X 221 -16.75 -89.43 -26.61
C PRO X 221 -16.96 -90.26 -25.36
N LEU X 222 -17.56 -89.64 -24.36
CA LEU X 222 -17.82 -90.33 -23.11
C LEU X 222 -18.80 -91.46 -23.38
N GLU X 223 -18.28 -92.67 -23.42
CA GLU X 223 -19.04 -93.85 -23.81
C GLU X 223 -20.22 -94.03 -22.85
N TYR X 224 -21.26 -94.72 -23.33
CA TYR X 224 -22.51 -94.85 -22.58
C TYR X 224 -22.29 -95.42 -21.19
N LYS X 225 -21.22 -96.17 -20.99
CA LYS X 225 -20.81 -96.47 -19.64
C LYS X 225 -20.60 -95.18 -18.86
N HIS X 226 -19.93 -94.19 -19.46
CA HIS X 226 -19.72 -92.92 -18.77
C HIS X 226 -21.03 -92.19 -18.55
N LEU X 227 -21.96 -92.30 -19.49
CA LEU X 227 -23.30 -91.80 -19.23
C LEU X 227 -23.81 -92.38 -17.93
N LYS X 228 -23.92 -93.71 -17.87
CA LYS X 228 -24.39 -94.38 -16.68
C LYS X 228 -23.60 -94.01 -15.43
N MET X 229 -22.31 -93.69 -15.58
CA MET X 229 -21.53 -93.24 -14.43
C MET X 229 -22.00 -91.88 -13.96
N CYS X 230 -22.11 -90.91 -14.87
CA CYS X 230 -22.60 -89.58 -14.51
C CYS X 230 -24.11 -89.51 -14.44
N ILE X 231 -24.78 -90.66 -14.44
CA ILE X 231 -26.18 -90.77 -14.07
C ILE X 231 -26.31 -91.30 -12.65
N ARG X 232 -25.68 -92.45 -12.39
CA ARG X 232 -25.68 -93.03 -11.06
C ARG X 232 -25.01 -92.10 -10.07
N VAL X 233 -23.77 -91.70 -10.36
CA VAL X 233 -22.98 -90.88 -9.44
C VAL X 233 -23.66 -89.55 -9.20
N GLU X 234 -24.15 -88.92 -10.26
CA GLU X 234 -24.74 -87.60 -10.10
C GLU X 234 -26.07 -87.68 -9.36
N MET X 235 -27.00 -88.51 -9.85
CA MET X 235 -28.33 -88.54 -9.27
C MET X 235 -28.32 -89.10 -7.85
N GLN X 236 -27.43 -90.04 -7.57
CA GLN X 236 -27.21 -90.45 -6.19
C GLN X 236 -26.52 -89.36 -5.38
N SER X 237 -25.74 -88.49 -6.03
CA SER X 237 -25.13 -87.37 -5.34
C SER X 237 -26.13 -86.25 -5.09
N ARG X 238 -27.20 -86.18 -5.87
CA ARG X 238 -28.17 -85.10 -5.79
C ARG X 238 -29.41 -85.44 -4.97
N GLY X 239 -29.44 -86.60 -4.31
CA GLY X 239 -30.65 -87.00 -3.61
C GLY X 239 -31.84 -87.15 -4.53
N TYR X 240 -31.59 -87.58 -5.76
CA TYR X 240 -32.58 -87.53 -6.84
C TYR X 240 -33.55 -88.70 -6.81
N GLU X 241 -33.21 -89.78 -6.10
CA GLU X 241 -34.02 -90.99 -6.06
C GLU X 241 -34.16 -91.59 -7.46
N ILE X 242 -33.01 -91.87 -8.06
CA ILE X 242 -32.95 -92.62 -9.31
C ILE X 242 -33.06 -94.11 -9.02
N ASP X 243 -33.49 -94.87 -10.02
CA ASP X 243 -33.61 -96.32 -9.92
C ASP X 243 -33.14 -96.95 -11.22
N GLU X 244 -33.43 -98.24 -11.43
CA GLU X 244 -32.86 -98.95 -12.57
C GLU X 244 -33.47 -98.46 -13.89
N ASP X 245 -34.80 -98.35 -13.95
CA ASP X 245 -35.48 -98.06 -15.21
C ASP X 245 -34.97 -96.78 -15.84
N ILE X 246 -34.70 -95.77 -15.01
CA ILE X 246 -34.13 -94.51 -15.46
C ILE X 246 -32.83 -94.75 -16.22
N VAL X 247 -32.08 -95.79 -15.83
CA VAL X 247 -30.81 -96.13 -16.45
C VAL X 247 -30.96 -97.23 -17.50
N SER X 248 -32.16 -97.77 -17.68
CA SER X 248 -32.51 -98.36 -18.96
C SER X 248 -32.73 -97.25 -19.99
N ARG X 249 -33.30 -96.14 -19.54
CA ARG X 249 -33.66 -95.07 -20.46
C ARG X 249 -32.46 -94.25 -20.93
N VAL X 250 -31.26 -94.48 -20.37
CA VAL X 250 -30.08 -93.79 -20.90
C VAL X 250 -29.87 -94.17 -22.35
N ALA X 251 -30.09 -95.43 -22.70
CA ALA X 251 -29.91 -95.94 -24.04
C ALA X 251 -31.22 -96.21 -24.76
N GLU X 252 -32.29 -96.51 -24.04
CA GLU X 252 -33.58 -96.66 -24.73
C GLU X 252 -34.08 -95.35 -25.32
N GLU X 253 -33.60 -94.22 -24.82
CA GLU X 253 -34.11 -92.90 -25.17
C GLU X 253 -32.96 -91.92 -25.43
N MET X 254 -31.99 -92.35 -26.23
CA MET X 254 -30.86 -91.50 -26.58
C MET X 254 -30.30 -91.92 -27.93
N THR X 255 -29.65 -90.99 -28.60
CA THR X 255 -28.96 -91.23 -29.86
C THR X 255 -27.46 -91.34 -29.62
N PHE X 256 -26.85 -92.33 -30.23
CA PHE X 256 -25.40 -92.53 -30.24
C PHE X 256 -24.91 -92.51 -31.68
N PHE X 257 -23.59 -92.58 -31.84
CA PHE X 257 -22.93 -92.44 -33.13
C PHE X 257 -22.04 -93.66 -33.39
N PRO X 258 -22.02 -94.22 -34.61
CA PRO X 258 -22.92 -93.99 -35.74
C PRO X 258 -24.26 -94.62 -35.45
N LYS X 259 -25.26 -94.38 -36.30
CA LYS X 259 -26.49 -95.14 -36.19
C LYS X 259 -26.25 -96.63 -36.32
N GLU X 260 -25.42 -97.04 -37.26
CA GLU X 260 -25.32 -98.45 -37.60
C GLU X 260 -24.73 -99.27 -36.47
N GLU X 261 -24.23 -98.63 -35.41
CA GLU X 261 -23.74 -99.31 -34.23
C GLU X 261 -24.33 -98.71 -32.96
N ARG X 262 -24.64 -97.41 -32.96
CA ARG X 262 -25.18 -96.71 -31.79
C ARG X 262 -24.24 -96.84 -30.59
N VAL X 263 -23.08 -96.22 -30.72
CA VAL X 263 -22.00 -96.40 -29.75
C VAL X 263 -21.55 -95.08 -29.16
N PHE X 264 -20.95 -94.23 -29.98
CA PHE X 264 -20.38 -93.00 -29.49
C PHE X 264 -21.47 -92.00 -29.17
N SER X 265 -21.34 -91.36 -28.01
CA SER X 265 -22.37 -90.48 -27.50
C SER X 265 -22.46 -89.24 -28.38
N ASP X 266 -23.35 -88.32 -27.99
CA ASP X 266 -23.48 -87.02 -28.63
C ASP X 266 -23.10 -85.94 -27.63
N LYS X 267 -23.16 -86.23 -26.34
CA LYS X 267 -22.81 -85.25 -25.32
C LYS X 267 -22.01 -85.81 -24.16
N GLY X 268 -22.00 -87.12 -23.96
CA GLY X 268 -21.49 -87.60 -22.70
C GLY X 268 -22.30 -87.05 -21.55
N CYS X 269 -21.62 -86.38 -20.64
CA CYS X 269 -22.19 -85.99 -19.35
C CYS X 269 -22.55 -84.51 -19.31
N LYS X 270 -22.88 -83.94 -20.46
CA LYS X 270 -23.26 -82.54 -20.58
C LYS X 270 -24.76 -82.33 -20.49
N THR X 271 -25.51 -82.92 -21.42
CA THR X 271 -26.97 -82.91 -21.39
C THR X 271 -27.54 -84.04 -20.57
N VAL X 272 -26.70 -84.76 -19.83
CA VAL X 272 -27.16 -85.99 -19.19
C VAL X 272 -28.22 -85.67 -18.14
N PHE X 273 -27.97 -84.70 -17.27
CA PHE X 273 -28.84 -84.51 -16.11
C PHE X 273 -30.17 -83.87 -16.47
N THR X 274 -30.23 -83.14 -17.60
CA THR X 274 -31.50 -82.60 -18.06
C THR X 274 -32.42 -83.71 -18.54
N LYS X 275 -31.89 -84.58 -19.39
CA LYS X 275 -32.62 -85.77 -19.81
C LYS X 275 -32.98 -86.65 -18.63
N LEU X 276 -32.11 -86.70 -17.62
CA LEU X 276 -32.48 -87.40 -16.40
C LEU X 276 -33.61 -86.71 -15.68
N ASP X 277 -33.70 -85.38 -15.75
CA ASP X 277 -34.89 -84.73 -15.22
C ASP X 277 -36.13 -85.11 -16.02
N TYR X 278 -35.97 -85.40 -17.32
CA TYR X 278 -37.10 -86.01 -18.01
C TYR X 278 -37.41 -87.38 -17.42
N TYR X 279 -36.40 -88.12 -17.01
CA TYR X 279 -36.68 -89.45 -16.49
C TYR X 279 -37.24 -89.38 -15.07
N TYR X 280 -37.05 -88.26 -14.37
CA TYR X 280 -37.95 -87.94 -13.26
C TYR X 280 -39.35 -87.77 -13.78
N ASP X 281 -39.48 -87.08 -14.91
CA ASP X 281 -40.78 -86.96 -15.55
C ASP X 281 -41.20 -88.28 -16.19
N ASP X 282 -40.22 -89.13 -16.52
CA ASP X 282 -40.44 -90.53 -16.92
C ASP X 282 -41.49 -90.69 -18.01
N GLY Y 1 -28.36 30.95 96.37
CA GLY Y 1 -27.89 30.20 95.17
C GLY Y 1 -26.41 29.90 95.22
N GLN Y 2 -25.58 30.95 95.14
CA GLN Y 2 -24.13 30.77 95.21
C GLN Y 2 -23.71 30.21 96.56
N LYS Y 3 -24.49 30.48 97.60
CA LYS Y 3 -24.29 29.88 98.92
C LYS Y 3 -25.14 28.64 99.12
N ARG Y 4 -25.54 27.97 98.03
CA ARG Y 4 -26.35 26.76 98.09
C ARG Y 4 -25.67 25.68 97.27
N SER Y 5 -25.36 24.56 97.92
CA SER Y 5 -25.03 23.35 97.18
C SER Y 5 -26.31 22.77 96.61
N LEU Y 6 -26.32 22.54 95.31
CA LEU Y 6 -27.56 22.25 94.59
C LEU Y 6 -28.12 20.92 95.03
N SER Y 7 -29.29 20.96 95.66
CA SER Y 7 -30.02 19.75 95.97
C SER Y 7 -30.67 19.20 94.72
N ARG Y 8 -30.94 17.89 94.74
CA ARG Y 8 -31.48 17.21 93.58
C ARG Y 8 -32.84 17.75 93.20
N GLU Y 9 -33.65 18.06 94.22
CA GLU Y 9 -35.03 18.51 93.99
C GLU Y 9 -35.05 19.78 93.17
N ALA Y 10 -34.16 20.73 93.47
CA ALA Y 10 -34.19 22.00 92.76
C ALA Y 10 -33.95 21.82 91.27
N LEU Y 11 -33.05 20.90 90.91
CA LEU Y 11 -32.64 20.78 89.52
C LEU Y 11 -33.62 19.92 88.73
N GLN Y 12 -34.07 18.80 89.31
CA GLN Y 12 -35.10 18.03 88.63
C GLN Y 12 -36.37 18.86 88.52
N LYS Y 13 -36.64 19.68 89.52
CA LYS Y 13 -37.76 20.61 89.46
C LYS Y 13 -37.60 21.57 88.28
N ASP Y 14 -36.45 22.23 88.20
CA ASP Y 14 -36.24 23.24 87.16
C ASP Y 14 -36.35 22.62 85.77
N LEU Y 15 -35.65 21.52 85.54
CA LEU Y 15 -35.64 20.90 84.22
C LEU Y 15 -37.03 20.37 83.89
N ASP Y 16 -37.70 19.73 84.84
CA ASP Y 16 -39.05 19.25 84.60
C ASP Y 16 -40.02 20.39 84.37
N ASP Y 17 -39.69 21.60 84.85
CA ASP Y 17 -40.54 22.75 84.57
C ASP Y 17 -40.34 23.22 83.14
N ASN Y 18 -39.09 23.48 82.76
CA ASN Y 18 -38.80 24.20 81.53
C ASN Y 18 -38.26 23.34 80.41
N LEU Y 19 -37.50 22.30 80.73
CA LEU Y 19 -36.92 21.45 79.69
C LEU Y 19 -37.97 20.50 79.16
N PHE Y 20 -38.05 20.43 77.84
CA PHE Y 20 -39.01 19.60 77.13
C PHE Y 20 -38.32 18.37 76.55
N GLY Y 21 -38.78 17.20 76.96
CA GLY Y 21 -38.10 15.98 76.59
C GLY Y 21 -36.74 15.88 77.24
N GLN Y 22 -35.82 15.25 76.51
CA GLN Y 22 -34.43 15.16 76.93
C GLN Y 22 -34.32 14.47 78.29
N HIS Y 23 -35.08 13.39 78.44
CA HIS Y 23 -35.02 12.56 79.65
C HIS Y 23 -33.59 12.16 79.96
N LEU Y 24 -32.81 11.84 78.91
CA LEU Y 24 -31.41 11.48 79.08
C LEU Y 24 -30.67 12.59 79.80
N ALA Y 25 -30.94 13.83 79.42
CA ALA Y 25 -30.14 14.93 79.93
C ALA Y 25 -30.50 15.21 81.37
N LYS Y 26 -31.76 15.00 81.72
CA LYS Y 26 -32.19 15.17 83.11
C LYS Y 26 -31.53 14.12 83.99
N LYS Y 27 -31.55 12.86 83.55
CA LYS Y 27 -30.90 11.79 84.33
C LYS Y 27 -29.42 12.08 84.50
N ILE Y 28 -28.72 12.24 83.37
CA ILE Y 28 -27.28 12.48 83.37
C ILE Y 28 -26.94 13.64 84.26
N ILE Y 29 -27.44 14.82 83.89
CA ILE Y 29 -27.04 16.05 84.55
C ILE Y 29 -27.34 15.95 86.02
N LEU Y 30 -28.60 15.63 86.34
CA LEU Y 30 -29.05 15.64 87.73
C LEU Y 30 -28.16 14.77 88.61
N ASN Y 31 -28.03 13.49 88.27
CA ASN Y 31 -27.26 12.61 89.15
C ASN Y 31 -25.77 12.94 89.08
N ALA Y 32 -25.29 13.33 87.91
CA ALA Y 32 -23.87 13.56 87.71
C ALA Y 32 -23.38 14.73 88.55
N VAL Y 33 -23.98 15.91 88.37
CA VAL Y 33 -23.55 17.04 89.18
C VAL Y 33 -23.91 16.81 90.63
N PHE Y 34 -25.09 16.25 90.89
CA PHE Y 34 -25.53 16.09 92.28
C PHE Y 34 -24.58 15.19 93.07
N GLY Y 35 -23.90 14.27 92.40
CA GLY Y 35 -22.84 13.53 93.02
C GLY Y 35 -21.56 14.35 93.04
N PHE Y 36 -21.32 15.09 91.96
CA PHE Y 36 -20.07 15.84 91.83
C PHE Y 36 -20.02 17.00 92.81
N ILE Y 37 -21.02 17.87 92.77
CA ILE Y 37 -20.97 19.09 93.58
C ILE Y 37 -20.99 18.76 95.05
N ASN Y 38 -21.71 17.72 95.45
CA ASN Y 38 -21.71 17.27 96.82
C ASN Y 38 -20.42 16.56 97.21
N ASN Y 39 -19.61 16.14 96.24
CA ASN Y 39 -18.36 15.48 96.55
C ASN Y 39 -17.32 16.53 96.95
N PRO Y 40 -16.78 16.50 98.17
CA PRO Y 40 -15.64 17.38 98.47
C PRO Y 40 -14.34 16.93 97.86
N LYS Y 41 -14.29 15.74 97.25
CA LYS Y 41 -13.07 15.20 96.65
C LYS Y 41 -13.44 14.60 95.30
N PRO Y 42 -13.64 15.45 94.29
CA PRO Y 42 -14.01 14.90 92.97
C PRO Y 42 -12.92 14.08 92.33
N LYS Y 43 -11.65 14.34 92.65
CA LYS Y 43 -10.44 13.76 92.08
C LYS Y 43 -10.13 14.33 90.69
N LYS Y 44 -11.05 15.06 90.08
CA LYS Y 44 -10.87 15.60 88.74
C LYS Y 44 -11.85 16.74 88.57
N PRO Y 45 -11.60 17.66 87.68
CA PRO Y 45 -12.66 18.59 87.29
C PRO Y 45 -13.69 17.88 86.44
N LEU Y 46 -14.78 18.57 86.11
CA LEU Y 46 -15.88 18.00 85.35
C LEU Y 46 -15.61 18.26 83.88
N THR Y 47 -15.45 17.17 83.13
CA THR Y 47 -15.08 17.23 81.73
C THR Y 47 -16.28 16.78 80.91
N LEU Y 48 -17.13 17.74 80.59
CA LEU Y 48 -18.37 17.45 79.88
C LEU Y 48 -18.21 17.66 78.39
N SER Y 49 -18.90 16.84 77.61
CA SER Y 49 -18.88 16.90 76.16
C SER Y 49 -20.32 17.03 75.68
N LEU Y 50 -20.51 17.86 74.66
CA LEU Y 50 -21.81 18.01 74.03
C LEU Y 50 -21.64 18.21 72.52
N HIS Y 51 -22.51 17.55 71.78
CA HIS Y 51 -22.62 17.70 70.35
C HIS Y 51 -24.01 17.26 69.95
N GLY Y 52 -24.33 17.36 68.66
CA GLY Y 52 -25.64 17.04 68.16
C GLY Y 52 -26.29 18.15 67.37
N TRP Y 53 -27.61 18.28 67.54
CA TRP Y 53 -28.39 19.26 66.80
C TRP Y 53 -28.74 20.46 67.68
N THR Y 54 -28.88 21.63 67.05
CA THR Y 54 -29.11 22.85 67.81
C THR Y 54 -30.54 22.98 68.28
N GLY Y 55 -30.76 24.08 69.01
CA GLY Y 55 -32.07 24.43 69.44
C GLY Y 55 -32.73 23.45 70.36
N THR Y 56 -31.97 22.46 70.84
CA THR Y 56 -32.38 21.46 71.78
C THR Y 56 -32.05 21.88 73.19
N GLY Y 57 -31.19 22.86 73.33
CA GLY Y 57 -31.01 23.58 74.56
C GLY Y 57 -29.64 23.53 75.17
N LYS Y 58 -28.58 23.43 74.37
CA LYS Y 58 -27.24 23.36 74.96
C LYS Y 58 -26.91 24.62 75.73
N ASN Y 59 -26.87 25.76 75.03
CA ASN Y 59 -26.61 27.01 75.71
C ASN Y 59 -27.75 27.35 76.67
N PHE Y 60 -28.96 26.88 76.35
CA PHE Y 60 -30.09 26.94 77.27
C PHE Y 60 -29.76 26.24 78.59
N VAL Y 61 -29.43 24.94 78.56
CA VAL Y 61 -29.24 24.22 79.83
C VAL Y 61 -28.02 24.73 80.57
N SER Y 62 -26.95 25.05 79.84
CA SER Y 62 -25.77 25.59 80.48
C SER Y 62 -26.11 26.89 81.20
N LYS Y 63 -26.92 27.73 80.54
CA LYS Y 63 -27.41 28.94 81.19
C LYS Y 63 -28.18 28.61 82.45
N ILE Y 64 -29.07 27.60 82.39
CA ILE Y 64 -29.95 27.31 83.51
C ILE Y 64 -29.11 26.92 84.72
N ILE Y 65 -28.24 25.94 84.54
CA ILE Y 65 -27.46 25.48 85.70
C ILE Y 65 -26.51 26.58 86.16
N ALA Y 66 -26.03 27.40 85.24
CA ALA Y 66 -25.23 28.55 85.63
C ALA Y 66 -26.03 29.46 86.55
N GLU Y 67 -27.33 29.60 86.30
CA GLU Y 67 -28.15 30.45 87.15
C GLU Y 67 -28.41 29.79 88.50
N ASN Y 68 -28.67 28.48 88.49
CA ASN Y 68 -28.93 27.78 89.75
C ASN Y 68 -27.70 27.80 90.65
N ILE Y 69 -26.52 27.62 90.08
CA ILE Y 69 -25.30 27.65 90.89
C ILE Y 69 -25.09 29.04 91.45
N TYR Y 70 -24.90 30.04 90.58
CA TYR Y 70 -24.68 31.42 90.98
C TYR Y 70 -25.81 32.30 90.45
N GLU Y 71 -26.16 33.30 91.25
CA GLU Y 71 -27.14 34.29 90.83
C GLU Y 71 -26.67 35.02 89.58
N GLY Y 72 -25.36 35.16 89.40
CA GLY Y 72 -24.83 35.79 88.21
C GLY Y 72 -25.22 35.10 86.92
N GLY Y 73 -25.52 33.82 86.98
CA GLY Y 73 -25.72 33.07 85.76
C GLY Y 73 -24.47 33.13 84.93
N LEU Y 74 -24.50 33.94 83.88
CA LEU Y 74 -23.31 34.27 83.12
C LEU Y 74 -22.68 35.59 83.55
N ASN Y 75 -23.39 36.41 84.33
CA ASN Y 75 -22.83 37.67 84.81
C ASN Y 75 -21.74 37.48 85.86
N SER Y 76 -21.60 36.29 86.43
CA SER Y 76 -20.68 36.12 87.54
C SER Y 76 -19.24 36.34 87.10
N ASP Y 77 -18.50 37.05 87.95
CA ASP Y 77 -17.06 37.19 87.75
C ASP Y 77 -16.37 35.84 87.79
N TYR Y 78 -16.89 34.91 88.58
CA TYR Y 78 -16.39 33.54 88.55
C TYR Y 78 -16.60 32.91 87.19
N VAL Y 79 -17.79 33.09 86.62
CA VAL Y 79 -18.18 32.43 85.39
C VAL Y 79 -17.66 33.32 84.26
N HIS Y 80 -16.53 32.93 83.69
CA HIS Y 80 -15.85 33.69 82.66
C HIS Y 80 -15.77 32.87 81.38
N LEU Y 81 -16.20 33.47 80.27
CA LEU Y 81 -16.52 32.74 79.05
C LEU Y 81 -15.53 33.03 77.94
N PHE Y 82 -15.27 32.00 77.14
CA PHE Y 82 -14.44 32.08 75.95
C PHE Y 82 -15.21 31.56 74.76
N VAL Y 83 -14.78 31.99 73.57
CA VAL Y 83 -15.38 31.60 72.31
C VAL Y 83 -14.26 31.38 71.32
N ALA Y 84 -14.49 30.48 70.36
CA ALA Y 84 -13.51 30.24 69.31
C ALA Y 84 -13.24 31.52 68.52
N THR Y 85 -14.26 32.01 67.82
CA THR Y 85 -14.02 33.02 66.79
C THR Y 85 -13.74 34.38 67.40
N LEU Y 86 -14.53 34.79 68.38
CA LEU Y 86 -14.37 36.11 68.97
C LEU Y 86 -13.01 36.34 69.57
N HIS Y 87 -12.42 35.33 70.15
CA HIS Y 87 -11.11 35.41 70.76
C HIS Y 87 -10.03 34.76 69.93
N PHE Y 88 -10.31 33.58 69.36
CA PHE Y 88 -9.28 32.71 68.78
C PHE Y 88 -9.57 32.45 67.30
N PRO Y 89 -9.58 33.49 66.47
CA PRO Y 89 -9.88 33.30 65.05
C PRO Y 89 -8.83 32.51 64.28
N HIS Y 90 -7.58 32.94 64.37
CA HIS Y 90 -6.56 32.57 63.40
C HIS Y 90 -5.59 31.54 63.95
N ALA Y 91 -4.98 30.80 63.03
CA ALA Y 91 -3.86 29.94 63.34
C ALA Y 91 -2.53 30.69 63.37
N SER Y 92 -2.56 32.02 63.30
CA SER Y 92 -1.34 32.80 63.36
C SER Y 92 -0.89 33.00 64.81
N ASN Y 93 -1.81 33.46 65.66
CA ASN Y 93 -1.51 33.85 67.02
C ASN Y 93 -1.80 32.73 68.00
N ILE Y 94 -1.57 31.48 67.60
CA ILE Y 94 -1.92 30.34 68.44
C ILE Y 94 -1.21 30.42 69.78
N THR Y 95 0.05 30.84 69.77
CA THR Y 95 0.84 30.84 70.99
C THR Y 95 0.32 31.86 71.97
N LEU Y 96 0.09 33.09 71.49
CA LEU Y 96 -0.51 34.12 72.33
C LEU Y 96 -1.84 33.64 72.88
N TYR Y 97 -2.61 32.94 72.05
CA TYR Y 97 -3.89 32.43 72.50
C TYR Y 97 -3.70 31.40 73.60
N LYS Y 98 -2.62 30.62 73.54
CA LYS Y 98 -2.37 29.63 74.58
C LYS Y 98 -1.93 30.29 75.88
N ASP Y 99 -1.04 31.28 75.78
CA ASP Y 99 -0.53 31.92 76.99
C ASP Y 99 -1.63 32.72 77.67
N GLN Y 100 -2.34 33.55 76.90
CA GLN Y 100 -3.50 34.27 77.41
C GLN Y 100 -4.51 33.32 78.01
N LEU Y 101 -4.68 32.16 77.37
CA LEU Y 101 -5.60 31.16 77.89
C LEU Y 101 -5.17 30.72 79.28
N GLN Y 102 -3.93 30.23 79.40
CA GLN Y 102 -3.43 29.74 80.68
C GLN Y 102 -3.55 30.79 81.77
N LEU Y 103 -3.24 32.05 81.44
CA LEU Y 103 -3.23 33.08 82.47
C LEU Y 103 -4.63 33.46 82.89
N TRP Y 104 -5.54 33.63 81.93
CA TRP Y 104 -6.93 33.94 82.28
C TRP Y 104 -7.53 32.81 83.11
N ILE Y 105 -7.18 31.56 82.78
CA ILE Y 105 -7.56 30.42 83.61
C ILE Y 105 -7.09 30.66 85.03
N ARG Y 106 -5.77 30.73 85.22
CA ARG Y 106 -5.18 30.84 86.55
C ARG Y 106 -5.79 31.98 87.34
N GLY Y 107 -6.12 33.09 86.68
CA GLY Y 107 -6.78 34.18 87.34
C GLY Y 107 -8.12 33.76 87.93
N ASN Y 108 -9.02 33.30 87.06
CA ASN Y 108 -10.37 33.02 87.55
C ASN Y 108 -10.37 31.89 88.57
N VAL Y 109 -9.62 30.82 88.30
CA VAL Y 109 -9.62 29.70 89.22
C VAL Y 109 -8.95 30.08 90.53
N SER Y 110 -7.91 30.90 90.47
CA SER Y 110 -7.30 31.36 91.70
C SER Y 110 -8.21 32.29 92.47
N ALA Y 111 -9.24 32.85 91.83
CA ALA Y 111 -10.32 33.47 92.59
C ALA Y 111 -11.11 32.40 93.35
N CYS Y 112 -11.41 31.28 92.70
CA CYS Y 112 -12.10 30.17 93.35
C CYS Y 112 -12.10 28.97 92.42
N ALA Y 113 -12.00 27.79 93.01
CA ALA Y 113 -12.01 26.56 92.22
C ALA Y 113 -13.40 26.21 91.73
N ARG Y 114 -14.44 26.84 92.26
CA ARG Y 114 -15.80 26.62 91.80
C ARG Y 114 -16.17 27.51 90.63
N SER Y 115 -15.22 28.24 90.06
CA SER Y 115 -15.48 28.97 88.84
C SER Y 115 -15.75 27.99 87.70
N ILE Y 116 -16.39 28.51 86.65
CA ILE Y 116 -16.84 27.70 85.52
C ILE Y 116 -16.34 28.32 84.24
N PHE Y 117 -15.88 27.46 83.32
CA PHE Y 117 -15.52 27.85 81.97
C PHE Y 117 -16.32 27.04 80.98
N ILE Y 118 -16.70 27.68 79.88
CA ILE Y 118 -17.39 27.03 78.77
C ILE Y 118 -16.75 27.52 77.48
N PHE Y 119 -16.70 26.63 76.50
CA PHE Y 119 -16.31 26.98 75.14
C PHE Y 119 -17.50 26.74 74.21
N ASP Y 120 -17.36 27.25 72.98
CA ASP Y 120 -18.42 27.16 72.00
C ASP Y 120 -17.81 27.30 70.61
N GLU Y 121 -18.54 26.80 69.61
CA GLU Y 121 -18.14 26.87 68.21
C GLU Y 121 -16.79 26.19 68.02
N MET Y 122 -16.70 24.96 68.51
CA MET Y 122 -15.46 24.22 68.56
C MET Y 122 -15.13 23.51 67.27
N ASP Y 123 -15.82 23.85 66.18
CA ASP Y 123 -15.44 23.35 64.86
C ASP Y 123 -14.34 24.20 64.22
N LYS Y 124 -13.81 25.19 64.94
CA LYS Y 124 -12.90 26.19 64.37
C LYS Y 124 -11.69 26.40 65.27
N MET Y 125 -11.06 25.31 65.69
CA MET Y 125 -9.97 25.34 66.66
C MET Y 125 -8.73 24.63 66.13
N HIS Y 126 -7.64 24.61 66.91
CA HIS Y 126 -6.33 24.19 66.43
C HIS Y 126 -5.56 23.53 67.56
N ALA Y 127 -5.19 22.25 67.36
CA ALA Y 127 -4.87 21.32 68.46
C ALA Y 127 -3.77 21.83 69.39
N GLY Y 128 -2.98 22.81 68.97
CA GLY Y 128 -2.12 23.48 69.94
C GLY Y 128 -2.91 24.02 71.11
N LEU Y 129 -4.15 24.44 70.86
CA LEU Y 129 -5.02 25.04 71.85
C LEU Y 129 -5.69 24.03 72.77
N ILE Y 130 -5.53 22.72 72.53
CA ILE Y 130 -5.69 21.72 73.59
C ILE Y 130 -4.36 21.39 74.24
N ASP Y 131 -3.25 21.53 73.52
CA ASP Y 131 -1.96 21.13 74.08
C ASP Y 131 -1.54 21.95 75.29
N ALA Y 132 -2.28 23.02 75.64
CA ALA Y 132 -2.00 23.85 76.80
C ALA Y 132 -2.90 23.55 78.00
N ILE Y 133 -3.81 22.58 77.88
CA ILE Y 133 -4.83 22.36 78.91
C ILE Y 133 -4.90 20.92 79.40
N LYS Y 134 -4.43 19.94 78.63
CA LYS Y 134 -4.43 18.56 79.10
C LYS Y 134 -3.79 18.38 80.46
N PRO Y 135 -2.68 19.04 80.80
CA PRO Y 135 -2.18 18.96 82.17
C PRO Y 135 -3.17 19.46 83.21
N PHE Y 136 -3.96 20.48 82.88
CA PHE Y 136 -4.99 20.94 83.80
C PHE Y 136 -6.04 19.86 84.06
N LEU Y 137 -6.17 18.89 83.17
CA LEU Y 137 -7.10 17.80 83.33
C LEU Y 137 -6.42 16.50 83.74
N ASP Y 138 -5.19 16.57 84.22
CA ASP Y 138 -4.73 15.50 85.08
C ASP Y 138 -5.55 15.52 86.35
N TYR Y 139 -5.81 14.33 86.87
CA TYR Y 139 -6.44 14.15 88.17
C TYR Y 139 -5.53 14.54 89.34
N TYR Y 140 -4.32 15.06 89.06
CA TYR Y 140 -3.45 15.65 90.06
C TYR Y 140 -4.21 16.46 91.09
N ASP Y 141 -3.86 16.31 92.36
CA ASP Y 141 -4.45 17.17 93.38
C ASP Y 141 -4.09 18.62 93.18
N LEU Y 142 -3.02 18.92 92.44
CA LEU Y 142 -2.66 20.30 92.20
C LEU Y 142 -1.81 20.44 90.96
N VAL Y 143 -1.61 21.69 90.56
CA VAL Y 143 -0.61 22.10 89.59
C VAL Y 143 -0.15 23.49 90.01
N ASP Y 144 1.18 23.68 90.03
CA ASP Y 144 1.77 24.98 90.38
C ASP Y 144 1.31 25.43 91.77
N GLY Y 145 1.10 24.48 92.67
CA GLY Y 145 0.57 24.78 93.97
C GLY Y 145 -0.89 25.20 93.98
N VAL Y 146 -1.66 24.74 93.00
CA VAL Y 146 -3.08 25.07 92.91
C VAL Y 146 -3.84 23.84 92.44
N SER Y 147 -5.02 23.62 93.02
CA SER Y 147 -5.92 22.55 92.60
C SER Y 147 -7.00 23.09 91.67
N TYR Y 148 -7.34 22.27 90.67
CA TYR Y 148 -8.34 22.61 89.68
C TYR Y 148 -9.50 21.64 89.64
N GLN Y 149 -9.49 20.60 90.47
CA GLN Y 149 -10.43 19.50 90.32
C GLN Y 149 -11.84 19.85 90.77
N LYS Y 150 -12.05 21.01 91.38
CA LYS Y 150 -13.41 21.42 91.70
C LYS Y 150 -14.09 22.12 90.54
N ALA Y 151 -13.32 22.81 89.72
CA ALA Y 151 -13.90 23.52 88.59
C ALA Y 151 -14.47 22.53 87.57
N MET Y 152 -15.12 23.07 86.56
CA MET Y 152 -15.93 22.29 85.65
C MET Y 152 -15.79 22.85 84.25
N PHE Y 153 -15.29 22.04 83.33
CA PHE Y 153 -15.04 22.44 81.96
C PHE Y 153 -16.04 21.76 81.04
N ILE Y 154 -16.67 22.55 80.18
CA ILE Y 154 -17.80 22.13 79.38
C ILE Y 154 -17.57 22.58 77.95
N PHE Y 155 -17.85 21.71 77.00
CA PHE Y 155 -17.64 21.98 75.58
C PHE Y 155 -18.95 21.87 74.82
N LEU Y 156 -18.92 22.35 73.58
CA LEU Y 156 -20.07 22.38 72.71
C LEU Y 156 -19.63 22.14 71.28
N SER Y 157 -20.54 21.56 70.50
CA SER Y 157 -20.31 21.31 69.09
C SER Y 157 -21.63 20.90 68.46
N ASN Y 158 -21.56 20.48 67.21
CA ASN Y 158 -22.67 19.83 66.54
C ASN Y 158 -22.24 18.64 65.70
N ALA Y 159 -20.96 18.32 65.64
CA ALA Y 159 -20.51 17.18 64.86
C ALA Y 159 -21.03 15.88 65.44
N GLY Y 160 -20.96 14.82 64.65
CA GLY Y 160 -21.54 13.56 65.05
C GLY Y 160 -23.05 13.55 65.06
N ALA Y 161 -23.69 14.61 64.56
CA ALA Y 161 -25.14 14.66 64.52
C ALA Y 161 -25.71 13.54 63.66
N GLU Y 162 -24.99 13.13 62.62
CA GLU Y 162 -25.54 12.18 61.67
C GLU Y 162 -25.85 10.85 62.35
N ARG Y 163 -25.06 10.48 63.35
CA ARG Y 163 -25.30 9.24 64.08
C ARG Y 163 -26.56 9.33 64.93
N ILE Y 164 -26.73 10.43 65.66
CA ILE Y 164 -27.92 10.52 66.48
C ILE Y 164 -29.16 10.62 65.61
N THR Y 165 -29.03 11.18 64.40
CA THR Y 165 -30.14 11.20 63.46
C THR Y 165 -30.50 9.79 62.99
N ASP Y 166 -29.57 9.12 62.33
CA ASP Y 166 -29.92 7.85 61.70
C ASP Y 166 -30.29 6.80 62.75
N VAL Y 167 -29.75 6.93 63.96
CA VAL Y 167 -30.21 6.08 65.06
C VAL Y 167 -31.62 6.47 65.46
N ALA Y 168 -31.91 7.77 65.50
CA ALA Y 168 -33.23 8.22 65.92
C ALA Y 168 -34.30 7.66 64.98
N LEU Y 169 -34.07 7.73 63.68
CA LEU Y 169 -34.99 7.07 62.76
C LEU Y 169 -34.86 5.56 62.82
N ASP Y 170 -33.75 5.02 63.28
CA ASP Y 170 -33.65 3.58 63.40
C ASP Y 170 -34.69 3.06 64.39
N PHE Y 171 -34.53 3.45 65.66
CA PHE Y 171 -35.47 2.99 66.67
C PHE Y 171 -36.87 3.54 66.42
N TRP Y 172 -36.97 4.77 65.90
CA TRP Y 172 -38.31 5.31 65.66
C TRP Y 172 -38.99 4.55 64.53
N ARG Y 173 -38.22 4.14 63.53
CA ARG Y 173 -38.72 3.24 62.50
C ARG Y 173 -39.11 1.89 63.08
N SER Y 174 -38.52 1.51 64.21
CA SER Y 174 -38.94 0.29 64.91
C SER Y 174 -40.27 0.38 65.67
N GLY Y 175 -41.07 1.43 65.48
CA GLY Y 175 -42.29 1.58 66.22
C GLY Y 175 -42.01 1.90 67.67
N LYS Y 176 -41.47 3.09 67.93
CA LYS Y 176 -40.80 3.38 69.20
C LYS Y 176 -40.47 4.85 69.36
N GLN Y 177 -40.42 5.32 70.61
CA GLN Y 177 -40.03 6.68 70.94
C GLN Y 177 -38.69 6.68 71.64
N ARG Y 178 -37.97 7.81 71.55
CA ARG Y 178 -36.63 7.85 72.12
C ARG Y 178 -36.63 7.79 73.65
N GLU Y 179 -37.79 7.99 74.29
CA GLU Y 179 -37.93 7.57 75.68
C GLU Y 179 -37.54 6.12 75.84
N ASP Y 180 -37.95 5.27 74.89
CA ASP Y 180 -37.61 3.86 74.92
C ASP Y 180 -36.20 3.61 74.39
N ILE Y 181 -35.65 4.52 73.58
CA ILE Y 181 -34.22 4.48 73.35
C ILE Y 181 -33.56 4.71 74.70
N LYS Y 182 -32.48 3.98 74.93
CA LYS Y 182 -31.76 4.06 76.19
C LYS Y 182 -30.64 5.07 76.07
N LEU Y 183 -30.05 5.40 77.21
CA LEU Y 183 -28.91 6.29 77.20
C LEU Y 183 -27.77 5.67 76.41
N LYS Y 184 -27.46 4.41 76.69
CA LYS Y 184 -26.47 3.70 75.91
C LYS Y 184 -26.89 3.70 74.46
N ASP Y 185 -26.02 4.22 73.61
CA ASP Y 185 -26.15 4.11 72.19
C ASP Y 185 -24.71 3.98 71.68
N ILE Y 186 -24.49 4.07 70.37
CA ILE Y 186 -23.24 3.52 69.87
C ILE Y 186 -22.12 4.52 70.16
N GLU Y 187 -21.54 4.40 71.37
CA GLU Y 187 -20.46 5.30 71.75
C GLU Y 187 -19.18 4.99 70.98
N HIS Y 188 -19.13 3.84 70.29
CA HIS Y 188 -18.03 3.57 69.37
C HIS Y 188 -18.05 4.56 68.20
N ALA Y 189 -19.20 4.68 67.53
CA ALA Y 189 -19.28 5.63 66.42
C ALA Y 189 -19.13 7.06 66.92
N LEU Y 190 -19.59 7.34 68.14
CA LEU Y 190 -19.29 8.62 68.75
C LEU Y 190 -17.80 8.80 68.92
N SER Y 191 -17.08 7.74 69.29
CA SER Y 191 -15.62 7.85 69.36
C SER Y 191 -15.03 8.08 67.98
N VAL Y 192 -15.68 7.57 66.92
CA VAL Y 192 -15.18 7.79 65.57
C VAL Y 192 -15.34 9.26 65.19
N SER Y 193 -16.55 9.81 65.39
CA SER Y 193 -16.76 11.24 65.21
C SER Y 193 -15.79 12.06 66.06
N VAL Y 194 -15.45 11.52 67.24
CA VAL Y 194 -14.52 12.15 68.15
C VAL Y 194 -13.08 11.75 67.85
N PHE Y 195 -12.87 10.65 67.13
CA PHE Y 195 -11.59 10.36 66.48
C PHE Y 195 -11.51 10.97 65.10
N ASN Y 196 -12.59 11.57 64.61
CA ASN Y 196 -12.69 11.96 63.21
C ASN Y 196 -11.64 13.01 62.89
N ASN Y 197 -10.60 12.63 62.15
CA ASN Y 197 -9.42 13.47 61.96
C ASN Y 197 -9.71 14.79 61.26
N LYS Y 198 -10.95 15.06 60.86
CA LYS Y 198 -11.43 16.43 60.72
C LYS Y 198 -11.06 17.22 61.96
N ASN Y 199 -10.75 18.50 61.77
CA ASN Y 199 -10.28 19.35 62.87
C ASN Y 199 -11.27 19.38 64.02
N SER Y 200 -12.57 19.39 63.71
CA SER Y 200 -13.59 19.28 64.75
C SER Y 200 -13.41 18.01 65.56
N GLY Y 201 -13.38 16.86 64.88
CA GLY Y 201 -13.21 15.60 65.57
C GLY Y 201 -11.76 15.29 65.90
N PHE Y 202 -10.81 16.00 65.28
CA PHE Y 202 -9.40 15.73 65.55
C PHE Y 202 -8.96 16.39 66.84
N TRP Y 203 -9.43 17.63 67.05
CA TRP Y 203 -9.38 18.31 68.33
C TRP Y 203 -9.77 17.38 69.46
N HIS Y 204 -11.00 16.87 69.41
CA HIS Y 204 -11.47 15.97 70.43
C HIS Y 204 -10.86 14.57 70.31
N SER Y 205 -10.16 14.26 69.20
CA SER Y 205 -9.38 13.02 69.10
C SER Y 205 -8.16 13.08 70.00
N SER Y 206 -7.43 14.17 69.89
CA SER Y 206 -6.27 14.35 70.74
C SER Y 206 -6.67 14.62 72.18
N LEU Y 207 -7.87 15.15 72.43
CA LEU Y 207 -8.38 15.19 73.81
C LEU Y 207 -8.74 13.80 74.31
N ILE Y 208 -9.39 12.99 73.47
CA ILE Y 208 -9.80 11.64 73.86
C ILE Y 208 -8.61 10.69 73.80
N ASP Y 209 -7.40 11.21 73.57
CA ASP Y 209 -6.19 10.43 73.81
C ASP Y 209 -6.20 9.71 75.16
N ARG Y 210 -6.90 10.25 76.16
CA ARG Y 210 -6.97 9.66 77.50
C ARG Y 210 -8.39 9.58 78.05
N ASN Y 211 -9.42 9.70 77.21
CA ASN Y 211 -10.80 10.01 77.65
C ASN Y 211 -10.79 11.00 78.81
N LEU Y 212 -10.17 12.15 78.61
CA LEU Y 212 -10.31 13.15 79.65
C LEU Y 212 -11.74 13.63 79.80
N ILE Y 213 -12.59 13.40 78.79
CA ILE Y 213 -14.02 13.63 78.91
C ILE Y 213 -14.59 12.71 79.97
N ASP Y 214 -15.61 13.20 80.68
CA ASP Y 214 -16.41 12.36 81.55
C ASP Y 214 -17.47 11.61 80.74
N TYR Y 215 -18.43 12.35 80.20
CA TYR Y 215 -19.66 11.77 79.65
C TYR Y 215 -19.95 12.40 78.30
N PHE Y 216 -20.00 11.59 77.25
CA PHE Y 216 -20.60 12.03 76.00
C PHE Y 216 -22.11 12.17 76.18
N VAL Y 217 -22.66 13.26 75.67
CA VAL Y 217 -24.08 13.57 75.85
C VAL Y 217 -24.59 14.23 74.59
N PRO Y 218 -25.21 13.51 73.67
CA PRO Y 218 -25.93 14.15 72.58
C PRO Y 218 -27.35 14.56 72.98
N PHE Y 219 -27.79 15.64 72.36
CA PHE Y 219 -29.19 16.04 72.34
C PHE Y 219 -29.82 15.53 71.05
N LEU Y 220 -31.13 15.77 70.90
CA LEU Y 220 -31.87 15.29 69.74
C LEU Y 220 -32.87 16.31 69.20
N PRO Y 221 -33.29 16.20 67.93
CA PRO Y 221 -34.26 17.15 67.38
C PRO Y 221 -35.52 17.24 68.21
N LEU Y 222 -35.82 18.44 68.69
CA LEU Y 222 -37.01 18.65 69.50
C LEU Y 222 -38.23 18.35 68.63
N GLU Y 223 -38.83 17.20 68.86
CA GLU Y 223 -39.92 16.71 68.04
C GLU Y 223 -41.08 17.70 68.09
N TYR Y 224 -41.93 17.66 67.04
CA TYR Y 224 -43.00 18.65 66.89
C TYR Y 224 -43.91 18.70 68.10
N LYS Y 225 -43.99 17.62 68.86
CA LYS Y 225 -44.58 17.73 70.19
C LYS Y 225 -43.86 18.80 70.99
N HIS Y 226 -42.52 18.81 70.96
CA HIS Y 226 -41.79 19.84 71.70
C HIS Y 226 -42.03 21.22 71.13
N LEU Y 227 -42.18 21.32 69.82
CA LEU Y 227 -42.63 22.58 69.25
C LEU Y 227 -43.90 23.03 69.94
N LYS Y 228 -44.95 22.22 69.86
CA LYS Y 228 -46.21 22.55 70.51
C LYS Y 228 -46.07 22.82 72.00
N MET Y 229 -45.10 22.21 72.66
CA MET Y 229 -44.86 22.50 74.06
C MET Y 229 -44.31 23.90 74.23
N CYS Y 230 -43.26 24.25 73.48
CA CYS Y 230 -42.70 25.60 73.54
C CYS Y 230 -43.46 26.59 72.70
N ILE Y 231 -44.65 26.24 72.24
CA ILE Y 231 -45.63 27.16 71.70
C ILE Y 231 -46.71 27.46 72.73
N ARG Y 232 -47.33 26.41 73.25
CA ARG Y 232 -48.34 26.57 74.29
C ARG Y 232 -47.73 27.20 75.53
N VAL Y 233 -46.67 26.60 76.06
CA VAL Y 233 -46.07 27.06 77.31
C VAL Y 233 -45.54 28.47 77.16
N GLU Y 234 -44.88 28.77 76.05
CA GLU Y 234 -44.28 30.08 75.88
C GLU Y 234 -45.36 31.13 75.67
N MET Y 235 -46.23 30.93 74.69
CA MET Y 235 -47.21 31.97 74.35
C MET Y 235 -48.23 32.16 75.46
N GLN Y 236 -48.59 31.09 76.18
CA GLN Y 236 -49.37 31.26 77.40
C GLN Y 236 -48.56 31.92 78.50
N SER Y 237 -47.24 31.75 78.49
CA SER Y 237 -46.39 32.43 79.47
C SER Y 237 -46.20 33.91 79.13
N ARG Y 238 -46.37 34.28 77.86
CA ARG Y 238 -46.12 35.64 77.39
C ARG Y 238 -47.38 36.50 77.29
N GLY Y 239 -48.53 36.01 77.74
CA GLY Y 239 -49.77 36.75 77.56
C GLY Y 239 -50.09 37.00 76.11
N TYR Y 240 -49.74 36.05 75.25
CA TYR Y 240 -49.75 36.23 73.81
C TYR Y 240 -51.13 36.04 73.19
N GLU Y 241 -52.05 35.40 73.90
CA GLU Y 241 -53.38 35.07 73.39
C GLU Y 241 -53.28 34.18 72.15
N ILE Y 242 -52.64 33.04 72.35
CA ILE Y 242 -52.60 31.98 71.35
C ILE Y 242 -53.88 31.16 71.45
N ASP Y 243 -54.23 30.48 70.35
CA ASP Y 243 -55.39 29.63 70.30
C ASP Y 243 -55.05 28.37 69.49
N GLU Y 244 -56.05 27.59 69.10
CA GLU Y 244 -55.77 26.29 68.49
C GLU Y 244 -55.16 26.44 67.10
N ASP Y 245 -55.74 27.31 66.27
CA ASP Y 245 -55.35 27.39 64.86
C ASP Y 245 -53.86 27.69 64.73
N ILE Y 246 -53.34 28.55 65.61
CA ILE Y 246 -51.91 28.88 65.64
C ILE Y 246 -51.09 27.61 65.81
N VAL Y 247 -51.63 26.60 66.50
CA VAL Y 247 -50.94 25.34 66.76
C VAL Y 247 -51.37 24.26 65.77
N SER Y 248 -52.32 24.55 64.89
CA SER Y 248 -52.37 23.84 63.62
C SER Y 248 -51.22 24.29 62.72
N ARG Y 249 -50.90 25.58 62.80
CA ARG Y 249 -49.91 26.14 61.90
C ARG Y 249 -48.48 25.77 62.28
N VAL Y 250 -48.26 25.12 63.43
CA VAL Y 250 -46.91 24.66 63.76
C VAL Y 250 -46.44 23.66 62.70
N ALA Y 251 -47.34 22.81 62.23
CA ALA Y 251 -47.03 21.79 61.23
C ALA Y 251 -47.60 22.10 59.86
N GLU Y 252 -48.70 22.86 59.78
CA GLU Y 252 -49.18 23.24 58.46
C GLU Y 252 -48.22 24.18 57.75
N GLU Y 253 -47.35 24.88 58.49
CA GLU Y 253 -46.50 25.93 57.97
C GLU Y 253 -45.08 25.79 58.49
N MET Y 254 -44.53 24.59 58.42
CA MET Y 254 -43.16 24.34 58.86
C MET Y 254 -42.60 23.15 58.09
N THR Y 255 -41.27 23.11 57.99
CA THR Y 255 -40.55 21.99 57.39
C THR Y 255 -39.95 21.13 58.47
N PHE Y 256 -40.09 19.82 58.29
CA PHE Y 256 -39.47 18.81 59.15
C PHE Y 256 -38.57 17.93 58.29
N PHE Y 257 -37.86 17.01 58.95
CA PHE Y 257 -36.86 16.16 58.32
C PHE Y 257 -37.17 14.70 58.59
N PRO Y 258 -37.04 13.80 57.60
CA PRO Y 258 -36.86 14.03 56.16
C PRO Y 258 -38.15 14.53 55.56
N LYS Y 259 -38.12 14.95 54.30
CA LYS Y 259 -39.36 15.24 53.61
C LYS Y 259 -40.28 14.03 53.58
N GLU Y 260 -39.74 12.85 53.30
CA GLU Y 260 -40.57 11.70 53.02
C GLU Y 260 -41.35 11.24 54.25
N GLU Y 261 -41.08 11.82 55.42
CA GLU Y 261 -41.83 11.55 56.62
C GLU Y 261 -42.26 12.84 57.32
N ARG Y 262 -41.48 13.90 57.19
CA ARG Y 262 -41.76 15.19 57.83
C ARG Y 262 -41.88 15.03 59.35
N VAL Y 263 -40.75 14.69 59.98
CA VAL Y 263 -40.75 14.31 61.38
C VAL Y 263 -39.81 15.18 62.20
N PHE Y 264 -38.51 15.06 61.92
CA PHE Y 264 -37.52 15.75 62.74
C PHE Y 264 -37.50 17.22 62.38
N SER Y 265 -37.45 18.05 63.41
CA SER Y 265 -37.58 19.49 63.24
C SER Y 265 -36.33 20.03 62.55
N ASP Y 266 -36.30 21.34 62.37
CA ASP Y 266 -35.14 22.04 61.85
C ASP Y 266 -34.57 22.95 62.92
N LYS Y 267 -35.38 23.33 63.92
CA LYS Y 267 -34.94 24.19 64.99
C LYS Y 267 -35.42 23.82 66.36
N GLY Y 268 -36.46 23.01 66.47
CA GLY Y 268 -37.10 22.89 67.76
C GLY Y 268 -37.62 24.24 68.21
N CYS Y 269 -37.17 24.66 69.38
CA CYS Y 269 -37.74 25.80 70.10
C CYS Y 269 -36.87 27.03 69.98
N LYS Y 270 -36.12 27.15 68.90
CA LYS Y 270 -35.24 28.28 68.63
C LYS Y 270 -35.91 29.36 67.82
N THR Y 271 -36.34 29.04 66.60
CA THR Y 271 -37.09 29.94 65.75
C THR Y 271 -38.58 29.86 66.00
N VAL Y 272 -38.99 29.16 67.07
CA VAL Y 272 -40.41 28.88 67.24
C VAL Y 272 -41.19 30.17 67.46
N PHE Y 273 -40.73 31.04 68.36
CA PHE Y 273 -41.55 32.17 68.77
C PHE Y 273 -41.61 33.27 67.71
N THR Y 274 -40.62 33.34 66.82
CA THR Y 274 -40.68 34.29 65.71
C THR Y 274 -41.77 33.89 64.73
N LYS Y 275 -41.76 32.61 64.32
CA LYS Y 275 -42.83 32.10 63.48
C LYS Y 275 -44.18 32.20 64.18
N LEU Y 276 -44.20 32.06 65.50
CA LEU Y 276 -45.43 32.30 66.23
C LEU Y 276 -45.84 33.75 66.15
N ASP Y 277 -44.89 34.69 66.11
CA ASP Y 277 -45.26 36.07 65.86
C ASP Y 277 -45.83 36.22 64.45
N TYR Y 278 -45.39 35.40 63.49
CA TYR Y 278 -46.13 35.39 62.24
C TYR Y 278 -47.56 34.89 62.46
N TYR Y 279 -47.74 33.94 63.36
CA TYR Y 279 -49.09 33.42 63.54
C TYR Y 279 -49.96 34.40 64.34
N TYR Y 280 -49.34 35.34 65.07
CA TYR Y 280 -50.06 36.56 65.44
C TYR Y 280 -50.44 37.30 64.18
N ASP Y 281 -49.51 37.40 63.24
CA ASP Y 281 -49.82 38.00 61.96
C ASP Y 281 -50.73 37.09 61.14
N ASP Y 282 -50.71 35.78 61.42
CA ASP Y 282 -51.66 34.80 60.89
C ASP Y 282 -51.85 34.88 59.37
#